data_4LQI
#
_entry.id   4LQI
#
_cell.length_a   135.860
_cell.length_b   299.400
_cell.length_c   144.990
_cell.angle_alpha   90.00
_cell.angle_beta   113.07
_cell.angle_gamma   90.00
#
_symmetry.space_group_name_H-M   'P 1 21 1'
#
loop_
_entity.id
_entity.type
_entity.pdbx_description
1 polymer 'Proteasome subunit alpha type-2'
2 polymer 'Proteasome subunit alpha type-3'
3 polymer 'Proteasome subunit alpha type-4'
4 polymer 'Proteasome subunit alpha type-5'
5 polymer 'Proteasome subunit alpha type-6'
6 polymer 'Proteasome subunit alpha type-7'
7 polymer 'Proteasome subunit alpha type-1'
8 polymer 'Proteasome subunit beta type-2'
9 polymer 'Proteasome subunit beta type-3'
10 polymer 'Proteasome subunit beta type-4'
11 polymer 'Proteasome subunit beta type-5'
12 polymer 'Proteasome subunit beta type-6'
13 polymer 'Proteasome subunit beta type-7'
14 polymer 'Proteasome subunit beta type-1'
15 non-polymer 'vibralactone, bound form'
16 water water
#
loop_
_entity_poly.entity_id
_entity_poly.type
_entity_poly.pdbx_seq_one_letter_code
_entity_poly.pdbx_strand_id
1 'polypeptide(L)'
;MTDRYSFSLTTFSPSGKLGQIDYALTAVKQGVTSLGIKATNGVVIATEKKSSSPLAMSETLSKVSLLTPDIGAVYSGMGP
DYRVLVDKSRKVAHTSYKRIYGEYPPTKLLVSEVAKIMQEATQSGGVRPFGVSLLIAGHDEFNGFSLYQVDPSGSYFPWK
ATAIGKGSVAAKTFLEKRWNDELELEDAIHIALLTLKESVEGEFNGDTIELAIIGDENPDLLGYTGIPTDKGPRFRKLTS
QEINDRLEAL
;
A,O
2 'polypeptide(L)'
;GSRRYDSRTTIFSPEGRLYQVEYALESISHAGTAIGIMASDGIVLAAERKVTSTLLEQDTSTEKLYKLNDKIAVAVAGLT
ADAEILINTARIHAQNYLKTYNEDIPVEILVRRLSDIKQGYTQHGGLRPFGVSFIYAGYDDRYGYQLYTSNPSGNYTGWK
AISVGANTSAAQTLLQMDYKDDMKVDDAIELALKTLSKTTDSSALTYDRLEFATIRKGANDGEVYQKIFKPQEIKDILVK
TGIT
;
B,P
3 'polypeptide(L)'
;GYDRALSIFSPDGHIFQVEYALEAVKRGTCAVGVKGKNCVVLGCERRSTLKLQDTRITPSKVSKIDSHVVLSFSGLNADS
RILIEKARVEAQSHRLTLEDPVTVEYLTRYVAGVQQRYTQSGGVRPFGVSTLIAGFDPRDDEPKLYQTEPSGIYSSWSAQ
TIGRNSKTVREFLEKNYDRKEPPATVEECVKLTVRSLLEVVQTGAKNIEITVVKPDSDIVALSSEEINQYVTQIEQEKQE
Q
;
C,Q
4 'polypeptide(L)'
;DRGVSTFSPEGRLFQVEYSLEAIKLGSTAIGIATKEGVVLGVEKRATSPLLESDSIEKIVEIDRHIGCAMSGLTADARSM
IEHARTAAVTHNLYYDEDINVESLTQSVCDLALRFGEGASGEERLMSRPFGVALLIAGHDADDGYQLFHAEPSGTFYRYN
AKAIGSGSEGAQAELLNEWHSSLTLKEAELLVLKILKQVMEEKLDENNAQLSCITKQDGFKIYDNEKTAELIKELKEKEA
AE
;
D,R
5 'polypeptide(L)'
;FRNNYDGDTVTFSPTGRLFQVEYALEAIKQGSVTVGLRSNTHAVLVALKRNADELSSYQKKIIKCDEHMGLSLAGLAPDA
RVLSNYLRQQCNYSSLVFNRKLAVERAGHLLCDKAQKNTQSYGGRPYGVGLLIIGYDKSGAHLLEFQPSGNVTELYGTAI
GARSQGAKTYLERTLDTFIKIDGNPDELIKAGVEAISQSLRDESLTVDNLSIAIVGKDTPFTIYDGEAVAKYI
;
E,S
6 'polypeptide(L)'
;GTGYDLSNSVFSPDGRNFQVEYAVKAVENGTTSIGIKCNDGVVFAVEKLITSKLLVPQKNVKIQVVDRHIGCVYSGLIPD
GRHLVNRGREEAASFKKLYKTPIPIPAFADRLGQYVQAHTLYNSVRPFGVSTIFGGVDKNGAHLYMLEPSGSYWGYKGAA
TGKGRQSAKAELEKLVDHHPEGLSAREAVKQAAKIIYLAHEDNKEKDFELEISWCSLSETNGLHKFVKGDLLQEAIDFAQ
KEIN
;
F,T
7 'polypeptide(L)'
;AGYDRHITIFSPEGRLYQVEYAFKATNQTNINSLAVRGKDCTVVISQKKVPDKLLDPTTVSYIFCISRTIGMVVNGPIPD
ARNAALRAKAEAAEFRYKYGYDMPCDVLAKRMANLSQIYTQRAYMRPLGVILTFVSVDEELGPSIYKTDPAGYYVGYKAT
ATGPKQQEITTNLENHFKKSKIDHINEESWEKVVEFAITHMIDALGTEFSKNDLEVGVATKDKFFTLSAENIEERLVAIA
EQD
;
G,U
8 'polypeptide(L)'
;TTIVGVKFNNGVVIAADTRSTQGPIVADKNCAKLHRISPKIWCAGAGTAADTEAVTQLIGSNIELHSLYTSREPRVVSAL
QMLKQHLFKYQGHIGAYLIVAGVDPTGSHLFSIHAHGSTDVGYYLSLGSGSLAAMAVLESHWKQDLTKEEAIKLASDAIQ
AGIWNDLGSGSNVDVCVMEIGKDAEYLRNYLTPNVREEKQKSYKFPRGTTAVLKESIVNICD
;
H,V
9 'polypeptide(L)'
;SDPSSINGGIVVAMTGKDCVAIACDLRLGSQSLGVSNKFEKIFHYGHVFLGITGLATDVTTLNEMFRYKTNLYKLKEERA
IEPETFTQLVSSSLYERRFGPYFVGPVVAGINSKSGKPFIAGFDLIGCIDEAKDFIVSGTASDQLFGMCESLYEPNLEPE
DLFETISQALLNAADRDALSGWGAVVYIIKKDEVVKRYLKMRQD
;
I,W
10 'polypeptide(L)'
;MDIILGIRVQDSVILASSKAVTRGISVLKDSDDKTRQLSPHTLMSFAGEAGDTVQFAEYIQANIQLYSIREDYELSPQAV
SSFVRQELAKSIRSRRPYQVNVLIGGYDKKKNKPELYQIDYLGTKVELPYGAHGYSGFYTFSLLDHHYRPDMTTEEGLDL
LKLCVQELEKRMPMDFKGVIVKIVDKDGIRQVDDFQAQ
;
J,X
11 'polypeptide(L)'
;TTTLAFRFQGGIIVAVDSRATAGNWVASQTVKKVIEINPFLLGTMAGGAADCQFWETWLGSQCRLHELREKERISVAAAS
KILSNLVYQYKGAGLSMGTMICGYTRKEGPTIYYVDSDGTRLKGDIFCVGSGQTFAYGVLDSNYKWDLSVEDALYLGKRS
ILAAAHRDAYSGGSVNLYHVTEDGWIYHGNHDVGELFWKVKEEEGSFNNVIG
;
K,Y
12 'polypeptide(L)'
;QFNPYGDNGGTILGIAGEDFAVLAGDTRNITDYSINSRYEPKVFDCGDNIVMSANGFAADGDALVKRFKNSVKWYHFDHN
DKKLSINSAARNIQHLLYGKRFFPYYVHTIIAGLDEDGKGAVYSFDPVGSYEREQCRAGGAAASLIMPFLDNQVNFKNQY
EPGTNGKVKKPLKYLSVEEVIKLVRDSFTSATERHIQVGDGLEILIVTKDGVRKEFYELKRD
;
L,Z
13 'polypeptide(L)'
;TQQPIVTGTSVISMKYDNGVIIAADNLGSYGSLLRFNGVERLIPVGDNTVVGISGDISDMQHIERLLKDLVTENAYDNPL
ADAEEALEPSYIFEYLATVMYQRRSKMNPLWNAIIVAGVQSNGDQFLRYVNLLGVTYSSPTLATGFGAHMANPLLRKVVD
RESDIPKTTVQVAEEAIVNAMRVLYYRDARSSRNFSLAIIDKNTGLTFKKNLQVENMKWDFAKDIKGYGTQKI
;
M,a
14 'polypeptide(L)'
;TSIMAVTFKDGVILGADSRTTTGAYIANRVTDKLTRVHDKIWCCRSGSAADTQAIADIVQYHLELYTSQYGTPSTETAAS
VFKELCYENKDNLTAGIIVAGYDDKNKGEVYTIPLGGSVHKLPYAIAGSGSTFIYGYCDKNFRENMSKEETVDFIKHSLS
QAIKWDGSSGGVIRMVVLTAAGVERLIFYPDEYEQL
;
N,b
#
# COMPACT_ATOMS: atom_id res chain seq x y z
N MET A 1 -0.91 4.88 -55.37
CA MET A 1 0.22 5.70 -54.81
C MET A 1 1.37 4.76 -54.41
N THR A 2 2.15 5.18 -53.42
CA THR A 2 3.28 4.41 -52.93
C THR A 2 4.32 4.17 -54.02
N ASP A 3 5.57 4.47 -53.69
CA ASP A 3 6.67 4.29 -54.61
C ASP A 3 6.78 2.80 -54.92
N ARG A 4 6.50 2.43 -56.16
CA ARG A 4 6.59 1.04 -56.56
C ARG A 4 7.88 0.81 -57.33
N TYR A 5 8.75 1.81 -57.28
CA TYR A 5 10.06 1.76 -57.94
C TYR A 5 11.08 1.31 -56.90
N SER A 6 11.03 0.03 -56.56
CA SER A 6 11.95 -0.52 -55.57
C SER A 6 13.14 -1.21 -56.21
N PHE A 7 13.35 -0.95 -57.49
CA PHE A 7 14.46 -1.53 -58.24
C PHE A 7 15.41 -0.41 -58.69
N SER A 8 16.62 -0.77 -59.10
CA SER A 8 17.60 0.22 -59.52
C SER A 8 17.31 0.83 -60.89
N LEU A 9 17.62 2.12 -61.00
CA LEU A 9 17.42 2.82 -62.26
C LEU A 9 18.78 2.90 -62.93
N THR A 10 19.81 2.54 -62.18
CA THR A 10 21.18 2.52 -62.67
C THR A 10 21.60 1.06 -62.66
N THR A 11 21.98 0.52 -63.81
CA THR A 11 22.40 -0.87 -63.88
C THR A 11 23.59 -0.98 -64.81
N PHE A 12 24.28 -2.12 -64.78
CA PHE A 12 25.43 -2.35 -65.65
C PHE A 12 24.99 -2.71 -67.06
N SER A 13 25.71 -2.19 -68.04
CA SER A 13 25.42 -2.51 -69.43
C SER A 13 26.45 -3.56 -69.83
N PRO A 14 26.26 -4.23 -70.98
CA PRO A 14 27.21 -5.26 -71.43
C PRO A 14 28.68 -4.87 -71.42
N SER A 15 28.96 -3.61 -71.72
CA SER A 15 30.33 -3.12 -71.75
C SER A 15 30.86 -2.93 -70.33
N GLY A 16 29.95 -2.88 -69.36
CA GLY A 16 30.35 -2.69 -67.99
C GLY A 16 30.19 -1.25 -67.51
N LYS A 17 29.62 -0.41 -68.36
CA LYS A 17 29.42 0.99 -68.02
C LYS A 17 28.15 1.13 -67.18
N LEU A 18 28.11 2.18 -66.36
CA LEU A 18 26.94 2.45 -65.57
C LEU A 18 26.34 3.72 -66.19
N GLY A 19 25.50 3.51 -67.20
CA GLY A 19 24.86 4.58 -67.95
C GLY A 19 24.46 5.85 -67.23
N GLN A 20 23.60 5.74 -66.23
CA GLN A 20 23.15 6.91 -65.49
C GLN A 20 24.28 7.72 -64.87
N ILE A 21 25.34 7.06 -64.42
CA ILE A 21 26.48 7.76 -63.83
C ILE A 21 27.22 8.50 -64.94
N ASP A 22 27.40 7.83 -66.08
CA ASP A 22 28.08 8.44 -67.22
C ASP A 22 27.30 9.68 -67.65
N TYR A 23 26.00 9.50 -67.82
CA TYR A 23 25.13 10.60 -68.21
C TYR A 23 25.16 11.72 -67.20
N ALA A 24 25.20 11.38 -65.92
CA ALA A 24 25.26 12.42 -64.91
C ALA A 24 26.57 13.19 -65.06
N LEU A 25 27.67 12.48 -65.32
CA LEU A 25 28.96 13.15 -65.49
C LEU A 25 28.88 14.11 -66.66
N THR A 26 28.11 13.73 -67.68
CA THR A 26 27.93 14.58 -68.85
C THR A 26 27.21 15.86 -68.44
N ALA A 27 26.26 15.73 -67.52
CA ALA A 27 25.51 16.88 -67.04
C ALA A 27 26.47 17.81 -66.33
N VAL A 28 27.43 17.21 -65.64
CA VAL A 28 28.44 17.99 -64.91
C VAL A 28 29.33 18.76 -65.89
N LYS A 29 29.61 18.15 -67.04
CA LYS A 29 30.45 18.78 -68.05
C LYS A 29 29.85 20.04 -68.63
N GLN A 30 28.52 20.09 -68.74
CA GLN A 30 27.83 21.26 -69.27
C GLN A 30 27.79 22.35 -68.21
N GLY A 31 28.02 21.97 -66.96
CA GLY A 31 28.01 22.93 -65.88
C GLY A 31 29.10 23.97 -65.88
N VAL A 32 28.80 25.12 -65.26
CA VAL A 32 29.76 26.21 -65.18
C VAL A 32 31.01 25.80 -64.41
N THR A 33 32.17 26.19 -64.93
CA THR A 33 33.45 25.87 -64.32
C THR A 33 33.58 26.35 -62.88
N SER A 34 34.22 25.52 -62.06
CA SER A 34 34.49 25.84 -60.65
C SER A 34 35.84 25.20 -60.33
N LEU A 35 36.55 25.74 -59.34
CA LEU A 35 37.86 25.18 -59.05
C LEU A 35 38.32 25.31 -57.59
N GLY A 36 39.39 24.60 -57.26
CA GLY A 36 39.94 24.64 -55.92
C GLY A 36 41.46 24.56 -55.90
N ILE A 37 42.09 25.45 -55.14
CA ILE A 37 43.54 25.45 -55.07
C ILE A 37 43.97 25.41 -53.61
N LYS A 38 44.86 24.48 -53.30
CA LYS A 38 45.35 24.33 -51.94
C LYS A 38 46.73 25.00 -51.75
N ALA A 39 46.80 25.92 -50.79
CA ALA A 39 48.04 26.62 -50.48
C ALA A 39 48.62 26.02 -49.18
N THR A 40 49.83 26.42 -48.82
CA THR A 40 50.47 25.91 -47.62
C THR A 40 49.73 26.30 -46.34
N ASN A 41 48.91 27.36 -46.43
CA ASN A 41 48.18 27.84 -45.28
C ASN A 41 46.73 28.18 -45.61
N GLY A 42 46.11 27.40 -46.49
CA GLY A 42 44.74 27.69 -46.82
C GLY A 42 44.30 27.01 -48.10
N VAL A 43 43.02 27.11 -48.40
CA VAL A 43 42.49 26.53 -49.61
C VAL A 43 41.50 27.55 -50.16
N VAL A 44 41.38 27.59 -51.48
CA VAL A 44 40.46 28.51 -52.12
C VAL A 44 39.60 27.73 -53.11
N ILE A 45 38.31 28.02 -53.10
CA ILE A 45 37.38 27.42 -54.03
C ILE A 45 36.68 28.60 -54.66
N ALA A 46 36.45 28.51 -55.96
CA ALA A 46 35.80 29.61 -56.66
C ALA A 46 34.99 29.11 -57.84
N THR A 47 34.07 29.95 -58.28
CA THR A 47 33.24 29.63 -59.43
C THR A 47 32.65 30.92 -59.97
N GLU A 48 31.97 30.81 -61.10
CA GLU A 48 31.35 31.96 -61.75
C GLU A 48 29.86 31.97 -61.44
N LYS A 49 29.32 33.14 -61.10
CA LYS A 49 27.89 33.27 -60.83
C LYS A 49 27.17 33.61 -62.12
N LYS A 50 26.90 32.58 -62.92
CA LYS A 50 26.22 32.73 -64.22
C LYS A 50 24.74 33.09 -64.01
N SER A 51 24.46 34.36 -63.79
CA SER A 51 23.09 34.82 -63.58
C SER A 51 22.17 34.47 -64.78
N SER A 52 21.00 33.91 -64.47
CA SER A 52 20.04 33.52 -65.52
C SER A 52 19.21 34.67 -66.06
N SER A 53 19.36 35.85 -65.47
CA SER A 53 18.64 37.06 -65.89
C SER A 53 19.19 38.26 -65.13
N PRO A 54 19.28 39.43 -65.79
CA PRO A 54 19.79 40.60 -65.08
C PRO A 54 18.82 41.10 -64.01
N LEU A 55 17.60 40.57 -64.03
CA LEU A 55 16.59 40.95 -63.04
C LEU A 55 16.76 40.10 -61.78
N ALA A 56 17.45 38.99 -61.92
CA ALA A 56 17.71 38.10 -60.79
C ALA A 56 18.77 38.73 -59.91
N MET A 57 18.76 38.38 -58.63
CA MET A 57 19.74 38.90 -57.70
C MET A 57 20.69 37.75 -57.38
N SER A 58 21.82 37.73 -58.07
CA SER A 58 22.82 36.69 -57.93
C SER A 58 23.37 36.45 -56.52
N GLU A 59 23.15 37.39 -55.61
CA GLU A 59 23.63 37.23 -54.24
C GLU A 59 22.72 36.26 -53.47
N THR A 60 21.44 36.24 -53.83
CA THR A 60 20.47 35.37 -53.18
C THR A 60 20.72 33.92 -53.56
N LEU A 61 21.71 33.70 -54.42
CA LEU A 61 22.04 32.35 -54.85
C LEU A 61 23.53 32.09 -54.61
N SER A 62 23.84 31.20 -53.67
CA SER A 62 25.21 30.87 -53.35
C SER A 62 25.64 29.54 -53.94
N LYS A 63 26.73 29.57 -54.71
CA LYS A 63 27.26 28.35 -55.30
C LYS A 63 28.36 27.80 -54.39
N VAL A 64 28.83 28.65 -53.48
CA VAL A 64 29.85 28.27 -52.52
C VAL A 64 29.20 28.26 -51.14
N SER A 65 29.13 27.09 -50.52
CA SER A 65 28.47 26.97 -49.24
C SER A 65 29.31 26.45 -48.09
N LEU A 66 28.99 26.95 -46.90
CA LEU A 66 29.66 26.53 -45.68
C LEU A 66 28.99 25.25 -45.19
N LEU A 67 29.77 24.19 -45.01
CA LEU A 67 29.21 22.94 -44.53
C LEU A 67 29.38 22.92 -43.02
N THR A 68 30.61 23.18 -42.56
CA THR A 68 30.93 23.26 -41.14
C THR A 68 31.75 24.53 -41.04
N PRO A 69 31.99 25.04 -39.84
CA PRO A 69 32.78 26.28 -39.80
C PRO A 69 34.22 26.19 -40.32
N ASP A 70 34.65 24.98 -40.71
CA ASP A 70 36.00 24.79 -41.24
C ASP A 70 35.96 24.06 -42.60
N ILE A 71 34.76 23.90 -43.16
CA ILE A 71 34.63 23.20 -44.44
C ILE A 71 33.62 23.91 -45.34
N GLY A 72 33.97 24.05 -46.62
CA GLY A 72 33.08 24.70 -47.55
C GLY A 72 33.02 23.87 -48.82
N ALA A 73 32.03 24.14 -49.67
CA ALA A 73 31.90 23.39 -50.89
C ALA A 73 31.46 24.24 -52.05
N VAL A 74 31.79 23.78 -53.24
CA VAL A 74 31.41 24.45 -54.48
C VAL A 74 31.12 23.31 -55.44
N TYR A 75 30.47 23.59 -56.56
CA TYR A 75 30.15 22.50 -57.47
C TYR A 75 30.09 22.89 -58.95
N SER A 76 29.71 21.90 -59.74
CA SER A 76 29.52 22.05 -61.18
C SER A 76 28.48 21.02 -61.59
N GLY A 77 27.47 21.47 -62.31
CA GLY A 77 26.43 20.56 -62.75
C GLY A 77 25.07 21.12 -62.41
N MET A 78 24.20 20.26 -61.87
CA MET A 78 22.85 20.68 -61.53
C MET A 78 22.72 21.38 -60.17
N GLY A 79 22.53 22.70 -60.20
CA GLY A 79 22.39 23.49 -59.00
C GLY A 79 21.44 22.93 -57.95
N PRO A 80 20.16 22.66 -58.29
CA PRO A 80 19.19 22.12 -57.33
C PRO A 80 19.71 20.85 -56.60
N ASP A 81 20.40 19.96 -57.33
CA ASP A 81 20.93 18.76 -56.68
C ASP A 81 21.96 19.21 -55.64
N TYR A 82 22.81 20.15 -56.00
CA TYR A 82 23.83 20.67 -55.09
C TYR A 82 23.19 21.19 -53.80
N ARG A 83 22.14 21.99 -53.98
CA ARG A 83 21.44 22.57 -52.84
C ARG A 83 20.96 21.52 -51.82
N VAL A 84 20.26 20.50 -52.28
CA VAL A 84 19.80 19.49 -51.35
C VAL A 84 20.98 18.72 -50.77
N LEU A 85 22.02 18.52 -51.56
CA LEU A 85 23.20 17.81 -51.07
C LEU A 85 23.84 18.57 -49.93
N VAL A 86 23.81 19.90 -50.02
CA VAL A 86 24.39 20.75 -48.98
C VAL A 86 23.58 20.62 -47.69
N ASP A 87 22.26 20.66 -47.81
CA ASP A 87 21.41 20.52 -46.62
C ASP A 87 21.71 19.19 -45.93
N LYS A 88 21.76 18.12 -46.71
CA LYS A 88 22.04 16.80 -46.18
C LYS A 88 23.43 16.73 -45.57
N SER A 89 24.39 17.39 -46.21
CA SER A 89 25.76 17.37 -45.72
C SER A 89 25.90 18.07 -44.39
N ARG A 90 25.26 19.23 -44.28
CA ARG A 90 25.29 19.99 -43.05
C ARG A 90 24.63 19.18 -41.95
N LYS A 91 23.55 18.49 -42.29
CA LYS A 91 22.85 17.71 -41.31
C LYS A 91 23.61 16.46 -40.88
N VAL A 92 24.15 15.72 -41.85
CA VAL A 92 24.89 14.50 -41.53
C VAL A 92 26.13 14.84 -40.70
N ALA A 93 26.63 16.05 -40.87
CA ALA A 93 27.81 16.48 -40.13
C ALA A 93 27.45 16.54 -38.65
N HIS A 94 26.20 16.85 -38.37
CA HIS A 94 25.73 16.93 -36.98
C HIS A 94 25.30 15.57 -36.46
N THR A 95 24.28 15.00 -37.08
CA THR A 95 23.74 13.70 -36.66
C THR A 95 24.75 12.54 -36.57
N SER A 96 25.69 12.49 -37.50
CA SER A 96 26.65 11.39 -37.50
C SER A 96 28.02 11.74 -36.96
N TYR A 97 28.16 12.91 -36.32
CA TYR A 97 29.45 13.28 -35.80
C TYR A 97 29.45 14.29 -34.67
N LYS A 98 28.92 15.49 -34.93
CA LYS A 98 28.94 16.48 -33.86
C LYS A 98 28.14 16.06 -32.64
N ARG A 99 26.99 15.44 -32.84
CA ARG A 99 26.15 15.00 -31.73
C ARG A 99 26.74 13.80 -31.00
N ILE A 100 27.81 13.25 -31.54
CA ILE A 100 28.43 12.08 -30.95
C ILE A 100 29.76 12.36 -30.28
N TYR A 101 30.62 13.09 -30.98
CA TYR A 101 31.95 13.40 -30.48
C TYR A 101 32.10 14.83 -29.97
N GLY A 102 31.03 15.60 -30.09
CA GLY A 102 31.07 16.96 -29.60
C GLY A 102 31.87 17.92 -30.46
N GLU A 103 32.38 17.45 -31.59
CA GLU A 103 33.15 18.31 -32.48
C GLU A 103 32.75 18.11 -33.94
N TYR A 104 33.14 19.05 -34.80
CA TYR A 104 32.82 18.94 -36.23
C TYR A 104 33.71 17.90 -36.87
N PRO A 105 33.18 17.19 -37.87
CA PRO A 105 33.98 16.15 -38.52
C PRO A 105 35.17 16.68 -39.32
N PRO A 106 36.19 15.85 -39.49
CA PRO A 106 37.37 16.25 -40.25
C PRO A 106 36.92 16.21 -41.72
N THR A 107 37.55 17.01 -42.57
CA THR A 107 37.19 17.08 -43.99
C THR A 107 37.02 15.76 -44.73
N LYS A 108 37.98 14.83 -44.58
CA LYS A 108 37.88 13.57 -45.28
C LYS A 108 36.63 12.78 -44.88
N LEU A 109 36.32 12.77 -43.59
CA LEU A 109 35.14 12.03 -43.10
C LEU A 109 33.82 12.59 -43.62
N LEU A 110 33.65 13.91 -43.57
CA LEU A 110 32.43 14.52 -44.07
C LEU A 110 32.31 14.23 -45.56
N VAL A 111 33.43 14.34 -46.29
CA VAL A 111 33.46 14.06 -47.71
C VAL A 111 32.99 12.63 -47.91
N SER A 112 33.48 11.76 -47.03
CA SER A 112 33.14 10.34 -47.05
C SER A 112 31.64 10.15 -46.89
N GLU A 113 31.03 10.97 -46.04
CA GLU A 113 29.60 10.91 -45.79
C GLU A 113 28.83 11.35 -47.03
N VAL A 114 29.23 12.49 -47.58
CA VAL A 114 28.60 13.03 -48.78
C VAL A 114 28.67 12.00 -49.89
N ALA A 115 29.88 11.44 -50.06
CA ALA A 115 30.13 10.43 -51.07
C ALA A 115 29.18 9.26 -50.91
N LYS A 116 28.92 8.88 -49.67
CA LYS A 116 28.02 7.77 -49.40
C LYS A 116 26.59 8.10 -49.88
N ILE A 117 26.13 9.31 -49.58
CA ILE A 117 24.80 9.76 -49.98
C ILE A 117 24.66 9.72 -51.50
N MET A 118 25.74 10.09 -52.18
CA MET A 118 25.72 10.06 -53.64
C MET A 118 25.81 8.64 -54.16
N GLN A 119 26.57 7.79 -53.48
CA GLN A 119 26.70 6.41 -53.93
C GLN A 119 25.35 5.73 -53.88
N GLU A 120 24.59 6.01 -52.83
CA GLU A 120 23.29 5.39 -52.66
C GLU A 120 22.32 5.75 -53.77
N ALA A 121 22.45 6.96 -54.31
CA ALA A 121 21.58 7.43 -55.38
C ALA A 121 21.97 6.77 -56.71
N THR A 122 22.91 5.84 -56.61
CA THR A 122 23.47 5.12 -57.74
C THR A 122 23.03 3.67 -57.72
N GLN A 123 22.53 3.23 -56.57
CA GLN A 123 22.12 1.84 -56.38
C GLN A 123 20.73 1.64 -55.76
N SER A 124 20.29 2.58 -54.92
CA SER A 124 18.97 2.50 -54.27
C SER A 124 17.84 2.45 -55.29
N GLY A 125 16.70 1.90 -54.87
CA GLY A 125 15.58 1.81 -55.78
C GLY A 125 14.94 3.14 -56.12
N GLY A 126 14.45 3.22 -57.35
CA GLY A 126 13.73 4.39 -57.83
C GLY A 126 14.35 5.78 -57.91
N VAL A 127 15.68 5.89 -57.90
CA VAL A 127 16.26 7.22 -58.01
C VAL A 127 17.31 7.28 -59.10
N ARG A 128 17.75 8.50 -59.42
CA ARG A 128 18.79 8.71 -60.42
C ARG A 128 19.98 9.29 -59.69
N PRO A 129 21.18 9.13 -60.24
CA PRO A 129 22.37 9.69 -59.57
C PRO A 129 22.25 11.21 -59.49
N PHE A 130 23.02 11.85 -58.61
CA PHE A 130 23.01 13.31 -58.54
C PHE A 130 23.81 13.82 -59.73
N GLY A 131 23.31 14.85 -60.41
CA GLY A 131 24.03 15.39 -61.54
C GLY A 131 25.03 16.46 -61.17
N VAL A 132 25.86 16.18 -60.15
CA VAL A 132 26.85 17.17 -59.75
C VAL A 132 28.17 16.58 -59.30
N SER A 133 29.20 17.43 -59.33
CA SER A 133 30.54 17.09 -58.88
C SER A 133 30.84 18.20 -57.89
N LEU A 134 31.27 17.82 -56.70
CA LEU A 134 31.57 18.82 -55.69
C LEU A 134 33.06 18.94 -55.49
N LEU A 135 33.46 20.07 -54.94
CA LEU A 135 34.84 20.32 -54.57
C LEU A 135 34.62 20.82 -53.15
N ILE A 136 35.17 20.09 -52.19
CA ILE A 136 35.01 20.44 -50.80
C ILE A 136 36.37 20.77 -50.21
N ALA A 137 36.47 21.95 -49.63
CA ALA A 137 37.72 22.39 -49.02
C ALA A 137 37.52 22.59 -47.51
N GLY A 138 38.46 22.08 -46.73
CA GLY A 138 38.35 22.23 -45.30
C GLY A 138 39.65 22.08 -44.55
N HIS A 139 39.57 22.23 -43.24
CA HIS A 139 40.73 22.12 -42.37
C HIS A 139 40.33 21.47 -41.05
N ASP A 140 41.24 20.65 -40.53
CA ASP A 140 41.01 20.00 -39.25
C ASP A 140 42.37 19.82 -38.59
N GLU A 141 42.37 19.93 -37.26
CA GLU A 141 43.59 19.83 -36.47
C GLU A 141 44.61 18.75 -36.84
N PHE A 142 44.17 17.56 -37.18
CA PHE A 142 45.13 16.50 -37.49
C PHE A 142 45.48 16.23 -38.94
N ASN A 143 44.85 16.93 -39.88
CA ASN A 143 45.15 16.72 -41.29
C ASN A 143 45.47 18.04 -41.97
N GLY A 144 45.23 19.14 -41.24
CA GLY A 144 45.49 20.45 -41.80
C GLY A 144 44.51 20.82 -42.89
N PHE A 145 45.05 21.40 -43.98
CA PHE A 145 44.22 21.80 -45.10
C PHE A 145 44.11 20.70 -46.12
N SER A 146 42.93 20.59 -46.73
CA SER A 146 42.71 19.58 -47.74
C SER A 146 41.61 19.98 -48.71
N LEU A 147 41.67 19.41 -49.91
CA LEU A 147 40.72 19.66 -50.99
C LEU A 147 40.32 18.33 -51.62
N TYR A 148 39.02 18.10 -51.74
CA TYR A 148 38.53 16.87 -52.31
C TYR A 148 37.54 17.12 -53.42
N GLN A 149 37.39 16.14 -54.29
CA GLN A 149 36.44 16.21 -55.38
C GLN A 149 35.55 15.00 -55.21
N VAL A 150 34.24 15.18 -55.34
CA VAL A 150 33.30 14.07 -55.21
C VAL A 150 32.48 14.01 -56.48
N ASP A 151 32.45 12.86 -57.12
CA ASP A 151 31.70 12.68 -58.36
C ASP A 151 30.39 11.93 -58.17
N PRO A 152 29.51 11.98 -59.19
CA PRO A 152 28.21 11.31 -59.15
C PRO A 152 28.28 9.85 -58.73
N SER A 153 29.38 9.17 -59.05
CA SER A 153 29.51 7.77 -58.69
C SER A 153 29.66 7.60 -57.19
N GLY A 154 30.06 8.66 -56.52
CA GLY A 154 30.26 8.59 -55.09
C GLY A 154 31.75 8.54 -54.80
N SER A 155 32.54 8.58 -55.87
CA SER A 155 33.99 8.55 -55.76
C SER A 155 34.54 9.91 -55.41
N TYR A 156 35.55 9.93 -54.55
CA TYR A 156 36.16 11.17 -54.15
C TYR A 156 37.66 11.01 -54.12
N PHE A 157 38.38 12.06 -54.48
CA PHE A 157 39.84 12.05 -54.50
C PHE A 157 40.37 13.38 -54.01
N PRO A 158 41.55 13.37 -53.36
CA PRO A 158 42.21 14.57 -52.84
C PRO A 158 43.01 15.25 -53.94
N TRP A 159 43.01 16.59 -53.94
CA TRP A 159 43.74 17.35 -54.95
C TRP A 159 44.60 18.45 -54.34
N LYS A 160 45.60 18.89 -55.10
CA LYS A 160 46.45 19.99 -54.68
C LYS A 160 45.75 21.19 -55.31
N ALA A 161 45.20 20.94 -56.49
CA ALA A 161 44.46 21.95 -57.25
C ALA A 161 43.72 21.22 -58.38
N THR A 162 42.56 21.72 -58.77
CA THR A 162 41.81 21.10 -59.85
C THR A 162 40.59 21.92 -60.24
N ALA A 163 39.96 21.54 -61.35
CA ALA A 163 38.77 22.24 -61.83
C ALA A 163 37.78 21.23 -62.39
N ILE A 164 36.51 21.61 -62.38
CA ILE A 164 35.46 20.75 -62.90
C ILE A 164 34.50 21.59 -63.73
N GLY A 165 33.74 20.93 -64.61
CA GLY A 165 32.79 21.63 -65.45
C GLY A 165 33.31 22.04 -66.82
N LYS A 166 32.52 22.87 -67.50
CA LYS A 166 32.83 23.38 -68.84
C LYS A 166 34.30 23.35 -69.27
N GLY A 167 35.07 24.33 -68.82
CA GLY A 167 36.47 24.38 -69.22
C GLY A 167 37.43 23.81 -68.21
N SER A 168 37.13 22.61 -67.74
CA SER A 168 37.97 21.96 -66.73
C SER A 168 39.32 21.52 -67.29
N VAL A 169 39.30 20.98 -68.51
CA VAL A 169 40.54 20.52 -69.14
C VAL A 169 41.53 21.67 -69.31
N ALA A 170 41.08 22.77 -69.90
CA ALA A 170 41.93 23.94 -70.09
C ALA A 170 42.41 24.44 -68.74
N ALA A 171 41.47 24.64 -67.83
CA ALA A 171 41.76 25.14 -66.49
C ALA A 171 42.70 24.23 -65.69
N LYS A 172 42.52 22.91 -65.79
CA LYS A 172 43.40 22.01 -65.07
C LYS A 172 44.83 22.16 -65.60
N THR A 173 44.93 22.41 -66.90
CA THR A 173 46.23 22.61 -67.54
C THR A 173 46.87 23.87 -67.00
N PHE A 174 46.13 24.96 -67.01
CA PHE A 174 46.67 26.23 -66.52
C PHE A 174 47.10 26.12 -65.07
N LEU A 175 46.45 25.24 -64.30
CA LEU A 175 46.78 25.07 -62.91
C LEU A 175 48.07 24.27 -62.70
N GLU A 176 48.34 23.31 -63.58
CA GLU A 176 49.56 22.51 -63.47
C GLU A 176 50.79 23.37 -63.74
N LYS A 177 50.60 24.48 -64.45
CA LYS A 177 51.70 25.37 -64.77
C LYS A 177 52.04 26.32 -63.62
N ARG A 178 51.03 26.75 -62.88
CA ARG A 178 51.22 27.70 -61.80
C ARG A 178 51.29 27.13 -60.37
N TRP A 179 51.03 25.84 -60.20
CA TRP A 179 51.05 25.28 -58.85
C TRP A 179 52.38 24.72 -58.36
N ASN A 180 52.64 24.90 -57.07
CA ASN A 180 53.84 24.41 -56.41
C ASN A 180 53.51 24.24 -54.94
N ASP A 181 54.27 23.42 -54.24
CA ASP A 181 54.03 23.16 -52.82
C ASP A 181 54.49 24.27 -51.87
N GLU A 182 54.54 25.50 -52.35
CA GLU A 182 54.97 26.61 -51.51
C GLU A 182 54.12 27.85 -51.65
N LEU A 183 52.98 27.71 -52.32
CA LEU A 183 52.06 28.83 -52.54
C LEU A 183 51.44 29.28 -51.23
N GLU A 184 51.35 30.59 -51.06
CA GLU A 184 50.73 31.15 -49.86
C GLU A 184 49.26 31.34 -50.29
N LEU A 185 48.35 31.45 -49.34
CA LEU A 185 46.94 31.61 -49.66
C LEU A 185 46.66 32.71 -50.70
N GLU A 186 47.23 33.90 -50.50
CA GLU A 186 47.02 35.02 -51.43
C GLU A 186 47.51 34.75 -52.84
N ASP A 187 48.49 33.86 -52.95
CA ASP A 187 49.04 33.47 -54.25
C ASP A 187 48.03 32.58 -54.94
N ALA A 188 47.45 31.66 -54.19
CA ALA A 188 46.45 30.74 -54.73
C ALA A 188 45.20 31.52 -55.11
N ILE A 189 44.79 32.48 -54.29
CA ILE A 189 43.62 33.28 -54.61
C ILE A 189 43.86 33.96 -55.94
N HIS A 190 45.09 34.43 -56.13
CA HIS A 190 45.49 35.09 -57.36
C HIS A 190 45.42 34.12 -58.54
N ILE A 191 46.07 32.96 -58.39
CA ILE A 191 46.07 31.96 -59.44
C ILE A 191 44.64 31.55 -59.76
N ALA A 192 43.80 31.48 -58.74
CA ALA A 192 42.41 31.11 -58.92
C ALA A 192 41.72 32.12 -59.80
N LEU A 193 41.85 33.39 -59.44
CA LEU A 193 41.22 34.46 -60.20
C LEU A 193 41.65 34.46 -61.66
N LEU A 194 42.91 34.11 -61.91
CA LEU A 194 43.42 34.07 -63.29
C LEU A 194 42.80 32.93 -64.06
N THR A 195 42.78 31.75 -63.42
CA THR A 195 42.23 30.55 -64.03
C THR A 195 40.78 30.75 -64.43
N LEU A 196 40.03 31.36 -63.52
CA LEU A 196 38.63 31.61 -63.73
C LEU A 196 38.40 32.59 -64.89
N LYS A 197 39.31 33.52 -65.07
CA LYS A 197 39.19 34.52 -66.14
C LYS A 197 39.08 33.86 -67.52
N GLU A 198 39.88 32.82 -67.76
CA GLU A 198 39.86 32.13 -69.04
C GLU A 198 38.48 31.53 -69.34
N SER A 199 37.79 31.09 -68.29
CA SER A 199 36.48 30.48 -68.43
C SER A 199 35.32 31.46 -68.54
N VAL A 200 35.47 32.64 -67.97
CA VAL A 200 34.39 33.62 -68.04
C VAL A 200 34.41 34.40 -69.35
N GLU A 201 33.27 34.43 -70.03
CA GLU A 201 33.13 35.11 -71.33
C GLU A 201 32.82 36.60 -71.16
N GLY A 202 31.83 36.90 -70.33
CA GLY A 202 31.41 38.27 -70.11
C GLY A 202 32.07 39.04 -68.99
N GLU A 203 31.26 39.61 -68.12
CA GLU A 203 31.76 40.40 -67.00
C GLU A 203 32.60 39.56 -66.05
N PHE A 204 33.64 40.17 -65.50
CA PHE A 204 34.52 39.48 -64.56
C PHE A 204 34.88 40.38 -63.42
N ASN A 205 33.98 40.47 -62.44
CA ASN A 205 34.19 41.31 -61.28
C ASN A 205 33.68 40.62 -60.01
N GLY A 206 33.71 41.35 -58.91
CA GLY A 206 33.27 40.81 -57.63
C GLY A 206 31.80 40.44 -57.51
N ASP A 207 31.01 40.73 -58.55
CA ASP A 207 29.59 40.42 -58.52
C ASP A 207 29.22 39.25 -59.45
N THR A 208 30.17 38.87 -60.30
CA THR A 208 29.98 37.78 -61.25
C THR A 208 30.80 36.57 -60.82
N ILE A 209 31.67 36.78 -59.84
CA ILE A 209 32.54 35.74 -59.31
C ILE A 209 32.20 35.47 -57.84
N GLU A 210 32.15 34.19 -57.49
CA GLU A 210 31.87 33.77 -56.11
C GLU A 210 33.15 33.06 -55.68
N LEU A 211 33.72 33.50 -54.56
CA LEU A 211 34.96 32.88 -54.10
C LEU A 211 35.03 32.83 -52.58
N ALA A 212 35.49 31.70 -52.05
CA ALA A 212 35.63 31.54 -50.60
C ALA A 212 36.91 30.80 -50.26
N ILE A 213 37.36 30.94 -49.03
CA ILE A 213 38.58 30.28 -48.61
C ILE A 213 38.47 29.60 -47.25
N ILE A 214 39.43 28.73 -47.00
CA ILE A 214 39.55 28.02 -45.73
C ILE A 214 40.93 28.48 -45.31
N GLY A 215 41.00 29.43 -44.38
CA GLY A 215 42.30 29.93 -43.95
C GLY A 215 42.48 29.94 -42.45
N ASP A 216 42.80 31.12 -41.91
CA ASP A 216 42.99 31.27 -40.48
C ASP A 216 41.65 31.42 -39.80
N GLU A 217 41.66 31.32 -38.49
CA GLU A 217 40.45 31.45 -37.71
C GLU A 217 40.06 32.92 -37.61
N ASN A 218 38.77 33.21 -37.76
CA ASN A 218 38.26 34.58 -37.70
C ASN A 218 37.50 34.80 -36.39
N PRO A 219 38.21 35.09 -35.30
CA PRO A 219 37.50 35.32 -34.03
C PRO A 219 36.43 36.39 -34.13
N ASP A 220 36.55 37.24 -35.14
CA ASP A 220 35.60 38.32 -35.35
C ASP A 220 34.28 37.79 -35.92
N LEU A 221 34.32 36.57 -36.44
CA LEU A 221 33.14 35.94 -37.01
C LEU A 221 32.57 34.87 -36.09
N LEU A 222 33.03 34.85 -34.83
CA LEU A 222 32.56 33.87 -33.87
C LEU A 222 31.25 34.25 -33.20
N GLY A 223 31.04 35.54 -32.98
CA GLY A 223 29.79 35.97 -32.37
C GLY A 223 29.83 36.16 -30.87
N TYR A 224 30.89 35.68 -30.23
CA TYR A 224 31.04 35.80 -28.79
C TYR A 224 32.50 35.73 -28.36
N THR A 225 32.74 36.06 -27.09
CA THR A 225 34.08 36.03 -26.51
C THR A 225 33.94 35.47 -25.10
N GLY A 226 35.04 34.97 -24.55
CA GLY A 226 34.99 34.42 -23.20
C GLY A 226 35.54 33.02 -23.12
N ILE A 227 35.61 32.34 -24.26
CA ILE A 227 36.14 30.99 -24.30
C ILE A 227 37.36 30.98 -25.19
N PRO A 228 38.56 30.96 -24.58
CA PRO A 228 39.85 30.96 -25.26
C PRO A 228 39.99 29.95 -26.40
N THR A 229 39.66 28.70 -26.12
CA THR A 229 39.78 27.64 -27.12
C THR A 229 38.90 27.80 -28.37
N ASP A 230 37.86 28.61 -28.29
CA ASP A 230 36.99 28.85 -29.44
C ASP A 230 37.53 30.07 -30.18
N LYS A 231 38.25 29.85 -31.28
CA LYS A 231 38.84 30.96 -32.02
C LYS A 231 38.12 31.46 -33.29
N GLY A 232 37.03 30.79 -33.66
CA GLY A 232 36.29 31.21 -34.84
C GLY A 232 36.41 30.29 -36.04
N PRO A 233 35.57 30.51 -37.06
CA PRO A 233 35.55 29.71 -38.29
C PRO A 233 36.75 29.97 -39.20
N ARG A 234 37.23 28.93 -39.88
CA ARG A 234 38.35 29.08 -40.79
C ARG A 234 37.85 29.31 -42.20
N PHE A 235 36.55 29.15 -42.38
CA PHE A 235 35.90 29.33 -43.66
C PHE A 235 35.46 30.77 -43.81
N ARG A 236 35.67 31.33 -44.98
CA ARG A 236 35.23 32.69 -45.23
C ARG A 236 34.96 32.94 -46.70
N LYS A 237 33.83 33.57 -46.96
CA LYS A 237 33.42 33.91 -48.31
C LYS A 237 33.96 35.32 -48.55
N LEU A 238 34.73 35.52 -49.62
CA LEU A 238 35.26 36.85 -49.89
C LEU A 238 34.12 37.75 -50.28
N THR A 239 34.20 39.01 -49.87
CA THR A 239 33.17 39.98 -50.19
C THR A 239 33.38 40.51 -51.61
N SER A 240 32.32 41.03 -52.20
CA SER A 240 32.37 41.56 -53.55
C SER A 240 33.58 42.48 -53.67
N GLN A 241 33.72 43.38 -52.71
CA GLN A 241 34.83 44.33 -52.69
C GLN A 241 36.20 43.66 -52.60
N GLU A 242 36.36 42.72 -51.66
CA GLU A 242 37.64 42.04 -51.52
C GLU A 242 38.12 41.43 -52.83
N ILE A 243 37.18 40.94 -53.63
CA ILE A 243 37.52 40.33 -54.91
C ILE A 243 38.05 41.37 -55.88
N ASN A 244 37.30 42.46 -56.06
CA ASN A 244 37.70 43.52 -56.97
C ASN A 244 39.08 44.07 -56.63
N ASP A 245 39.38 44.21 -55.35
CA ASP A 245 40.69 44.70 -54.94
C ASP A 245 41.77 43.88 -55.59
N ARG A 246 41.66 42.56 -55.47
CA ARG A 246 42.66 41.67 -56.04
C ARG A 246 42.61 41.61 -57.57
N LEU A 247 41.46 41.98 -58.15
CA LEU A 247 41.31 41.97 -59.60
C LEU A 247 42.19 43.03 -60.28
N GLU A 248 42.48 44.09 -59.54
CA GLU A 248 43.32 45.17 -60.06
C GLU A 248 44.77 44.73 -60.20
N ALA A 249 45.23 43.95 -59.22
CA ALA A 249 46.59 43.43 -59.24
C ALA A 249 46.63 42.15 -60.08
N LEU A 250 45.63 42.00 -60.96
CA LEU A 250 45.53 40.82 -61.83
C LEU A 250 46.54 40.89 -62.97
N GLY B 1 2.07 0.65 -65.13
CA GLY B 1 2.74 0.79 -63.80
C GLY B 1 4.25 0.96 -63.90
N SER B 2 4.94 0.57 -62.83
CA SER B 2 6.40 0.68 -62.76
C SER B 2 7.12 -0.39 -63.57
N ARG B 3 6.61 -1.63 -63.49
CA ARG B 3 7.17 -2.79 -64.18
C ARG B 3 7.83 -2.51 -65.52
N ARG B 4 7.28 -1.55 -66.24
CA ARG B 4 7.79 -1.15 -67.54
C ARG B 4 9.27 -0.76 -67.54
N TYR B 5 9.73 -0.12 -66.47
CA TYR B 5 11.12 0.33 -66.40
C TYR B 5 12.05 -0.56 -65.56
N ASP B 6 11.58 -1.73 -65.15
CA ASP B 6 12.38 -2.64 -64.34
C ASP B 6 13.32 -3.50 -65.21
N SER B 7 14.63 -3.34 -64.98
CA SER B 7 15.66 -4.08 -65.70
C SER B 7 15.72 -5.54 -65.29
N ARG B 8 15.24 -5.83 -64.08
CA ARG B 8 15.25 -7.19 -63.55
C ARG B 8 16.71 -7.62 -63.42
N THR B 9 17.39 -7.00 -62.47
CA THR B 9 18.80 -7.27 -62.21
C THR B 9 19.13 -8.64 -61.64
N THR B 10 18.12 -9.38 -61.20
CA THR B 10 18.42 -10.68 -60.62
C THR B 10 17.79 -11.87 -61.33
N ILE B 11 17.97 -11.97 -62.64
CA ILE B 11 17.40 -13.11 -63.36
C ILE B 11 18.47 -13.90 -64.08
N PHE B 12 18.12 -15.11 -64.49
CA PHE B 12 19.04 -15.97 -65.21
C PHE B 12 18.89 -15.75 -66.70
N SER B 13 19.99 -15.93 -67.43
CA SER B 13 19.96 -15.81 -68.87
C SER B 13 19.56 -17.22 -69.29
N PRO B 14 19.20 -17.42 -70.57
CA PRO B 14 18.82 -18.79 -70.97
C PRO B 14 19.97 -19.78 -70.76
N GLU B 15 21.19 -19.27 -70.61
CA GLU B 15 22.36 -20.09 -70.40
C GLU B 15 22.63 -20.36 -68.93
N GLY B 16 21.88 -19.71 -68.06
CA GLY B 16 22.07 -19.91 -66.63
C GLY B 16 23.14 -19.03 -66.04
N ARG B 17 23.28 -17.84 -66.60
CA ARG B 17 24.27 -16.88 -66.11
C ARG B 17 23.53 -15.68 -65.54
N LEU B 18 24.21 -14.90 -64.70
CA LEU B 18 23.57 -13.73 -64.13
C LEU B 18 24.11 -12.50 -64.81
N TYR B 19 23.33 -12.01 -65.77
CA TYR B 19 23.68 -10.83 -66.54
C TYR B 19 24.45 -9.78 -65.77
N GLN B 20 23.79 -9.16 -64.80
CA GLN B 20 24.43 -8.10 -64.02
C GLN B 20 25.77 -8.49 -63.40
N VAL B 21 25.92 -9.73 -62.97
CA VAL B 21 27.18 -10.16 -62.39
C VAL B 21 28.24 -10.16 -63.50
N GLU B 22 27.88 -10.71 -64.65
CA GLU B 22 28.77 -10.78 -65.79
C GLU B 22 29.25 -9.39 -66.20
N TYR B 23 28.30 -8.48 -66.32
CA TYR B 23 28.62 -7.11 -66.72
C TYR B 23 29.43 -6.41 -65.64
N ALA B 24 29.11 -6.68 -64.38
CA ALA B 24 29.85 -6.08 -63.28
C ALA B 24 31.31 -6.49 -63.40
N LEU B 25 31.53 -7.77 -63.67
CA LEU B 25 32.87 -8.31 -63.83
C LEU B 25 33.56 -7.62 -65.01
N GLU B 26 32.83 -7.47 -66.10
CA GLU B 26 33.38 -6.80 -67.28
C GLU B 26 33.86 -5.42 -66.86
N SER B 27 33.09 -4.76 -66.02
CA SER B 27 33.42 -3.43 -65.52
C SER B 27 34.71 -3.46 -64.68
N ILE B 28 34.81 -4.44 -63.81
CA ILE B 28 35.96 -4.62 -62.95
C ILE B 28 37.23 -4.86 -63.76
N SER B 29 37.11 -5.57 -64.87
CA SER B 29 38.24 -5.89 -65.73
C SER B 29 38.95 -4.66 -66.28
N HIS B 30 38.34 -3.50 -66.13
CA HIS B 30 38.96 -2.27 -66.62
C HIS B 30 39.55 -1.48 -65.45
N ALA B 31 39.40 -2.02 -64.25
CA ALA B 31 39.90 -1.37 -63.05
C ALA B 31 41.39 -1.63 -62.89
N GLY B 32 42.09 -0.69 -62.26
CA GLY B 32 43.52 -0.87 -62.04
C GLY B 32 43.80 -2.24 -61.42
N THR B 33 44.82 -2.91 -61.93
CA THR B 33 45.18 -4.23 -61.42
C THR B 33 45.66 -4.23 -59.97
N ALA B 34 45.20 -5.22 -59.20
CA ALA B 34 45.59 -5.36 -57.80
C ALA B 34 46.10 -6.79 -57.64
N ILE B 35 47.20 -6.96 -56.92
CA ILE B 35 47.77 -8.28 -56.74
C ILE B 35 47.99 -8.65 -55.28
N GLY B 36 47.91 -9.95 -55.02
CA GLY B 36 48.12 -10.46 -53.68
C GLY B 36 49.00 -11.68 -53.73
N ILE B 37 50.09 -11.66 -52.98
CA ILE B 37 51.01 -12.79 -52.94
C ILE B 37 51.25 -13.21 -51.49
N MET B 38 51.02 -14.48 -51.21
CA MET B 38 51.18 -15.01 -49.87
C MET B 38 52.50 -15.77 -49.68
N ALA B 39 53.33 -15.24 -48.79
CA ALA B 39 54.63 -15.84 -48.47
C ALA B 39 54.50 -16.72 -47.23
N SER B 40 55.62 -17.29 -46.81
CA SER B 40 55.64 -18.15 -45.63
C SER B 40 55.67 -17.32 -44.35
N ASP B 41 56.25 -16.13 -44.45
CA ASP B 41 56.36 -15.23 -43.31
C ASP B 41 55.62 -13.90 -43.51
N GLY B 42 54.58 -13.90 -44.34
CA GLY B 42 53.85 -12.67 -44.57
C GLY B 42 53.03 -12.63 -45.85
N ILE B 43 52.39 -11.50 -46.10
CA ILE B 43 51.56 -11.34 -47.28
C ILE B 43 51.76 -9.96 -47.88
N VAL B 44 51.69 -9.88 -49.20
CA VAL B 44 51.86 -8.63 -49.91
C VAL B 44 50.62 -8.24 -50.71
N LEU B 45 50.26 -6.97 -50.64
CA LEU B 45 49.13 -6.42 -51.39
C LEU B 45 49.65 -5.22 -52.15
N ALA B 46 49.60 -5.31 -53.47
CA ALA B 46 50.07 -4.22 -54.31
C ALA B 46 48.99 -3.92 -55.33
N ALA B 47 48.77 -2.64 -55.60
CA ALA B 47 47.75 -2.24 -56.57
C ALA B 47 48.17 -1.04 -57.40
N GLU B 48 47.70 -0.99 -58.64
CA GLU B 48 48.02 0.09 -59.55
C GLU B 48 46.92 1.14 -59.63
N ARG B 49 47.23 2.38 -59.24
CA ARG B 49 46.25 3.46 -59.29
C ARG B 49 45.91 3.71 -60.75
N LYS B 50 44.68 3.40 -61.12
CA LYS B 50 44.25 3.61 -62.50
C LYS B 50 44.13 5.13 -62.67
N VAL B 51 44.69 5.64 -63.78
CA VAL B 51 44.67 7.08 -64.10
C VAL B 51 45.19 8.01 -62.98
N THR B 52 45.99 8.99 -63.37
CA THR B 52 46.54 9.95 -62.41
C THR B 52 46.82 11.29 -63.08
N SER B 53 47.15 12.28 -62.26
CA SER B 53 47.46 13.62 -62.71
C SER B 53 48.57 14.16 -61.82
N THR B 54 49.28 15.18 -62.30
CA THR B 54 50.36 15.76 -61.54
C THR B 54 49.81 16.42 -60.29
N LEU B 55 48.64 17.02 -60.42
CA LEU B 55 47.98 17.71 -59.31
C LEU B 55 47.33 16.80 -58.28
N LEU B 56 47.21 15.51 -58.60
CA LEU B 56 46.62 14.57 -57.68
C LEU B 56 47.47 14.46 -56.43
N GLU B 57 46.87 14.74 -55.27
CA GLU B 57 47.54 14.66 -53.98
C GLU B 57 47.69 13.19 -53.61
N GLN B 58 48.82 12.59 -53.96
CA GLN B 58 49.02 11.16 -53.70
C GLN B 58 49.38 10.77 -52.26
N ASP B 59 49.58 11.74 -51.39
CA ASP B 59 49.94 11.45 -50.01
C ASP B 59 48.73 11.15 -49.13
N THR B 60 47.65 11.91 -49.34
CA THR B 60 46.42 11.74 -48.58
C THR B 60 45.48 10.74 -49.27
N SER B 61 45.95 10.15 -50.36
CA SER B 61 45.14 9.20 -51.12
C SER B 61 45.21 7.76 -50.60
N THR B 62 44.17 6.99 -50.92
CA THR B 62 44.05 5.59 -50.51
C THR B 62 42.81 5.04 -51.25
N GLU B 63 42.95 4.85 -52.56
CA GLU B 63 41.83 4.36 -53.37
C GLU B 63 41.77 2.84 -53.55
N LYS B 64 42.81 2.12 -53.16
CA LYS B 64 42.77 0.68 -53.39
C LYS B 64 43.10 -0.25 -52.22
N LEU B 65 43.75 0.27 -51.18
CA LEU B 65 44.09 -0.56 -50.04
C LEU B 65 43.42 -0.09 -48.76
N TYR B 66 42.62 -0.94 -48.16
CA TYR B 66 41.92 -0.57 -46.94
C TYR B 66 42.14 -1.56 -45.81
N LYS B 67 42.37 -1.00 -44.63
CA LYS B 67 42.58 -1.78 -43.43
C LYS B 67 41.18 -2.16 -42.91
N LEU B 68 40.90 -3.44 -42.81
CA LEU B 68 39.58 -3.87 -42.32
C LEU B 68 39.62 -4.08 -40.83
N ASN B 69 40.67 -4.75 -40.39
CA ASN B 69 40.86 -5.12 -39.00
C ASN B 69 42.29 -4.70 -38.69
N ASP B 70 42.86 -5.28 -37.63
CA ASP B 70 44.24 -5.00 -37.30
C ASP B 70 45.07 -6.13 -37.89
N LYS B 71 44.38 -7.15 -38.38
CA LYS B 71 45.04 -8.32 -38.95
C LYS B 71 44.49 -8.67 -40.32
N ILE B 72 43.64 -7.81 -40.87
CA ILE B 72 43.05 -8.04 -42.18
C ILE B 72 43.00 -6.77 -43.00
N ALA B 73 43.28 -6.89 -44.29
CA ALA B 73 43.22 -5.75 -45.19
C ALA B 73 42.71 -6.25 -46.52
N VAL B 74 42.23 -5.33 -47.35
CA VAL B 74 41.72 -5.71 -48.65
C VAL B 74 42.30 -4.82 -49.73
N ALA B 75 42.40 -5.37 -50.93
CA ALA B 75 42.85 -4.63 -52.09
C ALA B 75 41.59 -4.53 -52.94
N VAL B 76 41.29 -3.35 -53.44
CA VAL B 76 40.08 -3.12 -54.21
C VAL B 76 40.25 -2.98 -55.72
N ALA B 77 39.31 -3.55 -56.48
CA ALA B 77 39.29 -3.46 -57.93
C ALA B 77 37.83 -3.25 -58.35
N GLY B 78 37.52 -2.03 -58.79
CA GLY B 78 36.16 -1.72 -59.21
C GLY B 78 35.74 -0.32 -58.78
N LEU B 79 34.44 -0.13 -58.56
CA LEU B 79 33.90 1.15 -58.11
C LEU B 79 34.31 1.44 -56.69
N THR B 80 35.17 2.44 -56.51
CA THR B 80 35.64 2.78 -55.17
C THR B 80 34.48 3.01 -54.22
N ALA B 81 33.52 3.85 -54.61
CA ALA B 81 32.37 4.16 -53.76
C ALA B 81 31.64 2.89 -53.28
N ASP B 82 31.42 1.96 -54.20
CA ASP B 82 30.76 0.70 -53.86
C ASP B 82 31.58 -0.06 -52.81
N ALA B 83 32.90 -0.07 -53.01
CA ALA B 83 33.80 -0.77 -52.13
C ALA B 83 33.75 -0.19 -50.72
N GLU B 84 33.67 1.14 -50.62
CA GLU B 84 33.62 1.76 -49.30
C GLU B 84 32.39 1.34 -48.52
N ILE B 85 31.26 1.18 -49.21
CA ILE B 85 30.05 0.73 -48.54
C ILE B 85 30.31 -0.62 -47.89
N LEU B 86 30.84 -1.55 -48.67
CA LEU B 86 31.15 -2.90 -48.18
C LEU B 86 32.23 -2.92 -47.12
N ILE B 87 33.30 -2.16 -47.33
CA ILE B 87 34.40 -2.11 -46.40
C ILE B 87 33.89 -1.71 -45.03
N ASN B 88 33.06 -0.68 -45.01
CA ASN B 88 32.51 -0.21 -43.75
C ASN B 88 31.68 -1.29 -43.04
N THR B 89 30.88 -2.05 -43.77
CA THR B 89 30.08 -3.08 -43.10
C THR B 89 31.02 -4.18 -42.64
N ALA B 90 32.06 -4.44 -43.42
CA ALA B 90 33.03 -5.46 -43.05
C ALA B 90 33.74 -5.03 -41.76
N ARG B 91 34.10 -3.75 -41.66
CA ARG B 91 34.75 -3.25 -40.46
C ARG B 91 33.84 -3.46 -39.25
N ILE B 92 32.55 -3.23 -39.45
CA ILE B 92 31.58 -3.42 -38.37
C ILE B 92 31.41 -4.89 -38.00
N HIS B 93 31.37 -5.77 -39.00
CA HIS B 93 31.20 -7.18 -38.71
C HIS B 93 32.36 -7.69 -37.87
N ALA B 94 33.57 -7.22 -38.19
CA ALA B 94 34.77 -7.62 -37.46
C ALA B 94 34.64 -7.28 -35.98
N GLN B 95 34.20 -6.06 -35.70
CA GLN B 95 34.02 -5.61 -34.33
C GLN B 95 32.87 -6.29 -33.59
N ASN B 96 31.76 -6.59 -34.27
CA ASN B 96 30.68 -7.27 -33.58
C ASN B 96 31.22 -8.58 -33.07
N TYR B 97 32.01 -9.22 -33.92
CA TYR B 97 32.63 -10.50 -33.60
C TYR B 97 33.53 -10.36 -32.38
N LEU B 98 34.39 -9.34 -32.40
CA LEU B 98 35.29 -9.09 -31.30
C LEU B 98 34.51 -8.85 -30.01
N LYS B 99 33.45 -8.05 -30.07
CA LYS B 99 32.66 -7.78 -28.89
C LYS B 99 31.98 -9.04 -28.38
N THR B 100 31.49 -9.86 -29.30
CA THR B 100 30.80 -11.08 -28.91
C THR B 100 31.69 -12.15 -28.31
N TYR B 101 32.81 -12.44 -28.96
CA TYR B 101 33.69 -13.51 -28.50
C TYR B 101 35.03 -13.08 -27.88
N ASN B 102 35.29 -11.78 -27.83
CA ASN B 102 36.55 -11.29 -27.28
C ASN B 102 37.76 -11.92 -27.97
N GLU B 103 37.63 -12.13 -29.27
CA GLU B 103 38.68 -12.69 -30.10
C GLU B 103 38.54 -12.05 -31.48
N ASP B 104 39.67 -11.84 -32.15
CA ASP B 104 39.65 -11.25 -33.48
C ASP B 104 38.99 -12.21 -34.44
N ILE B 105 38.23 -11.67 -35.38
CA ILE B 105 37.51 -12.48 -36.33
C ILE B 105 38.41 -13.27 -37.27
N PRO B 106 38.18 -14.59 -37.34
CA PRO B 106 38.95 -15.47 -38.23
C PRO B 106 38.72 -14.96 -39.64
N VAL B 107 39.79 -14.79 -40.41
CA VAL B 107 39.71 -14.27 -41.76
C VAL B 107 38.59 -14.83 -42.65
N GLU B 108 38.45 -16.14 -42.74
CA GLU B 108 37.40 -16.67 -43.59
C GLU B 108 36.00 -16.24 -43.18
N ILE B 109 35.74 -16.19 -41.88
CA ILE B 109 34.43 -15.80 -41.39
C ILE B 109 34.08 -14.38 -41.86
N LEU B 110 35.07 -13.50 -41.91
CA LEU B 110 34.81 -12.12 -42.36
C LEU B 110 34.60 -12.08 -43.86
N VAL B 111 35.38 -12.86 -44.59
CA VAL B 111 35.26 -12.92 -46.04
C VAL B 111 33.93 -13.54 -46.46
N ARG B 112 33.54 -14.63 -45.79
CA ARG B 112 32.28 -15.28 -46.12
C ARG B 112 31.09 -14.35 -45.92
N ARG B 113 31.16 -13.51 -44.88
CA ARG B 113 30.07 -12.58 -44.60
C ARG B 113 29.92 -11.57 -45.73
N LEU B 114 31.01 -10.90 -46.08
CA LEU B 114 30.96 -9.91 -47.15
C LEU B 114 30.47 -10.54 -48.44
N SER B 115 30.90 -11.78 -48.68
CA SER B 115 30.50 -12.50 -49.88
C SER B 115 29.01 -12.80 -49.87
N ASP B 116 28.49 -13.15 -48.71
CA ASP B 116 27.07 -13.44 -48.59
C ASP B 116 26.25 -12.18 -48.85
N ILE B 117 26.77 -11.03 -48.44
CA ILE B 117 26.07 -9.77 -48.67
C ILE B 117 26.02 -9.52 -50.17
N LYS B 118 27.12 -9.79 -50.86
CA LYS B 118 27.19 -9.60 -52.31
C LYS B 118 26.26 -10.58 -52.99
N GLN B 119 26.25 -11.82 -52.49
CA GLN B 119 25.41 -12.85 -53.07
C GLN B 119 23.94 -12.41 -52.99
N GLY B 120 23.59 -11.72 -51.90
CA GLY B 120 22.23 -11.27 -51.72
C GLY B 120 21.74 -10.39 -52.86
N TYR B 121 22.53 -9.37 -53.21
CA TYR B 121 22.18 -8.44 -54.28
C TYR B 121 22.07 -9.18 -55.61
N THR B 122 22.33 -10.46 -55.57
CA THR B 122 22.30 -11.32 -56.74
C THR B 122 21.01 -12.12 -56.86
N GLN B 123 20.36 -12.36 -55.73
CA GLN B 123 19.17 -13.17 -55.73
C GLN B 123 17.85 -12.48 -55.40
N HIS B 124 17.91 -11.29 -54.83
CA HIS B 124 16.68 -10.59 -54.48
C HIS B 124 16.86 -9.09 -54.29
N GLY B 125 15.74 -8.36 -54.28
CA GLY B 125 15.79 -6.93 -54.08
C GLY B 125 15.81 -6.07 -55.33
N GLY B 126 16.02 -6.70 -56.48
CA GLY B 126 16.04 -5.95 -57.72
C GLY B 126 17.01 -4.79 -57.82
N LEU B 127 18.14 -4.86 -57.12
CA LEU B 127 19.14 -3.78 -57.17
C LEU B 127 20.38 -4.26 -57.91
N ARG B 128 21.15 -3.34 -58.47
CA ARG B 128 22.36 -3.72 -59.19
C ARG B 128 23.39 -4.26 -58.21
N PRO B 129 24.22 -5.22 -58.62
CA PRO B 129 25.23 -5.77 -57.73
C PRO B 129 26.31 -4.71 -57.50
N PHE B 130 27.25 -4.98 -56.59
CA PHE B 130 28.33 -4.04 -56.36
C PHE B 130 29.43 -4.32 -57.40
N GLY B 131 29.90 -3.27 -58.07
CA GLY B 131 30.95 -3.46 -59.06
C GLY B 131 32.30 -3.51 -58.37
N VAL B 132 32.47 -4.49 -57.49
CA VAL B 132 33.70 -4.63 -56.72
C VAL B 132 34.22 -6.05 -56.62
N SER B 133 35.55 -6.15 -56.66
CA SER B 133 36.24 -7.43 -56.49
C SER B 133 37.28 -7.15 -55.42
N PHE B 134 37.31 -8.00 -54.41
CA PHE B 134 38.24 -7.84 -53.30
C PHE B 134 39.31 -8.93 -53.23
N ILE B 135 40.47 -8.55 -52.71
CA ILE B 135 41.55 -9.48 -52.44
C ILE B 135 41.74 -9.23 -50.96
N TYR B 136 41.47 -10.25 -50.15
CA TYR B 136 41.64 -10.13 -48.69
C TYR B 136 42.96 -10.73 -48.26
N ALA B 137 43.73 -9.95 -47.53
CA ALA B 137 45.02 -10.41 -47.02
C ALA B 137 44.86 -10.36 -45.51
N GLY B 138 45.04 -11.49 -44.84
CA GLY B 138 44.90 -11.47 -43.40
C GLY B 138 45.54 -12.63 -42.68
N TYR B 139 45.53 -12.53 -41.35
CA TYR B 139 46.11 -13.55 -40.50
C TYR B 139 45.31 -13.83 -39.23
N ASP B 140 45.23 -15.10 -38.87
CA ASP B 140 44.57 -15.51 -37.65
C ASP B 140 45.31 -16.75 -37.16
N ASP B 141 45.13 -17.08 -35.89
CA ASP B 141 45.83 -18.22 -35.30
C ASP B 141 45.28 -19.60 -35.64
N ARG B 142 44.47 -19.70 -36.68
CA ARG B 142 43.93 -21.00 -37.05
C ARG B 142 44.49 -21.46 -38.39
N TYR B 143 44.67 -20.49 -39.30
CA TYR B 143 45.19 -20.79 -40.63
C TYR B 143 46.37 -19.88 -40.94
N GLY B 144 46.82 -19.12 -39.95
CA GLY B 144 47.94 -18.23 -40.19
C GLY B 144 47.63 -17.28 -41.33
N TYR B 145 48.61 -17.08 -42.21
CA TYR B 145 48.44 -16.18 -43.34
C TYR B 145 47.49 -16.73 -44.39
N GLN B 146 46.54 -15.90 -44.80
CA GLN B 146 45.54 -16.29 -45.79
C GLN B 146 45.33 -15.20 -46.84
N LEU B 147 44.94 -15.64 -48.03
CA LEU B 147 44.69 -14.74 -49.14
C LEU B 147 43.40 -15.20 -49.81
N TYR B 148 42.42 -14.30 -49.87
CA TYR B 148 41.13 -14.61 -50.47
C TYR B 148 40.75 -13.60 -51.53
N THR B 149 39.70 -13.93 -52.25
CA THR B 149 39.21 -13.07 -53.30
C THR B 149 37.69 -13.27 -53.45
N SER B 150 36.96 -12.17 -53.60
CA SER B 150 35.50 -12.22 -53.78
C SER B 150 35.11 -11.24 -54.89
N ASN B 151 34.18 -11.66 -55.73
CA ASN B 151 33.72 -10.84 -56.84
C ASN B 151 32.21 -10.57 -56.74
N PRO B 152 31.64 -9.76 -57.64
CA PRO B 152 30.21 -9.45 -57.63
C PRO B 152 29.24 -10.62 -57.42
N SER B 153 29.59 -11.81 -57.90
CA SER B 153 28.73 -12.98 -57.76
C SER B 153 28.54 -13.40 -56.32
N GLY B 154 29.49 -13.02 -55.47
CA GLY B 154 29.40 -13.37 -54.06
C GLY B 154 30.15 -14.65 -53.79
N ASN B 155 30.95 -15.07 -54.76
CA ASN B 155 31.73 -16.28 -54.64
C ASN B 155 33.12 -15.88 -54.15
N TYR B 156 33.76 -16.73 -53.36
CA TYR B 156 35.10 -16.40 -52.88
C TYR B 156 36.00 -17.64 -52.90
N THR B 157 37.30 -17.40 -53.01
CA THR B 157 38.26 -18.48 -53.05
C THR B 157 39.61 -18.11 -52.42
N GLY B 158 40.39 -19.12 -52.07
CA GLY B 158 41.69 -18.92 -51.46
C GLY B 158 42.82 -19.06 -52.45
N TRP B 159 43.90 -18.31 -52.24
CA TRP B 159 45.03 -18.34 -53.15
C TRP B 159 46.37 -18.18 -52.47
N LYS B 160 47.43 -18.44 -53.24
CA LYS B 160 48.81 -18.29 -52.79
C LYS B 160 49.27 -16.99 -53.43
N ALA B 161 48.72 -16.74 -54.62
CA ALA B 161 48.98 -15.53 -55.38
C ALA B 161 47.75 -15.33 -56.26
N ILE B 162 47.28 -14.09 -56.37
CA ILE B 162 46.10 -13.83 -57.18
C ILE B 162 46.05 -12.37 -57.61
N SER B 163 45.31 -12.13 -58.68
CA SER B 163 45.18 -10.79 -59.22
C SER B 163 43.73 -10.50 -59.61
N VAL B 164 43.32 -9.24 -59.46
CA VAL B 164 41.98 -8.83 -59.84
C VAL B 164 42.11 -7.53 -60.62
N GLY B 165 41.12 -7.25 -61.45
CA GLY B 165 41.14 -6.04 -62.24
C GLY B 165 41.53 -6.29 -63.69
N ALA B 166 42.31 -5.38 -64.24
CA ALA B 166 42.76 -5.47 -65.61
C ALA B 166 43.85 -6.51 -65.80
N ASN B 167 43.97 -7.00 -67.04
CA ASN B 167 45.00 -7.97 -67.44
C ASN B 167 45.28 -9.03 -66.38
N THR B 168 44.24 -9.58 -65.77
CA THR B 168 44.49 -10.58 -64.74
C THR B 168 45.03 -11.86 -65.36
N SER B 169 44.68 -12.09 -66.62
CA SER B 169 45.11 -13.29 -67.36
C SER B 169 46.63 -13.29 -67.54
N ALA B 170 47.14 -12.19 -68.08
CA ALA B 170 48.58 -12.07 -68.28
C ALA B 170 49.26 -12.13 -66.91
N ALA B 171 48.68 -11.44 -65.93
CA ALA B 171 49.19 -11.38 -64.57
C ALA B 171 49.18 -12.72 -63.86
N GLN B 172 48.10 -13.47 -64.04
CA GLN B 172 47.99 -14.77 -63.41
C GLN B 172 49.05 -15.73 -63.95
N THR B 173 49.28 -15.68 -65.25
CA THR B 173 50.28 -16.52 -65.89
C THR B 173 51.69 -16.19 -65.36
N LEU B 174 52.00 -14.91 -65.21
CA LEU B 174 53.30 -14.50 -64.70
C LEU B 174 53.53 -14.97 -63.27
N LEU B 175 52.48 -14.97 -62.47
CA LEU B 175 52.56 -15.38 -61.07
C LEU B 175 52.75 -16.89 -60.96
N GLN B 176 51.97 -17.62 -61.75
CA GLN B 176 52.03 -19.07 -61.78
C GLN B 176 53.40 -19.53 -62.26
N MET B 177 54.10 -18.63 -62.95
CA MET B 177 55.42 -18.91 -63.47
C MET B 177 56.52 -18.80 -62.43
N ASP B 178 56.58 -17.67 -61.72
CA ASP B 178 57.62 -17.45 -60.73
C ASP B 178 57.26 -17.69 -59.27
N TYR B 179 56.10 -18.27 -59.00
CA TYR B 179 55.74 -18.50 -57.60
C TYR B 179 56.30 -19.82 -57.09
N LYS B 180 56.83 -19.79 -55.87
CA LYS B 180 57.37 -20.97 -55.22
C LYS B 180 56.89 -20.98 -53.76
N ASP B 181 56.22 -22.06 -53.37
CA ASP B 181 55.68 -22.22 -52.01
C ASP B 181 56.52 -21.74 -50.84
N ASP B 182 57.83 -21.88 -50.97
CA ASP B 182 58.75 -21.48 -49.89
C ASP B 182 59.19 -20.03 -49.94
N MET B 183 58.56 -19.22 -50.77
CA MET B 183 58.93 -17.81 -50.87
C MET B 183 59.01 -17.11 -49.52
N LYS B 184 59.53 -15.89 -49.56
CA LYS B 184 59.67 -15.10 -48.37
C LYS B 184 59.11 -13.71 -48.72
N VAL B 185 58.46 -13.07 -47.76
CA VAL B 185 57.86 -11.75 -47.97
C VAL B 185 58.56 -10.86 -48.97
N ASP B 186 59.87 -10.68 -48.83
CA ASP B 186 60.61 -9.83 -49.75
C ASP B 186 60.62 -10.38 -51.18
N ASP B 187 60.70 -11.70 -51.32
CA ASP B 187 60.67 -12.32 -52.64
C ASP B 187 59.34 -11.94 -53.27
N ALA B 188 58.27 -12.14 -52.50
CA ALA B 188 56.90 -11.84 -52.92
C ALA B 188 56.72 -10.40 -53.30
N ILE B 189 57.26 -9.50 -52.48
CA ILE B 189 57.15 -8.08 -52.76
C ILE B 189 57.71 -7.79 -54.14
N GLU B 190 58.80 -8.46 -54.48
CA GLU B 190 59.43 -8.26 -55.77
C GLU B 190 58.59 -8.86 -56.88
N LEU B 191 58.08 -10.07 -56.67
CA LEU B 191 57.24 -10.72 -57.67
C LEU B 191 56.04 -9.82 -58.00
N ALA B 192 55.44 -9.27 -56.94
CA ALA B 192 54.30 -8.37 -57.06
C ALA B 192 54.60 -7.18 -57.97
N LEU B 193 55.69 -6.48 -57.68
CA LEU B 193 56.11 -5.33 -58.47
C LEU B 193 56.48 -5.70 -59.90
N LYS B 194 57.15 -6.84 -60.06
CA LYS B 194 57.56 -7.27 -61.39
C LYS B 194 56.32 -7.55 -62.23
N THR B 195 55.38 -8.30 -61.65
CA THR B 195 54.17 -8.66 -62.34
C THR B 195 53.38 -7.44 -62.78
N LEU B 196 53.18 -6.50 -61.87
CA LEU B 196 52.46 -5.28 -62.22
C LEU B 196 53.19 -4.57 -63.34
N SER B 197 54.49 -4.42 -63.16
CA SER B 197 55.37 -3.75 -64.11
C SER B 197 55.24 -4.26 -65.55
N LYS B 198 55.04 -5.56 -65.71
CA LYS B 198 54.92 -6.13 -67.03
C LYS B 198 53.52 -6.06 -67.63
N THR B 199 52.50 -6.04 -66.77
CA THR B 199 51.11 -5.99 -67.23
C THR B 199 50.52 -4.59 -67.34
N THR B 200 51.21 -3.59 -66.76
CA THR B 200 50.75 -2.21 -66.79
C THR B 200 50.40 -1.77 -68.19
N ASP B 201 49.37 -0.93 -68.31
CA ASP B 201 48.97 -0.42 -69.60
C ASP B 201 49.64 0.95 -69.79
N SER B 202 50.42 1.35 -68.79
CA SER B 202 51.12 2.64 -68.81
C SER B 202 52.58 2.53 -69.24
N SER B 203 53.21 3.69 -69.43
CA SER B 203 54.61 3.77 -69.86
C SER B 203 55.51 3.05 -68.87
N ALA B 204 55.69 3.67 -67.71
CA ALA B 204 56.52 3.11 -66.67
C ALA B 204 55.65 2.86 -65.44
N LEU B 205 56.26 2.28 -64.42
CA LEU B 205 55.56 1.98 -63.19
C LEU B 205 56.21 2.80 -62.09
N THR B 206 55.81 4.07 -62.02
CA THR B 206 56.35 4.99 -61.02
C THR B 206 55.66 4.80 -59.66
N TYR B 207 56.26 5.38 -58.61
CA TYR B 207 55.72 5.24 -57.26
C TYR B 207 54.38 5.92 -57.06
N ASP B 208 54.18 7.05 -57.72
CA ASP B 208 52.94 7.82 -57.61
C ASP B 208 51.71 7.06 -58.10
N ARG B 209 51.94 5.96 -58.80
CA ARG B 209 50.86 5.14 -59.33
C ARG B 209 50.76 3.80 -58.61
N LEU B 210 51.24 3.76 -57.36
CA LEU B 210 51.21 2.53 -56.59
C LEU B 210 50.78 2.64 -55.14
N GLU B 211 50.28 1.52 -54.64
CA GLU B 211 49.85 1.39 -53.27
C GLU B 211 50.39 0.02 -52.87
N PHE B 212 51.10 -0.01 -51.75
CA PHE B 212 51.70 -1.24 -51.28
C PHE B 212 51.38 -1.50 -49.83
N ALA B 213 51.26 -2.78 -49.49
CA ALA B 213 50.96 -3.15 -48.13
C ALA B 213 51.45 -4.55 -47.85
N THR B 214 51.89 -4.79 -46.63
CA THR B 214 52.37 -6.10 -46.22
C THR B 214 51.86 -6.45 -44.83
N ILE B 215 51.63 -7.73 -44.60
CA ILE B 215 51.17 -8.19 -43.31
C ILE B 215 52.22 -9.18 -42.85
N ARG B 216 53.15 -8.70 -42.04
CA ARG B 216 54.23 -9.53 -41.51
C ARG B 216 54.14 -9.75 -40.02
N LYS B 217 54.76 -10.83 -39.57
CA LYS B 217 54.77 -11.16 -38.16
C LYS B 217 56.14 -10.79 -37.61
N GLY B 218 56.55 -9.54 -37.87
CA GLY B 218 57.85 -9.04 -37.42
C GLY B 218 58.50 -9.87 -36.33
N ALA B 219 59.51 -10.66 -36.70
CA ALA B 219 60.24 -11.53 -35.77
C ALA B 219 60.52 -10.86 -34.43
N ASN B 220 60.89 -9.58 -34.48
CA ASN B 220 61.19 -8.81 -33.28
C ASN B 220 59.88 -8.33 -32.64
N ASP B 221 59.13 -9.29 -32.09
CA ASP B 221 57.85 -9.00 -31.44
C ASP B 221 57.07 -10.30 -31.11
N GLY B 222 56.58 -10.97 -32.15
CA GLY B 222 55.82 -12.19 -31.95
C GLY B 222 54.37 -12.02 -32.37
N GLU B 223 54.01 -10.79 -32.72
CA GLU B 223 52.66 -10.46 -33.16
C GLU B 223 52.67 -10.06 -34.64
N VAL B 224 51.48 -9.87 -35.21
CA VAL B 224 51.33 -9.49 -36.61
C VAL B 224 51.28 -7.98 -36.81
N TYR B 225 51.92 -7.51 -37.87
CA TYR B 225 51.98 -6.09 -38.19
C TYR B 225 51.49 -5.77 -39.62
N GLN B 226 50.60 -4.79 -39.74
CA GLN B 226 50.09 -4.37 -41.04
C GLN B 226 50.80 -3.10 -41.39
N LYS B 227 51.33 -3.03 -42.59
CA LYS B 227 52.06 -1.84 -43.02
C LYS B 227 51.56 -1.38 -44.37
N ILE B 228 51.02 -0.17 -44.42
CA ILE B 228 50.57 0.37 -45.69
C ILE B 228 51.63 1.37 -46.10
N PHE B 229 52.52 0.92 -46.99
CA PHE B 229 53.62 1.75 -47.47
C PHE B 229 53.25 3.17 -47.84
N LYS B 230 54.07 4.10 -47.35
CA LYS B 230 53.88 5.53 -47.62
C LYS B 230 54.53 5.82 -48.97
N PRO B 231 54.10 6.90 -49.64
CA PRO B 231 54.68 7.21 -50.95
C PRO B 231 56.19 6.97 -51.00
N GLN B 232 56.90 7.54 -50.03
CA GLN B 232 58.34 7.39 -49.97
C GLN B 232 58.75 5.92 -49.92
N GLU B 233 58.16 5.17 -48.99
CA GLU B 233 58.48 3.77 -48.82
C GLU B 233 58.31 2.98 -50.11
N ILE B 234 57.41 3.43 -50.96
CA ILE B 234 57.16 2.77 -52.24
C ILE B 234 58.27 3.15 -53.22
N LYS B 235 58.55 4.45 -53.29
CA LYS B 235 59.59 4.97 -54.18
C LYS B 235 60.88 4.21 -53.92
N ASP B 236 61.13 3.90 -52.65
CA ASP B 236 62.32 3.17 -52.21
C ASP B 236 62.31 1.74 -52.76
N ILE B 237 61.43 0.91 -52.22
CA ILE B 237 61.30 -0.50 -52.65
C ILE B 237 61.21 -0.63 -54.18
N LEU B 238 60.92 0.48 -54.85
CA LEU B 238 60.80 0.48 -56.30
C LEU B 238 62.17 0.59 -56.98
N VAL B 239 63.10 1.28 -56.33
CA VAL B 239 64.45 1.42 -56.86
C VAL B 239 65.23 0.15 -56.58
N LYS B 240 65.06 -0.37 -55.37
CA LYS B 240 65.75 -1.57 -54.91
C LYS B 240 65.45 -2.80 -55.75
N THR B 241 64.20 -2.95 -56.19
CA THR B 241 63.82 -4.09 -57.00
C THR B 241 64.22 -3.88 -58.46
N GLY B 242 65.08 -2.91 -58.68
CA GLY B 242 65.56 -2.62 -60.03
C GLY B 242 64.52 -2.17 -61.04
N ILE B 243 63.67 -1.22 -60.63
CA ILE B 243 62.65 -0.68 -61.52
C ILE B 243 62.79 0.85 -61.49
N THR B 244 63.68 1.31 -60.60
CA THR B 244 63.98 2.74 -60.39
C THR B 244 62.81 3.63 -60.75
N GLY C 1 10.73 -4.41 -50.48
CA GLY C 1 9.52 -3.91 -51.20
C GLY C 1 9.43 -4.43 -52.63
N TYR C 2 10.54 -4.98 -53.13
CA TYR C 2 10.58 -5.50 -54.49
C TYR C 2 9.93 -6.88 -54.54
N ASP C 3 8.87 -7.02 -55.33
CA ASP C 3 8.17 -8.30 -55.43
C ASP C 3 7.79 -8.76 -56.84
N ARG C 4 8.52 -8.30 -57.85
CA ARG C 4 8.21 -8.70 -59.23
C ARG C 4 8.20 -10.22 -59.37
N ALA C 5 7.26 -10.73 -60.15
CA ALA C 5 7.19 -12.16 -60.36
C ALA C 5 8.27 -12.47 -61.41
N LEU C 6 9.35 -13.10 -60.97
CA LEU C 6 10.43 -13.44 -61.87
C LEU C 6 10.27 -14.85 -62.40
N SER C 7 9.67 -15.73 -61.58
CA SER C 7 9.42 -17.10 -61.99
C SER C 7 7.95 -17.19 -62.33
N ILE C 8 7.65 -17.19 -63.62
CA ILE C 8 6.27 -17.28 -64.07
C ILE C 8 6.17 -18.35 -65.15
N PHE C 9 4.93 -18.68 -65.52
CA PHE C 9 4.69 -19.67 -66.56
C PHE C 9 4.76 -19.00 -67.93
N SER C 10 5.23 -19.74 -68.92
CA SER C 10 5.31 -19.27 -70.29
C SER C 10 4.24 -20.11 -71.01
N PRO C 11 3.82 -19.69 -72.22
CA PRO C 11 2.80 -20.40 -73.00
C PRO C 11 2.86 -21.92 -73.05
N ASP C 12 4.06 -22.48 -73.13
CA ASP C 12 4.22 -23.93 -73.20
C ASP C 12 4.13 -24.63 -71.84
N GLY C 13 3.83 -23.86 -70.79
CA GLY C 13 3.70 -24.42 -69.45
C GLY C 13 5.04 -24.56 -68.74
N HIS C 14 6.04 -23.80 -69.18
CA HIS C 14 7.36 -23.87 -68.56
C HIS C 14 7.67 -22.64 -67.72
N ILE C 15 8.58 -22.80 -66.76
CA ILE C 15 8.99 -21.70 -65.92
C ILE C 15 10.46 -21.49 -66.26
N PHE C 16 10.73 -20.56 -67.16
CA PHE C 16 12.10 -20.34 -67.60
C PHE C 16 13.14 -20.04 -66.54
N GLN C 17 12.86 -19.14 -65.60
CA GLN C 17 13.83 -18.84 -64.57
C GLN C 17 14.32 -20.10 -63.85
N VAL C 18 13.43 -21.08 -63.69
CA VAL C 18 13.77 -22.34 -63.04
C VAL C 18 14.61 -23.17 -64.00
N GLU C 19 14.17 -23.20 -65.26
CA GLU C 19 14.85 -23.95 -66.31
C GLU C 19 16.27 -23.43 -66.52
N TYR C 20 16.41 -22.11 -66.51
CA TYR C 20 17.71 -21.50 -66.69
C TYR C 20 18.55 -21.75 -65.45
N ALA C 21 17.89 -21.92 -64.31
CA ALA C 21 18.58 -22.18 -63.07
C ALA C 21 19.31 -23.52 -63.24
N LEU C 22 18.68 -24.43 -63.98
CA LEU C 22 19.26 -25.74 -64.25
C LEU C 22 20.45 -25.63 -65.18
N GLU C 23 20.42 -24.67 -66.10
CA GLU C 23 21.54 -24.47 -67.02
C GLU C 23 22.78 -24.08 -66.23
N ALA C 24 22.56 -23.41 -65.11
CA ALA C 24 23.65 -22.98 -64.24
C ALA C 24 24.24 -24.21 -63.56
N VAL C 25 23.39 -25.21 -63.33
CA VAL C 25 23.83 -26.44 -62.68
C VAL C 25 24.65 -27.26 -63.67
N LYS C 26 24.19 -27.34 -64.91
CA LYS C 26 24.88 -28.08 -65.96
C LYS C 26 26.29 -27.52 -66.14
N ARG C 27 26.46 -26.24 -65.80
CA ARG C 27 27.74 -25.58 -65.94
C ARG C 27 28.65 -25.77 -64.72
N GLY C 28 28.09 -26.26 -63.62
CA GLY C 28 28.88 -26.46 -62.42
C GLY C 28 29.74 -27.71 -62.48
N THR C 29 30.81 -27.74 -61.68
CA THR C 29 31.69 -28.89 -61.65
C THR C 29 30.88 -30.12 -61.27
N CYS C 30 31.26 -31.27 -61.82
CA CYS C 30 30.54 -32.51 -61.56
C CYS C 30 30.58 -32.96 -60.10
N ALA C 31 29.48 -33.57 -59.67
CA ALA C 31 29.37 -34.09 -58.32
C ALA C 31 28.71 -35.45 -58.42
N VAL C 32 29.25 -36.42 -57.70
CA VAL C 32 28.69 -37.75 -57.75
C VAL C 32 28.57 -38.35 -56.36
N GLY C 33 27.60 -39.24 -56.20
CA GLY C 33 27.38 -39.90 -54.95
C GLY C 33 26.95 -41.33 -55.21
N VAL C 34 27.52 -42.27 -54.45
CA VAL C 34 27.17 -43.67 -54.60
C VAL C 34 27.13 -44.28 -53.21
N LYS C 35 26.09 -45.05 -52.95
CA LYS C 35 25.96 -45.66 -51.64
C LYS C 35 26.35 -47.12 -51.67
N GLY C 36 27.22 -47.48 -50.73
CA GLY C 36 27.67 -48.85 -50.60
C GLY C 36 26.67 -49.58 -49.75
N LYS C 37 27.12 -50.64 -49.07
CA LYS C 37 26.23 -51.42 -48.23
C LYS C 37 26.32 -50.92 -46.79
N ASN C 38 27.42 -50.24 -46.49
CA ASN C 38 27.65 -49.74 -45.14
C ASN C 38 28.21 -48.33 -45.16
N CYS C 39 27.99 -47.61 -46.26
CA CYS C 39 28.48 -46.24 -46.36
C CYS C 39 27.95 -45.54 -47.60
N VAL C 40 28.35 -44.28 -47.74
CA VAL C 40 27.97 -43.46 -48.88
C VAL C 40 29.22 -42.65 -49.21
N VAL C 41 29.54 -42.53 -50.49
CA VAL C 41 30.72 -41.78 -50.88
C VAL C 41 30.36 -40.66 -51.82
N LEU C 42 30.91 -39.47 -51.55
CA LEU C 42 30.65 -38.31 -52.37
C LEU C 42 31.91 -37.84 -53.06
N GLY C 43 31.83 -37.70 -54.38
CA GLY C 43 32.98 -37.24 -55.16
C GLY C 43 32.62 -36.00 -55.94
N CYS C 44 33.60 -35.09 -56.06
CA CYS C 44 33.39 -33.84 -56.79
C CYS C 44 34.66 -33.47 -57.54
N GLU C 45 34.51 -32.96 -58.77
CA GLU C 45 35.68 -32.58 -59.56
C GLU C 45 36.12 -31.16 -59.24
N ARG C 46 37.42 -30.88 -59.38
CA ARG C 46 37.95 -29.54 -59.14
C ARG C 46 38.31 -28.87 -60.46
N ARG C 47 37.79 -27.66 -60.65
CA ARG C 47 38.06 -26.90 -61.86
C ARG C 47 39.58 -26.73 -62.01
N SER C 48 40.00 -26.21 -63.16
CA SER C 48 41.42 -25.95 -63.44
C SER C 48 41.60 -24.72 -64.33
N THR C 49 40.56 -23.88 -64.39
CA THR C 49 40.57 -22.64 -65.19
C THR C 49 41.72 -21.75 -64.68
N LEU C 50 41.97 -21.83 -63.37
CA LEU C 50 43.03 -21.10 -62.68
C LEU C 50 43.57 -22.03 -61.58
N LYS C 51 44.88 -22.17 -61.50
CA LYS C 51 45.48 -23.02 -60.47
C LYS C 51 46.68 -22.26 -59.89
N LEU C 52 46.64 -22.06 -58.58
CA LEU C 52 47.65 -21.36 -57.81
C LEU C 52 46.91 -21.05 -56.53
N GLN C 53 45.84 -21.82 -56.32
CA GLN C 53 44.97 -21.70 -55.18
C GLN C 53 45.57 -22.23 -53.90
N ASP C 54 44.96 -21.80 -52.79
CA ASP C 54 45.37 -22.22 -51.47
C ASP C 54 44.26 -23.15 -51.00
N THR C 55 44.43 -24.44 -51.27
CA THR C 55 43.44 -25.46 -50.92
C THR C 55 43.11 -25.59 -49.43
N ARG C 56 44.03 -25.18 -48.55
CA ARG C 56 43.78 -25.27 -47.12
C ARG C 56 42.51 -24.52 -46.74
N ILE C 57 42.46 -23.25 -47.16
CA ILE C 57 41.36 -22.35 -46.85
C ILE C 57 40.21 -22.26 -47.86
N THR C 58 40.46 -22.46 -49.15
CA THR C 58 39.37 -22.38 -50.13
C THR C 58 38.24 -23.34 -49.76
N PRO C 59 37.00 -22.83 -49.70
CA PRO C 59 35.84 -23.65 -49.35
C PRO C 59 35.76 -24.95 -50.18
N SER C 60 35.58 -26.08 -49.48
CA SER C 60 35.48 -27.38 -50.13
C SER C 60 34.06 -27.63 -50.64
N LYS C 61 33.92 -28.59 -51.56
CA LYS C 61 32.64 -28.88 -52.16
C LYS C 61 31.65 -29.66 -51.29
N VAL C 62 32.17 -30.50 -50.40
CA VAL C 62 31.31 -31.27 -49.49
C VAL C 62 31.21 -30.49 -48.19
N SER C 63 30.00 -30.35 -47.68
CA SER C 63 29.78 -29.62 -46.44
C SER C 63 28.99 -30.46 -45.46
N LYS C 64 29.31 -30.31 -44.18
CA LYS C 64 28.60 -31.03 -43.13
C LYS C 64 27.44 -30.16 -42.67
N ILE C 65 26.25 -30.75 -42.65
CA ILE C 65 25.06 -30.04 -42.20
C ILE C 65 24.94 -30.33 -40.71
N ASP C 66 25.29 -31.56 -40.34
CA ASP C 66 25.33 -31.99 -38.95
C ASP C 66 26.41 -33.07 -38.93
N SER C 67 26.70 -33.63 -37.75
CA SER C 67 27.74 -34.65 -37.63
C SER C 67 27.50 -35.97 -38.38
N HIS C 68 26.28 -36.19 -38.85
CA HIS C 68 25.96 -37.42 -39.54
C HIS C 68 25.49 -37.20 -40.98
N VAL C 69 25.34 -35.94 -41.39
CA VAL C 69 24.87 -35.64 -42.73
C VAL C 69 25.76 -34.67 -43.49
N VAL C 70 25.97 -34.95 -44.77
CA VAL C 70 26.78 -34.08 -45.61
C VAL C 70 26.02 -33.70 -46.85
N LEU C 71 26.42 -32.58 -47.45
CA LEU C 71 25.80 -32.09 -48.65
C LEU C 71 26.83 -31.61 -49.66
N SER C 72 26.64 -31.98 -50.92
CA SER C 72 27.54 -31.56 -51.99
C SER C 72 26.61 -30.92 -53.03
N PHE C 73 27.18 -30.25 -54.02
CA PHE C 73 26.33 -29.57 -54.99
C PHE C 73 27.04 -29.22 -56.30
N SER C 74 26.22 -28.78 -57.27
CA SER C 74 26.71 -28.34 -58.56
C SER C 74 25.92 -27.09 -58.91
N GLY C 75 26.62 -26.04 -59.34
CA GLY C 75 25.95 -24.80 -59.69
C GLY C 75 26.68 -23.63 -59.08
N LEU C 76 25.95 -22.55 -58.83
CA LEU C 76 26.52 -21.34 -58.26
C LEU C 76 26.99 -21.56 -56.81
N ASN C 77 28.26 -21.32 -56.57
CA ASN C 77 28.82 -21.50 -55.24
C ASN C 77 28.15 -20.61 -54.22
N ALA C 78 28.08 -19.31 -54.52
CA ALA C 78 27.47 -18.36 -53.61
C ALA C 78 26.06 -18.79 -53.20
N ASP C 79 25.29 -19.34 -54.14
CA ASP C 79 23.94 -19.77 -53.83
C ASP C 79 23.93 -20.95 -52.89
N SER C 80 24.88 -21.86 -53.06
CA SER C 80 24.93 -23.04 -52.19
C SER C 80 25.16 -22.67 -50.73
N ARG C 81 25.92 -21.61 -50.48
CA ARG C 81 26.18 -21.21 -49.10
C ARG C 81 24.87 -20.86 -48.39
N ILE C 82 23.98 -20.14 -49.07
CA ILE C 82 22.73 -19.76 -48.47
C ILE C 82 21.92 -21.00 -48.09
N LEU C 83 21.98 -22.04 -48.91
CA LEU C 83 21.25 -23.26 -48.61
C LEU C 83 21.91 -24.05 -47.50
N ILE C 84 23.24 -24.08 -47.49
CA ILE C 84 23.96 -24.80 -46.46
C ILE C 84 23.73 -24.20 -45.09
N GLU C 85 23.70 -22.86 -45.02
CA GLU C 85 23.47 -22.18 -43.75
C GLU C 85 22.08 -22.52 -43.21
N LYS C 86 21.06 -22.39 -44.06
CA LYS C 86 19.70 -22.70 -43.64
C LYS C 86 19.60 -24.15 -43.20
N ALA C 87 20.31 -25.02 -43.91
CA ALA C 87 20.29 -26.44 -43.59
C ALA C 87 20.87 -26.68 -42.19
N ARG C 88 22.05 -26.13 -41.95
CA ARG C 88 22.72 -26.29 -40.66
C ARG C 88 21.88 -25.75 -39.52
N VAL C 89 21.26 -24.59 -39.74
CA VAL C 89 20.40 -23.99 -38.74
C VAL C 89 19.22 -24.92 -38.48
N GLU C 90 18.61 -25.42 -39.55
CA GLU C 90 17.47 -26.31 -39.39
C GLU C 90 17.84 -27.58 -38.64
N ALA C 91 19.06 -28.06 -38.87
CA ALA C 91 19.53 -29.27 -38.22
C ALA C 91 19.63 -29.07 -36.70
N GLN C 92 20.08 -27.90 -36.28
CA GLN C 92 20.22 -27.59 -34.86
C GLN C 92 18.85 -27.34 -34.23
N SER C 93 17.97 -26.68 -34.97
CA SER C 93 16.65 -26.40 -34.47
C SER C 93 15.90 -27.71 -34.23
N HIS C 94 16.08 -28.66 -35.14
CA HIS C 94 15.43 -29.97 -35.04
C HIS C 94 15.86 -30.71 -33.78
N ARG C 95 17.15 -30.65 -33.48
CA ARG C 95 17.70 -31.32 -32.30
C ARG C 95 17.19 -30.66 -31.04
N LEU C 96 17.03 -29.35 -31.10
CA LEU C 96 16.56 -28.59 -29.96
C LEU C 96 15.09 -28.80 -29.64
N THR C 97 14.28 -29.07 -30.67
CA THR C 97 12.85 -29.26 -30.45
C THR C 97 12.37 -30.71 -30.42
N LEU C 98 12.91 -31.56 -31.28
CA LEU C 98 12.50 -32.97 -31.32
C LEU C 98 13.40 -33.83 -30.43
N GLU C 99 14.52 -33.26 -30.02
CA GLU C 99 15.47 -33.95 -29.18
C GLU C 99 16.03 -35.17 -29.87
N ASP C 100 16.28 -35.01 -31.16
CA ASP C 100 16.85 -36.06 -32.00
C ASP C 100 17.33 -35.42 -33.29
N PRO C 101 18.56 -35.76 -33.71
CA PRO C 101 19.06 -35.16 -34.95
C PRO C 101 18.15 -35.53 -36.12
N VAL C 102 18.22 -34.74 -37.19
CA VAL C 102 17.40 -34.94 -38.38
C VAL C 102 17.71 -36.24 -39.14
N THR C 103 16.71 -36.74 -39.87
CA THR C 103 16.92 -37.90 -40.71
C THR C 103 17.40 -37.27 -42.03
N VAL C 104 18.11 -38.03 -42.87
CA VAL C 104 18.60 -37.50 -44.13
C VAL C 104 17.46 -37.05 -45.04
N GLU C 105 16.35 -37.78 -45.00
CA GLU C 105 15.19 -37.46 -45.79
C GLU C 105 14.58 -36.14 -45.32
N TYR C 106 14.50 -35.97 -44.00
CA TYR C 106 13.94 -34.74 -43.44
C TYR C 106 14.78 -33.54 -43.89
N LEU C 107 16.08 -33.63 -43.69
CA LEU C 107 16.98 -32.54 -44.05
C LEU C 107 16.90 -32.24 -45.54
N THR C 108 16.69 -33.27 -46.36
CA THR C 108 16.58 -33.11 -47.81
C THR C 108 15.29 -32.37 -48.16
N ARG C 109 14.18 -32.85 -47.60
CA ARG C 109 12.88 -32.26 -47.82
C ARG C 109 12.88 -30.78 -47.39
N TYR C 110 13.69 -30.45 -46.39
CA TYR C 110 13.76 -29.08 -45.91
C TYR C 110 14.47 -28.17 -46.91
N VAL C 111 15.60 -28.64 -47.44
CA VAL C 111 16.35 -27.86 -48.40
C VAL C 111 15.54 -27.73 -49.70
N ALA C 112 14.88 -28.81 -50.10
CA ALA C 112 14.08 -28.80 -51.32
C ALA C 112 12.95 -27.80 -51.17
N GLY C 113 12.35 -27.76 -49.98
CA GLY C 113 11.27 -26.82 -49.73
C GLY C 113 11.74 -25.39 -49.87
N VAL C 114 12.94 -25.10 -49.37
CA VAL C 114 13.49 -23.77 -49.48
C VAL C 114 13.67 -23.44 -50.95
N GLN C 115 14.13 -24.43 -51.73
CA GLN C 115 14.32 -24.21 -53.15
C GLN C 115 13.00 -23.97 -53.86
N GLN C 116 11.99 -24.79 -53.58
CA GLN C 116 10.70 -24.63 -54.22
C GLN C 116 10.14 -23.24 -53.96
N ARG C 117 10.23 -22.79 -52.71
CA ARG C 117 9.72 -21.48 -52.32
C ARG C 117 10.31 -20.36 -53.15
N TYR C 118 11.61 -20.45 -53.47
CA TYR C 118 12.26 -19.44 -54.29
C TYR C 118 11.87 -19.52 -55.78
N THR C 119 10.96 -20.45 -56.12
CA THR C 119 10.52 -20.56 -57.50
C THR C 119 9.15 -19.91 -57.64
N GLN C 120 8.50 -19.61 -56.52
CA GLN C 120 7.22 -18.94 -56.64
C GLN C 120 6.97 -17.85 -55.59
N SER C 121 8.02 -17.08 -55.33
CA SER C 121 7.95 -15.97 -54.40
C SER C 121 8.39 -14.75 -55.19
N GLY C 122 7.73 -13.61 -54.94
CA GLY C 122 8.09 -12.41 -55.67
C GLY C 122 9.45 -11.82 -55.33
N GLY C 123 10.06 -11.15 -56.31
CA GLY C 123 11.35 -10.50 -56.09
C GLY C 123 12.58 -11.36 -55.88
N VAL C 124 12.51 -12.65 -56.23
CA VAL C 124 13.67 -13.52 -56.07
C VAL C 124 13.79 -14.51 -57.20
N ARG C 125 15.02 -14.91 -57.51
CA ARG C 125 15.23 -15.89 -58.56
C ARG C 125 15.52 -17.24 -57.87
N PRO C 126 15.30 -18.34 -58.59
CA PRO C 126 15.56 -19.67 -58.03
C PRO C 126 17.04 -19.87 -57.73
N PHE C 127 17.37 -20.94 -57.02
CA PHE C 127 18.74 -21.22 -56.72
C PHE C 127 19.36 -21.92 -57.93
N GLY C 128 20.51 -21.44 -58.39
CA GLY C 128 21.19 -22.07 -59.50
C GLY C 128 22.01 -23.20 -58.90
N VAL C 129 21.35 -24.06 -58.12
CA VAL C 129 22.04 -25.15 -57.44
C VAL C 129 21.26 -26.45 -57.40
N SER C 130 21.99 -27.55 -57.46
CA SER C 130 21.41 -28.88 -57.38
C SER C 130 22.25 -29.55 -56.31
N THR C 131 21.64 -30.31 -55.41
CA THR C 131 22.43 -30.92 -54.36
C THR C 131 22.27 -32.42 -54.18
N LEU C 132 23.28 -32.98 -53.54
CA LEU C 132 23.33 -34.39 -53.20
C LEU C 132 23.50 -34.34 -51.69
N ILE C 133 22.60 -34.98 -50.99
CA ILE C 133 22.63 -35.00 -49.54
C ILE C 133 22.73 -36.46 -49.12
N ALA C 134 23.75 -36.78 -48.31
CA ALA C 134 23.95 -38.15 -47.88
C ALA C 134 24.33 -38.28 -46.42
N GLY C 135 23.99 -39.43 -45.85
CA GLY C 135 24.32 -39.67 -44.46
C GLY C 135 23.56 -40.86 -43.89
N PHE C 136 23.55 -40.95 -42.56
CA PHE C 136 22.87 -42.02 -41.87
C PHE C 136 21.92 -41.49 -40.81
N ASP C 137 20.67 -41.95 -40.86
CA ASP C 137 19.68 -41.54 -39.87
C ASP C 137 20.21 -41.92 -38.49
N PRO C 138 19.85 -41.15 -37.46
CA PRO C 138 20.30 -41.42 -36.09
C PRO C 138 19.99 -42.87 -35.68
N ARG C 139 21.01 -43.56 -35.16
CA ARG C 139 20.86 -44.95 -34.71
C ARG C 139 20.43 -45.92 -35.82
N ASP C 140 20.80 -45.62 -37.06
CA ASP C 140 20.47 -46.47 -38.20
C ASP C 140 21.76 -46.70 -38.97
N ASP C 141 21.81 -47.78 -39.76
CA ASP C 141 23.01 -48.10 -40.52
C ASP C 141 22.78 -48.23 -42.03
N GLU C 142 21.55 -47.98 -42.46
CA GLU C 142 21.21 -48.05 -43.87
C GLU C 142 21.55 -46.70 -44.52
N PRO C 143 22.50 -46.68 -45.45
CA PRO C 143 22.92 -45.45 -46.14
C PRO C 143 21.83 -44.72 -46.91
N LYS C 144 21.90 -43.39 -46.88
CA LYS C 144 20.93 -42.53 -47.56
C LYS C 144 21.59 -41.57 -48.54
N LEU C 145 21.03 -41.47 -49.73
CA LEU C 145 21.54 -40.57 -50.75
C LEU C 145 20.35 -39.93 -51.45
N TYR C 146 20.30 -38.61 -51.41
CA TYR C 146 19.21 -37.85 -52.03
C TYR C 146 19.73 -36.74 -52.94
N GLN C 147 18.84 -36.24 -53.80
CA GLN C 147 19.19 -35.15 -54.70
C GLN C 147 18.06 -34.15 -54.81
N THR C 148 18.41 -32.87 -54.84
CA THR C 148 17.43 -31.82 -54.96
C THR C 148 17.84 -30.97 -56.16
N GLU C 149 16.87 -30.27 -56.73
CA GLU C 149 17.14 -29.40 -57.88
C GLU C 149 16.42 -28.07 -57.71
N PRO C 150 16.76 -27.09 -58.55
CA PRO C 150 16.12 -25.78 -58.46
C PRO C 150 14.59 -25.79 -58.35
N SER C 151 13.94 -26.71 -59.04
CA SER C 151 12.48 -26.77 -58.98
C SER C 151 11.92 -27.04 -57.59
N GLY C 152 12.67 -27.77 -56.78
CA GLY C 152 12.21 -28.11 -55.44
C GLY C 152 11.88 -29.59 -55.35
N ILE C 153 12.17 -30.31 -56.43
CA ILE C 153 11.94 -31.75 -56.49
C ILE C 153 13.13 -32.52 -55.90
N TYR C 154 12.83 -33.59 -55.17
CA TYR C 154 13.88 -34.39 -54.59
C TYR C 154 13.49 -35.86 -54.60
N SER C 155 14.50 -36.73 -54.42
CA SER C 155 14.28 -38.17 -54.40
C SER C 155 15.61 -38.85 -54.09
N SER C 156 15.57 -40.12 -53.68
CA SER C 156 16.79 -40.83 -53.35
C SER C 156 17.31 -41.68 -54.49
N TRP C 157 18.63 -41.87 -54.50
CA TRP C 157 19.30 -42.62 -55.54
C TRP C 157 20.29 -43.63 -54.97
N SER C 158 20.52 -44.71 -55.71
CA SER C 158 21.50 -45.71 -55.30
C SER C 158 22.85 -45.07 -55.55
N ALA C 159 22.91 -44.34 -56.67
CA ALA C 159 24.10 -43.60 -57.07
C ALA C 159 23.55 -42.52 -57.99
N GLN C 160 24.18 -41.37 -57.99
CA GLN C 160 23.70 -40.28 -58.83
C GLN C 160 24.78 -39.23 -59.01
N THR C 161 24.65 -38.46 -60.07
CA THR C 161 25.61 -37.43 -60.36
C THR C 161 24.84 -36.21 -60.87
N ILE C 162 25.46 -35.04 -60.76
CA ILE C 162 24.86 -33.78 -61.22
C ILE C 162 25.99 -32.89 -61.70
N GLY C 163 25.63 -31.90 -62.52
CA GLY C 163 26.65 -30.99 -63.01
C GLY C 163 27.08 -31.28 -64.43
N ARG C 164 28.16 -30.62 -64.84
CA ARG C 164 28.67 -30.79 -66.20
C ARG C 164 29.16 -32.19 -66.44
N ASN C 165 28.83 -32.71 -67.63
CA ASN C 165 29.23 -34.05 -68.02
C ASN C 165 28.59 -35.10 -67.13
N SER C 166 27.57 -34.71 -66.37
CA SER C 166 26.90 -35.66 -65.49
C SER C 166 26.22 -36.69 -66.39
N LYS C 167 25.88 -36.27 -67.60
CA LYS C 167 25.22 -37.14 -68.58
C LYS C 167 26.08 -38.37 -68.79
N THR C 168 27.36 -38.12 -69.09
CA THR C 168 28.33 -39.17 -69.31
C THR C 168 28.47 -40.08 -68.09
N VAL C 169 28.89 -39.47 -66.98
CA VAL C 169 29.10 -40.19 -65.74
C VAL C 169 27.88 -40.96 -65.21
N ARG C 170 26.67 -40.49 -65.53
CA ARG C 170 25.50 -41.21 -65.06
C ARG C 170 25.42 -42.52 -65.84
N GLU C 171 25.71 -42.46 -67.14
CA GLU C 171 25.70 -43.64 -68.01
C GLU C 171 26.65 -44.69 -67.46
N PHE C 172 27.84 -44.24 -67.10
CA PHE C 172 28.83 -45.14 -66.53
C PHE C 172 28.22 -45.85 -65.33
N LEU C 173 27.59 -45.09 -64.45
CA LEU C 173 26.97 -45.63 -63.25
C LEU C 173 25.80 -46.57 -63.51
N GLU C 174 24.97 -46.25 -64.50
CA GLU C 174 23.81 -47.09 -64.80
C GLU C 174 24.21 -48.48 -65.29
N LYS C 175 25.43 -48.61 -65.80
CA LYS C 175 25.91 -49.90 -66.29
C LYS C 175 27.14 -50.36 -65.52
N ASN C 176 27.25 -49.92 -64.26
CA ASN C 176 28.36 -50.30 -63.41
C ASN C 176 27.95 -50.42 -61.96
N TYR C 177 26.69 -50.11 -61.68
CA TYR C 177 26.17 -50.22 -60.32
C TYR C 177 25.04 -51.23 -60.33
N ASP C 178 25.22 -52.28 -59.56
CA ASP C 178 24.22 -53.33 -59.45
C ASP C 178 23.53 -53.18 -58.11
N ARG C 179 22.23 -52.97 -58.11
CA ARG C 179 21.52 -52.83 -56.85
C ARG C 179 21.55 -54.13 -56.06
N LYS C 180 21.47 -55.25 -56.80
CA LYS C 180 21.51 -56.57 -56.19
C LYS C 180 22.71 -56.66 -55.26
N GLU C 181 23.86 -56.19 -55.73
CA GLU C 181 25.09 -56.24 -54.96
C GLU C 181 25.82 -54.89 -54.95
N PRO C 182 25.49 -54.02 -53.97
CA PRO C 182 26.14 -52.71 -53.87
C PRO C 182 27.55 -52.85 -53.31
N PRO C 183 28.46 -51.95 -53.67
CA PRO C 183 29.85 -51.97 -53.20
C PRO C 183 29.95 -52.29 -51.72
N ALA C 184 29.97 -53.58 -51.40
CA ALA C 184 30.02 -54.05 -50.02
C ALA C 184 31.18 -53.52 -49.18
N THR C 185 32.12 -52.81 -49.81
CA THR C 185 33.26 -52.28 -49.07
C THR C 185 33.42 -50.78 -49.25
N VAL C 186 33.91 -50.13 -48.21
CA VAL C 186 34.16 -48.71 -48.28
C VAL C 186 35.17 -48.52 -49.41
N GLU C 187 36.13 -49.43 -49.50
CA GLU C 187 37.17 -49.35 -50.53
C GLU C 187 36.62 -49.51 -51.95
N GLU C 188 35.90 -50.61 -52.21
CA GLU C 188 35.39 -50.81 -53.56
C GLU C 188 34.29 -49.80 -53.91
N CYS C 189 33.73 -49.16 -52.89
CA CYS C 189 32.69 -48.16 -53.11
C CYS C 189 33.39 -46.89 -53.57
N VAL C 190 34.46 -46.51 -52.88
CA VAL C 190 35.21 -45.31 -53.23
C VAL C 190 35.83 -45.50 -54.60
N LYS C 191 36.25 -46.74 -54.90
CA LYS C 191 36.86 -47.04 -56.18
C LYS C 191 35.85 -46.77 -57.31
N LEU C 192 34.65 -47.30 -57.15
CA LEU C 192 33.62 -47.10 -58.17
C LEU C 192 33.39 -45.61 -58.38
N THR C 193 33.41 -44.85 -57.30
CA THR C 193 33.21 -43.40 -57.35
C THR C 193 34.32 -42.69 -58.14
N VAL C 194 35.56 -43.05 -57.86
CA VAL C 194 36.67 -42.44 -58.57
C VAL C 194 36.59 -42.84 -60.05
N ARG C 195 36.33 -44.12 -60.30
CA ARG C 195 36.23 -44.62 -61.67
C ARG C 195 35.26 -43.78 -62.51
N SER C 196 34.12 -43.44 -61.93
CA SER C 196 33.13 -42.65 -62.65
C SER C 196 33.55 -41.21 -62.91
N LEU C 197 34.37 -40.65 -62.03
CA LEU C 197 34.83 -39.28 -62.22
C LEU C 197 35.91 -39.21 -63.29
N LEU C 198 36.68 -40.29 -63.42
CA LEU C 198 37.75 -40.35 -64.40
C LEU C 198 37.22 -40.29 -65.83
N GLU C 199 35.99 -40.75 -66.02
CA GLU C 199 35.38 -40.72 -67.34
C GLU C 199 35.25 -39.27 -67.78
N VAL C 200 35.29 -38.35 -66.83
CA VAL C 200 35.13 -36.93 -67.14
C VAL C 200 36.22 -35.98 -66.64
N VAL C 201 36.93 -36.36 -65.58
CA VAL C 201 37.96 -35.49 -65.03
C VAL C 201 39.22 -35.36 -65.89
N GLN C 202 39.53 -36.40 -66.66
CA GLN C 202 40.71 -36.39 -67.53
C GLN C 202 41.96 -36.14 -66.68
N THR C 203 42.45 -37.20 -66.04
CA THR C 203 43.62 -37.17 -65.15
C THR C 203 43.63 -35.95 -64.25
N GLY C 204 43.21 -36.17 -63.01
CA GLY C 204 43.17 -35.09 -62.05
C GLY C 204 43.30 -35.60 -60.64
N ALA C 205 44.48 -36.08 -60.28
CA ALA C 205 44.70 -36.57 -58.93
C ALA C 205 44.37 -35.43 -57.98
N LYS C 206 44.61 -34.19 -58.44
CA LYS C 206 44.33 -32.99 -57.66
C LYS C 206 42.98 -32.41 -58.05
N ASN C 207 42.32 -33.06 -59.00
CA ASN C 207 41.02 -32.63 -59.49
C ASN C 207 39.89 -33.58 -59.08
N ILE C 208 40.10 -34.35 -58.01
CA ILE C 208 39.08 -35.27 -57.53
C ILE C 208 39.15 -35.44 -56.03
N GLU C 209 38.26 -34.77 -55.31
CA GLU C 209 38.23 -34.92 -53.85
C GLU C 209 37.11 -35.90 -53.48
N ILE C 210 37.35 -36.68 -52.44
CA ILE C 210 36.38 -37.68 -51.99
C ILE C 210 36.13 -37.63 -50.50
N THR C 211 34.89 -37.89 -50.11
CA THR C 211 34.52 -37.91 -48.69
C THR C 211 33.73 -39.19 -48.45
N VAL C 212 34.05 -39.90 -47.37
CA VAL C 212 33.37 -41.13 -47.03
C VAL C 212 32.56 -40.95 -45.77
N VAL C 213 31.28 -41.31 -45.84
CA VAL C 213 30.42 -41.20 -44.68
C VAL C 213 29.97 -42.58 -44.23
N LYS C 214 30.25 -42.90 -42.97
CA LYS C 214 29.87 -44.17 -42.38
C LYS C 214 28.88 -43.89 -41.25
N PRO C 215 28.17 -44.91 -40.76
CA PRO C 215 27.20 -44.72 -39.67
C PRO C 215 27.80 -44.07 -38.44
N ASP C 216 26.94 -43.55 -37.57
CA ASP C 216 27.33 -42.89 -36.33
C ASP C 216 28.28 -41.70 -36.46
N SER C 217 27.93 -40.76 -37.33
CA SER C 217 28.74 -39.56 -37.50
C SER C 217 30.21 -39.82 -37.81
N ASP C 218 30.47 -40.81 -38.67
CA ASP C 218 31.83 -41.14 -39.04
C ASP C 218 32.08 -40.60 -40.45
N ILE C 219 32.43 -39.33 -40.51
CA ILE C 219 32.70 -38.66 -41.79
C ILE C 219 34.17 -38.33 -41.89
N VAL C 220 34.75 -38.64 -43.04
CA VAL C 220 36.16 -38.38 -43.28
C VAL C 220 36.46 -38.14 -44.75
N ALA C 221 37.31 -37.16 -45.02
CA ALA C 221 37.70 -36.83 -46.38
C ALA C 221 39.10 -37.38 -46.63
N LEU C 222 39.29 -38.00 -47.79
CA LEU C 222 40.57 -38.59 -48.14
C LEU C 222 41.55 -37.50 -48.58
N SER C 223 42.83 -37.87 -48.68
CA SER C 223 43.87 -36.93 -49.11
C SER C 223 44.28 -37.25 -50.55
N SER C 224 44.99 -36.32 -51.17
CA SER C 224 45.44 -36.49 -52.54
C SER C 224 46.03 -37.88 -52.79
N GLU C 225 46.90 -38.32 -51.89
CA GLU C 225 47.55 -39.62 -52.01
C GLU C 225 46.53 -40.75 -52.00
N GLU C 226 45.79 -40.86 -50.90
CA GLU C 226 44.79 -41.90 -50.74
C GLU C 226 43.95 -42.00 -52.01
N ILE C 227 43.54 -40.85 -52.54
CA ILE C 227 42.75 -40.81 -53.76
C ILE C 227 43.63 -41.24 -54.93
N ASN C 228 44.77 -40.58 -55.05
CA ASN C 228 45.73 -40.86 -56.12
C ASN C 228 46.09 -42.34 -56.18
N GLN C 229 45.95 -43.03 -55.05
CA GLN C 229 46.25 -44.45 -55.00
C GLN C 229 45.17 -45.21 -55.74
N TYR C 230 43.93 -44.72 -55.66
CA TYR C 230 42.82 -45.36 -56.36
C TYR C 230 42.95 -45.09 -57.85
N VAL C 231 43.40 -43.89 -58.17
CA VAL C 231 43.58 -43.50 -59.56
C VAL C 231 44.59 -44.49 -60.16
N THR C 232 45.71 -44.67 -59.47
CA THR C 232 46.78 -45.56 -59.90
C THR C 232 46.30 -47.00 -60.12
N GLN C 233 45.65 -47.58 -59.12
CA GLN C 233 45.16 -48.94 -59.23
C GLN C 233 44.12 -49.11 -60.34
N ILE C 234 43.42 -48.04 -60.67
CA ILE C 234 42.38 -48.08 -61.70
C ILE C 234 42.93 -48.03 -63.13
N GLU C 235 43.97 -47.25 -63.34
CA GLU C 235 44.55 -47.13 -64.68
C GLU C 235 45.21 -48.43 -65.14
N GLN C 236 45.72 -49.19 -64.18
CA GLN C 236 46.36 -50.46 -64.50
C GLN C 236 45.34 -51.48 -64.97
N GLU C 237 44.18 -51.50 -64.31
CA GLU C 237 43.11 -52.43 -64.67
C GLU C 237 42.84 -52.32 -66.18
N LYS C 238 42.97 -51.11 -66.71
CA LYS C 238 42.74 -50.84 -68.13
C LYS C 238 43.85 -51.39 -69.00
N GLN C 239 45.08 -51.02 -68.66
CA GLN C 239 46.26 -51.46 -69.41
C GLN C 239 46.47 -52.97 -69.35
N GLU C 240 46.18 -53.57 -68.20
CA GLU C 240 46.31 -55.01 -68.04
C GLU C 240 45.21 -55.66 -68.88
N GLN C 241 44.98 -55.09 -70.05
CA GLN C 241 43.97 -55.55 -70.98
C GLN C 241 44.22 -54.85 -72.33
N ASP D 1 6.65 -5.94 -69.23
CA ASP D 1 6.13 -7.25 -69.73
C ASP D 1 4.60 -7.24 -69.68
N ARG D 2 4.02 -8.05 -68.78
CA ARG D 2 2.58 -8.12 -68.64
C ARG D 2 2.22 -8.74 -67.30
N GLY D 3 1.39 -8.04 -66.52
CA GLY D 3 0.99 -8.51 -65.20
C GLY D 3 0.72 -9.99 -65.12
N VAL D 4 1.08 -10.60 -63.99
CA VAL D 4 0.87 -12.03 -63.81
C VAL D 4 -0.60 -12.37 -63.61
N SER D 5 -1.43 -11.35 -63.43
CA SER D 5 -2.86 -11.57 -63.26
C SER D 5 -3.66 -10.79 -64.28
N THR D 6 -3.28 -10.95 -65.55
CA THR D 6 -3.91 -10.27 -66.66
C THR D 6 -4.90 -11.18 -67.38
N PHE D 7 -5.95 -10.59 -67.95
CA PHE D 7 -6.94 -11.36 -68.70
C PHE D 7 -6.60 -11.33 -70.18
N SER D 8 -6.85 -12.45 -70.86
CA SER D 8 -6.62 -12.54 -72.29
C SER D 8 -7.87 -11.93 -72.92
N PRO D 9 -7.83 -11.64 -74.21
CA PRO D 9 -9.03 -11.06 -74.80
C PRO D 9 -10.23 -12.03 -74.74
N GLU D 10 -9.97 -13.29 -74.43
CA GLU D 10 -11.04 -14.27 -74.35
C GLU D 10 -11.65 -14.40 -72.94
N GLY D 11 -11.11 -13.63 -72.00
CA GLY D 11 -11.61 -13.69 -70.64
C GLY D 11 -10.96 -14.78 -69.81
N ARG D 12 -9.72 -15.09 -70.13
CA ARG D 12 -8.99 -16.11 -69.39
C ARG D 12 -7.73 -15.50 -68.76
N LEU D 13 -7.28 -16.10 -67.67
CA LEU D 13 -6.09 -15.62 -66.99
C LEU D 13 -4.87 -16.36 -67.53
N PHE D 14 -4.10 -15.66 -68.37
CA PHE D 14 -2.93 -16.25 -68.97
C PHE D 14 -2.17 -17.21 -68.08
N GLN D 15 -1.71 -16.70 -66.94
CA GLN D 15 -0.95 -17.52 -66.02
C GLN D 15 -1.62 -18.84 -65.67
N VAL D 16 -2.93 -18.81 -65.44
CA VAL D 16 -3.65 -20.03 -65.10
C VAL D 16 -3.69 -20.98 -66.29
N GLU D 17 -3.91 -20.43 -67.48
CA GLU D 17 -3.97 -21.24 -68.69
C GLU D 17 -2.65 -21.93 -68.93
N TYR D 18 -1.55 -21.19 -68.82
CA TYR D 18 -0.22 -21.76 -69.02
C TYR D 18 0.03 -22.77 -67.92
N SER D 19 -0.52 -22.51 -66.75
CA SER D 19 -0.38 -23.38 -65.60
C SER D 19 -0.87 -24.78 -65.97
N LEU D 20 -2.00 -24.83 -66.67
CA LEU D 20 -2.58 -26.08 -67.10
C LEU D 20 -1.70 -26.83 -68.11
N GLU D 21 -1.00 -26.08 -68.95
CA GLU D 21 -0.12 -26.70 -69.94
C GLU D 21 0.94 -27.52 -69.23
N ALA D 22 1.43 -26.99 -68.12
CA ALA D 22 2.45 -27.66 -67.33
C ALA D 22 1.90 -28.96 -66.74
N ILE D 23 0.64 -28.93 -66.33
CA ILE D 23 0.01 -30.11 -65.74
C ILE D 23 -0.09 -31.26 -66.73
N LYS D 24 -0.36 -30.94 -68.00
CA LYS D 24 -0.47 -31.96 -69.04
C LYS D 24 0.82 -32.76 -69.17
N LEU D 25 1.95 -32.17 -68.81
CA LEU D 25 3.25 -32.83 -68.92
C LEU D 25 3.55 -33.75 -67.74
N GLY D 26 2.72 -33.68 -66.70
CA GLY D 26 2.97 -34.50 -65.53
C GLY D 26 2.53 -35.96 -65.61
N SER D 27 3.02 -36.75 -64.66
CA SER D 27 2.70 -38.17 -64.56
C SER D 27 1.20 -38.37 -64.45
N THR D 28 0.71 -39.50 -64.93
CA THR D 28 -0.72 -39.76 -64.87
C THR D 28 -1.19 -40.19 -63.48
N ALA D 29 -2.35 -39.68 -63.09
CA ALA D 29 -2.95 -40.01 -61.80
C ALA D 29 -4.42 -40.32 -62.09
N ILE D 30 -4.91 -41.41 -61.50
CA ILE D 30 -6.30 -41.80 -61.73
C ILE D 30 -7.06 -42.08 -60.43
N GLY D 31 -8.31 -41.63 -60.40
CA GLY D 31 -9.15 -41.85 -59.23
C GLY D 31 -10.50 -42.41 -59.62
N ILE D 32 -10.97 -43.39 -58.85
CA ILE D 32 -12.28 -44.00 -59.11
C ILE D 32 -13.04 -44.12 -57.79
N ALA D 33 -14.26 -43.59 -57.77
CA ALA D 33 -15.09 -43.62 -56.58
C ALA D 33 -16.19 -44.67 -56.67
N THR D 34 -16.24 -45.55 -55.68
CA THR D 34 -17.26 -46.59 -55.63
C THR D 34 -17.92 -46.51 -54.25
N LYS D 35 -19.10 -47.08 -54.11
CA LYS D 35 -19.79 -47.05 -52.83
C LYS D 35 -19.07 -47.91 -51.79
N GLU D 36 -17.90 -48.43 -52.17
CA GLU D 36 -17.10 -49.28 -51.28
C GLU D 36 -15.77 -48.58 -50.98
N GLY D 37 -15.64 -47.35 -51.45
CA GLY D 37 -14.41 -46.61 -51.23
C GLY D 37 -13.93 -45.91 -52.48
N VAL D 38 -12.80 -45.21 -52.37
CA VAL D 38 -12.25 -44.52 -53.52
C VAL D 38 -10.83 -45.02 -53.72
N VAL D 39 -10.48 -45.29 -54.97
CA VAL D 39 -9.14 -45.77 -55.31
C VAL D 39 -8.40 -44.65 -56.01
N LEU D 40 -7.13 -44.50 -55.66
CA LEU D 40 -6.27 -43.48 -56.24
C LEU D 40 -4.98 -44.16 -56.72
N GLY D 41 -4.66 -44.00 -58.01
CA GLY D 41 -3.45 -44.60 -58.53
C GLY D 41 -2.60 -43.59 -59.28
N VAL D 42 -1.29 -43.80 -59.28
CA VAL D 42 -0.41 -42.87 -59.99
C VAL D 42 0.74 -43.54 -60.73
N GLU D 43 1.28 -42.80 -61.68
CA GLU D 43 2.41 -43.26 -62.48
C GLU D 43 3.67 -42.70 -61.80
N LYS D 44 4.47 -43.58 -61.20
CA LYS D 44 5.69 -43.15 -60.53
C LYS D 44 6.57 -42.39 -61.53
N ARG D 45 6.80 -43.00 -62.69
CA ARG D 45 7.63 -42.41 -63.74
C ARG D 45 9.03 -41.95 -63.31
N ALA D 46 9.86 -42.89 -62.87
CA ALA D 46 11.23 -42.55 -62.46
C ALA D 46 11.97 -42.09 -63.72
N THR D 47 12.89 -41.14 -63.56
CA THR D 47 13.64 -40.62 -64.71
C THR D 47 14.91 -41.40 -65.05
N SER D 48 15.32 -42.28 -64.14
CA SER D 48 16.52 -43.09 -64.33
C SER D 48 16.45 -44.35 -63.47
N PRO D 49 17.01 -45.47 -63.97
CA PRO D 49 17.00 -46.73 -63.22
C PRO D 49 17.70 -46.66 -61.86
N LEU D 50 18.58 -45.67 -61.70
CA LEU D 50 19.30 -45.50 -60.44
C LEU D 50 18.45 -44.84 -59.35
N LEU D 51 17.36 -44.20 -59.76
CA LEU D 51 16.45 -43.52 -58.84
C LEU D 51 15.61 -44.55 -58.08
N GLU D 52 15.69 -44.52 -56.75
CA GLU D 52 14.94 -45.44 -55.91
C GLU D 52 13.46 -45.09 -55.95
N SER D 53 12.72 -45.78 -56.81
CA SER D 53 11.30 -45.55 -57.05
C SER D 53 10.34 -45.34 -55.88
N ASP D 54 10.57 -45.97 -54.73
CA ASP D 54 9.62 -45.77 -53.63
C ASP D 54 9.78 -44.45 -52.90
N SER D 55 10.81 -43.69 -53.25
CA SER D 55 11.02 -42.39 -52.65
C SER D 55 10.17 -41.39 -53.45
N ILE D 56 9.48 -41.89 -54.47
CA ILE D 56 8.61 -41.04 -55.27
C ILE D 56 7.28 -41.07 -54.54
N GLU D 57 6.91 -39.93 -53.98
CA GLU D 57 5.69 -39.79 -53.21
C GLU D 57 4.66 -38.90 -53.90
N LYS D 58 3.79 -39.49 -54.71
CA LYS D 58 2.77 -38.73 -55.41
C LYS D 58 1.35 -38.98 -54.91
N ILE D 59 1.23 -39.81 -53.87
CA ILE D 59 -0.04 -40.08 -53.22
C ILE D 59 0.24 -39.82 -51.74
N VAL D 60 -0.51 -38.90 -51.15
CA VAL D 60 -0.27 -38.57 -49.75
C VAL D 60 -1.54 -38.53 -48.93
N GLU D 61 -1.39 -38.73 -47.62
CA GLU D 61 -2.51 -38.69 -46.68
C GLU D 61 -2.72 -37.25 -46.19
N ILE D 62 -3.97 -36.82 -46.14
CA ILE D 62 -4.30 -35.48 -45.67
C ILE D 62 -4.80 -35.64 -44.24
N ASP D 63 -5.65 -36.64 -44.01
CA ASP D 63 -6.14 -36.99 -42.69
C ASP D 63 -6.49 -38.48 -42.81
N ARG D 64 -6.99 -39.09 -41.74
CA ARG D 64 -7.29 -40.51 -41.81
C ARG D 64 -8.38 -40.81 -42.84
N HIS D 65 -9.21 -39.83 -43.16
CA HIS D 65 -10.30 -40.03 -44.11
C HIS D 65 -10.14 -39.29 -45.44
N ILE D 66 -8.98 -38.67 -45.67
CA ILE D 66 -8.75 -37.94 -46.91
C ILE D 66 -7.36 -38.20 -47.44
N GLY D 67 -7.29 -38.49 -48.73
CA GLY D 67 -6.02 -38.75 -49.37
C GLY D 67 -6.02 -38.02 -50.69
N CYS D 68 -4.83 -37.81 -51.26
CA CYS D 68 -4.79 -37.11 -52.52
C CYS D 68 -3.61 -37.51 -53.41
N ALA D 69 -3.84 -37.42 -54.71
CA ALA D 69 -2.83 -37.75 -55.70
C ALA D 69 -2.56 -36.46 -56.46
N MET D 70 -1.33 -36.31 -56.91
CA MET D 70 -0.93 -35.10 -57.63
C MET D 70 -0.37 -35.39 -59.02
N SER D 71 -0.41 -34.38 -59.88
CA SER D 71 0.10 -34.49 -61.23
C SER D 71 0.57 -33.12 -61.75
N GLY D 72 1.80 -33.08 -62.27
CA GLY D 72 2.34 -31.83 -62.77
C GLY D 72 3.61 -31.49 -62.02
N LEU D 73 3.83 -30.23 -61.73
CA LEU D 73 5.00 -29.82 -60.97
C LEU D 73 4.73 -30.23 -59.52
N THR D 74 5.11 -31.46 -59.18
CA THR D 74 4.87 -32.01 -57.84
C THR D 74 5.37 -31.18 -56.66
N ALA D 75 6.53 -30.53 -56.80
CA ALA D 75 7.08 -29.72 -55.72
C ALA D 75 6.10 -28.63 -55.27
N ASP D 76 5.36 -28.07 -56.23
CA ASP D 76 4.37 -27.03 -55.95
C ASP D 76 3.25 -27.54 -55.06
N ALA D 77 3.13 -28.85 -54.92
CA ALA D 77 2.06 -29.41 -54.11
C ALA D 77 2.36 -29.55 -52.62
N ARG D 78 3.63 -29.52 -52.24
CA ARG D 78 3.98 -29.67 -50.84
C ARG D 78 3.22 -28.70 -49.94
N SER D 79 3.27 -27.41 -50.27
CA SER D 79 2.58 -26.42 -49.45
C SER D 79 1.09 -26.62 -49.47
N MET D 80 0.54 -27.13 -50.57
CA MET D 80 -0.89 -27.38 -50.66
C MET D 80 -1.28 -28.50 -49.70
N ILE D 81 -0.46 -29.55 -49.66
CA ILE D 81 -0.67 -30.70 -48.78
C ILE D 81 -0.58 -30.19 -47.35
N GLU D 82 0.45 -29.39 -47.09
CA GLU D 82 0.66 -28.83 -45.76
C GLU D 82 -0.57 -28.03 -45.35
N HIS D 83 -1.03 -27.16 -46.22
CA HIS D 83 -2.21 -26.36 -45.94
C HIS D 83 -3.39 -27.29 -45.68
N ALA D 84 -3.54 -28.28 -46.54
CA ALA D 84 -4.65 -29.24 -46.42
C ALA D 84 -4.63 -29.98 -45.09
N ARG D 85 -3.48 -30.55 -44.72
CA ARG D 85 -3.36 -31.28 -43.47
C ARG D 85 -3.71 -30.40 -42.28
N THR D 86 -3.14 -29.20 -42.28
CA THR D 86 -3.38 -28.23 -41.22
C THR D 86 -4.88 -27.91 -41.13
N ALA D 87 -5.49 -27.65 -42.29
CA ALA D 87 -6.92 -27.33 -42.35
C ALA D 87 -7.76 -28.44 -41.74
N ALA D 88 -7.40 -29.69 -42.00
CA ALA D 88 -8.16 -30.82 -41.48
C ALA D 88 -7.97 -30.94 -39.99
N VAL D 89 -6.71 -30.87 -39.54
CA VAL D 89 -6.42 -31.00 -38.12
C VAL D 89 -7.06 -29.85 -37.36
N THR D 90 -6.91 -28.64 -37.90
CA THR D 90 -7.49 -27.45 -37.27
C THR D 90 -8.99 -27.61 -37.15
N HIS D 91 -9.63 -28.03 -38.22
CA HIS D 91 -11.06 -28.21 -38.17
C HIS D 91 -11.43 -29.13 -37.01
N ASN D 92 -10.70 -30.23 -36.89
CA ASN D 92 -10.97 -31.17 -35.83
C ASN D 92 -10.76 -30.57 -34.45
N LEU D 93 -9.74 -29.73 -34.30
CA LEU D 93 -9.45 -29.09 -33.03
C LEU D 93 -10.59 -28.14 -32.64
N TYR D 94 -11.06 -27.35 -33.59
CA TYR D 94 -12.16 -26.41 -33.37
C TYR D 94 -13.53 -27.06 -33.22
N TYR D 95 -13.78 -28.18 -33.90
CA TYR D 95 -15.09 -28.81 -33.82
C TYR D 95 -15.23 -30.24 -33.33
N ASP D 96 -14.12 -30.84 -32.92
CA ASP D 96 -14.18 -32.20 -32.42
C ASP D 96 -14.89 -33.12 -33.43
N GLU D 97 -14.48 -33.07 -34.69
CA GLU D 97 -15.09 -33.90 -35.73
C GLU D 97 -14.23 -33.90 -36.97
N ASP D 98 -14.60 -34.70 -37.96
CA ASP D 98 -13.86 -34.76 -39.22
C ASP D 98 -14.33 -33.67 -40.16
N ILE D 99 -13.40 -33.08 -40.90
CA ILE D 99 -13.75 -32.04 -41.83
C ILE D 99 -14.37 -32.72 -43.05
N ASN D 100 -15.38 -32.09 -43.64
CA ASN D 100 -16.00 -32.66 -44.82
C ASN D 100 -15.03 -32.59 -45.99
N VAL D 101 -14.96 -33.66 -46.78
CA VAL D 101 -14.06 -33.72 -47.94
C VAL D 101 -14.20 -32.48 -48.83
N GLU D 102 -15.43 -32.10 -49.13
CA GLU D 102 -15.68 -30.94 -49.97
C GLU D 102 -15.12 -29.65 -49.36
N SER D 103 -15.28 -29.51 -48.05
CA SER D 103 -14.79 -28.32 -47.35
C SER D 103 -13.25 -28.29 -47.34
N LEU D 104 -12.63 -29.47 -47.22
CA LEU D 104 -11.17 -29.56 -47.24
C LEU D 104 -10.70 -29.14 -48.63
N THR D 105 -11.43 -29.56 -49.65
CA THR D 105 -11.07 -29.23 -51.02
C THR D 105 -11.22 -27.74 -51.29
N GLN D 106 -12.33 -27.18 -50.81
CA GLN D 106 -12.61 -25.76 -50.99
C GLN D 106 -11.50 -24.92 -50.37
N SER D 107 -11.00 -25.37 -49.22
CA SER D 107 -9.95 -24.66 -48.52
C SER D 107 -8.69 -24.65 -49.35
N VAL D 108 -8.37 -25.78 -49.97
CA VAL D 108 -7.19 -25.91 -50.81
C VAL D 108 -7.32 -25.02 -52.03
N CYS D 109 -8.49 -25.05 -52.65
CA CYS D 109 -8.72 -24.24 -53.84
C CYS D 109 -8.68 -22.75 -53.58
N ASP D 110 -8.89 -22.36 -52.34
CA ASP D 110 -8.86 -20.95 -51.99
C ASP D 110 -7.45 -20.38 -52.17
N LEU D 111 -6.44 -21.24 -52.08
CA LEU D 111 -5.06 -20.80 -52.27
C LEU D 111 -4.78 -20.49 -53.73
N ALA D 112 -5.29 -21.35 -54.60
CA ALA D 112 -5.11 -21.25 -56.04
C ALA D 112 -4.89 -19.88 -56.66
N LEU D 113 -5.86 -18.99 -56.57
CA LEU D 113 -5.71 -17.67 -57.19
C LEU D 113 -5.02 -16.59 -56.35
N ARG D 114 -4.44 -16.98 -55.21
CA ARG D 114 -3.73 -16.03 -54.37
C ARG D 114 -2.34 -15.73 -54.93
N PHE D 115 -2.30 -15.15 -56.13
CA PHE D 115 -1.03 -14.81 -56.71
C PHE D 115 -1.09 -13.44 -57.37
N GLY D 116 0.07 -12.86 -57.65
CA GLY D 116 0.12 -11.54 -58.27
C GLY D 116 1.25 -10.71 -57.71
N GLU D 117 1.28 -9.43 -58.04
CA GLU D 117 2.33 -8.53 -57.56
C GLU D 117 1.76 -7.45 -56.64
N GLY D 118 0.45 -7.50 -56.40
CA GLY D 118 -0.20 -6.52 -55.55
C GLY D 118 -1.66 -6.29 -55.94
N ALA D 119 -2.40 -7.39 -56.13
CA ALA D 119 -3.81 -7.33 -56.52
C ALA D 119 -4.68 -6.76 -55.39
N SER D 120 -5.53 -5.79 -55.75
CA SER D 120 -6.43 -5.12 -54.79
C SER D 120 -7.56 -6.05 -54.30
N GLY D 121 -7.23 -6.98 -53.42
CA GLY D 121 -8.23 -7.91 -52.89
C GLY D 121 -7.89 -8.43 -51.50
N GLU D 122 -6.60 -8.44 -51.17
CA GLU D 122 -6.09 -8.90 -49.87
C GLU D 122 -4.56 -8.78 -49.87
N GLU D 123 -3.87 -9.89 -49.59
CA GLU D 123 -2.41 -9.89 -49.61
C GLU D 123 -1.86 -11.16 -50.30
N ARG D 124 -2.36 -11.41 -51.51
CA ARG D 124 -1.95 -12.56 -52.32
C ARG D 124 -0.48 -12.49 -52.69
N LEU D 125 0.35 -13.01 -51.81
CA LEU D 125 1.78 -13.01 -52.00
C LEU D 125 2.23 -14.41 -52.49
N MET D 126 2.29 -14.55 -53.81
CA MET D 126 2.70 -15.78 -54.48
C MET D 126 2.88 -15.31 -55.91
N SER D 127 4.10 -15.45 -56.46
CA SER D 127 4.38 -14.95 -57.80
C SER D 127 3.65 -15.59 -58.97
N ARG D 128 3.17 -16.82 -58.81
CA ARG D 128 2.52 -17.52 -59.91
C ARG D 128 1.53 -18.56 -59.41
N PRO D 129 0.66 -19.06 -60.30
CA PRO D 129 -0.31 -20.07 -59.88
C PRO D 129 0.48 -21.35 -59.58
N PHE D 130 -0.20 -22.37 -59.08
CA PHE D 130 0.46 -23.64 -58.80
C PHE D 130 0.55 -24.39 -60.13
N GLY D 131 1.61 -25.17 -60.31
CA GLY D 131 1.74 -25.92 -61.55
C GLY D 131 1.40 -27.38 -61.34
N VAL D 132 0.35 -27.64 -60.58
CA VAL D 132 -0.04 -29.01 -60.29
C VAL D 132 -1.52 -29.14 -60.01
N ALA D 133 -2.10 -30.28 -60.40
CA ALA D 133 -3.51 -30.54 -60.17
C ALA D 133 -3.57 -31.63 -59.11
N LEU D 134 -4.69 -31.67 -58.38
CA LEU D 134 -4.84 -32.65 -57.33
C LEU D 134 -6.14 -33.45 -57.39
N LEU D 135 -6.05 -34.73 -57.06
CA LEU D 135 -7.22 -35.57 -56.99
C LEU D 135 -7.36 -35.77 -55.49
N ILE D 136 -8.44 -35.28 -54.92
CA ILE D 136 -8.67 -35.40 -53.49
C ILE D 136 -9.80 -36.39 -53.27
N ALA D 137 -9.49 -37.50 -52.62
CA ALA D 137 -10.47 -38.54 -52.36
C ALA D 137 -10.62 -38.82 -50.87
N GLY D 138 -11.86 -38.85 -50.39
CA GLY D 138 -12.09 -39.12 -48.99
C GLY D 138 -13.50 -39.59 -48.68
N HIS D 139 -13.82 -39.59 -47.40
CA HIS D 139 -15.14 -40.02 -46.95
C HIS D 139 -15.64 -39.23 -45.75
N ASP D 140 -16.95 -38.98 -45.71
CA ASP D 140 -17.55 -38.28 -44.59
C ASP D 140 -19.03 -38.69 -44.48
N ALA D 141 -19.60 -38.55 -43.29
CA ALA D 141 -20.98 -38.95 -43.06
C ALA D 141 -22.04 -38.36 -43.98
N ASP D 142 -21.97 -37.07 -44.24
CA ASP D 142 -22.98 -36.40 -45.06
C ASP D 142 -23.02 -36.77 -46.56
N ASP D 143 -21.88 -37.06 -47.17
CA ASP D 143 -21.84 -37.38 -48.59
C ASP D 143 -21.06 -38.63 -48.99
N GLY D 144 -20.68 -39.44 -48.00
CA GLY D 144 -19.94 -40.66 -48.26
C GLY D 144 -18.66 -40.48 -49.05
N TYR D 145 -18.33 -41.50 -49.83
CA TYR D 145 -17.11 -41.49 -50.65
C TYR D 145 -17.14 -40.42 -51.72
N GLN D 146 -16.02 -39.71 -51.84
CA GLN D 146 -15.90 -38.62 -52.80
C GLN D 146 -14.55 -38.48 -53.47
N LEU D 147 -14.59 -38.00 -54.71
CA LEU D 147 -13.39 -37.75 -55.49
C LEU D 147 -13.51 -36.35 -56.07
N PHE D 148 -12.48 -35.54 -55.86
CA PHE D 148 -12.49 -34.16 -56.35
C PHE D 148 -11.25 -33.89 -57.18
N HIS D 149 -11.39 -32.94 -58.10
CA HIS D 149 -10.29 -32.53 -58.96
C HIS D 149 -10.07 -31.04 -58.68
N ALA D 150 -8.95 -30.72 -58.04
CA ALA D 150 -8.64 -29.33 -57.71
C ALA D 150 -7.57 -28.80 -58.68
N GLU D 151 -7.93 -27.76 -59.43
CA GLU D 151 -6.99 -27.17 -60.39
C GLU D 151 -6.46 -25.81 -59.93
N PRO D 152 -5.37 -25.34 -60.55
CA PRO D 152 -4.74 -24.06 -60.23
C PRO D 152 -5.63 -22.89 -60.58
N SER D 153 -6.80 -23.19 -61.13
CA SER D 153 -7.76 -22.15 -61.51
C SER D 153 -8.59 -21.76 -60.30
N GLY D 154 -8.57 -22.62 -59.28
CA GLY D 154 -9.34 -22.35 -58.08
C GLY D 154 -10.61 -23.15 -58.06
N THR D 155 -11.05 -23.58 -59.24
CA THR D 155 -12.26 -24.37 -59.35
C THR D 155 -11.96 -25.84 -59.10
N PHE D 156 -12.96 -26.56 -58.58
CA PHE D 156 -12.81 -27.98 -58.32
C PHE D 156 -14.14 -28.64 -58.66
N TYR D 157 -14.03 -29.86 -59.18
CA TYR D 157 -15.19 -30.62 -59.59
C TYR D 157 -15.22 -31.94 -58.88
N ARG D 158 -16.43 -32.47 -58.68
CA ARG D 158 -16.57 -33.77 -58.07
C ARG D 158 -16.70 -34.75 -59.25
N TYR D 159 -15.95 -35.85 -59.21
CA TYR D 159 -15.98 -36.87 -60.26
C TYR D 159 -16.27 -38.25 -59.71
N ASN D 160 -16.82 -39.13 -60.56
CA ASN D 160 -17.08 -40.51 -60.17
C ASN D 160 -15.78 -41.23 -60.51
N ALA D 161 -15.07 -40.66 -61.47
CA ALA D 161 -13.79 -41.18 -61.92
C ALA D 161 -13.11 -40.03 -62.64
N LYS D 162 -11.79 -39.98 -62.54
CA LYS D 162 -11.04 -38.90 -63.18
C LYS D 162 -9.57 -39.23 -63.38
N ALA D 163 -9.04 -38.75 -64.50
CA ALA D 163 -7.64 -38.96 -64.84
C ALA D 163 -7.05 -37.60 -65.17
N ILE D 164 -5.88 -37.32 -64.60
CA ILE D 164 -5.20 -36.06 -64.83
C ILE D 164 -3.78 -36.40 -65.21
N GLY D 165 -3.17 -35.55 -66.02
CA GLY D 165 -1.80 -35.81 -66.42
C GLY D 165 -1.66 -36.03 -67.91
N SER D 166 -0.49 -36.52 -68.33
CA SER D 166 -0.23 -36.77 -69.73
C SER D 166 -1.22 -37.73 -70.39
N GLY D 167 -1.63 -38.76 -69.67
CA GLY D 167 -2.56 -39.70 -70.27
C GLY D 167 -4.03 -39.41 -70.02
N SER D 168 -4.35 -38.24 -69.48
CA SER D 168 -5.73 -37.89 -69.16
C SER D 168 -6.84 -38.04 -70.23
N GLU D 169 -6.70 -37.41 -71.39
CA GLU D 169 -7.74 -37.52 -72.42
C GLU D 169 -7.98 -38.98 -72.79
N GLY D 170 -6.89 -39.71 -73.01
CA GLY D 170 -7.01 -41.11 -73.34
C GLY D 170 -7.68 -41.85 -72.21
N ALA D 171 -7.08 -41.77 -71.02
CA ALA D 171 -7.60 -42.43 -69.84
C ALA D 171 -9.01 -42.02 -69.45
N GLN D 172 -9.36 -40.76 -69.66
CA GLN D 172 -10.68 -40.27 -69.28
C GLN D 172 -11.73 -40.92 -70.17
N ALA D 173 -11.41 -41.06 -71.45
CA ALA D 173 -12.32 -41.69 -72.39
C ALA D 173 -12.58 -43.12 -71.94
N GLU D 174 -11.53 -43.80 -71.50
CA GLU D 174 -11.63 -45.17 -71.03
C GLU D 174 -12.59 -45.23 -69.84
N LEU D 175 -12.31 -44.42 -68.82
CA LEU D 175 -13.13 -44.38 -67.60
C LEU D 175 -14.60 -44.13 -67.92
N LEU D 176 -14.86 -43.41 -69.01
CA LEU D 176 -16.21 -43.10 -69.42
C LEU D 176 -17.05 -44.36 -69.64
N ASN D 177 -16.45 -45.34 -70.33
CA ASN D 177 -17.12 -46.59 -70.64
C ASN D 177 -17.05 -47.59 -69.48
N GLU D 178 -15.92 -47.61 -68.79
CA GLU D 178 -15.71 -48.55 -67.69
C GLU D 178 -16.44 -48.27 -66.38
N TRP D 179 -16.80 -47.01 -66.12
CA TRP D 179 -17.43 -46.67 -64.86
C TRP D 179 -18.95 -46.87 -64.79
N HIS D 180 -19.39 -47.41 -63.67
CA HIS D 180 -20.81 -47.62 -63.40
C HIS D 180 -21.01 -47.60 -61.89
N SER D 181 -22.17 -47.11 -61.46
CA SER D 181 -22.53 -46.96 -60.05
C SER D 181 -22.38 -48.18 -59.14
N SER D 182 -22.22 -49.37 -59.71
CA SER D 182 -22.12 -50.58 -58.88
C SER D 182 -20.74 -51.21 -58.80
N LEU D 183 -19.71 -50.49 -59.23
CA LEU D 183 -18.35 -51.02 -59.16
C LEU D 183 -18.01 -51.41 -57.72
N THR D 184 -17.04 -52.30 -57.56
CA THR D 184 -16.63 -52.72 -56.23
C THR D 184 -15.22 -52.19 -56.05
N LEU D 185 -14.75 -52.12 -54.81
CA LEU D 185 -13.41 -51.63 -54.57
C LEU D 185 -12.43 -52.46 -55.39
N LYS D 186 -12.65 -53.77 -55.39
CA LYS D 186 -11.80 -54.70 -56.12
C LYS D 186 -11.76 -54.37 -57.62
N GLU D 187 -12.93 -54.22 -58.22
CA GLU D 187 -13.04 -53.89 -59.64
C GLU D 187 -12.30 -52.59 -59.92
N ALA D 188 -12.64 -51.55 -59.17
CA ALA D 188 -12.03 -50.23 -59.32
C ALA D 188 -10.50 -50.26 -59.29
N GLU D 189 -9.95 -51.08 -58.40
CA GLU D 189 -8.50 -51.20 -58.30
C GLU D 189 -7.91 -51.70 -59.62
N LEU D 190 -8.47 -52.78 -60.14
CA LEU D 190 -8.00 -53.35 -61.40
C LEU D 190 -8.22 -52.35 -62.52
N LEU D 191 -9.38 -51.72 -62.52
CA LEU D 191 -9.71 -50.73 -63.53
C LEU D 191 -8.70 -49.59 -63.59
N VAL D 192 -8.29 -49.10 -62.41
CA VAL D 192 -7.31 -48.03 -62.32
C VAL D 192 -5.97 -48.58 -62.78
N LEU D 193 -5.65 -49.79 -62.32
CA LEU D 193 -4.40 -50.45 -62.65
C LEU D 193 -4.30 -50.72 -64.16
N LYS D 194 -5.43 -51.05 -64.76
CA LYS D 194 -5.51 -51.35 -66.19
C LYS D 194 -5.28 -50.07 -66.99
N ILE D 195 -6.15 -49.07 -66.81
CA ILE D 195 -6.04 -47.81 -67.51
C ILE D 195 -4.65 -47.16 -67.39
N LEU D 196 -3.97 -47.37 -66.26
CA LEU D 196 -2.63 -46.80 -66.10
C LEU D 196 -1.71 -47.49 -67.09
N LYS D 197 -1.89 -48.81 -67.19
CA LYS D 197 -1.08 -49.63 -68.07
C LYS D 197 -1.18 -49.19 -69.54
N GLN D 198 -2.38 -48.78 -69.96
CA GLN D 198 -2.59 -48.35 -71.34
C GLN D 198 -1.92 -47.02 -71.68
N VAL D 199 -1.95 -46.08 -70.74
CA VAL D 199 -1.37 -44.75 -70.98
C VAL D 199 0.10 -44.60 -70.61
N MET D 200 0.61 -45.48 -69.75
CA MET D 200 2.01 -45.40 -69.34
C MET D 200 2.95 -45.78 -70.46
N GLU D 201 4.05 -45.05 -70.58
CA GLU D 201 5.05 -45.37 -71.61
C GLU D 201 5.72 -46.69 -71.21
N GLU D 202 5.98 -46.83 -69.91
CA GLU D 202 6.62 -48.03 -69.37
C GLU D 202 5.66 -49.18 -69.13
N LYS D 203 6.22 -50.38 -68.99
CA LYS D 203 5.42 -51.56 -68.72
C LYS D 203 5.10 -51.52 -67.23
N LEU D 204 3.85 -51.17 -66.92
CA LEU D 204 3.40 -51.07 -65.55
C LEU D 204 3.76 -52.27 -64.69
N ASP D 205 4.35 -52.00 -63.54
CA ASP D 205 4.72 -53.02 -62.57
C ASP D 205 4.65 -52.39 -61.17
N GLU D 206 4.76 -53.20 -60.12
CA GLU D 206 4.66 -52.66 -58.77
C GLU D 206 5.77 -51.70 -58.36
N ASN D 207 6.59 -51.29 -59.33
CA ASN D 207 7.69 -50.36 -59.03
C ASN D 207 7.56 -49.01 -59.70
N ASN D 208 6.83 -48.92 -60.80
CA ASN D 208 6.66 -47.63 -61.45
C ASN D 208 5.22 -47.19 -61.42
N ALA D 209 4.46 -47.82 -60.54
CA ALA D 209 3.05 -47.48 -60.36
C ALA D 209 2.71 -47.72 -58.89
N GLN D 210 1.72 -46.99 -58.40
CA GLN D 210 1.32 -47.11 -57.01
C GLN D 210 -0.16 -46.87 -56.83
N LEU D 211 -0.79 -47.73 -56.04
CA LEU D 211 -2.23 -47.65 -55.75
C LEU D 211 -2.48 -47.25 -54.30
N SER D 212 -3.73 -46.94 -54.02
CA SER D 212 -4.15 -46.55 -52.69
C SER D 212 -5.66 -46.45 -52.68
N CYS D 213 -6.22 -46.41 -51.48
CA CYS D 213 -7.65 -46.29 -51.34
C CYS D 213 -7.98 -45.69 -49.98
N ILE D 214 -9.23 -45.30 -49.85
CA ILE D 214 -9.74 -44.73 -48.62
C ILE D 214 -11.09 -45.38 -48.40
N THR D 215 -11.24 -46.00 -47.22
CA THR D 215 -12.48 -46.66 -46.84
C THR D 215 -12.88 -46.17 -45.45
N LYS D 216 -14.19 -46.06 -45.24
CA LYS D 216 -14.74 -45.62 -43.97
C LYS D 216 -14.20 -46.51 -42.85
N GLN D 217 -13.90 -47.76 -43.15
CA GLN D 217 -13.44 -48.68 -42.13
C GLN D 217 -11.98 -48.53 -41.70
N ASP D 218 -11.04 -48.52 -42.65
CA ASP D 218 -9.63 -48.42 -42.27
C ASP D 218 -8.94 -47.12 -42.67
N GLY D 219 -9.73 -46.16 -43.13
CA GLY D 219 -9.17 -44.89 -43.54
C GLY D 219 -8.37 -44.96 -44.82
N PHE D 220 -7.45 -44.02 -44.98
CA PHE D 220 -6.61 -43.95 -46.16
C PHE D 220 -5.35 -44.79 -45.99
N LYS D 221 -5.11 -45.67 -46.97
CA LYS D 221 -3.96 -46.55 -46.96
C LYS D 221 -3.28 -46.53 -48.32
N ILE D 222 -1.96 -46.67 -48.32
CA ILE D 222 -1.16 -46.72 -49.54
C ILE D 222 -0.68 -48.16 -49.70
N TYR D 223 -1.20 -48.84 -50.71
CA TYR D 223 -0.83 -50.23 -50.99
C TYR D 223 0.66 -50.40 -51.17
N ASP D 224 1.26 -51.30 -50.41
CA ASP D 224 2.70 -51.54 -50.55
C ASP D 224 2.90 -52.35 -51.83
N ASN D 225 4.12 -52.35 -52.34
CA ASN D 225 4.42 -53.06 -53.58
C ASN D 225 3.86 -54.47 -53.68
N GLU D 226 4.13 -55.31 -52.67
CA GLU D 226 3.64 -56.69 -52.66
C GLU D 226 2.16 -56.78 -52.96
N LYS D 227 1.35 -56.08 -52.17
CA LYS D 227 -0.09 -56.09 -52.36
C LYS D 227 -0.51 -55.71 -53.77
N THR D 228 0.22 -54.78 -54.38
CA THR D 228 -0.11 -54.34 -55.73
C THR D 228 0.42 -55.28 -56.80
N ALA D 229 1.62 -55.82 -56.58
CA ALA D 229 2.21 -56.75 -57.54
C ALA D 229 1.17 -57.83 -57.88
N GLU D 230 0.43 -58.26 -56.85
CA GLU D 230 -0.59 -59.27 -57.01
C GLU D 230 -1.80 -58.75 -57.77
N LEU D 231 -2.26 -57.56 -57.42
CA LEU D 231 -3.40 -56.98 -58.13
C LEU D 231 -3.08 -56.84 -59.61
N ILE D 232 -1.79 -56.72 -59.91
CA ILE D 232 -1.32 -56.59 -61.29
C ILE D 232 -1.46 -57.97 -61.94
N LYS D 233 -0.90 -58.99 -61.28
CA LYS D 233 -0.95 -60.37 -61.73
C LYS D 233 -2.41 -60.73 -62.02
N GLU D 234 -3.25 -60.51 -61.03
CA GLU D 234 -4.68 -60.77 -61.14
C GLU D 234 -5.31 -60.07 -62.34
N LEU D 235 -4.72 -58.96 -62.76
CA LEU D 235 -5.24 -58.21 -63.90
C LEU D 235 -4.81 -58.92 -65.18
N LYS D 236 -3.51 -59.19 -65.29
CA LYS D 236 -2.96 -59.86 -66.47
C LYS D 236 -3.76 -61.12 -66.79
N GLU D 237 -4.19 -61.81 -65.74
CA GLU D 237 -4.96 -63.03 -65.88
C GLU D 237 -6.37 -62.79 -66.40
N LYS D 238 -7.08 -61.86 -65.77
CA LYS D 238 -8.44 -61.58 -66.21
C LYS D 238 -8.51 -61.00 -67.62
N GLU D 239 -7.46 -60.30 -68.05
CA GLU D 239 -7.43 -59.74 -69.40
C GLU D 239 -7.14 -60.88 -70.38
N ALA D 240 -6.24 -61.77 -69.99
CA ALA D 240 -5.86 -62.91 -70.83
C ALA D 240 -6.95 -63.97 -70.87
N ALA D 241 -8.00 -63.79 -70.07
CA ALA D 241 -9.11 -64.74 -70.04
C ALA D 241 -10.22 -64.27 -70.99
N GLU D 242 -9.78 -63.67 -72.10
CA GLU D 242 -10.62 -63.14 -73.18
C GLU D 242 -10.12 -61.77 -73.61
N PHE E 1 -3.16 -0.89 -81.76
CA PHE E 1 -4.15 -0.24 -80.85
C PHE E 1 -4.26 -1.06 -79.54
N ARG E 2 -5.49 -1.49 -79.24
CA ARG E 2 -5.83 -2.26 -78.04
C ARG E 2 -4.67 -2.99 -77.36
N ASN E 3 -3.88 -3.68 -78.16
CA ASN E 3 -2.73 -4.43 -77.64
C ASN E 3 -1.80 -3.58 -76.77
N ASN E 4 -1.80 -2.27 -76.99
CA ASN E 4 -0.94 -1.38 -76.22
C ASN E 4 -1.60 -0.76 -75.01
N TYR E 5 -2.90 -0.99 -74.84
CA TYR E 5 -3.63 -0.41 -73.71
C TYR E 5 -4.42 -1.41 -72.90
N ASP E 6 -4.10 -2.70 -73.02
CA ASP E 6 -4.82 -3.72 -72.28
C ASP E 6 -3.92 -4.58 -71.38
N GLY E 7 -2.71 -4.09 -71.12
CA GLY E 7 -1.79 -4.85 -70.29
C GLY E 7 -2.06 -4.75 -68.79
N ASP E 8 -2.99 -3.87 -68.41
CA ASP E 8 -3.35 -3.69 -67.00
C ASP E 8 -4.55 -2.77 -66.85
N THR E 9 -5.18 -2.81 -65.68
CA THR E 9 -6.36 -2.00 -65.41
C THR E 9 -6.12 -0.51 -65.27
N VAL E 10 -4.90 -0.15 -64.92
CA VAL E 10 -4.56 1.25 -64.72
C VAL E 10 -4.35 2.07 -66.00
N THR E 11 -4.67 1.48 -67.15
CA THR E 11 -4.47 2.18 -68.43
C THR E 11 -5.73 2.43 -69.25
N PHE E 12 -5.92 3.68 -69.65
CA PHE E 12 -7.05 4.07 -70.47
C PHE E 12 -6.64 3.98 -71.94
N SER E 13 -7.57 3.60 -72.82
CA SER E 13 -7.22 3.53 -74.23
C SER E 13 -7.49 4.93 -74.78
N PRO E 14 -7.05 5.20 -76.02
CA PRO E 14 -7.27 6.54 -76.59
C PRO E 14 -8.74 6.92 -76.69
N THR E 15 -9.60 5.92 -76.83
CA THR E 15 -11.04 6.17 -76.93
C THR E 15 -11.69 6.32 -75.55
N GLY E 16 -10.93 6.04 -74.49
CA GLY E 16 -11.43 6.16 -73.13
C GLY E 16 -11.96 4.85 -72.58
N ARG E 17 -11.50 3.75 -73.16
CA ARG E 17 -11.94 2.42 -72.73
C ARG E 17 -10.97 1.76 -71.77
N LEU E 18 -11.49 0.83 -70.98
CA LEU E 18 -10.70 0.06 -70.03
C LEU E 18 -10.77 -1.39 -70.47
N PHE E 19 -9.84 -1.80 -71.32
CA PHE E 19 -9.80 -3.14 -71.87
C PHE E 19 -9.72 -4.30 -70.90
N GLN E 20 -8.89 -4.19 -69.87
CA GLN E 20 -8.79 -5.26 -68.89
C GLN E 20 -10.17 -5.56 -68.31
N VAL E 21 -10.95 -4.50 -68.11
CA VAL E 21 -12.29 -4.65 -67.55
C VAL E 21 -13.20 -5.32 -68.58
N GLU E 22 -13.02 -4.95 -69.85
CA GLU E 22 -13.83 -5.51 -70.92
C GLU E 22 -13.51 -6.99 -71.12
N TYR E 23 -12.24 -7.35 -70.94
CA TYR E 23 -11.83 -8.74 -71.08
C TYR E 23 -12.44 -9.53 -69.94
N ALA E 24 -12.67 -8.86 -68.82
CA ALA E 24 -13.26 -9.50 -67.66
C ALA E 24 -14.73 -9.75 -67.99
N LEU E 25 -15.38 -8.74 -68.56
CA LEU E 25 -16.78 -8.84 -68.94
C LEU E 25 -16.98 -10.01 -69.89
N GLU E 26 -15.93 -10.31 -70.64
CA GLU E 26 -15.99 -11.40 -71.60
C GLU E 26 -16.06 -12.75 -70.93
N ALA E 27 -15.39 -12.91 -69.80
CA ALA E 27 -15.41 -14.17 -69.08
C ALA E 27 -16.83 -14.50 -68.66
N ILE E 28 -17.63 -13.46 -68.44
CA ILE E 28 -19.02 -13.62 -68.05
C ILE E 28 -19.79 -14.22 -69.20
N LYS E 29 -19.74 -13.56 -70.35
CA LYS E 29 -20.43 -14.01 -71.55
C LYS E 29 -20.13 -15.47 -71.87
N GLN E 30 -18.88 -15.87 -71.67
CA GLN E 30 -18.44 -17.24 -71.93
C GLN E 30 -19.01 -18.20 -70.87
N GLY E 31 -19.60 -17.64 -69.82
CA GLY E 31 -20.15 -18.46 -68.77
C GLY E 31 -21.56 -18.97 -69.04
N SER E 32 -21.98 -19.93 -68.22
CA SER E 32 -23.31 -20.53 -68.36
C SER E 32 -24.37 -19.46 -68.17
N VAL E 33 -25.60 -19.74 -68.59
CA VAL E 33 -26.66 -18.75 -68.47
C VAL E 33 -27.43 -18.87 -67.16
N THR E 34 -27.91 -17.73 -66.68
CA THR E 34 -28.68 -17.68 -65.46
C THR E 34 -29.69 -16.56 -65.61
N VAL E 35 -30.84 -16.71 -64.96
CA VAL E 35 -31.91 -15.72 -65.06
C VAL E 35 -32.44 -15.30 -63.70
N GLY E 36 -32.96 -14.08 -63.65
CA GLY E 36 -33.52 -13.57 -62.42
C GLY E 36 -34.73 -12.70 -62.73
N LEU E 37 -35.76 -12.83 -61.90
CA LEU E 37 -36.99 -12.08 -62.09
C LEU E 37 -37.73 -12.04 -60.76
N ARG E 38 -38.55 -11.01 -60.58
CA ARG E 38 -39.28 -10.86 -59.34
C ARG E 38 -40.71 -10.35 -59.53
N SER E 39 -41.58 -10.67 -58.59
CA SER E 39 -42.95 -10.18 -58.62
C SER E 39 -42.89 -9.06 -57.57
N ASN E 40 -43.90 -8.92 -56.73
CA ASN E 40 -43.86 -7.89 -55.70
C ASN E 40 -43.82 -8.57 -54.36
N THR E 41 -43.89 -9.90 -54.39
CA THR E 41 -43.86 -10.69 -53.19
C THR E 41 -42.68 -11.66 -53.17
N HIS E 42 -42.19 -12.04 -54.37
CA HIS E 42 -41.07 -12.96 -54.47
C HIS E 42 -40.04 -12.55 -55.51
N ALA E 43 -38.88 -13.21 -55.44
CA ALA E 43 -37.78 -12.99 -56.36
C ALA E 43 -37.25 -14.37 -56.64
N VAL E 44 -37.01 -14.68 -57.91
CA VAL E 44 -36.52 -15.99 -58.27
C VAL E 44 -35.25 -15.99 -59.09
N LEU E 45 -34.41 -16.97 -58.82
CA LEU E 45 -33.17 -17.15 -59.55
C LEU E 45 -33.23 -18.52 -60.20
N VAL E 46 -32.95 -18.56 -61.49
CA VAL E 46 -32.93 -19.82 -62.23
C VAL E 46 -31.59 -19.80 -62.96
N ALA E 47 -30.82 -20.88 -62.83
CA ALA E 47 -29.54 -20.93 -63.49
C ALA E 47 -29.28 -22.31 -64.06
N LEU E 48 -28.57 -22.32 -65.19
CA LEU E 48 -28.21 -23.56 -65.85
C LEU E 48 -26.83 -23.99 -65.36
N LYS E 49 -26.75 -25.14 -64.72
CA LYS E 49 -25.47 -25.62 -64.21
C LYS E 49 -24.69 -26.35 -65.31
N ARG E 50 -23.39 -26.08 -65.39
CA ARG E 50 -22.55 -26.70 -66.40
C ARG E 50 -21.65 -27.75 -65.78
N ASN E 51 -21.31 -28.79 -66.54
CA ASN E 51 -20.44 -29.85 -66.04
C ASN E 51 -19.25 -30.01 -66.98
N ALA E 52 -18.20 -30.69 -66.50
CA ALA E 52 -17.01 -30.91 -67.29
C ALA E 52 -17.16 -32.15 -68.18
N ASP E 53 -17.20 -33.32 -67.54
CA ASP E 53 -17.38 -34.59 -68.23
C ASP E 53 -18.72 -35.13 -67.84
N GLU E 54 -19.00 -36.37 -68.23
CA GLU E 54 -20.25 -36.98 -67.85
C GLU E 54 -19.98 -37.67 -66.52
N LEU E 55 -18.73 -37.57 -66.08
CA LEU E 55 -18.32 -38.16 -64.82
C LEU E 55 -18.13 -37.08 -63.75
N SER E 56 -18.38 -35.82 -64.12
CA SER E 56 -18.24 -34.70 -63.20
C SER E 56 -19.59 -34.15 -62.76
N SER E 57 -19.57 -33.34 -61.72
CA SER E 57 -20.78 -32.73 -61.18
C SER E 57 -21.08 -31.44 -61.93
N TYR E 58 -22.22 -30.82 -61.61
CA TYR E 58 -22.57 -29.57 -62.25
C TYR E 58 -22.31 -28.43 -61.27
N GLN E 59 -21.18 -27.74 -61.45
CA GLN E 59 -20.79 -26.62 -60.60
C GLN E 59 -21.94 -25.70 -60.23
N LYS E 60 -22.14 -25.51 -58.93
CA LYS E 60 -23.23 -24.67 -58.43
C LYS E 60 -23.12 -23.25 -58.95
N LYS E 61 -24.25 -22.57 -59.06
CA LYS E 61 -24.27 -21.20 -59.57
C LYS E 61 -25.03 -20.26 -58.64
N ILE E 62 -25.56 -20.81 -57.56
CA ILE E 62 -26.32 -20.02 -56.61
C ILE E 62 -25.74 -20.06 -55.19
N ILE E 63 -25.62 -18.88 -54.58
CA ILE E 63 -25.08 -18.77 -53.24
C ILE E 63 -25.97 -17.90 -52.36
N LYS E 64 -26.20 -18.38 -51.13
CA LYS E 64 -27.00 -17.67 -50.14
C LYS E 64 -26.09 -16.70 -49.38
N CYS E 65 -26.57 -15.48 -49.14
CA CYS E 65 -25.78 -14.49 -48.44
C CYS E 65 -26.30 -14.24 -47.02
N ASP E 66 -27.60 -14.36 -46.86
CA ASP E 66 -28.27 -14.20 -45.58
C ASP E 66 -29.64 -14.85 -45.77
N GLU E 67 -30.49 -14.74 -44.76
CA GLU E 67 -31.82 -15.34 -44.86
C GLU E 67 -32.71 -14.64 -45.87
N HIS E 68 -32.39 -13.40 -46.17
CA HIS E 68 -33.18 -12.60 -47.09
C HIS E 68 -32.44 -12.24 -48.38
N MET E 69 -31.24 -12.79 -48.58
CA MET E 69 -30.48 -12.43 -49.78
C MET E 69 -29.67 -13.56 -50.39
N GLY E 70 -29.46 -13.49 -51.70
CA GLY E 70 -28.69 -14.51 -52.38
C GLY E 70 -28.39 -14.08 -53.79
N LEU E 71 -27.59 -14.87 -54.50
CA LEU E 71 -27.22 -14.50 -55.85
C LEU E 71 -26.85 -15.68 -56.73
N SER E 72 -26.80 -15.42 -58.03
CA SER E 72 -26.40 -16.42 -59.01
C SER E 72 -25.18 -15.81 -59.71
N LEU E 73 -24.25 -16.67 -60.12
CA LEU E 73 -23.01 -16.23 -60.76
C LEU E 73 -22.89 -16.64 -62.22
N ALA E 74 -21.99 -15.96 -62.92
CA ALA E 74 -21.69 -16.22 -64.33
C ALA E 74 -20.26 -15.76 -64.56
N GLY E 75 -19.35 -16.73 -64.78
CA GLY E 75 -17.96 -16.40 -65.02
C GLY E 75 -17.02 -17.15 -64.10
N LEU E 76 -15.99 -16.46 -63.60
CA LEU E 76 -15.02 -17.08 -62.70
C LEU E 76 -15.67 -17.40 -61.35
N ALA E 77 -15.79 -18.70 -61.07
CA ALA E 77 -16.40 -19.16 -59.83
C ALA E 77 -15.72 -18.58 -58.58
N PRO E 78 -14.37 -18.67 -58.53
CA PRO E 78 -13.64 -18.15 -57.37
C PRO E 78 -13.98 -16.70 -57.03
N ASP E 79 -14.10 -15.86 -58.05
CA ASP E 79 -14.42 -14.46 -57.82
C ASP E 79 -15.80 -14.29 -57.21
N ALA E 80 -16.70 -15.22 -57.52
CA ALA E 80 -18.06 -15.17 -56.99
C ALA E 80 -18.00 -15.55 -55.52
N ARG E 81 -17.12 -16.49 -55.20
CA ARG E 81 -16.95 -16.93 -53.84
C ARG E 81 -16.45 -15.74 -53.01
N VAL E 82 -15.49 -15.00 -53.57
CA VAL E 82 -14.94 -13.83 -52.90
C VAL E 82 -15.99 -12.73 -52.70
N LEU E 83 -16.72 -12.41 -53.76
CA LEU E 83 -17.75 -11.37 -53.71
C LEU E 83 -18.95 -11.74 -52.84
N SER E 84 -19.37 -13.01 -52.92
CA SER E 84 -20.52 -13.46 -52.14
C SER E 84 -20.12 -13.49 -50.68
N ASN E 85 -18.87 -13.84 -50.43
CA ASN E 85 -18.39 -13.90 -49.07
C ASN E 85 -18.36 -12.52 -48.45
N TYR E 86 -17.93 -11.53 -49.22
CA TYR E 86 -17.88 -10.16 -48.74
C TYR E 86 -19.30 -9.69 -48.45
N LEU E 87 -20.23 -10.12 -49.28
CA LEU E 87 -21.63 -9.77 -49.13
C LEU E 87 -22.20 -10.45 -47.90
N ARG E 88 -21.75 -11.67 -47.64
CA ARG E 88 -22.20 -12.40 -46.46
C ARG E 88 -21.82 -11.63 -45.19
N GLN E 89 -20.62 -11.06 -45.18
CA GLN E 89 -20.13 -10.30 -44.04
C GLN E 89 -20.92 -9.01 -43.87
N GLN E 90 -21.05 -8.24 -44.95
CA GLN E 90 -21.80 -7.00 -44.87
C GLN E 90 -23.19 -7.22 -44.28
N CYS E 91 -23.83 -8.31 -44.68
CA CYS E 91 -25.17 -8.64 -44.16
C CYS E 91 -25.06 -8.92 -42.68
N ASN E 92 -24.08 -9.75 -42.33
CA ASN E 92 -23.82 -10.15 -40.97
C ASN E 92 -23.54 -8.91 -40.10
N TYR E 93 -22.69 -8.04 -40.60
CA TYR E 93 -22.33 -6.82 -39.89
C TYR E 93 -23.57 -5.96 -39.64
N SER E 94 -24.45 -5.89 -40.62
CA SER E 94 -25.66 -5.08 -40.49
C SER E 94 -26.55 -5.61 -39.37
N SER E 95 -26.58 -6.93 -39.21
CA SER E 95 -27.40 -7.54 -38.18
C SER E 95 -26.78 -7.42 -36.80
N LEU E 96 -25.52 -7.79 -36.68
CA LEU E 96 -24.84 -7.73 -35.40
C LEU E 96 -24.76 -6.30 -34.85
N VAL E 97 -24.32 -5.36 -35.67
CA VAL E 97 -24.19 -3.99 -35.18
C VAL E 97 -25.48 -3.22 -35.07
N PHE E 98 -26.30 -3.20 -36.12
CA PHE E 98 -27.54 -2.44 -36.08
C PHE E 98 -28.80 -3.28 -35.89
N ASN E 99 -28.64 -4.59 -35.90
CA ASN E 99 -29.80 -5.48 -35.73
C ASN E 99 -30.80 -5.11 -36.82
N ARG E 100 -30.28 -4.97 -38.04
CA ARG E 100 -31.05 -4.56 -39.20
C ARG E 100 -30.70 -5.45 -40.37
N LYS E 101 -31.69 -5.85 -41.17
CA LYS E 101 -31.37 -6.67 -42.32
C LYS E 101 -30.88 -5.69 -43.38
N LEU E 102 -29.83 -6.08 -44.09
CA LEU E 102 -29.25 -5.22 -45.10
C LEU E 102 -30.13 -5.05 -46.35
N ALA E 103 -30.38 -3.79 -46.72
CA ALA E 103 -31.19 -3.49 -47.89
C ALA E 103 -30.47 -3.94 -49.15
N VAL E 104 -31.20 -4.63 -50.03
CA VAL E 104 -30.63 -5.14 -51.27
C VAL E 104 -30.01 -4.01 -52.08
N GLU E 105 -30.60 -2.82 -52.02
CA GLU E 105 -30.06 -1.70 -52.77
C GLU E 105 -28.67 -1.37 -52.23
N ARG E 106 -28.55 -1.43 -50.91
CA ARG E 106 -27.29 -1.13 -50.25
C ARG E 106 -26.24 -2.21 -50.51
N ALA E 107 -26.69 -3.46 -50.64
CA ALA E 107 -25.78 -4.56 -50.92
C ALA E 107 -25.19 -4.35 -52.31
N GLY E 108 -25.98 -3.74 -53.19
CA GLY E 108 -25.52 -3.49 -54.53
C GLY E 108 -24.46 -2.41 -54.53
N HIS E 109 -24.66 -1.36 -53.73
CA HIS E 109 -23.70 -0.26 -53.64
C HIS E 109 -22.37 -0.79 -53.11
N LEU E 110 -22.45 -1.68 -52.12
CA LEU E 110 -21.27 -2.27 -51.52
C LEU E 110 -20.50 -3.09 -52.54
N LEU E 111 -21.21 -3.87 -53.34
CA LEU E 111 -20.56 -4.69 -54.36
C LEU E 111 -19.93 -3.79 -55.41
N CYS E 112 -20.66 -2.79 -55.86
CA CYS E 112 -20.14 -1.86 -56.87
C CYS E 112 -18.82 -1.25 -56.42
N ASP E 113 -18.79 -0.72 -55.20
CA ASP E 113 -17.59 -0.10 -54.66
C ASP E 113 -16.43 -1.07 -54.49
N LYS E 114 -16.70 -2.31 -54.09
CA LYS E 114 -15.62 -3.27 -53.93
C LYS E 114 -15.01 -3.57 -55.29
N ALA E 115 -15.86 -3.79 -56.28
CA ALA E 115 -15.39 -4.10 -57.62
C ALA E 115 -14.61 -2.94 -58.24
N GLN E 116 -15.01 -1.71 -57.94
CA GLN E 116 -14.37 -0.53 -58.51
C GLN E 116 -12.92 -0.35 -58.08
N LYS E 117 -12.61 -0.71 -56.84
CA LYS E 117 -11.25 -0.57 -56.32
C LYS E 117 -10.24 -1.44 -57.08
N ASN E 118 -10.76 -2.44 -57.78
CA ASN E 118 -9.94 -3.35 -58.57
C ASN E 118 -9.77 -2.91 -60.02
N THR E 119 -10.32 -1.75 -60.38
CA THR E 119 -10.20 -1.25 -61.74
C THR E 119 -9.48 0.10 -61.80
N GLN E 120 -8.86 0.50 -60.69
CA GLN E 120 -8.14 1.77 -60.64
C GLN E 120 -6.74 1.65 -60.04
N SER E 121 -6.44 0.48 -59.47
CA SER E 121 -5.14 0.22 -58.86
C SER E 121 -4.26 -0.75 -59.63
N TYR E 122 -2.95 -0.53 -59.52
CA TYR E 122 -1.94 -1.34 -60.18
C TYR E 122 -1.86 -2.74 -59.58
N GLY E 123 -1.46 -3.70 -60.41
CA GLY E 123 -1.30 -5.07 -59.95
C GLY E 123 -2.59 -5.83 -59.69
N GLY E 124 -3.68 -5.10 -59.47
CA GLY E 124 -4.96 -5.76 -59.21
C GLY E 124 -5.64 -6.09 -60.53
N ARG E 125 -6.57 -7.03 -60.49
CA ARG E 125 -7.28 -7.39 -61.71
C ARG E 125 -8.76 -7.27 -61.41
N PRO E 126 -9.58 -6.99 -62.43
CA PRO E 126 -11.02 -6.86 -62.23
C PRO E 126 -11.61 -8.24 -61.92
N TYR E 127 -12.77 -8.26 -61.29
CA TYR E 127 -13.38 -9.55 -61.01
C TYR E 127 -13.95 -10.07 -62.34
N GLY E 128 -13.78 -11.35 -62.60
CA GLY E 128 -14.28 -11.91 -63.85
C GLY E 128 -15.56 -12.69 -63.63
N VAL E 129 -16.55 -12.05 -63.02
CA VAL E 129 -17.80 -12.73 -62.76
C VAL E 129 -18.96 -11.74 -62.69
N GLY E 130 -20.12 -12.19 -63.15
CA GLY E 130 -21.32 -11.37 -63.13
C GLY E 130 -22.22 -11.94 -62.04
N LEU E 131 -23.01 -11.09 -61.41
CA LEU E 131 -23.87 -11.56 -60.35
C LEU E 131 -25.30 -11.06 -60.45
N LEU E 132 -26.23 -11.94 -60.10
CA LEU E 132 -27.64 -11.60 -60.08
C LEU E 132 -28.07 -11.74 -58.63
N ILE E 133 -28.31 -10.60 -57.99
CA ILE E 133 -28.71 -10.58 -56.58
C ILE E 133 -30.20 -10.35 -56.40
N ILE E 134 -30.82 -11.23 -55.61
CA ILE E 134 -32.24 -11.13 -55.29
C ILE E 134 -32.36 -11.12 -53.77
N GLY E 135 -33.46 -10.60 -53.28
CA GLY E 135 -33.65 -10.56 -51.84
C GLY E 135 -34.90 -9.82 -51.45
N TYR E 136 -35.45 -10.14 -50.28
CA TYR E 136 -36.65 -9.47 -49.81
C TYR E 136 -36.31 -8.66 -48.56
N ASP E 137 -36.45 -7.34 -48.64
CA ASP E 137 -36.14 -6.48 -47.51
C ASP E 137 -37.35 -5.64 -47.12
N LYS E 138 -37.13 -4.54 -46.40
CA LYS E 138 -38.22 -3.69 -45.96
C LYS E 138 -38.95 -2.91 -47.07
N SER E 139 -38.52 -3.07 -48.31
CA SER E 139 -39.18 -2.37 -49.41
C SER E 139 -39.59 -3.36 -50.49
N GLY E 140 -39.73 -4.63 -50.09
CA GLY E 140 -40.16 -5.65 -51.03
C GLY E 140 -39.11 -6.55 -51.66
N ALA E 141 -39.50 -7.12 -52.81
CA ALA E 141 -38.64 -8.02 -53.57
C ALA E 141 -37.73 -7.19 -54.44
N HIS E 142 -36.52 -7.71 -54.67
CA HIS E 142 -35.53 -7.00 -55.47
C HIS E 142 -34.66 -7.93 -56.28
N LEU E 143 -34.22 -7.45 -57.43
CA LEU E 143 -33.30 -8.18 -58.30
C LEU E 143 -32.26 -7.18 -58.79
N LEU E 144 -30.99 -7.56 -58.67
CA LEU E 144 -29.89 -6.69 -59.09
C LEU E 144 -28.99 -7.41 -60.08
N GLU E 145 -28.41 -6.63 -60.99
CA GLU E 145 -27.47 -7.21 -61.94
C GLU E 145 -26.14 -6.54 -61.64
N PHE E 146 -25.12 -7.35 -61.40
CA PHE E 146 -23.80 -6.85 -61.08
C PHE E 146 -22.79 -7.15 -62.17
N GLN E 147 -22.13 -6.11 -62.66
CA GLN E 147 -21.11 -6.28 -63.68
C GLN E 147 -19.74 -5.90 -63.10
N PRO E 148 -18.72 -6.72 -63.39
CA PRO E 148 -17.33 -6.56 -62.95
C PRO E 148 -16.80 -5.15 -63.10
N SER E 149 -17.44 -4.38 -63.96
CA SER E 149 -17.04 -3.00 -64.18
C SER E 149 -17.45 -2.19 -62.96
N GLY E 150 -18.23 -2.81 -62.10
CA GLY E 150 -18.70 -2.15 -60.90
C GLY E 150 -20.11 -1.60 -61.08
N ASN E 151 -20.70 -1.83 -62.24
CA ASN E 151 -22.04 -1.35 -62.52
C ASN E 151 -23.11 -2.30 -62.02
N VAL E 152 -23.90 -1.80 -61.06
CA VAL E 152 -25.00 -2.57 -60.49
C VAL E 152 -26.31 -1.90 -60.89
N THR E 153 -27.27 -2.70 -61.34
CA THR E 153 -28.55 -2.20 -61.80
C THR E 153 -29.74 -2.96 -61.22
N GLU E 154 -30.80 -2.25 -60.87
CA GLU E 154 -32.00 -2.88 -60.32
C GLU E 154 -33.01 -3.10 -61.43
N LEU E 155 -33.49 -4.33 -61.54
CA LEU E 155 -34.42 -4.69 -62.60
C LEU E 155 -35.60 -5.53 -62.11
N TYR E 156 -36.58 -5.74 -63.00
CA TYR E 156 -37.74 -6.57 -62.68
C TYR E 156 -37.30 -7.98 -63.03
N GLY E 157 -36.39 -8.04 -64.00
CA GLY E 157 -35.85 -9.30 -64.46
C GLY E 157 -34.67 -9.08 -65.40
N THR E 158 -33.90 -10.14 -65.62
CA THR E 158 -32.75 -10.07 -66.52
C THR E 158 -32.00 -11.40 -66.52
N ALA E 159 -30.97 -11.48 -67.35
CA ALA E 159 -30.17 -12.69 -67.44
C ALA E 159 -28.77 -12.35 -67.91
N ILE E 160 -27.83 -13.24 -67.62
CA ILE E 160 -26.45 -13.06 -68.02
C ILE E 160 -25.88 -14.43 -68.35
N GLY E 161 -24.80 -14.43 -69.13
CA GLY E 161 -24.16 -15.67 -69.54
C GLY E 161 -24.30 -15.84 -71.05
N ALA E 162 -23.91 -17.00 -71.56
CA ALA E 162 -24.00 -17.26 -72.98
C ALA E 162 -25.45 -17.40 -73.44
N ARG E 163 -25.75 -16.76 -74.57
CA ARG E 163 -27.08 -16.81 -75.16
C ARG E 163 -28.11 -16.16 -74.25
N SER E 164 -27.63 -15.48 -73.22
CA SER E 164 -28.51 -14.81 -72.26
C SER E 164 -29.54 -13.90 -72.92
N GLN E 165 -29.20 -13.37 -74.09
CA GLN E 165 -30.10 -12.47 -74.80
C GLN E 165 -31.46 -13.09 -75.07
N GLY E 166 -31.51 -14.41 -75.16
CA GLY E 166 -32.77 -15.08 -75.41
C GLY E 166 -33.72 -14.77 -74.27
N ALA E 167 -33.36 -15.23 -73.08
CA ALA E 167 -34.16 -15.02 -71.90
C ALA E 167 -34.50 -13.56 -71.65
N LYS E 168 -33.54 -12.67 -71.92
CA LYS E 168 -33.75 -11.25 -71.70
C LYS E 168 -34.86 -10.63 -72.55
N THR E 169 -35.00 -11.08 -73.80
CA THR E 169 -36.04 -10.56 -74.68
C THR E 169 -37.36 -11.13 -74.20
N TYR E 170 -37.34 -12.41 -73.87
CA TYR E 170 -38.52 -13.10 -73.37
C TYR E 170 -39.10 -12.36 -72.17
N LEU E 171 -38.25 -12.13 -71.17
CA LEU E 171 -38.68 -11.42 -69.96
C LEU E 171 -39.19 -10.02 -70.29
N GLU E 172 -38.42 -9.29 -71.08
CA GLU E 172 -38.79 -7.92 -71.46
C GLU E 172 -40.15 -7.91 -72.14
N ARG E 173 -40.51 -9.07 -72.65
CA ARG E 173 -41.78 -9.27 -73.34
C ARG E 173 -42.85 -9.68 -72.33
N THR E 174 -42.50 -10.63 -71.48
CA THR E 174 -43.39 -11.18 -70.45
C THR E 174 -43.63 -10.24 -69.26
N LEU E 175 -42.85 -9.16 -69.19
CA LEU E 175 -42.94 -8.21 -68.08
C LEU E 175 -44.27 -8.13 -67.34
N ASP E 176 -45.21 -7.37 -67.91
CA ASP E 176 -46.55 -7.17 -67.34
C ASP E 176 -47.15 -8.44 -66.74
N THR E 177 -46.78 -9.57 -67.30
CA THR E 177 -47.28 -10.88 -66.86
C THR E 177 -46.71 -11.35 -65.51
N PHE E 178 -45.42 -11.69 -65.49
CA PHE E 178 -44.78 -12.19 -64.28
C PHE E 178 -44.70 -11.20 -63.11
N ILE E 179 -44.62 -9.91 -63.43
CA ILE E 179 -44.53 -8.89 -62.41
C ILE E 179 -45.68 -8.97 -61.41
N LYS E 180 -46.81 -9.52 -61.85
CA LYS E 180 -47.97 -9.63 -60.99
C LYS E 180 -48.15 -11.00 -60.38
N ILE E 181 -47.23 -11.92 -60.67
CA ILE E 181 -47.33 -13.26 -60.11
C ILE E 181 -47.03 -13.20 -58.62
N ASP E 182 -47.90 -12.51 -57.89
CA ASP E 182 -47.73 -12.37 -56.45
C ASP E 182 -48.37 -13.55 -55.73
N GLY E 183 -48.07 -13.68 -54.45
CA GLY E 183 -48.63 -14.76 -53.66
C GLY E 183 -48.58 -16.13 -54.31
N ASN E 184 -47.81 -16.28 -55.38
CA ASN E 184 -47.73 -17.58 -56.05
C ASN E 184 -46.31 -17.92 -56.53
N PRO E 185 -45.48 -18.43 -55.62
CA PRO E 185 -44.09 -18.80 -55.95
C PRO E 185 -43.93 -19.70 -57.17
N ASP E 186 -44.60 -20.85 -57.17
CA ASP E 186 -44.50 -21.79 -58.28
C ASP E 186 -44.74 -21.16 -59.65
N GLU E 187 -45.59 -20.14 -59.70
CA GLU E 187 -45.85 -19.51 -60.97
C GLU E 187 -44.69 -18.65 -61.44
N LEU E 188 -43.99 -18.03 -60.48
CA LEU E 188 -42.85 -17.19 -60.84
C LEU E 188 -41.68 -18.08 -61.23
N ILE E 189 -41.54 -19.22 -60.57
CA ILE E 189 -40.46 -20.13 -60.88
C ILE E 189 -40.65 -20.67 -62.30
N LYS E 190 -41.86 -21.09 -62.64
CA LYS E 190 -42.12 -21.60 -63.98
C LYS E 190 -41.84 -20.50 -65.00
N ALA E 191 -42.28 -19.28 -64.70
CA ALA E 191 -42.05 -18.15 -65.61
C ALA E 191 -40.56 -17.95 -65.80
N GLY E 192 -39.81 -18.24 -64.75
CA GLY E 192 -38.36 -18.11 -64.81
C GLY E 192 -37.72 -19.23 -65.60
N VAL E 193 -38.20 -20.46 -65.39
CA VAL E 193 -37.65 -21.62 -66.11
C VAL E 193 -37.96 -21.53 -67.61
N GLU E 194 -38.99 -20.76 -67.94
CA GLU E 194 -39.38 -20.58 -69.34
C GLU E 194 -38.46 -19.58 -70.00
N ALA E 195 -38.06 -18.56 -69.24
CA ALA E 195 -37.18 -17.54 -69.74
C ALA E 195 -35.80 -18.13 -69.99
N ILE E 196 -35.35 -19.00 -69.09
CA ILE E 196 -34.03 -19.58 -69.22
C ILE E 196 -33.91 -20.56 -70.39
N SER E 197 -34.96 -21.33 -70.62
CA SER E 197 -34.97 -22.29 -71.73
C SER E 197 -35.06 -21.56 -73.07
N GLN E 198 -35.12 -20.24 -72.98
CA GLN E 198 -35.19 -19.38 -74.16
C GLN E 198 -33.76 -19.12 -74.60
N SER E 199 -32.81 -19.63 -73.83
CA SER E 199 -31.38 -19.46 -74.10
C SER E 199 -30.72 -20.82 -74.27
N LEU E 200 -31.53 -21.87 -74.33
CA LEU E 200 -31.01 -23.21 -74.53
C LEU E 200 -30.64 -23.34 -76.00
N ARG E 201 -30.13 -24.50 -76.39
CA ARG E 201 -29.70 -24.74 -77.76
C ARG E 201 -28.97 -26.07 -77.75
N ASP E 202 -28.05 -26.17 -76.79
CA ASP E 202 -27.25 -27.36 -76.60
C ASP E 202 -28.17 -28.53 -76.22
N GLU E 203 -28.82 -28.40 -75.07
CA GLU E 203 -29.73 -29.43 -74.58
C GLU E 203 -30.97 -28.85 -73.92
N SER E 204 -31.59 -29.64 -73.05
CA SER E 204 -32.77 -29.22 -72.32
C SER E 204 -32.53 -29.47 -70.83
N LEU E 205 -32.91 -28.50 -70.01
CA LEU E 205 -32.71 -28.60 -68.57
C LEU E 205 -33.20 -29.90 -67.94
N THR E 206 -32.26 -30.64 -67.36
CA THR E 206 -32.54 -31.91 -66.70
C THR E 206 -32.68 -31.71 -65.18
N VAL E 207 -32.70 -32.81 -64.43
CA VAL E 207 -32.85 -32.73 -62.99
C VAL E 207 -31.58 -32.26 -62.28
N ASP E 208 -30.44 -32.84 -62.63
CA ASP E 208 -29.19 -32.45 -62.01
C ASP E 208 -28.49 -31.42 -62.88
N ASN E 209 -29.29 -30.71 -63.68
CA ASN E 209 -28.80 -29.72 -64.60
C ASN E 209 -29.39 -28.34 -64.29
N LEU E 210 -30.58 -28.35 -63.70
CA LEU E 210 -31.27 -27.11 -63.33
C LEU E 210 -31.07 -26.76 -61.86
N SER E 211 -31.02 -25.45 -61.60
CA SER E 211 -30.82 -24.93 -60.25
C SER E 211 -31.73 -23.70 -60.07
N ILE E 212 -32.58 -23.75 -59.05
CA ILE E 212 -33.50 -22.66 -58.77
C ILE E 212 -33.40 -22.17 -57.33
N ALA E 213 -33.66 -20.88 -57.14
CA ALA E 213 -33.60 -20.30 -55.81
C ALA E 213 -34.69 -19.24 -55.68
N ILE E 214 -35.22 -19.10 -54.48
CA ILE E 214 -36.26 -18.11 -54.24
C ILE E 214 -36.24 -17.51 -52.85
N VAL E 215 -36.73 -16.27 -52.78
CA VAL E 215 -36.83 -15.51 -51.54
C VAL E 215 -38.09 -14.68 -51.68
N GLY E 216 -38.72 -14.34 -50.56
CA GLY E 216 -39.94 -13.55 -50.64
C GLY E 216 -40.63 -13.28 -49.32
N LYS E 217 -41.72 -12.52 -49.41
CA LYS E 217 -42.54 -12.11 -48.27
C LYS E 217 -42.43 -12.98 -47.02
N ASP E 218 -42.68 -14.27 -47.16
CA ASP E 218 -42.58 -15.16 -46.01
C ASP E 218 -41.77 -16.38 -46.37
N THR E 219 -40.91 -16.20 -47.35
CA THR E 219 -40.05 -17.26 -47.86
C THR E 219 -38.57 -16.95 -47.65
N PRO E 220 -37.90 -17.64 -46.70
CA PRO E 220 -36.48 -17.36 -46.48
C PRO E 220 -35.72 -17.89 -47.69
N PHE E 221 -34.77 -17.10 -48.19
CA PHE E 221 -33.98 -17.50 -49.36
C PHE E 221 -33.53 -18.95 -49.24
N THR E 222 -34.01 -19.78 -50.16
CA THR E 222 -33.70 -21.20 -50.18
C THR E 222 -33.40 -21.67 -51.62
N ILE E 223 -32.54 -22.68 -51.73
CA ILE E 223 -32.12 -23.22 -53.01
C ILE E 223 -32.67 -24.62 -53.29
N TYR E 224 -33.04 -24.87 -54.55
CA TYR E 224 -33.56 -26.18 -54.96
C TYR E 224 -32.69 -26.79 -56.06
N ASP E 225 -32.35 -28.07 -55.89
CA ASP E 225 -31.53 -28.80 -56.85
C ASP E 225 -31.99 -30.25 -56.97
N GLY E 226 -31.87 -30.80 -58.17
CA GLY E 226 -32.27 -32.17 -58.41
C GLY E 226 -33.75 -32.46 -58.28
N GLU E 227 -34.07 -33.58 -57.63
CA GLU E 227 -35.45 -33.98 -57.41
C GLU E 227 -36.31 -32.79 -57.02
N ALA E 228 -35.74 -31.87 -56.26
CA ALA E 228 -36.46 -30.69 -55.81
C ALA E 228 -36.93 -29.76 -56.95
N VAL E 229 -36.30 -29.85 -58.12
CA VAL E 229 -36.70 -29.02 -59.26
C VAL E 229 -37.40 -29.86 -60.32
N ALA E 230 -37.51 -31.16 -60.06
CA ALA E 230 -38.15 -32.09 -60.99
C ALA E 230 -39.53 -31.56 -61.42
N LYS E 231 -40.29 -31.06 -60.45
CA LYS E 231 -41.62 -30.54 -60.76
C LYS E 231 -41.62 -29.24 -61.57
N TYR E 232 -40.51 -28.93 -62.23
CA TYR E 232 -40.43 -27.72 -63.03
C TYR E 232 -39.87 -27.98 -64.42
N ILE E 233 -39.33 -29.17 -64.62
CA ILE E 233 -38.75 -29.57 -65.90
C ILE E 233 -39.84 -29.86 -66.93
N GLY F 1 10.20 10.73 -79.38
CA GLY F 1 9.63 9.36 -79.66
C GLY F 1 8.13 9.26 -79.42
N THR F 2 7.70 8.15 -78.82
CA THR F 2 6.28 7.93 -78.53
C THR F 2 6.09 7.09 -77.26
N GLY F 3 4.85 6.67 -77.01
CA GLY F 3 4.57 5.88 -75.83
C GLY F 3 4.24 6.78 -74.64
N TYR F 4 4.17 8.08 -74.92
CA TYR F 4 3.88 9.06 -73.88
C TYR F 4 2.49 8.89 -73.30
N ASP F 5 1.61 8.26 -74.06
CA ASP F 5 0.24 8.05 -73.61
C ASP F 5 0.01 6.71 -72.92
N LEU F 6 1.07 6.01 -72.54
CA LEU F 6 0.89 4.71 -71.91
C LEU F 6 0.89 4.70 -70.39
N SER F 7 1.49 5.73 -69.78
CA SER F 7 1.54 5.81 -68.32
C SER F 7 0.91 7.10 -67.82
N ASN F 8 0.19 7.01 -66.71
CA ASN F 8 -0.51 8.14 -66.14
C ASN F 8 0.23 9.43 -65.78
N SER F 9 1.38 9.37 -65.15
CA SER F 9 1.99 10.65 -64.79
C SER F 9 2.97 11.26 -65.79
N VAL F 10 3.04 10.72 -67.00
CA VAL F 10 3.98 11.21 -68.02
C VAL F 10 3.59 12.48 -68.77
N PHE F 11 4.54 13.39 -68.90
CA PHE F 11 4.34 14.63 -69.64
C PHE F 11 4.73 14.34 -71.09
N SER F 12 3.89 14.75 -72.03
CA SER F 12 4.21 14.55 -73.44
C SER F 12 5.11 15.72 -73.80
N PRO F 13 5.75 15.68 -74.97
CA PRO F 13 6.63 16.79 -75.36
C PRO F 13 5.94 18.16 -75.38
N ASP F 14 4.63 18.18 -75.61
CA ASP F 14 3.86 19.43 -75.64
C ASP F 14 3.34 19.81 -74.24
N GLY F 15 3.72 19.02 -73.23
CA GLY F 15 3.31 19.31 -71.87
C GLY F 15 2.00 18.73 -71.38
N ARG F 16 1.36 17.88 -72.19
CA ARG F 16 0.08 17.30 -71.81
C ARG F 16 0.24 15.97 -71.08
N ASN F 17 -0.88 15.50 -70.54
CA ASN F 17 -0.91 14.22 -69.83
C ASN F 17 -1.98 13.43 -70.57
N PHE F 18 -1.56 12.71 -71.60
CA PHE F 18 -2.51 11.95 -72.42
C PHE F 18 -3.50 11.05 -71.72
N GLN F 19 -3.08 10.41 -70.64
CA GLN F 19 -3.98 9.53 -69.92
C GLN F 19 -5.16 10.30 -69.36
N VAL F 20 -4.93 11.51 -68.90
CA VAL F 20 -6.00 12.32 -68.35
C VAL F 20 -6.94 12.65 -69.49
N GLU F 21 -6.35 12.96 -70.65
CA GLU F 21 -7.12 13.31 -71.83
C GLU F 21 -7.96 12.17 -72.35
N TYR F 22 -7.48 10.95 -72.17
CA TYR F 22 -8.22 9.76 -72.60
C TYR F 22 -9.37 9.51 -71.63
N ALA F 23 -9.16 9.87 -70.37
CA ALA F 23 -10.18 9.70 -69.35
C ALA F 23 -11.34 10.60 -69.73
N VAL F 24 -11.01 11.81 -70.19
CA VAL F 24 -12.03 12.76 -70.60
C VAL F 24 -12.93 12.14 -71.66
N LYS F 25 -12.35 11.32 -72.54
CA LYS F 25 -13.12 10.67 -73.58
C LYS F 25 -14.17 9.76 -72.95
N ALA F 26 -13.83 9.11 -71.84
CA ALA F 26 -14.78 8.23 -71.17
C ALA F 26 -15.91 9.06 -70.58
N VAL F 27 -15.62 10.33 -70.28
CA VAL F 27 -16.62 11.23 -69.72
C VAL F 27 -17.59 11.70 -70.82
N GLU F 28 -17.03 12.18 -71.92
CA GLU F 28 -17.81 12.66 -73.05
C GLU F 28 -18.70 11.56 -73.59
N ASN F 29 -18.31 10.33 -73.32
CA ASN F 29 -19.06 9.20 -73.80
C ASN F 29 -20.27 8.87 -72.94
N GLY F 30 -20.30 9.41 -71.73
CA GLY F 30 -21.42 9.10 -70.86
C GLY F 30 -22.62 10.02 -70.97
N THR F 31 -23.63 9.69 -70.16
CA THR F 31 -24.88 10.44 -70.07
C THR F 31 -24.62 11.92 -69.86
N THR F 32 -25.59 12.75 -70.20
CA THR F 32 -25.41 14.16 -69.98
C THR F 32 -26.07 14.54 -68.64
N SER F 33 -25.44 15.45 -67.92
CA SER F 33 -25.92 15.91 -66.62
C SER F 33 -25.59 17.38 -66.46
N ILE F 34 -26.37 18.08 -65.64
CA ILE F 34 -26.14 19.51 -65.47
C ILE F 34 -26.37 20.04 -64.06
N GLY F 35 -26.05 21.32 -63.91
CA GLY F 35 -26.23 22.00 -62.65
C GLY F 35 -26.59 23.43 -62.98
N ILE F 36 -27.57 23.97 -62.27
CA ILE F 36 -28.00 25.33 -62.50
C ILE F 36 -28.04 26.08 -61.17
N LYS F 37 -27.18 27.08 -61.06
CA LYS F 37 -27.14 27.88 -59.85
C LYS F 37 -28.32 28.86 -59.94
N CYS F 38 -29.01 29.08 -58.83
CA CYS F 38 -30.13 30.01 -58.82
C CYS F 38 -29.90 31.11 -57.78
N ASN F 39 -30.88 31.98 -57.57
CA ASN F 39 -30.71 33.08 -56.63
C ASN F 39 -30.51 32.73 -55.15
N ASP F 40 -30.81 31.48 -54.77
CA ASP F 40 -30.59 31.06 -53.38
C ASP F 40 -30.35 29.55 -53.23
N GLY F 41 -29.84 28.92 -54.28
CA GLY F 41 -29.59 27.49 -54.23
C GLY F 41 -29.00 26.97 -55.52
N VAL F 42 -29.16 25.67 -55.75
CA VAL F 42 -28.64 25.04 -56.96
C VAL F 42 -29.55 23.89 -57.31
N VAL F 43 -29.57 23.56 -58.60
CA VAL F 43 -30.41 22.46 -59.08
C VAL F 43 -29.53 21.51 -59.89
N PHE F 44 -29.73 20.21 -59.66
CA PHE F 44 -28.98 19.20 -60.39
C PHE F 44 -29.96 18.34 -61.16
N ALA F 45 -29.59 18.00 -62.39
CA ALA F 45 -30.43 17.17 -63.23
C ALA F 45 -29.55 16.22 -64.02
N VAL F 46 -30.10 15.09 -64.41
CA VAL F 46 -29.33 14.12 -65.17
C VAL F 46 -30.19 13.23 -66.04
N GLU F 47 -29.59 12.75 -67.14
CA GLU F 47 -30.26 11.87 -68.08
C GLU F 47 -30.01 10.42 -67.68
N LYS F 48 -31.07 9.63 -67.55
CA LYS F 48 -30.91 8.23 -67.19
C LYS F 48 -31.39 7.35 -68.33
N LEU F 49 -30.48 7.01 -69.24
CA LEU F 49 -30.85 6.17 -70.37
C LEU F 49 -31.50 4.87 -69.95
N ILE F 50 -32.65 4.57 -70.54
CA ILE F 50 -33.37 3.35 -70.22
C ILE F 50 -32.99 2.27 -71.21
N THR F 51 -32.16 1.34 -70.74
CA THR F 51 -31.69 0.22 -71.55
C THR F 51 -32.84 -0.66 -72.02
N SER F 52 -33.76 -0.96 -71.11
CA SER F 52 -34.91 -1.78 -71.47
C SER F 52 -36.06 -1.53 -70.51
N LYS F 53 -37.19 -2.18 -70.77
CA LYS F 53 -38.36 -2.05 -69.94
C LYS F 53 -38.10 -2.66 -68.57
N LEU F 54 -37.07 -3.49 -68.50
CA LEU F 54 -36.72 -4.18 -67.27
C LEU F 54 -36.20 -3.31 -66.12
N LEU F 55 -35.63 -2.15 -66.43
CA LEU F 55 -35.13 -1.25 -65.40
C LEU F 55 -36.28 -0.69 -64.57
N VAL F 56 -36.34 -1.03 -63.29
CA VAL F 56 -37.39 -0.52 -62.43
C VAL F 56 -37.30 1.01 -62.45
N PRO F 57 -38.39 1.70 -62.83
CA PRO F 57 -38.37 3.16 -62.88
C PRO F 57 -38.19 3.82 -61.51
N GLN F 58 -37.38 4.87 -61.48
CA GLN F 58 -37.11 5.64 -60.27
C GLN F 58 -36.19 4.95 -59.27
N LYS F 59 -35.69 3.76 -59.62
CA LYS F 59 -34.84 3.02 -58.69
C LYS F 59 -33.33 3.22 -58.77
N ASN F 60 -32.78 3.25 -59.97
CA ASN F 60 -31.34 3.41 -60.09
C ASN F 60 -30.92 4.87 -59.99
N VAL F 61 -31.03 5.42 -58.78
CA VAL F 61 -30.69 6.81 -58.51
C VAL F 61 -29.22 7.13 -58.78
N LYS F 62 -28.99 8.18 -59.56
CA LYS F 62 -27.63 8.57 -59.91
C LYS F 62 -27.09 9.79 -59.16
N ILE F 63 -27.96 10.73 -58.78
CA ILE F 63 -27.53 11.91 -58.04
C ILE F 63 -27.21 11.49 -56.61
N GLN F 64 -26.14 12.06 -56.04
CA GLN F 64 -25.78 11.71 -54.68
C GLN F 64 -25.64 12.88 -53.74
N VAL F 65 -25.89 12.61 -52.46
CA VAL F 65 -25.78 13.62 -51.43
C VAL F 65 -24.52 13.40 -50.61
N VAL F 66 -23.89 14.50 -50.24
CA VAL F 66 -22.70 14.48 -49.41
C VAL F 66 -23.09 15.30 -48.19
N ASP F 67 -22.91 14.71 -47.01
CA ASP F 67 -23.28 15.36 -45.76
C ASP F 67 -24.79 15.51 -45.85
N ARG F 68 -25.29 16.72 -45.59
CA ARG F 68 -26.72 16.95 -45.67
C ARG F 68 -27.05 18.13 -46.59
N HIS F 69 -26.03 18.89 -46.96
CA HIS F 69 -26.23 20.07 -47.79
C HIS F 69 -25.55 20.07 -49.16
N ILE F 70 -25.01 18.94 -49.59
CA ILE F 70 -24.33 18.94 -50.87
C ILE F 70 -24.82 17.90 -51.87
N GLY F 71 -24.99 18.33 -53.12
CA GLY F 71 -25.43 17.43 -54.16
C GLY F 71 -24.32 17.21 -55.18
N CYS F 72 -24.23 15.97 -55.66
CA CYS F 72 -23.22 15.61 -56.66
C CYS F 72 -23.83 14.75 -57.74
N VAL F 73 -23.52 15.10 -58.99
CA VAL F 73 -23.97 14.34 -60.13
C VAL F 73 -22.75 14.27 -61.05
N TYR F 74 -22.65 13.20 -61.83
CA TYR F 74 -21.51 13.04 -62.72
C TYR F 74 -21.78 12.20 -63.97
N SER F 75 -20.93 12.41 -64.98
CA SER F 75 -21.03 11.72 -66.26
C SER F 75 -19.76 10.93 -66.46
N GLY F 76 -19.87 9.73 -67.01
CA GLY F 76 -18.70 8.91 -67.26
C GLY F 76 -18.84 7.55 -66.63
N LEU F 77 -17.75 7.02 -66.10
CA LEU F 77 -17.77 5.72 -65.44
C LEU F 77 -18.46 5.94 -64.09
N ILE F 78 -19.65 5.37 -63.92
CA ILE F 78 -20.38 5.58 -62.68
C ILE F 78 -19.62 5.13 -61.44
N PRO F 79 -18.96 3.95 -61.49
CA PRO F 79 -18.22 3.49 -60.31
C PRO F 79 -17.16 4.50 -59.85
N ASP F 80 -16.52 5.20 -60.79
CA ASP F 80 -15.52 6.19 -60.41
C ASP F 80 -16.21 7.35 -59.69
N GLY F 81 -17.43 7.66 -60.10
CA GLY F 81 -18.18 8.73 -59.49
C GLY F 81 -18.51 8.41 -58.04
N ARG F 82 -18.98 7.19 -57.81
CA ARG F 82 -19.28 6.77 -56.46
C ARG F 82 -18.02 6.84 -55.61
N HIS F 83 -16.93 6.31 -56.14
CA HIS F 83 -15.65 6.31 -55.45
C HIS F 83 -15.34 7.73 -55.00
N LEU F 84 -15.58 8.69 -55.89
CA LEU F 84 -15.31 10.08 -55.58
C LEU F 84 -16.24 10.62 -54.51
N VAL F 85 -17.49 10.16 -54.53
CA VAL F 85 -18.47 10.63 -53.52
C VAL F 85 -18.15 10.05 -52.13
N ASN F 86 -17.70 8.80 -52.09
CA ASN F 86 -17.33 8.19 -50.83
C ASN F 86 -16.23 9.01 -50.20
N ARG F 87 -15.28 9.42 -51.02
CA ARG F 87 -14.19 10.24 -50.51
C ARG F 87 -14.73 11.60 -50.05
N GLY F 88 -15.66 12.15 -50.83
CA GLY F 88 -16.22 13.44 -50.46
C GLY F 88 -16.88 13.33 -49.11
N ARG F 89 -17.55 12.21 -48.88
CA ARG F 89 -18.22 11.98 -47.63
C ARG F 89 -17.25 11.92 -46.45
N GLU F 90 -16.17 11.17 -46.59
CA GLU F 90 -15.18 11.08 -45.52
C GLU F 90 -14.58 12.46 -45.29
N GLU F 91 -14.34 13.16 -46.40
CA GLU F 91 -13.77 14.48 -46.37
C GLU F 91 -14.67 15.44 -45.59
N ALA F 92 -15.98 15.35 -45.84
CA ALA F 92 -16.94 16.21 -45.18
C ALA F 92 -17.09 15.86 -43.70
N ALA F 93 -17.17 14.56 -43.38
CA ALA F 93 -17.30 14.12 -41.99
C ALA F 93 -16.09 14.61 -41.19
N SER F 94 -14.92 14.39 -41.75
CA SER F 94 -13.67 14.81 -41.14
C SER F 94 -13.71 16.31 -40.79
N PHE F 95 -14.06 17.12 -41.78
CA PHE F 95 -14.13 18.56 -41.61
C PHE F 95 -15.12 18.97 -40.51
N LYS F 96 -16.29 18.35 -40.51
CA LYS F 96 -17.31 18.66 -39.52
C LYS F 96 -16.87 18.23 -38.11
N LYS F 97 -16.25 17.07 -38.03
CA LYS F 97 -15.78 16.53 -36.76
C LYS F 97 -14.84 17.49 -36.07
N LEU F 98 -13.89 18.05 -36.82
CA LEU F 98 -12.92 18.96 -36.25
C LEU F 98 -13.39 20.40 -36.08
N TYR F 99 -14.14 20.91 -37.06
CA TYR F 99 -14.60 22.29 -37.03
C TYR F 99 -16.06 22.53 -36.63
N LYS F 100 -16.81 21.45 -36.42
CA LYS F 100 -18.21 21.53 -36.01
C LYS F 100 -19.16 21.95 -37.11
N THR F 101 -18.81 23.00 -37.82
CA THR F 101 -19.64 23.50 -38.90
C THR F 101 -19.57 22.62 -40.13
N PRO F 102 -20.70 22.40 -40.81
CA PRO F 102 -20.72 21.57 -42.03
C PRO F 102 -19.84 22.22 -43.09
N ILE F 103 -19.09 21.40 -43.80
CA ILE F 103 -18.13 21.90 -44.80
C ILE F 103 -18.64 22.84 -45.89
N PRO F 104 -17.98 24.00 -46.04
CA PRO F 104 -18.33 25.00 -47.04
C PRO F 104 -18.16 24.38 -48.44
N ILE F 105 -18.96 24.83 -49.40
CA ILE F 105 -18.87 24.28 -50.75
C ILE F 105 -17.48 24.53 -51.36
N PRO F 106 -16.94 25.75 -51.21
CA PRO F 106 -15.61 25.99 -51.78
C PRO F 106 -14.60 25.03 -51.17
N ALA F 107 -14.67 24.87 -49.85
CA ALA F 107 -13.78 23.96 -49.13
C ALA F 107 -13.93 22.53 -49.66
N PHE F 108 -15.18 22.08 -49.79
CA PHE F 108 -15.47 20.75 -50.27
C PHE F 108 -14.95 20.55 -51.69
N ALA F 109 -15.07 21.58 -52.51
CA ALA F 109 -14.62 21.49 -53.89
C ALA F 109 -13.13 21.16 -53.93
N ASP F 110 -12.34 21.90 -53.17
CA ASP F 110 -10.90 21.67 -53.17
C ASP F 110 -10.52 20.30 -52.60
N ARG F 111 -11.33 19.78 -51.68
CA ARG F 111 -11.04 18.46 -51.14
C ARG F 111 -11.11 17.47 -52.29
N LEU F 112 -12.17 17.58 -53.09
CA LEU F 112 -12.35 16.71 -54.24
C LEU F 112 -11.29 17.01 -55.28
N GLY F 113 -10.98 18.29 -55.45
CA GLY F 113 -9.98 18.68 -56.44
C GLY F 113 -8.60 18.10 -56.18
N GLN F 114 -8.14 18.21 -54.94
CA GLN F 114 -6.83 17.70 -54.56
C GLN F 114 -6.79 16.18 -54.70
N TYR F 115 -7.90 15.53 -54.40
CA TYR F 115 -7.96 14.06 -54.49
C TYR F 115 -7.89 13.60 -55.93
N VAL F 116 -8.65 14.26 -56.80
CA VAL F 116 -8.63 13.91 -58.21
C VAL F 116 -7.27 14.25 -58.83
N GLN F 117 -6.73 15.42 -58.50
CA GLN F 117 -5.44 15.83 -59.03
C GLN F 117 -4.37 14.82 -58.59
N ALA F 118 -4.55 14.27 -57.39
CA ALA F 118 -3.62 13.30 -56.86
C ALA F 118 -3.52 12.09 -57.78
N HIS F 119 -4.63 11.74 -58.43
CA HIS F 119 -4.64 10.59 -59.33
C HIS F 119 -4.09 10.85 -60.73
N THR F 120 -3.27 11.90 -60.83
CA THR F 120 -2.64 12.25 -62.10
C THR F 120 -1.16 12.43 -61.80
N LEU F 121 -0.77 12.11 -60.57
CA LEU F 121 0.63 12.25 -60.13
C LEU F 121 1.50 10.98 -60.22
N TYR F 122 0.87 9.81 -60.24
CA TYR F 122 1.61 8.54 -60.28
C TYR F 122 1.13 7.63 -61.40
N ASN F 123 2.01 6.76 -61.87
CA ASN F 123 1.61 5.84 -62.94
C ASN F 123 1.08 4.55 -62.34
N SER F 124 0.95 4.52 -61.03
CA SER F 124 0.44 3.34 -60.35
C SER F 124 -1.08 3.45 -60.20
N VAL F 125 -1.62 4.61 -60.55
CA VAL F 125 -3.07 4.80 -60.51
C VAL F 125 -3.53 5.38 -61.84
N ARG F 126 -4.83 5.30 -62.07
CA ARG F 126 -5.40 5.84 -63.30
C ARG F 126 -6.25 7.05 -62.91
N PRO F 127 -6.43 7.99 -63.84
CA PRO F 127 -7.24 9.19 -63.56
C PRO F 127 -8.72 8.81 -63.42
N PHE F 128 -9.52 9.72 -62.86
CA PHE F 128 -10.94 9.44 -62.73
C PHE F 128 -11.66 9.61 -64.06
N GLY F 129 -12.55 8.66 -64.35
CA GLY F 129 -13.30 8.70 -65.59
C GLY F 129 -14.64 9.42 -65.47
N VAL F 130 -14.67 10.52 -64.72
CA VAL F 130 -15.90 11.28 -64.55
C VAL F 130 -15.64 12.77 -64.41
N SER F 131 -16.65 13.55 -64.75
CA SER F 131 -16.61 14.98 -64.58
C SER F 131 -17.76 15.09 -63.61
N THR F 132 -17.58 15.85 -62.55
CA THR F 132 -18.60 15.97 -61.53
C THR F 132 -19.11 17.39 -61.34
N ILE F 133 -20.43 17.51 -61.30
CA ILE F 133 -21.07 18.79 -61.07
C ILE F 133 -21.63 18.63 -59.68
N PHE F 134 -21.33 19.58 -58.81
CA PHE F 134 -21.79 19.49 -57.44
C PHE F 134 -21.83 20.87 -56.83
N GLY F 135 -22.54 20.96 -55.70
CA GLY F 135 -22.66 22.22 -55.01
C GLY F 135 -23.70 22.13 -53.93
N GLY F 136 -24.04 23.29 -53.38
CA GLY F 136 -25.03 23.37 -52.32
C GLY F 136 -25.03 24.77 -51.73
N VAL F 137 -25.64 24.90 -50.57
CA VAL F 137 -25.74 26.19 -49.87
C VAL F 137 -24.91 26.18 -48.59
N ASP F 138 -24.20 27.26 -48.33
CA ASP F 138 -23.42 27.30 -47.10
C ASP F 138 -23.56 28.66 -46.42
N LYS F 139 -22.71 28.87 -45.41
CA LYS F 139 -22.69 30.10 -44.63
C LYS F 139 -22.95 31.35 -45.48
N ASN F 140 -22.32 31.44 -46.63
CA ASN F 140 -22.55 32.60 -47.48
C ASN F 140 -22.95 32.35 -48.93
N GLY F 141 -24.13 31.81 -49.12
CA GLY F 141 -24.61 31.61 -50.46
C GLY F 141 -24.67 30.23 -51.06
N ALA F 142 -24.94 30.22 -52.35
CA ALA F 142 -25.03 28.99 -53.13
C ALA F 142 -23.79 28.93 -53.99
N HIS F 143 -23.33 27.71 -54.26
CA HIS F 143 -22.15 27.50 -55.07
C HIS F 143 -22.34 26.28 -55.97
N LEU F 144 -21.97 26.45 -57.24
CA LEU F 144 -22.06 25.37 -58.22
C LEU F 144 -20.64 25.15 -58.72
N TYR F 145 -20.27 23.88 -58.90
CA TYR F 145 -18.93 23.51 -59.37
C TYR F 145 -18.94 22.33 -60.32
N MET F 146 -17.89 22.28 -61.13
CA MET F 146 -17.68 21.16 -62.04
C MET F 146 -16.21 20.80 -61.94
N LEU F 147 -15.94 19.52 -61.74
CA LEU F 147 -14.59 19.02 -61.57
C LEU F 147 -14.23 18.06 -62.70
N GLU F 148 -13.14 18.35 -63.41
CA GLU F 148 -12.68 17.50 -64.52
C GLU F 148 -11.73 16.39 -64.05
N PRO F 149 -11.47 15.39 -64.91
CA PRO F 149 -10.56 14.29 -64.55
C PRO F 149 -9.13 14.76 -64.22
N SER F 150 -8.76 15.93 -64.73
CA SER F 150 -7.43 16.49 -64.48
C SER F 150 -7.36 17.12 -63.09
N GLY F 151 -8.50 17.16 -62.39
CA GLY F 151 -8.54 17.77 -61.08
C GLY F 151 -8.94 19.23 -61.19
N SER F 152 -9.04 19.72 -62.42
CA SER F 152 -9.43 21.11 -62.63
C SER F 152 -10.90 21.30 -62.27
N TYR F 153 -11.21 22.45 -61.69
CA TYR F 153 -12.59 22.77 -61.31
C TYR F 153 -12.70 24.26 -61.14
N TRP F 154 -13.90 24.79 -61.37
CA TRP F 154 -14.17 26.22 -61.22
C TRP F 154 -15.61 26.37 -60.73
N GLY F 155 -15.94 27.61 -60.36
CA GLY F 155 -17.30 27.90 -59.94
C GLY F 155 -18.10 28.23 -61.19
N TYR F 156 -19.32 27.70 -61.28
CA TYR F 156 -20.15 27.96 -62.43
C TYR F 156 -21.48 28.63 -62.12
N LYS F 157 -22.05 29.26 -63.15
CA LYS F 157 -23.36 29.90 -63.07
C LYS F 157 -24.27 28.75 -63.47
N GLY F 158 -23.77 27.98 -64.43
CA GLY F 158 -24.49 26.81 -64.92
C GLY F 158 -23.43 25.92 -65.52
N ALA F 159 -23.62 24.61 -65.46
CA ALA F 159 -22.63 23.70 -66.00
C ALA F 159 -23.25 22.43 -66.55
N ALA F 160 -22.56 21.84 -67.51
CA ALA F 160 -23.02 20.60 -68.14
C ALA F 160 -21.84 19.75 -68.58
N THR F 161 -22.09 18.46 -68.75
CA THR F 161 -21.05 17.53 -69.16
C THR F 161 -21.66 16.23 -69.65
N GLY F 162 -20.95 15.54 -70.53
CA GLY F 162 -21.45 14.29 -71.06
C GLY F 162 -21.74 14.37 -72.55
N LYS F 163 -22.55 13.44 -73.02
CA LYS F 163 -22.94 13.34 -74.42
C LYS F 163 -23.53 14.63 -75.01
N GLY F 164 -24.54 15.20 -74.35
CA GLY F 164 -25.16 16.40 -74.87
C GLY F 164 -24.69 17.67 -74.19
N ARG F 165 -23.42 17.73 -73.83
CA ARG F 165 -22.86 18.88 -73.14
C ARG F 165 -22.92 20.20 -73.92
N GLN F 166 -22.81 20.13 -75.25
CA GLN F 166 -22.85 21.35 -76.08
C GLN F 166 -24.24 21.96 -76.13
N SER F 167 -25.26 21.11 -76.27
CA SER F 167 -26.64 21.58 -76.30
C SER F 167 -26.89 22.31 -74.99
N ALA F 168 -26.68 21.59 -73.90
CA ALA F 168 -26.86 22.12 -72.57
C ALA F 168 -26.13 23.44 -72.37
N LYS F 169 -24.83 23.47 -72.62
CA LYS F 169 -24.09 24.72 -72.45
C LYS F 169 -24.74 25.85 -73.25
N ALA F 170 -25.25 25.52 -74.44
CA ALA F 170 -25.91 26.50 -75.29
C ALA F 170 -27.14 27.06 -74.57
N GLU F 171 -27.96 26.16 -74.06
CA GLU F 171 -29.17 26.54 -73.33
C GLU F 171 -28.84 27.34 -72.10
N LEU F 172 -27.82 26.89 -71.37
CA LEU F 172 -27.39 27.57 -70.16
C LEU F 172 -26.97 29.01 -70.45
N GLU F 173 -26.19 29.22 -71.50
CA GLU F 173 -25.73 30.56 -71.87
C GLU F 173 -26.92 31.49 -72.13
N LYS F 174 -27.97 30.95 -72.74
CA LYS F 174 -29.16 31.74 -73.02
C LYS F 174 -29.81 32.15 -71.70
N LEU F 175 -29.95 31.19 -70.80
CA LEU F 175 -30.55 31.47 -69.50
C LEU F 175 -29.76 32.56 -68.81
N VAL F 176 -28.44 32.41 -68.80
CA VAL F 176 -27.57 33.40 -68.16
C VAL F 176 -27.78 34.80 -68.72
N ASP F 177 -27.88 34.92 -70.04
CA ASP F 177 -28.09 36.22 -70.67
C ASP F 177 -29.48 36.81 -70.40
N HIS F 178 -30.50 35.97 -70.54
CA HIS F 178 -31.89 36.40 -70.36
C HIS F 178 -32.39 36.44 -68.91
N HIS F 179 -31.47 36.33 -67.95
CA HIS F 179 -31.82 36.37 -66.54
C HIS F 179 -30.62 36.86 -65.75
N PRO F 180 -30.20 38.11 -65.97
CA PRO F 180 -29.05 38.69 -65.28
C PRO F 180 -29.32 38.91 -63.80
N GLU F 181 -30.61 38.99 -63.44
CA GLU F 181 -31.01 39.20 -62.06
C GLU F 181 -31.09 37.90 -61.26
N GLY F 182 -30.95 36.77 -61.95
CA GLY F 182 -30.99 35.48 -61.28
C GLY F 182 -32.26 34.68 -61.48
N LEU F 183 -32.10 33.37 -61.62
CA LEU F 183 -33.23 32.47 -61.79
C LEU F 183 -33.69 32.11 -60.39
N SER F 184 -34.79 31.38 -60.25
CA SER F 184 -35.25 31.02 -58.92
C SER F 184 -35.26 29.51 -58.78
N ALA F 185 -35.20 29.03 -57.53
CA ALA F 185 -35.20 27.60 -57.28
C ALA F 185 -36.28 26.91 -58.11
N ARG F 186 -37.53 27.35 -57.91
CA ARG F 186 -38.68 26.79 -58.63
C ARG F 186 -38.47 26.80 -60.15
N GLU F 187 -38.04 27.96 -60.67
CA GLU F 187 -37.81 28.11 -62.11
C GLU F 187 -36.70 27.21 -62.64
N ALA F 188 -35.54 27.24 -61.98
CA ALA F 188 -34.40 26.44 -62.37
C ALA F 188 -34.73 24.95 -62.45
N VAL F 189 -35.63 24.48 -61.59
CA VAL F 189 -36.01 23.07 -61.61
C VAL F 189 -36.67 22.72 -62.94
N LYS F 190 -37.51 23.63 -63.45
CA LYS F 190 -38.19 23.44 -64.73
C LYS F 190 -37.16 23.60 -65.86
N GLN F 191 -36.46 24.72 -65.82
CA GLN F 191 -35.46 25.04 -66.81
C GLN F 191 -34.49 23.88 -66.96
N ALA F 192 -34.19 23.21 -65.86
CA ALA F 192 -33.28 22.07 -65.86
C ALA F 192 -33.91 20.92 -66.61
N ALA F 193 -35.17 20.62 -66.30
CA ALA F 193 -35.88 19.53 -66.96
C ALA F 193 -35.88 19.77 -68.46
N LYS F 194 -36.03 21.03 -68.86
CA LYS F 194 -36.05 21.37 -70.27
C LYS F 194 -34.69 21.03 -70.88
N ILE F 195 -33.65 21.66 -70.36
CA ILE F 195 -32.29 21.46 -70.86
C ILE F 195 -31.92 19.99 -70.99
N ILE F 196 -32.38 19.16 -70.07
CA ILE F 196 -32.07 17.74 -70.14
C ILE F 196 -32.75 17.12 -71.35
N TYR F 197 -34.04 17.45 -71.54
CA TYR F 197 -34.81 16.93 -72.67
C TYR F 197 -34.18 17.35 -74.01
N LEU F 198 -33.88 18.64 -74.15
CA LEU F 198 -33.27 19.14 -75.36
C LEU F 198 -31.96 18.39 -75.57
N ALA F 199 -31.08 18.46 -74.59
CA ALA F 199 -29.79 17.79 -74.64
C ALA F 199 -29.92 16.31 -74.90
N HIS F 200 -31.13 15.77 -74.81
CA HIS F 200 -31.32 14.35 -75.05
C HIS F 200 -31.33 14.01 -76.54
N GLU F 201 -31.38 15.03 -77.39
CA GLU F 201 -31.39 14.84 -78.83
C GLU F 201 -30.11 14.19 -79.36
N ASP F 202 -29.04 14.26 -78.57
CA ASP F 202 -27.75 13.70 -78.95
C ASP F 202 -27.68 12.27 -78.41
N ASN F 203 -28.84 11.66 -78.24
CA ASN F 203 -28.94 10.30 -77.72
C ASN F 203 -30.39 9.85 -77.87
N LYS F 204 -31.14 10.64 -78.64
CA LYS F 204 -32.55 10.42 -78.90
C LYS F 204 -32.99 8.99 -79.21
N GLU F 205 -32.03 8.12 -79.53
CA GLU F 205 -32.35 6.73 -79.84
C GLU F 205 -33.03 5.98 -78.71
N LYS F 206 -32.35 5.83 -77.58
CA LYS F 206 -32.90 5.13 -76.42
C LYS F 206 -33.79 6.06 -75.61
N ASP F 207 -34.85 5.51 -75.02
CA ASP F 207 -35.75 6.30 -74.22
C ASP F 207 -35.02 6.58 -72.89
N PHE F 208 -35.31 7.72 -72.26
CA PHE F 208 -34.64 8.06 -71.02
C PHE F 208 -35.55 8.40 -69.84
N GLU F 209 -34.95 8.59 -68.67
CA GLU F 209 -35.66 8.93 -67.45
C GLU F 209 -35.00 10.17 -66.85
N LEU F 210 -35.82 11.10 -66.39
CA LEU F 210 -35.31 12.34 -65.82
C LEU F 210 -35.14 12.26 -64.31
N GLU F 211 -34.12 12.96 -63.81
CA GLU F 211 -33.85 12.99 -62.39
C GLU F 211 -33.36 14.38 -62.02
N ILE F 212 -34.03 15.00 -61.05
CA ILE F 212 -33.66 16.33 -60.61
C ILE F 212 -33.57 16.35 -59.10
N SER F 213 -32.72 17.23 -58.58
CA SER F 213 -32.56 17.40 -57.14
C SER F 213 -32.17 18.85 -56.96
N TRP F 214 -32.41 19.38 -55.79
CA TRP F 214 -32.06 20.76 -55.56
C TRP F 214 -31.69 21.02 -54.12
N CYS F 215 -31.16 22.21 -53.90
CA CYS F 215 -30.73 22.65 -52.59
C CYS F 215 -30.91 24.16 -52.59
N SER F 216 -32.03 24.61 -52.02
CA SER F 216 -32.36 26.03 -51.96
C SER F 216 -32.63 26.48 -50.53
N LEU F 217 -32.04 27.61 -50.18
CA LEU F 217 -32.18 28.19 -48.85
C LEU F 217 -33.64 28.35 -48.43
N SER F 218 -34.53 28.64 -49.38
CA SER F 218 -35.93 28.85 -49.07
C SER F 218 -36.84 27.64 -49.37
N GLU F 219 -36.52 26.91 -50.42
CA GLU F 219 -37.32 25.77 -50.81
C GLU F 219 -37.01 24.47 -50.07
N THR F 220 -35.76 24.32 -49.63
CA THR F 220 -35.33 23.10 -48.93
C THR F 220 -34.67 23.38 -47.59
N ASN F 221 -34.63 24.66 -47.20
CA ASN F 221 -34.01 25.06 -45.94
C ASN F 221 -32.52 24.98 -45.97
N GLY F 222 -31.96 24.78 -47.17
CA GLY F 222 -30.52 24.70 -47.31
C GLY F 222 -30.05 23.26 -47.25
N LEU F 223 -30.98 22.33 -47.40
CA LEU F 223 -30.65 20.91 -47.39
C LEU F 223 -30.82 20.38 -48.80
N HIS F 224 -30.14 19.29 -49.11
CA HIS F 224 -30.25 18.69 -50.43
C HIS F 224 -31.42 17.71 -50.41
N LYS F 225 -32.36 17.90 -51.34
CA LYS F 225 -33.52 17.04 -51.43
C LYS F 225 -33.81 16.75 -52.89
N PHE F 226 -34.32 15.55 -53.15
CA PHE F 226 -34.67 15.14 -54.50
C PHE F 226 -36.01 15.70 -54.86
N VAL F 227 -36.20 15.98 -56.15
CA VAL F 227 -37.47 16.49 -56.64
C VAL F 227 -38.31 15.26 -56.99
N LYS F 228 -39.45 15.13 -56.32
CA LYS F 228 -40.34 13.99 -56.55
C LYS F 228 -41.79 14.41 -56.78
N GLY F 229 -42.63 13.41 -57.07
CA GLY F 229 -44.05 13.64 -57.29
C GLY F 229 -44.47 14.83 -58.13
N ASP F 230 -45.37 15.63 -57.57
CA ASP F 230 -45.91 16.81 -58.24
C ASP F 230 -44.90 17.73 -58.90
N LEU F 231 -44.02 18.32 -58.09
CA LEU F 231 -43.01 19.23 -58.59
C LEU F 231 -42.19 18.60 -59.71
N LEU F 232 -42.04 17.28 -59.67
CA LEU F 232 -41.28 16.58 -60.71
C LEU F 232 -42.07 16.53 -62.01
N GLN F 233 -43.30 16.01 -61.95
CA GLN F 233 -44.16 15.91 -63.13
C GLN F 233 -44.39 17.28 -63.75
N GLU F 234 -44.59 18.28 -62.90
CA GLU F 234 -44.80 19.64 -63.36
C GLU F 234 -43.64 20.13 -64.25
N ALA F 235 -42.41 19.74 -63.88
CA ALA F 235 -41.25 20.14 -64.66
C ALA F 235 -41.10 19.28 -65.90
N ILE F 236 -41.48 18.00 -65.80
CA ILE F 236 -41.42 17.09 -66.94
C ILE F 236 -42.34 17.63 -68.03
N ASP F 237 -43.51 18.10 -67.64
CA ASP F 237 -44.47 18.64 -68.58
C ASP F 237 -43.95 19.94 -69.19
N PHE F 238 -43.40 20.82 -68.35
CA PHE F 238 -42.86 22.08 -68.82
C PHE F 238 -41.85 21.81 -69.94
N ALA F 239 -41.20 20.65 -69.87
CA ALA F 239 -40.22 20.26 -70.87
C ALA F 239 -40.91 19.65 -72.08
N GLN F 240 -41.69 18.59 -71.85
CA GLN F 240 -42.42 17.92 -72.92
C GLN F 240 -43.15 18.93 -73.79
N LYS F 241 -43.59 20.03 -73.18
CA LYS F 241 -44.30 21.07 -73.89
C LYS F 241 -43.39 21.89 -74.80
N GLU F 242 -42.20 22.24 -74.31
CA GLU F 242 -41.28 23.04 -75.10
C GLU F 242 -40.37 22.25 -76.03
N ILE F 243 -40.54 20.93 -76.06
CA ILE F 243 -39.73 20.09 -76.94
C ILE F 243 -40.57 19.94 -78.22
N ASN F 244 -41.64 20.71 -78.29
CA ASN F 244 -42.57 20.71 -79.43
C ASN F 244 -43.05 22.14 -79.73
N ALA G 1 15.63 1.91 -73.21
CA ALA G 1 16.30 2.99 -74.00
C ALA G 1 15.41 4.24 -74.12
N GLY G 2 14.39 4.18 -74.98
CA GLY G 2 13.50 5.31 -75.18
C GLY G 2 12.64 5.74 -73.99
N TYR G 3 12.82 5.09 -72.84
CA TYR G 3 12.06 5.42 -71.65
C TYR G 3 12.69 6.51 -70.81
N ASP G 4 13.85 6.99 -71.24
CA ASP G 4 14.53 8.06 -70.52
C ASP G 4 13.82 9.38 -70.75
N ARG G 5 12.65 9.29 -71.38
CA ARG G 5 11.85 10.46 -71.68
C ARG G 5 10.50 10.39 -70.99
N HIS G 6 10.28 9.29 -70.26
CA HIS G 6 9.02 9.11 -69.55
C HIS G 6 9.15 9.33 -68.06
N ILE G 7 10.29 8.95 -67.50
CA ILE G 7 10.53 9.12 -66.07
C ILE G 7 11.74 10.05 -65.90
N THR G 8 11.95 10.53 -64.67
CA THR G 8 13.07 11.44 -64.45
C THR G 8 14.44 10.83 -64.25
N ILE G 9 15.01 10.31 -65.33
CA ILE G 9 16.37 9.75 -65.30
C ILE G 9 17.10 10.46 -66.43
N PHE G 10 18.43 10.45 -66.38
CA PHE G 10 19.22 11.12 -67.39
C PHE G 10 19.14 10.56 -68.79
N SER G 11 19.21 11.46 -69.76
CA SER G 11 19.23 11.09 -71.17
C SER G 11 20.73 11.08 -71.46
N PRO G 12 21.15 10.47 -72.58
CA PRO G 12 22.58 10.45 -72.88
C PRO G 12 23.22 11.84 -72.92
N GLU G 13 22.42 12.87 -73.18
CA GLU G 13 22.95 14.24 -73.23
C GLU G 13 23.02 14.82 -71.81
N GLY G 14 22.58 14.04 -70.84
CA GLY G 14 22.59 14.49 -69.46
C GLY G 14 21.41 15.39 -69.17
N ARG G 15 20.30 15.16 -69.87
CA ARG G 15 19.11 15.96 -69.69
C ARG G 15 17.98 15.19 -69.05
N LEU G 16 16.99 15.94 -68.56
CA LEU G 16 15.81 15.35 -67.93
C LEU G 16 14.58 15.85 -68.66
N TYR G 17 14.26 15.18 -69.77
CA TYR G 17 13.12 15.56 -70.58
C TYR G 17 11.82 15.85 -69.85
N GLN G 18 11.46 15.00 -68.89
CA GLN G 18 10.23 15.20 -68.15
C GLN G 18 10.19 16.53 -67.45
N VAL G 19 11.34 16.97 -66.95
CA VAL G 19 11.41 18.27 -66.30
C VAL G 19 11.21 19.34 -67.36
N GLU G 20 11.83 19.14 -68.52
CA GLU G 20 11.71 20.08 -69.64
C GLU G 20 10.26 20.19 -70.11
N TYR G 21 9.59 19.06 -70.22
CA TYR G 21 8.22 19.04 -70.66
C TYR G 21 7.30 19.66 -69.62
N ALA G 22 7.65 19.51 -68.34
CA ALA G 22 6.83 20.09 -67.30
C ALA G 22 6.86 21.61 -67.48
N PHE G 23 8.02 22.14 -67.88
CA PHE G 23 8.17 23.57 -68.12
C PHE G 23 7.21 23.98 -69.23
N LYS G 24 7.02 23.09 -70.21
CA LYS G 24 6.12 23.36 -71.32
C LYS G 24 4.70 23.52 -70.81
N ALA G 25 4.35 22.75 -69.79
CA ALA G 25 3.01 22.80 -69.23
C ALA G 25 2.71 24.11 -68.49
N THR G 26 3.75 24.82 -68.06
CA THR G 26 3.53 26.05 -67.33
C THR G 26 2.88 27.16 -68.18
N ASN G 27 2.97 27.02 -69.51
CA ASN G 27 2.38 28.02 -70.41
C ASN G 27 1.01 27.62 -70.95
N GLN G 28 0.50 26.49 -70.49
CA GLN G 28 -0.80 25.98 -70.94
C GLN G 28 -1.93 26.99 -70.76
N THR G 29 -1.88 27.77 -69.68
CA THR G 29 -2.92 28.74 -69.38
C THR G 29 -2.84 30.04 -70.19
N ASN G 30 -1.76 30.22 -70.92
CA ASN G 30 -1.59 31.41 -71.73
C ASN G 30 -1.75 32.68 -70.90
N ILE G 31 -1.34 32.62 -69.64
CA ILE G 31 -1.42 33.76 -68.74
C ILE G 31 -0.03 34.34 -68.51
N ASN G 32 0.04 35.65 -68.35
CA ASN G 32 1.31 36.32 -68.09
C ASN G 32 1.17 37.03 -66.78
N SER G 33 2.27 37.10 -66.04
CA SER G 33 2.27 37.77 -64.75
C SER G 33 3.61 38.43 -64.53
N LEU G 34 3.62 39.41 -63.63
CA LEU G 34 4.87 40.08 -63.34
C LEU G 34 4.82 40.62 -61.93
N ALA G 35 5.98 40.70 -61.31
CA ALA G 35 6.07 41.20 -59.94
C ALA G 35 7.17 42.25 -59.86
N VAL G 36 6.90 43.26 -59.06
CA VAL G 36 7.86 44.34 -58.85
C VAL G 36 7.86 44.68 -57.37
N ARG G 37 8.97 45.25 -56.91
CA ARG G 37 9.09 45.63 -55.52
C ARG G 37 9.01 47.14 -55.35
N GLY G 38 8.18 47.59 -54.42
CA GLY G 38 8.06 49.01 -54.16
C GLY G 38 9.11 49.40 -53.14
N LYS G 39 8.89 50.53 -52.48
CA LYS G 39 9.82 51.01 -51.47
C LYS G 39 9.61 50.15 -50.22
N ASP G 40 8.34 49.83 -49.93
CA ASP G 40 8.01 49.02 -48.76
C ASP G 40 6.83 48.08 -49.02
N CYS G 41 6.72 47.62 -50.27
CA CYS G 41 5.65 46.70 -50.64
C CYS G 41 6.09 45.88 -51.85
N THR G 42 5.31 44.87 -52.19
CA THR G 42 5.62 44.02 -53.33
C THR G 42 4.30 43.79 -54.05
N VAL G 43 4.33 43.94 -55.36
CA VAL G 43 3.13 43.80 -56.16
C VAL G 43 3.26 42.76 -57.25
N VAL G 44 2.21 41.96 -57.41
CA VAL G 44 2.17 40.93 -58.44
C VAL G 44 0.92 41.14 -59.25
N ILE G 45 1.12 41.27 -60.56
CA ILE G 45 0.06 41.47 -61.53
C ILE G 45 -0.01 40.23 -62.40
N SER G 46 -1.23 39.80 -62.71
CA SER G 46 -1.41 38.63 -63.53
C SER G 46 -2.68 38.75 -64.36
N GLN G 47 -2.60 38.33 -65.61
CA GLN G 47 -3.75 38.38 -66.49
C GLN G 47 -4.84 37.45 -65.99
N LYS G 48 -6.07 37.86 -66.19
CA LYS G 48 -7.22 37.06 -65.80
C LYS G 48 -8.04 36.88 -67.06
N LYS G 49 -8.22 35.64 -67.47
CA LYS G 49 -8.99 35.38 -68.68
C LYS G 49 -10.11 34.40 -68.39
N VAL G 50 -11.34 34.89 -68.52
CA VAL G 50 -12.51 34.05 -68.28
C VAL G 50 -13.29 33.90 -69.57
N PRO G 51 -12.90 32.96 -70.42
CA PRO G 51 -13.57 32.71 -71.72
C PRO G 51 -15.03 32.27 -71.58
N ASP G 52 -15.26 31.13 -70.94
CA ASP G 52 -16.61 30.61 -70.75
C ASP G 52 -17.52 31.57 -69.99
N LYS G 53 -18.72 31.82 -70.52
CA LYS G 53 -19.68 32.72 -69.87
C LYS G 53 -20.32 32.07 -68.66
N LEU G 54 -20.43 30.74 -68.70
CA LEU G 54 -21.02 29.96 -67.61
C LEU G 54 -20.18 29.93 -66.34
N LEU G 55 -18.97 30.45 -66.42
CA LEU G 55 -18.06 30.48 -65.28
C LEU G 55 -18.31 31.63 -64.32
N ASP G 56 -18.12 31.35 -63.03
CA ASP G 56 -18.25 32.36 -62.00
C ASP G 56 -16.86 32.97 -61.90
N PRO G 57 -16.67 34.15 -62.52
CA PRO G 57 -15.39 34.90 -62.54
C PRO G 57 -14.69 35.08 -61.21
N THR G 58 -15.45 35.09 -60.12
CA THR G 58 -14.88 35.28 -58.80
C THR G 58 -14.07 34.09 -58.29
N THR G 59 -14.27 32.93 -58.92
CA THR G 59 -13.57 31.72 -58.51
C THR G 59 -12.39 31.39 -59.43
N VAL G 60 -12.13 32.24 -60.42
CA VAL G 60 -11.04 32.00 -61.34
C VAL G 60 -9.83 32.85 -60.93
N SER G 61 -8.93 32.24 -60.15
CA SER G 61 -7.75 32.94 -59.67
C SER G 61 -6.49 32.08 -59.70
N TYR G 62 -5.34 32.72 -59.96
CA TYR G 62 -4.07 32.02 -59.96
C TYR G 62 -3.15 32.67 -58.92
N ILE G 63 -3.76 33.49 -58.07
CA ILE G 63 -3.05 34.16 -57.00
C ILE G 63 -3.57 33.57 -55.70
N PHE G 64 -2.66 33.23 -54.79
CA PHE G 64 -3.05 32.63 -53.51
C PHE G 64 -2.45 33.32 -52.31
N CYS G 65 -3.21 33.31 -51.22
CA CYS G 65 -2.72 33.89 -49.98
C CYS G 65 -2.21 32.68 -49.22
N ILE G 66 -0.88 32.51 -49.21
CA ILE G 66 -0.26 31.39 -48.55
C ILE G 66 -0.31 31.57 -47.03
N SER G 67 0.02 32.77 -46.58
CA SER G 67 0.00 33.08 -45.16
C SER G 67 -0.36 34.54 -44.99
N ARG G 68 -0.50 34.97 -43.75
CA ARG G 68 -0.82 36.36 -43.48
C ARG G 68 0.14 37.27 -44.26
N THR G 69 1.41 36.87 -44.37
CA THR G 69 2.42 37.69 -45.06
C THR G 69 2.89 37.26 -46.45
N ILE G 70 2.72 35.99 -46.81
CA ILE G 70 3.19 35.54 -48.11
C ILE G 70 2.11 35.34 -49.14
N GLY G 71 2.36 35.85 -50.33
CA GLY G 71 1.45 35.71 -51.44
C GLY G 71 2.16 34.91 -52.52
N MET G 72 1.40 34.08 -53.24
CA MET G 72 1.97 33.27 -54.31
C MET G 72 1.11 33.30 -55.57
N VAL G 73 1.74 33.57 -56.70
CA VAL G 73 1.05 33.57 -57.98
C VAL G 73 1.62 32.38 -58.74
N VAL G 74 0.76 31.68 -59.48
CA VAL G 74 1.18 30.50 -60.22
C VAL G 74 0.98 30.62 -61.73
N ASN G 75 1.91 30.05 -62.48
CA ASN G 75 1.82 30.00 -63.94
C ASN G 75 1.81 28.50 -64.30
N GLY G 76 0.64 27.98 -64.63
CA GLY G 76 0.53 26.57 -64.98
C GLY G 76 -0.90 26.11 -64.72
N PRO G 77 -1.26 24.87 -65.13
CA PRO G 77 -2.60 24.31 -64.95
C PRO G 77 -3.08 24.53 -63.51
N ILE G 78 -4.36 24.85 -63.34
CA ILE G 78 -4.86 25.11 -62.01
C ILE G 78 -4.77 23.93 -61.03
N PRO G 79 -5.04 22.68 -61.47
CA PRO G 79 -4.93 21.59 -60.49
C PRO G 79 -3.53 21.45 -59.85
N ASP G 80 -2.48 21.64 -60.63
CA ASP G 80 -1.13 21.54 -60.07
C ASP G 80 -0.86 22.79 -59.26
N ALA G 81 -1.47 23.90 -59.66
CA ALA G 81 -1.28 25.16 -58.95
C ALA G 81 -1.87 25.07 -57.55
N ARG G 82 -3.02 24.42 -57.44
CA ARG G 82 -3.68 24.28 -56.15
C ARG G 82 -2.96 23.28 -55.24
N ASN G 83 -2.34 22.29 -55.88
CA ASN G 83 -1.58 21.28 -55.16
C ASN G 83 -0.43 22.01 -54.48
N ALA G 84 0.26 22.86 -55.24
CA ALA G 84 1.39 23.62 -54.74
C ALA G 84 0.99 24.65 -53.66
N ALA G 85 -0.18 25.25 -53.81
CA ALA G 85 -0.66 26.24 -52.85
C ALA G 85 -0.98 25.58 -51.51
N LEU G 86 -1.72 24.48 -51.54
CA LEU G 86 -2.08 23.77 -50.32
C LEU G 86 -0.81 23.36 -49.58
N ARG G 87 0.15 22.81 -50.30
CA ARG G 87 1.40 22.40 -49.68
C ARG G 87 2.07 23.59 -49.04
N ALA G 88 2.15 24.70 -49.78
CA ALA G 88 2.80 25.91 -49.28
C ALA G 88 2.14 26.40 -48.00
N LYS G 89 0.82 26.40 -47.98
CA LYS G 89 0.08 26.84 -46.81
C LYS G 89 0.40 25.97 -45.59
N ALA G 90 0.38 24.66 -45.81
CA ALA G 90 0.68 23.70 -44.76
C ALA G 90 2.09 23.94 -44.25
N GLU G 91 3.03 24.09 -45.17
CA GLU G 91 4.43 24.33 -44.82
C GLU G 91 4.60 25.62 -44.04
N ALA G 92 3.84 26.65 -44.41
CA ALA G 92 3.94 27.92 -43.71
C ALA G 92 3.39 27.82 -42.29
N ALA G 93 2.27 27.12 -42.14
CA ALA G 93 1.63 26.93 -40.85
C ALA G 93 2.54 26.13 -39.92
N GLU G 94 2.97 24.96 -40.39
CA GLU G 94 3.83 24.11 -39.61
C GLU G 94 5.10 24.84 -39.18
N PHE G 95 5.69 25.60 -40.10
CA PHE G 95 6.92 26.33 -39.79
C PHE G 95 6.72 27.28 -38.62
N ARG G 96 5.63 28.04 -38.64
CA ARG G 96 5.35 28.99 -37.58
C ARG G 96 5.15 28.25 -36.27
N TYR G 97 4.52 27.07 -36.36
CA TYR G 97 4.27 26.24 -35.20
C TYR G 97 5.55 25.69 -34.56
N LYS G 98 6.46 25.21 -35.39
CA LYS G 98 7.69 24.65 -34.88
C LYS G 98 8.78 25.63 -34.51
N TYR G 99 8.90 26.75 -35.24
CA TYR G 99 9.97 27.69 -34.97
C TYR G 99 9.61 29.02 -34.30
N GLY G 100 8.31 29.24 -34.06
CA GLY G 100 7.89 30.44 -33.37
C GLY G 100 7.78 31.75 -34.12
N TYR G 101 8.07 31.75 -35.42
CA TYR G 101 7.96 32.99 -36.17
C TYR G 101 7.50 32.68 -37.58
N ASP G 102 6.96 33.69 -38.24
CA ASP G 102 6.43 33.58 -39.60
C ASP G 102 7.48 33.14 -40.60
N MET G 103 7.14 32.16 -41.43
CA MET G 103 8.07 31.65 -42.41
C MET G 103 8.45 32.68 -43.45
N PRO G 104 9.75 32.99 -43.57
CA PRO G 104 10.14 33.98 -44.56
C PRO G 104 9.85 33.48 -45.98
N CYS G 105 9.51 34.43 -46.85
CA CYS G 105 9.19 34.19 -48.25
C CYS G 105 10.28 33.37 -48.98
N ASP G 106 11.53 33.79 -48.84
CA ASP G 106 12.63 33.09 -49.47
C ASP G 106 12.80 31.67 -48.93
N VAL G 107 12.48 31.47 -47.65
CA VAL G 107 12.62 30.14 -47.05
C VAL G 107 11.52 29.21 -47.56
N LEU G 108 10.30 29.71 -47.66
CA LEU G 108 9.21 28.89 -48.18
C LEU G 108 9.55 28.54 -49.62
N ALA G 109 10.13 29.51 -50.33
CA ALA G 109 10.52 29.30 -51.71
C ALA G 109 11.50 28.13 -51.80
N LYS G 110 12.57 28.19 -50.99
CA LYS G 110 13.57 27.13 -50.97
C LYS G 110 12.93 25.77 -50.64
N ARG G 111 12.03 25.78 -49.66
CA ARG G 111 11.35 24.57 -49.25
C ARG G 111 10.60 23.96 -50.41
N MET G 112 9.86 24.78 -51.15
CA MET G 112 9.10 24.31 -52.29
C MET G 112 10.01 23.86 -53.45
N ALA G 113 11.13 24.56 -53.62
CA ALA G 113 12.09 24.23 -54.67
C ALA G 113 12.68 22.86 -54.35
N ASN G 114 12.97 22.63 -53.07
CA ASN G 114 13.52 21.36 -52.62
C ASN G 114 12.54 20.24 -52.87
N LEU G 115 11.27 20.50 -52.57
CA LEU G 115 10.24 19.50 -52.81
C LEU G 115 10.26 19.18 -54.31
N SER G 116 10.29 20.22 -55.13
CA SER G 116 10.31 20.03 -56.58
C SER G 116 11.55 19.29 -57.03
N GLN G 117 12.71 19.62 -56.45
CA GLN G 117 13.94 18.94 -56.82
C GLN G 117 13.77 17.42 -56.65
N ILE G 118 13.03 17.01 -55.63
CA ILE G 118 12.80 15.59 -55.37
C ILE G 118 12.03 14.89 -56.48
N TYR G 119 11.02 15.56 -57.04
CA TYR G 119 10.25 14.92 -58.11
C TYR G 119 11.16 14.75 -59.33
N THR G 120 12.23 15.52 -59.32
CA THR G 120 13.24 15.53 -60.37
C THR G 120 14.16 14.31 -60.26
N GLN G 121 14.32 13.80 -59.04
CA GLN G 121 15.21 12.67 -58.76
C GLN G 121 14.52 11.33 -58.53
N ARG G 122 13.41 11.33 -57.80
CA ARG G 122 12.68 10.09 -57.56
C ARG G 122 11.73 9.89 -58.73
N ALA G 123 11.78 8.72 -59.33
CA ALA G 123 10.97 8.40 -60.50
C ALA G 123 9.45 8.22 -60.36
N TYR G 124 8.94 7.98 -59.16
CA TYR G 124 7.51 7.77 -59.04
C TYR G 124 6.68 9.05 -58.94
N MET G 125 7.34 10.16 -58.62
CA MET G 125 6.67 11.45 -58.50
C MET G 125 6.93 12.25 -59.80
N ARG G 126 5.89 12.82 -60.38
CA ARG G 126 6.10 13.64 -61.58
C ARG G 126 6.32 15.09 -61.15
N PRO G 127 7.00 15.88 -61.99
CA PRO G 127 7.18 17.26 -61.57
C PRO G 127 5.81 17.97 -61.71
N LEU G 128 5.67 19.15 -61.12
CA LEU G 128 4.43 19.91 -61.25
C LEU G 128 4.65 20.94 -62.37
N GLY G 129 3.75 20.95 -63.35
CA GLY G 129 3.88 21.89 -64.46
C GLY G 129 3.59 23.32 -64.06
N VAL G 130 4.23 23.79 -63.00
CA VAL G 130 3.99 25.14 -62.55
C VAL G 130 5.26 25.89 -62.18
N ILE G 131 5.14 27.21 -62.19
CA ILE G 131 6.23 28.09 -61.79
C ILE G 131 5.61 28.89 -60.65
N LEU G 132 6.29 28.95 -59.52
CA LEU G 132 5.77 29.65 -58.35
C LEU G 132 6.52 30.94 -58.05
N THR G 133 5.77 32.03 -57.96
CA THR G 133 6.35 33.33 -57.66
C THR G 133 5.83 33.71 -56.29
N PHE G 134 6.73 33.78 -55.32
CA PHE G 134 6.33 34.13 -53.97
C PHE G 134 6.72 35.57 -53.71
N VAL G 135 5.83 36.29 -53.03
CA VAL G 135 6.10 37.69 -52.71
C VAL G 135 5.67 38.03 -51.30
N SER G 136 6.35 39.01 -50.72
CA SER G 136 6.06 39.46 -49.36
C SER G 136 6.99 40.60 -49.00
N VAL G 137 6.74 41.19 -47.84
CA VAL G 137 7.60 42.24 -47.32
C VAL G 137 8.19 41.55 -46.10
N ASP G 138 9.32 40.89 -46.31
CA ASP G 138 9.99 40.15 -45.25
C ASP G 138 10.44 41.08 -44.12
N GLU G 139 10.43 40.60 -42.88
CA GLU G 139 10.82 41.44 -41.76
C GLU G 139 12.33 41.63 -41.65
N GLU G 140 13.10 40.95 -42.49
CA GLU G 140 14.54 41.08 -42.45
C GLU G 140 15.09 41.52 -43.80
N LEU G 141 14.41 41.13 -44.87
CA LEU G 141 14.88 41.48 -46.21
C LEU G 141 14.02 42.52 -46.92
N GLY G 142 12.86 42.82 -46.35
CA GLY G 142 11.97 43.78 -46.97
C GLY G 142 11.29 43.18 -48.18
N PRO G 143 10.72 43.99 -49.08
CA PRO G 143 10.03 43.52 -50.28
C PRO G 143 10.79 42.37 -50.93
N SER G 144 10.12 41.25 -51.14
CA SER G 144 10.78 40.07 -51.70
C SER G 144 10.02 39.33 -52.77
N ILE G 145 10.76 38.85 -53.76
CA ILE G 145 10.21 38.06 -54.85
C ILE G 145 11.14 36.86 -55.08
N TYR G 146 10.59 35.65 -54.92
CA TYR G 146 11.34 34.42 -55.12
C TYR G 146 10.48 33.53 -56.00
N LYS G 147 11.10 33.00 -57.04
CA LYS G 147 10.38 32.16 -58.00
C LYS G 147 11.04 30.80 -58.18
N THR G 148 10.22 29.74 -58.14
CA THR G 148 10.69 28.37 -58.28
C THR G 148 10.06 27.71 -59.50
N ASP G 149 10.80 26.80 -60.13
CA ASP G 149 10.34 26.11 -61.33
C ASP G 149 10.33 24.59 -61.16
N PRO G 150 9.93 23.84 -62.20
CA PRO G 150 9.88 22.38 -62.10
C PRO G 150 11.23 21.72 -61.93
N ALA G 151 12.29 22.46 -62.21
CA ALA G 151 13.65 21.95 -62.08
C ALA G 151 14.11 21.95 -60.63
N GLY G 152 13.37 22.64 -59.76
CA GLY G 152 13.73 22.72 -58.36
C GLY G 152 14.64 23.91 -58.11
N TYR G 153 14.72 24.79 -59.11
CA TYR G 153 15.55 25.99 -59.02
C TYR G 153 14.75 27.18 -58.50
N TYR G 154 15.42 28.08 -57.79
CA TYR G 154 14.77 29.28 -57.27
C TYR G 154 15.80 30.38 -57.07
N VAL G 155 15.34 31.62 -57.15
CA VAL G 155 16.22 32.75 -56.95
C VAL G 155 15.37 33.97 -56.63
N GLY G 156 16.01 34.97 -56.03
CA GLY G 156 15.33 36.20 -55.68
C GLY G 156 15.42 37.16 -56.85
N TYR G 157 14.40 38.00 -57.00
CA TYR G 157 14.35 38.98 -58.09
C TYR G 157 14.09 40.40 -57.64
N LYS G 158 14.52 41.36 -58.47
CA LYS G 158 14.31 42.77 -58.21
C LYS G 158 12.87 42.96 -58.66
N ALA G 159 12.55 42.22 -59.73
CA ALA G 159 11.23 42.20 -60.34
C ALA G 159 11.33 41.03 -61.30
N THR G 160 10.20 40.47 -61.70
CA THR G 160 10.24 39.33 -62.60
C THR G 160 8.94 39.18 -63.38
N ALA G 161 8.95 38.29 -64.36
CA ALA G 161 7.77 38.04 -65.20
C ALA G 161 7.76 36.59 -65.64
N THR G 162 6.57 36.03 -65.78
CA THR G 162 6.41 34.65 -66.19
C THR G 162 5.23 34.49 -67.14
N GLY G 163 5.34 33.55 -68.08
CA GLY G 163 4.28 33.32 -69.04
C GLY G 163 4.77 33.28 -70.48
N PRO G 164 3.87 33.04 -71.45
CA PRO G 164 4.22 32.99 -72.87
C PRO G 164 5.01 34.19 -73.37
N LYS G 165 4.60 35.39 -72.97
CA LYS G 165 5.28 36.61 -73.40
C LYS G 165 6.16 37.17 -72.27
N GLN G 166 6.77 36.23 -71.56
CA GLN G 166 7.65 36.53 -70.44
C GLN G 166 8.82 37.40 -70.87
N GLN G 167 9.42 37.07 -72.01
CA GLN G 167 10.57 37.81 -72.50
C GLN G 167 10.32 39.29 -72.77
N GLU G 168 9.15 39.62 -73.31
CA GLU G 168 8.82 41.01 -73.61
C GLU G 168 8.70 41.81 -72.33
N ILE G 169 7.96 41.26 -71.36
CA ILE G 169 7.77 41.93 -70.08
C ILE G 169 9.09 42.08 -69.35
N THR G 170 9.92 41.04 -69.42
CA THR G 170 11.23 41.06 -68.77
C THR G 170 12.14 42.16 -69.30
N THR G 171 12.36 42.17 -70.61
CA THR G 171 13.22 43.19 -71.23
C THR G 171 12.66 44.59 -71.00
N ASN G 172 11.35 44.70 -70.96
CA ASN G 172 10.72 45.98 -70.69
C ASN G 172 11.23 46.49 -69.32
N LEU G 173 11.04 45.64 -68.29
CA LEU G 173 11.46 45.95 -66.94
C LEU G 173 12.97 46.17 -66.84
N GLU G 174 13.75 45.33 -67.52
CA GLU G 174 15.20 45.45 -67.53
C GLU G 174 15.58 46.87 -67.94
N ASN G 175 15.02 47.29 -69.06
CA ASN G 175 15.27 48.61 -69.59
C ASN G 175 14.95 49.68 -68.56
N HIS G 176 13.79 49.55 -67.93
CA HIS G 176 13.40 50.53 -66.91
C HIS G 176 14.39 50.66 -65.76
N PHE G 177 15.02 49.56 -65.35
CA PHE G 177 15.97 49.62 -64.24
C PHE G 177 17.34 50.12 -64.67
N LYS G 178 17.68 49.93 -65.95
CA LYS G 178 18.95 50.42 -66.46
C LYS G 178 18.83 51.94 -66.37
N LYS G 179 17.62 52.42 -66.60
CA LYS G 179 17.32 53.84 -66.57
C LYS G 179 17.36 54.39 -65.14
N SER G 180 16.41 53.96 -64.30
CA SER G 180 16.32 54.42 -62.91
C SER G 180 17.55 54.13 -62.04
N LYS G 181 18.36 53.15 -62.44
CA LYS G 181 19.58 52.79 -61.70
C LYS G 181 19.37 52.22 -60.31
N ILE G 182 18.13 51.97 -59.92
CA ILE G 182 17.84 51.38 -58.62
C ILE G 182 17.13 50.06 -58.88
N ASP G 183 17.16 49.17 -57.90
CA ASP G 183 16.53 47.86 -58.04
C ASP G 183 15.09 47.76 -57.54
N HIS G 184 14.32 48.85 -57.65
CA HIS G 184 12.94 48.85 -57.20
C HIS G 184 12.18 50.08 -57.68
N ILE G 185 10.88 50.08 -57.44
CA ILE G 185 10.04 51.20 -57.84
C ILE G 185 10.00 52.18 -56.69
N ASN G 186 10.71 53.30 -56.84
CA ASN G 186 10.78 54.32 -55.79
C ASN G 186 9.45 55.02 -55.56
N GLU G 187 8.50 54.30 -54.96
CA GLU G 187 7.19 54.85 -54.68
C GLU G 187 6.83 54.57 -53.22
N GLU G 188 6.16 55.52 -52.57
CA GLU G 188 5.81 55.37 -51.16
C GLU G 188 4.51 54.60 -50.97
N SER G 189 3.56 54.82 -51.88
CA SER G 189 2.28 54.12 -51.76
C SER G 189 2.30 52.88 -52.66
N TRP G 190 1.61 51.83 -52.23
CA TRP G 190 1.56 50.62 -53.03
C TRP G 190 0.65 50.82 -54.23
N GLU G 191 -0.33 51.72 -54.08
CA GLU G 191 -1.28 52.01 -55.16
C GLU G 191 -0.52 52.47 -56.41
N LYS G 192 0.52 53.27 -56.20
CA LYS G 192 1.32 53.74 -57.32
C LYS G 192 2.18 52.60 -57.87
N VAL G 193 2.72 51.78 -56.98
CA VAL G 193 3.53 50.64 -57.43
C VAL G 193 2.64 49.72 -58.26
N VAL G 194 1.39 49.55 -57.83
CA VAL G 194 0.44 48.72 -58.57
C VAL G 194 0.19 49.33 -59.94
N GLU G 195 0.16 50.66 -60.01
CA GLU G 195 -0.07 51.34 -61.27
C GLU G 195 1.10 51.14 -62.21
N PHE G 196 2.31 51.30 -61.69
CA PHE G 196 3.51 51.09 -62.49
C PHE G 196 3.48 49.69 -63.08
N ALA G 197 3.16 48.72 -62.23
CA ALA G 197 3.09 47.34 -62.66
C ALA G 197 2.10 47.17 -63.80
N ILE G 198 0.89 47.72 -63.65
CA ILE G 198 -0.10 47.59 -64.70
C ILE G 198 0.32 48.32 -65.98
N THR G 199 0.96 49.47 -65.80
CA THR G 199 1.41 50.26 -66.93
C THR G 199 2.38 49.45 -67.78
N HIS G 200 3.52 49.10 -67.21
CA HIS G 200 4.51 48.35 -67.96
C HIS G 200 3.96 47.01 -68.46
N MET G 201 2.94 46.49 -67.80
CA MET G 201 2.32 45.25 -68.25
C MET G 201 1.70 45.53 -69.61
N ILE G 202 1.18 46.75 -69.76
CA ILE G 202 0.54 47.18 -70.98
C ILE G 202 1.54 47.54 -72.08
N ASP G 203 2.56 48.32 -71.75
CA ASP G 203 3.58 48.69 -72.73
C ASP G 203 4.16 47.44 -73.37
N ALA G 204 4.57 46.49 -72.54
CA ALA G 204 5.17 45.25 -72.99
C ALA G 204 4.25 44.33 -73.79
N LEU G 205 3.03 44.12 -73.30
CA LEU G 205 2.10 43.24 -74.00
C LEU G 205 1.35 43.96 -75.10
N GLY G 206 1.50 45.28 -75.14
CA GLY G 206 0.82 46.07 -76.15
C GLY G 206 -0.69 45.91 -76.11
N THR G 207 -1.26 45.80 -74.91
CA THR G 207 -2.70 45.63 -74.79
C THR G 207 -3.31 46.46 -73.67
N GLU G 208 -4.59 46.78 -73.85
CA GLU G 208 -5.35 47.56 -72.88
C GLU G 208 -6.04 46.57 -71.95
N PHE G 209 -6.36 47.00 -70.73
CA PHE G 209 -7.01 46.10 -69.77
C PHE G 209 -8.22 46.72 -69.10
N SER G 210 -9.27 45.92 -68.93
CA SER G 210 -10.47 46.37 -68.25
C SER G 210 -10.28 45.86 -66.82
N LYS G 211 -11.21 46.15 -65.93
CA LYS G 211 -11.09 45.72 -64.54
C LYS G 211 -11.21 44.21 -64.34
N ASN G 212 -11.58 43.47 -65.39
CA ASN G 212 -11.72 42.03 -65.25
C ASN G 212 -10.70 41.25 -66.06
N ASP G 213 -9.70 41.96 -66.58
CA ASP G 213 -8.65 41.33 -67.39
C ASP G 213 -7.41 41.16 -66.52
N LEU G 214 -7.46 41.75 -65.33
CA LEU G 214 -6.35 41.67 -64.40
C LEU G 214 -6.70 41.04 -63.07
N GLU G 215 -5.65 40.70 -62.33
CA GLU G 215 -5.73 40.08 -61.01
C GLU G 215 -4.53 40.68 -60.31
N VAL G 216 -4.73 41.29 -59.15
CA VAL G 216 -3.62 41.93 -58.47
C VAL G 216 -3.40 41.50 -57.02
N GLY G 217 -2.12 41.34 -56.66
CA GLY G 217 -1.77 40.95 -55.31
C GLY G 217 -0.80 41.94 -54.74
N VAL G 218 -0.97 42.29 -53.47
CA VAL G 218 -0.08 43.24 -52.82
C VAL G 218 0.38 42.75 -51.47
N ALA G 219 1.69 42.86 -51.23
CA ALA G 219 2.26 42.44 -49.96
C ALA G 219 2.80 43.68 -49.29
N THR G 220 2.51 43.84 -48.00
CA THR G 220 3.01 44.97 -47.23
C THR G 220 3.46 44.46 -45.87
N LYS G 221 4.01 45.35 -45.06
CA LYS G 221 4.45 45.01 -43.73
C LYS G 221 3.29 44.34 -43.02
N ASP G 222 3.49 43.09 -42.62
CA ASP G 222 2.49 42.32 -41.91
C ASP G 222 1.21 41.95 -42.66
N LYS G 223 1.19 42.11 -43.97
CA LYS G 223 0.01 41.68 -44.69
C LYS G 223 0.10 41.57 -46.21
N PHE G 224 -0.57 40.55 -46.73
CA PHE G 224 -0.66 40.31 -48.16
C PHE G 224 -2.14 40.16 -48.50
N PHE G 225 -2.57 40.84 -49.56
CA PHE G 225 -3.97 40.80 -49.97
C PHE G 225 -4.11 40.98 -51.48
N THR G 226 -5.28 40.59 -52.00
CA THR G 226 -5.58 40.74 -53.42
C THR G 226 -6.63 41.83 -53.58
N LEU G 227 -6.61 42.53 -54.71
CA LEU G 227 -7.56 43.61 -54.97
C LEU G 227 -8.85 43.10 -55.61
N SER G 228 -9.89 43.93 -55.55
CA SER G 228 -11.19 43.59 -56.13
C SER G 228 -11.30 44.27 -57.49
N ALA G 229 -12.24 43.81 -58.31
CA ALA G 229 -12.45 44.39 -59.63
C ALA G 229 -12.50 45.92 -59.48
N GLU G 230 -13.12 46.38 -58.40
CA GLU G 230 -13.26 47.80 -58.14
C GLU G 230 -12.00 48.48 -57.64
N ASN G 231 -11.17 47.75 -56.90
CA ASN G 231 -9.93 48.32 -56.40
C ASN G 231 -9.03 48.52 -57.62
N ILE G 232 -9.12 47.56 -58.54
CA ILE G 232 -8.34 47.58 -59.79
C ILE G 232 -8.85 48.70 -60.68
N GLU G 233 -10.16 48.78 -60.86
CA GLU G 233 -10.77 49.81 -61.69
C GLU G 233 -10.21 51.17 -61.30
N GLU G 234 -10.15 51.41 -59.99
CA GLU G 234 -9.63 52.67 -59.46
C GLU G 234 -8.20 52.89 -59.95
N ARG G 235 -7.44 51.79 -60.04
CA ARG G 235 -6.06 51.84 -60.50
C ARG G 235 -6.02 52.18 -62.00
N LEU G 236 -6.90 51.52 -62.77
CA LEU G 236 -7.01 51.71 -64.21
C LEU G 236 -7.37 53.16 -64.56
N VAL G 237 -8.29 53.73 -63.77
CA VAL G 237 -8.74 55.09 -63.97
C VAL G 237 -7.58 56.08 -63.82
N ALA G 238 -6.78 55.89 -62.78
CA ALA G 238 -5.65 56.77 -62.53
C ALA G 238 -4.60 56.74 -63.64
N ILE G 239 -4.29 55.55 -64.17
CA ILE G 239 -3.28 55.46 -65.24
C ILE G 239 -3.82 56.11 -66.50
N ALA G 240 -5.14 56.15 -66.64
CA ALA G 240 -5.80 56.73 -67.81
C ALA G 240 -5.64 58.25 -67.84
N GLU G 241 -5.58 58.86 -66.66
CA GLU G 241 -5.44 60.31 -66.53
C GLU G 241 -3.97 60.69 -66.41
N GLN G 242 -3.19 60.26 -67.40
CA GLN G 242 -1.75 60.53 -67.43
C GLN G 242 -1.31 60.24 -68.87
N ASP G 243 -2.07 59.36 -69.52
CA ASP G 243 -1.84 58.95 -70.91
C ASP G 243 -2.79 59.74 -71.82
N THR H 1 21.92 24.79 -7.12
CA THR H 1 22.10 25.70 -8.28
C THR H 1 21.28 26.99 -8.14
N THR H 2 21.90 28.10 -8.55
CA THR H 2 21.24 29.39 -8.55
C THR H 2 21.52 29.98 -9.91
N ILE H 3 20.47 30.31 -10.67
CA ILE H 3 20.66 30.92 -11.97
C ILE H 3 19.67 32.08 -12.09
N VAL H 4 20.11 33.17 -12.71
CA VAL H 4 19.26 34.34 -12.91
C VAL H 4 19.39 34.92 -14.32
N GLY H 5 18.39 35.72 -14.68
CA GLY H 5 18.37 36.38 -15.97
C GLY H 5 17.85 37.77 -15.70
N VAL H 6 18.51 38.79 -16.25
CA VAL H 6 18.09 40.17 -16.04
C VAL H 6 18.18 41.00 -17.32
N LYS H 7 17.06 41.61 -17.69
CA LYS H 7 17.00 42.46 -18.87
C LYS H 7 17.44 43.87 -18.50
N PHE H 8 18.21 44.49 -19.40
CA PHE H 8 18.64 45.87 -19.20
C PHE H 8 18.26 46.64 -20.48
N ASN H 9 18.33 47.96 -20.43
CA ASN H 9 17.94 48.82 -21.55
C ASN H 9 18.32 48.42 -22.98
N ASN H 10 19.40 47.65 -23.16
CA ASN H 10 19.78 47.29 -24.52
C ASN H 10 20.30 45.85 -24.61
N GLY H 11 19.67 44.96 -23.86
CA GLY H 11 20.11 43.57 -23.88
C GLY H 11 19.65 42.77 -22.69
N VAL H 12 20.37 41.69 -22.42
CA VAL H 12 20.03 40.81 -21.33
C VAL H 12 21.29 40.13 -20.79
N VAL H 13 21.27 39.81 -19.51
CA VAL H 13 22.39 39.18 -18.86
C VAL H 13 21.91 37.97 -18.05
N ILE H 14 22.73 36.92 -17.98
CA ILE H 14 22.38 35.74 -17.20
C ILE H 14 23.61 35.36 -16.38
N ALA H 15 23.37 34.88 -15.17
CA ALA H 15 24.48 34.48 -14.29
C ALA H 15 24.14 33.18 -13.58
N ALA H 16 25.15 32.56 -12.99
CA ALA H 16 24.96 31.31 -12.28
C ALA H 16 26.11 31.02 -11.34
N ASP H 17 25.88 30.19 -10.33
CA ASP H 17 26.94 29.83 -9.41
C ASP H 17 27.70 28.72 -10.13
N THR H 18 28.70 28.12 -9.46
CA THR H 18 29.50 27.08 -10.08
C THR H 18 29.62 25.80 -9.25
N ARG H 19 28.72 25.63 -8.30
CA ARG H 19 28.75 24.42 -7.47
C ARG H 19 27.89 23.31 -8.07
N SER H 20 28.46 22.12 -8.16
CA SER H 20 27.74 20.97 -8.69
C SER H 20 27.71 19.95 -7.56
N THR H 21 26.53 19.45 -7.21
CA THR H 21 26.46 18.51 -6.10
C THR H 21 25.81 17.17 -6.37
N GLN H 22 26.29 16.15 -5.63
CA GLN H 22 25.75 14.80 -5.69
C GLN H 22 25.23 14.62 -4.28
N GLY H 23 23.96 14.97 -4.07
CA GLY H 23 23.41 14.85 -2.74
C GLY H 23 24.05 15.92 -1.88
N PRO H 24 24.64 15.56 -0.73
CA PRO H 24 25.26 16.58 0.12
C PRO H 24 26.72 16.84 -0.23
N ILE H 25 27.24 16.07 -1.18
CA ILE H 25 28.63 16.20 -1.60
C ILE H 25 28.86 17.11 -2.81
N VAL H 26 29.92 17.92 -2.74
CA VAL H 26 30.26 18.80 -3.85
C VAL H 26 31.22 18.05 -4.76
N ALA H 27 30.78 17.77 -5.99
CA ALA H 27 31.59 17.05 -6.98
C ALA H 27 32.48 18.02 -7.76
N ASP H 28 31.88 19.09 -8.27
CA ASP H 28 32.63 20.08 -9.03
C ASP H 28 32.43 21.42 -8.34
N LYS H 29 33.54 21.99 -7.86
CA LYS H 29 33.52 23.26 -7.17
C LYS H 29 33.52 24.45 -8.11
N ASN H 30 33.72 24.18 -9.40
CA ASN H 30 33.74 25.25 -10.37
C ASN H 30 33.29 24.77 -11.74
N CYS H 31 32.06 24.27 -11.84
CA CYS H 31 31.59 23.84 -13.14
C CYS H 31 30.91 25.04 -13.80
N ALA H 32 30.71 24.96 -15.10
CA ALA H 32 30.08 26.03 -15.83
C ALA H 32 28.64 25.66 -16.16
N LYS H 33 27.69 26.43 -15.63
CA LYS H 33 26.28 26.16 -15.87
C LYS H 33 25.72 27.01 -17.00
N LEU H 34 26.57 27.86 -17.57
CA LEU H 34 26.20 28.74 -18.67
C LEU H 34 26.55 28.09 -20.01
N HIS H 35 25.51 27.69 -20.75
CA HIS H 35 25.71 27.04 -22.04
C HIS H 35 25.27 27.90 -23.19
N ARG H 36 25.91 27.67 -24.33
CA ARG H 36 25.61 28.40 -25.54
C ARG H 36 24.66 27.58 -26.44
N ILE H 37 23.59 28.21 -26.91
CA ILE H 37 22.68 27.52 -27.82
C ILE H 37 23.15 27.93 -29.21
N SER H 38 23.40 29.22 -29.39
CA SER H 38 23.91 29.77 -30.63
C SER H 38 24.88 30.86 -30.16
N PRO H 39 25.64 31.46 -31.09
CA PRO H 39 26.55 32.50 -30.62
C PRO H 39 25.94 33.57 -29.71
N LYS H 40 24.70 33.98 -29.98
CA LYS H 40 24.08 35.03 -29.17
C LYS H 40 22.85 34.63 -28.35
N ILE H 41 22.70 33.34 -28.10
CA ILE H 41 21.58 32.84 -27.31
C ILE H 41 22.20 31.88 -26.29
N TRP H 42 22.22 32.31 -25.03
CA TRP H 42 22.81 31.50 -23.99
C TRP H 42 21.80 30.93 -23.01
N CYS H 43 22.24 29.87 -22.34
CA CYS H 43 21.43 29.16 -21.38
C CYS H 43 22.06 28.97 -20.04
N ALA H 44 21.19 28.73 -19.05
CA ALA H 44 21.59 28.46 -17.68
C ALA H 44 20.60 27.39 -17.24
N GLY H 45 21.10 26.26 -16.76
CA GLY H 45 20.20 25.20 -16.37
C GLY H 45 20.28 24.71 -14.94
N ALA H 46 19.17 24.15 -14.47
CA ALA H 46 19.03 23.59 -13.15
C ALA H 46 18.28 22.28 -13.35
N GLY H 47 18.12 21.49 -12.29
CA GLY H 47 17.43 20.23 -12.44
C GLY H 47 18.44 19.16 -12.80
N THR H 48 18.00 18.11 -13.49
CA THR H 48 18.88 17.02 -13.88
C THR H 48 19.96 17.56 -14.83
N ALA H 49 21.18 17.66 -14.33
CA ALA H 49 22.30 18.19 -15.11
C ALA H 49 22.48 17.58 -16.50
N ALA H 50 22.54 16.24 -16.58
CA ALA H 50 22.72 15.59 -17.88
C ALA H 50 21.61 16.05 -18.84
N ASP H 51 20.41 16.25 -18.29
CA ASP H 51 19.29 16.67 -19.09
C ASP H 51 19.41 18.08 -19.64
N THR H 52 19.77 19.05 -18.80
CA THR H 52 19.88 20.41 -19.30
C THR H 52 21.02 20.52 -20.29
N GLU H 53 22.10 19.78 -20.06
CA GLU H 53 23.24 19.81 -20.97
C GLU H 53 22.87 19.17 -22.30
N ALA H 54 22.17 18.05 -22.22
CA ALA H 54 21.76 17.31 -23.41
C ALA H 54 20.75 18.07 -24.26
N VAL H 55 19.74 18.61 -23.61
CA VAL H 55 18.67 19.31 -24.30
C VAL H 55 19.21 20.62 -24.88
N THR H 56 20.19 21.20 -24.21
CA THR H 56 20.80 22.45 -24.65
C THR H 56 21.58 22.25 -25.94
N GLN H 57 22.29 21.13 -26.05
CA GLN H 57 23.05 20.85 -27.24
C GLN H 57 22.21 20.34 -28.40
N LEU H 58 21.15 19.60 -28.10
CA LEU H 58 20.27 19.08 -29.14
C LEU H 58 19.64 20.23 -29.88
N ILE H 59 18.95 21.09 -29.14
CA ILE H 59 18.32 22.25 -29.75
C ILE H 59 19.39 23.14 -30.37
N GLY H 60 20.55 23.23 -29.72
CA GLY H 60 21.63 24.03 -30.26
C GLY H 60 21.99 23.53 -31.65
N SER H 61 22.20 22.24 -31.77
CA SER H 61 22.54 21.63 -33.06
C SER H 61 21.45 21.94 -34.09
N ASN H 62 20.21 21.71 -33.73
CA ASN H 62 19.12 21.99 -34.65
C ASN H 62 19.02 23.46 -35.00
N ILE H 63 19.26 24.32 -34.03
CA ILE H 63 19.19 25.76 -34.28
C ILE H 63 20.24 26.15 -35.31
N GLU H 64 21.42 25.53 -35.23
CA GLU H 64 22.48 25.81 -36.18
C GLU H 64 22.04 25.40 -37.58
N LEU H 65 21.53 24.17 -37.69
CA LEU H 65 21.06 23.66 -38.98
C LEU H 65 19.92 24.54 -39.54
N HIS H 66 19.06 25.05 -38.66
CA HIS H 66 17.96 25.90 -39.10
C HIS H 66 18.53 27.20 -39.64
N SER H 67 19.47 27.76 -38.89
CA SER H 67 20.15 29.01 -39.25
C SER H 67 20.80 28.89 -40.64
N LEU H 68 21.53 27.80 -40.86
CA LEU H 68 22.18 27.55 -42.13
C LEU H 68 21.15 27.47 -43.25
N TYR H 69 20.07 26.74 -43.00
CA TYR H 69 19.00 26.56 -43.99
C TYR H 69 18.24 27.85 -44.33
N THR H 70 17.96 28.67 -43.33
CA THR H 70 17.22 29.91 -43.56
C THR H 70 18.11 31.11 -43.85
N SER H 71 19.42 30.92 -43.73
CA SER H 71 20.36 32.00 -43.97
C SER H 71 20.07 33.17 -43.03
N ARG H 72 19.54 32.86 -41.85
CA ARG H 72 19.21 33.87 -40.87
C ARG H 72 19.80 33.59 -39.49
N GLU H 73 19.94 34.66 -38.71
CA GLU H 73 20.44 34.57 -37.35
C GLU H 73 19.41 33.82 -36.52
N PRO H 74 19.87 32.92 -35.66
CA PRO H 74 18.92 32.18 -34.84
C PRO H 74 18.13 33.15 -33.98
N ARG H 75 16.85 32.85 -33.76
CA ARG H 75 16.03 33.70 -32.91
C ARG H 75 15.78 32.99 -31.59
N VAL H 76 15.68 33.76 -30.51
CA VAL H 76 15.44 33.18 -29.20
C VAL H 76 14.10 32.43 -29.15
N VAL H 77 13.03 33.01 -29.72
CA VAL H 77 11.73 32.33 -29.71
C VAL H 77 11.82 30.97 -30.40
N SER H 78 12.81 30.79 -31.26
CA SER H 78 12.94 29.51 -31.94
C SER H 78 13.50 28.48 -30.97
N ALA H 79 14.59 28.82 -30.30
CA ALA H 79 15.18 27.91 -29.34
C ALA H 79 14.14 27.56 -28.27
N LEU H 80 13.30 28.54 -27.98
CA LEU H 80 12.24 28.40 -26.99
C LEU H 80 11.19 27.39 -27.41
N GLN H 81 10.65 27.56 -28.62
CA GLN H 81 9.63 26.66 -29.11
C GLN H 81 10.14 25.23 -29.27
N MET H 82 11.38 25.09 -29.74
CA MET H 82 11.97 23.77 -29.93
C MET H 82 12.19 23.07 -28.59
N LEU H 83 12.64 23.82 -27.59
CA LEU H 83 12.87 23.25 -26.28
C LEU H 83 11.58 22.76 -25.63
N LYS H 84 10.60 23.64 -25.53
CA LYS H 84 9.35 23.26 -24.90
C LYS H 84 8.60 22.15 -25.60
N GLN H 85 8.65 22.13 -26.92
CA GLN H 85 7.93 21.07 -27.63
C GLN H 85 8.61 19.74 -27.39
N HIS H 86 9.93 19.79 -27.20
CA HIS H 86 10.71 18.60 -26.92
C HIS H 86 10.40 18.15 -25.48
N LEU H 87 10.53 19.08 -24.53
CA LEU H 87 10.25 18.77 -23.14
C LEU H 87 8.81 18.31 -22.92
N PHE H 88 7.86 18.95 -23.58
CA PHE H 88 6.46 18.57 -23.43
C PHE H 88 6.22 17.12 -23.85
N LYS H 89 6.85 16.73 -24.96
CA LYS H 89 6.74 15.39 -25.50
C LYS H 89 7.15 14.34 -24.45
N TYR H 90 8.15 14.68 -23.64
CA TYR H 90 8.65 13.79 -22.61
C TYR H 90 8.01 13.95 -21.25
N GLN H 91 6.81 14.51 -21.24
CA GLN H 91 6.04 14.68 -20.02
C GLN H 91 6.79 14.95 -18.72
N GLY H 92 7.83 15.77 -18.76
CA GLY H 92 8.57 16.08 -17.54
C GLY H 92 9.66 15.10 -17.15
N HIS H 93 9.80 14.00 -17.90
CA HIS H 93 10.82 13.02 -17.58
C HIS H 93 12.22 13.52 -17.88
N ILE H 94 12.34 14.53 -18.74
CA ILE H 94 13.64 15.11 -18.99
C ILE H 94 13.64 16.30 -18.04
N GLY H 95 14.31 16.14 -16.91
CA GLY H 95 14.36 17.17 -15.90
C GLY H 95 15.15 18.43 -16.21
N ALA H 96 14.79 19.10 -17.29
CA ALA H 96 15.47 20.32 -17.68
C ALA H 96 14.69 21.55 -17.25
N TYR H 97 15.38 22.44 -16.55
CA TYR H 97 14.82 23.71 -16.09
C TYR H 97 15.87 24.69 -16.56
N LEU H 98 15.46 25.62 -17.41
CA LEU H 98 16.41 26.56 -17.98
C LEU H 98 15.94 27.99 -18.04
N ILE H 99 16.91 28.89 -18.08
CA ILE H 99 16.66 30.31 -18.24
C ILE H 99 17.37 30.55 -19.57
N VAL H 100 16.61 30.91 -20.59
CA VAL H 100 17.20 31.16 -21.90
C VAL H 100 17.11 32.65 -22.22
N ALA H 101 18.25 33.22 -22.60
CA ALA H 101 18.34 34.63 -22.94
C ALA H 101 19.16 34.80 -24.21
N GLY H 102 18.97 35.92 -24.88
CA GLY H 102 19.74 36.16 -26.10
C GLY H 102 19.22 37.34 -26.88
N VAL H 103 19.95 37.69 -27.93
CA VAL H 103 19.52 38.80 -28.79
C VAL H 103 19.51 38.29 -30.22
N ASP H 104 18.60 38.81 -31.02
CA ASP H 104 18.50 38.40 -32.41
C ASP H 104 17.89 39.55 -33.21
N PRO H 105 17.82 39.41 -34.54
CA PRO H 105 17.26 40.45 -35.38
C PRO H 105 16.01 41.15 -34.83
N THR H 106 15.31 40.53 -33.89
CA THR H 106 14.10 41.14 -33.36
C THR H 106 14.22 41.82 -31.99
N GLY H 107 15.43 41.82 -31.40
CA GLY H 107 15.60 42.45 -30.09
C GLY H 107 16.21 41.54 -29.03
N SER H 108 16.04 41.90 -27.75
CA SER H 108 16.59 41.09 -26.65
C SER H 108 15.46 40.31 -25.94
N HIS H 109 15.74 39.05 -25.57
CA HIS H 109 14.75 38.19 -24.95
C HIS H 109 15.20 37.44 -23.70
N LEU H 110 14.25 37.24 -22.79
CA LEU H 110 14.47 36.52 -21.54
C LEU H 110 13.29 35.60 -21.24
N PHE H 111 13.56 34.30 -21.18
CA PHE H 111 12.54 33.30 -20.90
C PHE H 111 13.02 32.26 -19.91
N SER H 112 12.08 31.49 -19.38
CA SER H 112 12.39 30.40 -18.46
C SER H 112 11.57 29.20 -18.96
N ILE H 113 12.17 28.02 -18.91
CA ILE H 113 11.49 26.81 -19.35
C ILE H 113 11.51 25.75 -18.28
N HIS H 114 10.35 25.14 -18.05
CA HIS H 114 10.24 24.10 -17.05
C HIS H 114 10.22 22.71 -17.70
N ALA H 115 10.66 21.71 -16.95
CA ALA H 115 10.75 20.34 -17.43
C ALA H 115 9.51 19.82 -18.15
N HIS H 116 8.33 20.24 -17.73
CA HIS H 116 7.10 19.77 -18.37
C HIS H 116 6.80 20.45 -19.69
N GLY H 117 7.51 21.55 -19.97
CA GLY H 117 7.29 22.24 -21.22
C GLY H 117 6.64 23.61 -21.16
N SER H 118 6.46 24.15 -19.97
CA SER H 118 5.85 25.47 -19.87
C SER H 118 6.94 26.54 -19.91
N THR H 119 6.57 27.71 -20.44
CA THR H 119 7.52 28.80 -20.53
C THR H 119 6.92 30.08 -19.94
N ASP H 120 7.80 30.91 -19.40
CA ASP H 120 7.42 32.19 -18.80
C ASP H 120 8.30 33.25 -19.43
N VAL H 121 7.87 34.49 -19.38
CA VAL H 121 8.64 35.60 -19.93
C VAL H 121 8.72 36.69 -18.85
N GLY H 122 9.86 37.33 -18.72
CA GLY H 122 10.00 38.38 -17.72
C GLY H 122 11.23 39.25 -17.87
N TYR H 123 11.37 40.22 -16.97
CA TYR H 123 12.52 41.11 -17.01
C TYR H 123 13.61 40.60 -16.07
N TYR H 124 13.19 39.77 -15.12
CA TYR H 124 14.11 39.14 -14.19
C TYR H 124 13.52 37.79 -13.75
N LEU H 125 14.35 36.75 -13.81
CA LEU H 125 13.95 35.40 -13.46
C LEU H 125 15.08 34.66 -12.73
N SER H 126 14.72 33.67 -11.91
CA SER H 126 15.71 32.86 -11.21
C SER H 126 15.21 31.42 -11.11
N LEU H 127 16.14 30.47 -11.11
CA LEU H 127 15.79 29.06 -10.99
C LEU H 127 16.81 28.34 -10.13
N GLY H 128 16.48 27.11 -9.75
CA GLY H 128 17.36 26.31 -8.92
C GLY H 128 17.00 26.38 -7.45
N SER H 129 17.76 25.69 -6.62
CA SER H 129 17.53 25.69 -5.19
C SER H 129 17.79 27.08 -4.59
N GLY H 130 18.64 27.86 -5.26
CA GLY H 130 18.95 29.21 -4.78
C GLY H 130 17.91 30.21 -5.29
N SER H 131 17.03 29.71 -6.15
CA SER H 131 15.98 30.49 -6.75
C SER H 131 15.39 31.56 -5.83
N LEU H 132 14.94 31.17 -4.64
CA LEU H 132 14.31 32.11 -3.71
C LEU H 132 15.24 33.16 -3.12
N ALA H 133 16.45 32.75 -2.75
CA ALA H 133 17.41 33.71 -2.21
C ALA H 133 17.64 34.78 -3.29
N ALA H 134 17.93 34.34 -4.51
CA ALA H 134 18.18 35.23 -5.64
C ALA H 134 16.99 36.15 -5.91
N MET H 135 15.80 35.57 -5.97
CA MET H 135 14.60 36.34 -6.25
C MET H 135 14.36 37.40 -5.17
N ALA H 136 14.73 37.08 -3.93
CA ALA H 136 14.54 38.02 -2.84
C ALA H 136 15.29 39.31 -3.19
N VAL H 137 16.51 39.16 -3.71
CA VAL H 137 17.34 40.29 -4.11
C VAL H 137 16.79 41.00 -5.35
N LEU H 138 16.39 40.23 -6.35
CA LEU H 138 15.85 40.81 -7.57
C LEU H 138 14.62 41.64 -7.24
N GLU H 139 13.74 41.11 -6.39
CA GLU H 139 12.53 41.81 -6.02
C GLU H 139 12.85 43.07 -5.21
N SER H 140 14.07 43.11 -4.67
CA SER H 140 14.50 44.25 -3.86
C SER H 140 15.21 45.36 -4.63
N HIS H 141 15.96 45.01 -5.66
CA HIS H 141 16.69 46.02 -6.40
C HIS H 141 16.35 46.23 -7.86
N TRP H 142 15.66 45.29 -8.49
CA TRP H 142 15.32 45.48 -9.90
C TRP H 142 14.51 46.77 -10.04
N LYS H 143 14.63 47.36 -11.22
CA LYS H 143 13.90 48.57 -11.56
C LYS H 143 13.92 48.60 -13.08
N GLN H 144 12.98 49.31 -13.67
CA GLN H 144 12.89 49.40 -15.10
C GLN H 144 14.02 50.27 -15.66
N ASP H 145 14.58 49.87 -16.79
CA ASP H 145 15.66 50.63 -17.42
C ASP H 145 16.96 50.59 -16.65
N LEU H 146 17.52 49.40 -16.52
CA LEU H 146 18.80 49.24 -15.82
C LEU H 146 19.84 49.42 -16.90
N THR H 147 21.04 49.80 -16.51
CA THR H 147 22.11 49.96 -17.48
C THR H 147 22.84 48.63 -17.49
N LYS H 148 23.57 48.35 -18.56
CA LYS H 148 24.31 47.09 -18.64
C LYS H 148 25.07 46.81 -17.33
N GLU H 149 25.71 47.84 -16.78
CA GLU H 149 26.48 47.66 -15.54
C GLU H 149 25.61 47.44 -14.32
N GLU H 150 24.44 48.08 -14.29
CA GLU H 150 23.54 47.90 -13.16
C GLU H 150 23.02 46.46 -13.21
N ALA H 151 22.71 46.00 -14.43
CA ALA H 151 22.20 44.66 -14.62
C ALA H 151 23.23 43.62 -14.17
N ILE H 152 24.47 43.75 -14.65
CA ILE H 152 25.50 42.80 -14.25
C ILE H 152 25.64 42.78 -12.72
N LYS H 153 25.48 43.94 -12.11
CA LYS H 153 25.59 44.06 -10.65
C LYS H 153 24.45 43.28 -10.02
N LEU H 154 23.23 43.64 -10.40
CA LEU H 154 22.02 43.01 -9.89
C LEU H 154 22.06 41.50 -10.05
N ALA H 155 22.45 41.03 -11.22
CA ALA H 155 22.51 39.61 -11.50
C ALA H 155 23.54 38.94 -10.59
N SER H 156 24.74 39.49 -10.59
CA SER H 156 25.82 38.96 -9.78
C SER H 156 25.43 38.93 -8.28
N ASP H 157 24.70 39.95 -7.85
CA ASP H 157 24.25 40.04 -6.47
C ASP H 157 23.23 38.96 -6.16
N ALA H 158 22.37 38.67 -7.12
CA ALA H 158 21.35 37.65 -6.94
C ALA H 158 22.01 36.29 -6.76
N ILE H 159 23.02 36.01 -7.58
CA ILE H 159 23.74 34.74 -7.49
C ILE H 159 24.43 34.62 -6.14
N GLN H 160 24.97 35.73 -5.64
CA GLN H 160 25.64 35.69 -4.36
C GLN H 160 24.65 35.30 -3.27
N ALA H 161 23.46 35.90 -3.31
CA ALA H 161 22.44 35.59 -2.32
C ALA H 161 22.34 34.07 -2.25
N GLY H 162 22.34 33.41 -3.41
CA GLY H 162 22.23 31.97 -3.46
C GLY H 162 23.45 31.23 -2.97
N ILE H 163 24.63 31.72 -3.34
CA ILE H 163 25.86 31.09 -2.92
C ILE H 163 25.96 31.08 -1.39
N TRP H 164 25.70 32.24 -0.79
CA TRP H 164 25.77 32.40 0.65
C TRP H 164 24.63 31.75 1.45
N ASN H 165 23.39 31.92 1.01
CA ASN H 165 22.26 31.36 1.77
C ASN H 165 21.70 30.00 1.40
N ASP H 166 22.08 29.47 0.24
CA ASP H 166 21.60 28.16 -0.18
C ASP H 166 22.74 27.15 -0.21
N LEU H 167 22.52 26.03 0.48
CA LEU H 167 23.52 24.96 0.55
C LEU H 167 23.74 24.29 -0.80
N GLY H 168 22.76 24.45 -1.69
CA GLY H 168 22.88 23.83 -3.00
C GLY H 168 23.70 24.66 -3.97
N SER H 169 24.11 25.85 -3.52
CA SER H 169 24.87 26.76 -4.37
C SER H 169 26.11 27.29 -3.66
N GLY H 170 27.16 27.54 -4.46
CA GLY H 170 28.39 28.07 -3.90
C GLY H 170 29.48 28.34 -4.93
N SER H 171 30.68 28.61 -4.41
CA SER H 171 31.86 28.88 -5.23
C SER H 171 31.88 30.20 -5.97
N ASN H 172 31.90 30.16 -7.30
CA ASN H 172 31.97 31.39 -8.08
C ASN H 172 30.72 31.83 -8.81
N VAL H 173 30.81 33.00 -9.44
CA VAL H 173 29.72 33.57 -10.20
C VAL H 173 30.14 33.71 -11.66
N ASP H 174 29.37 33.10 -12.56
CA ASP H 174 29.64 33.20 -13.99
C ASP H 174 28.59 34.13 -14.58
N VAL H 175 28.98 34.91 -15.56
CA VAL H 175 28.03 35.83 -16.19
C VAL H 175 28.20 35.80 -17.70
N CYS H 176 27.18 36.27 -18.39
CA CYS H 176 27.21 36.34 -19.83
C CYS H 176 26.30 37.48 -20.21
N VAL H 177 26.86 38.46 -20.92
CA VAL H 177 26.09 39.62 -21.34
C VAL H 177 25.83 39.60 -22.82
N MET H 178 24.57 39.81 -23.18
CA MET H 178 24.18 39.84 -24.57
C MET H 178 23.59 41.20 -24.83
N GLU H 179 24.36 42.04 -25.52
CA GLU H 179 23.93 43.39 -25.87
C GLU H 179 23.38 43.38 -27.28
N ILE H 180 22.33 44.16 -27.51
CA ILE H 180 21.65 44.21 -28.80
C ILE H 180 22.46 44.36 -30.09
N GLY H 181 23.60 45.05 -30.06
CA GLY H 181 24.34 45.18 -31.30
C GLY H 181 25.71 44.56 -31.29
N LYS H 182 26.14 44.07 -30.14
CA LYS H 182 27.49 43.52 -30.03
C LYS H 182 27.54 42.01 -29.88
N ASP H 183 28.77 41.49 -29.78
CA ASP H 183 28.97 40.06 -29.58
C ASP H 183 28.64 39.77 -28.13
N ALA H 184 28.08 38.60 -27.86
CA ALA H 184 27.77 38.24 -26.48
C ALA H 184 29.10 38.03 -25.79
N GLU H 185 29.23 38.48 -24.55
CA GLU H 185 30.49 38.25 -23.87
C GLU H 185 30.33 37.37 -22.64
N TYR H 186 30.99 36.23 -22.68
CA TYR H 186 30.95 35.24 -21.62
C TYR H 186 32.07 35.51 -20.62
N LEU H 187 31.68 35.99 -19.44
CA LEU H 187 32.62 36.30 -18.38
C LEU H 187 32.69 35.19 -17.35
N ARG H 188 33.47 34.16 -17.66
CA ARG H 188 33.65 33.01 -16.78
C ARG H 188 34.29 33.47 -15.48
N ASN H 189 33.81 32.93 -14.35
CA ASN H 189 34.32 33.29 -13.03
C ASN H 189 34.47 34.80 -12.84
N TYR H 190 33.40 35.51 -13.16
CA TYR H 190 33.36 36.96 -13.00
C TYR H 190 33.62 37.36 -11.56
N LEU H 191 33.33 36.45 -10.63
CA LEU H 191 33.54 36.64 -9.20
C LEU H 191 34.00 35.31 -8.62
N THR H 192 34.98 35.38 -7.71
CA THR H 192 35.51 34.18 -7.07
C THR H 192 35.74 34.50 -5.58
N PRO H 193 34.64 34.71 -4.83
CA PRO H 193 34.65 35.05 -3.41
C PRO H 193 34.85 33.88 -2.47
N ASN H 194 35.16 32.71 -3.03
CA ASN H 194 35.34 31.51 -2.22
C ASN H 194 36.62 30.73 -2.51
N VAL H 195 37.76 31.34 -2.19
CA VAL H 195 39.04 30.68 -2.39
C VAL H 195 39.39 29.92 -1.10
N ARG H 196 39.80 28.67 -1.25
CA ARG H 196 40.18 27.83 -0.10
C ARG H 196 41.46 28.35 0.56
N GLU H 197 41.39 28.62 1.87
CA GLU H 197 42.57 29.11 2.58
C GLU H 197 43.66 28.06 2.51
N GLU H 198 44.91 28.50 2.55
CA GLU H 198 46.03 27.56 2.48
C GLU H 198 45.92 26.54 3.61
N LYS H 199 46.17 25.26 3.27
CA LYS H 199 46.11 24.22 4.28
C LYS H 199 47.14 24.48 5.37
N GLN H 200 46.90 23.92 6.54
CA GLN H 200 47.76 24.09 7.70
C GLN H 200 48.99 23.20 7.67
N LYS H 201 49.13 22.39 6.64
CA LYS H 201 50.24 21.45 6.59
C LYS H 201 50.33 20.84 5.20
N SER H 202 51.46 20.24 4.86
CA SER H 202 51.60 19.60 3.55
C SER H 202 51.43 18.11 3.76
N TYR H 203 50.83 17.44 2.78
CA TYR H 203 50.62 16.01 2.91
C TYR H 203 51.37 15.23 1.86
N LYS H 204 52.33 15.91 1.23
CA LYS H 204 53.18 15.29 0.24
C LYS H 204 53.89 14.15 1.00
N PHE H 205 53.86 12.97 0.42
CA PHE H 205 54.46 11.80 1.05
C PHE H 205 55.91 11.55 0.64
N PRO H 206 56.72 10.99 1.56
CA PRO H 206 58.11 10.72 1.18
C PRO H 206 58.03 9.53 0.22
N ARG H 207 58.66 9.62 -0.94
CA ARG H 207 58.62 8.52 -1.91
C ARG H 207 59.03 7.21 -1.27
N GLY H 208 58.37 6.13 -1.67
CA GLY H 208 58.65 4.82 -1.11
C GLY H 208 57.69 4.50 0.02
N THR H 209 56.83 5.45 0.37
CA THR H 209 55.84 5.29 1.44
C THR H 209 54.82 4.18 1.15
N THR H 210 54.46 4.02 -0.10
CA THR H 210 53.48 3.01 -0.51
C THR H 210 54.10 1.66 -0.87
N ALA H 211 53.61 0.60 -0.26
CA ALA H 211 54.11 -0.74 -0.53
C ALA H 211 53.61 -1.24 -1.90
N VAL H 212 54.55 -1.63 -2.76
CA VAL H 212 54.19 -2.13 -4.08
C VAL H 212 54.45 -3.64 -4.20
N LEU H 213 53.57 -4.34 -4.91
CA LEU H 213 53.73 -5.79 -5.10
C LEU H 213 54.41 -6.16 -6.41
N LYS H 214 54.01 -5.45 -7.46
CA LYS H 214 54.53 -5.70 -8.79
C LYS H 214 54.41 -4.44 -9.64
N GLU H 215 55.38 -4.25 -10.53
CA GLU H 215 55.42 -3.08 -11.38
C GLU H 215 55.61 -3.56 -12.82
N SER H 216 55.14 -2.77 -13.78
CA SER H 216 55.27 -3.14 -15.18
C SER H 216 54.99 -1.97 -16.10
N ILE H 217 55.45 -2.08 -17.35
CA ILE H 217 55.22 -1.01 -18.31
C ILE H 217 54.06 -1.39 -19.22
N VAL H 218 53.14 -0.44 -19.39
CA VAL H 218 51.98 -0.63 -20.23
C VAL H 218 52.29 -0.21 -21.66
N ASN H 219 51.70 -0.91 -22.61
CA ASN H 219 51.91 -0.63 -24.03
C ASN H 219 50.82 0.26 -24.65
N ILE H 220 51.18 1.49 -25.00
CA ILE H 220 50.25 2.43 -25.60
C ILE H 220 50.33 2.41 -27.13
N CYS H 221 51.54 2.16 -27.64
CA CYS H 221 51.76 2.11 -29.08
C CYS H 221 51.36 0.74 -29.63
N ASP H 222 50.60 0.74 -30.73
CA ASP H 222 50.14 -0.50 -31.36
C ASP H 222 51.21 -1.26 -32.15
N SER I 1 19.71 -4.20 -4.18
CA SER I 1 18.60 -3.30 -4.61
C SER I 1 19.14 -2.10 -5.38
N ASP I 2 20.33 -1.64 -5.00
CA ASP I 2 20.97 -0.52 -5.65
C ASP I 2 22.06 -1.08 -6.56
N PRO I 3 21.79 -1.16 -7.87
CA PRO I 3 22.74 -1.69 -8.86
C PRO I 3 24.17 -1.20 -8.64
N SER I 4 24.31 0.03 -8.18
CA SER I 4 25.62 0.61 -7.94
C SER I 4 26.32 0.13 -6.67
N SER I 5 25.59 -0.60 -5.82
CA SER I 5 26.20 -1.09 -4.58
C SER I 5 26.24 -2.60 -4.47
N ILE I 6 26.01 -3.30 -5.59
CA ILE I 6 25.99 -4.74 -5.55
C ILE I 6 27.39 -5.36 -5.64
N ASN I 7 28.19 -4.86 -6.58
CA ASN I 7 29.53 -5.37 -6.81
C ASN I 7 30.64 -4.65 -6.05
N GLY I 8 30.44 -3.37 -5.75
CA GLY I 8 31.44 -2.60 -5.04
C GLY I 8 32.59 -2.19 -5.93
N GLY I 9 33.44 -1.29 -5.44
CA GLY I 9 34.58 -0.85 -6.22
C GLY I 9 34.73 0.64 -6.30
N ILE I 10 35.97 1.09 -6.52
CA ILE I 10 36.27 2.51 -6.64
C ILE I 10 37.36 2.81 -7.66
N VAL I 11 37.30 4.01 -8.21
CA VAL I 11 38.26 4.48 -9.20
C VAL I 11 38.57 5.93 -8.84
N VAL I 12 39.80 6.35 -9.08
CA VAL I 12 40.17 7.72 -8.80
C VAL I 12 41.24 8.12 -9.80
N ALA I 13 41.20 9.37 -10.24
CA ALA I 13 42.18 9.88 -11.18
C ALA I 13 42.62 11.27 -10.75
N MET I 14 43.91 11.55 -10.93
CA MET I 14 44.49 12.84 -10.57
C MET I 14 45.41 13.37 -11.67
N THR I 15 45.60 14.68 -11.67
CA THR I 15 46.48 15.32 -12.64
C THR I 15 47.71 15.79 -11.89
N GLY I 16 48.85 15.82 -12.59
CA GLY I 16 50.08 16.28 -12.00
C GLY I 16 50.83 17.14 -13.00
N LYS I 17 52.15 17.19 -12.86
CA LYS I 17 52.96 17.99 -13.78
C LYS I 17 53.29 17.15 -15.01
N ASP I 18 52.62 17.45 -16.11
CA ASP I 18 52.83 16.73 -17.36
C ASP I 18 52.55 15.24 -17.22
N CYS I 19 51.55 14.89 -16.40
CA CYS I 19 51.20 13.50 -16.19
C CYS I 19 49.80 13.37 -15.57
N VAL I 20 49.27 12.15 -15.58
CA VAL I 20 47.97 11.85 -14.97
C VAL I 20 48.05 10.47 -14.36
N ALA I 21 47.31 10.27 -13.28
CA ALA I 21 47.29 8.98 -12.61
C ALA I 21 45.86 8.53 -12.49
N ILE I 22 45.64 7.22 -12.54
CA ILE I 22 44.31 6.70 -12.39
C ILE I 22 44.43 5.35 -11.67
N ALA I 23 43.65 5.17 -10.62
CA ALA I 23 43.73 3.93 -9.86
C ALA I 23 42.38 3.34 -9.52
N CYS I 24 42.37 2.06 -9.15
CA CYS I 24 41.13 1.38 -8.79
C CYS I 24 41.41 0.17 -7.89
N ASP I 25 40.39 -0.29 -7.18
CA ASP I 25 40.55 -1.49 -6.34
C ASP I 25 40.32 -2.68 -7.26
N LEU I 26 40.51 -3.89 -6.75
CA LEU I 26 40.34 -5.07 -7.59
C LEU I 26 39.19 -5.95 -7.16
N ARG I 27 38.40 -5.47 -6.21
CA ARG I 27 37.31 -6.27 -5.71
C ARG I 27 36.09 -6.39 -6.63
N LEU I 28 35.42 -7.52 -6.52
CA LEU I 28 34.20 -7.81 -7.27
C LEU I 28 33.44 -8.66 -6.27
N GLY I 29 32.40 -8.09 -5.70
CA GLY I 29 31.65 -8.87 -4.73
C GLY I 29 30.23 -9.06 -5.18
N SER I 30 29.50 -9.76 -4.35
CA SER I 30 28.10 -10.03 -4.59
C SER I 30 27.51 -9.76 -3.20
N GLN I 31 27.25 -8.47 -2.95
CA GLN I 31 26.75 -8.04 -1.66
C GLN I 31 27.90 -8.30 -0.69
N SER I 32 27.65 -8.99 0.41
CA SER I 32 28.69 -9.26 1.39
C SER I 32 29.79 -10.21 0.90
N LEU I 33 29.43 -11.17 0.06
CA LEU I 33 30.37 -12.15 -0.47
C LEU I 33 31.40 -11.64 -1.48
N GLY I 34 32.68 -11.72 -1.14
CA GLY I 34 33.74 -11.30 -2.04
C GLY I 34 33.87 -12.39 -3.09
N VAL I 35 33.92 -12.03 -4.37
CA VAL I 35 33.99 -13.03 -5.42
C VAL I 35 35.29 -13.06 -6.22
N SER I 36 35.84 -11.88 -6.51
CA SER I 36 37.08 -11.83 -7.25
C SER I 36 37.98 -10.73 -6.76
N ASN I 37 39.28 -10.99 -6.79
CA ASN I 37 40.31 -10.04 -6.38
C ASN I 37 41.15 -9.62 -7.57
N LYS I 38 40.67 -9.98 -8.76
CA LYS I 38 41.39 -9.66 -9.99
C LYS I 38 40.50 -8.92 -10.98
N PHE I 39 39.44 -8.31 -10.48
CA PHE I 39 38.51 -7.57 -11.34
C PHE I 39 39.01 -6.15 -11.50
N GLU I 40 39.75 -5.92 -12.58
CA GLU I 40 40.30 -4.60 -12.83
C GLU I 40 39.22 -3.70 -13.43
N LYS I 41 39.23 -2.45 -13.02
CA LYS I 41 38.23 -1.50 -13.46
C LYS I 41 38.79 -0.41 -14.36
N ILE I 42 40.03 -0.57 -14.81
CA ILE I 42 40.63 0.42 -15.68
C ILE I 42 40.99 -0.21 -17.00
N PHE I 43 40.58 0.45 -18.09
CA PHE I 43 40.85 -0.05 -19.43
C PHE I 43 41.47 1.07 -20.24
N HIS I 44 42.06 0.75 -21.38
CA HIS I 44 42.63 1.78 -22.21
C HIS I 44 42.43 1.49 -23.69
N TYR I 45 42.22 2.58 -24.43
CA TYR I 45 42.02 2.55 -25.87
C TYR I 45 43.08 3.54 -26.35
N GLY I 46 44.14 2.99 -26.93
CA GLY I 46 45.23 3.83 -27.37
C GLY I 46 45.85 4.37 -26.09
N HIS I 47 46.04 5.68 -26.03
CA HIS I 47 46.62 6.31 -24.85
C HIS I 47 45.52 6.89 -23.95
N VAL I 48 44.27 6.57 -24.21
CA VAL I 48 43.19 7.09 -23.38
C VAL I 48 42.74 6.00 -22.42
N PHE I 49 42.72 6.35 -21.13
CA PHE I 49 42.32 5.42 -20.09
C PHE I 49 40.94 5.68 -19.54
N LEU I 50 40.22 4.59 -19.29
CA LEU I 50 38.88 4.67 -18.77
C LEU I 50 38.69 3.79 -17.56
N GLY I 51 38.25 4.39 -16.46
CA GLY I 51 37.99 3.61 -15.27
C GLY I 51 36.48 3.54 -15.17
N ILE I 52 35.95 2.41 -14.74
CA ILE I 52 34.50 2.28 -14.61
C ILE I 52 34.10 1.55 -13.33
N THR I 53 33.35 2.23 -12.47
CA THR I 53 32.86 1.61 -11.24
C THR I 53 31.36 1.42 -11.40
N GLY I 54 30.77 0.56 -10.58
CA GLY I 54 29.34 0.34 -10.68
C GLY I 54 29.00 -1.12 -10.86
N LEU I 55 27.87 -1.40 -11.51
CA LEU I 55 27.44 -2.76 -11.75
C LEU I 55 28.45 -3.40 -12.71
N ALA I 56 29.08 -4.49 -12.25
CA ALA I 56 30.11 -5.19 -13.03
C ALA I 56 29.72 -5.57 -14.45
N THR I 57 28.54 -6.14 -14.63
CA THR I 57 28.10 -6.53 -15.96
C THR I 57 28.12 -5.31 -16.90
N ASP I 58 27.71 -4.16 -16.39
CA ASP I 58 27.73 -2.95 -17.21
C ASP I 58 29.15 -2.45 -17.41
N VAL I 59 30.01 -2.65 -16.40
CA VAL I 59 31.40 -2.24 -16.50
C VAL I 59 32.03 -3.01 -17.64
N THR I 60 31.75 -4.32 -17.69
CA THR I 60 32.29 -5.16 -18.75
C THR I 60 31.69 -4.75 -20.08
N THR I 61 30.37 -4.57 -20.13
CA THR I 61 29.69 -4.19 -21.36
C THR I 61 30.20 -2.85 -21.89
N LEU I 62 30.32 -1.86 -21.02
CA LEU I 62 30.79 -0.57 -21.49
C LEU I 62 32.20 -0.62 -22.03
N ASN I 63 33.03 -1.47 -21.46
CA ASN I 63 34.39 -1.57 -21.95
C ASN I 63 34.38 -2.16 -23.34
N GLU I 64 33.65 -3.25 -23.51
CA GLU I 64 33.56 -3.90 -24.81
C GLU I 64 32.96 -2.93 -25.82
N MET I 65 32.01 -2.11 -25.39
CA MET I 65 31.41 -1.12 -26.28
C MET I 65 32.42 -0.05 -26.72
N PHE I 66 33.11 0.56 -25.77
CA PHE I 66 34.08 1.58 -26.11
C PHE I 66 35.27 1.05 -26.92
N ARG I 67 35.62 -0.22 -26.74
CA ARG I 67 36.71 -0.80 -27.50
C ARG I 67 36.23 -0.81 -28.94
N TYR I 68 35.02 -1.31 -29.12
CA TYR I 68 34.36 -1.42 -30.42
C TYR I 68 34.30 -0.06 -31.12
N LYS I 69 33.88 0.97 -30.39
CA LYS I 69 33.78 2.30 -30.96
C LYS I 69 35.11 2.98 -31.22
N THR I 70 36.06 2.82 -30.32
CA THR I 70 37.36 3.43 -30.55
C THR I 70 38.11 2.71 -31.68
N ASN I 71 37.78 1.43 -31.89
CA ASN I 71 38.41 0.69 -32.97
C ASN I 71 37.96 1.25 -34.31
N LEU I 72 36.66 1.41 -34.49
CA LEU I 72 36.13 1.96 -35.73
C LEU I 72 36.59 3.39 -35.88
N TYR I 73 36.71 4.10 -34.77
CA TYR I 73 37.14 5.49 -34.83
C TYR I 73 38.55 5.58 -35.42
N LYS I 74 39.41 4.66 -35.00
CA LYS I 74 40.78 4.65 -35.48
C LYS I 74 40.83 4.31 -36.97
N LEU I 75 40.03 3.34 -37.38
CA LEU I 75 39.99 2.95 -38.79
C LEU I 75 39.55 4.09 -39.71
N LYS I 76 38.53 4.85 -39.29
CA LYS I 76 38.03 5.95 -40.12
C LYS I 76 38.89 7.19 -40.04
N GLU I 77 39.21 7.62 -38.82
CA GLU I 77 39.99 8.83 -38.60
C GLU I 77 41.48 8.67 -38.88
N GLU I 78 41.94 7.42 -38.87
CA GLU I 78 43.35 7.11 -39.09
C GLU I 78 44.24 7.74 -38.03
N ARG I 79 43.75 7.75 -36.79
CA ARG I 79 44.50 8.29 -35.68
C ARG I 79 43.78 7.85 -34.42
N ALA I 80 44.52 7.81 -33.32
CA ALA I 80 43.95 7.38 -32.05
C ALA I 80 43.06 8.49 -31.51
N ILE I 81 42.04 8.11 -30.76
CA ILE I 81 41.12 9.09 -30.18
C ILE I 81 41.79 9.82 -29.01
N GLU I 82 41.43 11.10 -28.82
CA GLU I 82 42.00 11.89 -27.74
C GLU I 82 41.12 11.91 -26.50
N PRO I 83 41.72 12.22 -25.33
CA PRO I 83 40.99 12.26 -24.06
C PRO I 83 39.71 13.08 -24.16
N GLU I 84 39.82 14.30 -24.67
CA GLU I 84 38.68 15.19 -24.81
C GLU I 84 37.57 14.60 -25.67
N THR I 85 37.93 14.10 -26.84
CA THR I 85 36.95 13.52 -27.76
C THR I 85 36.28 12.30 -27.16
N PHE I 86 37.09 11.40 -26.59
CA PHE I 86 36.58 10.18 -25.98
C PHE I 86 35.57 10.55 -24.89
N THR I 87 35.87 11.60 -24.14
CA THR I 87 34.98 12.05 -23.09
C THR I 87 33.60 12.34 -23.66
N GLN I 88 33.56 13.04 -24.79
CA GLN I 88 32.31 13.37 -25.44
C GLN I 88 31.60 12.10 -25.93
N LEU I 89 32.40 11.12 -26.37
CA LEU I 89 31.86 9.86 -26.87
C LEU I 89 31.20 9.08 -25.75
N VAL I 90 31.82 9.09 -24.57
CA VAL I 90 31.28 8.39 -23.41
C VAL I 90 29.98 9.07 -22.98
N SER I 91 30.02 10.39 -22.94
CA SER I 91 28.86 11.19 -22.53
C SER I 91 27.66 10.91 -23.44
N SER I 92 27.85 11.03 -24.75
CA SER I 92 26.74 10.80 -25.66
C SER I 92 26.30 9.33 -25.64
N SER I 93 27.23 8.41 -25.41
CA SER I 93 26.88 7.00 -25.35
C SER I 93 26.02 6.70 -24.12
N LEU I 94 26.33 7.32 -22.98
CA LEU I 94 25.55 7.07 -21.78
C LEU I 94 24.15 7.67 -21.89
N TYR I 95 24.08 8.92 -22.33
CA TYR I 95 22.79 9.60 -22.46
C TYR I 95 21.85 8.91 -23.43
N GLU I 96 22.42 8.12 -24.33
CA GLU I 96 21.63 7.42 -25.31
C GLU I 96 20.74 6.37 -24.64
N ARG I 97 21.10 6.02 -23.40
CA ARG I 97 20.35 5.05 -22.63
C ARG I 97 19.74 5.81 -21.46
N ARG I 98 19.39 7.07 -21.70
CA ARG I 98 18.81 7.93 -20.68
C ARG I 98 17.71 7.29 -19.81
N PHE I 99 16.85 6.50 -20.43
CA PHE I 99 15.75 5.89 -19.69
C PHE I 99 15.89 4.40 -19.41
N GLY I 100 17.12 3.94 -19.39
CA GLY I 100 17.46 2.55 -19.10
C GLY I 100 18.97 2.62 -19.04
N PRO I 101 19.52 3.48 -18.17
CA PRO I 101 20.95 3.69 -18.00
C PRO I 101 21.77 2.53 -17.51
N TYR I 102 23.05 2.61 -17.82
CA TYR I 102 24.04 1.63 -17.38
C TYR I 102 24.33 2.17 -15.98
N PHE I 103 24.44 1.29 -14.99
CA PHE I 103 24.70 1.75 -13.63
C PHE I 103 26.21 1.79 -13.39
N VAL I 104 26.83 2.84 -13.91
CA VAL I 104 28.27 3.01 -13.83
C VAL I 104 28.70 4.42 -13.47
N GLY I 105 29.98 4.54 -13.12
CA GLY I 105 30.56 5.83 -12.79
C GLY I 105 31.86 5.87 -13.55
N PRO I 106 31.83 6.29 -14.82
CA PRO I 106 33.06 6.35 -15.62
C PRO I 106 34.02 7.48 -15.25
N VAL I 107 35.31 7.20 -15.44
CA VAL I 107 36.36 8.18 -15.18
C VAL I 107 37.35 8.09 -16.33
N VAL I 108 37.56 9.21 -17.01
CA VAL I 108 38.48 9.27 -18.14
C VAL I 108 39.78 9.99 -17.76
N ALA I 109 40.91 9.42 -18.15
CA ALA I 109 42.20 10.01 -17.85
C ALA I 109 43.17 9.79 -19.02
N GLY I 110 43.95 10.83 -19.32
CA GLY I 110 44.92 10.71 -20.39
C GLY I 110 45.61 12.03 -20.68
N ILE I 111 46.60 11.99 -21.56
CA ILE I 111 47.33 13.19 -21.95
C ILE I 111 47.12 13.41 -23.44
N ASN I 112 46.66 14.60 -23.81
CA ASN I 112 46.44 14.91 -25.22
C ASN I 112 47.76 14.77 -25.97
N SER I 113 47.80 13.90 -26.98
CA SER I 113 49.01 13.66 -27.75
C SER I 113 49.51 14.88 -28.54
N LYS I 114 48.60 15.80 -28.86
CA LYS I 114 49.00 16.96 -29.63
C LYS I 114 49.40 18.13 -28.74
N SER I 115 48.68 18.32 -27.63
CA SER I 115 48.97 19.44 -26.73
C SER I 115 49.73 19.03 -25.47
N GLY I 116 49.91 17.73 -25.26
CA GLY I 116 50.62 17.26 -24.08
C GLY I 116 49.93 17.64 -22.78
N LYS I 117 48.75 18.24 -22.89
CA LYS I 117 47.95 18.67 -21.74
C LYS I 117 47.28 17.48 -21.04
N PRO I 118 47.49 17.34 -19.70
CA PRO I 118 46.91 16.25 -18.92
C PRO I 118 45.39 16.44 -18.83
N PHE I 119 44.66 15.33 -18.95
CA PHE I 119 43.20 15.41 -18.92
C PHE I 119 42.49 14.33 -18.12
N ILE I 120 41.49 14.75 -17.35
CA ILE I 120 40.67 13.82 -16.58
C ILE I 120 39.22 14.32 -16.60
N ALA I 121 38.29 13.40 -16.42
CA ALA I 121 36.87 13.74 -16.39
C ALA I 121 36.04 12.61 -15.80
N GLY I 122 34.90 12.96 -15.25
CA GLY I 122 34.01 11.97 -14.67
C GLY I 122 32.61 12.16 -15.19
N PHE I 123 31.78 11.12 -15.09
CA PHE I 123 30.40 11.22 -15.57
C PHE I 123 29.46 10.57 -14.57
N ASP I 124 28.19 10.96 -14.60
CA ASP I 124 27.21 10.29 -13.75
C ASP I 124 26.61 9.22 -14.69
N LEU I 125 25.83 8.29 -14.15
CA LEU I 125 25.30 7.22 -14.98
C LEU I 125 24.61 7.59 -16.30
N ILE I 126 24.10 8.81 -16.41
CA ILE I 126 23.45 9.19 -17.67
C ILE I 126 24.27 10.14 -18.53
N GLY I 127 25.57 10.22 -18.27
CA GLY I 127 26.44 11.02 -19.08
C GLY I 127 26.87 12.42 -18.71
N CYS I 128 26.31 13.00 -17.64
CA CYS I 128 26.72 14.35 -17.29
C CYS I 128 28.22 14.39 -17.02
N ILE I 129 28.93 15.25 -17.75
CA ILE I 129 30.38 15.37 -17.62
C ILE I 129 30.82 16.27 -16.48
N ASP I 130 31.74 15.77 -15.67
CA ASP I 130 32.30 16.51 -14.56
C ASP I 130 33.77 16.71 -14.96
N GLU I 131 34.18 17.93 -15.27
CA GLU I 131 35.57 18.09 -15.66
C GLU I 131 36.42 18.89 -14.70
N ALA I 132 36.80 18.24 -13.60
CA ALA I 132 37.65 18.86 -12.62
C ALA I 132 39.08 18.78 -13.15
N LYS I 133 39.91 19.71 -12.69
CA LYS I 133 41.30 19.78 -13.10
C LYS I 133 42.19 18.98 -12.14
N ASP I 134 41.78 18.91 -10.88
CA ASP I 134 42.55 18.19 -9.86
C ASP I 134 42.33 16.68 -9.82
N PHE I 135 41.16 16.25 -9.38
CA PHE I 135 40.86 14.82 -9.27
C PHE I 135 39.40 14.49 -9.53
N ILE I 136 39.15 13.22 -9.81
CA ILE I 136 37.80 12.71 -10.05
C ILE I 136 37.72 11.40 -9.28
N VAL I 137 36.61 11.19 -8.59
CA VAL I 137 36.44 9.96 -7.82
C VAL I 137 35.15 9.27 -8.21
N SER I 138 35.06 7.97 -7.94
CA SER I 138 33.87 7.22 -8.30
C SER I 138 33.82 5.89 -7.56
N GLY I 139 32.62 5.40 -7.30
CA GLY I 139 32.49 4.13 -6.62
C GLY I 139 31.83 4.19 -5.27
N THR I 140 31.75 3.05 -4.61
CA THR I 140 31.12 2.90 -3.30
C THR I 140 31.82 3.60 -2.14
N ALA I 141 33.00 4.15 -2.38
CA ALA I 141 33.74 4.84 -1.31
C ALA I 141 34.09 6.23 -1.77
N SER I 142 33.28 6.77 -2.68
CA SER I 142 33.50 8.10 -3.22
C SER I 142 33.53 9.21 -2.17
N ASP I 143 32.75 9.07 -1.10
CA ASP I 143 32.75 10.06 -0.03
C ASP I 143 34.12 10.04 0.63
N GLN I 144 34.63 8.85 0.89
CA GLN I 144 35.94 8.68 1.49
C GLN I 144 37.01 9.21 0.54
N LEU I 145 36.88 8.94 -0.76
CA LEU I 145 37.85 9.42 -1.74
C LEU I 145 37.84 10.95 -1.78
N PHE I 146 36.67 11.56 -1.72
CA PHE I 146 36.61 13.02 -1.73
C PHE I 146 37.33 13.53 -0.48
N GLY I 147 37.17 12.81 0.63
CA GLY I 147 37.82 13.17 1.86
C GLY I 147 39.32 13.16 1.71
N MET I 148 39.86 12.02 1.27
CA MET I 148 41.29 11.86 1.07
C MET I 148 41.82 12.88 0.07
N CYS I 149 41.29 12.84 -1.15
CA CYS I 149 41.74 13.74 -2.20
C CYS I 149 41.78 15.20 -1.83
N GLU I 150 40.71 15.72 -1.25
CA GLU I 150 40.70 17.13 -0.89
C GLU I 150 41.85 17.48 0.04
N SER I 151 42.19 16.57 0.95
CA SER I 151 43.29 16.82 1.88
C SER I 151 44.67 16.55 1.27
N LEU I 152 44.86 15.33 0.78
CA LEU I 152 46.15 14.93 0.21
C LEU I 152 46.57 15.58 -1.09
N TYR I 153 45.64 16.19 -1.82
CA TYR I 153 46.00 16.77 -3.10
C TYR I 153 46.56 18.19 -3.13
N GLU I 154 47.53 18.38 -4.02
CA GLU I 154 48.15 19.68 -4.29
C GLU I 154 48.56 19.62 -5.76
N PRO I 155 48.54 20.76 -6.46
CA PRO I 155 48.89 20.88 -7.87
C PRO I 155 50.29 20.46 -8.30
N ASN I 156 50.42 20.24 -9.61
CA ASN I 156 51.67 19.86 -10.29
C ASN I 156 52.62 18.88 -9.63
N LEU I 157 52.10 17.84 -9.00
CA LEU I 157 52.96 16.85 -8.39
C LEU I 157 53.72 16.11 -9.49
N GLU I 158 54.94 15.69 -9.18
CA GLU I 158 55.74 14.95 -10.15
C GLU I 158 55.26 13.51 -10.15
N PRO I 159 55.40 12.82 -11.28
CA PRO I 159 54.98 11.42 -11.42
C PRO I 159 55.16 10.55 -10.17
N GLU I 160 56.39 10.45 -9.68
CA GLU I 160 56.70 9.63 -8.50
C GLU I 160 56.01 10.12 -7.22
N ASP I 161 55.65 11.40 -7.21
CA ASP I 161 54.97 12.02 -6.07
C ASP I 161 53.48 11.74 -6.18
N LEU I 162 52.90 12.05 -7.35
CA LEU I 162 51.49 11.82 -7.60
C LEU I 162 51.19 10.35 -7.31
N PHE I 163 52.13 9.48 -7.65
CA PHE I 163 51.94 8.07 -7.38
C PHE I 163 51.71 7.80 -5.89
N GLU I 164 52.44 8.51 -5.04
CA GLU I 164 52.30 8.31 -3.59
C GLU I 164 50.97 8.86 -3.13
N THR I 165 50.61 10.03 -3.66
CA THR I 165 49.36 10.67 -3.28
C THR I 165 48.12 9.91 -3.72
N ILE I 166 48.06 9.53 -4.99
CA ILE I 166 46.89 8.81 -5.45
C ILE I 166 46.79 7.45 -4.79
N SER I 167 47.93 6.84 -4.46
CA SER I 167 47.91 5.52 -3.83
C SER I 167 47.39 5.57 -2.40
N GLN I 168 47.76 6.63 -1.69
CA GLN I 168 47.34 6.78 -0.30
C GLN I 168 45.87 7.15 -0.25
N ALA I 169 45.41 7.92 -1.23
CA ALA I 169 44.01 8.32 -1.29
C ALA I 169 43.16 7.09 -1.49
N LEU I 170 43.48 6.32 -2.54
CA LEU I 170 42.75 5.10 -2.86
C LEU I 170 42.77 4.10 -1.71
N LEU I 171 43.96 3.80 -1.21
CA LEU I 171 44.14 2.84 -0.14
C LEU I 171 43.40 3.11 1.17
N ASN I 172 43.41 4.35 1.63
CA ASN I 172 42.75 4.68 2.89
C ASN I 172 41.25 4.82 2.77
N ALA I 173 40.78 5.19 1.59
CA ALA I 173 39.35 5.32 1.36
C ALA I 173 38.78 3.91 1.29
N ALA I 174 39.48 3.03 0.57
CA ALA I 174 39.05 1.64 0.42
C ALA I 174 38.96 0.89 1.74
N ASP I 175 39.83 1.24 2.68
CA ASP I 175 39.82 0.56 3.96
C ASP I 175 38.69 0.98 4.86
N ARG I 176 38.00 2.05 4.48
CA ARG I 176 36.85 2.54 5.23
C ARG I 176 35.55 2.14 4.52
N ASP I 177 35.70 1.41 3.42
CA ASP I 177 34.55 0.93 2.64
C ASP I 177 34.56 -0.59 2.61
N ALA I 178 33.47 -1.18 3.08
CA ALA I 178 33.29 -2.63 3.13
C ALA I 178 33.32 -3.31 1.76
N LEU I 179 32.85 -2.61 0.73
CA LEU I 179 32.80 -3.19 -0.61
C LEU I 179 34.00 -2.93 -1.52
N SER I 180 34.97 -2.16 -1.04
CA SER I 180 36.19 -1.88 -1.82
C SER I 180 37.38 -2.56 -1.17
N GLY I 181 38.43 -2.75 -1.97
CA GLY I 181 39.65 -3.37 -1.45
C GLY I 181 40.06 -4.63 -2.18
N TRP I 182 40.65 -5.57 -1.46
CA TRP I 182 41.08 -6.82 -2.06
C TRP I 182 42.09 -6.63 -3.17
N GLY I 183 42.87 -5.55 -3.09
CA GLY I 183 43.87 -5.29 -4.10
C GLY I 183 43.62 -3.96 -4.77
N ALA I 184 44.67 -3.37 -5.31
CA ALA I 184 44.56 -2.10 -5.98
C ALA I 184 45.60 -2.07 -7.08
N VAL I 185 45.45 -1.14 -8.02
CA VAL I 185 46.39 -1.00 -9.11
C VAL I 185 46.38 0.47 -9.53
N VAL I 186 47.59 1.03 -9.70
CA VAL I 186 47.74 2.43 -10.07
C VAL I 186 48.46 2.56 -11.38
N TYR I 187 48.00 3.52 -12.19
CA TYR I 187 48.58 3.80 -13.49
C TYR I 187 49.17 5.21 -13.49
N ILE I 188 50.46 5.33 -13.74
CA ILE I 188 51.09 6.63 -13.81
C ILE I 188 51.27 6.81 -15.31
N ILE I 189 50.64 7.84 -15.84
CA ILE I 189 50.68 8.08 -17.28
C ILE I 189 51.44 9.33 -17.70
N LYS I 190 52.31 9.16 -18.69
CA LYS I 190 53.11 10.25 -19.25
C LYS I 190 53.03 10.24 -20.77
N LYS I 191 53.33 11.38 -21.39
CA LYS I 191 53.29 11.53 -22.84
C LYS I 191 53.96 10.41 -23.64
N ASP I 192 54.89 9.71 -23.00
CA ASP I 192 55.67 8.67 -23.66
C ASP I 192 55.61 7.29 -23.04
N GLU I 193 55.41 7.22 -21.73
CA GLU I 193 55.35 5.93 -21.05
C GLU I 193 54.21 5.86 -20.03
N VAL I 194 53.83 4.63 -19.71
CA VAL I 194 52.77 4.38 -18.76
C VAL I 194 53.17 3.21 -17.86
N VAL I 195 53.25 3.47 -16.57
CA VAL I 195 53.64 2.45 -15.62
C VAL I 195 52.41 1.98 -14.85
N LYS I 196 52.34 0.68 -14.59
CA LYS I 196 51.23 0.09 -13.86
C LYS I 196 51.77 -0.62 -12.62
N ARG I 197 51.40 -0.13 -11.44
CA ARG I 197 51.86 -0.75 -10.19
C ARG I 197 50.73 -1.32 -9.32
N TYR I 198 50.88 -2.57 -8.90
CA TYR I 198 49.90 -3.21 -8.02
C TYR I 198 50.29 -2.93 -6.59
N LEU I 199 49.38 -2.37 -5.81
CA LEU I 199 49.67 -2.04 -4.42
C LEU I 199 49.44 -3.24 -3.50
N LYS I 200 50.06 -3.19 -2.32
CA LYS I 200 49.89 -4.24 -1.33
C LYS I 200 48.99 -3.69 -0.24
N MET I 201 47.84 -4.33 -0.02
CA MET I 201 46.89 -3.86 0.98
C MET I 201 46.21 -4.98 1.75
N ARG I 202 45.41 -4.60 2.76
CA ARG I 202 44.69 -5.57 3.57
C ARG I 202 43.84 -6.45 2.66
N GLN I 203 43.49 -7.64 3.12
CA GLN I 203 42.68 -8.52 2.29
C GLN I 203 41.37 -8.91 2.99
N ASP I 204 40.79 -7.95 3.70
CA ASP I 204 39.53 -8.17 4.41
C ASP I 204 38.49 -7.07 4.08
N MET J 1 18.36 -22.19 -3.08
CA MET J 1 18.75 -22.56 -4.47
C MET J 1 19.54 -23.89 -4.49
N ASP J 2 19.88 -24.34 -5.69
CA ASP J 2 20.62 -25.57 -5.89
C ASP J 2 22.11 -25.37 -5.61
N ILE J 3 22.90 -26.42 -5.78
CA ILE J 3 24.33 -26.34 -5.56
C ILE J 3 25.11 -26.42 -6.86
N ILE J 4 25.92 -25.41 -7.11
CA ILE J 4 26.72 -25.34 -8.31
C ILE J 4 28.13 -25.00 -7.88
N LEU J 5 29.00 -25.99 -7.92
CA LEU J 5 30.40 -25.83 -7.53
C LEU J 5 31.32 -26.11 -8.69
N GLY J 6 32.42 -25.39 -8.73
CA GLY J 6 33.38 -25.59 -9.79
C GLY J 6 34.78 -25.38 -9.29
N ILE J 7 35.70 -26.23 -9.74
CA ILE J 7 37.08 -26.09 -9.32
C ILE J 7 38.03 -26.49 -10.45
N ARG J 8 39.00 -25.62 -10.66
CA ARG J 8 40.00 -25.80 -11.70
C ARG J 8 41.33 -26.23 -11.09
N VAL J 9 41.68 -27.49 -11.33
CA VAL J 9 42.94 -28.03 -10.83
C VAL J 9 44.04 -27.86 -11.87
N GLN J 10 45.04 -28.74 -11.83
CA GLN J 10 46.17 -28.66 -12.77
C GLN J 10 45.83 -28.90 -14.24
N ASP J 11 45.20 -30.04 -14.52
CA ASP J 11 44.92 -30.35 -15.91
C ASP J 11 43.46 -30.63 -16.21
N SER J 12 42.57 -30.06 -15.42
CA SER J 12 41.15 -30.26 -15.65
C SER J 12 40.28 -29.33 -14.84
N VAL J 13 38.98 -29.38 -15.11
CA VAL J 13 38.01 -28.56 -14.41
C VAL J 13 36.95 -29.53 -13.91
N ILE J 14 36.59 -29.39 -12.64
CA ILE J 14 35.59 -30.26 -12.06
C ILE J 14 34.34 -29.46 -11.68
N LEU J 15 33.18 -29.97 -12.10
CA LEU J 15 31.91 -29.32 -11.79
C LEU J 15 31.03 -30.25 -10.97
N ALA J 16 30.64 -29.79 -9.79
CA ALA J 16 29.77 -30.56 -8.91
C ALA J 16 28.43 -29.81 -8.82
N SER J 17 27.33 -30.51 -9.12
CA SER J 17 26.01 -29.89 -9.12
C SER J 17 24.99 -30.77 -8.39
N SER J 18 24.19 -30.16 -7.50
CA SER J 18 23.19 -30.91 -6.75
C SER J 18 22.18 -31.62 -7.66
N LYS J 19 21.66 -32.75 -7.19
CA LYS J 19 20.74 -33.59 -7.94
C LYS J 19 19.27 -33.36 -7.67
N ALA J 20 18.95 -32.63 -6.63
CA ALA J 20 17.55 -32.39 -6.29
C ALA J 20 16.83 -31.34 -7.13
N VAL J 21 15.56 -31.60 -7.38
CA VAL J 21 14.68 -30.69 -8.08
C VAL J 21 13.47 -30.65 -7.18
N THR J 22 13.29 -29.51 -6.50
CA THR J 22 12.19 -29.33 -5.58
C THR J 22 11.15 -28.36 -6.11
N ARG J 23 9.89 -28.75 -6.02
CA ARG J 23 8.81 -27.91 -6.46
C ARG J 23 7.84 -27.76 -5.30
N GLY J 24 8.03 -26.68 -4.55
CA GLY J 24 7.19 -26.41 -3.41
C GLY J 24 7.52 -27.23 -2.20
N ILE J 25 6.58 -28.12 -1.86
CA ILE J 25 6.70 -28.98 -0.70
C ILE J 25 7.40 -30.33 -0.97
N SER J 26 7.34 -30.80 -2.22
CA SER J 26 7.95 -32.08 -2.55
C SER J 26 9.20 -32.03 -3.42
N VAL J 27 10.05 -33.03 -3.24
CA VAL J 27 11.27 -33.17 -4.03
C VAL J 27 10.85 -34.06 -5.20
N LEU J 28 10.62 -33.44 -6.36
CA LEU J 28 10.18 -34.15 -7.55
C LEU J 28 11.18 -35.14 -8.13
N LYS J 29 12.47 -34.86 -7.98
CA LYS J 29 13.48 -35.72 -8.54
C LYS J 29 14.76 -35.59 -7.71
N ASP J 30 15.59 -36.63 -7.75
CA ASP J 30 16.85 -36.61 -6.99
C ASP J 30 18.02 -37.15 -7.82
N SER J 31 17.87 -37.07 -9.13
CA SER J 31 18.90 -37.54 -10.05
C SER J 31 19.00 -36.62 -11.25
N ASP J 32 18.74 -35.34 -11.02
CA ASP J 32 18.77 -34.35 -12.08
C ASP J 32 20.19 -33.90 -12.40
N ASP J 33 20.51 -33.85 -13.69
CA ASP J 33 21.83 -33.42 -14.13
C ASP J 33 21.78 -31.97 -14.63
N LYS J 34 22.13 -31.04 -13.73
CA LYS J 34 22.10 -29.60 -14.05
C LYS J 34 23.31 -29.18 -14.86
N THR J 35 23.48 -29.83 -16.01
CA THR J 35 24.62 -29.58 -16.88
C THR J 35 24.29 -29.80 -18.36
N ARG J 36 25.04 -29.15 -19.24
CA ARG J 36 24.88 -29.32 -20.69
C ARG J 36 26.28 -29.23 -21.29
N GLN J 37 26.59 -30.14 -22.20
CA GLN J 37 27.88 -30.11 -22.86
C GLN J 37 27.75 -29.18 -24.06
N LEU J 38 28.52 -28.10 -24.06
CA LEU J 38 28.46 -27.14 -25.15
C LEU J 38 29.31 -27.55 -26.34
N SER J 39 30.31 -28.38 -26.08
CA SER J 39 31.22 -28.88 -27.11
C SER J 39 32.06 -30.00 -26.49
N PRO J 40 32.77 -30.76 -27.31
CA PRO J 40 33.58 -31.84 -26.74
C PRO J 40 34.46 -31.46 -25.55
N HIS J 41 34.93 -30.23 -25.47
CA HIS J 41 35.77 -29.82 -24.35
C HIS J 41 35.22 -28.67 -23.49
N THR J 42 33.92 -28.41 -23.59
CA THR J 42 33.32 -27.36 -22.78
C THR J 42 31.99 -27.81 -22.17
N LEU J 43 31.93 -27.73 -20.84
CA LEU J 43 30.76 -28.13 -20.09
C LEU J 43 30.17 -26.92 -19.34
N MET J 44 28.85 -26.87 -19.21
CA MET J 44 28.22 -25.75 -18.50
C MET J 44 27.16 -26.22 -17.50
N SER J 45 27.34 -25.84 -16.24
CA SER J 45 26.37 -26.16 -15.19
C SER J 45 25.53 -24.90 -14.96
N PHE J 46 24.31 -25.08 -14.47
CA PHE J 46 23.41 -23.94 -14.27
C PHE J 46 22.40 -24.09 -13.13
N ALA J 47 21.99 -22.96 -12.57
CA ALA J 47 21.00 -22.94 -11.47
C ALA J 47 20.20 -21.63 -11.50
N GLY J 48 18.94 -21.69 -11.10
CA GLY J 48 18.11 -20.50 -11.08
C GLY J 48 16.64 -20.78 -11.27
N GLU J 49 15.95 -19.83 -11.89
CA GLU J 49 14.50 -19.89 -12.15
C GLU J 49 14.07 -21.19 -12.86
N ALA J 50 13.02 -21.80 -12.33
CA ALA J 50 12.46 -23.06 -12.79
C ALA J 50 12.48 -23.41 -14.28
N GLY J 51 11.94 -22.58 -15.16
CA GLY J 51 11.97 -22.98 -16.56
C GLY J 51 13.14 -22.44 -17.36
N ASP J 52 13.52 -21.21 -17.07
CA ASP J 52 14.60 -20.50 -17.75
C ASP J 52 15.91 -21.24 -17.71
N THR J 53 16.09 -21.98 -16.65
CA THR J 53 17.30 -22.73 -16.41
C THR J 53 17.69 -23.66 -17.58
N VAL J 54 16.87 -24.64 -17.89
CA VAL J 54 17.20 -25.56 -18.98
C VAL J 54 17.03 -24.87 -20.32
N GLN J 55 15.99 -24.04 -20.45
CA GLN J 55 15.75 -23.33 -21.71
C GLN J 55 16.97 -22.55 -22.16
N PHE J 56 17.64 -21.90 -21.20
CA PHE J 56 18.82 -21.12 -21.53
C PHE J 56 19.97 -22.06 -21.90
N ALA J 57 20.20 -23.06 -21.05
CA ALA J 57 21.28 -24.00 -21.30
C ALA J 57 21.18 -24.59 -22.71
N GLU J 58 20.00 -25.10 -23.06
CA GLU J 58 19.80 -25.70 -24.37
C GLU J 58 19.95 -24.71 -25.51
N TYR J 59 19.55 -23.47 -25.27
CA TYR J 59 19.68 -22.43 -26.28
C TYR J 59 21.17 -22.14 -26.52
N ILE J 60 21.95 -22.06 -25.46
CA ILE J 60 23.38 -21.79 -25.60
C ILE J 60 24.02 -22.96 -26.32
N GLN J 61 23.61 -24.18 -25.97
CA GLN J 61 24.17 -25.36 -26.57
C GLN J 61 23.94 -25.37 -28.09
N ALA J 62 22.68 -25.22 -28.49
CA ALA J 62 22.35 -25.22 -29.90
C ALA J 62 23.25 -24.25 -30.66
N ASN J 63 23.46 -23.06 -30.10
CA ASN J 63 24.31 -22.06 -30.75
C ASN J 63 25.77 -22.48 -30.89
N ILE J 64 26.33 -23.08 -29.85
CA ILE J 64 27.71 -23.50 -29.93
C ILE J 64 27.86 -24.65 -30.94
N GLN J 65 26.90 -25.58 -30.94
CA GLN J 65 26.95 -26.70 -31.87
C GLN J 65 26.87 -26.19 -33.32
N LEU J 66 26.01 -25.20 -33.56
CA LEU J 66 25.88 -24.61 -34.88
C LEU J 66 27.20 -23.95 -35.29
N TYR J 67 27.84 -23.26 -34.35
CA TYR J 67 29.12 -22.62 -34.66
C TYR J 67 30.14 -23.70 -35.03
N SER J 68 30.19 -24.75 -34.21
CA SER J 68 31.14 -25.84 -34.43
C SER J 68 31.02 -26.41 -35.84
N ILE J 69 29.80 -26.63 -36.30
CA ILE J 69 29.60 -27.19 -37.61
C ILE J 69 29.90 -26.23 -38.75
N ARG J 70 29.47 -24.99 -38.60
CA ARG J 70 29.70 -24.00 -39.64
C ARG J 70 31.18 -23.76 -39.87
N GLU J 71 31.95 -23.78 -38.78
CA GLU J 71 33.39 -23.52 -38.83
C GLU J 71 34.27 -24.77 -38.75
N ASP J 72 33.67 -25.93 -38.50
CA ASP J 72 34.41 -27.18 -38.35
C ASP J 72 35.55 -26.88 -37.37
N TYR J 73 35.20 -26.19 -36.30
CA TYR J 73 36.19 -25.80 -35.30
C TYR J 73 35.48 -25.67 -33.98
N GLU J 74 36.23 -25.83 -32.89
CA GLU J 74 35.67 -25.71 -31.56
C GLU J 74 36.14 -24.40 -30.93
N LEU J 75 35.20 -23.57 -30.51
CA LEU J 75 35.51 -22.29 -29.89
C LEU J 75 36.23 -22.51 -28.56
N SER J 76 37.12 -21.59 -28.22
CA SER J 76 37.85 -21.68 -26.98
C SER J 76 36.91 -21.45 -25.81
N PRO J 77 37.22 -22.01 -24.63
CA PRO J 77 36.34 -21.80 -23.49
C PRO J 77 36.09 -20.33 -23.28
N GLN J 78 37.13 -19.53 -23.50
CA GLN J 78 37.04 -18.08 -23.32
C GLN J 78 36.03 -17.47 -24.30
N ALA J 79 36.06 -17.93 -25.54
CA ALA J 79 35.13 -17.43 -26.54
C ALA J 79 33.68 -17.82 -26.19
N VAL J 80 33.51 -19.05 -25.71
CA VAL J 80 32.17 -19.53 -25.35
C VAL J 80 31.61 -18.75 -24.16
N SER J 81 32.45 -18.46 -23.18
CA SER J 81 32.02 -17.73 -22.00
C SER J 81 31.69 -16.28 -22.35
N SER J 82 32.37 -15.72 -23.34
CA SER J 82 32.07 -14.34 -23.71
C SER J 82 30.74 -14.31 -24.46
N PHE J 83 30.47 -15.37 -25.21
CA PHE J 83 29.21 -15.44 -25.93
C PHE J 83 28.10 -15.58 -24.91
N VAL J 84 28.30 -16.46 -23.94
CA VAL J 84 27.29 -16.68 -22.91
C VAL J 84 27.05 -15.44 -22.05
N ARG J 85 28.10 -14.69 -21.73
CA ARG J 85 27.93 -13.49 -20.92
C ARG J 85 27.09 -12.46 -21.66
N GLN J 86 27.41 -12.25 -22.93
CA GLN J 86 26.69 -11.28 -23.76
C GLN J 86 25.22 -11.62 -23.85
N GLU J 87 24.92 -12.92 -23.90
CA GLU J 87 23.53 -13.35 -23.98
C GLU J 87 22.82 -13.00 -22.70
N LEU J 88 23.47 -13.21 -21.56
CA LEU J 88 22.83 -12.91 -20.29
C LEU J 88 22.72 -11.41 -20.10
N ALA J 89 23.74 -10.67 -20.56
CA ALA J 89 23.72 -9.22 -20.43
C ALA J 89 22.57 -8.60 -21.26
N LYS J 90 22.20 -9.26 -22.37
CA LYS J 90 21.08 -8.80 -23.22
C LYS J 90 19.81 -9.05 -22.44
N SER J 91 19.71 -10.29 -21.97
CA SER J 91 18.57 -10.76 -21.23
C SER J 91 18.20 -9.91 -20.00
N ILE J 92 19.19 -9.45 -19.25
CA ILE J 92 18.90 -8.68 -18.06
C ILE J 92 18.10 -7.38 -18.31
N ARG J 93 18.22 -6.82 -19.51
CA ARG J 93 17.50 -5.59 -19.84
C ARG J 93 16.35 -5.83 -20.80
N SER J 94 15.96 -7.09 -20.94
CA SER J 94 14.87 -7.47 -21.84
C SER J 94 13.54 -7.44 -21.09
N ARG J 95 12.46 -7.82 -21.76
CA ARG J 95 11.12 -7.81 -21.14
C ARG J 95 11.05 -8.78 -19.96
N ARG J 96 11.47 -10.02 -20.18
CA ARG J 96 11.47 -11.02 -19.12
C ARG J 96 12.80 -11.75 -19.14
N PRO J 97 13.73 -11.33 -18.26
CA PRO J 97 15.08 -11.88 -18.11
C PRO J 97 15.21 -13.37 -17.72
N TYR J 98 16.23 -14.01 -18.28
CA TYR J 98 16.55 -15.40 -17.96
C TYR J 98 17.18 -15.32 -16.57
N GLN J 99 16.53 -15.88 -15.56
CA GLN J 99 17.15 -15.85 -14.24
C GLN J 99 17.97 -17.12 -14.06
N VAL J 100 19.13 -17.16 -14.73
CA VAL J 100 19.99 -18.33 -14.68
C VAL J 100 21.44 -17.97 -14.37
N ASN J 101 22.07 -18.75 -13.50
CA ASN J 101 23.47 -18.53 -13.16
C ASN J 101 24.23 -19.74 -13.70
N VAL J 102 25.41 -19.51 -14.25
CA VAL J 102 26.15 -20.62 -14.82
C VAL J 102 27.64 -20.67 -14.50
N LEU J 103 28.18 -21.88 -14.62
CA LEU J 103 29.60 -22.12 -14.44
C LEU J 103 30.01 -22.76 -15.74
N ILE J 104 31.05 -22.25 -16.36
CA ILE J 104 31.51 -22.85 -17.60
C ILE J 104 32.89 -23.44 -17.37
N GLY J 105 32.98 -24.75 -17.52
CA GLY J 105 34.24 -25.43 -17.36
C GLY J 105 34.68 -25.99 -18.70
N GLY J 106 35.86 -25.59 -19.14
CA GLY J 106 36.36 -26.07 -20.41
C GLY J 106 37.86 -26.29 -20.40
N TYR J 107 38.34 -27.11 -21.34
CA TYR J 107 39.77 -27.36 -21.47
C TYR J 107 40.17 -26.77 -22.82
N ASP J 108 41.03 -25.75 -22.78
CA ASP J 108 41.48 -25.08 -23.99
C ASP J 108 42.62 -25.85 -24.64
N LYS J 109 42.28 -26.61 -25.69
CA LYS J 109 43.25 -27.43 -26.41
C LYS J 109 44.39 -26.66 -27.08
N LYS J 110 44.23 -25.36 -27.28
CA LYS J 110 45.26 -24.55 -27.89
C LYS J 110 46.24 -24.02 -26.84
N LYS J 111 45.74 -23.67 -25.66
CA LYS J 111 46.59 -23.18 -24.57
C LYS J 111 47.02 -24.36 -23.72
N ASN J 112 46.23 -25.43 -23.78
CA ASN J 112 46.45 -26.66 -23.02
C ASN J 112 46.33 -26.47 -21.52
N LYS J 113 45.35 -25.67 -21.13
CA LYS J 113 45.08 -25.36 -19.73
C LYS J 113 43.58 -25.39 -19.46
N PRO J 114 43.17 -25.94 -18.30
CA PRO J 114 41.74 -25.98 -18.00
C PRO J 114 41.29 -24.56 -17.61
N GLU J 115 40.02 -24.26 -17.81
CA GLU J 115 39.51 -22.94 -17.45
C GLU J 115 38.12 -23.00 -16.83
N LEU J 116 37.92 -22.18 -15.80
CA LEU J 116 36.64 -22.11 -15.09
C LEU J 116 36.10 -20.70 -15.10
N TYR J 117 34.86 -20.56 -15.60
CA TYR J 117 34.20 -19.26 -15.68
C TYR J 117 32.91 -19.23 -14.87
N GLN J 118 32.72 -18.14 -14.14
CA GLN J 118 31.53 -17.97 -13.33
C GLN J 118 30.76 -16.80 -13.93
N ILE J 119 29.51 -17.03 -14.31
CA ILE J 119 28.69 -15.94 -14.85
C ILE J 119 27.30 -15.97 -14.23
N ASP J 120 26.92 -14.88 -13.57
CA ASP J 120 25.59 -14.82 -12.96
C ASP J 120 24.59 -14.27 -13.98
N TYR J 121 23.30 -14.33 -13.65
CA TYR J 121 22.24 -13.88 -14.55
C TYR J 121 22.30 -12.43 -15.05
N LEU J 122 23.07 -11.58 -14.39
CA LEU J 122 23.20 -10.19 -14.83
C LEU J 122 24.22 -10.08 -15.98
N GLY J 123 25.00 -11.13 -16.16
CA GLY J 123 26.02 -11.13 -17.18
C GLY J 123 27.35 -10.77 -16.54
N THR J 124 27.48 -11.04 -15.24
CA THR J 124 28.71 -10.75 -14.49
C THR J 124 29.64 -11.97 -14.62
N LYS J 125 30.69 -11.83 -15.42
CA LYS J 125 31.62 -12.92 -15.63
C LYS J 125 32.95 -12.66 -14.96
N VAL J 126 33.57 -13.73 -14.48
CA VAL J 126 34.85 -13.64 -13.83
C VAL J 126 35.49 -15.03 -13.94
N GLU J 127 36.79 -15.08 -14.22
CA GLU J 127 37.49 -16.37 -14.33
C GLU J 127 38.09 -16.70 -12.96
N LEU J 128 37.92 -17.95 -12.50
CA LEU J 128 38.37 -18.33 -11.18
C LEU J 128 38.99 -19.73 -11.01
N PRO J 129 39.75 -19.91 -9.91
CA PRO J 129 40.40 -21.18 -9.60
C PRO J 129 39.26 -22.12 -9.20
N TYR J 130 38.28 -21.53 -8.52
CA TYR J 130 37.08 -22.23 -8.07
C TYR J 130 35.97 -21.21 -7.82
N GLY J 131 34.72 -21.63 -8.06
CA GLY J 131 33.59 -20.76 -7.87
C GLY J 131 32.30 -21.50 -7.60
N ALA J 132 31.25 -20.74 -7.30
CA ALA J 132 29.93 -21.30 -7.02
C ALA J 132 28.88 -20.19 -7.14
N HIS J 133 27.63 -20.59 -7.19
CA HIS J 133 26.54 -19.64 -7.27
C HIS J 133 25.62 -19.88 -6.09
N GLY J 134 24.86 -18.86 -5.73
CA GLY J 134 23.94 -19.01 -4.63
C GLY J 134 24.66 -18.98 -3.30
N TYR J 135 24.17 -19.79 -2.36
CA TYR J 135 24.75 -19.85 -1.04
C TYR J 135 25.95 -20.78 -0.93
N SER J 136 26.17 -21.58 -1.97
CA SER J 136 27.27 -22.54 -1.99
C SER J 136 28.64 -21.97 -1.59
N GLY J 137 29.01 -20.83 -2.16
CA GLY J 137 30.30 -20.24 -1.82
C GLY J 137 30.41 -19.92 -0.34
N PHE J 138 29.31 -19.51 0.27
CA PHE J 138 29.29 -19.15 1.68
C PHE J 138 29.77 -20.26 2.61
N TYR J 139 29.53 -21.51 2.24
CA TYR J 139 29.93 -22.63 3.07
C TYR J 139 31.26 -23.25 2.67
N THR J 140 31.56 -23.17 1.38
CA THR J 140 32.76 -23.80 0.86
C THR J 140 34.00 -22.94 0.57
N PHE J 141 33.82 -21.66 0.29
CA PHE J 141 34.98 -20.83 -0.01
C PHE J 141 36.07 -20.76 1.06
N SER J 142 35.72 -20.98 2.32
CA SER J 142 36.71 -20.92 3.38
C SER J 142 37.57 -22.19 3.33
N LEU J 143 36.99 -23.29 2.84
CA LEU J 143 37.74 -24.55 2.71
C LEU J 143 38.65 -24.46 1.49
N LEU J 144 38.08 -24.04 0.36
CA LEU J 144 38.85 -23.91 -0.86
C LEU J 144 39.97 -22.89 -0.67
N ASP J 145 39.65 -21.74 -0.07
CA ASP J 145 40.65 -20.71 0.17
C ASP J 145 41.86 -21.30 0.91
N HIS J 146 41.60 -22.32 1.71
CA HIS J 146 42.63 -22.96 2.51
C HIS J 146 43.43 -24.03 1.79
N HIS J 147 42.75 -25.11 1.37
CA HIS J 147 43.39 -26.23 0.70
C HIS J 147 43.71 -26.10 -0.78
N TYR J 148 43.22 -25.07 -1.45
CA TYR J 148 43.49 -24.95 -2.88
C TYR J 148 44.93 -24.67 -3.29
N ARG J 149 45.40 -25.46 -4.26
CA ARG J 149 46.75 -25.34 -4.83
C ARG J 149 46.59 -25.49 -6.36
N PRO J 150 47.25 -24.62 -7.15
CA PRO J 150 47.17 -24.63 -8.62
C PRO J 150 47.68 -25.92 -9.28
N ASP J 151 48.56 -26.62 -8.59
CA ASP J 151 49.14 -27.86 -9.10
C ASP J 151 48.42 -29.13 -8.64
N MET J 152 47.24 -28.96 -8.04
CA MET J 152 46.47 -30.11 -7.58
C MET J 152 46.16 -31.05 -8.73
N THR J 153 46.08 -32.33 -8.41
CA THR J 153 45.78 -33.34 -9.41
C THR J 153 44.27 -33.50 -9.42
N THR J 154 43.74 -34.12 -10.45
CA THR J 154 42.30 -34.32 -10.52
C THR J 154 41.85 -35.08 -9.29
N GLU J 155 42.67 -36.01 -8.83
CA GLU J 155 42.33 -36.78 -7.64
C GLU J 155 42.31 -35.92 -6.37
N GLU J 156 43.23 -34.98 -6.26
CA GLU J 156 43.29 -34.10 -5.11
C GLU J 156 42.08 -33.19 -5.10
N GLY J 157 41.67 -32.75 -6.29
CA GLY J 157 40.52 -31.88 -6.43
C GLY J 157 39.25 -32.56 -5.99
N LEU J 158 39.04 -33.80 -6.41
CA LEU J 158 37.84 -34.53 -6.03
C LEU J 158 37.77 -34.72 -4.51
N ASP J 159 38.93 -34.75 -3.86
CA ASP J 159 38.98 -34.91 -2.40
C ASP J 159 38.59 -33.62 -1.71
N LEU J 160 39.05 -32.51 -2.28
CA LEU J 160 38.74 -31.19 -1.74
C LEU J 160 37.24 -30.91 -1.92
N LEU J 161 36.67 -31.40 -3.01
CA LEU J 161 35.24 -31.23 -3.28
C LEU J 161 34.44 -32.03 -2.28
N LYS J 162 34.83 -33.28 -2.12
CA LYS J 162 34.17 -34.18 -1.20
C LYS J 162 34.11 -33.48 0.17
N LEU J 163 35.20 -32.79 0.52
CA LEU J 163 35.25 -32.07 1.78
C LEU J 163 34.21 -30.95 1.77
N CYS J 164 34.16 -30.22 0.65
CA CYS J 164 33.22 -29.12 0.49
C CYS J 164 31.78 -29.61 0.61
N VAL J 165 31.46 -30.68 -0.11
CA VAL J 165 30.13 -31.22 -0.08
C VAL J 165 29.75 -31.68 1.33
N GLN J 166 30.71 -32.18 2.09
CA GLN J 166 30.42 -32.64 3.45
C GLN J 166 30.02 -31.45 4.31
N GLU J 167 30.70 -30.33 4.14
CA GLU J 167 30.39 -29.13 4.88
C GLU J 167 28.96 -28.71 4.51
N LEU J 168 28.66 -28.74 3.22
CA LEU J 168 27.34 -28.37 2.75
C LEU J 168 26.26 -29.27 3.37
N GLU J 169 26.51 -30.58 3.38
CA GLU J 169 25.55 -31.51 3.95
C GLU J 169 25.42 -31.34 5.46
N LYS J 170 26.40 -30.70 6.08
CA LYS J 170 26.33 -30.50 7.53
C LYS J 170 25.58 -29.24 7.93
N ARG J 171 25.99 -28.10 7.36
CA ARG J 171 25.40 -26.80 7.71
C ARG J 171 24.24 -26.26 6.87
N MET J 172 24.04 -26.77 5.66
CA MET J 172 22.95 -26.29 4.83
C MET J 172 21.63 -26.92 5.21
N PRO J 173 20.58 -26.09 5.41
CA PRO J 173 19.23 -26.47 5.79
C PRO J 173 18.49 -27.42 4.84
N MET J 174 18.79 -27.31 3.56
CA MET J 174 18.14 -28.13 2.54
C MET J 174 18.87 -29.40 2.18
N ASP J 175 18.11 -30.44 1.87
CA ASP J 175 18.66 -31.72 1.45
C ASP J 175 18.74 -31.63 -0.08
N PHE J 176 19.92 -31.36 -0.62
CA PHE J 176 20.05 -31.24 -2.06
C PHE J 176 20.26 -32.59 -2.77
N LYS J 177 20.18 -33.68 -2.00
CA LYS J 177 20.32 -35.04 -2.50
C LYS J 177 21.63 -35.36 -3.23
N GLY J 178 22.76 -34.98 -2.63
CA GLY J 178 24.04 -35.25 -3.25
C GLY J 178 24.29 -34.51 -4.54
N VAL J 179 25.50 -34.66 -5.09
CA VAL J 179 25.86 -33.97 -6.31
C VAL J 179 26.31 -34.92 -7.40
N ILE J 180 26.34 -34.42 -8.64
CA ILE J 180 26.84 -35.18 -9.77
C ILE J 180 28.11 -34.43 -10.13
N VAL J 181 29.21 -35.16 -10.30
CA VAL J 181 30.48 -34.55 -10.62
C VAL J 181 30.93 -34.91 -12.02
N LYS J 182 31.52 -33.95 -12.73
CA LYS J 182 32.01 -34.19 -14.08
C LYS J 182 33.36 -33.54 -14.24
N ILE J 183 34.21 -34.19 -15.03
CA ILE J 183 35.56 -33.69 -15.27
C ILE J 183 35.74 -33.29 -16.73
N VAL J 184 36.40 -32.17 -16.92
CA VAL J 184 36.68 -31.68 -18.26
C VAL J 184 38.19 -31.58 -18.34
N ASP J 185 38.79 -32.27 -19.31
CA ASP J 185 40.24 -32.24 -19.50
C ASP J 185 40.57 -32.38 -20.98
N LYS J 186 41.85 -32.54 -21.29
CA LYS J 186 42.29 -32.67 -22.67
C LYS J 186 41.56 -33.79 -23.41
N ASP J 187 41.00 -34.73 -22.66
CA ASP J 187 40.31 -35.85 -23.27
C ASP J 187 38.80 -35.77 -23.25
N GLY J 188 38.27 -34.56 -23.16
CA GLY J 188 36.83 -34.39 -23.16
C GLY J 188 36.16 -34.30 -21.81
N ILE J 189 34.91 -34.72 -21.78
CA ILE J 189 34.10 -34.68 -20.56
C ILE J 189 33.72 -36.08 -20.12
N ARG J 190 33.90 -36.36 -18.84
CA ARG J 190 33.53 -37.66 -18.30
C ARG J 190 32.91 -37.46 -16.92
N GLN J 191 32.04 -38.38 -16.53
CA GLN J 191 31.36 -38.29 -15.25
C GLN J 191 31.82 -39.29 -14.20
N VAL J 192 32.07 -38.79 -13.00
CA VAL J 192 32.48 -39.60 -11.88
C VAL J 192 31.25 -40.28 -11.28
N ASP J 193 30.82 -41.40 -11.86
CA ASP J 193 29.63 -42.09 -11.37
C ASP J 193 29.76 -42.64 -9.95
N ASP J 194 30.90 -42.37 -9.30
CA ASP J 194 31.13 -42.84 -7.94
C ASP J 194 31.56 -41.74 -6.96
N PHE J 195 30.64 -40.86 -6.62
CA PHE J 195 30.96 -39.79 -5.67
C PHE J 195 30.00 -39.90 -4.49
N GLN J 196 28.98 -40.74 -4.65
CA GLN J 196 27.99 -40.99 -3.61
C GLN J 196 28.73 -41.48 -2.35
N ALA J 197 29.89 -42.09 -2.59
CA ALA J 197 30.75 -42.63 -1.53
C ALA J 197 32.17 -42.84 -2.08
N GLN J 198 32.81 -41.76 -2.51
CA GLN J 198 34.18 -41.83 -3.04
C GLN J 198 35.20 -41.45 -1.96
N THR K 1 -6.85 -32.11 -5.63
CA THR K 1 -6.45 -32.86 -6.84
C THR K 1 -5.31 -33.79 -6.56
N THR K 2 -5.45 -35.01 -7.06
CA THR K 2 -4.37 -35.96 -6.93
C THR K 2 -4.27 -36.67 -8.24
N THR K 3 -3.09 -36.63 -8.83
CA THR K 3 -2.83 -37.32 -10.08
C THR K 3 -1.45 -37.96 -9.96
N LEU K 4 -1.32 -39.19 -10.42
CA LEU K 4 -0.03 -39.85 -10.37
C LEU K 4 0.15 -40.66 -11.64
N ALA K 5 1.41 -40.97 -11.91
CA ALA K 5 1.76 -41.77 -13.07
C ALA K 5 3.12 -42.37 -12.76
N PHE K 6 3.25 -43.68 -12.94
CA PHE K 6 4.53 -44.30 -12.71
C PHE K 6 4.85 -45.35 -13.76
N ARG K 7 6.14 -45.54 -13.95
CA ARG K 7 6.74 -46.46 -14.92
C ARG K 7 7.05 -47.80 -14.26
N PHE K 8 6.72 -48.89 -14.95
CA PHE K 8 7.03 -50.22 -14.44
C PHE K 8 7.23 -51.19 -15.60
N GLN K 9 7.65 -52.41 -15.29
CA GLN K 9 7.89 -53.42 -16.31
C GLN K 9 6.74 -53.55 -17.33
N GLY K 10 5.50 -53.38 -16.89
CA GLY K 10 4.38 -53.52 -17.81
C GLY K 10 3.95 -52.24 -18.52
N GLY K 11 4.78 -51.20 -18.47
CA GLY K 11 4.42 -49.95 -19.12
C GLY K 11 4.22 -48.79 -18.15
N ILE K 12 3.06 -48.14 -18.22
CA ILE K 12 2.79 -47.02 -17.34
C ILE K 12 1.41 -47.06 -16.73
N ILE K 13 1.33 -46.74 -15.43
CA ILE K 13 0.05 -46.66 -14.74
C ILE K 13 -0.27 -45.19 -14.52
N VAL K 14 -1.52 -44.82 -14.76
CA VAL K 14 -1.94 -43.45 -14.58
C VAL K 14 -3.23 -43.48 -13.78
N ALA K 15 -3.24 -42.79 -12.64
CA ALA K 15 -4.42 -42.74 -11.80
C ALA K 15 -4.67 -41.30 -11.36
N VAL K 16 -5.94 -40.90 -11.32
CA VAL K 16 -6.29 -39.54 -10.95
C VAL K 16 -7.57 -39.55 -10.15
N ASP K 17 -7.90 -38.44 -9.47
CA ASP K 17 -9.14 -38.35 -8.73
C ASP K 17 -10.06 -37.58 -9.66
N SER K 18 -11.21 -37.12 -9.18
CA SER K 18 -12.10 -36.40 -10.07
C SER K 18 -12.85 -35.24 -9.43
N ARG K 19 -12.30 -34.71 -8.35
CA ARG K 19 -12.95 -33.59 -7.67
C ARG K 19 -12.46 -32.22 -8.14
N ALA K 20 -13.40 -31.30 -8.29
CA ALA K 20 -13.11 -29.94 -8.69
C ALA K 20 -13.81 -29.04 -7.68
N THR K 21 -13.05 -28.16 -7.07
CA THR K 21 -13.58 -27.26 -6.08
C THR K 21 -13.39 -25.79 -6.43
N ALA K 22 -14.37 -24.98 -6.04
CA ALA K 22 -14.32 -23.53 -6.22
C ALA K 22 -14.37 -23.03 -4.77
N GLY K 23 -13.20 -22.98 -4.12
CA GLY K 23 -13.16 -22.57 -2.73
C GLY K 23 -13.46 -23.80 -1.90
N ASN K 24 -14.56 -23.76 -1.14
CA ASN K 24 -14.95 -24.92 -0.32
C ASN K 24 -16.03 -25.68 -1.06
N TRP K 25 -16.64 -24.97 -2.00
CA TRP K 25 -17.70 -25.50 -2.83
C TRP K 25 -17.15 -26.57 -3.77
N VAL K 26 -17.75 -27.76 -3.71
CA VAL K 26 -17.34 -28.85 -4.57
C VAL K 26 -18.19 -28.72 -5.83
N ALA K 27 -17.57 -28.17 -6.87
CA ALA K 27 -18.26 -27.95 -8.14
C ALA K 27 -18.57 -29.26 -8.84
N SER K 28 -17.63 -30.19 -8.83
CA SER K 28 -17.86 -31.47 -9.49
C SER K 28 -17.08 -32.61 -8.86
N GLN K 29 -17.63 -33.82 -8.98
CA GLN K 29 -17.00 -35.01 -8.44
C GLN K 29 -16.78 -35.94 -9.64
N THR K 30 -17.12 -35.43 -10.83
CA THR K 30 -17.02 -36.19 -12.08
C THR K 30 -16.21 -35.51 -13.19
N VAL K 31 -15.00 -35.09 -12.85
CA VAL K 31 -14.14 -34.42 -13.82
C VAL K 31 -13.13 -35.39 -14.42
N LYS K 32 -12.87 -35.26 -15.71
CA LYS K 32 -11.91 -36.13 -16.39
C LYS K 32 -10.55 -35.45 -16.28
N LYS K 33 -9.71 -35.92 -15.38
CA LYS K 33 -8.40 -35.30 -15.22
C LYS K 33 -7.34 -35.97 -16.07
N VAL K 34 -7.77 -36.87 -16.93
CA VAL K 34 -6.83 -37.52 -17.83
C VAL K 34 -7.29 -37.15 -19.21
N ILE K 35 -6.39 -36.51 -19.96
CA ILE K 35 -6.69 -36.12 -21.34
C ILE K 35 -6.12 -37.20 -22.27
N GLU K 36 -6.96 -37.68 -23.17
CA GLU K 36 -6.55 -38.69 -24.13
C GLU K 36 -6.04 -37.93 -25.34
N ILE K 37 -4.77 -37.55 -25.27
CA ILE K 37 -4.11 -36.79 -26.32
C ILE K 37 -4.36 -37.50 -27.65
N ASN K 38 -4.14 -38.81 -27.63
CA ASN K 38 -4.37 -39.69 -28.77
C ASN K 38 -4.22 -41.12 -28.25
N PRO K 39 -4.57 -42.13 -29.06
CA PRO K 39 -4.49 -43.54 -28.70
C PRO K 39 -3.21 -44.03 -27.99
N PHE K 40 -2.12 -43.28 -28.08
CA PHE K 40 -0.86 -43.69 -27.46
C PHE K 40 -0.33 -42.74 -26.40
N LEU K 41 -0.96 -41.58 -26.26
CA LEU K 41 -0.50 -40.61 -25.29
C LEU K 41 -1.56 -40.11 -24.33
N LEU K 42 -1.16 -40.05 -23.06
CA LEU K 42 -2.04 -39.58 -22.01
C LEU K 42 -1.41 -38.37 -21.31
N GLY K 43 -2.28 -37.47 -20.85
CA GLY K 43 -1.84 -36.30 -20.13
C GLY K 43 -2.74 -36.13 -18.92
N THR K 44 -2.17 -35.75 -17.79
CA THR K 44 -2.96 -35.54 -16.58
C THR K 44 -3.22 -34.04 -16.39
N MET K 45 -4.23 -33.69 -15.60
CA MET K 45 -4.56 -32.29 -15.38
C MET K 45 -4.52 -31.85 -13.91
N ALA K 46 -3.64 -30.90 -13.62
CA ALA K 46 -3.52 -30.34 -12.29
C ALA K 46 -3.41 -28.83 -12.48
N GLY K 47 -4.03 -28.06 -11.60
CA GLY K 47 -3.96 -26.62 -11.74
C GLY K 47 -5.14 -26.04 -12.50
N GLY K 48 -4.87 -25.47 -13.67
CA GLY K 48 -5.94 -24.88 -14.45
C GLY K 48 -6.64 -25.84 -15.37
N ALA K 49 -7.94 -26.03 -15.16
CA ALA K 49 -8.76 -26.92 -15.97
C ALA K 49 -8.64 -26.54 -17.45
N ALA K 50 -9.03 -25.31 -17.76
CA ALA K 50 -8.97 -24.81 -19.11
C ALA K 50 -7.57 -24.99 -19.68
N ASP K 51 -6.59 -24.37 -19.04
CA ASP K 51 -5.21 -24.45 -19.50
C ASP K 51 -4.77 -25.86 -19.86
N CYS K 52 -4.97 -26.81 -18.96
CA CYS K 52 -4.56 -28.19 -19.23
C CYS K 52 -5.36 -28.80 -20.37
N GLN K 53 -6.68 -28.76 -20.23
CA GLN K 53 -7.57 -29.31 -21.23
C GLN K 53 -7.30 -28.71 -22.62
N PHE K 54 -7.26 -27.40 -22.69
CA PHE K 54 -7.05 -26.72 -23.95
C PHE K 54 -5.72 -27.06 -24.61
N TRP K 55 -4.63 -26.83 -23.91
CA TRP K 55 -3.32 -27.09 -24.49
C TRP K 55 -2.99 -28.54 -24.69
N GLU K 56 -3.52 -29.41 -23.85
CA GLU K 56 -3.23 -30.82 -24.06
C GLU K 56 -4.02 -31.32 -25.27
N THR K 57 -5.21 -30.75 -25.51
CA THR K 57 -5.97 -31.15 -26.68
C THR K 57 -5.23 -30.61 -27.91
N TRP K 58 -4.76 -29.38 -27.82
CA TRP K 58 -3.98 -28.76 -28.90
C TRP K 58 -2.75 -29.64 -29.17
N LEU K 59 -2.17 -30.17 -28.10
CA LEU K 59 -0.98 -31.01 -28.22
C LEU K 59 -1.26 -32.17 -29.17
N GLY K 60 -2.43 -32.79 -28.99
CA GLY K 60 -2.82 -33.91 -29.82
C GLY K 60 -2.82 -33.51 -31.29
N SER K 61 -3.39 -32.35 -31.57
CA SER K 61 -3.44 -31.86 -32.92
C SER K 61 -2.03 -31.74 -33.47
N GLN K 62 -1.09 -31.28 -32.63
CA GLN K 62 0.30 -31.13 -33.05
C GLN K 62 0.95 -32.48 -33.28
N CYS K 63 0.62 -33.44 -32.43
CA CYS K 63 1.18 -34.79 -32.57
C CYS K 63 0.68 -35.44 -33.85
N ARG K 64 -0.61 -35.26 -34.13
CA ARG K 64 -1.21 -35.82 -35.33
C ARG K 64 -0.56 -35.25 -36.57
N LEU K 65 -0.21 -33.97 -36.50
CA LEU K 65 0.42 -33.26 -37.60
C LEU K 65 1.85 -33.76 -37.79
N HIS K 66 2.51 -34.08 -36.68
CA HIS K 66 3.88 -34.58 -36.75
C HIS K 66 3.89 -35.90 -37.52
N GLU K 67 2.98 -36.79 -37.15
CA GLU K 67 2.89 -38.09 -37.77
C GLU K 67 2.51 -38.06 -39.25
N LEU K 68 1.71 -37.08 -39.66
CA LEU K 68 1.34 -36.96 -41.06
C LEU K 68 2.57 -36.52 -41.82
N ARG K 69 3.26 -35.53 -41.27
CA ARG K 69 4.46 -34.98 -41.88
C ARG K 69 5.59 -36.02 -41.95
N GLU K 70 5.97 -36.54 -40.80
CA GLU K 70 7.07 -37.50 -40.69
C GLU K 70 6.72 -38.96 -40.90
N LYS K 71 5.45 -39.25 -41.13
CA LYS K 71 5.01 -40.63 -41.37
C LYS K 71 5.65 -41.58 -40.36
N GLU K 72 5.58 -41.20 -39.09
CA GLU K 72 6.13 -42.00 -38.00
C GLU K 72 5.62 -41.50 -36.66
N ARG K 73 5.33 -42.42 -35.76
CA ARG K 73 4.82 -42.11 -34.42
C ARG K 73 5.75 -41.16 -33.65
N ILE K 74 5.17 -40.11 -33.07
CA ILE K 74 5.96 -39.13 -32.34
C ILE K 74 6.46 -39.65 -31.01
N SER K 75 7.67 -39.26 -30.63
CA SER K 75 8.24 -39.70 -29.38
C SER K 75 7.64 -38.92 -28.22
N VAL K 76 7.62 -39.53 -27.03
CA VAL K 76 7.09 -38.88 -25.85
C VAL K 76 7.97 -37.67 -25.55
N ALA K 77 9.26 -37.82 -25.81
CA ALA K 77 10.19 -36.74 -25.58
C ALA K 77 9.75 -35.52 -26.40
N ALA K 78 9.50 -35.75 -27.69
CA ALA K 78 9.10 -34.67 -28.59
C ALA K 78 7.70 -34.11 -28.29
N ALA K 79 6.75 -34.99 -27.99
CA ALA K 79 5.41 -34.53 -27.70
C ALA K 79 5.43 -33.62 -26.46
N SER K 80 6.10 -34.07 -25.41
CA SER K 80 6.20 -33.30 -24.19
C SER K 80 6.89 -31.96 -24.42
N LYS K 81 7.92 -31.96 -25.27
CA LYS K 81 8.66 -30.73 -25.51
C LYS K 81 7.84 -29.71 -26.29
N ILE K 82 6.88 -30.18 -27.07
CA ILE K 82 6.07 -29.25 -27.81
C ILE K 82 5.19 -28.49 -26.81
N LEU K 83 4.58 -29.23 -25.89
CA LEU K 83 3.72 -28.64 -24.86
C LEU K 83 4.57 -27.72 -24.00
N SER K 84 5.70 -28.26 -23.56
CA SER K 84 6.64 -27.52 -22.73
C SER K 84 7.05 -26.18 -23.34
N ASN K 85 7.48 -26.20 -24.60
CA ASN K 85 7.91 -24.98 -25.27
C ASN K 85 6.78 -23.98 -25.48
N LEU K 86 5.57 -24.48 -25.73
CA LEU K 86 4.42 -23.61 -25.92
C LEU K 86 4.16 -22.87 -24.61
N VAL K 87 4.05 -23.65 -23.54
CA VAL K 87 3.80 -23.12 -22.22
C VAL K 87 4.84 -22.07 -21.82
N TYR K 88 6.10 -22.34 -22.13
CA TYR K 88 7.19 -21.42 -21.80
C TYR K 88 7.01 -20.08 -22.51
N GLN K 89 6.45 -20.10 -23.71
CA GLN K 89 6.22 -18.86 -24.45
C GLN K 89 5.31 -17.94 -23.64
N TYR K 90 4.43 -18.54 -22.84
CA TYR K 90 3.46 -17.82 -22.02
C TYR K 90 3.93 -17.59 -20.59
N LYS K 91 5.19 -17.95 -20.29
CA LYS K 91 5.70 -17.80 -18.94
C LYS K 91 5.45 -16.40 -18.41
N GLY K 92 4.77 -16.32 -17.27
CA GLY K 92 4.48 -15.04 -16.67
C GLY K 92 3.07 -14.54 -16.94
N ALA K 93 2.43 -15.01 -18.01
CA ALA K 93 1.08 -14.57 -18.34
C ALA K 93 0.02 -15.09 -17.39
N GLY K 94 0.37 -16.08 -16.58
CA GLY K 94 -0.61 -16.61 -15.64
C GLY K 94 -1.18 -18.00 -15.93
N LEU K 95 -0.59 -18.72 -16.89
CA LEU K 95 -1.06 -20.08 -17.15
C LEU K 95 -0.80 -20.86 -15.87
N SER K 96 -1.64 -21.87 -15.62
CA SER K 96 -1.48 -22.69 -14.43
C SER K 96 -1.70 -24.14 -14.78
N MET K 97 -0.61 -24.90 -14.84
CA MET K 97 -0.75 -26.30 -15.16
C MET K 97 0.41 -27.17 -14.75
N GLY K 98 0.07 -28.31 -14.16
CA GLY K 98 1.06 -29.29 -13.73
C GLY K 98 0.60 -30.56 -14.39
N THR K 99 1.40 -31.07 -15.33
CA THR K 99 0.97 -32.23 -16.06
C THR K 99 2.02 -33.31 -16.28
N MET K 100 1.53 -34.54 -16.49
CA MET K 100 2.38 -35.68 -16.81
C MET K 100 1.99 -36.09 -18.22
N ILE K 101 2.98 -36.17 -19.11
CA ILE K 101 2.72 -36.59 -20.48
C ILE K 101 3.29 -38.01 -20.53
N CYS K 102 2.39 -38.98 -20.70
CA CYS K 102 2.76 -40.38 -20.69
C CYS K 102 2.59 -41.12 -22.00
N GLY K 103 3.63 -41.85 -22.38
CA GLY K 103 3.61 -42.61 -23.62
C GLY K 103 4.53 -43.81 -23.56
N TYR K 104 4.38 -44.71 -24.52
CA TYR K 104 5.19 -45.91 -24.58
C TYR K 104 5.54 -46.16 -26.04
N THR K 105 6.75 -45.77 -26.43
CA THR K 105 7.17 -45.97 -27.81
C THR K 105 8.29 -46.99 -27.90
N ARG K 106 8.45 -47.55 -29.09
CA ARG K 106 9.47 -48.55 -29.36
C ARG K 106 10.86 -47.99 -29.08
N LYS K 107 11.05 -46.74 -29.46
CA LYS K 107 12.33 -46.05 -29.29
C LYS K 107 12.70 -45.76 -27.83
N GLU K 108 11.70 -45.39 -27.03
CA GLU K 108 11.94 -45.01 -25.64
C GLU K 108 11.47 -45.98 -24.55
N GLY K 109 10.44 -46.75 -24.84
CA GLY K 109 9.91 -47.66 -23.83
C GLY K 109 8.91 -46.86 -23.03
N PRO K 110 8.61 -47.24 -21.79
CA PRO K 110 7.63 -46.44 -21.05
C PRO K 110 8.28 -45.09 -20.72
N THR K 111 7.56 -44.01 -20.96
CA THR K 111 8.11 -42.71 -20.67
C THR K 111 7.09 -41.74 -20.08
N ILE K 112 7.51 -41.06 -19.02
CA ILE K 112 6.68 -40.07 -18.33
C ILE K 112 7.48 -38.79 -18.20
N TYR K 113 6.84 -37.68 -18.56
CA TYR K 113 7.46 -36.38 -18.46
C TYR K 113 6.57 -35.46 -17.65
N TYR K 114 7.15 -34.84 -16.64
CA TYR K 114 6.41 -33.87 -15.82
C TYR K 114 6.62 -32.54 -16.53
N VAL K 115 5.53 -31.83 -16.81
CA VAL K 115 5.61 -30.54 -17.49
C VAL K 115 4.70 -29.56 -16.78
N ASP K 116 5.24 -28.43 -16.31
CA ASP K 116 4.40 -27.45 -15.66
C ASP K 116 4.47 -26.07 -16.33
N SER K 117 3.60 -25.16 -15.89
CA SER K 117 3.54 -23.82 -16.47
C SER K 117 4.75 -22.94 -16.18
N ASP K 118 5.60 -23.34 -15.25
CA ASP K 118 6.81 -22.57 -14.96
C ASP K 118 7.82 -22.82 -16.08
N GLY K 119 7.57 -23.85 -16.88
CA GLY K 119 8.46 -24.18 -17.98
C GLY K 119 9.23 -25.47 -17.75
N THR K 120 9.11 -26.01 -16.53
CA THR K 120 9.77 -27.25 -16.15
C THR K 120 9.32 -28.46 -16.98
N ARG K 121 10.30 -29.26 -17.37
CA ARG K 121 10.07 -30.48 -18.13
C ARG K 121 11.03 -31.53 -17.60
N LEU K 122 10.52 -32.49 -16.83
CA LEU K 122 11.34 -33.54 -16.22
C LEU K 122 10.94 -34.96 -16.55
N LYS K 123 11.92 -35.79 -16.91
CA LYS K 123 11.67 -37.19 -17.22
C LYS K 123 11.85 -37.95 -15.90
N GLY K 124 10.95 -38.89 -15.62
CA GLY K 124 11.05 -39.64 -14.39
C GLY K 124 10.26 -40.93 -14.38
N ASP K 125 10.33 -41.65 -13.26
CA ASP K 125 9.64 -42.92 -13.10
C ASP K 125 8.36 -42.80 -12.29
N ILE K 126 8.36 -41.93 -11.28
CA ILE K 126 7.19 -41.72 -10.45
C ILE K 126 6.91 -40.23 -10.32
N PHE K 127 5.66 -39.84 -10.51
CA PHE K 127 5.25 -38.44 -10.40
C PHE K 127 3.84 -38.30 -9.86
N CYS K 128 3.69 -37.43 -8.85
CA CYS K 128 2.38 -37.13 -8.29
C CYS K 128 2.26 -35.61 -8.33
N VAL K 129 1.07 -35.13 -8.69
CA VAL K 129 0.84 -33.70 -8.78
C VAL K 129 -0.50 -33.37 -8.18
N GLY K 130 -0.58 -32.23 -7.49
CA GLY K 130 -1.84 -31.82 -6.88
C GLY K 130 -1.77 -31.64 -5.38
N SER K 131 -2.82 -31.08 -4.81
CA SER K 131 -2.86 -30.86 -3.37
C SER K 131 -2.82 -32.15 -2.58
N GLY K 132 -2.89 -33.29 -3.26
CA GLY K 132 -2.85 -34.56 -2.57
C GLY K 132 -1.59 -35.36 -2.84
N GLN K 133 -0.68 -34.79 -3.62
CA GLN K 133 0.53 -35.49 -3.98
C GLN K 133 1.31 -36.15 -2.85
N THR K 134 1.44 -35.48 -1.71
CA THR K 134 2.19 -36.05 -0.60
C THR K 134 1.61 -37.37 -0.09
N PHE K 135 0.28 -37.45 -0.05
CA PHE K 135 -0.40 -38.65 0.41
C PHE K 135 -0.18 -39.82 -0.55
N ALA K 136 -0.23 -39.53 -1.83
CA ALA K 136 -0.02 -40.54 -2.87
C ALA K 136 1.43 -41.01 -2.89
N TYR K 137 2.38 -40.09 -2.73
CA TYR K 137 3.80 -40.46 -2.73
C TYR K 137 4.11 -41.43 -1.61
N GLY K 138 3.42 -41.27 -0.48
CA GLY K 138 3.66 -42.16 0.66
C GLY K 138 3.36 -43.60 0.29
N VAL K 139 2.17 -43.84 -0.24
CA VAL K 139 1.76 -45.17 -0.65
C VAL K 139 2.67 -45.70 -1.76
N LEU K 140 2.89 -44.89 -2.78
CA LEU K 140 3.74 -45.27 -3.92
C LEU K 140 5.18 -45.61 -3.52
N ASP K 141 5.87 -44.67 -2.90
CA ASP K 141 7.26 -44.90 -2.52
C ASP K 141 7.54 -46.18 -1.77
N SER K 142 6.65 -46.58 -0.86
CA SER K 142 6.87 -47.79 -0.07
C SER K 142 6.38 -49.10 -0.68
N ASN K 143 5.55 -49.01 -1.71
CA ASN K 143 5.04 -50.22 -2.36
C ASN K 143 5.40 -50.34 -3.82
N TYR K 144 6.38 -49.57 -4.27
CA TYR K 144 6.73 -49.64 -5.68
C TYR K 144 7.98 -50.47 -5.97
N LYS K 145 7.86 -51.29 -7.02
CA LYS K 145 8.92 -52.16 -7.50
C LYS K 145 8.78 -52.10 -9.02
N TRP K 146 9.89 -52.15 -9.73
CA TRP K 146 9.85 -52.13 -11.18
C TRP K 146 9.15 -53.37 -11.73
N ASP K 147 9.14 -54.43 -10.93
CA ASP K 147 8.54 -55.71 -11.32
C ASP K 147 7.12 -55.96 -10.85
N LEU K 148 6.32 -54.91 -10.76
CA LEU K 148 4.94 -55.10 -10.33
C LEU K 148 4.15 -55.67 -11.50
N SER K 149 3.26 -56.60 -11.20
CA SER K 149 2.43 -57.18 -12.25
C SER K 149 1.42 -56.11 -12.64
N VAL K 150 1.03 -56.09 -13.90
CA VAL K 150 0.06 -55.11 -14.36
C VAL K 150 -1.15 -55.01 -13.43
N GLU K 151 -1.51 -56.12 -12.81
CA GLU K 151 -2.64 -56.14 -11.89
C GLU K 151 -2.27 -55.44 -10.57
N ASP K 152 -1.07 -55.73 -10.08
CA ASP K 152 -0.58 -55.12 -8.84
C ASP K 152 -0.35 -53.62 -8.98
N ALA K 153 0.22 -53.23 -10.12
CA ALA K 153 0.48 -51.82 -10.41
C ALA K 153 -0.82 -51.02 -10.47
N LEU K 154 -1.81 -51.54 -11.20
CA LEU K 154 -3.08 -50.86 -11.31
C LEU K 154 -3.69 -50.62 -9.94
N TYR K 155 -3.53 -51.60 -9.05
CA TYR K 155 -4.08 -51.46 -7.71
C TYR K 155 -3.31 -50.43 -6.92
N LEU K 156 -1.98 -50.48 -7.00
CA LEU K 156 -1.15 -49.52 -6.29
C LEU K 156 -1.59 -48.09 -6.62
N GLY K 157 -1.80 -47.83 -7.91
CA GLY K 157 -2.23 -46.51 -8.34
C GLY K 157 -3.59 -46.18 -7.79
N LYS K 158 -4.51 -47.13 -7.86
CA LYS K 158 -5.85 -46.89 -7.35
C LYS K 158 -5.77 -46.61 -5.84
N ARG K 159 -4.98 -47.43 -5.14
CA ARG K 159 -4.83 -47.30 -3.71
C ARG K 159 -4.23 -45.96 -3.30
N SER K 160 -3.25 -45.48 -4.06
CA SER K 160 -2.61 -44.22 -3.77
C SER K 160 -3.56 -43.04 -3.90
N ILE K 161 -4.37 -43.02 -4.95
CA ILE K 161 -5.34 -41.95 -5.10
C ILE K 161 -6.30 -42.04 -3.91
N LEU K 162 -6.63 -43.26 -3.51
CA LEU K 162 -7.52 -43.47 -2.37
C LEU K 162 -6.96 -42.80 -1.12
N ALA K 163 -5.69 -43.04 -0.83
CA ALA K 163 -5.04 -42.44 0.33
C ALA K 163 -5.26 -40.95 0.31
N ALA K 164 -4.90 -40.33 -0.81
CA ALA K 164 -5.03 -38.91 -1.01
C ALA K 164 -6.46 -38.42 -0.87
N ALA K 165 -7.41 -39.11 -1.51
CA ALA K 165 -8.81 -38.69 -1.46
C ALA K 165 -9.31 -38.66 -0.04
N HIS K 166 -8.80 -39.57 0.78
CA HIS K 166 -9.23 -39.66 2.17
C HIS K 166 -8.79 -38.44 3.00
N ARG K 167 -7.49 -38.13 2.95
CA ARG K 167 -6.93 -37.02 3.70
C ARG K 167 -7.13 -35.61 3.13
N ASP K 168 -6.89 -35.45 1.83
CA ASP K 168 -7.01 -34.16 1.15
C ASP K 168 -8.46 -33.80 0.87
N ALA K 169 -8.88 -32.67 1.44
CA ALA K 169 -10.24 -32.19 1.27
C ALA K 169 -10.54 -31.91 -0.19
N TYR K 170 -9.52 -31.50 -0.93
CA TYR K 170 -9.67 -31.16 -2.33
C TYR K 170 -9.55 -32.32 -3.31
N SER K 171 -9.37 -33.53 -2.77
CA SER K 171 -9.29 -34.73 -3.58
C SER K 171 -10.44 -35.65 -3.22
N GLY K 172 -10.95 -36.37 -4.23
CA GLY K 172 -12.04 -37.28 -3.97
C GLY K 172 -12.91 -37.54 -5.19
N GLY K 173 -14.16 -37.90 -4.93
CA GLY K 173 -15.09 -38.19 -6.01
C GLY K 173 -15.00 -39.63 -6.50
N SER K 174 -14.02 -39.90 -7.35
CA SER K 174 -13.83 -41.23 -7.88
C SER K 174 -12.44 -41.32 -8.49
N VAL K 175 -11.99 -42.53 -8.73
CA VAL K 175 -10.67 -42.75 -9.32
C VAL K 175 -10.82 -43.19 -10.78
N ASN K 176 -9.93 -42.69 -11.64
CA ASN K 176 -9.93 -43.09 -13.04
C ASN K 176 -8.58 -43.71 -13.28
N LEU K 177 -8.56 -44.93 -13.81
CA LEU K 177 -7.31 -45.65 -14.05
C LEU K 177 -6.99 -45.89 -15.51
N TYR K 178 -5.71 -45.91 -15.82
CA TYR K 178 -5.27 -46.16 -17.18
C TYR K 178 -3.98 -46.97 -17.18
N HIS K 179 -3.85 -47.82 -18.19
CA HIS K 179 -2.66 -48.62 -18.36
C HIS K 179 -2.12 -48.23 -19.74
N VAL K 180 -0.84 -47.85 -19.79
CA VAL K 180 -0.26 -47.45 -21.06
C VAL K 180 0.74 -48.50 -21.53
N THR K 181 0.39 -49.14 -22.64
CA THR K 181 1.22 -50.18 -23.25
C THR K 181 1.72 -49.63 -24.59
N GLU K 182 2.74 -50.28 -25.16
CA GLU K 182 3.30 -49.84 -26.43
C GLU K 182 2.25 -49.80 -27.56
N ASP K 183 1.19 -50.59 -27.44
CA ASP K 183 0.15 -50.61 -28.46
C ASP K 183 -0.94 -49.62 -28.12
N GLY K 184 -0.66 -48.77 -27.13
CA GLY K 184 -1.62 -47.76 -26.72
C GLY K 184 -2.04 -47.88 -25.26
N TRP K 185 -2.91 -46.99 -24.83
CA TRP K 185 -3.38 -47.03 -23.46
C TRP K 185 -4.67 -47.82 -23.39
N ILE K 186 -4.97 -48.34 -22.21
CA ILE K 186 -6.19 -49.11 -22.00
C ILE K 186 -6.90 -48.57 -20.76
N TYR K 187 -8.12 -48.05 -20.95
CA TYR K 187 -8.87 -47.50 -19.84
C TYR K 187 -9.24 -48.62 -18.86
N HIS K 188 -9.12 -48.35 -17.57
CA HIS K 188 -9.45 -49.35 -16.56
C HIS K 188 -10.53 -48.91 -15.59
N GLY K 189 -11.49 -48.15 -16.11
CA GLY K 189 -12.62 -47.72 -15.32
C GLY K 189 -12.57 -46.59 -14.31
N ASN K 190 -13.77 -46.21 -13.89
CA ASN K 190 -14.00 -45.14 -12.93
C ASN K 190 -14.48 -45.79 -11.64
N HIS K 191 -13.80 -45.50 -10.53
CA HIS K 191 -14.17 -46.11 -9.26
C HIS K 191 -14.56 -45.12 -8.20
N ASP K 192 -15.85 -45.08 -7.89
CA ASP K 192 -16.36 -44.17 -6.87
C ASP K 192 -15.58 -44.37 -5.58
N VAL K 193 -14.99 -43.29 -5.07
CA VAL K 193 -14.19 -43.37 -3.84
C VAL K 193 -15.07 -43.78 -2.65
N GLY K 194 -16.32 -43.34 -2.67
CA GLY K 194 -17.20 -43.68 -1.58
C GLY K 194 -17.20 -45.18 -1.36
N GLU K 195 -17.48 -45.93 -2.42
CA GLU K 195 -17.51 -47.39 -2.35
C GLU K 195 -16.10 -47.99 -2.26
N LEU K 196 -15.19 -47.49 -3.09
CA LEU K 196 -13.83 -48.02 -3.09
C LEU K 196 -13.19 -47.98 -1.69
N PHE K 197 -13.59 -47.00 -0.88
CA PHE K 197 -13.04 -46.85 0.47
C PHE K 197 -13.44 -47.99 1.41
N TRP K 198 -14.75 -48.21 1.54
CA TRP K 198 -15.26 -49.26 2.41
C TRP K 198 -14.72 -50.62 1.96
N LYS K 199 -14.75 -50.84 0.65
CA LYS K 199 -14.25 -52.08 0.06
C LYS K 199 -12.81 -52.30 0.49
N VAL K 200 -11.95 -51.37 0.11
CA VAL K 200 -10.53 -51.44 0.46
C VAL K 200 -10.34 -51.58 1.96
N LYS K 201 -11.16 -50.89 2.73
CA LYS K 201 -11.02 -50.95 4.19
C LYS K 201 -11.12 -52.38 4.70
N GLU K 202 -12.23 -53.04 4.33
CA GLU K 202 -12.47 -54.40 4.74
C GLU K 202 -11.43 -55.37 4.17
N GLU K 203 -11.36 -55.45 2.84
CA GLU K 203 -10.42 -56.32 2.15
C GLU K 203 -8.95 -56.16 2.55
N GLU K 204 -8.61 -55.01 3.14
CA GLU K 204 -7.23 -54.73 3.48
C GLU K 204 -6.92 -54.59 4.98
N GLY K 205 -7.88 -54.08 5.76
CA GLY K 205 -7.66 -53.92 7.19
C GLY K 205 -7.10 -52.55 7.57
N SER K 206 -6.81 -51.76 6.54
CA SER K 206 -6.28 -50.42 6.67
C SER K 206 -7.41 -49.46 7.04
N PHE K 207 -7.07 -48.19 7.25
CA PHE K 207 -8.04 -47.17 7.62
C PHE K 207 -8.72 -47.64 8.88
N ASN K 208 -7.91 -48.14 9.79
CA ASN K 208 -8.39 -48.65 11.04
C ASN K 208 -9.06 -47.54 11.85
N ASN K 209 -8.48 -46.35 11.78
CA ASN K 209 -8.97 -45.19 12.50
C ASN K 209 -10.42 -44.86 12.17
N VAL K 210 -10.89 -45.23 10.99
CA VAL K 210 -12.26 -44.94 10.59
C VAL K 210 -13.24 -46.00 11.07
N ILE K 211 -14.42 -45.57 11.53
CA ILE K 211 -15.45 -46.48 12.00
C ILE K 211 -16.36 -46.84 10.83
N GLY K 212 -16.42 -48.13 10.50
CA GLY K 212 -17.24 -48.57 9.38
C GLY K 212 -18.32 -49.58 9.70
N GLN L 1 -11.15 3.21 -9.44
CA GLN L 1 -10.69 2.90 -10.82
C GLN L 1 -11.78 2.13 -11.58
N PHE L 2 -11.63 2.01 -12.90
CA PHE L 2 -12.62 1.31 -13.72
C PHE L 2 -12.58 -0.21 -13.67
N ASN L 3 -13.71 -0.79 -13.32
CA ASN L 3 -13.88 -2.24 -13.25
C ASN L 3 -14.73 -2.66 -14.45
N PRO L 4 -14.16 -3.43 -15.38
CA PRO L 4 -14.87 -3.89 -16.57
C PRO L 4 -15.91 -4.98 -16.31
N TYR L 5 -16.00 -5.45 -15.08
CA TYR L 5 -16.94 -6.50 -14.76
C TYR L 5 -18.06 -6.08 -13.86
N GLY L 6 -19.15 -6.84 -13.91
CA GLY L 6 -20.31 -6.59 -13.08
C GLY L 6 -20.96 -7.93 -12.83
N ASP L 7 -21.95 -7.98 -11.94
CA ASP L 7 -22.65 -9.23 -11.66
C ASP L 7 -24.15 -8.99 -11.74
N ASN L 8 -24.81 -9.69 -12.66
CA ASN L 8 -26.25 -9.53 -12.83
C ASN L 8 -27.05 -10.65 -12.18
N GLY L 9 -26.38 -11.44 -11.35
CA GLY L 9 -27.04 -12.54 -10.65
C GLY L 9 -27.57 -13.62 -11.57
N GLY L 10 -28.76 -14.10 -11.27
CA GLY L 10 -29.35 -15.14 -12.10
C GLY L 10 -28.86 -16.52 -11.76
N THR L 11 -29.68 -17.52 -12.07
CA THR L 11 -29.38 -18.92 -11.84
C THR L 11 -29.94 -19.71 -13.02
N ILE L 12 -29.17 -20.67 -13.51
CA ILE L 12 -29.60 -21.48 -14.64
C ILE L 12 -29.42 -22.95 -14.30
N LEU L 13 -30.26 -23.79 -14.89
CA LEU L 13 -30.22 -25.23 -14.65
C LEU L 13 -30.35 -26.05 -15.92
N GLY L 14 -29.47 -27.04 -16.08
CA GLY L 14 -29.50 -27.88 -17.26
C GLY L 14 -29.56 -29.36 -16.88
N ILE L 15 -30.59 -30.05 -17.34
CA ILE L 15 -30.73 -31.47 -17.05
C ILE L 15 -30.91 -32.28 -18.32
N ALA L 16 -30.07 -33.30 -18.46
CA ALA L 16 -30.09 -34.19 -19.61
C ALA L 16 -30.97 -35.41 -19.39
N GLY L 17 -32.08 -35.45 -20.13
CA GLY L 17 -32.97 -36.58 -20.04
C GLY L 17 -32.39 -37.68 -20.90
N GLU L 18 -33.19 -38.70 -21.19
CA GLU L 18 -32.72 -39.81 -22.00
C GLU L 18 -32.86 -39.52 -23.49
N ASP L 19 -33.91 -38.81 -23.87
CA ASP L 19 -34.16 -38.46 -25.26
C ASP L 19 -34.64 -37.01 -25.32
N PHE L 20 -34.27 -36.25 -24.30
CA PHE L 20 -34.62 -34.84 -24.21
C PHE L 20 -33.61 -34.17 -23.29
N ALA L 21 -33.70 -32.85 -23.19
CA ALA L 21 -32.82 -32.07 -22.32
C ALA L 21 -33.48 -30.74 -22.06
N VAL L 22 -33.29 -30.21 -20.85
CA VAL L 22 -33.87 -28.92 -20.49
C VAL L 22 -32.82 -27.96 -19.97
N LEU L 23 -33.02 -26.68 -20.27
CA LEU L 23 -32.13 -25.63 -19.81
C LEU L 23 -33.03 -24.52 -19.27
N ALA L 24 -33.05 -24.36 -17.95
CA ALA L 24 -33.89 -23.35 -17.34
C ALA L 24 -33.07 -22.23 -16.72
N GLY L 25 -33.74 -21.11 -16.43
CA GLY L 25 -33.07 -19.99 -15.82
C GLY L 25 -34.10 -18.96 -15.42
N ASP L 26 -33.95 -18.36 -14.24
CA ASP L 26 -34.90 -17.34 -13.81
C ASP L 26 -34.81 -16.15 -14.77
N THR L 27 -35.76 -15.25 -14.69
CA THR L 27 -35.74 -14.11 -15.60
C THR L 27 -35.42 -12.80 -14.90
N ARG L 28 -34.92 -12.90 -13.68
CA ARG L 28 -34.55 -11.72 -12.92
C ARG L 28 -33.12 -11.31 -13.28
N ASN L 29 -32.92 -10.01 -13.47
CA ASN L 29 -31.61 -9.45 -13.80
C ASN L 29 -31.38 -8.38 -12.75
N ILE L 30 -30.29 -8.49 -11.99
CA ILE L 30 -30.02 -7.53 -10.95
C ILE L 30 -28.65 -6.84 -10.97
N THR L 31 -28.55 -5.78 -10.17
CA THR L 31 -27.32 -5.02 -9.98
C THR L 31 -27.32 -4.67 -8.50
N ASP L 32 -26.48 -5.36 -7.74
CA ASP L 32 -26.39 -5.13 -6.29
C ASP L 32 -27.71 -5.50 -5.65
N TYR L 33 -28.39 -4.51 -5.07
CA TYR L 33 -29.65 -4.76 -4.39
C TYR L 33 -30.88 -4.28 -5.16
N SER L 34 -30.68 -3.87 -6.40
CA SER L 34 -31.79 -3.41 -7.23
C SER L 34 -32.09 -4.41 -8.33
N ILE L 35 -33.32 -4.37 -8.82
CA ILE L 35 -33.75 -5.25 -9.90
C ILE L 35 -33.73 -4.41 -11.16
N ASN L 36 -33.11 -4.92 -12.22
CA ASN L 36 -33.06 -4.20 -13.48
C ASN L 36 -34.25 -4.60 -14.33
N SER L 37 -34.60 -5.87 -14.25
CA SER L 37 -35.73 -6.39 -15.00
C SER L 37 -36.25 -7.64 -14.34
N ARG L 38 -37.58 -7.80 -14.36
CA ARG L 38 -38.24 -8.96 -13.79
C ARG L 38 -38.35 -10.03 -14.86
N TYR L 39 -38.17 -9.62 -16.12
CA TYR L 39 -38.22 -10.55 -17.24
C TYR L 39 -37.18 -10.23 -18.32
N GLU L 40 -35.99 -10.79 -18.18
CA GLU L 40 -34.92 -10.57 -19.16
C GLU L 40 -34.40 -11.97 -19.51
N PRO L 41 -34.94 -12.57 -20.58
CA PRO L 41 -34.56 -13.90 -21.05
C PRO L 41 -33.06 -14.14 -20.97
N LYS L 42 -32.71 -15.31 -20.46
CA LYS L 42 -31.31 -15.66 -20.24
C LYS L 42 -30.91 -16.97 -20.92
N VAL L 43 -31.91 -17.71 -21.41
CA VAL L 43 -31.66 -18.96 -22.10
C VAL L 43 -32.13 -18.74 -23.55
N PHE L 44 -31.27 -19.08 -24.51
CA PHE L 44 -31.60 -18.87 -25.93
C PHE L 44 -31.54 -20.10 -26.82
N ASP L 45 -32.35 -20.05 -27.86
CA ASP L 45 -32.41 -21.11 -28.87
C ASP L 45 -31.41 -20.64 -29.92
N CYS L 46 -30.36 -21.43 -30.15
CA CYS L 46 -29.32 -21.03 -31.10
C CYS L 46 -29.35 -21.71 -32.46
N GLY L 47 -30.41 -22.46 -32.75
CA GLY L 47 -30.49 -23.14 -34.03
C GLY L 47 -29.95 -24.54 -33.87
N ASP L 48 -30.06 -25.34 -34.92
CA ASP L 48 -29.58 -26.73 -34.90
C ASP L 48 -29.91 -27.49 -33.61
N ASN L 49 -31.02 -27.11 -32.99
CA ASN L 49 -31.49 -27.77 -31.78
C ASN L 49 -30.54 -27.66 -30.59
N ILE L 50 -29.97 -26.47 -30.41
CA ILE L 50 -29.04 -26.22 -29.32
C ILE L 50 -29.49 -25.03 -28.51
N VAL L 51 -29.64 -25.21 -27.21
CA VAL L 51 -30.03 -24.11 -26.34
C VAL L 51 -28.82 -23.76 -25.49
N MET L 52 -28.63 -22.47 -25.25
CA MET L 52 -27.48 -22.02 -24.46
C MET L 52 -27.76 -20.86 -23.54
N SER L 53 -27.01 -20.82 -22.45
CA SER L 53 -27.12 -19.75 -21.47
C SER L 53 -25.73 -19.46 -20.91
N ALA L 54 -25.35 -18.20 -20.90
CA ALA L 54 -24.06 -17.75 -20.37
C ALA L 54 -24.38 -16.85 -19.19
N ASN L 55 -24.42 -17.44 -18.00
CA ASN L 55 -24.77 -16.71 -16.80
C ASN L 55 -23.61 -16.07 -16.03
N GLY L 56 -23.89 -14.90 -15.45
CA GLY L 56 -22.87 -14.18 -14.68
C GLY L 56 -22.90 -12.71 -15.02
N PHE L 57 -21.88 -12.25 -15.74
CA PHE L 57 -21.83 -10.86 -16.13
C PHE L 57 -22.59 -10.73 -17.46
N ALA L 58 -23.79 -10.16 -17.39
CA ALA L 58 -24.67 -10.01 -18.55
C ALA L 58 -24.06 -9.54 -19.86
N ALA L 59 -23.28 -8.47 -19.82
CA ALA L 59 -22.67 -7.96 -21.06
C ALA L 59 -21.83 -9.04 -21.73
N ASP L 60 -21.11 -9.82 -20.91
CA ASP L 60 -20.27 -10.89 -21.42
C ASP L 60 -21.15 -12.06 -21.88
N GLY L 61 -22.18 -12.37 -21.11
CA GLY L 61 -23.05 -13.46 -21.51
C GLY L 61 -23.68 -13.15 -22.87
N ASP L 62 -24.12 -11.91 -23.05
CA ASP L 62 -24.74 -11.53 -24.33
C ASP L 62 -23.77 -11.62 -25.49
N ALA L 63 -22.54 -11.14 -25.28
CA ALA L 63 -21.52 -11.17 -26.31
C ALA L 63 -21.18 -12.59 -26.73
N LEU L 64 -21.08 -13.50 -25.75
CA LEU L 64 -20.75 -14.88 -26.03
C LEU L 64 -21.85 -15.57 -26.83
N VAL L 65 -23.08 -15.48 -26.35
CA VAL L 65 -24.21 -16.10 -27.06
C VAL L 65 -24.29 -15.58 -28.49
N LYS L 66 -24.18 -14.27 -28.62
CA LYS L 66 -24.22 -13.62 -29.91
C LYS L 66 -23.12 -14.16 -30.83
N ARG L 67 -21.94 -14.34 -30.26
CA ARG L 67 -20.79 -14.84 -31.03
C ARG L 67 -20.99 -16.28 -31.42
N PHE L 68 -21.58 -17.07 -30.53
CA PHE L 68 -21.83 -18.48 -30.85
C PHE L 68 -22.92 -18.64 -31.92
N LYS L 69 -24.00 -17.86 -31.80
CA LYS L 69 -25.06 -17.95 -32.79
C LYS L 69 -24.48 -17.64 -34.16
N ASN L 70 -23.64 -16.61 -34.20
CA ASN L 70 -23.01 -16.22 -35.45
C ASN L 70 -22.08 -17.31 -35.92
N SER L 71 -21.57 -18.08 -34.97
CA SER L 71 -20.66 -19.17 -35.28
C SER L 71 -21.42 -20.29 -36.00
N VAL L 72 -22.63 -20.57 -35.53
CA VAL L 72 -23.50 -21.58 -36.12
C VAL L 72 -23.85 -21.18 -37.56
N LYS L 73 -24.16 -19.90 -37.74
CA LYS L 73 -24.51 -19.36 -39.05
C LYS L 73 -23.37 -19.62 -40.04
N TRP L 74 -22.14 -19.31 -39.63
CA TRP L 74 -21.02 -19.52 -40.53
C TRP L 74 -20.71 -20.99 -40.69
N TYR L 75 -21.03 -21.79 -39.69
CA TYR L 75 -20.78 -23.21 -39.82
C TYR L 75 -21.57 -23.70 -41.03
N HIS L 76 -22.80 -23.22 -41.15
CA HIS L 76 -23.67 -23.58 -42.27
C HIS L 76 -23.06 -23.09 -43.57
N PHE L 77 -22.71 -21.81 -43.61
CA PHE L 77 -22.11 -21.23 -44.81
C PHE L 77 -20.87 -22.00 -45.28
N ASP L 78 -20.02 -22.40 -44.34
CA ASP L 78 -18.77 -23.08 -44.67
C ASP L 78 -18.84 -24.59 -44.86
N HIS L 79 -19.79 -25.26 -44.23
CA HIS L 79 -19.83 -26.70 -44.41
C HIS L 79 -21.13 -27.24 -45.01
N ASN L 80 -21.51 -26.63 -46.12
CA ASN L 80 -22.70 -27.05 -46.83
C ASN L 80 -23.85 -27.36 -45.87
N ASP L 81 -24.38 -26.30 -45.25
CA ASP L 81 -25.49 -26.39 -44.31
C ASP L 81 -25.52 -27.56 -43.31
N LYS L 82 -24.38 -28.20 -43.09
CA LYS L 82 -24.31 -29.32 -42.15
C LYS L 82 -24.81 -28.88 -40.76
N LYS L 83 -25.39 -29.83 -40.04
CA LYS L 83 -25.90 -29.52 -38.71
C LYS L 83 -24.74 -29.59 -37.73
N LEU L 84 -24.77 -28.69 -36.75
CA LEU L 84 -23.74 -28.62 -35.74
C LEU L 84 -24.11 -29.53 -34.57
N SER L 85 -23.37 -30.61 -34.42
CA SER L 85 -23.63 -31.55 -33.34
C SER L 85 -23.34 -30.84 -32.02
N ILE L 86 -24.07 -31.21 -30.98
CA ILE L 86 -23.89 -30.61 -29.66
C ILE L 86 -22.43 -30.69 -29.17
N ASN L 87 -21.75 -31.79 -29.49
CA ASN L 87 -20.36 -31.98 -29.08
C ASN L 87 -19.46 -31.04 -29.87
N SER L 88 -19.86 -30.73 -31.09
CA SER L 88 -19.08 -29.84 -31.93
C SER L 88 -19.29 -28.41 -31.48
N ALA L 89 -20.50 -28.11 -31.01
CA ALA L 89 -20.82 -26.78 -30.52
C ALA L 89 -19.97 -26.54 -29.27
N ALA L 90 -19.95 -27.55 -28.40
CA ALA L 90 -19.20 -27.48 -27.16
C ALA L 90 -17.73 -27.17 -27.38
N ARG L 91 -17.09 -27.91 -28.29
CA ARG L 91 -15.68 -27.67 -28.58
C ARG L 91 -15.47 -26.28 -29.14
N ASN L 92 -16.40 -25.85 -29.99
CA ASN L 92 -16.31 -24.53 -30.57
C ASN L 92 -16.38 -23.46 -29.46
N ILE L 93 -17.35 -23.60 -28.57
CA ILE L 93 -17.51 -22.65 -27.48
C ILE L 93 -16.25 -22.59 -26.63
N GLN L 94 -15.56 -23.72 -26.47
CA GLN L 94 -14.34 -23.71 -25.68
C GLN L 94 -13.36 -22.72 -26.28
N HIS L 95 -13.17 -22.80 -27.60
CA HIS L 95 -12.26 -21.90 -28.28
C HIS L 95 -12.69 -20.45 -28.20
N LEU L 96 -14.00 -20.22 -28.19
CA LEU L 96 -14.52 -18.86 -28.10
C LEU L 96 -14.11 -18.28 -26.75
N LEU L 97 -14.27 -19.09 -25.70
CA LEU L 97 -13.94 -18.67 -24.35
C LEU L 97 -12.44 -18.58 -24.13
N TYR L 98 -11.69 -19.59 -24.55
CA TYR L 98 -10.25 -19.55 -24.33
C TYR L 98 -9.56 -18.45 -25.16
N GLY L 99 -10.26 -17.95 -26.17
CA GLY L 99 -9.71 -16.89 -26.97
C GLY L 99 -9.53 -15.66 -26.10
N LYS L 100 -10.26 -15.60 -24.99
CA LYS L 100 -10.17 -14.49 -24.07
C LYS L 100 -9.66 -14.98 -22.72
N ARG L 101 -8.72 -15.92 -22.78
CA ARG L 101 -8.12 -16.49 -21.57
C ARG L 101 -7.51 -15.43 -20.66
N PHE L 102 -7.16 -14.27 -21.22
CA PHE L 102 -6.54 -13.24 -20.41
C PHE L 102 -7.39 -11.99 -20.15
N PHE L 103 -8.67 -12.09 -20.50
CA PHE L 103 -9.67 -11.04 -20.31
C PHE L 103 -10.96 -11.81 -20.52
N PRO L 104 -11.17 -12.83 -19.69
CA PRO L 104 -12.31 -13.75 -19.67
C PRO L 104 -13.70 -13.17 -19.79
N TYR L 105 -14.60 -13.98 -20.32
CA TYR L 105 -16.01 -13.64 -20.38
C TYR L 105 -16.37 -14.11 -18.98
N TYR L 106 -16.84 -13.20 -18.14
CA TYR L 106 -17.16 -13.55 -16.75
C TYR L 106 -18.52 -14.24 -16.68
N VAL L 107 -18.60 -15.43 -17.25
CA VAL L 107 -19.83 -16.19 -17.28
C VAL L 107 -19.61 -17.68 -17.09
N HIS L 108 -20.65 -18.33 -16.62
CA HIS L 108 -20.67 -19.78 -16.43
C HIS L 108 -21.64 -20.16 -17.52
N THR L 109 -21.16 -20.79 -18.57
CA THR L 109 -22.06 -21.13 -19.64
C THR L 109 -22.45 -22.62 -19.67
N ILE L 110 -23.70 -22.84 -20.06
CA ILE L 110 -24.28 -24.17 -20.17
C ILE L 110 -25.08 -24.28 -21.45
N ILE L 111 -24.89 -25.38 -22.18
CA ILE L 111 -25.66 -25.62 -23.40
C ILE L 111 -26.33 -26.99 -23.29
N ALA L 112 -27.50 -27.12 -23.93
CA ALA L 112 -28.23 -28.37 -23.90
C ALA L 112 -28.77 -28.75 -25.27
N GLY L 113 -28.82 -30.05 -25.54
CA GLY L 113 -29.31 -30.56 -26.81
C GLY L 113 -29.33 -32.08 -26.80
N LEU L 114 -29.29 -32.68 -27.99
CA LEU L 114 -29.28 -34.13 -28.09
C LEU L 114 -27.99 -34.47 -28.80
N ASP L 115 -27.30 -35.52 -28.34
CA ASP L 115 -26.07 -35.90 -29.02
C ASP L 115 -26.45 -36.55 -30.34
N GLU L 116 -25.50 -37.21 -30.99
CA GLU L 116 -25.78 -37.83 -32.27
C GLU L 116 -26.61 -39.12 -32.21
N ASP L 117 -26.90 -39.60 -31.00
CA ASP L 117 -27.69 -40.81 -30.82
C ASP L 117 -29.09 -40.44 -30.38
N GLY L 118 -29.39 -39.15 -30.37
CA GLY L 118 -30.70 -38.69 -29.95
C GLY L 118 -30.84 -38.60 -28.45
N LYS L 119 -29.76 -38.91 -27.72
CA LYS L 119 -29.78 -38.87 -26.26
C LYS L 119 -29.67 -37.45 -25.72
N GLY L 120 -30.22 -37.24 -24.52
CA GLY L 120 -30.18 -35.92 -23.91
C GLY L 120 -28.75 -35.59 -23.50
N ALA L 121 -28.33 -34.36 -23.80
CA ALA L 121 -26.96 -33.93 -23.48
C ALA L 121 -26.82 -32.50 -22.99
N VAL L 122 -26.04 -32.34 -21.91
CA VAL L 122 -25.74 -31.04 -21.34
C VAL L 122 -24.22 -30.87 -21.26
N TYR L 123 -23.77 -29.66 -21.60
CA TYR L 123 -22.34 -29.35 -21.54
C TYR L 123 -22.21 -28.11 -20.66
N SER L 124 -21.31 -28.20 -19.68
CA SER L 124 -21.06 -27.11 -18.76
C SER L 124 -19.67 -26.51 -18.99
N PHE L 125 -19.61 -25.18 -19.07
CA PHE L 125 -18.35 -24.48 -19.29
C PHE L 125 -17.86 -23.62 -18.14
N ASP L 126 -16.55 -23.48 -18.15
CA ASP L 126 -15.74 -22.71 -17.20
C ASP L 126 -15.67 -21.29 -17.79
N PRO L 127 -15.37 -20.28 -16.96
CA PRO L 127 -15.31 -18.95 -17.58
C PRO L 127 -14.26 -18.87 -18.69
N VAL L 128 -13.24 -19.73 -18.63
CA VAL L 128 -12.20 -19.72 -19.64
C VAL L 128 -12.12 -20.90 -20.60
N GLY L 129 -13.20 -21.67 -20.74
CA GLY L 129 -13.18 -22.74 -21.71
C GLY L 129 -13.14 -24.19 -21.29
N SER L 130 -12.94 -24.46 -20.02
CA SER L 130 -12.91 -25.83 -19.55
C SER L 130 -14.35 -26.34 -19.66
N TYR L 131 -14.54 -27.53 -20.24
CA TYR L 131 -15.89 -28.07 -20.37
C TYR L 131 -15.98 -29.58 -20.17
N GLU L 132 -17.15 -30.01 -19.71
CA GLU L 132 -17.42 -31.40 -19.44
C GLU L 132 -18.87 -31.70 -19.85
N ARG L 133 -19.13 -32.93 -20.31
CA ARG L 133 -20.51 -33.26 -20.62
C ARG L 133 -21.05 -33.71 -19.27
N GLU L 134 -22.31 -33.37 -18.98
CA GLU L 134 -22.84 -33.74 -17.68
C GLU L 134 -24.31 -34.15 -17.64
N GLN L 135 -24.67 -34.82 -16.54
CA GLN L 135 -26.03 -35.30 -16.32
C GLN L 135 -26.90 -34.06 -16.10
N CYS L 136 -26.54 -33.29 -15.09
CA CYS L 136 -27.25 -32.05 -14.78
C CYS L 136 -26.30 -31.08 -14.08
N ARG L 137 -26.47 -29.80 -14.38
CA ARG L 137 -25.62 -28.78 -13.82
C ARG L 137 -26.37 -27.47 -13.60
N ALA L 138 -26.24 -26.93 -12.39
CA ALA L 138 -26.86 -25.66 -12.07
C ALA L 138 -25.70 -24.67 -12.11
N GLY L 139 -26.01 -23.44 -12.50
CA GLY L 139 -24.99 -22.41 -12.58
C GLY L 139 -25.53 -21.09 -12.09
N GLY L 140 -24.64 -20.25 -11.55
CA GLY L 140 -25.10 -18.96 -11.09
C GLY L 140 -25.26 -18.88 -9.58
N ALA L 141 -25.99 -17.85 -9.17
CA ALA L 141 -26.24 -17.55 -7.77
C ALA L 141 -26.58 -18.72 -6.85
N ALA L 142 -27.74 -19.33 -7.06
CA ALA L 142 -28.19 -20.44 -6.21
C ALA L 142 -27.60 -21.81 -6.52
N ALA L 143 -26.71 -21.87 -7.49
CA ALA L 143 -26.09 -23.14 -7.86
C ALA L 143 -25.72 -24.03 -6.66
N SER L 144 -25.26 -23.43 -5.58
CA SER L 144 -24.86 -24.22 -4.41
C SER L 144 -26.05 -24.70 -3.58
N LEU L 145 -27.22 -24.10 -3.78
CA LEU L 145 -28.41 -24.52 -3.07
C LEU L 145 -29.11 -25.62 -3.84
N ILE L 146 -28.97 -25.57 -5.17
CA ILE L 146 -29.60 -26.54 -6.04
C ILE L 146 -28.84 -27.85 -6.27
N MET L 147 -27.54 -27.78 -6.53
CA MET L 147 -26.79 -29.01 -6.79
C MET L 147 -26.90 -30.11 -5.73
N PRO L 148 -26.84 -29.76 -4.43
CA PRO L 148 -26.95 -30.82 -3.42
C PRO L 148 -28.25 -31.59 -3.57
N PHE L 149 -29.30 -30.83 -3.87
CA PHE L 149 -30.65 -31.34 -4.06
C PHE L 149 -30.70 -32.33 -5.24
N LEU L 150 -30.30 -31.86 -6.41
CA LEU L 150 -30.28 -32.68 -7.62
C LEU L 150 -29.42 -33.94 -7.43
N ASP L 151 -28.36 -33.86 -6.65
CA ASP L 151 -27.53 -35.04 -6.42
C ASP L 151 -28.36 -36.09 -5.70
N ASN L 152 -29.28 -35.61 -4.87
CA ASN L 152 -30.12 -36.46 -4.06
C ASN L 152 -31.33 -36.96 -4.82
N GLN L 153 -32.08 -36.03 -5.40
CA GLN L 153 -33.30 -36.35 -6.12
C GLN L 153 -33.17 -36.75 -7.58
N VAL L 154 -31.96 -36.78 -8.10
CA VAL L 154 -31.78 -37.16 -9.49
C VAL L 154 -30.83 -38.33 -9.61
N ASN L 155 -29.75 -38.32 -8.86
CA ASN L 155 -28.79 -39.42 -8.92
C ASN L 155 -28.91 -40.29 -7.68
N PHE L 156 -29.99 -40.06 -6.92
CA PHE L 156 -30.29 -40.81 -5.70
C PHE L 156 -29.10 -41.07 -4.78
N LYS L 157 -28.26 -40.06 -4.60
CA LYS L 157 -27.08 -40.18 -3.75
C LYS L 157 -27.51 -40.27 -2.30
N ASN L 158 -26.76 -41.04 -1.51
CA ASN L 158 -27.04 -41.22 -0.09
C ASN L 158 -28.38 -41.86 0.21
N GLN L 159 -29.04 -42.37 -0.83
CA GLN L 159 -30.32 -43.04 -0.67
C GLN L 159 -30.12 -44.53 -0.92
N TYR L 160 -30.54 -45.35 0.04
CA TYR L 160 -30.42 -46.80 -0.04
C TYR L 160 -31.77 -47.50 0.05
N GLU L 161 -31.77 -48.79 -0.26
CA GLU L 161 -32.99 -49.59 -0.20
C GLU L 161 -33.40 -49.87 1.24
N PRO L 162 -34.63 -49.49 1.61
CA PRO L 162 -35.13 -49.70 2.96
C PRO L 162 -34.93 -51.14 3.44
N GLY L 163 -34.37 -51.30 4.64
CA GLY L 163 -34.13 -52.62 5.18
C GLY L 163 -32.86 -53.28 4.72
N THR L 164 -32.23 -52.78 3.66
CA THR L 164 -30.99 -53.38 3.16
C THR L 164 -29.76 -52.97 3.95
N ASN L 165 -29.96 -52.17 5.00
CA ASN L 165 -28.86 -51.72 5.84
C ASN L 165 -27.86 -50.93 4.98
N GLY L 166 -28.39 -50.04 4.15
CA GLY L 166 -27.53 -49.26 3.28
C GLY L 166 -26.58 -50.10 2.45
N LYS L 167 -26.91 -51.38 2.25
CA LYS L 167 -26.08 -52.28 1.47
C LYS L 167 -26.49 -52.29 -0.01
N VAL L 168 -27.69 -51.80 -0.28
CA VAL L 168 -28.20 -51.77 -1.66
C VAL L 168 -28.61 -50.35 -2.04
N LYS L 169 -27.89 -49.76 -2.98
CA LYS L 169 -28.20 -48.39 -3.41
C LYS L 169 -29.54 -48.34 -4.11
N LYS L 170 -30.26 -47.24 -3.95
CA LYS L 170 -31.54 -47.07 -4.62
C LYS L 170 -31.23 -47.09 -6.12
N PRO L 171 -32.03 -47.83 -6.91
CA PRO L 171 -31.85 -47.93 -8.36
C PRO L 171 -32.05 -46.62 -9.12
N LEU L 172 -31.18 -46.40 -10.10
CA LEU L 172 -31.21 -45.19 -10.91
C LEU L 172 -32.24 -45.18 -12.04
N LYS L 173 -33.52 -45.34 -11.73
CA LYS L 173 -34.54 -45.32 -12.77
C LYS L 173 -34.58 -43.90 -13.36
N TYR L 174 -34.58 -43.76 -14.68
CA TYR L 174 -34.59 -42.41 -15.24
C TYR L 174 -35.90 -41.72 -15.54
N LEU L 175 -35.89 -40.43 -15.22
CA LEU L 175 -37.01 -39.52 -15.33
C LEU L 175 -37.49 -39.09 -16.70
N SER L 176 -38.77 -38.74 -16.73
CA SER L 176 -39.44 -38.24 -17.91
C SER L 176 -39.29 -36.73 -17.91
N VAL L 177 -39.68 -36.10 -19.00
CA VAL L 177 -39.58 -34.65 -19.08
C VAL L 177 -40.47 -33.99 -18.03
N GLU L 178 -41.55 -34.66 -17.64
CA GLU L 178 -42.44 -34.10 -16.63
C GLU L 178 -41.89 -34.24 -15.22
N GLU L 179 -41.21 -35.35 -14.93
CA GLU L 179 -40.66 -35.53 -13.61
C GLU L 179 -39.46 -34.58 -13.46
N VAL L 180 -38.76 -34.35 -14.57
CA VAL L 180 -37.63 -33.44 -14.55
C VAL L 180 -38.12 -32.01 -14.29
N ILE L 181 -39.05 -31.53 -15.11
CA ILE L 181 -39.56 -30.18 -14.92
C ILE L 181 -40.06 -29.95 -13.49
N LYS L 182 -40.53 -31.01 -12.83
CA LYS L 182 -41.01 -30.87 -11.46
C LYS L 182 -39.84 -30.51 -10.56
N LEU L 183 -38.73 -31.22 -10.73
CA LEU L 183 -37.54 -30.98 -9.94
C LEU L 183 -37.01 -29.57 -10.21
N VAL L 184 -36.99 -29.19 -11.48
CA VAL L 184 -36.54 -27.88 -11.87
C VAL L 184 -37.37 -26.82 -11.17
N ARG L 185 -38.68 -26.92 -11.30
CA ARG L 185 -39.57 -25.95 -10.67
C ARG L 185 -39.40 -25.87 -9.16
N ASP L 186 -39.18 -27.03 -8.54
CA ASP L 186 -39.00 -27.02 -7.10
C ASP L 186 -37.66 -26.40 -6.77
N SER L 187 -36.63 -26.77 -7.52
CA SER L 187 -35.29 -26.21 -7.31
C SER L 187 -35.38 -24.70 -7.32
N PHE L 188 -36.11 -24.16 -8.29
CA PHE L 188 -36.23 -22.72 -8.37
C PHE L 188 -37.16 -22.06 -7.35
N THR L 189 -38.20 -22.77 -6.90
CA THR L 189 -39.06 -22.14 -5.90
C THR L 189 -38.30 -22.15 -4.57
N SER L 190 -37.45 -23.15 -4.37
CA SER L 190 -36.64 -23.25 -3.15
C SER L 190 -35.57 -22.18 -3.20
N ALA L 191 -34.89 -22.10 -4.33
CA ALA L 191 -33.83 -21.11 -4.50
C ALA L 191 -34.41 -19.71 -4.33
N THR L 192 -35.62 -19.49 -4.82
CA THR L 192 -36.24 -18.17 -4.70
C THR L 192 -36.49 -17.81 -3.25
N GLU L 193 -36.74 -18.84 -2.43
CA GLU L 193 -37.01 -18.65 -1.01
C GLU L 193 -35.77 -18.25 -0.22
N ARG L 194 -34.63 -18.86 -0.55
CA ARG L 194 -33.41 -18.57 0.19
C ARG L 194 -32.34 -17.70 -0.44
N HIS L 195 -32.52 -17.29 -1.69
CA HIS L 195 -31.53 -16.44 -2.33
C HIS L 195 -32.22 -15.17 -2.80
N ILE L 196 -31.66 -14.01 -2.45
CA ILE L 196 -32.27 -12.73 -2.81
C ILE L 196 -32.13 -12.37 -4.28
N GLN L 197 -31.24 -13.05 -5.00
CA GLN L 197 -31.05 -12.76 -6.41
C GLN L 197 -31.89 -13.66 -7.31
N VAL L 198 -32.56 -14.64 -6.71
CA VAL L 198 -33.40 -15.55 -7.49
C VAL L 198 -34.89 -15.26 -7.30
N GLY L 199 -35.60 -15.08 -8.41
CA GLY L 199 -37.02 -14.82 -8.35
C GLY L 199 -37.67 -14.32 -9.64
N ASP L 200 -38.81 -13.62 -9.49
CA ASP L 200 -39.57 -13.05 -10.61
C ASP L 200 -40.21 -14.04 -11.59
N GLY L 201 -39.39 -14.87 -12.23
CA GLY L 201 -39.93 -15.83 -13.18
C GLY L 201 -38.93 -16.91 -13.55
N LEU L 202 -39.46 -18.02 -14.06
CA LEU L 202 -38.66 -19.16 -14.48
C LEU L 202 -39.05 -19.53 -15.92
N GLU L 203 -38.06 -19.60 -16.80
CA GLU L 203 -38.31 -19.93 -18.19
C GLU L 203 -37.49 -21.16 -18.52
N ILE L 204 -38.16 -22.20 -18.97
CA ILE L 204 -37.49 -23.44 -19.32
C ILE L 204 -37.59 -23.70 -20.82
N LEU L 205 -36.51 -24.22 -21.40
CA LEU L 205 -36.50 -24.56 -22.82
C LEU L 205 -36.28 -26.08 -22.88
N ILE L 206 -37.22 -26.78 -23.52
CA ILE L 206 -37.09 -28.23 -23.65
C ILE L 206 -36.68 -28.59 -25.07
N VAL L 207 -35.71 -29.48 -25.17
CA VAL L 207 -35.20 -29.92 -26.45
C VAL L 207 -35.42 -31.41 -26.66
N THR L 208 -36.15 -31.73 -27.73
CA THR L 208 -36.46 -33.10 -28.10
C THR L 208 -36.17 -33.20 -29.59
N LYS L 209 -36.30 -34.41 -30.15
CA LYS L 209 -36.06 -34.62 -31.58
C LYS L 209 -37.05 -33.82 -32.43
N ASP L 210 -38.00 -33.18 -31.78
CA ASP L 210 -39.01 -32.40 -32.49
C ASP L 210 -38.70 -30.92 -32.48
N GLY L 211 -37.72 -30.52 -31.68
CA GLY L 211 -37.38 -29.11 -31.62
C GLY L 211 -37.28 -28.53 -30.23
N VAL L 212 -37.48 -27.22 -30.16
CA VAL L 212 -37.38 -26.47 -28.91
C VAL L 212 -38.72 -25.89 -28.43
N ARG L 213 -39.18 -26.36 -27.28
CA ARG L 213 -40.43 -25.86 -26.70
C ARG L 213 -40.07 -25.03 -25.48
N LYS L 214 -40.92 -24.06 -25.12
CA LYS L 214 -40.66 -23.18 -23.97
C LYS L 214 -41.80 -23.10 -22.97
N GLU L 215 -41.49 -23.24 -21.69
CA GLU L 215 -42.50 -23.15 -20.63
C GLU L 215 -42.11 -22.03 -19.64
N PHE L 216 -43.08 -21.25 -19.19
CA PHE L 216 -42.82 -20.16 -18.25
C PHE L 216 -43.67 -20.24 -16.98
N TYR L 217 -43.04 -19.97 -15.85
CA TYR L 217 -43.73 -19.98 -14.56
C TYR L 217 -43.31 -18.77 -13.74
N GLU L 218 -44.23 -18.24 -12.95
CA GLU L 218 -43.92 -17.09 -12.11
C GLU L 218 -43.15 -17.55 -10.89
N LEU L 219 -42.43 -16.61 -10.28
CA LEU L 219 -41.68 -16.85 -9.06
C LEU L 219 -41.98 -15.64 -8.16
N LYS L 220 -41.81 -15.80 -6.85
CA LYS L 220 -42.07 -14.68 -5.94
C LYS L 220 -41.23 -13.49 -6.37
N ARG L 221 -41.84 -12.32 -6.33
CA ARG L 221 -41.19 -11.10 -6.77
C ARG L 221 -40.54 -10.25 -5.69
N ASP L 222 -40.34 -10.81 -4.49
CA ASP L 222 -39.72 -10.07 -3.39
C ASP L 222 -38.18 -10.19 -3.35
N THR M 1 -9.37 3.82 -19.11
CA THR M 1 -9.98 4.05 -17.77
C THR M 1 -9.92 5.53 -17.46
N GLN M 2 -11.05 6.06 -17.07
CA GLN M 2 -11.16 7.46 -16.78
C GLN M 2 -12.00 7.65 -15.54
N GLN M 3 -12.51 8.85 -15.37
CA GLN M 3 -13.37 9.18 -14.25
C GLN M 3 -14.22 10.31 -14.78
N PRO M 4 -15.52 10.27 -14.49
CA PRO M 4 -16.44 11.30 -14.94
C PRO M 4 -16.15 12.65 -14.28
N ILE M 5 -16.39 13.74 -15.01
CA ILE M 5 -16.17 15.07 -14.46
C ILE M 5 -17.51 15.81 -14.39
N VAL M 6 -17.99 16.33 -15.52
CA VAL M 6 -19.28 17.00 -15.54
C VAL M 6 -20.31 15.88 -15.72
N THR M 7 -21.23 15.73 -14.76
CA THR M 7 -22.21 14.66 -14.86
C THR M 7 -23.69 14.99 -14.89
N GLY M 8 -24.44 14.08 -15.49
CA GLY M 8 -25.89 14.22 -15.58
C GLY M 8 -26.45 13.12 -14.71
N THR M 9 -27.47 13.44 -13.92
CA THR M 9 -28.05 12.45 -13.02
C THR M 9 -29.12 11.56 -13.70
N SER M 10 -30.05 11.02 -12.93
CA SER M 10 -31.10 10.12 -13.43
C SER M 10 -31.80 10.38 -14.76
N VAL M 11 -32.16 9.28 -15.42
CA VAL M 11 -32.94 9.32 -16.65
C VAL M 11 -34.03 8.29 -16.38
N ILE M 12 -35.26 8.74 -16.14
CA ILE M 12 -36.35 7.81 -15.87
C ILE M 12 -37.27 7.62 -17.08
N SER M 13 -37.87 6.44 -17.19
CA SER M 13 -38.74 6.15 -18.30
C SER M 13 -39.66 4.96 -18.05
N MET M 14 -40.72 4.89 -18.85
CA MET M 14 -41.68 3.80 -18.77
C MET M 14 -42.47 3.77 -20.06
N LYS M 15 -43.22 2.70 -20.26
CA LYS M 15 -44.00 2.60 -21.47
C LYS M 15 -45.48 2.45 -21.13
N TYR M 16 -46.35 3.04 -21.95
CA TYR M 16 -47.78 2.94 -21.75
C TYR M 16 -48.41 2.28 -22.98
N ASP M 17 -49.74 2.16 -22.99
CA ASP M 17 -50.44 1.52 -24.10
C ASP M 17 -50.09 1.92 -25.53
N ASN M 18 -49.79 3.20 -25.77
CA ASN M 18 -49.50 3.67 -27.12
C ASN M 18 -48.08 4.07 -27.46
N GLY M 19 -47.23 4.23 -26.45
CA GLY M 19 -45.86 4.63 -26.72
C GLY M 19 -44.96 4.51 -25.51
N VAL M 20 -44.10 5.50 -25.33
CA VAL M 20 -43.17 5.52 -24.23
C VAL M 20 -42.92 6.95 -23.79
N ILE M 21 -42.58 7.12 -22.50
CA ILE M 21 -42.28 8.43 -21.96
C ILE M 21 -40.89 8.36 -21.33
N ILE M 22 -40.11 9.42 -21.51
CA ILE M 22 -38.77 9.46 -20.94
C ILE M 22 -38.47 10.89 -20.50
N ALA M 23 -37.83 11.02 -19.34
CA ALA M 23 -37.49 12.35 -18.82
C ALA M 23 -36.12 12.39 -18.15
N ALA M 24 -35.54 13.59 -18.09
CA ALA M 24 -34.22 13.82 -17.49
C ALA M 24 -34.11 15.29 -17.16
N ASP M 25 -33.56 15.63 -16.00
CA ASP M 25 -33.44 17.05 -15.65
C ASP M 25 -32.34 17.73 -16.47
N ASN M 26 -32.25 19.05 -16.36
CA ASN M 26 -31.29 19.80 -17.15
C ASN M 26 -30.03 20.21 -16.41
N LEU M 27 -29.60 19.38 -15.46
CA LEU M 27 -28.41 19.71 -14.70
C LEU M 27 -27.13 19.00 -15.16
N GLY M 28 -26.03 19.73 -15.07
CA GLY M 28 -24.72 19.22 -15.40
C GLY M 28 -23.88 19.52 -14.17
N SER M 29 -23.73 18.53 -13.29
CA SER M 29 -22.96 18.70 -12.06
C SER M 29 -21.46 18.57 -12.26
N TYR M 30 -20.71 19.12 -11.31
CA TYR M 30 -19.26 19.04 -11.30
C TYR M 30 -18.95 18.71 -9.84
N GLY M 31 -19.20 17.45 -9.48
CA GLY M 31 -19.00 17.04 -8.11
C GLY M 31 -20.20 17.60 -7.38
N SER M 32 -19.98 18.25 -6.24
CA SER M 32 -21.09 18.83 -5.48
C SER M 32 -21.47 20.20 -6.02
N LEU M 33 -20.75 20.67 -7.02
CA LEU M 33 -21.09 21.98 -7.61
C LEU M 33 -22.09 21.82 -8.76
N LEU M 34 -23.29 22.39 -8.58
CA LEU M 34 -24.33 22.34 -9.60
C LEU M 34 -23.90 23.42 -10.60
N ARG M 35 -23.01 23.06 -11.51
CA ARG M 35 -22.46 24.01 -12.46
C ARG M 35 -23.29 24.47 -13.63
N PHE M 36 -23.72 23.55 -14.48
CA PHE M 36 -24.46 23.95 -15.66
C PHE M 36 -25.96 23.67 -15.56
N ASN M 37 -26.77 24.58 -16.08
CA ASN M 37 -28.21 24.41 -15.99
C ASN M 37 -29.03 24.30 -17.27
N GLY M 38 -28.42 24.52 -18.42
CA GLY M 38 -29.21 24.40 -19.63
C GLY M 38 -28.84 23.14 -20.40
N VAL M 39 -28.56 22.06 -19.68
CA VAL M 39 -28.14 20.83 -20.32
C VAL M 39 -29.27 19.88 -20.73
N GLU M 40 -29.44 19.72 -22.03
CA GLU M 40 -30.46 18.83 -22.54
C GLU M 40 -29.86 17.43 -22.60
N ARG M 41 -30.41 16.52 -21.82
CA ARG M 41 -29.90 15.16 -21.79
C ARG M 41 -30.79 14.17 -22.54
N LEU M 42 -31.80 14.68 -23.24
CA LEU M 42 -32.66 13.82 -24.05
C LEU M 42 -32.32 14.13 -25.49
N ILE M 43 -31.86 13.12 -26.23
CA ILE M 43 -31.50 13.32 -27.63
C ILE M 43 -32.49 12.66 -28.59
N PRO M 44 -33.25 13.48 -29.33
CA PRO M 44 -34.21 12.92 -30.27
C PRO M 44 -33.46 12.50 -31.52
N VAL M 45 -33.78 11.32 -32.05
CA VAL M 45 -33.15 10.83 -33.27
C VAL M 45 -34.29 10.53 -34.23
N GLY M 46 -34.45 11.41 -35.22
CA GLY M 46 -35.53 11.23 -36.15
C GLY M 46 -36.81 11.65 -35.42
N ASP M 47 -37.89 10.90 -35.60
CA ASP M 47 -39.16 11.25 -34.96
C ASP M 47 -39.81 10.05 -34.28
N ASN M 48 -39.03 9.02 -34.00
CA ASN M 48 -39.55 7.82 -33.35
C ASN M 48 -38.63 7.33 -32.24
N THR M 49 -37.56 8.08 -31.97
CA THR M 49 -36.61 7.68 -30.95
C THR M 49 -36.05 8.87 -30.18
N VAL M 50 -35.86 8.66 -28.89
CA VAL M 50 -35.26 9.66 -28.01
C VAL M 50 -34.28 8.90 -27.13
N VAL M 51 -33.06 9.42 -27.06
CA VAL M 51 -32.02 8.78 -26.26
C VAL M 51 -31.74 9.62 -25.01
N GLY M 52 -31.99 9.02 -23.84
CA GLY M 52 -31.75 9.70 -22.59
C GLY M 52 -30.40 9.26 -22.05
N ILE M 53 -29.51 10.22 -21.82
CA ILE M 53 -28.17 9.91 -21.36
C ILE M 53 -27.82 10.51 -19.99
N SER M 54 -27.18 9.71 -19.16
CA SER M 54 -26.73 10.16 -17.84
C SER M 54 -25.25 9.82 -17.73
N GLY M 55 -24.57 10.42 -16.76
CA GLY M 55 -23.17 10.17 -16.61
C GLY M 55 -22.31 11.31 -17.11
N ASP M 56 -21.14 10.99 -17.62
CA ASP M 56 -20.22 12.00 -18.12
C ASP M 56 -20.81 12.79 -19.30
N ILE M 57 -20.86 14.12 -19.14
CA ILE M 57 -21.41 14.99 -20.17
C ILE M 57 -20.50 15.08 -21.40
N SER M 58 -19.19 15.06 -21.21
CA SER M 58 -18.33 15.14 -22.38
C SER M 58 -18.60 13.91 -23.24
N ASP M 59 -18.77 12.75 -22.61
CA ASP M 59 -19.05 11.54 -23.36
C ASP M 59 -20.44 11.60 -23.96
N MET M 60 -21.37 12.28 -23.29
CA MET M 60 -22.72 12.40 -23.81
C MET M 60 -22.68 13.21 -25.12
N GLN M 61 -21.92 14.30 -25.12
CA GLN M 61 -21.79 15.14 -26.30
C GLN M 61 -21.15 14.34 -27.43
N HIS M 62 -20.30 13.38 -27.07
CA HIS M 62 -19.66 12.55 -28.08
C HIS M 62 -20.70 11.61 -28.69
N ILE M 63 -21.55 11.01 -27.86
CA ILE M 63 -22.58 10.10 -28.34
C ILE M 63 -23.57 10.88 -29.19
N GLU M 64 -23.80 12.13 -28.80
CA GLU M 64 -24.69 13.01 -29.52
C GLU M 64 -24.20 13.15 -30.96
N ARG M 65 -22.90 13.39 -31.10
CA ARG M 65 -22.27 13.54 -32.41
C ARG M 65 -22.34 12.22 -33.19
N LEU M 66 -22.27 11.10 -32.49
CA LEU M 66 -22.34 9.81 -33.16
C LEU M 66 -23.72 9.59 -33.75
N LEU M 67 -24.74 10.05 -33.02
CA LEU M 67 -26.10 9.90 -33.46
C LEU M 67 -26.46 10.77 -34.67
N LYS M 68 -25.99 12.02 -34.69
CA LYS M 68 -26.26 12.89 -35.82
C LYS M 68 -25.60 12.31 -37.05
N ASP M 69 -24.52 11.57 -36.85
CA ASP M 69 -23.81 10.95 -37.95
C ASP M 69 -24.50 9.70 -38.42
N LEU M 70 -25.16 9.00 -37.50
CA LEU M 70 -25.86 7.79 -37.86
C LEU M 70 -26.96 8.23 -38.81
N VAL M 71 -27.58 9.35 -38.50
CA VAL M 71 -28.65 9.89 -39.33
C VAL M 71 -28.13 10.26 -40.72
N THR M 72 -27.11 11.12 -40.76
CA THR M 72 -26.50 11.57 -42.01
C THR M 72 -26.11 10.38 -42.89
N GLU M 73 -25.41 9.44 -42.27
CA GLU M 73 -24.93 8.24 -42.96
C GLU M 73 -26.09 7.40 -43.50
N ASN M 74 -27.14 7.24 -42.71
CA ASN M 74 -28.29 6.44 -43.12
C ASN M 74 -28.98 7.05 -44.34
N ALA M 75 -28.90 8.36 -44.47
CA ALA M 75 -29.53 9.04 -45.60
C ALA M 75 -28.76 8.88 -46.92
N TYR M 76 -27.49 8.50 -46.83
CA TYR M 76 -26.66 8.32 -48.02
C TYR M 76 -27.13 7.19 -48.92
N ASP M 77 -27.36 7.50 -50.20
CA ASP M 77 -27.80 6.51 -51.19
C ASP M 77 -29.01 5.71 -50.69
N ASN M 78 -29.84 6.35 -49.89
CA ASN M 78 -31.02 5.73 -49.33
C ASN M 78 -32.27 6.53 -49.72
N PRO M 79 -32.90 6.18 -50.85
CA PRO M 79 -34.09 6.88 -51.31
C PRO M 79 -35.30 6.70 -50.37
N LEU M 80 -35.17 5.79 -49.41
CA LEU M 80 -36.25 5.53 -48.46
C LEU M 80 -35.86 5.92 -47.03
N ALA M 81 -35.02 6.95 -46.92
CA ALA M 81 -34.52 7.42 -45.62
C ALA M 81 -35.62 7.92 -44.68
N ASP M 82 -36.65 8.52 -45.24
CA ASP M 82 -37.76 9.05 -44.44
C ASP M 82 -38.94 8.07 -44.47
N ALA M 83 -38.72 6.87 -45.00
CA ALA M 83 -39.78 5.88 -45.07
C ALA M 83 -39.37 4.54 -44.49
N GLU M 84 -39.50 3.48 -45.29
CA GLU M 84 -39.17 2.13 -44.86
C GLU M 84 -37.73 1.95 -44.34
N GLU M 85 -36.80 2.70 -44.90
CA GLU M 85 -35.41 2.56 -44.48
C GLU M 85 -34.94 3.68 -43.57
N ALA M 86 -35.84 4.18 -42.74
CA ALA M 86 -35.48 5.22 -41.79
C ALA M 86 -34.94 4.51 -40.55
N LEU M 87 -34.27 5.26 -39.68
CA LEU M 87 -33.70 4.68 -38.47
C LEU M 87 -34.77 4.21 -37.48
N GLU M 88 -34.60 2.99 -37.01
CA GLU M 88 -35.52 2.39 -36.04
C GLU M 88 -34.91 2.53 -34.64
N PRO M 89 -35.76 2.65 -33.61
CA PRO M 89 -35.20 2.77 -32.27
C PRO M 89 -34.28 1.57 -31.96
N SER M 90 -34.67 0.40 -32.42
CA SER M 90 -33.86 -0.78 -32.15
C SER M 90 -32.51 -0.75 -32.88
N TYR M 91 -32.45 -0.11 -34.05
CA TYR M 91 -31.17 -0.03 -34.77
C TYR M 91 -30.25 0.90 -33.98
N ILE M 92 -30.79 2.05 -33.60
CA ILE M 92 -30.06 3.04 -32.84
C ILE M 92 -29.55 2.44 -31.55
N PHE M 93 -30.35 1.55 -30.95
CA PHE M 93 -29.93 0.95 -29.70
C PHE M 93 -28.85 -0.11 -29.89
N GLU M 94 -29.05 -1.01 -30.84
CA GLU M 94 -28.07 -2.06 -31.08
C GLU M 94 -26.72 -1.44 -31.37
N TYR M 95 -26.74 -0.27 -32.01
CA TYR M 95 -25.51 0.44 -32.35
C TYR M 95 -24.83 0.98 -31.08
N LEU M 96 -25.55 1.81 -30.33
CA LEU M 96 -25.00 2.35 -29.10
C LEU M 96 -24.54 1.22 -28.16
N ALA M 97 -25.31 0.15 -28.09
CA ALA M 97 -24.95 -0.98 -27.24
C ALA M 97 -23.64 -1.59 -27.74
N THR M 98 -23.50 -1.67 -29.06
CA THR M 98 -22.29 -2.22 -29.65
C THR M 98 -21.08 -1.37 -29.26
N VAL M 99 -21.22 -0.07 -29.42
CA VAL M 99 -20.16 0.85 -29.08
C VAL M 99 -19.77 0.77 -27.61
N MET M 100 -20.78 0.84 -26.74
CA MET M 100 -20.54 0.80 -25.29
C MET M 100 -19.74 -0.42 -24.89
N TYR M 101 -20.11 -1.58 -25.42
CA TYR M 101 -19.41 -2.82 -25.07
C TYR M 101 -17.99 -2.89 -25.62
N GLN M 102 -17.77 -2.37 -26.82
CA GLN M 102 -16.44 -2.37 -27.41
C GLN M 102 -15.54 -1.44 -26.60
N ARG M 103 -16.07 -0.29 -26.24
CA ARG M 103 -15.34 0.68 -25.45
C ARG M 103 -14.98 0.13 -24.07
N ARG M 104 -15.88 -0.62 -23.44
CA ARG M 104 -15.54 -1.14 -22.12
C ARG M 104 -14.56 -2.27 -22.32
N SER M 105 -14.56 -2.87 -23.52
CA SER M 105 -13.65 -3.99 -23.76
C SER M 105 -12.23 -3.54 -24.10
N LYS M 106 -12.07 -2.24 -24.32
CA LYS M 106 -10.77 -1.67 -24.62
C LYS M 106 -10.31 -0.93 -23.36
N MET M 107 -11.04 -1.14 -22.27
CA MET M 107 -10.73 -0.50 -21.00
C MET M 107 -10.74 1.02 -21.07
N ASN M 108 -11.58 1.56 -21.95
CA ASN M 108 -11.72 3.01 -22.13
C ASN M 108 -13.20 3.26 -22.40
N PRO M 109 -14.03 3.16 -21.35
CA PRO M 109 -15.47 3.34 -21.45
C PRO M 109 -16.03 4.72 -21.69
N LEU M 110 -17.27 4.75 -22.18
CA LEU M 110 -18.02 5.99 -22.37
C LEU M 110 -18.83 5.94 -21.07
N TRP M 111 -18.40 6.75 -20.11
CA TRP M 111 -19.00 6.76 -18.79
C TRP M 111 -20.45 7.18 -18.68
N ASN M 112 -21.35 6.38 -19.23
CA ASN M 112 -22.76 6.72 -19.22
C ASN M 112 -23.69 5.57 -18.93
N ALA M 113 -24.94 5.93 -18.72
CA ALA M 113 -26.05 5.00 -18.50
C ALA M 113 -27.01 5.59 -19.53
N ILE M 114 -27.42 4.77 -20.49
CA ILE M 114 -28.29 5.24 -21.55
C ILE M 114 -29.61 4.46 -21.65
N ILE M 115 -30.68 5.18 -21.99
CA ILE M 115 -31.98 4.55 -22.19
C ILE M 115 -32.51 5.00 -23.54
N VAL M 116 -32.76 4.04 -24.42
CA VAL M 116 -33.30 4.36 -25.73
C VAL M 116 -34.78 4.09 -25.70
N ALA M 117 -35.56 5.14 -25.87
CA ALA M 117 -37.02 5.05 -25.85
C ALA M 117 -37.60 5.39 -27.22
N GLY M 118 -38.47 4.52 -27.73
CA GLY M 118 -39.07 4.79 -29.01
C GLY M 118 -40.18 3.87 -29.45
N VAL M 119 -40.69 4.13 -30.65
CA VAL M 119 -41.75 3.31 -31.21
C VAL M 119 -41.25 2.70 -32.51
N GLN M 120 -41.32 1.38 -32.60
CA GLN M 120 -40.87 0.69 -33.80
C GLN M 120 -41.83 1.02 -34.95
N SER M 121 -41.46 0.64 -36.18
CA SER M 121 -42.29 0.91 -37.35
C SER M 121 -43.67 0.21 -37.29
N ASN M 122 -43.70 -0.96 -36.65
CA ASN M 122 -44.94 -1.73 -36.52
C ASN M 122 -45.77 -1.28 -35.32
N GLY M 123 -45.41 -0.15 -34.72
CA GLY M 123 -46.14 0.35 -33.58
C GLY M 123 -45.67 -0.09 -32.20
N ASP M 124 -44.88 -1.16 -32.15
CA ASP M 124 -44.36 -1.67 -30.88
C ASP M 124 -43.54 -0.63 -30.12
N GLN M 125 -43.59 -0.71 -28.79
CA GLN M 125 -42.82 0.21 -27.95
C GLN M 125 -41.43 -0.36 -27.76
N PHE M 126 -40.44 0.52 -27.72
CA PHE M 126 -39.07 0.08 -27.52
C PHE M 126 -38.50 0.80 -26.30
N LEU M 127 -37.96 0.01 -25.38
CA LEU M 127 -37.39 0.61 -24.18
C LEU M 127 -36.26 -0.28 -23.68
N ARG M 128 -35.03 0.10 -23.95
CA ARG M 128 -33.90 -0.69 -23.50
C ARG M 128 -32.80 0.20 -22.91
N TYR M 129 -32.07 -0.38 -21.97
CA TYR M 129 -30.99 0.29 -21.27
C TYR M 129 -29.62 -0.32 -21.61
N VAL M 130 -28.59 0.53 -21.59
CA VAL M 130 -27.21 0.10 -21.83
C VAL M 130 -26.34 1.08 -21.05
N ASN M 131 -25.28 0.58 -20.41
CA ASN M 131 -24.39 1.45 -19.66
C ASN M 131 -22.93 1.26 -20.07
N LEU M 132 -22.03 1.86 -19.31
CA LEU M 132 -20.59 1.81 -19.59
C LEU M 132 -19.98 0.40 -19.60
N LEU M 133 -20.67 -0.57 -19.01
CA LEU M 133 -20.15 -1.93 -19.00
C LEU M 133 -20.63 -2.72 -20.22
N GLY M 134 -21.58 -2.14 -20.95
CA GLY M 134 -22.12 -2.84 -22.10
C GLY M 134 -23.32 -3.70 -21.68
N VAL M 135 -23.69 -3.59 -20.40
CA VAL M 135 -24.83 -4.33 -19.85
C VAL M 135 -26.12 -3.76 -20.41
N THR M 136 -27.03 -4.65 -20.84
CA THR M 136 -28.31 -4.21 -21.40
C THR M 136 -29.49 -5.00 -20.84
N TYR M 137 -30.65 -4.35 -20.80
CA TYR M 137 -31.87 -4.98 -20.33
C TYR M 137 -33.08 -4.11 -20.63
N SER M 138 -34.25 -4.77 -20.65
CA SER M 138 -35.52 -4.11 -20.88
C SER M 138 -36.48 -4.41 -19.74
N SER M 139 -37.40 -3.49 -19.52
CA SER M 139 -38.39 -3.63 -18.49
C SER M 139 -39.47 -2.60 -18.78
N PRO M 140 -40.70 -2.82 -18.29
CA PRO M 140 -41.80 -1.88 -18.51
C PRO M 140 -41.39 -0.49 -18.03
N THR M 141 -40.55 -0.45 -17.00
CA THR M 141 -40.02 0.81 -16.49
C THR M 141 -38.50 0.69 -16.43
N LEU M 142 -37.82 1.80 -16.64
CA LEU M 142 -36.36 1.82 -16.62
C LEU M 142 -35.88 3.17 -16.18
N ALA M 143 -34.93 3.19 -15.25
CA ALA M 143 -34.36 4.44 -14.77
C ALA M 143 -32.89 4.18 -14.52
N THR M 144 -32.08 5.22 -14.59
CA THR M 144 -30.65 5.08 -14.36
C THR M 144 -30.25 5.75 -13.05
N GLY M 145 -29.12 5.30 -12.51
CA GLY M 145 -28.61 5.87 -11.28
C GLY M 145 -29.63 5.94 -10.15
N PHE M 146 -29.81 7.15 -9.63
CA PHE M 146 -30.72 7.40 -8.52
C PHE M 146 -32.15 6.99 -8.77
N GLY M 147 -32.65 7.32 -9.95
CA GLY M 147 -34.01 6.98 -10.31
C GLY M 147 -34.25 5.47 -10.26
N ALA M 148 -33.18 4.69 -10.34
CA ALA M 148 -33.33 3.25 -10.29
C ALA M 148 -33.85 2.85 -8.91
N HIS M 149 -33.42 3.59 -7.90
CA HIS M 149 -33.83 3.28 -6.52
C HIS M 149 -35.12 3.93 -6.07
N MET M 150 -35.45 5.08 -6.64
CA MET M 150 -36.66 5.79 -6.25
C MET M 150 -37.76 5.89 -7.30
N ALA M 151 -37.38 6.07 -8.57
CA ALA M 151 -38.39 6.18 -9.60
C ALA M 151 -39.00 4.83 -9.96
N ASN M 152 -38.19 3.80 -10.10
CA ASN M 152 -38.73 2.49 -10.45
C ASN M 152 -39.79 1.99 -9.47
N PRO M 153 -39.54 2.09 -8.15
CA PRO M 153 -40.55 1.63 -7.18
C PRO M 153 -41.89 2.32 -7.38
N LEU M 154 -41.87 3.58 -7.77
CA LEU M 154 -43.11 4.32 -8.00
C LEU M 154 -43.73 3.92 -9.34
N LEU M 155 -42.95 4.06 -10.41
CA LEU M 155 -43.39 3.71 -11.75
C LEU M 155 -43.87 2.26 -11.86
N ARG M 156 -43.34 1.38 -11.03
CA ARG M 156 -43.73 -0.02 -11.08
C ARG M 156 -45.07 -0.26 -10.42
N LYS M 157 -45.54 0.71 -9.64
CA LYS M 157 -46.84 0.58 -9.00
C LYS M 157 -47.93 0.85 -10.04
N VAL M 158 -47.52 1.39 -11.19
CA VAL M 158 -48.43 1.69 -12.31
C VAL M 158 -48.35 0.56 -13.33
N VAL M 159 -47.14 0.14 -13.68
CA VAL M 159 -46.94 -0.95 -14.64
C VAL M 159 -45.99 -1.96 -13.99
N ASP M 160 -46.55 -2.86 -13.19
CA ASP M 160 -45.77 -3.87 -12.49
C ASP M 160 -45.31 -4.99 -13.41
N ARG M 161 -46.11 -5.30 -14.43
CA ARG M 161 -45.75 -6.34 -15.38
C ARG M 161 -46.20 -5.98 -16.77
N GLU M 162 -45.90 -6.84 -17.74
CA GLU M 162 -46.26 -6.58 -19.13
C GLU M 162 -47.76 -6.27 -19.34
N SER M 163 -48.62 -7.13 -18.78
CA SER M 163 -50.07 -6.97 -18.92
C SER M 163 -50.62 -5.61 -18.48
N ASP M 164 -49.88 -4.88 -17.67
CA ASP M 164 -50.34 -3.58 -17.19
C ASP M 164 -50.11 -2.44 -18.19
N ILE M 165 -49.42 -2.74 -19.30
CA ILE M 165 -49.14 -1.70 -20.28
C ILE M 165 -50.34 -1.19 -21.08
N PRO M 166 -51.09 -2.10 -21.72
CA PRO M 166 -52.25 -1.64 -22.48
C PRO M 166 -53.32 -0.98 -21.59
N LYS M 167 -53.19 -1.19 -20.29
CA LYS M 167 -54.12 -0.62 -19.32
C LYS M 167 -53.66 0.76 -18.87
N THR M 168 -52.56 1.25 -19.43
CA THR M 168 -52.05 2.54 -19.00
C THR M 168 -52.11 3.63 -20.07
N THR M 169 -52.74 4.75 -19.72
CA THR M 169 -52.89 5.87 -20.63
C THR M 169 -51.76 6.89 -20.48
N VAL M 170 -51.59 7.70 -21.51
CA VAL M 170 -50.57 8.73 -21.52
C VAL M 170 -50.69 9.65 -20.31
N GLN M 171 -51.92 9.95 -19.91
CA GLN M 171 -52.12 10.84 -18.77
C GLN M 171 -51.65 10.20 -17.49
N VAL M 172 -52.05 8.95 -17.28
CA VAL M 172 -51.65 8.23 -16.07
C VAL M 172 -50.12 8.11 -16.05
N ALA M 173 -49.54 7.72 -17.18
CA ALA M 173 -48.10 7.55 -17.30
C ALA M 173 -47.34 8.87 -17.11
N GLU M 174 -47.68 9.90 -17.87
CA GLU M 174 -46.98 11.16 -17.71
C GLU M 174 -47.08 11.69 -16.29
N GLU M 175 -48.16 11.31 -15.61
CA GLU M 175 -48.36 11.76 -14.24
C GLU M 175 -47.35 11.07 -13.33
N ALA M 176 -47.19 9.77 -13.50
CA ALA M 176 -46.24 8.99 -12.71
C ALA M 176 -44.83 9.56 -12.90
N ILE M 177 -44.46 9.79 -14.15
CA ILE M 177 -43.15 10.34 -14.49
C ILE M 177 -42.92 11.69 -13.82
N VAL M 178 -43.89 12.59 -13.94
CA VAL M 178 -43.76 13.92 -13.34
C VAL M 178 -43.68 13.82 -11.82
N ASN M 179 -44.41 12.89 -11.24
CA ASN M 179 -44.36 12.73 -9.79
C ASN M 179 -42.98 12.21 -9.38
N ALA M 180 -42.45 11.28 -10.17
CA ALA M 180 -41.14 10.70 -9.89
C ALA M 180 -40.06 11.77 -9.93
N MET M 181 -40.12 12.67 -10.93
CA MET M 181 -39.14 13.73 -11.03
C MET M 181 -39.16 14.62 -9.78
N ARG M 182 -40.34 14.80 -9.18
CA ARG M 182 -40.45 15.61 -7.97
C ARG M 182 -39.77 14.87 -6.82
N VAL M 183 -40.04 13.57 -6.69
CA VAL M 183 -39.44 12.77 -5.63
C VAL M 183 -37.91 12.80 -5.76
N LEU M 184 -37.42 12.66 -6.99
CA LEU M 184 -35.99 12.70 -7.23
C LEU M 184 -35.43 14.06 -6.83
N TYR M 185 -36.23 15.12 -7.02
CA TYR M 185 -35.78 16.45 -6.65
C TYR M 185 -35.69 16.57 -5.13
N TYR M 186 -36.52 15.81 -4.42
CA TYR M 186 -36.51 15.85 -2.97
C TYR M 186 -35.32 15.16 -2.34
N ARG M 187 -34.96 13.96 -2.83
CA ARG M 187 -33.86 13.22 -2.21
C ARG M 187 -32.54 13.07 -2.96
N ASP M 188 -32.47 13.48 -4.22
CA ASP M 188 -31.22 13.38 -4.99
C ASP M 188 -30.53 14.73 -4.95
N ALA M 189 -29.41 14.81 -4.23
CA ALA M 189 -28.65 16.04 -4.07
C ALA M 189 -27.92 16.49 -5.33
N ARG M 190 -28.07 15.73 -6.41
CA ARG M 190 -27.43 16.07 -7.68
C ARG M 190 -28.50 16.32 -8.74
N SER M 191 -29.72 16.58 -8.29
CA SER M 191 -30.83 16.84 -9.20
C SER M 191 -31.18 18.32 -9.29
N SER M 192 -31.88 18.66 -10.36
CA SER M 192 -32.32 20.01 -10.64
C SER M 192 -33.85 20.02 -10.65
N ARG M 193 -34.42 21.21 -10.55
CA ARG M 193 -35.86 21.36 -10.56
C ARG M 193 -36.39 21.41 -12.00
N ASN M 194 -35.54 21.83 -12.92
CA ASN M 194 -35.91 21.92 -14.32
C ASN M 194 -35.58 20.64 -15.07
N PHE M 195 -36.47 20.24 -15.97
CA PHE M 195 -36.25 19.02 -16.73
C PHE M 195 -36.95 19.00 -18.06
N SER M 196 -36.72 17.94 -18.82
CA SER M 196 -37.33 17.76 -20.12
C SER M 196 -38.04 16.42 -20.12
N LEU M 197 -39.12 16.33 -20.87
CA LEU M 197 -39.88 15.10 -20.94
C LEU M 197 -40.30 14.89 -22.38
N ALA M 198 -40.19 13.67 -22.87
CA ALA M 198 -40.56 13.41 -24.24
C ALA M 198 -41.47 12.19 -24.32
N ILE M 199 -42.49 12.30 -25.16
CA ILE M 199 -43.46 11.24 -25.39
C ILE M 199 -43.40 10.80 -26.83
N ILE M 200 -43.19 9.51 -27.05
CA ILE M 200 -43.17 8.99 -28.40
C ILE M 200 -44.40 8.11 -28.47
N ASP M 201 -45.42 8.59 -29.16
CA ASP M 201 -46.68 7.87 -29.29
C ASP M 201 -46.84 7.33 -30.72
N LYS M 202 -47.32 6.09 -30.84
CA LYS M 202 -47.50 5.48 -32.15
C LYS M 202 -48.54 6.20 -32.99
N ASN M 203 -49.28 7.11 -32.37
CA ASN M 203 -50.30 7.90 -33.07
C ASN M 203 -49.86 9.36 -33.15
N THR M 204 -49.79 10.04 -32.02
CA THR M 204 -49.38 11.45 -31.97
C THR M 204 -47.91 11.74 -32.32
N GLY M 205 -47.11 10.68 -32.51
CA GLY M 205 -45.70 10.87 -32.84
C GLY M 205 -44.82 11.28 -31.67
N LEU M 206 -43.84 12.12 -31.93
CA LEU M 206 -42.94 12.56 -30.88
C LEU M 206 -43.28 13.93 -30.33
N THR M 207 -43.56 13.98 -29.03
CA THR M 207 -43.86 15.24 -28.36
C THR M 207 -42.71 15.49 -27.40
N PHE M 208 -41.97 16.58 -27.62
CA PHE M 208 -40.81 16.88 -26.80
C PHE M 208 -41.02 18.15 -25.97
N LYS M 209 -41.23 17.97 -24.66
CA LYS M 209 -41.46 19.10 -23.75
C LYS M 209 -40.19 19.58 -23.04
N LYS M 210 -39.83 20.84 -23.26
CA LYS M 210 -38.67 21.45 -22.64
C LYS M 210 -39.07 22.42 -21.52
N ASN M 211 -38.10 22.79 -20.69
CA ASN M 211 -38.31 23.71 -19.58
C ASN M 211 -39.44 23.45 -18.60
N LEU M 212 -39.65 22.19 -18.24
CA LEU M 212 -40.66 21.84 -17.26
C LEU M 212 -40.09 22.12 -15.88
N GLN M 213 -40.94 22.08 -14.86
CA GLN M 213 -40.50 22.33 -13.49
C GLN M 213 -41.29 21.53 -12.48
N VAL M 214 -40.62 21.13 -11.41
CA VAL M 214 -41.28 20.39 -10.36
C VAL M 214 -42.14 21.41 -9.62
N GLU M 215 -43.44 21.15 -9.58
CA GLU M 215 -44.39 22.02 -8.90
C GLU M 215 -45.07 21.21 -7.81
N ASN M 216 -45.91 21.90 -7.04
CA ASN M 216 -46.66 21.26 -5.96
C ASN M 216 -45.77 20.56 -4.93
N MET M 217 -44.80 21.29 -4.42
CA MET M 217 -43.89 20.73 -3.43
C MET M 217 -44.34 20.99 -1.99
N LYS M 218 -44.28 19.95 -1.18
CA LYS M 218 -44.65 20.02 0.23
C LYS M 218 -43.43 20.39 1.07
N TRP M 219 -43.43 21.60 1.61
CA TRP M 219 -42.32 22.07 2.44
C TRP M 219 -42.82 22.71 3.73
N ASP M 220 -44.13 22.91 3.84
CA ASP M 220 -44.73 23.54 5.01
C ASP M 220 -44.44 22.88 6.35
N PHE M 221 -44.49 21.55 6.41
CA PHE M 221 -44.24 20.84 7.66
C PHE M 221 -42.86 21.15 8.26
N ALA M 222 -41.97 21.64 7.42
CA ALA M 222 -40.62 21.97 7.86
C ALA M 222 -40.61 22.92 9.06
N LYS M 223 -41.58 23.83 9.12
CA LYS M 223 -41.65 24.81 10.20
C LYS M 223 -41.93 24.19 11.57
N ASP M 224 -42.51 22.99 11.57
CA ASP M 224 -42.85 22.32 12.83
C ASP M 224 -41.72 21.45 13.35
N ILE M 225 -40.59 21.51 12.67
CA ILE M 225 -39.44 20.71 13.08
C ILE M 225 -38.35 21.60 13.66
N LYS M 226 -38.10 21.43 14.95
CA LYS M 226 -37.07 22.19 15.62
C LYS M 226 -36.15 21.21 16.34
N GLY M 227 -34.87 21.59 16.44
CA GLY M 227 -33.89 20.74 17.10
C GLY M 227 -33.69 19.41 16.43
N TYR M 228 -33.20 18.44 17.19
CA TYR M 228 -32.96 17.09 16.69
C TYR M 228 -33.27 16.06 17.76
N GLY M 229 -34.10 16.44 18.72
CA GLY M 229 -34.47 15.53 19.79
C GLY M 229 -35.18 16.17 20.97
N THR M 230 -34.43 16.90 21.79
CA THR M 230 -34.99 17.53 22.98
C THR M 230 -35.31 19.03 22.91
N GLN M 231 -34.76 19.71 21.91
CA GLN M 231 -35.00 21.14 21.75
C GLN M 231 -36.49 21.43 21.51
N LYS M 232 -37.02 22.42 22.21
CA LYS M 232 -38.44 22.77 22.08
C LYS M 232 -38.76 24.01 21.22
N ILE M 233 -37.78 24.89 21.02
CA ILE M 233 -38.03 26.10 20.23
C ILE M 233 -37.15 26.21 18.96
N THR N 1 -6.12 30.72 -9.40
CA THR N 1 -6.29 31.27 -10.77
C THR N 1 -7.69 31.72 -10.95
N SER N 2 -7.84 32.93 -11.46
CA SER N 2 -9.16 33.47 -11.69
C SER N 2 -9.26 33.98 -13.11
N ILE N 3 -10.14 33.34 -13.90
CA ILE N 3 -10.31 33.76 -15.29
C ILE N 3 -11.79 33.80 -15.60
N MET N 4 -12.18 34.70 -16.52
CA MET N 4 -13.58 34.80 -16.91
C MET N 4 -13.75 35.51 -18.25
N ALA N 5 -14.86 35.19 -18.92
CA ALA N 5 -15.18 35.81 -20.19
C ALA N 5 -16.66 36.22 -20.10
N VAL N 6 -16.92 37.48 -20.40
CA VAL N 6 -18.28 38.03 -20.35
C VAL N 6 -18.66 38.64 -21.70
N THR N 7 -19.84 38.29 -22.20
CA THR N 7 -20.31 38.85 -23.46
C THR N 7 -21.15 40.05 -23.11
N PHE N 8 -21.08 41.09 -23.93
CA PHE N 8 -21.88 42.29 -23.68
C PHE N 8 -22.41 42.86 -24.99
N LYS N 9 -23.03 44.03 -24.91
CA LYS N 9 -23.61 44.71 -26.06
C LYS N 9 -22.71 44.78 -27.31
N ASP N 10 -21.47 45.23 -27.13
CA ASP N 10 -20.54 45.40 -28.25
C ASP N 10 -19.63 44.20 -28.58
N GLY N 11 -19.72 43.12 -27.82
CA GLY N 11 -18.87 41.98 -28.09
C GLY N 11 -18.57 41.12 -26.88
N VAL N 12 -17.31 41.02 -26.49
CA VAL N 12 -16.92 40.21 -25.34
C VAL N 12 -15.60 40.63 -24.69
N ILE N 13 -15.49 40.40 -23.39
CA ILE N 13 -14.26 40.74 -22.66
C ILE N 13 -13.74 39.56 -21.84
N LEU N 14 -12.42 39.34 -21.91
CA LEU N 14 -11.78 38.26 -21.16
C LEU N 14 -10.98 38.90 -20.03
N GLY N 15 -11.01 38.26 -18.86
CA GLY N 15 -10.27 38.79 -17.73
C GLY N 15 -9.53 37.67 -17.01
N ALA N 16 -8.45 38.03 -16.30
CA ALA N 16 -7.66 37.04 -15.58
C ALA N 16 -6.71 37.65 -14.56
N ASP N 17 -6.29 36.87 -13.57
CA ASP N 17 -5.33 37.34 -12.58
C ASP N 17 -3.99 37.00 -13.23
N SER N 18 -2.88 37.27 -12.56
CA SER N 18 -1.60 37.00 -13.18
C SER N 18 -0.67 36.15 -12.32
N ARG N 19 -1.24 35.44 -11.36
CA ARG N 19 -0.43 34.61 -10.48
C ARG N 19 -0.37 33.11 -10.81
N THR N 20 0.85 32.56 -10.83
CA THR N 20 1.00 31.12 -11.02
C THR N 20 1.86 30.68 -9.84
N THR N 21 1.45 29.60 -9.18
CA THR N 21 2.20 29.14 -8.03
C THR N 21 2.65 27.71 -8.15
N THR N 22 3.72 27.39 -7.43
CA THR N 22 4.23 26.02 -7.35
C THR N 22 4.27 25.91 -5.83
N GLY N 23 3.19 25.36 -5.27
CA GLY N 23 3.09 25.25 -3.84
C GLY N 23 2.65 26.61 -3.33
N ALA N 24 3.34 27.12 -2.33
CA ALA N 24 2.98 28.44 -1.79
C ALA N 24 3.86 29.52 -2.42
N TYR N 25 4.81 29.11 -3.26
CA TYR N 25 5.70 30.06 -3.90
C TYR N 25 5.10 30.59 -5.19
N ILE N 26 5.17 31.90 -5.38
CA ILE N 26 4.65 32.52 -6.57
C ILE N 26 5.77 32.50 -7.61
N ALA N 27 5.68 31.57 -8.54
CA ALA N 27 6.68 31.41 -9.59
C ALA N 27 6.65 32.58 -10.57
N ASN N 28 5.45 33.02 -10.90
CA ASN N 28 5.30 34.15 -11.79
C ASN N 28 4.17 35.00 -11.23
N ARG N 29 4.44 36.28 -10.99
CA ARG N 29 3.40 37.15 -10.47
C ARG N 29 2.83 38.08 -11.52
N VAL N 30 3.37 38.03 -12.74
CA VAL N 30 2.91 38.87 -13.82
C VAL N 30 2.60 38.02 -15.05
N THR N 31 1.95 36.88 -14.81
CA THR N 31 1.60 35.95 -15.88
C THR N 31 0.47 36.45 -16.78
N ASP N 32 0.54 36.08 -18.06
CA ASP N 32 -0.50 36.46 -19.00
C ASP N 32 -1.32 35.20 -19.34
N LYS N 33 -2.43 35.02 -18.65
CA LYS N 33 -3.29 33.87 -18.85
C LYS N 33 -4.26 34.04 -20.03
N LEU N 34 -4.22 35.22 -20.66
CA LEU N 34 -5.10 35.50 -21.80
C LEU N 34 -4.27 35.27 -23.06
N THR N 35 -4.63 34.21 -23.78
CA THR N 35 -3.91 33.81 -24.98
C THR N 35 -4.69 33.96 -26.27
N ARG N 36 -4.01 34.48 -27.29
CA ARG N 36 -4.59 34.71 -28.60
C ARG N 36 -4.41 33.49 -29.51
N VAL N 37 -5.50 32.97 -30.04
CA VAL N 37 -5.40 31.83 -30.95
C VAL N 37 -5.72 32.29 -32.36
N HIS N 38 -6.30 33.49 -32.46
CA HIS N 38 -6.63 34.13 -33.74
C HIS N 38 -6.87 35.62 -33.45
N ASP N 39 -6.89 36.43 -34.50
CA ASP N 39 -7.08 37.87 -34.34
C ASP N 39 -8.16 38.22 -33.34
N LYS N 40 -9.35 37.68 -33.55
CA LYS N 40 -10.43 37.97 -32.61
C LYS N 40 -11.01 36.74 -31.92
N ILE N 41 -10.13 35.83 -31.52
CA ILE N 41 -10.54 34.66 -30.77
C ILE N 41 -9.42 34.42 -29.77
N TRP N 42 -9.75 34.57 -28.50
CA TRP N 42 -8.78 34.39 -27.44
C TRP N 42 -9.28 33.35 -26.47
N CYS N 43 -8.45 33.00 -25.50
CA CYS N 43 -8.84 32.01 -24.50
C CYS N 43 -8.22 32.34 -23.15
N CYS N 44 -8.87 31.86 -22.10
CA CYS N 44 -8.36 32.05 -20.75
C CYS N 44 -7.88 30.67 -20.37
N ARG N 45 -6.64 30.59 -19.88
CA ARG N 45 -6.07 29.32 -19.49
C ARG N 45 -6.06 29.07 -17.97
N SER N 46 -6.31 27.83 -17.58
CA SER N 46 -6.30 27.41 -16.17
C SER N 46 -5.91 25.92 -16.16
N GLY N 47 -5.29 25.48 -15.07
CA GLY N 47 -4.86 24.10 -14.96
C GLY N 47 -3.36 24.03 -15.19
N SER N 48 -2.91 23.04 -15.97
CA SER N 48 -1.49 22.89 -16.25
C SER N 48 -0.99 23.95 -17.21
N ALA N 49 0.10 24.62 -16.85
CA ALA N 49 0.70 25.66 -17.68
C ALA N 49 1.23 25.02 -18.95
N ALA N 50 1.95 23.92 -18.77
CA ALA N 50 2.53 23.20 -19.88
C ALA N 50 1.45 22.70 -20.82
N ASP N 51 0.36 22.17 -20.25
CA ASP N 51 -0.71 21.65 -21.07
C ASP N 51 -1.51 22.72 -21.79
N THR N 52 -1.95 23.74 -21.06
CA THR N 52 -2.73 24.79 -21.70
C THR N 52 -1.91 25.49 -22.79
N GLN N 53 -0.63 25.75 -22.51
CA GLN N 53 0.26 26.38 -23.50
C GLN N 53 0.37 25.53 -24.75
N ALA N 54 0.62 24.24 -24.58
CA ALA N 54 0.75 23.33 -25.71
C ALA N 54 -0.55 23.25 -26.50
N ILE N 55 -1.67 23.22 -25.79
CA ILE N 55 -2.97 23.15 -26.44
C ILE N 55 -3.24 24.43 -27.23
N ALA N 56 -3.04 25.58 -26.60
CA ALA N 56 -3.25 26.86 -27.25
C ALA N 56 -2.38 26.96 -28.50
N ASP N 57 -1.10 26.60 -28.38
CA ASP N 57 -0.19 26.66 -29.51
C ASP N 57 -0.72 25.81 -30.67
N ILE N 58 -1.24 24.62 -30.37
CA ILE N 58 -1.78 23.77 -31.42
C ILE N 58 -3.04 24.39 -32.03
N VAL N 59 -3.94 24.91 -31.21
CA VAL N 59 -5.17 25.50 -31.75
C VAL N 59 -4.82 26.68 -32.67
N GLN N 60 -3.86 27.50 -32.25
CA GLN N 60 -3.43 28.63 -33.06
C GLN N 60 -2.93 28.11 -34.41
N TYR N 61 -2.18 27.02 -34.38
CA TYR N 61 -1.67 26.41 -35.61
C TYR N 61 -2.86 25.97 -36.47
N HIS N 62 -3.83 25.29 -35.87
CA HIS N 62 -5.00 24.83 -36.64
C HIS N 62 -5.86 25.95 -37.21
N LEU N 63 -6.09 27.00 -36.43
CA LEU N 63 -6.89 28.12 -36.91
C LEU N 63 -6.15 28.89 -38.01
N GLU N 64 -4.83 28.95 -37.90
CA GLU N 64 -4.03 29.64 -38.92
C GLU N 64 -4.12 28.88 -40.25
N LEU N 65 -3.99 27.56 -40.20
CA LEU N 65 -4.07 26.78 -41.42
C LEU N 65 -5.49 26.82 -41.97
N TYR N 66 -6.45 26.93 -41.07
CA TYR N 66 -7.88 27.00 -41.43
C TYR N 66 -8.08 28.30 -42.23
N THR N 67 -7.58 29.39 -41.66
CA THR N 67 -7.69 30.71 -42.27
C THR N 67 -7.07 30.76 -43.67
N SER N 68 -6.00 30.01 -43.89
CA SER N 68 -5.34 29.99 -45.19
C SER N 68 -6.18 29.32 -46.25
N GLN N 69 -7.04 28.39 -45.83
CA GLN N 69 -7.87 27.68 -46.77
C GLN N 69 -9.31 28.13 -46.83
N TYR N 70 -9.92 28.40 -45.67
CA TYR N 70 -11.34 28.74 -45.65
C TYR N 70 -11.73 30.11 -45.11
N GLY N 71 -10.75 30.98 -44.92
CA GLY N 71 -11.05 32.30 -44.39
C GLY N 71 -11.16 32.28 -42.88
N THR N 72 -11.63 33.39 -42.30
CA THR N 72 -11.75 33.49 -40.86
C THR N 72 -12.70 32.45 -40.24
N PRO N 73 -12.24 31.76 -39.19
CA PRO N 73 -13.01 30.73 -38.48
C PRO N 73 -13.95 31.33 -37.44
N SER N 74 -15.05 30.63 -37.20
CA SER N 74 -16.02 31.08 -36.21
C SER N 74 -15.49 30.79 -34.83
N THR N 75 -16.00 31.49 -33.83
CA THR N 75 -15.56 31.26 -32.47
C THR N 75 -15.98 29.85 -32.08
N GLU N 76 -17.08 29.38 -32.66
CA GLU N 76 -17.55 28.03 -32.39
C GLU N 76 -16.54 27.02 -32.92
N THR N 77 -16.02 27.27 -34.12
CA THR N 77 -15.04 26.36 -34.72
C THR N 77 -13.78 26.27 -33.83
N ALA N 78 -13.36 27.40 -33.26
CA ALA N 78 -12.18 27.43 -32.41
C ALA N 78 -12.44 26.59 -31.15
N ALA N 79 -13.63 26.75 -30.58
CA ALA N 79 -13.99 26.01 -29.37
C ALA N 79 -14.01 24.54 -29.69
N SER N 80 -14.31 24.22 -30.94
CA SER N 80 -14.38 22.83 -31.39
C SER N 80 -12.98 22.19 -31.41
N VAL N 81 -12.01 22.93 -31.94
CA VAL N 81 -10.65 22.43 -32.00
C VAL N 81 -10.12 22.23 -30.56
N PHE N 82 -10.41 23.19 -29.68
CA PHE N 82 -9.98 23.11 -28.30
C PHE N 82 -10.55 21.85 -27.67
N LYS N 83 -11.84 21.65 -27.90
CA LYS N 83 -12.56 20.51 -27.38
C LYS N 83 -11.96 19.21 -27.89
N GLU N 84 -11.75 19.15 -29.20
CA GLU N 84 -11.20 17.95 -29.79
C GLU N 84 -9.91 17.53 -29.09
N LEU N 85 -9.05 18.49 -28.78
CA LEU N 85 -7.80 18.20 -28.09
C LEU N 85 -8.02 17.79 -26.65
N CYS N 86 -8.83 18.57 -25.93
CA CYS N 86 -9.10 18.29 -24.52
C CYS N 86 -9.85 17.01 -24.24
N TYR N 87 -10.81 16.67 -25.10
CA TYR N 87 -11.60 15.48 -24.90
C TYR N 87 -10.82 14.22 -25.29
N GLU N 88 -10.25 14.24 -26.47
CA GLU N 88 -9.50 13.12 -26.99
C GLU N 88 -8.32 12.73 -26.11
N ASN N 89 -7.72 13.70 -25.43
CA ASN N 89 -6.57 13.46 -24.56
C ASN N 89 -6.87 13.80 -23.11
N LYS N 90 -8.12 13.57 -22.69
CA LYS N 90 -8.53 13.88 -21.32
C LYS N 90 -7.71 13.20 -20.23
N ASP N 91 -7.15 12.04 -20.56
CA ASP N 91 -6.34 11.26 -19.63
C ASP N 91 -4.98 11.86 -19.30
N ASN N 92 -4.41 12.62 -20.23
CA ASN N 92 -3.10 13.21 -20.04
C ASN N 92 -3.10 14.72 -19.89
N LEU N 93 -4.28 15.32 -19.88
CA LEU N 93 -4.37 16.77 -19.76
C LEU N 93 -5.12 17.25 -18.54
N THR N 94 -4.69 18.40 -18.06
CA THR N 94 -5.32 19.07 -16.94
C THR N 94 -5.46 20.48 -17.48
N ALA N 95 -6.53 20.73 -18.22
CA ALA N 95 -6.76 22.05 -18.80
C ALA N 95 -8.20 22.52 -18.69
N GLY N 96 -8.37 23.68 -18.07
CA GLY N 96 -9.69 24.28 -17.94
C GLY N 96 -9.59 25.49 -18.84
N ILE N 97 -10.32 25.49 -19.95
CA ILE N 97 -10.22 26.61 -20.88
C ILE N 97 -11.49 27.37 -21.24
N ILE N 98 -11.41 28.70 -21.22
CA ILE N 98 -12.53 29.53 -21.62
C ILE N 98 -12.19 30.16 -22.98
N VAL N 99 -13.01 29.89 -23.98
CA VAL N 99 -12.78 30.42 -25.32
C VAL N 99 -13.75 31.59 -25.57
N ALA N 100 -13.22 32.73 -25.97
CA ALA N 100 -14.04 33.92 -26.23
C ALA N 100 -13.64 34.59 -27.53
N GLY N 101 -14.60 34.78 -28.42
CA GLY N 101 -14.29 35.43 -29.67
C GLY N 101 -15.33 36.42 -30.13
N TYR N 102 -15.00 37.17 -31.16
CA TYR N 102 -15.90 38.16 -31.73
C TYR N 102 -15.99 38.01 -33.23
N ASP N 103 -17.21 37.72 -33.67
CA ASP N 103 -17.53 37.55 -35.08
C ASP N 103 -18.47 38.70 -35.40
N ASP N 104 -18.45 39.18 -36.65
CA ASP N 104 -19.33 40.28 -36.99
C ASP N 104 -20.79 39.84 -37.10
N LYS N 105 -20.98 38.61 -37.55
CA LYS N 105 -22.31 38.04 -37.69
C LYS N 105 -22.84 37.56 -36.33
N ASN N 106 -21.97 36.99 -35.51
CA ASN N 106 -22.38 36.46 -34.20
C ASN N 106 -22.09 37.34 -32.99
N LYS N 107 -21.44 38.48 -33.20
CA LYS N 107 -21.08 39.38 -32.12
C LYS N 107 -20.16 38.63 -31.15
N GLY N 108 -20.36 38.80 -29.84
CA GLY N 108 -19.52 38.14 -28.85
C GLY N 108 -20.01 36.76 -28.39
N GLU N 109 -19.10 35.79 -28.32
CA GLU N 109 -19.45 34.45 -27.87
C GLU N 109 -18.47 33.88 -26.85
N VAL N 110 -18.99 33.09 -25.91
CA VAL N 110 -18.17 32.48 -24.88
C VAL N 110 -18.43 30.99 -24.74
N TYR N 111 -17.35 30.21 -24.79
CA TYR N 111 -17.44 28.77 -24.65
C TYR N 111 -16.51 28.34 -23.52
N THR N 112 -17.03 27.55 -22.60
CA THR N 112 -16.20 27.06 -21.50
C THR N 112 -15.97 25.57 -21.70
N ILE N 113 -14.72 25.15 -21.54
CA ILE N 113 -14.32 23.77 -21.71
C ILE N 113 -13.65 23.31 -20.40
N PRO N 114 -14.43 22.67 -19.51
CA PRO N 114 -13.90 22.19 -18.24
C PRO N 114 -13.12 20.89 -18.39
N LEU N 115 -12.53 20.43 -17.28
CA LEU N 115 -11.73 19.22 -17.25
C LEU N 115 -12.07 18.09 -18.21
N GLY N 116 -13.25 17.51 -18.12
CA GLY N 116 -13.53 16.41 -19.04
C GLY N 116 -13.38 16.61 -20.55
N GLY N 117 -13.54 17.85 -21.03
CA GLY N 117 -13.45 18.10 -22.45
C GLY N 117 -14.82 18.44 -23.05
N SER N 118 -15.84 18.60 -22.20
CA SER N 118 -17.17 18.94 -22.69
C SER N 118 -17.16 20.43 -23.04
N VAL N 119 -18.14 20.87 -23.86
CA VAL N 119 -18.21 22.27 -24.26
C VAL N 119 -19.53 22.89 -23.82
N HIS N 120 -19.45 24.12 -23.34
CA HIS N 120 -20.63 24.84 -22.89
C HIS N 120 -20.62 26.29 -23.35
N LYS N 121 -21.62 26.66 -24.14
CA LYS N 121 -21.72 28.02 -24.64
C LYS N 121 -22.52 28.77 -23.60
N LEU N 122 -22.02 29.92 -23.15
CA LEU N 122 -22.71 30.68 -22.12
C LEU N 122 -22.61 32.18 -22.37
N PRO N 123 -23.42 32.98 -21.64
CA PRO N 123 -23.42 34.45 -21.77
C PRO N 123 -22.09 34.93 -21.18
N TYR N 124 -21.64 34.22 -20.14
CA TYR N 124 -20.38 34.53 -19.49
C TYR N 124 -19.92 33.25 -18.76
N ALA N 125 -18.62 33.14 -18.51
CA ALA N 125 -18.08 31.98 -17.82
C ALA N 125 -16.97 32.36 -16.86
N ILE N 126 -16.90 31.66 -15.75
CA ILE N 126 -15.86 31.88 -14.77
C ILE N 126 -15.16 30.54 -14.53
N ALA N 127 -13.86 30.58 -14.27
CA ALA N 127 -13.12 29.35 -14.02
C ALA N 127 -11.88 29.62 -13.19
N GLY N 128 -11.17 28.54 -12.85
CA GLY N 128 -9.98 28.67 -12.03
C GLY N 128 -10.38 28.48 -10.58
N SER N 129 -9.41 28.16 -9.73
CA SER N 129 -9.70 27.94 -8.32
C SER N 129 -10.39 29.13 -7.66
N GLY N 130 -9.98 30.35 -8.06
CA GLY N 130 -10.57 31.54 -7.48
C GLY N 130 -12.03 31.76 -7.85
N SER N 131 -12.49 31.11 -8.92
CA SER N 131 -13.87 31.30 -9.35
C SER N 131 -14.90 30.82 -8.34
N THR N 132 -14.57 29.78 -7.59
CA THR N 132 -15.52 29.23 -6.62
C THR N 132 -16.09 30.26 -5.66
N PHE N 133 -15.28 31.27 -5.34
CA PHE N 133 -15.72 32.30 -4.41
C PHE N 133 -16.62 33.39 -4.98
N ILE N 134 -16.69 33.48 -6.30
CA ILE N 134 -17.50 34.49 -6.90
C ILE N 134 -18.72 33.97 -7.64
N TYR N 135 -19.03 32.69 -7.48
CA TYR N 135 -20.23 32.15 -8.12
C TYR N 135 -21.45 32.97 -7.69
N GLY N 136 -21.58 33.19 -6.39
CA GLY N 136 -22.70 33.96 -5.87
C GLY N 136 -22.71 35.39 -6.38
N TYR N 137 -21.58 36.07 -6.26
CA TYR N 137 -21.47 37.44 -6.71
C TYR N 137 -21.78 37.60 -8.19
N CYS N 138 -21.18 36.77 -9.03
CA CYS N 138 -21.40 36.87 -10.47
C CYS N 138 -22.83 36.60 -10.89
N ASP N 139 -23.43 35.55 -10.34
CA ASP N 139 -24.80 35.23 -10.69
C ASP N 139 -25.78 36.32 -10.25
N LYS N 140 -25.40 37.11 -9.24
CA LYS N 140 -26.25 38.19 -8.77
C LYS N 140 -26.02 39.49 -9.50
N ASN N 141 -24.86 39.65 -10.13
CA ASN N 141 -24.58 40.90 -10.83
C ASN N 141 -24.54 40.87 -12.34
N PHE N 142 -24.38 39.69 -12.93
CA PHE N 142 -24.36 39.64 -14.39
C PHE N 142 -25.73 39.98 -14.99
N ARG N 143 -25.69 40.82 -16.01
CA ARG N 143 -26.87 41.25 -16.77
C ARG N 143 -26.44 41.10 -18.21
N GLU N 144 -27.37 40.77 -19.09
CA GLU N 144 -27.02 40.62 -20.47
C GLU N 144 -26.97 41.98 -21.18
N ASN N 145 -26.17 42.07 -22.24
CA ASN N 145 -26.06 43.30 -23.02
C ASN N 145 -25.57 44.53 -22.28
N MET N 146 -24.68 44.32 -21.31
CA MET N 146 -24.10 45.44 -20.57
C MET N 146 -23.21 46.22 -21.52
N SER N 147 -22.74 47.39 -21.09
CA SER N 147 -21.88 48.21 -21.92
C SER N 147 -20.42 47.91 -21.60
N LYS N 148 -19.52 48.33 -22.47
CA LYS N 148 -18.11 48.10 -22.23
C LYS N 148 -17.68 48.54 -20.82
N GLU N 149 -18.08 49.73 -20.39
CA GLU N 149 -17.69 50.22 -19.06
C GLU N 149 -18.28 49.35 -17.95
N GLU N 150 -19.55 49.00 -18.08
CA GLU N 150 -20.21 48.19 -17.07
C GLU N 150 -19.52 46.83 -16.97
N THR N 151 -19.27 46.22 -18.13
CA THR N 151 -18.65 44.92 -18.22
C THR N 151 -17.27 44.92 -17.60
N VAL N 152 -16.47 45.93 -17.91
CA VAL N 152 -15.15 46.02 -17.32
C VAL N 152 -15.26 46.12 -15.80
N ASP N 153 -16.30 46.78 -15.32
CA ASP N 153 -16.50 46.92 -13.88
C ASP N 153 -16.90 45.61 -13.24
N PHE N 154 -17.73 44.84 -13.94
CA PHE N 154 -18.21 43.55 -13.47
C PHE N 154 -17.02 42.59 -13.34
N ILE N 155 -16.21 42.52 -14.40
CA ILE N 155 -15.05 41.65 -14.40
C ILE N 155 -14.08 42.09 -13.30
N LYS N 156 -13.85 43.39 -13.20
CA LYS N 156 -12.91 43.93 -12.21
C LYS N 156 -13.34 43.62 -10.79
N HIS N 157 -14.60 43.86 -10.48
CA HIS N 157 -15.10 43.58 -9.14
C HIS N 157 -15.06 42.09 -8.83
N SER N 158 -15.46 41.28 -9.81
CA SER N 158 -15.46 39.84 -9.63
C SER N 158 -14.06 39.30 -9.36
N LEU N 159 -13.16 39.58 -10.27
CA LEU N 159 -11.80 39.10 -10.11
C LEU N 159 -11.13 39.60 -8.86
N SER N 160 -11.55 40.77 -8.35
CA SER N 160 -10.91 41.29 -7.15
C SER N 160 -11.36 40.49 -5.93
N GLN N 161 -12.59 39.98 -5.95
CA GLN N 161 -13.08 39.16 -4.85
C GLN N 161 -12.36 37.82 -4.95
N ALA N 162 -12.33 37.27 -6.16
CA ALA N 162 -11.66 36.02 -6.40
C ALA N 162 -10.24 36.10 -5.85
N ILE N 163 -9.52 37.15 -6.23
CA ILE N 163 -8.15 37.34 -5.78
C ILE N 163 -8.07 37.52 -4.27
N LYS N 164 -9.09 38.16 -3.71
CA LYS N 164 -9.16 38.44 -2.29
C LYS N 164 -9.20 37.19 -1.42
N TRP N 165 -9.87 36.16 -1.92
CA TRP N 165 -10.02 34.93 -1.15
C TRP N 165 -9.15 33.78 -1.56
N ASP N 166 -8.80 33.70 -2.84
CA ASP N 166 -7.97 32.62 -3.35
C ASP N 166 -6.48 32.95 -3.36
N GLY N 167 -5.71 32.19 -2.59
CA GLY N 167 -4.29 32.42 -2.51
C GLY N 167 -3.59 32.09 -3.81
N SER N 168 -4.25 31.34 -4.68
CA SER N 168 -3.65 30.97 -5.95
C SER N 168 -3.85 32.07 -6.99
N SER N 169 -4.62 33.07 -6.61
CA SER N 169 -4.90 34.19 -7.49
C SER N 169 -4.23 35.44 -6.95
N GLY N 170 -3.95 36.39 -7.84
CA GLY N 170 -3.30 37.61 -7.40
C GLY N 170 -2.61 38.34 -8.53
N GLY N 171 -1.80 39.32 -8.16
CA GLY N 171 -1.09 40.11 -9.16
C GLY N 171 -1.97 41.20 -9.75
N VAL N 172 -1.86 41.39 -11.06
CA VAL N 172 -2.64 42.39 -11.76
C VAL N 172 -3.83 41.73 -12.44
N ILE N 173 -4.86 42.50 -12.76
CA ILE N 173 -6.01 41.94 -13.47
C ILE N 173 -5.82 42.34 -14.93
N ARG N 174 -5.77 41.36 -15.82
CA ARG N 174 -5.62 41.64 -17.24
C ARG N 174 -6.97 41.42 -17.92
N MET N 175 -7.22 42.19 -18.97
CA MET N 175 -8.45 42.05 -19.71
C MET N 175 -8.14 42.25 -21.16
N VAL N 176 -8.96 41.67 -22.01
CA VAL N 176 -8.80 41.82 -23.44
C VAL N 176 -10.20 42.07 -23.97
N VAL N 177 -10.39 43.24 -24.57
CA VAL N 177 -11.69 43.61 -25.10
C VAL N 177 -11.77 43.24 -26.57
N LEU N 178 -12.81 42.50 -26.92
CA LEU N 178 -13.02 42.05 -28.29
C LEU N 178 -14.31 42.59 -28.87
N THR N 179 -14.17 43.55 -29.79
CA THR N 179 -15.32 44.17 -30.46
C THR N 179 -14.99 44.42 -31.94
N ALA N 180 -15.94 44.98 -32.68
CA ALA N 180 -15.72 45.28 -34.09
C ALA N 180 -14.59 46.30 -34.21
N ALA N 181 -14.47 47.13 -33.18
CA ALA N 181 -13.47 48.19 -33.13
C ALA N 181 -12.04 47.68 -33.03
N GLY N 182 -11.87 46.37 -32.90
CA GLY N 182 -10.53 45.83 -32.78
C GLY N 182 -10.26 45.09 -31.47
N VAL N 183 -9.01 45.11 -31.03
CA VAL N 183 -8.63 44.42 -29.81
C VAL N 183 -7.96 45.39 -28.85
N GLU N 184 -8.46 45.42 -27.61
CA GLU N 184 -7.91 46.32 -26.61
C GLU N 184 -7.40 45.58 -25.36
N ARG N 185 -6.18 45.90 -24.95
CA ARG N 185 -5.55 45.32 -23.77
C ARG N 185 -5.72 46.23 -22.55
N LEU N 186 -6.28 45.71 -21.48
CA LEU N 186 -6.47 46.48 -20.25
C LEU N 186 -5.72 45.82 -19.11
N ILE N 187 -5.33 46.62 -18.13
CA ILE N 187 -4.63 46.10 -16.98
C ILE N 187 -4.92 46.96 -15.76
N PHE N 188 -5.25 46.32 -14.66
CA PHE N 188 -5.56 47.01 -13.41
C PHE N 188 -4.66 46.51 -12.30
N TYR N 189 -3.99 47.43 -11.62
CA TYR N 189 -3.07 47.08 -10.56
C TYR N 189 -3.72 46.91 -9.18
N PRO N 190 -3.02 46.19 -8.28
CA PRO N 190 -3.53 45.93 -6.93
C PRO N 190 -4.12 47.15 -6.22
N ASP N 191 -3.36 48.24 -6.20
CA ASP N 191 -3.80 49.45 -5.54
C ASP N 191 -5.16 49.96 -5.98
N GLU N 192 -5.60 49.57 -7.17
CA GLU N 192 -6.92 49.98 -7.62
C GLU N 192 -8.01 48.99 -7.24
N TYR N 193 -7.88 47.75 -7.71
CA TYR N 193 -8.90 46.74 -7.41
C TYR N 193 -9.01 46.26 -5.97
N GLU N 194 -7.95 46.43 -5.18
CA GLU N 194 -8.02 45.99 -3.78
C GLU N 194 -8.95 46.88 -2.96
N GLN N 195 -8.98 48.17 -3.31
CA GLN N 195 -9.82 49.11 -2.60
C GLN N 195 -11.23 49.24 -3.17
N LEU N 196 -11.71 48.18 -3.81
CA LEU N 196 -13.06 48.20 -4.37
C LEU N 196 -14.00 47.60 -3.34
N MET O 1 -9.19 13.06 53.17
CA MET O 1 -10.42 12.43 52.59
C MET O 1 -10.20 10.92 52.50
N THR O 2 -10.86 10.29 51.54
CA THR O 2 -10.76 8.85 51.31
C THR O 2 -11.23 8.06 52.52
N ASP O 3 -12.11 7.10 52.27
CA ASP O 3 -12.64 6.25 53.32
C ASP O 3 -11.47 5.44 53.90
N ARG O 4 -11.13 5.74 55.14
CA ARG O 4 -10.04 5.04 55.80
C ARG O 4 -10.60 3.95 56.73
N TYR O 5 -11.91 3.73 56.60
CA TYR O 5 -12.62 2.71 57.37
C TYR O 5 -12.67 1.44 56.54
N SER O 6 -11.54 0.75 56.45
CA SER O 6 -11.46 -0.47 55.66
C SER O 6 -11.58 -1.71 56.54
N PHE O 7 -12.04 -1.53 57.78
CA PHE O 7 -12.22 -2.61 58.72
C PHE O 7 -13.69 -2.77 59.06
N SER O 8 -14.07 -3.89 59.66
CA SER O 8 -15.48 -4.14 59.99
C SER O 8 -15.98 -3.33 61.16
N LEU O 9 -17.23 -2.90 61.08
CA LEU O 9 -17.86 -2.15 62.16
C LEU O 9 -18.73 -3.13 62.93
N THR O 10 -18.88 -4.33 62.38
CA THR O 10 -19.63 -5.40 63.01
C THR O 10 -18.62 -6.50 63.30
N THR O 11 -18.46 -6.87 64.57
CA THR O 11 -17.53 -7.93 64.93
C THR O 11 -18.16 -8.82 65.99
N PHE O 12 -17.56 -9.98 66.23
CA PHE O 12 -18.07 -10.92 67.23
C PHE O 12 -17.67 -10.48 68.63
N SER O 13 -18.59 -10.64 69.57
CA SER O 13 -18.31 -10.30 70.96
C SER O 13 -18.00 -11.63 71.64
N PRO O 14 -17.45 -11.61 72.87
CA PRO O 14 -17.13 -12.84 73.59
C PRO O 14 -18.25 -13.87 73.67
N SER O 15 -19.49 -13.41 73.76
CA SER O 15 -20.63 -14.31 73.84
C SER O 15 -20.94 -14.91 72.47
N GLY O 16 -20.38 -14.31 71.42
CA GLY O 16 -20.60 -14.81 70.08
C GLY O 16 -21.68 -14.04 69.33
N LYS O 17 -22.20 -12.98 69.96
CA LYS O 17 -23.24 -12.17 69.34
C LYS O 17 -22.59 -11.18 68.37
N LEU O 18 -23.36 -10.75 67.38
CA LEU O 18 -22.90 -9.76 66.44
C LEU O 18 -23.71 -8.51 66.76
N GLY O 19 -23.18 -7.71 67.69
CA GLY O 19 -23.83 -6.50 68.16
C GLY O 19 -24.64 -5.65 67.19
N GLN O 20 -23.99 -5.16 66.15
CA GLN O 20 -24.65 -4.32 65.16
C GLN O 20 -25.87 -4.98 64.52
N ILE O 21 -25.82 -6.30 64.32
CA ILE O 21 -26.96 -6.99 63.73
C ILE O 21 -28.08 -7.04 64.76
N ASP O 22 -27.72 -7.32 66.01
CA ASP O 22 -28.72 -7.37 67.09
C ASP O 22 -29.39 -6.00 67.19
N TYR O 23 -28.56 -4.97 67.27
CA TYR O 23 -29.05 -3.61 67.36
C TYR O 23 -29.94 -3.26 66.17
N ALA O 24 -29.55 -3.70 64.99
CA ALA O 24 -30.35 -3.42 63.81
C ALA O 24 -31.71 -4.12 63.94
N LEU O 25 -31.73 -5.34 64.46
CA LEU O 25 -32.98 -6.06 64.63
C LEU O 25 -33.87 -5.28 65.59
N THR O 26 -33.25 -4.65 66.59
CA THR O 26 -33.99 -3.84 67.57
C THR O 26 -34.63 -2.66 66.85
N ALA O 27 -33.92 -2.08 65.88
CA ALA O 27 -34.45 -0.96 65.13
C ALA O 27 -35.67 -1.45 64.36
N VAL O 28 -35.61 -2.70 63.90
CA VAL O 28 -36.72 -3.27 63.15
C VAL O 28 -37.94 -3.45 64.04
N LYS O 29 -37.69 -3.80 65.31
CA LYS O 29 -38.76 -4.00 66.29
C LYS O 29 -39.57 -2.73 66.56
N GLN O 30 -38.90 -1.58 66.52
CA GLN O 30 -39.58 -0.30 66.75
C GLN O 30 -40.39 0.08 65.51
N GLY O 31 -40.07 -0.55 64.38
CA GLY O 31 -40.75 -0.24 63.13
C GLY O 31 -42.22 -0.61 63.07
N VAL O 32 -42.96 0.10 62.24
CA VAL O 32 -44.38 -0.16 62.06
C VAL O 32 -44.61 -1.56 61.51
N THR O 33 -45.61 -2.24 62.06
CA THR O 33 -45.95 -3.61 61.65
C THR O 33 -46.27 -3.74 60.16
N SER O 34 -45.85 -4.85 59.58
CA SER O 34 -46.12 -5.15 58.17
C SER O 34 -46.26 -6.67 58.11
N LEU O 35 -46.97 -7.18 57.12
CA LEU O 35 -47.17 -8.62 57.06
C LEU O 35 -47.37 -9.21 55.67
N GLY O 36 -47.32 -10.53 55.58
CA GLY O 36 -47.52 -11.20 54.31
C GLY O 36 -48.26 -12.52 54.47
N ILE O 37 -49.26 -12.75 53.64
CA ILE O 37 -50.01 -13.99 53.70
C ILE O 37 -50.04 -14.65 52.33
N LYS O 38 -49.72 -15.94 52.30
CA LYS O 38 -49.72 -16.68 51.05
C LYS O 38 -50.97 -17.53 50.88
N ALA O 39 -51.71 -17.29 49.80
CA ALA O 39 -52.91 -18.04 49.47
C ALA O 39 -52.57 -19.06 48.36
N THR O 40 -53.51 -19.95 48.07
CA THR O 40 -53.30 -20.97 47.05
C THR O 40 -53.12 -20.37 45.66
N ASN O 41 -53.58 -19.14 45.48
CA ASN O 41 -53.48 -18.49 44.17
C ASN O 41 -53.05 -17.03 44.30
N GLY O 42 -52.14 -16.75 45.21
CA GLY O 42 -51.68 -15.39 45.35
C GLY O 42 -51.01 -15.12 46.68
N VAL O 43 -50.46 -13.92 46.83
CA VAL O 43 -49.82 -13.56 48.07
C VAL O 43 -50.20 -12.12 48.32
N VAL O 44 -50.30 -11.75 49.60
CA VAL O 44 -50.65 -10.40 49.96
C VAL O 44 -49.64 -9.89 51.00
N ILE O 45 -49.20 -8.65 50.79
CA ILE O 45 -48.29 -8.00 51.71
C ILE O 45 -48.98 -6.70 52.03
N ALA O 46 -48.91 -6.30 53.29
CA ALA O 46 -49.56 -5.07 53.72
C ALA O 46 -48.85 -4.44 54.89
N THR O 47 -49.12 -3.16 55.07
CA THR O 47 -48.53 -2.41 56.15
C THR O 47 -49.36 -1.16 56.39
N GLU O 48 -49.01 -0.43 57.45
CA GLU O 48 -49.71 0.79 57.80
C GLU O 48 -48.90 2.01 57.35
N LYS O 49 -49.56 2.99 56.74
CA LYS O 49 -48.89 4.21 56.30
C LYS O 49 -48.93 5.23 57.44
N LYS O 50 -48.01 5.07 58.39
CA LYS O 50 -47.91 5.95 59.56
C LYS O 50 -47.41 7.35 59.15
N SER O 51 -48.32 8.19 58.66
CA SER O 51 -47.95 9.54 58.24
C SER O 51 -47.31 10.35 59.37
N SER O 52 -46.17 10.99 59.07
CA SER O 52 -45.43 11.79 60.05
C SER O 52 -46.02 13.19 60.30
N SER O 53 -47.03 13.54 59.51
CA SER O 53 -47.72 14.83 59.64
C SER O 53 -48.94 14.84 58.72
N PRO O 54 -50.03 15.47 59.16
CA PRO O 54 -51.22 15.50 58.30
C PRO O 54 -51.02 16.37 57.06
N LEU O 55 -49.93 17.15 57.05
CA LEU O 55 -49.62 18.01 55.92
C LEU O 55 -48.88 17.20 54.85
N ALA O 56 -48.30 16.07 55.27
CA ALA O 56 -47.58 15.20 54.37
C ALA O 56 -48.58 14.46 53.50
N MET O 57 -48.14 14.06 52.31
CA MET O 57 -49.01 13.33 51.39
C MET O 57 -48.50 11.90 51.40
N SER O 58 -49.17 11.06 52.19
CA SER O 58 -48.79 9.67 52.34
C SER O 58 -48.75 8.83 51.06
N GLU O 59 -49.33 9.33 49.97
CA GLU O 59 -49.31 8.57 48.72
C GLU O 59 -47.95 8.72 48.05
N THR O 60 -47.29 9.85 48.27
CA THR O 60 -45.97 10.10 47.69
C THR O 60 -44.92 9.22 48.35
N LEU O 61 -45.35 8.43 49.33
CA LEU O 61 -44.43 7.55 50.04
C LEU O 61 -44.96 6.14 50.00
N SER O 62 -44.27 5.26 49.27
CA SER O 62 -44.69 3.86 49.15
C SER O 62 -43.86 2.94 50.02
N LYS O 63 -44.53 2.19 50.89
CA LYS O 63 -43.86 1.23 51.73
C LYS O 63 -43.88 -0.15 51.06
N VAL O 64 -44.75 -0.28 50.06
CA VAL O 64 -44.88 -1.51 49.29
C VAL O 64 -44.39 -1.22 47.88
N SER O 65 -43.30 -1.86 47.48
CA SER O 65 -42.73 -1.59 46.17
C SER O 65 -42.62 -2.78 45.24
N LEU O 66 -42.76 -2.49 43.95
CA LEU O 66 -42.64 -3.49 42.90
C LEU O 66 -41.16 -3.65 42.60
N LEU O 67 -40.65 -4.88 42.70
CA LEU O 67 -39.25 -5.12 42.39
C LEU O 67 -39.18 -5.55 40.91
N THR O 68 -40.00 -6.53 40.56
CA THR O 68 -40.09 -7.04 39.18
C THR O 68 -41.59 -7.10 38.95
N PRO O 69 -42.02 -7.26 37.70
CA PRO O 69 -43.47 -7.31 37.50
C PRO O 69 -44.21 -8.50 38.17
N ASP O 70 -43.46 -9.37 38.84
CA ASP O 70 -44.06 -10.52 39.54
C ASP O 70 -43.57 -10.60 40.97
N ILE O 71 -42.86 -9.57 41.43
CA ILE O 71 -42.34 -9.58 42.79
C ILE O 71 -42.48 -8.20 43.44
N GLY O 72 -42.91 -8.19 44.70
CA GLY O 72 -43.08 -6.95 45.42
C GLY O 72 -42.47 -7.09 46.79
N ALA O 73 -42.26 -5.97 47.48
CA ALA O 73 -41.69 -6.03 48.81
C ALA O 73 -42.29 -4.99 49.74
N VAL O 74 -42.21 -5.28 51.02
CA VAL O 74 -42.69 -4.40 52.05
C VAL O 74 -41.68 -4.57 53.17
N TYR O 75 -41.68 -3.67 54.15
CA TYR O 75 -40.69 -3.78 55.22
C TYR O 75 -41.13 -3.25 56.59
N SER O 76 -40.17 -3.30 57.51
CA SER O 76 -40.34 -2.81 58.88
C SER O 76 -38.96 -2.38 59.37
N GLY O 77 -38.89 -1.16 59.89
CA GLY O 77 -37.62 -0.66 60.38
C GLY O 77 -37.32 0.70 59.79
N MET O 78 -36.10 0.88 59.32
CA MET O 78 -35.70 2.17 58.74
C MET O 78 -36.09 2.40 57.27
N GLY O 79 -37.10 3.23 57.08
CA GLY O 79 -37.57 3.54 55.74
C GLY O 79 -36.49 3.85 54.72
N PRO O 80 -35.62 4.84 54.97
CA PRO O 80 -34.55 5.22 54.03
C PRO O 80 -33.69 4.02 53.61
N ASP O 81 -33.36 3.12 54.53
CA ASP O 81 -32.57 1.94 54.17
C ASP O 81 -33.38 1.11 53.17
N TYR O 82 -34.67 0.94 53.45
CA TYR O 82 -35.54 0.18 52.58
C TYR O 82 -35.52 0.76 51.16
N ARG O 83 -35.66 2.07 51.07
CA ARG O 83 -35.67 2.75 49.78
C ARG O 83 -34.44 2.43 48.94
N VAL O 84 -33.24 2.59 49.49
CA VAL O 84 -32.05 2.29 48.70
C VAL O 84 -31.99 0.80 48.38
N LEU O 85 -32.44 -0.04 49.31
CA LEU O 85 -32.41 -1.49 49.07
C LEU O 85 -33.28 -1.84 47.89
N VAL O 86 -34.39 -1.12 47.75
CA VAL O 86 -35.29 -1.37 46.64
C VAL O 86 -34.62 -0.98 45.32
N ASP O 87 -33.98 0.17 45.29
CA ASP O 87 -33.30 0.60 44.08
C ASP O 87 -32.27 -0.45 43.66
N LYS O 88 -31.46 -0.89 44.62
CA LYS O 88 -30.45 -1.89 44.36
C LYS O 88 -31.06 -3.22 43.92
N SER O 89 -32.19 -3.58 44.54
CA SER O 89 -32.84 -4.83 44.21
C SER O 89 -33.36 -4.83 42.79
N ARG O 90 -33.99 -3.73 42.41
CA ARG O 90 -34.54 -3.59 41.07
C ARG O 90 -33.39 -3.64 40.07
N LYS O 91 -32.28 -3.02 40.42
CA LYS O 91 -31.15 -3.00 39.53
C LYS O 91 -30.45 -4.35 39.42
N VAL O 92 -30.23 -5.02 40.55
CA VAL O 92 -29.55 -6.32 40.53
C VAL O 92 -30.40 -7.34 39.79
N ALA O 93 -31.72 -7.13 39.79
CA ALA O 93 -32.63 -8.03 39.10
C ALA O 93 -32.35 -7.98 37.61
N HIS O 94 -31.90 -6.82 37.14
CA HIS O 94 -31.58 -6.65 35.73
C HIS O 94 -30.14 -7.07 35.42
N THR O 95 -29.18 -6.36 36.01
CA THR O 95 -27.77 -6.64 35.79
C THR O 95 -27.33 -8.09 36.04
N SER O 96 -27.88 -8.74 37.04
CA SER O 96 -27.47 -10.11 37.34
C SER O 96 -28.44 -11.19 36.88
N TYR O 97 -29.42 -10.83 36.08
CA TYR O 97 -30.36 -11.82 35.63
C TYR O 97 -31.10 -11.51 34.34
N LYS O 98 -31.87 -10.43 34.30
CA LYS O 98 -32.59 -10.14 33.08
C LYS O 98 -31.68 -9.89 31.88
N ARG O 99 -30.59 -9.18 32.09
CA ARG O 99 -29.65 -8.91 30.99
C ARG O 99 -28.86 -10.13 30.56
N ILE O 100 -29.01 -11.22 31.30
CA ILE O 100 -28.32 -12.44 31.00
C ILE O 100 -29.19 -13.53 30.42
N TYR O 101 -30.32 -13.78 31.07
CA TYR O 101 -31.23 -14.84 30.66
C TYR O 101 -32.44 -14.34 29.91
N GLY O 102 -32.56 -13.01 29.79
CA GLY O 102 -33.68 -12.45 29.07
C GLY O 102 -35.00 -12.49 29.81
N GLU O 103 -34.98 -12.93 31.07
CA GLU O 103 -36.22 -12.99 31.84
C GLU O 103 -35.97 -12.50 33.26
N TYR O 104 -37.05 -12.18 33.98
CA TYR O 104 -36.93 -11.71 35.36
C TYR O 104 -36.59 -12.87 36.26
N PRO O 105 -35.82 -12.59 37.32
CA PRO O 105 -35.45 -13.69 38.23
C PRO O 105 -36.61 -14.25 39.03
N PRO O 106 -36.47 -15.52 39.45
CA PRO O 106 -37.50 -16.17 40.25
C PRO O 106 -37.37 -15.55 41.66
N THR O 107 -38.46 -15.52 42.41
CA THR O 107 -38.47 -14.92 43.74
C THR O 107 -37.33 -15.33 44.69
N LYS O 108 -37.06 -16.62 44.81
CA LYS O 108 -36.00 -17.06 45.72
C LYS O 108 -34.64 -16.49 45.34
N LEU O 109 -34.34 -16.43 44.04
CA LEU O 109 -33.05 -15.92 43.59
C LEU O 109 -32.87 -14.42 43.86
N LEU O 110 -33.89 -13.63 43.55
CA LEU O 110 -33.82 -12.21 43.79
C LEU O 110 -33.65 -11.98 45.30
N VAL O 111 -34.42 -12.72 46.09
CA VAL O 111 -34.33 -12.62 47.55
C VAL O 111 -32.89 -12.92 47.95
N SER O 112 -32.33 -13.93 47.31
CA SER O 112 -30.97 -14.37 47.55
C SER O 112 -30.00 -13.23 47.28
N GLU O 113 -30.28 -12.46 46.24
CA GLU O 113 -29.45 -11.33 45.86
C GLU O 113 -29.54 -10.24 46.91
N VAL O 114 -30.76 -9.88 47.28
CA VAL O 114 -31.01 -8.86 48.29
C VAL O 114 -30.31 -9.25 49.57
N ALA O 115 -30.49 -10.51 49.96
CA ALA O 115 -29.87 -11.05 51.15
C ALA O 115 -28.36 -10.88 51.11
N LYS O 116 -27.77 -11.06 49.93
CA LYS O 116 -26.33 -10.91 49.77
C LYS O 116 -25.90 -9.46 50.04
N ILE O 117 -26.65 -8.51 49.48
CA ILE O 117 -26.36 -7.09 49.65
C ILE O 117 -26.40 -6.73 51.13
N MET O 118 -27.35 -7.31 51.84
CA MET O 118 -27.47 -7.05 53.26
C MET O 118 -26.37 -7.76 54.05
N GLN O 119 -25.98 -8.96 53.62
CA GLN O 119 -24.94 -9.68 54.32
C GLN O 119 -23.63 -8.91 54.25
N GLU O 120 -23.36 -8.31 53.09
CA GLU O 120 -22.14 -7.56 52.91
C GLU O 120 -22.04 -6.35 53.83
N ALA O 121 -23.18 -5.73 54.14
CA ALA O 121 -23.23 -4.57 55.03
C ALA O 121 -23.02 -5.00 56.47
N THR O 122 -22.72 -6.28 56.64
CA THR O 122 -22.53 -6.91 57.94
C THR O 122 -21.06 -7.27 58.14
N GLN O 123 -20.32 -7.29 57.03
CA GLN O 123 -18.92 -7.69 57.06
C GLN O 123 -17.95 -6.73 56.35
N SER O 124 -18.44 -6.03 55.33
CA SER O 124 -17.62 -5.07 54.57
C SER O 124 -17.07 -3.98 55.46
N GLY O 125 -15.97 -3.37 55.04
CA GLY O 125 -15.38 -2.32 55.83
C GLY O 125 -16.18 -1.02 55.85
N GLY O 126 -16.13 -0.34 57.00
CA GLY O 126 -16.79 0.94 57.16
C GLY O 126 -18.28 1.14 57.04
N VAL O 127 -19.08 0.09 57.16
CA VAL O 127 -20.53 0.28 57.09
C VAL O 127 -21.24 -0.39 58.25
N ARG O 128 -22.52 -0.09 58.38
CA ARG O 128 -23.34 -0.67 59.44
C ARG O 128 -24.39 -1.51 58.74
N PRO O 129 -24.96 -2.50 59.43
CA PRO O 129 -25.98 -3.34 58.79
C PRO O 129 -27.20 -2.48 58.45
N PHE O 130 -28.05 -2.96 57.54
CA PHE O 130 -29.27 -2.23 57.19
C PHE O 130 -30.23 -2.42 58.36
N GLY O 131 -30.93 -1.36 58.76
CA GLY O 131 -31.87 -1.47 59.86
C GLY O 131 -33.26 -1.86 59.39
N VAL O 132 -33.36 -2.88 58.55
CA VAL O 132 -34.67 -3.29 58.06
C VAL O 132 -34.81 -4.78 57.89
N SER O 133 -36.07 -5.21 57.86
CA SER O 133 -36.45 -6.59 57.62
C SER O 133 -37.45 -6.45 56.48
N LEU O 134 -37.26 -7.24 55.43
CA LEU O 134 -38.15 -7.17 54.29
C LEU O 134 -39.02 -8.40 54.23
N LEU O 135 -40.12 -8.26 53.50
CA LEU O 135 -41.02 -9.37 53.25
C LEU O 135 -41.19 -9.18 51.77
N ILE O 136 -40.78 -10.19 51.01
CA ILE O 136 -40.85 -10.14 49.57
C ILE O 136 -41.78 -11.23 49.07
N ALA O 137 -42.77 -10.83 48.30
CA ALA O 137 -43.73 -11.78 47.75
C ALA O 137 -43.64 -11.78 46.24
N GLY O 138 -43.63 -12.97 45.66
CA GLY O 138 -43.56 -13.06 44.22
C GLY O 138 -44.04 -14.37 43.64
N HIS O 139 -44.01 -14.46 42.32
CA HIS O 139 -44.43 -15.64 41.60
C HIS O 139 -43.55 -15.87 40.39
N ASP O 140 -43.28 -17.14 40.12
CA ASP O 140 -42.48 -17.51 38.97
C ASP O 140 -42.99 -18.87 38.49
N GLU O 141 -42.94 -19.08 37.18
CA GLU O 141 -43.42 -20.30 36.54
C GLU O 141 -43.09 -21.64 37.21
N PHE O 142 -41.87 -21.81 37.71
CA PHE O 142 -41.52 -23.09 38.30
C PHE O 142 -41.64 -23.26 39.82
N ASN O 143 -41.98 -22.20 40.54
CA ASN O 143 -42.11 -22.29 41.98
C ASN O 143 -43.46 -21.76 42.43
N GLY O 144 -44.17 -21.13 41.51
CA GLY O 144 -45.47 -20.58 41.83
C GLY O 144 -45.38 -19.37 42.75
N PHE O 145 -46.25 -19.34 43.75
CA PHE O 145 -46.27 -18.24 44.69
C PHE O 145 -45.40 -18.52 45.88
N SER O 146 -44.73 -17.47 46.36
CA SER O 146 -43.87 -17.61 47.52
C SER O 146 -43.73 -16.31 48.29
N LEU O 147 -43.38 -16.42 49.56
CA LEU O 147 -43.22 -15.30 50.45
C LEU O 147 -41.95 -15.53 51.27
N TYR O 148 -41.09 -14.53 51.31
CA TYR O 148 -39.84 -14.65 52.05
C TYR O 148 -39.66 -13.47 52.99
N GLN O 149 -38.83 -13.68 54.00
CA GLN O 149 -38.51 -12.63 54.96
C GLN O 149 -37.00 -12.53 54.92
N VAL O 150 -36.48 -11.31 54.88
CA VAL O 150 -35.03 -11.10 54.87
C VAL O 150 -34.67 -10.20 56.03
N ASP O 151 -33.75 -10.65 56.86
CA ASP O 151 -33.31 -9.89 58.03
C ASP O 151 -31.97 -9.22 57.85
N PRO O 152 -31.64 -8.27 58.74
CA PRO O 152 -30.38 -7.52 58.70
C PRO O 152 -29.13 -8.39 58.57
N SER O 153 -29.19 -9.60 59.10
CA SER O 153 -28.05 -10.49 59.04
C SER O 153 -27.82 -10.98 57.60
N GLY O 154 -28.88 -10.89 56.80
CA GLY O 154 -28.79 -11.34 55.42
C GLY O 154 -29.50 -12.68 55.31
N SER O 155 -30.05 -13.14 56.42
CA SER O 155 -30.77 -14.41 56.47
C SER O 155 -32.17 -14.24 55.92
N TYR O 156 -32.64 -15.24 55.19
CA TYR O 156 -33.98 -15.18 54.63
C TYR O 156 -34.64 -16.54 54.79
N PHE O 157 -35.94 -16.54 55.03
CA PHE O 157 -36.70 -17.77 55.20
C PHE O 157 -38.06 -17.63 54.55
N PRO O 158 -38.61 -18.75 54.04
CA PRO O 158 -39.91 -18.80 53.38
C PRO O 158 -41.03 -18.93 54.42
N TRP O 159 -42.16 -18.27 54.17
CA TRP O 159 -43.29 -18.31 55.09
C TRP O 159 -44.60 -18.58 54.37
N LYS O 160 -45.58 -19.05 55.14
CA LYS O 160 -46.92 -19.29 54.63
C LYS O 160 -47.63 -17.99 54.95
N ALA O 161 -47.25 -17.43 56.10
CA ALA O 161 -47.77 -16.16 56.58
C ALA O 161 -46.88 -15.70 57.73
N THR O 162 -46.73 -14.39 57.90
CA THR O 162 -45.91 -13.87 58.99
C THR O 162 -45.98 -12.35 59.08
N ALA O 163 -45.45 -11.81 60.18
CA ALA O 163 -45.45 -10.37 60.40
C ALA O 163 -44.15 -9.95 61.03
N ILE O 164 -43.79 -8.69 60.84
CA ILE O 164 -42.56 -8.14 61.39
C ILE O 164 -42.83 -6.77 61.96
N GLY O 165 -41.97 -6.32 62.87
CA GLY O 165 -42.14 -5.00 63.47
C GLY O 165 -42.90 -4.98 64.78
N LYS O 166 -43.24 -3.77 65.22
CA LYS O 166 -43.98 -3.51 66.46
C LYS O 166 -44.78 -4.70 67.03
N GLY O 167 -45.98 -4.91 66.49
CA GLY O 167 -46.81 -5.99 66.99
C GLY O 167 -46.73 -7.27 66.19
N SER O 168 -45.51 -7.72 65.93
CA SER O 168 -45.30 -8.94 65.17
C SER O 168 -45.71 -10.19 65.95
N VAL O 169 -45.35 -10.24 67.23
CA VAL O 169 -45.68 -11.40 68.06
C VAL O 169 -47.20 -11.63 68.11
N ALA O 170 -47.94 -10.57 68.44
CA ALA O 170 -49.39 -10.65 68.50
C ALA O 170 -49.93 -11.04 67.13
N ALA O 171 -49.51 -10.31 66.10
CA ALA O 171 -49.94 -10.55 64.73
C ALA O 171 -49.61 -11.95 64.22
N LYS O 172 -48.41 -12.45 64.54
CA LYS O 172 -48.05 -13.80 64.09
C LYS O 172 -48.98 -14.82 64.73
N THR O 173 -49.38 -14.54 65.98
CA THR O 173 -50.30 -15.42 66.70
C THR O 173 -51.65 -15.43 66.02
N PHE O 174 -52.17 -14.24 65.72
CA PHE O 174 -53.47 -14.14 65.08
C PHE O 174 -53.47 -14.83 63.72
N LEU O 175 -52.31 -14.87 63.07
CA LEU O 175 -52.20 -15.50 61.76
C LEU O 175 -52.18 -17.02 61.84
N GLU O 176 -51.60 -17.58 62.91
CA GLU O 176 -51.56 -19.03 63.07
C GLU O 176 -52.97 -19.58 63.31
N LYS O 177 -53.87 -18.72 63.77
CA LYS O 177 -55.25 -19.12 64.04
C LYS O 177 -56.11 -19.14 62.78
N ARG O 178 -55.85 -18.21 61.87
CA ARG O 178 -56.65 -18.09 60.65
C ARG O 178 -56.05 -18.69 59.38
N TRP O 179 -54.81 -19.18 59.41
CA TRP O 179 -54.22 -19.72 58.20
C TRP O 179 -54.40 -21.22 57.96
N ASN O 180 -54.56 -21.57 56.70
CA ASN O 180 -54.72 -22.96 56.27
C ASN O 180 -54.26 -23.03 54.81
N ASP O 181 -53.89 -24.22 54.36
CA ASP O 181 -53.40 -24.41 53.01
C ASP O 181 -54.49 -24.41 51.93
N GLU O 182 -55.60 -23.73 52.17
CA GLU O 182 -56.67 -23.69 51.18
C GLU O 182 -57.28 -22.31 51.03
N LEU O 183 -56.62 -21.30 51.59
CA LEU O 183 -57.10 -19.94 51.50
C LEU O 183 -57.02 -19.40 50.08
N GLU O 184 -58.07 -18.70 49.66
CA GLU O 184 -58.09 -18.11 48.33
C GLU O 184 -57.53 -16.70 48.56
N LEU O 185 -57.04 -16.06 47.51
CA LEU O 185 -56.46 -14.72 47.65
C LEU O 185 -57.33 -13.74 48.43
N GLU O 186 -58.61 -13.65 48.08
CA GLU O 186 -59.54 -12.74 48.76
C GLU O 186 -59.70 -13.04 50.24
N ASP O 187 -59.49 -14.30 50.61
CA ASP O 187 -59.59 -14.72 52.00
C ASP O 187 -58.38 -14.19 52.75
N ALA O 188 -57.22 -14.31 52.11
CA ALA O 188 -55.97 -13.82 52.70
C ALA O 188 -56.00 -12.30 52.82
N ILE O 189 -56.51 -11.62 51.79
CA ILE O 189 -56.60 -10.16 51.84
C ILE O 189 -57.44 -9.79 53.07
N HIS O 190 -58.50 -10.55 53.28
CA HIS O 190 -59.40 -10.32 54.40
C HIS O 190 -58.65 -10.54 55.71
N ILE O 191 -58.02 -11.70 55.84
CA ILE O 191 -57.28 -12.02 57.05
C ILE O 191 -56.21 -10.96 57.30
N ALA O 192 -55.61 -10.49 56.22
CA ALA O 192 -54.56 -9.48 56.32
C ALA O 192 -55.14 -8.21 56.93
N LEU O 193 -56.25 -7.74 56.35
CA LEU O 193 -56.88 -6.53 56.84
C LEU O 193 -57.27 -6.63 58.32
N LEU O 194 -57.66 -7.83 58.76
CA LEU O 194 -58.03 -8.03 60.16
C LEU O 194 -56.82 -7.95 61.06
N THR O 195 -55.75 -8.64 60.66
CA THR O 195 -54.51 -8.68 61.41
C THR O 195 -53.96 -7.28 61.61
N LEU O 196 -53.99 -6.51 60.53
CA LEU O 196 -53.48 -5.15 60.55
C LEU O 196 -54.28 -4.25 61.47
N LYS O 197 -55.59 -4.50 61.57
CA LYS O 197 -56.45 -3.70 62.43
C LYS O 197 -55.97 -3.71 63.90
N GLU O 198 -55.54 -4.86 64.38
CA GLU O 198 -55.08 -4.97 65.77
C GLU O 198 -53.89 -4.05 66.03
N SER O 199 -53.05 -3.87 65.01
CA SER O 199 -51.85 -3.07 65.13
C SER O 199 -52.06 -1.56 64.95
N VAL O 200 -53.09 -1.18 64.18
CA VAL O 200 -53.35 0.24 63.97
C VAL O 200 -54.15 0.84 65.13
N GLU O 201 -53.63 1.95 65.66
CA GLU O 201 -54.26 2.65 66.78
C GLU O 201 -55.34 3.63 66.32
N GLY O 202 -54.99 4.47 65.35
CA GLY O 202 -55.92 5.48 64.86
C GLY O 202 -56.81 5.11 63.68
N GLU O 203 -56.75 5.93 62.64
CA GLU O 203 -57.56 5.69 61.44
C GLU O 203 -57.21 4.39 60.75
N PHE O 204 -58.22 3.71 60.22
CA PHE O 204 -58.00 2.45 59.54
C PHE O 204 -58.85 2.40 58.27
N ASN O 205 -58.34 3.02 57.22
CA ASN O 205 -59.04 3.07 55.94
C ASN O 205 -58.07 2.91 54.78
N GLY O 206 -58.58 3.05 53.56
CA GLY O 206 -57.75 2.90 52.38
C GLY O 206 -56.66 3.93 52.18
N ASP O 207 -56.60 4.94 53.05
CA ASP O 207 -55.58 5.98 52.94
C ASP O 207 -54.50 5.86 54.00
N THR O 208 -54.77 5.04 55.00
CA THR O 208 -53.84 4.80 56.12
C THR O 208 -53.20 3.42 56.00
N ILE O 209 -53.74 2.61 55.09
CA ILE O 209 -53.28 1.26 54.86
C ILE O 209 -52.73 1.13 53.43
N GLU O 210 -51.58 0.46 53.32
CA GLU O 210 -50.95 0.24 52.03
C GLU O 210 -50.96 -1.27 51.84
N LEU O 211 -51.53 -1.75 50.74
CA LEU O 211 -51.62 -3.18 50.53
C LEU O 211 -51.48 -3.55 49.06
N ALA O 212 -50.71 -4.60 48.78
CA ALA O 212 -50.51 -5.05 47.40
C ALA O 212 -50.53 -6.57 47.35
N ILE O 213 -50.75 -7.11 46.16
CA ILE O 213 -50.80 -8.55 45.99
C ILE O 213 -50.03 -9.05 44.78
N ILE O 214 -49.78 -10.36 44.79
CA ILE O 214 -49.11 -11.05 43.69
C ILE O 214 -50.20 -12.04 43.34
N GLY O 215 -50.94 -11.79 42.26
CA GLY O 215 -52.00 -12.70 41.89
C GLY O 215 -51.96 -13.12 40.44
N ASP O 216 -53.07 -12.91 39.74
CA ASP O 216 -53.15 -13.26 38.33
C ASP O 216 -52.49 -12.18 37.51
N GLU O 217 -52.28 -12.47 36.24
CA GLU O 217 -51.67 -11.52 35.32
C GLU O 217 -52.71 -10.47 34.92
N ASN O 218 -52.27 -9.21 34.87
CA ASN O 218 -53.15 -8.10 34.51
C ASN O 218 -52.81 -7.58 33.12
N PRO O 219 -53.31 -8.23 32.07
CA PRO O 219 -53.00 -7.75 30.72
C PRO O 219 -53.35 -6.28 30.51
N ASP O 220 -54.24 -5.77 31.35
CA ASP O 220 -54.66 -4.38 31.26
C ASP O 220 -53.58 -3.44 31.78
N LEU O 221 -52.62 -4.00 32.51
CA LEU O 221 -51.52 -3.21 33.07
C LEU O 221 -50.23 -3.44 32.30
N LEU O 222 -50.34 -4.07 31.12
CA LEU O 222 -49.17 -4.36 30.31
C LEU O 222 -48.73 -3.17 29.45
N GLY O 223 -49.68 -2.38 28.98
CA GLY O 223 -49.34 -1.22 28.18
C GLY O 223 -49.36 -1.44 26.68
N TYR O 224 -49.43 -2.69 26.26
CA TYR O 224 -49.48 -3.03 24.84
C TYR O 224 -50.14 -4.38 24.58
N THR O 225 -50.42 -4.64 23.31
CA THR O 225 -51.03 -5.89 22.88
C THR O 225 -50.34 -6.31 21.59
N GLY O 226 -50.44 -7.59 21.25
CA GLY O 226 -49.82 -8.06 20.03
C GLY O 226 -48.93 -9.26 20.26
N ILE O 227 -48.50 -9.44 21.49
CA ILE O 227 -47.66 -10.57 21.84
C ILE O 227 -48.39 -11.45 22.84
N PRO O 228 -48.95 -12.58 22.36
CA PRO O 228 -49.69 -13.55 23.17
C PRO O 228 -49.04 -13.95 24.49
N THR O 229 -47.78 -14.39 24.42
CA THR O 229 -47.04 -14.83 25.60
C THR O 229 -46.83 -13.80 26.70
N ASP O 230 -46.96 -12.52 26.38
CA ASP O 230 -46.82 -11.43 27.36
C ASP O 230 -48.21 -11.12 27.91
N LYS O 231 -48.53 -11.66 29.09
CA LYS O 231 -49.87 -11.45 29.68
C LYS O 231 -50.02 -10.37 30.75
N GLY O 232 -48.92 -9.72 31.14
CA GLY O 232 -49.00 -8.68 32.13
C GLY O 232 -48.41 -9.02 33.48
N PRO O 233 -48.26 -8.01 34.36
CA PRO O 233 -47.69 -8.17 35.70
C PRO O 233 -48.63 -8.89 36.67
N ARG O 234 -48.07 -9.70 37.56
CA ARG O 234 -48.88 -10.40 38.56
C ARG O 234 -48.96 -9.60 39.84
N PHE O 235 -48.15 -8.55 39.91
CA PHE O 235 -48.10 -7.69 41.08
C PHE O 235 -49.08 -6.56 40.91
N ARG O 236 -49.77 -6.22 41.98
CA ARG O 236 -50.71 -5.11 41.92
C ARG O 236 -50.93 -4.50 43.28
N LYS O 237 -50.89 -3.18 43.30
CA LYS O 237 -51.10 -2.42 44.51
C LYS O 237 -52.60 -2.12 44.55
N LEU O 238 -53.27 -2.47 45.65
CA LEU O 238 -54.70 -2.19 45.71
C LEU O 238 -54.91 -0.70 45.83
N THR O 239 -55.97 -0.20 45.20
CA THR O 239 -56.29 1.22 45.23
C THR O 239 -56.98 1.56 46.55
N SER O 240 -56.90 2.83 46.92
CA SER O 240 -57.52 3.31 48.15
C SER O 240 -58.94 2.78 48.23
N GLN O 241 -59.68 2.93 47.13
CA GLN O 241 -61.06 2.48 47.05
C GLN O 241 -61.20 0.98 47.23
N GLU O 242 -60.42 0.20 46.51
CA GLU O 242 -60.49 -1.25 46.62
C GLU O 242 -60.38 -1.73 48.05
N ILE O 243 -59.56 -1.04 48.84
CA ILE O 243 -59.35 -1.41 50.24
C ILE O 243 -60.60 -1.14 51.07
N ASN O 244 -61.14 0.07 50.96
CA ASN O 244 -62.34 0.43 51.70
C ASN O 244 -63.50 -0.52 51.41
N ASP O 245 -63.65 -0.92 50.15
CA ASP O 245 -64.72 -1.84 49.79
C ASP O 245 -64.67 -3.07 50.69
N ARG O 246 -63.48 -3.67 50.80
CA ARG O 246 -63.31 -4.86 51.63
C ARG O 246 -63.38 -4.55 53.12
N LEU O 247 -63.15 -3.30 53.50
CA LEU O 247 -63.20 -2.92 54.91
C LEU O 247 -64.62 -2.98 55.46
N GLU O 248 -65.61 -2.84 54.58
CA GLU O 248 -67.01 -2.90 54.99
C GLU O 248 -67.41 -4.33 55.35
N ALA O 249 -66.91 -5.28 54.58
CA ALA O 249 -67.19 -6.68 54.83
C ALA O 249 -66.22 -7.22 55.90
N LEU O 250 -65.66 -6.30 56.69
CA LEU O 250 -64.70 -6.64 57.74
C LEU O 250 -65.41 -7.25 58.95
N GLY P 1 -8.27 10.26 63.85
CA GLY P 1 -8.57 9.51 62.60
C GLY P 1 -9.53 8.34 62.80
N SER P 2 -9.43 7.36 61.91
CA SER P 2 -10.29 6.16 61.95
C SER P 2 -9.86 5.16 63.02
N ARG P 3 -8.55 4.95 63.12
CA ARG P 3 -7.95 4.02 64.08
C ARG P 3 -8.71 3.86 65.39
N ARG P 4 -9.31 4.94 65.86
CA ARG P 4 -10.05 4.95 67.10
C ARG P 4 -11.15 3.89 67.17
N TYR P 5 -11.82 3.63 66.04
CA TYR P 5 -12.91 2.68 66.00
C TYR P 5 -12.57 1.29 65.46
N ASP P 6 -11.28 1.03 65.25
CA ASP P 6 -10.85 -0.26 64.72
C ASP P 6 -10.74 -1.33 65.80
N SER P 7 -11.54 -2.39 65.67
CA SER P 7 -11.55 -3.49 66.62
C SER P 7 -10.30 -4.35 66.51
N ARG P 8 -9.68 -4.33 65.33
CA ARG P 8 -8.49 -5.13 65.09
C ARG P 8 -8.87 -6.60 65.18
N THR P 9 -9.64 -7.04 64.20
CA THR P 9 -10.13 -8.40 64.14
C THR P 9 -9.09 -9.48 63.86
N THR P 10 -7.87 -9.09 63.51
CA THR P 10 -6.86 -10.10 63.22
C THR P 10 -5.61 -10.05 64.07
N ILE P 11 -5.77 -9.99 65.39
CA ILE P 11 -4.60 -9.97 66.25
C ILE P 11 -4.60 -11.14 67.21
N PHE P 12 -3.43 -11.38 67.81
CA PHE P 12 -3.28 -12.45 68.77
C PHE P 12 -3.58 -11.96 70.18
N SER P 13 -4.09 -12.84 71.02
CA SER P 13 -4.33 -12.50 72.42
C SER P 13 -2.99 -12.79 73.05
N PRO P 14 -2.78 -12.35 74.31
CA PRO P 14 -1.48 -12.64 74.92
C PRO P 14 -1.22 -14.16 75.01
N GLU P 15 -2.30 -14.95 74.90
CA GLU P 15 -2.20 -16.40 74.96
C GLU P 15 -1.94 -17.04 73.60
N GLY P 16 -1.99 -16.23 72.54
CA GLY P 16 -1.74 -16.76 71.21
C GLY P 16 -3.00 -17.32 70.56
N ARG P 17 -4.14 -16.74 70.89
CA ARG P 17 -5.41 -17.17 70.32
C ARG P 17 -5.96 -16.04 69.45
N LEU P 18 -6.87 -16.36 68.55
CA LEU P 18 -7.46 -15.35 67.69
C LEU P 18 -8.86 -15.04 68.17
N TYR P 19 -8.96 -13.99 68.95
CA TYR P 19 -10.23 -13.54 69.51
C TYR P 19 -11.43 -13.80 68.62
N GLN P 20 -11.48 -13.11 67.49
CA GLN P 20 -12.61 -13.24 66.58
C GLN P 20 -12.94 -14.69 66.19
N VAL P 21 -11.92 -15.52 66.00
CA VAL P 21 -12.15 -16.92 65.66
C VAL P 21 -12.84 -17.62 66.82
N GLU P 22 -12.31 -17.39 68.02
CA GLU P 22 -12.88 -17.95 69.25
C GLU P 22 -14.34 -17.56 69.41
N TYR P 23 -14.62 -16.28 69.26
CA TYR P 23 -15.97 -15.78 69.41
C TYR P 23 -16.88 -16.31 68.30
N ALA P 24 -16.35 -16.40 67.08
CA ALA P 24 -17.12 -16.90 65.96
C ALA P 24 -17.55 -18.33 66.30
N LEU P 25 -16.62 -19.11 66.83
CA LEU P 25 -16.90 -20.49 67.23
C LEU P 25 -18.00 -20.50 68.29
N GLU P 26 -17.86 -19.62 69.27
CA GLU P 26 -18.86 -19.52 70.34
C GLU P 26 -20.23 -19.31 69.70
N SER P 27 -20.25 -18.47 68.66
CA SER P 27 -21.48 -18.17 67.93
C SER P 27 -22.04 -19.42 67.27
N ILE P 28 -21.16 -20.17 66.62
CA ILE P 28 -21.54 -21.38 65.92
C ILE P 28 -22.11 -22.43 66.86
N SER P 29 -21.57 -22.47 68.09
CA SER P 29 -22.00 -23.42 69.10
C SER P 29 -23.47 -23.31 69.47
N HIS P 30 -24.12 -22.23 69.04
CA HIS P 30 -25.54 -22.04 69.32
C HIS P 30 -26.37 -22.33 68.08
N ALA P 31 -25.70 -22.72 66.99
CA ALA P 31 -26.37 -23.03 65.74
C ALA P 31 -26.92 -24.45 65.77
N GLY P 32 -28.01 -24.67 65.04
CA GLY P 32 -28.60 -26.01 64.99
C GLY P 32 -27.54 -27.05 64.68
N THR P 33 -27.57 -28.17 65.40
CA THR P 33 -26.59 -29.23 65.21
C THR P 33 -26.68 -29.88 63.81
N ALA P 34 -25.52 -30.15 63.23
CA ALA P 34 -25.42 -30.82 61.94
C ALA P 34 -24.47 -32.00 62.10
N ILE P 35 -24.84 -33.14 61.54
CA ILE P 35 -24.01 -34.33 61.67
C ILE P 35 -23.63 -34.96 60.34
N GLY P 36 -22.47 -35.60 60.32
CA GLY P 36 -21.99 -36.27 59.14
C GLY P 36 -21.42 -37.63 59.50
N ILE P 37 -21.94 -38.68 58.87
CA ILE P 37 -21.47 -40.03 59.14
C ILE P 37 -21.08 -40.71 57.83
N MET P 38 -19.86 -41.21 57.80
CA MET P 38 -19.33 -41.87 56.62
C MET P 38 -19.38 -43.40 56.70
N ALA P 39 -20.17 -43.99 55.80
CA ALA P 39 -20.32 -45.44 55.74
C ALA P 39 -19.35 -46.01 54.68
N SER P 40 -19.42 -47.33 54.49
CA SER P 40 -18.56 -47.98 53.51
C SER P 40 -19.14 -47.83 52.09
N ASP P 41 -20.45 -47.69 52.01
CA ASP P 41 -21.13 -47.53 50.74
C ASP P 41 -21.87 -46.20 50.60
N GLY P 42 -21.41 -45.17 51.31
CA GLY P 42 -22.08 -43.89 51.21
C GLY P 42 -21.83 -42.95 52.39
N ILE P 43 -22.47 -41.79 52.36
CA ILE P 43 -22.32 -40.80 53.41
C ILE P 43 -23.66 -40.16 53.74
N VAL P 44 -23.84 -39.81 55.01
CA VAL P 44 -25.07 -39.19 55.46
C VAL P 44 -24.83 -37.81 56.05
N LEU P 45 -25.71 -36.86 55.70
CA LEU P 45 -25.65 -35.51 56.20
C LEU P 45 -27.03 -35.21 56.76
N ALA P 46 -27.08 -34.97 58.06
CA ALA P 46 -28.34 -34.65 58.73
C ALA P 46 -28.13 -33.39 59.57
N ALA P 47 -29.13 -32.51 59.56
CA ALA P 47 -29.03 -31.26 60.32
C ALA P 47 -30.37 -30.86 60.93
N GLU P 48 -30.30 -30.20 62.08
CA GLU P 48 -31.50 -29.77 62.78
C GLU P 48 -31.80 -28.30 62.55
N ARG P 49 -32.96 -28.02 61.96
CA ARG P 49 -33.36 -26.63 61.71
C ARG P 49 -33.55 -25.96 63.06
N LYS P 50 -32.68 -25.01 63.37
CA LYS P 50 -32.79 -24.29 64.64
C LYS P 50 -34.04 -23.39 64.50
N VAL P 51 -34.89 -23.39 65.53
CA VAL P 51 -36.12 -22.58 65.56
C VAL P 51 -37.04 -22.75 64.34
N THR P 52 -38.34 -22.86 64.60
CA THR P 52 -39.32 -23.01 63.54
C THR P 52 -40.68 -22.45 63.96
N SER P 53 -41.60 -22.38 62.99
CA SER P 53 -42.94 -21.88 63.21
C SER P 53 -43.87 -22.72 62.34
N THR P 54 -45.15 -22.70 62.66
CA THR P 54 -46.12 -23.46 61.90
C THR P 54 -46.24 -22.88 60.50
N LEU P 55 -46.13 -21.55 60.40
CA LEU P 55 -46.23 -20.86 59.13
C LEU P 55 -45.00 -20.97 58.24
N LEU P 56 -43.90 -21.47 58.79
CA LEU P 56 -42.69 -21.61 58.02
C LEU P 56 -42.90 -22.60 56.89
N GLU P 57 -42.68 -22.16 55.66
CA GLU P 57 -42.81 -23.00 54.47
C GLU P 57 -41.61 -23.94 54.41
N GLN P 58 -41.74 -25.14 54.97
CA GLN P 58 -40.62 -26.08 55.01
C GLN P 58 -40.31 -26.84 53.72
N ASP P 59 -41.14 -26.67 52.69
CA ASP P 59 -40.91 -27.37 51.43
C ASP P 59 -39.93 -26.66 50.52
N THR P 60 -40.01 -25.33 50.49
CA THR P 60 -39.13 -24.53 49.65
C THR P 60 -37.87 -24.12 50.43
N SER P 61 -37.75 -24.62 51.66
CA SER P 61 -36.62 -24.28 52.52
C SER P 61 -35.39 -25.16 52.29
N THR P 62 -34.22 -24.62 52.65
CA THR P 62 -32.93 -25.29 52.52
C THR P 62 -31.90 -24.40 53.24
N GLU P 63 -31.97 -24.37 54.56
CA GLU P 63 -31.06 -23.53 55.34
C GLU P 63 -29.78 -24.21 55.82
N LYS P 64 -29.69 -25.53 55.67
CA LYS P 64 -28.49 -26.19 56.18
C LYS P 64 -27.74 -27.15 55.25
N LEU P 65 -28.38 -27.62 54.19
CA LEU P 65 -27.72 -28.54 53.27
C LEU P 65 -27.62 -27.96 51.87
N TYR P 66 -26.41 -27.84 51.38
CA TYR P 66 -26.22 -27.28 50.05
C TYR P 66 -25.36 -28.16 49.16
N LYS P 67 -25.82 -28.30 47.93
CA LYS P 67 -25.12 -29.08 46.93
C LYS P 67 -24.01 -28.19 46.38
N LEU P 68 -22.76 -28.62 46.50
CA LEU P 68 -21.65 -27.81 45.99
C LEU P 68 -21.32 -28.22 44.56
N ASN P 69 -21.26 -29.52 44.36
CA ASN P 69 -20.90 -30.13 43.10
C ASN P 69 -21.96 -31.17 42.85
N ASP P 70 -21.65 -32.15 42.00
CA ASP P 70 -22.59 -33.23 41.73
C ASP P 70 -22.15 -34.39 42.62
N LYS P 71 -20.97 -34.23 43.22
CA LYS P 71 -20.41 -35.27 44.07
C LYS P 71 -19.99 -34.74 45.44
N ILE P 72 -20.34 -33.50 45.71
CA ILE P 72 -19.97 -32.87 46.97
C ILE P 72 -21.12 -32.03 47.53
N ALA P 73 -21.31 -32.09 48.83
CA ALA P 73 -22.36 -31.31 49.48
C ALA P 73 -21.83 -30.89 50.82
N VAL P 74 -22.42 -29.86 51.41
CA VAL P 74 -22.00 -29.40 52.72
C VAL P 74 -23.17 -29.23 53.65
N ALA P 75 -22.89 -29.39 54.94
CA ALA P 75 -23.89 -29.19 55.97
C ALA P 75 -23.40 -27.91 56.66
N VAL P 76 -24.31 -26.96 56.87
CA VAL P 76 -23.95 -25.68 57.49
C VAL P 76 -24.35 -25.49 58.94
N ALA P 77 -23.46 -24.84 59.69
CA ALA P 77 -23.70 -24.52 61.10
C ALA P 77 -23.16 -23.11 61.32
N GLY P 78 -24.06 -22.14 61.51
CA GLY P 78 -23.65 -20.78 61.74
C GLY P 78 -24.54 -19.80 61.00
N LEU P 79 -23.99 -18.64 60.61
CA LEU P 79 -24.72 -17.61 59.88
C LEU P 79 -25.02 -18.09 58.46
N THR P 80 -26.29 -18.33 58.17
CA THR P 80 -26.68 -18.78 56.85
C THR P 80 -26.14 -17.86 55.75
N ALA P 81 -26.40 -16.56 55.87
CA ALA P 81 -25.94 -15.59 54.88
C ALA P 81 -24.42 -15.72 54.62
N ASP P 82 -23.62 -15.84 55.67
CA ASP P 82 -22.17 -15.97 55.51
C ASP P 82 -21.85 -17.23 54.73
N ALA P 83 -22.56 -18.30 55.05
CA ALA P 83 -22.34 -19.59 54.41
C ALA P 83 -22.63 -19.51 52.91
N GLU P 84 -23.70 -18.81 52.53
CA GLU P 84 -24.04 -18.69 51.13
C GLU P 84 -22.93 -17.99 50.34
N ILE P 85 -22.29 -16.98 50.93
CA ILE P 85 -21.20 -16.30 50.24
C ILE P 85 -20.11 -17.34 49.91
N LEU P 86 -19.73 -18.13 50.91
CA LEU P 86 -18.69 -19.15 50.73
C LEU P 86 -19.11 -20.30 49.80
N ILE P 87 -20.34 -20.75 49.96
CA ILE P 87 -20.86 -21.84 49.13
C ILE P 87 -20.76 -21.44 47.67
N ASN P 88 -21.19 -20.22 47.37
CA ASN P 88 -21.15 -19.74 46.00
C ASN P 88 -19.72 -19.71 45.43
N THR P 89 -18.74 -19.28 46.23
CA THR P 89 -17.38 -19.26 45.71
C THR P 89 -16.91 -20.69 45.56
N ALA P 90 -17.34 -21.55 46.46
CA ALA P 90 -16.96 -22.97 46.40
C ALA P 90 -17.52 -23.59 45.11
N ARG P 91 -18.78 -23.28 44.81
CA ARG P 91 -19.41 -23.78 43.61
C ARG P 91 -18.60 -23.33 42.38
N ILE P 92 -18.12 -22.09 42.39
CA ILE P 92 -17.32 -21.56 41.29
C ILE P 92 -15.96 -22.23 41.21
N HIS P 93 -15.32 -22.45 42.35
CA HIS P 93 -14.00 -23.08 42.32
C HIS P 93 -14.09 -24.47 41.70
N ALA P 94 -15.16 -25.19 42.03
CA ALA P 94 -15.38 -26.54 41.52
C ALA P 94 -15.42 -26.54 39.99
N GLN P 95 -16.17 -25.59 39.44
CA GLN P 95 -16.30 -25.46 37.99
C GLN P 95 -15.02 -24.98 37.31
N ASN P 96 -14.27 -24.08 37.92
CA ASN P 96 -13.05 -23.63 37.28
C ASN P 96 -12.18 -24.84 37.08
N TYR P 97 -12.17 -25.68 38.11
CA TYR P 97 -11.37 -26.90 38.11
C TYR P 97 -11.82 -27.81 36.97
N LEU P 98 -13.14 -28.00 36.87
CA LEU P 98 -13.71 -28.85 35.83
C LEU P 98 -13.34 -28.33 34.45
N LYS P 99 -13.47 -27.02 34.25
CA LYS P 99 -13.13 -26.42 32.97
C LYS P 99 -11.64 -26.57 32.66
N THR P 100 -10.80 -26.38 33.67
CA THR P 100 -9.36 -26.48 33.46
C THR P 100 -8.86 -27.90 33.18
N TYR P 101 -9.29 -28.88 33.98
CA TYR P 101 -8.82 -30.24 33.82
C TYR P 101 -9.82 -31.25 33.27
N ASN P 102 -11.04 -30.82 32.97
CA ASN P 102 -12.05 -31.75 32.46
C ASN P 102 -12.25 -32.97 33.37
N GLU P 103 -12.16 -32.72 34.67
CA GLU P 103 -12.34 -33.74 35.68
C GLU P 103 -12.96 -33.05 36.89
N ASP P 104 -13.82 -33.76 37.62
CA ASP P 104 -14.45 -33.20 38.79
C ASP P 104 -13.40 -32.95 39.85
N ILE P 105 -13.60 -31.88 40.60
CA ILE P 105 -12.63 -31.52 41.62
C ILE P 105 -12.54 -32.49 42.79
N PRO P 106 -11.31 -32.97 43.07
CA PRO P 106 -11.10 -33.90 44.19
C PRO P 106 -11.56 -33.18 45.45
N VAL P 107 -12.37 -33.87 46.25
CA VAL P 107 -12.92 -33.28 47.48
C VAL P 107 -11.97 -32.47 48.35
N GLU P 108 -10.80 -33.00 48.68
CA GLU P 108 -9.91 -32.23 49.53
C GLU P 108 -9.47 -30.91 48.91
N ILE P 109 -9.23 -30.91 47.61
CA ILE P 109 -8.81 -29.70 46.93
C ILE P 109 -9.85 -28.59 47.07
N LEU P 110 -11.13 -28.96 47.03
CA LEU P 110 -12.20 -27.95 47.18
C LEU P 110 -12.29 -27.48 48.63
N VAL P 111 -12.15 -28.42 49.56
CA VAL P 111 -12.20 -28.09 50.98
C VAL P 111 -11.03 -27.20 51.37
N ARG P 112 -9.84 -27.54 50.90
CA ARG P 112 -8.66 -26.75 51.24
C ARG P 112 -8.78 -25.31 50.75
N ARG P 113 -9.39 -25.13 49.59
CA ARG P 113 -9.57 -23.80 49.03
C ARG P 113 -10.47 -22.95 49.91
N LEU P 114 -11.66 -23.47 50.23
CA LEU P 114 -12.58 -22.73 51.08
C LEU P 114 -11.94 -22.41 52.41
N SER P 115 -11.15 -23.35 52.92
CA SER P 115 -10.48 -23.15 54.20
C SER P 115 -9.44 -22.05 54.11
N ASP P 116 -8.73 -22.00 53.00
CA ASP P 116 -7.72 -20.97 52.80
C ASP P 116 -8.39 -19.60 52.72
N ILE P 117 -9.59 -19.56 52.18
CA ILE P 117 -10.31 -18.30 52.07
C ILE P 117 -10.66 -17.84 53.47
N LYS P 118 -11.09 -18.78 54.31
CA LYS P 118 -11.46 -18.47 55.69
C LYS P 118 -10.22 -18.05 56.46
N GLN P 119 -9.11 -18.75 56.21
CA GLN P 119 -7.86 -18.45 56.89
C GLN P 119 -7.43 -17.03 56.60
N GLY P 120 -7.72 -16.57 55.38
CA GLY P 120 -7.36 -15.22 54.99
C GLY P 120 -7.98 -14.16 55.88
N TYR P 121 -9.29 -14.26 56.09
CA TYR P 121 -10.01 -13.31 56.93
C TYR P 121 -9.48 -13.32 58.36
N THR P 122 -8.54 -14.22 58.61
CA THR P 122 -7.94 -14.41 59.91
C THR P 122 -6.59 -13.72 60.07
N GLN P 123 -5.93 -13.46 58.94
CA GLN P 123 -4.61 -12.88 58.99
C GLN P 123 -4.45 -11.49 58.42
N HIS P 124 -5.42 -11.04 57.63
CA HIS P 124 -5.30 -9.72 57.03
C HIS P 124 -6.64 -9.15 56.56
N GLY P 125 -6.66 -7.83 56.32
CA GLY P 125 -7.87 -7.19 55.84
C GLY P 125 -8.73 -6.53 56.89
N GLY P 126 -8.47 -6.82 58.15
CA GLY P 126 -9.24 -6.22 59.23
C GLY P 126 -10.75 -6.43 59.18
N LEU P 127 -11.21 -7.54 58.61
CA LEU P 127 -12.65 -7.84 58.55
C LEU P 127 -12.98 -8.99 59.49
N ARG P 128 -14.24 -9.07 59.92
CA ARG P 128 -14.64 -10.16 60.81
C ARG P 128 -14.62 -11.47 60.04
N PRO P 129 -14.30 -12.59 60.71
CA PRO P 129 -14.27 -13.88 60.03
C PRO P 129 -15.70 -14.29 59.71
N PHE P 130 -15.87 -15.38 58.97
CA PHE P 130 -17.21 -15.87 58.66
C PHE P 130 -17.67 -16.74 59.82
N GLY P 131 -18.86 -16.48 60.33
CA GLY P 131 -19.39 -17.28 61.43
C GLY P 131 -19.99 -18.57 60.89
N VAL P 132 -19.16 -19.39 60.25
CA VAL P 132 -19.61 -20.61 59.64
C VAL P 132 -18.68 -21.81 59.85
N SER P 133 -19.30 -22.97 60.04
CA SER P 133 -18.57 -24.22 60.18
C SER P 133 -19.23 -25.15 59.18
N PHE P 134 -18.40 -25.81 58.37
CA PHE P 134 -18.92 -26.70 57.34
C PHE P 134 -18.55 -28.16 57.59
N ILE P 135 -19.42 -29.04 57.11
CA ILE P 135 -19.17 -30.47 57.14
C ILE P 135 -19.31 -30.78 55.65
N TYR P 136 -18.22 -31.22 55.04
CA TYR P 136 -18.24 -31.56 53.62
C TYR P 136 -18.40 -33.06 53.43
N ALA P 137 -19.37 -33.45 52.63
CA ALA P 137 -19.59 -34.85 52.35
C ALA P 137 -19.40 -34.98 50.85
N GLY P 138 -18.44 -35.80 50.44
CA GLY P 138 -18.22 -35.96 49.01
C GLY P 138 -17.49 -37.20 48.58
N TYR P 139 -17.42 -37.39 47.28
CA TYR P 139 -16.76 -38.54 46.71
C TYR P 139 -15.95 -38.24 45.45
N ASP P 140 -14.80 -38.88 45.34
CA ASP P 140 -13.96 -38.74 44.16
C ASP P 140 -13.26 -40.08 43.99
N ASP P 141 -12.73 -40.34 42.80
CA ASP P 141 -12.08 -41.61 42.51
C ASP P 141 -10.67 -41.78 43.05
N ARG P 142 -10.27 -40.96 44.01
CA ARG P 142 -8.94 -41.11 44.59
C ARG P 142 -9.02 -41.57 46.05
N TYR P 143 -10.02 -41.07 46.77
CA TYR P 143 -10.22 -41.42 48.16
C TYR P 143 -11.64 -41.89 48.39
N GLY P 144 -12.40 -42.06 47.32
CA GLY P 144 -13.78 -42.51 47.48
C GLY P 144 -14.56 -41.56 48.38
N TYR P 145 -15.32 -42.13 49.30
CA TYR P 145 -16.13 -41.33 50.21
C TYR P 145 -15.28 -40.62 51.24
N GLN P 146 -15.54 -39.32 51.40
CA GLN P 146 -14.80 -38.51 52.35
C GLN P 146 -15.72 -37.59 53.13
N LEU P 147 -15.29 -37.27 54.36
CA LEU P 147 -16.03 -36.39 55.24
C LEU P 147 -15.05 -35.42 55.86
N TYR P 148 -15.30 -34.12 55.66
CA TYR P 148 -14.41 -33.08 56.20
C TYR P 148 -15.19 -32.06 56.98
N THR P 149 -14.43 -31.20 57.65
CA THR P 149 -15.03 -30.16 58.46
C THR P 149 -14.08 -28.95 58.50
N SER P 150 -14.64 -27.75 58.36
CA SER P 150 -13.84 -26.53 58.42
C SER P 150 -14.58 -25.50 59.28
N ASN P 151 -13.83 -24.76 60.08
CA ASN P 151 -14.41 -23.74 60.97
C ASN P 151 -13.80 -22.37 60.68
N PRO P 152 -14.29 -21.31 61.35
CA PRO P 152 -13.79 -19.95 61.16
C PRO P 152 -12.28 -19.77 61.09
N SER P 153 -11.53 -20.59 61.81
CA SER P 153 -10.07 -20.48 61.83
C SER P 153 -9.44 -20.79 60.47
N GLY P 154 -10.16 -21.55 59.65
CA GLY P 154 -9.64 -21.90 58.34
C GLY P 154 -8.93 -23.24 58.39
N ASN P 155 -9.12 -23.94 59.49
CA ASN P 155 -8.52 -25.26 59.69
C ASN P 155 -9.54 -26.31 59.27
N TYR P 156 -9.08 -27.42 58.71
CA TYR P 156 -9.99 -28.47 58.31
C TYR P 156 -9.44 -29.84 58.66
N THR P 157 -10.35 -30.80 58.84
CA THR P 157 -9.95 -32.16 59.18
C THR P 157 -10.91 -33.20 58.63
N GLY P 158 -10.43 -34.44 58.57
CA GLY P 158 -11.22 -35.55 58.04
C GLY P 158 -11.82 -36.40 59.14
N TRP P 159 -13.00 -36.96 58.87
CA TRP P 159 -13.68 -37.76 59.88
C TRP P 159 -14.45 -38.94 59.31
N LYS P 160 -14.87 -39.82 60.23
CA LYS P 160 -15.68 -41.00 59.90
C LYS P 160 -17.10 -40.60 60.31
N ALA P 161 -17.15 -39.79 61.36
CA ALA P 161 -18.41 -39.27 61.89
C ALA P 161 -18.04 -37.97 62.61
N ILE P 162 -18.83 -36.93 62.42
CA ILE P 162 -18.51 -35.66 63.06
C ILE P 162 -19.76 -34.79 63.19
N SER P 163 -19.69 -33.85 64.12
CA SER P 163 -20.81 -32.95 64.36
C SER P 163 -20.32 -31.52 64.54
N VAL P 164 -21.15 -30.56 64.14
CA VAL P 164 -20.84 -29.16 64.29
C VAL P 164 -22.09 -28.46 64.80
N GLY P 165 -21.89 -27.34 65.47
CA GLY P 165 -23.03 -26.61 65.99
C GLY P 165 -23.18 -26.80 67.48
N ALA P 166 -24.44 -26.87 67.92
CA ALA P 166 -24.75 -27.05 69.33
C ALA P 166 -24.50 -28.47 69.83
N ASN P 167 -24.30 -28.60 71.14
CA ASN P 167 -24.08 -29.88 71.80
C ASN P 167 -23.20 -30.85 71.00
N THR P 168 -22.11 -30.36 70.42
CA THR P 168 -21.28 -31.27 69.64
C THR P 168 -20.57 -32.26 70.55
N SER P 169 -20.35 -31.85 71.79
CA SER P 169 -19.66 -32.68 72.78
C SER P 169 -20.49 -33.93 73.10
N ALA P 170 -21.74 -33.71 73.45
CA ALA P 170 -22.64 -34.81 73.76
C ALA P 170 -22.78 -35.66 72.50
N ALA P 171 -22.95 -35.00 71.36
CA ALA P 171 -23.10 -35.66 70.07
C ALA P 171 -21.88 -36.46 69.65
N GLN P 172 -20.70 -35.90 69.87
CA GLN P 172 -19.47 -36.59 69.48
C GLN P 172 -19.30 -37.86 70.30
N THR P 173 -19.64 -37.78 71.58
CA THR P 173 -19.54 -38.94 72.47
C THR P 173 -20.48 -40.06 72.02
N LEU P 174 -21.70 -39.71 71.65
CA LEU P 174 -22.66 -40.69 71.19
C LEU P 174 -22.22 -41.39 69.90
N LEU P 175 -21.57 -40.64 69.01
CA LEU P 175 -21.10 -41.19 67.74
C LEU P 175 -19.93 -42.13 67.96
N GLN P 176 -19.00 -41.70 68.81
CA GLN P 176 -17.82 -42.46 69.14
C GLN P 176 -18.21 -43.77 69.81
N MET P 177 -19.41 -43.77 70.35
CA MET P 177 -19.93 -44.93 71.06
C MET P 177 -20.50 -45.99 70.12
N ASP P 178 -21.38 -45.59 69.20
CA ASP P 178 -22.01 -46.53 68.28
C ASP P 178 -21.44 -46.63 66.87
N TYR P 179 -20.30 -45.98 66.62
CA TYR P 179 -19.75 -46.06 65.27
C TYR P 179 -18.87 -47.30 65.07
N LYS P 180 -19.04 -47.95 63.92
CA LYS P 180 -18.25 -49.13 63.58
C LYS P 180 -17.82 -49.00 62.11
N ASP P 181 -16.51 -49.04 61.88
CA ASP P 181 -15.93 -48.91 60.54
C ASP P 181 -16.64 -49.60 59.37
N ASP P 182 -17.23 -50.74 59.64
CA ASP P 182 -17.92 -51.51 58.61
C ASP P 182 -19.39 -51.15 58.41
N MET P 183 -19.83 -50.04 58.99
CA MET P 183 -21.23 -49.62 58.84
C MET P 183 -21.70 -49.56 57.40
N LYS P 184 -23.00 -49.39 57.24
CA LYS P 184 -23.60 -49.32 55.93
C LYS P 184 -24.50 -48.09 55.96
N VAL P 185 -24.59 -47.38 54.84
CA VAL P 185 -25.40 -46.17 54.73
C VAL P 185 -26.64 -46.13 55.61
N ASP P 186 -27.46 -47.16 55.55
CA ASP P 186 -28.67 -47.19 56.35
C ASP P 186 -28.40 -47.21 57.84
N ASP P 187 -27.35 -47.92 58.24
CA ASP P 187 -26.97 -47.98 59.65
C ASP P 187 -26.66 -46.55 60.08
N ALA P 188 -25.83 -45.89 59.26
CA ALA P 188 -25.39 -44.52 59.50
C ALA P 188 -26.56 -43.56 59.56
N ILE P 189 -27.50 -43.71 58.64
CA ILE P 189 -28.68 -42.84 58.62
C ILE P 189 -29.38 -42.92 59.97
N GLU P 190 -29.43 -44.12 60.53
CA GLU P 190 -30.09 -44.32 61.81
C GLU P 190 -29.27 -43.71 62.93
N LEU P 191 -27.96 -43.93 62.91
CA LEU P 191 -27.09 -43.37 63.95
C LEU P 191 -27.25 -41.85 63.96
N ALA P 192 -27.27 -41.25 62.77
CA ALA P 192 -27.42 -39.81 62.61
C ALA P 192 -28.70 -39.31 63.28
N LEU P 193 -29.83 -39.93 62.97
CA LEU P 193 -31.10 -39.54 63.55
C LEU P 193 -31.18 -39.79 65.05
N LYS P 194 -30.61 -40.90 65.51
CA LYS P 194 -30.61 -41.21 66.93
C LYS P 194 -29.82 -40.16 67.68
N THR P 195 -28.62 -39.87 67.18
CA THR P 195 -27.75 -38.89 67.80
C THR P 195 -28.42 -37.53 67.92
N LEU P 196 -29.00 -37.04 66.83
CA LEU P 196 -29.67 -35.75 66.86
C LEU P 196 -30.77 -35.80 67.88
N SER P 197 -31.57 -36.86 67.80
CA SER P 197 -32.70 -37.09 68.67
C SER P 197 -32.38 -36.98 70.17
N LYS P 198 -31.20 -37.43 70.56
CA LYS P 198 -30.83 -37.38 71.97
C LYS P 198 -30.21 -36.04 72.40
N THR P 199 -29.59 -35.34 71.46
CA THR P 199 -28.94 -34.05 71.75
C THR P 199 -29.83 -32.83 71.51
N THR P 200 -30.94 -33.01 70.82
CA THR P 200 -31.87 -31.91 70.54
C THR P 200 -32.22 -31.13 71.78
N ASP P 201 -32.37 -29.82 71.62
CA ASP P 201 -32.75 -28.99 72.76
C ASP P 201 -34.27 -28.83 72.75
N SER P 202 -34.92 -29.48 71.78
CA SER P 202 -36.37 -29.43 71.62
C SER P 202 -37.10 -30.62 72.19
N SER P 203 -38.43 -30.53 72.22
CA SER P 203 -39.30 -31.59 72.74
C SER P 203 -39.06 -32.90 72.01
N ALA P 204 -39.52 -32.95 70.77
CA ALA P 204 -39.38 -34.13 69.94
C ALA P 204 -38.56 -33.75 68.72
N LEU P 205 -38.29 -34.74 67.88
CA LEU P 205 -37.51 -34.53 66.68
C LEU P 205 -38.43 -34.84 65.52
N THR P 206 -39.28 -33.88 65.16
CA THR P 206 -40.20 -34.05 64.04
C THR P 206 -39.52 -33.82 62.69
N TYR P 207 -40.19 -34.21 61.60
CA TYR P 207 -39.63 -34.08 60.27
C TYR P 207 -39.46 -32.63 59.81
N ASP P 208 -40.39 -31.78 60.21
CA ASP P 208 -40.37 -30.36 59.83
C ASP P 208 -39.13 -29.62 60.34
N ARG P 209 -38.41 -30.25 61.26
CA ARG P 209 -37.21 -29.64 61.84
C ARG P 209 -35.95 -30.39 61.38
N LEU P 210 -36.02 -31.04 60.23
CA LEU P 210 -34.88 -31.79 59.73
C LEU P 210 -34.56 -31.62 58.26
N GLU P 211 -33.31 -31.85 57.94
CA GLU P 211 -32.81 -31.81 56.57
C GLU P 211 -31.91 -33.03 56.50
N PHE P 212 -32.13 -33.85 55.48
CA PHE P 212 -31.35 -35.05 55.32
C PHE P 212 -30.78 -35.16 53.92
N ALA P 213 -29.61 -35.78 53.83
CA ALA P 213 -28.96 -35.96 52.55
C ALA P 213 -28.01 -37.14 52.60
N THR P 214 -27.91 -37.86 51.50
CA THR P 214 -27.02 -39.01 51.41
C THR P 214 -26.29 -39.01 50.07
N ILE P 215 -25.07 -39.51 50.07
CA ILE P 215 -24.27 -39.60 48.86
C ILE P 215 -23.94 -41.06 48.70
N ARG P 216 -24.74 -41.75 47.90
CA ARG P 216 -24.55 -43.18 47.66
C ARG P 216 -24.15 -43.48 46.24
N LYS P 217 -23.52 -44.63 46.07
CA LYS P 217 -23.10 -45.07 44.75
C LYS P 217 -24.06 -46.14 44.26
N GLY P 218 -25.36 -45.81 44.32
CA GLY P 218 -26.42 -46.72 43.90
C GLY P 218 -25.94 -47.90 43.05
N ALA P 219 -25.85 -49.07 43.66
CA ALA P 219 -25.39 -50.29 43.00
C ALA P 219 -25.94 -50.43 41.58
N ASN P 220 -27.23 -50.09 41.43
CA ASN P 220 -27.90 -50.17 40.14
C ASN P 220 -27.53 -48.95 39.29
N ASP P 221 -26.26 -48.89 38.87
CA ASP P 221 -25.75 -47.79 38.05
C ASP P 221 -24.22 -47.85 37.91
N GLY P 222 -23.51 -47.60 39.02
CA GLY P 222 -22.05 -47.61 38.99
C GLY P 222 -21.48 -46.23 39.23
N GLU P 223 -22.37 -45.23 39.31
CA GLU P 223 -21.98 -43.84 39.55
C GLU P 223 -22.50 -43.37 40.91
N VAL P 224 -22.09 -42.17 41.32
CA VAL P 224 -22.49 -41.61 42.60
C VAL P 224 -23.75 -40.75 42.50
N TYR P 225 -24.62 -40.87 43.49
CA TYR P 225 -25.87 -40.14 43.53
C TYR P 225 -26.05 -39.30 44.81
N GLN P 226 -26.40 -38.03 44.65
CA GLN P 226 -26.64 -37.15 45.79
C GLN P 226 -28.14 -37.04 45.96
N LYS P 227 -28.62 -37.24 47.18
CA LYS P 227 -30.05 -37.16 47.41
C LYS P 227 -30.33 -36.25 48.59
N ILE P 228 -31.07 -35.18 48.36
CA ILE P 228 -31.43 -34.29 49.44
C ILE P 228 -32.88 -34.62 49.75
N PHE P 229 -33.09 -35.43 50.78
CA PHE P 229 -34.41 -35.86 51.19
C PHE P 229 -35.47 -34.75 51.22
N LYS P 230 -36.61 -35.06 50.65
CA LYS P 230 -37.75 -34.14 50.62
C LYS P 230 -38.50 -34.29 51.94
N PRO P 231 -39.25 -33.25 52.35
CA PRO P 231 -39.98 -33.35 53.62
C PRO P 231 -40.59 -34.73 53.86
N GLN P 232 -41.31 -35.23 52.86
CA GLN P 232 -41.95 -36.53 52.97
C GLN P 232 -40.93 -37.63 53.23
N GLU P 233 -39.88 -37.67 52.41
CA GLU P 233 -38.85 -38.69 52.56
C GLU P 233 -38.26 -38.71 53.96
N ILE P 234 -38.25 -37.55 54.62
CA ILE P 234 -37.73 -37.46 55.98
C ILE P 234 -38.75 -38.02 56.96
N LYS P 235 -39.99 -37.58 56.81
CA LYS P 235 -41.08 -38.02 57.66
C LYS P 235 -41.10 -39.56 57.68
N ASP P 236 -40.81 -40.15 56.53
CA ASP P 236 -40.78 -41.60 56.36
C ASP P 236 -39.65 -42.23 57.17
N ILE P 237 -38.42 -41.99 56.72
CA ILE P 237 -37.23 -42.52 57.40
C ILE P 237 -37.26 -42.24 58.91
N LEU P 238 -38.11 -41.32 59.32
CA LEU P 238 -38.23 -40.94 60.73
C LEU P 238 -39.11 -41.92 61.49
N VAL P 239 -40.10 -42.48 60.81
CA VAL P 239 -41.01 -43.44 61.43
C VAL P 239 -40.33 -44.80 61.48
N LYS P 240 -39.66 -45.15 60.37
CA LYS P 240 -38.96 -46.41 60.23
C LYS P 240 -37.87 -46.63 61.28
N THR P 241 -37.13 -45.56 61.60
CA THR P 241 -36.07 -45.68 62.60
C THR P 241 -36.63 -45.64 64.02
N GLY P 242 -37.94 -45.84 64.12
CA GLY P 242 -38.59 -45.85 65.42
C GLY P 242 -38.54 -44.56 66.22
N ILE P 243 -38.82 -43.43 65.56
CA ILE P 243 -38.84 -42.13 66.22
C ILE P 243 -40.19 -41.51 65.89
N THR P 244 -40.95 -42.18 65.02
CA THR P 244 -42.27 -41.75 64.57
C THR P 244 -42.46 -40.24 64.62
N GLY Q 1 -7.13 -2.35 51.24
CA GLY Q 1 -6.97 -0.94 51.71
C GLY Q 1 -6.63 -0.84 53.18
N TYR Q 2 -6.79 -1.96 53.89
CA TYR Q 2 -6.50 -2.01 55.33
C TYR Q 2 -4.99 -2.12 55.57
N ASP Q 3 -4.41 -1.13 56.24
CA ASP Q 3 -2.97 -1.15 56.50
C ASP Q 3 -2.54 -0.80 57.93
N ARG Q 4 -3.41 -1.02 58.90
CA ARG Q 4 -3.05 -0.70 60.28
C ARG Q 4 -1.76 -1.42 60.71
N ALA Q 5 -0.93 -0.71 61.46
CA ALA Q 5 0.31 -1.31 61.94
C ALA Q 5 -0.09 -2.17 63.13
N LEU Q 6 -0.08 -3.48 62.93
CA LEU Q 6 -0.45 -4.41 64.00
C LEU Q 6 0.79 -4.87 64.75
N SER Q 7 1.92 -4.95 64.04
CA SER Q 7 3.17 -5.33 64.66
C SER Q 7 3.98 -4.06 64.85
N ILE Q 8 4.00 -3.56 66.08
CA ILE Q 8 4.74 -2.35 66.39
C ILE Q 8 5.57 -2.59 67.65
N PHE Q 9 6.46 -1.65 67.94
CA PHE Q 9 7.31 -1.75 69.11
C PHE Q 9 6.57 -1.21 70.33
N SER Q 10 6.85 -1.79 71.48
CA SER Q 10 6.27 -1.36 72.74
C SER Q 10 7.45 -0.76 73.49
N PRO Q 11 7.21 0.06 74.54
CA PRO Q 11 8.25 0.72 75.32
C PRO Q 11 9.51 -0.08 75.65
N ASP Q 12 9.35 -1.36 75.96
CA ASP Q 12 10.50 -2.20 76.31
C ASP Q 12 11.28 -2.72 75.11
N GLY Q 13 10.89 -2.27 73.92
CA GLY Q 13 11.58 -2.71 72.70
C GLY Q 13 11.08 -4.04 72.17
N HIS Q 14 9.88 -4.44 72.56
CA HIS Q 14 9.31 -5.70 72.12
C HIS Q 14 8.18 -5.52 71.10
N ILE Q 15 7.96 -6.55 70.29
CA ILE Q 15 6.89 -6.52 69.31
C ILE Q 15 5.92 -7.60 69.76
N PHE Q 16 4.91 -7.20 70.50
CA PHE Q 16 3.96 -8.15 71.04
C PHE Q 16 3.28 -9.10 70.06
N GLN Q 17 2.77 -8.59 68.94
CA GLN Q 17 2.11 -9.47 67.99
C GLN Q 17 3.01 -10.64 67.57
N VAL Q 18 4.30 -10.40 67.50
CA VAL Q 18 5.27 -11.42 67.13
C VAL Q 18 5.43 -12.37 68.32
N GLU Q 19 5.56 -11.78 69.51
CA GLU Q 19 5.73 -12.52 70.74
C GLU Q 19 4.54 -13.43 71.01
N TYR Q 20 3.35 -12.91 70.77
CA TYR Q 20 2.13 -13.67 70.97
C TYR Q 20 2.05 -14.75 69.90
N ALA Q 21 2.66 -14.47 68.75
CA ALA Q 21 2.65 -15.43 67.65
C ALA Q 21 3.38 -16.67 68.15
N LEU Q 22 4.42 -16.45 68.97
CA LEU Q 22 5.19 -17.54 69.54
C LEU Q 22 4.39 -18.34 70.56
N GLU Q 23 3.49 -17.67 71.27
CA GLU Q 23 2.64 -18.34 72.26
C GLU Q 23 1.76 -19.35 71.55
N ALA Q 24 1.41 -19.03 70.30
CA ALA Q 24 0.58 -19.91 69.49
C ALA Q 24 1.39 -21.14 69.10
N VAL Q 25 2.70 -20.97 68.97
CA VAL Q 25 3.58 -22.06 68.61
C VAL Q 25 3.76 -22.98 69.82
N LYS Q 26 3.95 -22.38 71.00
CA LYS Q 26 4.11 -23.15 72.23
C LYS Q 26 2.89 -24.02 72.45
N ARG Q 27 1.75 -23.60 71.91
CA ARG Q 27 0.50 -24.34 72.05
C ARG Q 27 0.32 -25.43 71.00
N GLY Q 28 1.14 -25.39 69.96
CA GLY Q 28 1.03 -26.39 68.91
C GLY Q 28 1.64 -27.73 69.28
N THR Q 29 1.20 -28.81 68.62
CA THR Q 29 1.73 -30.14 68.91
C THR Q 29 3.22 -30.13 68.68
N CYS Q 30 3.95 -30.92 69.46
CA CYS Q 30 5.40 -30.97 69.35
C CYS Q 30 5.92 -31.50 68.03
N ALA Q 31 7.05 -30.95 67.60
CA ALA Q 31 7.68 -31.37 66.37
C ALA Q 31 9.17 -31.44 66.65
N VAL Q 32 9.79 -32.52 66.19
CA VAL Q 32 11.22 -32.69 66.42
C VAL Q 32 11.94 -33.14 65.17
N GLY Q 33 13.21 -32.79 65.08
CA GLY Q 33 14.01 -33.17 63.95
C GLY Q 33 15.42 -33.47 64.41
N VAL Q 34 16.00 -34.54 63.91
CA VAL Q 34 17.36 -34.91 64.28
C VAL Q 34 18.04 -35.43 63.04
N LYS Q 35 19.26 -34.98 62.80
CA LYS Q 35 19.98 -35.40 61.64
C LYS Q 35 21.02 -36.46 61.98
N GLY Q 36 20.99 -37.54 61.22
CA GLY Q 36 21.93 -38.62 61.41
C GLY Q 36 23.15 -38.29 60.59
N LYS Q 37 23.88 -39.31 60.18
CA LYS Q 37 25.10 -39.10 59.40
C LYS Q 37 24.77 -39.21 57.90
N ASN Q 38 23.66 -39.87 57.59
CA ASN Q 38 23.26 -40.08 56.20
C ASN Q 38 21.77 -39.83 56.01
N CYS Q 39 21.16 -39.09 56.94
CA CYS Q 39 19.73 -38.82 56.84
C CYS Q 39 19.28 -37.77 57.85
N VAL Q 40 17.98 -37.48 57.82
CA VAL Q 40 17.36 -36.54 58.75
C VAL Q 40 16.00 -37.15 59.05
N VAL Q 41 15.59 -37.13 60.31
CA VAL Q 41 14.31 -37.69 60.68
C VAL Q 41 13.43 -36.65 61.36
N LEU Q 42 12.17 -36.59 60.93
CA LEU Q 42 11.23 -35.64 61.48
C LEU Q 42 10.09 -36.35 62.22
N GLY Q 43 9.89 -35.97 63.47
CA GLY Q 43 8.84 -36.56 64.28
C GLY Q 43 7.88 -35.51 64.77
N CYS Q 44 6.59 -35.86 64.82
CA CYS Q 44 5.56 -34.93 65.27
C CYS Q 44 4.51 -35.69 66.07
N GLU Q 45 4.03 -35.10 67.16
CA GLU Q 45 3.02 -35.76 67.98
C GLU Q 45 1.61 -35.49 67.45
N ARG Q 46 0.69 -36.42 67.69
CA ARG Q 46 -0.69 -36.24 67.25
C ARG Q 46 -1.59 -35.97 68.44
N ARG Q 47 -2.36 -34.89 68.36
CA ARG Q 47 -3.27 -34.52 69.44
C ARG Q 47 -4.23 -35.69 69.71
N SER Q 48 -5.01 -35.57 70.78
CA SER Q 48 -5.98 -36.59 71.16
C SER Q 48 -7.21 -35.97 71.83
N THR Q 49 -7.41 -34.67 71.62
CA THR Q 49 -8.55 -33.92 72.16
C THR Q 49 -9.85 -34.55 71.62
N LEU Q 50 -9.77 -35.05 70.40
CA LEU Q 50 -10.87 -35.72 69.70
C LEU Q 50 -10.25 -36.84 68.85
N LYS Q 51 -10.80 -38.05 68.94
CA LYS Q 51 -10.29 -39.17 68.17
C LYS Q 51 -11.49 -39.92 67.58
N LEU Q 52 -11.49 -40.04 66.25
CA LEU Q 52 -12.54 -40.69 65.48
C LEU Q 52 -12.30 -40.14 64.09
N GLN Q 53 -11.08 -39.66 63.91
CA GLN Q 53 -10.59 -39.08 62.67
C GLN Q 53 -10.33 -40.09 61.59
N ASP Q 54 -10.25 -39.58 60.37
CA ASP Q 54 -9.97 -40.38 59.20
C ASP Q 54 -8.55 -39.97 58.79
N THR Q 55 -7.57 -40.69 59.32
CA THR Q 55 -6.15 -40.42 59.06
C THR Q 55 -5.72 -40.48 57.60
N ARG Q 56 -6.45 -41.22 56.77
CA ARG Q 56 -6.10 -41.32 55.35
C ARG Q 56 -6.04 -39.94 54.71
N ILE Q 57 -7.13 -39.20 54.86
CA ILE Q 57 -7.30 -37.89 54.29
C ILE Q 57 -6.88 -36.67 55.11
N THR Q 58 -6.98 -36.74 56.45
CA THR Q 58 -6.58 -35.59 57.28
C THR Q 58 -5.14 -35.18 56.97
N PRO Q 59 -4.93 -33.88 56.67
CA PRO Q 59 -3.59 -33.38 56.37
C PRO Q 59 -2.54 -33.78 57.40
N SER Q 60 -1.42 -34.33 56.92
CA SER Q 60 -0.32 -34.76 57.78
C SER Q 60 0.58 -33.58 58.17
N LYS Q 61 1.36 -33.77 59.24
CA LYS Q 61 2.22 -32.70 59.75
C LYS Q 61 3.48 -32.42 58.92
N VAL Q 62 4.01 -33.44 58.26
CA VAL Q 62 5.19 -33.26 57.43
C VAL Q 62 4.72 -33.03 56.01
N SER Q 63 5.29 -32.03 55.35
CA SER Q 63 4.91 -31.72 53.98
C SER Q 63 6.13 -31.66 53.09
N LYS Q 64 5.96 -32.06 51.85
CA LYS Q 64 7.05 -32.02 50.88
C LYS Q 64 6.96 -30.70 50.15
N ILE Q 65 8.08 -29.99 50.10
CA ILE Q 65 8.14 -28.71 49.41
C ILE Q 65 8.60 -29.03 48.00
N ASP Q 66 9.51 -30.01 47.90
CA ASP Q 66 10.01 -30.51 46.63
C ASP Q 66 10.37 -31.97 46.93
N SER Q 67 10.82 -32.70 45.92
CA SER Q 67 11.15 -34.12 46.09
C SER Q 67 12.31 -34.42 47.04
N HIS Q 68 13.08 -33.40 47.41
CA HIS Q 68 14.23 -33.61 48.28
C HIS Q 68 14.15 -32.83 49.60
N VAL Q 69 13.11 -32.01 49.75
CA VAL Q 69 12.97 -31.21 50.96
C VAL Q 69 11.59 -31.34 51.59
N VAL Q 70 11.58 -31.41 52.91
CA VAL Q 70 10.35 -31.51 53.67
C VAL Q 70 10.28 -30.43 54.74
N LEU Q 71 9.07 -30.13 55.17
CA LEU Q 71 8.84 -29.12 56.17
C LEU Q 71 7.79 -29.58 57.19
N SER Q 72 8.09 -29.37 58.47
CA SER Q 72 7.15 -29.73 59.52
C SER Q 72 6.99 -28.44 60.32
N PHE Q 73 6.00 -28.38 61.20
CA PHE Q 73 5.76 -27.15 61.95
C PHE Q 73 4.96 -27.33 63.24
N SER Q 74 4.91 -26.25 64.01
CA SER Q 74 4.14 -26.21 65.26
C SER Q 74 3.46 -24.86 65.29
N GLY Q 75 2.17 -24.86 65.59
CA GLY Q 75 1.42 -23.61 65.62
C GLY Q 75 0.11 -23.75 64.89
N LEU Q 76 -0.40 -22.64 64.37
CA LEU Q 76 -1.68 -22.63 63.64
C LEU Q 76 -1.58 -23.42 62.33
N ASN Q 77 -2.42 -24.42 62.18
CA ASN Q 77 -2.41 -25.24 60.98
C ASN Q 77 -2.71 -24.42 59.75
N ALA Q 78 -3.81 -23.67 59.79
CA ALA Q 78 -4.22 -22.86 58.66
C ALA Q 78 -3.08 -21.94 58.20
N ASP Q 79 -2.31 -21.40 59.13
CA ASP Q 79 -1.20 -20.51 58.77
C ASP Q 79 -0.09 -21.26 58.05
N SER Q 80 0.17 -22.48 58.48
CA SER Q 80 1.23 -23.27 57.86
C SER Q 80 0.96 -23.57 56.40
N ARG Q 81 -0.31 -23.73 56.04
CA ARG Q 81 -0.64 -24.01 54.65
C ARG Q 81 -0.19 -22.87 53.74
N ILE Q 82 -0.41 -21.63 54.18
CA ILE Q 82 -0.03 -20.49 53.38
C ILE Q 82 1.47 -20.49 53.15
N LEU Q 83 2.23 -20.88 54.16
CA LEU Q 83 3.68 -20.92 54.01
C LEU Q 83 4.11 -22.08 53.12
N ILE Q 84 3.45 -23.21 53.26
CA ILE Q 84 3.81 -24.38 52.48
C ILE Q 84 3.57 -24.15 51.00
N GLU Q 85 2.46 -23.49 50.68
CA GLU Q 85 2.13 -23.18 49.30
C GLU Q 85 3.18 -22.27 48.69
N LYS Q 86 3.50 -21.18 49.38
CA LYS Q 86 4.53 -20.26 48.90
C LYS Q 86 5.86 -20.96 48.73
N ALA Q 87 6.17 -21.86 49.65
CA ALA Q 87 7.42 -22.60 49.60
C ALA Q 87 7.46 -23.48 48.34
N ARG Q 88 6.40 -24.26 48.12
CA ARG Q 88 6.33 -25.14 46.98
C ARG Q 88 6.43 -24.38 45.66
N VAL Q 89 5.75 -23.24 45.60
CA VAL Q 89 5.78 -22.40 44.41
C VAL Q 89 7.21 -21.90 44.20
N GLU Q 90 7.82 -21.42 45.27
CA GLU Q 90 9.18 -20.92 45.16
C GLU Q 90 10.15 -22.02 44.71
N ALA Q 91 9.90 -23.25 45.14
CA ALA Q 91 10.75 -24.37 44.78
C ALA Q 91 10.68 -24.63 43.27
N GLN Q 92 9.49 -24.52 42.70
CA GLN Q 92 9.32 -24.75 41.26
C GLN Q 92 9.88 -23.59 40.45
N SER Q 93 9.69 -22.38 40.95
CA SER Q 93 10.21 -21.20 40.27
C SER Q 93 11.73 -21.26 40.20
N HIS Q 94 12.35 -21.71 41.29
CA HIS Q 94 13.81 -21.81 41.35
C HIS Q 94 14.34 -22.78 40.31
N ARG Q 95 13.66 -23.91 40.15
CA ARG Q 95 14.08 -24.93 39.19
C ARG Q 95 13.91 -24.40 37.78
N LEU Q 96 12.88 -23.62 37.57
CA LEU Q 96 12.59 -23.06 36.27
C LEU Q 96 13.58 -21.97 35.84
N THR Q 97 14.10 -21.21 36.80
CA THR Q 97 15.02 -20.14 36.46
C THR Q 97 16.49 -20.46 36.66
N LEU Q 98 16.84 -21.18 37.73
CA LEU Q 98 18.25 -21.52 37.98
C LEU Q 98 18.63 -22.86 37.37
N GLU Q 99 17.61 -23.62 36.97
CA GLU Q 99 17.79 -24.94 36.38
C GLU Q 99 18.46 -25.89 37.36
N ASP Q 100 18.06 -25.78 38.61
CA ASP Q 100 18.58 -26.62 39.68
C ASP Q 100 17.64 -26.47 40.87
N PRO Q 101 17.24 -27.59 41.49
CA PRO Q 101 16.35 -27.49 42.64
C PRO Q 101 17.01 -26.68 43.74
N VAL Q 102 16.19 -26.17 44.66
CA VAL Q 102 16.67 -25.34 45.76
C VAL Q 102 17.53 -26.09 46.78
N THR Q 103 18.39 -25.36 47.48
CA THR Q 103 19.18 -25.97 48.53
C THR Q 103 18.26 -25.81 49.76
N VAL Q 104 18.46 -26.63 50.78
CA VAL Q 104 17.62 -26.54 51.98
C VAL Q 104 17.74 -25.17 52.65
N GLU Q 105 18.94 -24.61 52.63
CA GLU Q 105 19.18 -23.31 53.24
C GLU Q 105 18.42 -22.23 52.46
N TYR Q 106 18.45 -22.32 51.13
CA TYR Q 106 17.76 -21.36 50.29
C TYR Q 106 16.27 -21.38 50.59
N LEU Q 107 15.69 -22.57 50.56
CA LEU Q 107 14.27 -22.73 50.81
C LEU Q 107 13.89 -22.24 52.20
N THR Q 108 14.80 -22.42 53.17
CA THR Q 108 14.56 -21.98 54.54
C THR Q 108 14.56 -20.46 54.60
N ARG Q 109 15.60 -19.86 54.04
CA ARG Q 109 15.74 -18.41 54.00
C ARG Q 109 14.54 -17.76 53.31
N TYR Q 110 13.94 -18.47 52.35
CA TYR Q 110 12.79 -17.94 51.65
C TYR Q 110 11.54 -17.90 52.54
N VAL Q 111 11.30 -19.00 53.26
CA VAL Q 111 10.14 -19.07 54.14
C VAL Q 111 10.32 -18.09 55.30
N ALA Q 112 11.55 -18.00 55.82
CA ALA Q 112 11.82 -17.08 56.92
C ALA Q 112 11.57 -15.64 56.46
N GLY Q 113 11.98 -15.34 55.24
CA GLY Q 113 11.76 -14.00 54.70
C GLY Q 113 10.28 -13.65 54.62
N VAL Q 114 9.47 -14.64 54.24
CA VAL Q 114 8.04 -14.43 54.13
C VAL Q 114 7.51 -14.15 55.53
N GLN Q 115 8.04 -14.87 56.51
CA GLN Q 115 7.61 -14.66 57.89
C GLN Q 115 8.01 -13.28 58.39
N GLN Q 116 9.26 -12.89 58.15
CA GLN Q 116 9.73 -11.60 58.60
C GLN Q 116 8.88 -10.48 58.05
N ARG Q 117 8.58 -10.56 56.74
CA ARG Q 117 7.77 -9.56 56.07
C ARG Q 117 6.41 -9.36 56.74
N TYR Q 118 5.79 -10.44 57.22
CA TYR Q 118 4.50 -10.35 57.89
C TYR Q 118 4.62 -9.78 59.31
N THR Q 119 5.84 -9.40 59.71
CA THR Q 119 6.01 -8.82 61.04
C THR Q 119 6.14 -7.31 60.91
N GLN Q 120 6.34 -6.81 59.69
CA GLN Q 120 6.42 -5.36 59.55
C GLN Q 120 5.74 -4.81 58.31
N SER Q 121 4.57 -5.37 58.02
CA SER Q 121 3.75 -4.96 56.89
C SER Q 121 2.40 -4.57 57.48
N GLY Q 122 1.82 -3.49 56.97
CA GLY Q 122 0.53 -3.07 57.49
C GLY Q 122 -0.64 -4.00 57.20
N GLY Q 123 -1.63 -3.99 58.07
CA GLY Q 123 -2.82 -4.81 57.88
C GLY Q 123 -2.69 -6.33 57.98
N VAL Q 124 -1.60 -6.84 58.54
CA VAL Q 124 -1.45 -8.28 58.68
C VAL Q 124 -0.79 -8.67 59.98
N ARG Q 125 -1.11 -9.85 60.48
CA ARG Q 125 -0.50 -10.32 61.71
C ARG Q 125 0.56 -11.34 61.33
N PRO Q 126 1.53 -11.59 62.22
CA PRO Q 126 2.59 -12.56 61.93
C PRO Q 126 2.03 -13.97 61.85
N PHE Q 127 2.84 -14.91 61.37
CA PHE Q 127 2.39 -16.28 61.28
C PHE Q 127 2.56 -16.93 62.66
N GLY Q 128 1.49 -17.57 63.15
CA GLY Q 128 1.58 -18.25 64.42
C GLY Q 128 2.17 -19.62 64.13
N VAL Q 129 3.32 -19.63 63.46
CA VAL Q 129 3.96 -20.87 63.07
C VAL Q 129 5.48 -20.86 63.19
N SER Q 130 6.03 -22.01 63.54
CA SER Q 130 7.47 -22.19 63.64
C SER Q 130 7.71 -23.44 62.83
N THR Q 131 8.76 -23.46 62.02
CA THR Q 131 9.00 -24.63 61.18
C THR Q 131 10.36 -25.27 61.27
N LEU Q 132 10.39 -26.53 60.85
CA LEU Q 132 11.61 -27.34 60.78
C LEU Q 132 11.61 -27.74 59.33
N ILE Q 133 12.70 -27.43 58.65
CA ILE Q 133 12.85 -27.74 57.23
C ILE Q 133 14.09 -28.62 57.10
N ALA Q 134 13.91 -29.79 56.50
CA ALA Q 134 15.03 -30.70 56.35
C ALA Q 134 15.09 -31.38 54.99
N GLY Q 135 16.30 -31.76 54.61
CA GLY Q 135 16.49 -32.42 53.33
C GLY Q 135 17.94 -32.45 52.90
N PHE Q 136 18.16 -32.74 51.63
CA PHE Q 136 19.50 -32.81 51.08
C PHE Q 136 19.65 -31.94 49.84
N ASP Q 137 20.69 -31.10 49.84
CA ASP Q 137 20.95 -30.25 48.70
C ASP Q 137 21.16 -31.14 47.48
N PRO Q 138 20.78 -30.65 46.28
CA PRO Q 138 20.93 -31.42 45.05
C PRO Q 138 22.36 -31.95 44.89
N ARG Q 139 22.47 -33.25 44.60
CA ARG Q 139 23.76 -33.89 44.40
C ARG Q 139 24.70 -33.79 45.61
N ASP Q 140 24.12 -33.73 46.81
CA ASP Q 140 24.89 -33.65 48.05
C ASP Q 140 24.35 -34.73 48.98
N ASP Q 141 25.15 -35.14 49.96
CA ASP Q 141 24.73 -36.18 50.90
C ASP Q 141 24.80 -35.78 52.36
N GLU Q 142 25.18 -34.53 52.60
CA GLU Q 142 25.27 -34.01 53.97
C GLU Q 142 23.88 -33.51 54.38
N PRO Q 143 23.29 -34.14 55.41
CA PRO Q 143 21.95 -33.75 55.88
C PRO Q 143 21.82 -32.30 56.38
N LYS Q 144 20.65 -31.72 56.13
CA LYS Q 144 20.35 -30.35 56.52
C LYS Q 144 19.09 -30.26 57.37
N LEU Q 145 19.17 -29.52 58.46
CA LEU Q 145 18.03 -29.32 59.34
C LEU Q 145 18.02 -27.87 59.78
N TYR Q 146 16.92 -27.17 59.52
CA TYR Q 146 16.77 -25.75 59.85
C TYR Q 146 15.48 -25.48 60.59
N GLN Q 147 15.43 -24.31 61.21
CA GLN Q 147 14.23 -23.91 61.94
C GLN Q 147 13.96 -22.43 61.72
N THR Q 148 12.68 -22.10 61.56
CA THR Q 148 12.27 -20.72 61.38
C THR Q 148 11.21 -20.42 62.43
N GLU Q 149 11.07 -19.14 62.78
CA GLU Q 149 10.07 -18.73 63.76
C GLU Q 149 9.32 -17.49 63.28
N PRO Q 150 8.22 -17.14 63.96
CA PRO Q 150 7.46 -15.96 63.56
C PRO Q 150 8.26 -14.70 63.27
N SER Q 151 9.31 -14.46 64.05
CA SER Q 151 10.13 -13.25 63.85
C SER Q 151 10.78 -13.18 62.49
N GLY Q 152 11.11 -14.33 61.92
CA GLY Q 152 11.77 -14.37 60.62
C GLY Q 152 13.21 -14.84 60.76
N ILE Q 153 13.55 -15.24 61.98
CA ILE Q 153 14.89 -15.73 62.28
C ILE Q 153 14.99 -17.22 61.97
N TYR Q 154 16.13 -17.65 61.44
CA TYR Q 154 16.33 -19.05 61.11
C TYR Q 154 17.78 -19.45 61.35
N SER Q 155 18.02 -20.75 61.44
CA SER Q 155 19.36 -21.28 61.67
C SER Q 155 19.29 -22.79 61.63
N SER Q 156 20.43 -23.45 61.46
CA SER Q 156 20.44 -24.92 61.41
C SER Q 156 20.76 -25.56 62.76
N TRP Q 157 20.24 -26.77 62.95
CA TRP Q 157 20.43 -27.52 64.18
C TRP Q 157 20.83 -28.96 63.90
N SER Q 158 21.56 -29.56 64.85
CA SER Q 158 21.96 -30.96 64.73
C SER Q 158 20.69 -31.74 65.01
N ALA Q 159 19.91 -31.22 65.96
CA ALA Q 159 18.63 -31.79 66.33
C ALA Q 159 17.90 -30.62 66.97
N GLN Q 160 16.58 -30.59 66.84
CA GLN Q 160 15.84 -29.48 67.41
C GLN Q 160 14.37 -29.84 67.50
N THR Q 161 13.67 -29.16 68.38
CA THR Q 161 12.26 -29.42 68.58
C THR Q 161 11.55 -28.08 68.77
N ILE Q 162 10.25 -28.06 68.52
CA ILE Q 162 9.46 -26.84 68.67
C ILE Q 162 8.07 -27.27 69.10
N GLY Q 163 7.31 -26.33 69.66
CA GLY Q 163 5.97 -26.63 70.08
C GLY Q 163 5.85 -26.87 71.57
N ARG Q 164 4.69 -27.40 71.97
CA ARG Q 164 4.41 -27.66 73.38
C ARG Q 164 5.33 -28.72 73.93
N ASN Q 165 5.82 -28.48 75.14
CA ASN Q 165 6.71 -29.40 75.82
C ASN Q 165 8.02 -29.55 75.06
N SER Q 166 8.30 -28.63 74.15
CA SER Q 166 9.55 -28.69 73.40
C SER Q 166 10.69 -28.44 74.39
N LYS Q 167 10.39 -27.71 75.46
CA LYS Q 167 11.35 -27.40 76.52
C LYS Q 167 11.94 -28.70 77.03
N THR Q 168 11.04 -29.61 77.44
CA THR Q 168 11.40 -30.93 77.96
C THR Q 168 12.22 -31.71 76.95
N VAL Q 169 11.61 -31.98 75.80
CA VAL Q 169 12.24 -32.75 74.73
C VAL Q 169 13.57 -32.17 74.22
N ARG Q 170 13.76 -30.86 74.32
CA ARG Q 170 15.04 -30.31 73.87
C ARG Q 170 16.12 -30.73 74.86
N GLU Q 171 15.77 -30.72 76.14
CA GLU Q 171 16.70 -31.12 77.21
C GLU Q 171 17.15 -32.55 76.97
N PHE Q 172 16.19 -33.42 76.66
CA PHE Q 172 16.50 -34.81 76.39
C PHE Q 172 17.55 -34.87 75.29
N LEU Q 173 17.32 -34.12 74.20
CA LEU Q 173 18.23 -34.09 73.07
C LEU Q 173 19.60 -33.50 73.38
N GLU Q 174 19.65 -32.47 74.19
CA GLU Q 174 20.93 -31.83 74.52
C GLU Q 174 21.86 -32.77 75.30
N LYS Q 175 21.28 -33.77 75.95
CA LYS Q 175 22.08 -34.73 76.72
C LYS Q 175 21.92 -36.14 76.17
N ASN Q 176 21.62 -36.24 74.88
CA ASN Q 176 21.46 -37.55 74.24
C ASN Q 176 21.93 -37.52 72.80
N TYR Q 177 22.34 -36.34 72.33
CA TYR Q 177 22.83 -36.20 70.98
C TYR Q 177 24.28 -35.74 71.04
N ASP Q 178 25.17 -36.57 70.52
CA ASP Q 178 26.59 -36.25 70.50
C ASP Q 178 26.94 -35.85 69.07
N ARG Q 179 27.45 -34.64 68.90
CA ARG Q 179 27.82 -34.19 67.57
C ARG Q 179 29.00 -35.02 67.05
N LYS Q 180 29.91 -35.35 67.96
CA LYS Q 180 31.08 -36.16 67.62
C LYS Q 180 30.63 -37.40 66.84
N GLU Q 181 29.58 -38.04 67.34
CA GLU Q 181 29.07 -39.26 66.74
C GLU Q 181 27.54 -39.22 66.55
N PRO Q 182 27.08 -38.71 65.41
CA PRO Q 182 25.65 -38.62 65.12
C PRO Q 182 25.11 -40.00 64.75
N PRO Q 183 23.82 -40.26 65.04
CA PRO Q 183 23.16 -41.55 64.75
C PRO Q 183 23.54 -42.06 63.36
N ALA Q 184 24.67 -42.77 63.28
CA ALA Q 184 25.19 -43.29 62.02
C ALA Q 184 24.22 -44.18 61.23
N THR Q 185 23.07 -44.52 61.82
CA THR Q 185 22.11 -45.36 61.12
C THR Q 185 20.74 -44.72 61.05
N VAL Q 186 20.03 -45.03 59.97
CA VAL Q 186 18.68 -44.51 59.79
C VAL Q 186 17.89 -45.07 60.97
N GLU Q 187 18.16 -46.32 61.33
CA GLU Q 187 17.44 -46.97 62.43
C GLU Q 187 17.72 -46.33 63.79
N GLU Q 188 18.98 -46.21 64.17
CA GLU Q 188 19.28 -45.61 65.47
C GLU Q 188 18.96 -44.12 65.50
N CYS Q 189 18.82 -43.51 64.33
CA CYS Q 189 18.48 -42.10 64.25
C CYS Q 189 16.99 -41.98 64.54
N VAL Q 190 16.18 -42.82 63.88
CA VAL Q 190 14.75 -42.81 64.10
C VAL Q 190 14.44 -43.17 65.55
N LYS Q 191 15.24 -44.07 66.11
CA LYS Q 191 15.06 -44.50 67.49
C LYS Q 191 15.23 -43.31 68.44
N LEU Q 192 16.31 -42.56 68.25
CA LEU Q 192 16.57 -41.41 69.09
C LEU Q 192 15.39 -40.44 69.01
N THR Q 193 14.84 -40.29 67.80
CA THR Q 193 13.71 -39.40 67.57
C THR Q 193 12.46 -39.83 68.32
N VAL Q 194 12.15 -41.12 68.26
CA VAL Q 194 10.99 -41.63 68.95
C VAL Q 194 11.21 -41.48 70.46
N ARG Q 195 12.40 -41.84 70.91
CA ARG Q 195 12.74 -41.74 72.32
C ARG Q 195 12.44 -40.35 72.88
N SER Q 196 12.81 -39.31 72.14
CA SER Q 196 12.59 -37.94 72.59
C SER Q 196 11.11 -37.54 72.63
N LEU Q 197 10.30 -38.14 71.76
CA LEU Q 197 8.87 -37.83 71.74
C LEU Q 197 8.14 -38.51 72.87
N LEU Q 198 8.65 -39.67 73.29
CA LEU Q 198 8.04 -40.43 74.38
C LEU Q 198 8.11 -39.68 75.71
N GLU Q 199 9.13 -38.83 75.85
CA GLU Q 199 9.28 -38.03 77.06
C GLU Q 199 8.06 -37.13 77.22
N VAL Q 200 7.35 -36.88 76.12
CA VAL Q 200 6.20 -36.00 76.15
C VAL Q 200 4.88 -36.56 75.59
N VAL Q 201 4.96 -37.54 74.71
CA VAL Q 201 3.74 -38.10 74.12
C VAL Q 201 2.89 -38.93 75.08
N GLN Q 202 3.53 -39.56 76.06
CA GLN Q 202 2.83 -40.40 77.03
C GLN Q 202 2.06 -41.49 76.29
N THR Q 203 2.78 -42.54 75.90
CA THR Q 203 2.24 -43.69 75.16
C THR Q 203 1.30 -43.27 74.05
N GLY Q 204 1.82 -43.26 72.84
CA GLY Q 204 1.02 -42.87 71.69
C GLY Q 204 1.54 -43.49 70.42
N ALA Q 205 1.36 -44.80 70.29
CA ALA Q 205 1.81 -45.49 69.09
C ALA Q 205 1.10 -44.81 67.90
N LYS Q 206 -0.11 -44.32 68.15
CA LYS Q 206 -0.91 -43.64 67.13
C LYS Q 206 -0.74 -42.12 67.26
N ASN Q 207 0.05 -41.71 68.24
CA ASN Q 207 0.30 -40.30 68.50
C ASN Q 207 1.74 -39.88 68.15
N ILE Q 208 2.38 -40.65 67.28
CA ILE Q 208 3.75 -40.34 66.87
C ILE Q 208 4.03 -40.76 65.44
N GLU Q 209 3.98 -39.80 64.51
CA GLU Q 209 4.27 -40.12 63.11
C GLU Q 209 5.72 -39.73 62.81
N ILE Q 210 6.38 -40.52 61.97
CA ILE Q 210 7.78 -40.26 61.61
C ILE Q 210 8.00 -40.31 60.10
N THR Q 211 8.93 -39.46 59.64
CA THR Q 211 9.28 -39.41 58.23
C THR Q 211 10.81 -39.42 58.14
N VAL Q 212 11.34 -40.24 57.25
CA VAL Q 212 12.78 -40.33 57.08
C VAL Q 212 13.18 -39.80 55.72
N VAL Q 213 14.14 -38.88 55.71
CA VAL Q 213 14.61 -38.30 54.47
C VAL Q 213 16.07 -38.67 54.23
N LYS Q 214 16.31 -39.33 53.11
CA LYS Q 214 17.66 -39.74 52.71
C LYS Q 214 18.04 -38.97 51.46
N PRO Q 215 19.32 -38.96 51.09
CA PRO Q 215 19.78 -38.24 49.90
C PRO Q 215 19.05 -38.65 48.62
N ASP Q 216 19.14 -37.82 47.59
CA ASP Q 216 18.50 -38.07 46.30
C ASP Q 216 16.99 -38.27 46.32
N SER Q 217 16.29 -37.35 46.95
CA SER Q 217 14.83 -37.40 46.99
C SER Q 217 14.28 -38.73 47.51
N ASP Q 218 14.90 -39.26 48.54
CA ASP Q 218 14.43 -40.52 49.12
C ASP Q 218 13.69 -40.21 50.41
N ILE Q 219 12.41 -39.87 50.28
CA ILE Q 219 11.59 -39.54 51.42
C ILE Q 219 10.52 -40.59 51.62
N VAL Q 220 10.37 -41.04 52.87
CA VAL Q 220 9.39 -42.06 53.20
C VAL Q 220 8.89 -41.93 54.64
N ALA Q 221 7.57 -42.09 54.80
CA ALA Q 221 6.95 -42.01 56.11
C ALA Q 221 6.68 -43.43 56.61
N LEU Q 222 6.98 -43.68 57.88
CA LEU Q 222 6.78 -44.99 58.48
C LEU Q 222 5.31 -45.21 58.80
N SER Q 223 4.95 -46.45 59.11
CA SER Q 223 3.57 -46.79 59.47
C SER Q 223 3.47 -47.02 60.97
N SER Q 224 2.26 -47.05 61.49
CA SER Q 224 2.03 -47.26 62.91
C SER Q 224 2.88 -48.40 63.46
N GLU Q 225 2.89 -49.52 62.76
CA GLU Q 225 3.65 -50.70 63.20
C GLU Q 225 5.14 -50.40 63.28
N GLU Q 226 5.73 -50.02 62.15
CA GLU Q 226 7.15 -49.71 62.08
C GLU Q 226 7.55 -48.81 63.24
N ILE Q 227 6.72 -47.81 63.51
CA ILE Q 227 6.96 -46.89 64.60
C ILE Q 227 6.75 -47.62 65.92
N ASN Q 228 5.59 -48.26 66.03
CA ASN Q 228 5.22 -49.00 67.23
C ASN Q 228 6.29 -50.02 67.62
N GLN Q 229 7.06 -50.46 66.63
CA GLN Q 229 8.12 -51.42 66.87
C GLN Q 229 9.26 -50.73 67.62
N TYR Q 230 9.48 -49.46 67.31
CA TYR Q 230 10.53 -48.71 67.99
C TYR Q 230 10.09 -48.39 69.41
N VAL Q 231 8.80 -48.12 69.57
CA VAL Q 231 8.22 -47.84 70.87
C VAL Q 231 8.48 -49.07 71.75
N THR Q 232 8.11 -50.23 71.22
CA THR Q 232 8.27 -51.51 71.92
C THR Q 232 9.71 -51.75 72.35
N GLN Q 233 10.65 -51.67 71.41
CA GLN Q 233 12.06 -51.91 71.71
C GLN Q 233 12.63 -50.90 72.71
N ILE Q 234 12.04 -49.71 72.76
CA ILE Q 234 12.52 -48.66 73.67
C ILE Q 234 12.05 -48.83 75.11
N GLU Q 235 10.81 -49.30 75.30
CA GLU Q 235 10.26 -49.48 76.64
C GLU Q 235 10.97 -50.61 77.40
N GLN Q 236 11.46 -51.59 76.66
CA GLN Q 236 12.17 -52.70 77.27
C GLN Q 236 13.52 -52.24 77.80
N GLU Q 237 14.20 -51.39 77.04
CA GLU Q 237 15.51 -50.88 77.45
C GLU Q 237 15.42 -50.30 78.87
N LYS Q 238 14.26 -49.72 79.18
CA LYS Q 238 14.00 -49.12 80.49
C LYS Q 238 13.81 -50.19 81.57
N GLN Q 239 12.88 -51.11 81.31
CA GLN Q 239 12.56 -52.18 82.25
C GLN Q 239 13.74 -53.11 82.49
N GLU Q 240 14.53 -53.38 81.45
CA GLU Q 240 15.70 -54.23 81.57
C GLU Q 240 16.74 -53.47 82.38
N GLN Q 241 16.25 -52.77 83.40
CA GLN Q 241 17.07 -51.96 84.29
C GLN Q 241 16.22 -51.58 85.51
N ASP R 1 -5.64 3.87 69.27
CA ASP R 1 -4.32 3.76 69.95
C ASP R 1 -3.52 5.06 69.74
N ARG R 2 -2.45 4.98 68.96
CA ARG R 2 -1.61 6.14 68.68
C ARG R 2 -0.74 5.89 67.45
N GLY R 3 -0.83 6.80 66.48
CA GLY R 3 -0.07 6.67 65.24
C GLY R 3 1.34 6.13 65.41
N VAL R 4 1.78 5.31 64.46
CA VAL R 4 3.12 4.74 64.53
C VAL R 4 4.18 5.78 64.25
N SER R 5 3.78 6.96 63.80
CA SER R 5 4.75 8.01 63.52
C SER R 5 4.37 9.28 64.28
N THR R 6 4.18 9.12 65.58
CA THR R 6 3.80 10.21 66.49
C THR R 6 5.01 10.72 67.27
N PHE R 7 4.99 12.01 67.59
CA PHE R 7 6.07 12.62 68.37
C PHE R 7 5.71 12.62 69.84
N SER R 8 6.72 12.40 70.69
CA SER R 8 6.52 12.44 72.13
C SER R 8 6.58 13.90 72.51
N PRO R 9 6.19 14.26 73.73
CA PRO R 9 6.26 15.68 74.08
C PRO R 9 7.69 16.20 74.07
N GLU R 10 8.67 15.29 74.02
CA GLU R 10 10.07 15.70 74.02
C GLU R 10 10.64 15.89 72.61
N GLY R 11 9.81 15.62 71.60
CA GLY R 11 10.27 15.78 70.24
C GLY R 11 10.95 14.54 69.69
N ARG R 12 10.53 13.39 70.19
CA ARG R 12 11.08 12.13 69.73
C ARG R 12 9.99 11.26 69.14
N LEU R 13 10.38 10.38 68.23
CA LEU R 13 9.44 9.47 67.60
C LEU R 13 9.36 8.18 68.40
N PHE R 14 8.29 8.02 69.16
CA PHE R 14 8.11 6.84 69.99
C PHE R 14 8.62 5.56 69.38
N GLN R 15 8.07 5.21 68.21
CA GLN R 15 8.48 3.98 67.55
C GLN R 15 9.97 3.84 67.39
N VAL R 16 10.66 4.91 67.01
CA VAL R 16 12.11 4.86 66.84
C VAL R 16 12.81 4.65 68.18
N GLU R 17 12.32 5.33 69.23
CA GLU R 17 12.90 5.20 70.55
C GLU R 17 12.77 3.79 71.07
N TYR R 18 11.58 3.20 70.92
CA TYR R 18 11.37 1.84 71.35
C TYR R 18 12.22 0.89 70.51
N SER R 19 12.42 1.28 69.26
CA SER R 19 13.21 0.51 68.32
C SER R 19 14.61 0.30 68.90
N LEU R 20 15.15 1.37 69.47
CA LEU R 20 16.47 1.33 70.06
C LEU R 20 16.52 0.42 71.29
N GLU R 21 15.43 0.34 72.03
CA GLU R 21 15.40 -0.53 73.20
C GLU R 21 15.62 -1.97 72.76
N ALA R 22 15.03 -2.33 71.63
CA ALA R 22 15.17 -3.68 71.09
C ALA R 22 16.62 -3.97 70.72
N ILE R 23 17.29 -2.96 70.16
CA ILE R 23 18.68 -3.12 69.76
C ILE R 23 19.60 -3.40 70.94
N LYS R 24 19.32 -2.80 72.09
CA LYS R 24 20.11 -3.01 73.29
C LYS R 24 20.12 -4.48 73.70
N LEU R 25 19.06 -5.20 73.36
CA LEU R 25 18.96 -6.61 73.72
C LEU R 25 19.70 -7.54 72.77
N GLY R 26 20.19 -7.00 71.66
CA GLY R 26 20.90 -7.83 70.68
C GLY R 26 22.33 -8.17 70.99
N SER R 27 22.87 -9.15 70.26
CA SER R 27 24.25 -9.61 70.43
C SER R 27 25.20 -8.45 70.21
N THR R 28 26.37 -8.51 70.83
CA THR R 28 27.33 -7.42 70.68
C THR R 28 28.08 -7.50 69.35
N ALA R 29 28.31 -6.33 68.76
CA ALA R 29 29.03 -6.22 67.50
C ALA R 29 30.03 -5.09 67.67
N ILE R 30 31.28 -5.31 67.27
CA ILE R 30 32.31 -4.27 67.42
C ILE R 30 33.07 -4.01 66.13
N GLY R 31 33.36 -2.75 65.89
CA GLY R 31 34.11 -2.36 64.71
C GLY R 31 35.23 -1.42 65.03
N ILE R 32 36.39 -1.65 64.44
CA ILE R 32 37.56 -0.81 64.64
C ILE R 32 38.20 -0.46 63.30
N ALA R 33 38.38 0.83 63.06
CA ALA R 33 38.97 1.30 61.82
C ALA R 33 40.42 1.74 62.00
N THR R 34 41.31 1.16 61.19
CA THR R 34 42.73 1.50 61.24
C THR R 34 43.15 1.84 59.81
N LYS R 35 44.27 2.54 59.65
CA LYS R 35 44.74 2.90 58.33
C LYS R 35 45.22 1.66 57.55
N GLU R 36 45.02 0.49 58.14
CA GLU R 36 45.41 -0.78 57.53
C GLU R 36 44.16 -1.62 57.24
N GLY R 37 42.99 -1.04 57.47
CA GLY R 37 41.75 -1.75 57.25
C GLY R 37 40.77 -1.58 58.38
N VAL R 38 39.62 -2.22 58.27
CA VAL R 38 38.61 -2.13 59.31
C VAL R 38 38.29 -3.53 59.75
N VAL R 39 38.17 -3.72 61.06
CA VAL R 39 37.85 -5.04 61.60
C VAL R 39 36.44 -4.99 62.16
N LEU R 40 35.69 -6.06 61.94
CA LEU R 40 34.33 -6.17 62.40
C LEU R 40 34.18 -7.50 63.13
N GLY R 41 33.71 -7.46 64.37
CA GLY R 41 33.54 -8.70 65.10
C GLY R 41 32.17 -8.77 65.73
N VAL R 42 31.65 -9.99 65.92
CA VAL R 42 30.35 -10.15 66.52
C VAL R 42 30.24 -11.31 67.50
N GLU R 43 29.23 -11.23 68.36
CA GLU R 43 28.94 -12.27 69.33
C GLU R 43 27.90 -13.19 68.70
N LYS R 44 28.29 -14.40 68.35
CA LYS R 44 27.36 -15.37 67.75
C LYS R 44 26.14 -15.56 68.67
N ARG R 45 26.41 -15.83 69.94
CA ARG R 45 25.37 -16.05 70.95
C ARG R 45 24.31 -17.09 70.59
N ALA R 46 24.72 -18.34 70.42
CA ALA R 46 23.77 -19.40 70.11
C ALA R 46 22.85 -19.57 71.32
N THR R 47 21.60 -19.92 71.08
CA THR R 47 20.64 -20.07 72.19
C THR R 47 20.61 -21.47 72.79
N SER R 48 21.24 -22.42 72.11
CA SER R 48 21.29 -23.81 72.57
C SER R 48 22.49 -24.54 71.96
N PRO R 49 23.09 -25.46 72.73
CA PRO R 49 24.25 -26.21 72.23
C PRO R 49 23.96 -27.01 70.96
N LEU R 50 22.69 -27.33 70.72
CA LEU R 50 22.31 -28.09 69.52
C LEU R 50 22.31 -27.25 68.25
N LEU R 51 22.30 -25.92 68.41
CA LEU R 51 22.29 -24.99 67.30
C LEU R 51 23.68 -24.92 66.66
N GLU R 52 23.75 -25.22 65.36
CA GLU R 52 25.02 -25.19 64.64
C GLU R 52 25.48 -23.75 64.46
N SER R 53 26.35 -23.32 65.36
CA SER R 53 26.88 -21.96 65.40
C SER R 53 27.35 -21.26 64.11
N ASP R 54 27.88 -21.98 63.14
CA ASP R 54 28.32 -21.28 61.93
C ASP R 54 27.19 -20.91 60.97
N SER R 55 25.97 -21.34 61.29
CA SER R 55 24.82 -20.99 60.47
C SER R 55 24.33 -19.63 60.97
N ILE R 56 25.00 -19.09 61.99
CA ILE R 56 24.66 -17.77 62.52
C ILE R 56 25.44 -16.79 61.68
N GLU R 57 24.72 -16.02 60.87
CA GLU R 57 25.33 -15.07 59.96
C GLU R 57 25.04 -13.63 60.36
N LYS R 58 25.90 -13.03 61.17
CA LYS R 58 25.70 -11.65 61.60
C LYS R 58 26.70 -10.66 61.01
N ILE R 59 27.57 -11.18 60.14
CA ILE R 59 28.55 -10.34 59.44
C ILE R 59 28.34 -10.72 57.97
N VAL R 60 28.01 -9.75 57.14
CA VAL R 60 27.77 -10.05 55.72
C VAL R 60 28.48 -9.10 54.78
N GLU R 61 28.72 -9.58 53.57
CA GLU R 61 29.36 -8.77 52.53
C GLU R 61 28.30 -7.97 51.77
N ILE R 62 28.60 -6.71 51.49
CA ILE R 62 27.69 -5.85 50.74
C ILE R 62 28.23 -5.79 49.31
N ASP R 63 29.54 -5.60 49.21
CA ASP R 63 30.24 -5.62 47.93
C ASP R 63 31.67 -6.03 48.28
N ARG R 64 32.57 -6.11 47.32
CA ARG R 64 33.91 -6.54 47.64
C ARG R 64 34.61 -5.56 48.58
N HIS R 65 34.18 -4.31 48.61
CA HIS R 65 34.81 -3.31 49.46
C HIS R 65 33.96 -2.83 50.64
N ILE R 66 32.82 -3.47 50.87
CA ILE R 66 31.95 -3.08 51.98
C ILE R 66 31.40 -4.30 52.68
N GLY R 67 31.46 -4.26 54.00
CA GLY R 67 30.95 -5.35 54.81
C GLY R 67 30.17 -4.74 55.94
N CYS R 68 29.32 -5.52 56.59
CA CYS R 68 28.57 -4.97 57.69
C CYS R 68 28.19 -6.02 58.75
N ALA R 69 28.10 -5.54 59.98
CA ALA R 69 27.74 -6.38 61.11
C ALA R 69 26.42 -5.82 61.64
N MET R 70 25.59 -6.70 62.18
CA MET R 70 24.30 -6.30 62.70
C MET R 70 24.10 -6.65 64.17
N SER R 71 23.15 -5.97 64.81
CA SER R 71 22.84 -6.21 66.21
C SER R 71 21.39 -5.84 66.49
N GLY R 72 20.66 -6.75 67.13
CA GLY R 72 19.25 -6.49 67.45
C GLY R 72 18.40 -7.54 66.78
N LEU R 73 17.24 -7.15 66.28
CA LEU R 73 16.37 -8.11 65.57
C LEU R 73 17.01 -8.36 64.21
N THR R 74 17.91 -9.35 64.14
CA THR R 74 18.63 -9.65 62.91
C THR R 74 17.80 -9.89 61.65
N ALA R 75 16.63 -10.52 61.79
CA ALA R 75 15.78 -10.79 60.64
C ALA R 75 15.43 -9.50 59.90
N ASP R 76 15.23 -8.42 60.66
CA ASP R 76 14.89 -7.12 60.07
C ASP R 76 16.00 -6.58 59.18
N ALA R 77 17.19 -7.17 59.27
CA ALA R 77 18.31 -6.69 58.49
C ALA R 77 18.45 -7.29 57.10
N ARG R 78 17.79 -8.41 56.84
CA ARG R 78 17.89 -9.06 55.54
C ARG R 78 17.56 -8.10 54.40
N SER R 79 16.42 -7.44 54.48
CA SER R 79 16.02 -6.51 53.43
C SER R 79 16.96 -5.31 53.33
N MET R 80 17.55 -4.92 54.46
CA MET R 80 18.49 -3.82 54.44
C MET R 80 19.74 -4.23 53.66
N ILE R 81 20.22 -5.44 53.93
CA ILE R 81 21.40 -6.00 53.26
C ILE R 81 21.09 -6.08 51.77
N GLU R 82 19.90 -6.62 51.47
CA GLU R 82 19.44 -6.76 50.09
C GLU R 82 19.44 -5.40 49.41
N HIS R 83 18.86 -4.40 50.07
CA HIS R 83 18.83 -3.07 49.51
C HIS R 83 20.25 -2.58 49.30
N ALA R 84 21.10 -2.78 50.31
CA ALA R 84 22.48 -2.34 50.26
C ALA R 84 23.25 -2.98 49.10
N ARG R 85 23.15 -4.29 48.97
CA ARG R 85 23.85 -5.00 47.89
C ARG R 85 23.43 -4.49 46.52
N THR R 86 22.12 -4.36 46.35
CA THR R 86 21.55 -3.88 45.12
C THR R 86 22.07 -2.47 44.83
N ALA R 87 22.01 -1.61 45.83
CA ALA R 87 22.47 -0.24 45.69
C ALA R 87 23.92 -0.16 45.22
N ALA R 88 24.76 -1.05 45.75
CA ALA R 88 26.17 -1.07 45.38
C ALA R 88 26.34 -1.58 43.94
N VAL R 89 25.70 -2.70 43.64
CA VAL R 89 25.79 -3.27 42.31
C VAL R 89 25.24 -2.30 41.29
N THR R 90 24.07 -1.71 41.59
CA THR R 90 23.45 -0.76 40.68
C THR R 90 24.36 0.42 40.43
N HIS R 91 24.93 0.98 41.49
CA HIS R 91 25.83 2.10 41.31
C HIS R 91 26.94 1.72 40.33
N ASN R 92 27.49 0.52 40.48
CA ASN R 92 28.55 0.09 39.61
C ASN R 92 28.08 -0.05 38.17
N LEU R 93 26.87 -0.54 37.99
CA LEU R 93 26.32 -0.69 36.65
C LEU R 93 26.16 0.68 35.98
N TYR R 94 25.62 1.64 36.71
CA TYR R 94 25.42 3.00 36.21
C TYR R 94 26.71 3.83 36.04
N TYR R 95 27.72 3.59 36.88
CA TYR R 95 28.93 4.40 36.79
C TYR R 95 30.26 3.70 36.57
N ASP R 96 30.24 2.39 36.41
CA ASP R 96 31.49 1.68 36.17
C ASP R 96 32.53 2.01 37.25
N GLU R 97 32.14 1.91 38.51
CA GLU R 97 33.04 2.22 39.61
C GLU R 97 32.43 1.71 40.91
N ASP R 98 33.19 1.83 42.00
CA ASP R 98 32.72 1.40 43.31
C ASP R 98 31.94 2.53 43.96
N ILE R 99 30.89 2.14 44.69
CA ILE R 99 30.08 3.13 45.38
C ILE R 99 30.84 3.56 46.64
N ASN R 100 30.79 4.83 46.97
CA ASN R 100 31.46 5.31 48.16
C ASN R 100 30.75 4.73 49.40
N VAL R 101 31.53 4.29 50.37
CA VAL R 101 30.97 3.72 51.61
C VAL R 101 29.91 4.61 52.25
N GLU R 102 30.19 5.91 52.32
CA GLU R 102 29.25 6.85 52.91
C GLU R 102 27.95 6.88 52.12
N SER R 103 28.06 6.85 50.79
CA SER R 103 26.88 6.88 49.93
C SER R 103 26.07 5.61 50.08
N LEU R 104 26.74 4.47 50.25
CA LEU R 104 26.06 3.21 50.44
C LEU R 104 25.31 3.25 51.76
N THR R 105 25.93 3.85 52.76
CA THR R 105 25.32 3.96 54.08
C THR R 105 24.11 4.88 54.02
N GLN R 106 24.25 6.02 53.35
CA GLN R 106 23.17 6.99 53.21
C GLN R 106 21.96 6.35 52.57
N SER R 107 22.20 5.50 51.58
CA SER R 107 21.12 4.80 50.87
C SER R 107 20.36 3.89 51.82
N VAL R 108 21.10 3.17 52.67
CA VAL R 108 20.50 2.27 53.64
C VAL R 108 19.68 3.06 54.65
N CYS R 109 20.24 4.15 55.14
CA CYS R 109 19.55 4.96 56.13
C CYS R 109 18.28 5.61 55.59
N ASP R 110 18.21 5.77 54.28
CA ASP R 110 17.04 6.37 53.67
C ASP R 110 15.81 5.49 53.89
N LEU R 111 16.01 4.19 54.08
CA LEU R 111 14.90 3.27 54.32
C LEU R 111 14.34 3.46 55.72
N ALA R 112 15.25 3.65 56.67
CA ALA R 112 14.91 3.82 58.07
C ALA R 112 13.55 4.40 58.44
N LEU R 113 13.31 5.66 58.08
CA LEU R 113 12.04 6.30 58.45
C LEU R 113 10.87 6.09 57.49
N ARG R 114 11.01 5.19 56.53
CA ARG R 114 9.94 4.90 55.59
C ARG R 114 8.90 3.98 56.23
N PHE R 115 8.26 4.45 57.30
CA PHE R 115 7.24 3.64 57.94
C PHE R 115 6.04 4.51 58.32
N GLY R 116 4.92 3.85 58.58
CA GLY R 116 3.72 4.57 58.95
C GLY R 116 2.48 3.92 58.35
N GLU R 117 1.33 4.59 58.46
CA GLU R 117 0.07 4.07 57.93
C GLU R 117 -0.45 4.93 56.76
N GLY R 118 0.31 5.96 56.40
CA GLY R 118 -0.09 6.84 55.31
C GLY R 118 0.42 8.26 55.50
N ALA R 119 1.72 8.38 55.82
CA ALA R 119 2.36 9.68 56.04
C ALA R 119 2.46 10.50 54.75
N SER R 120 2.03 11.76 54.82
CA SER R 120 2.04 12.68 53.66
C SER R 120 3.47 13.09 53.24
N GLY R 121 4.19 12.17 52.58
CA GLY R 121 5.55 12.46 52.14
C GLY R 121 5.96 11.66 50.92
N GLU R 122 5.33 10.51 50.73
CA GLU R 122 5.60 9.60 49.59
C GLU R 122 4.71 8.36 49.75
N GLU R 123 5.33 7.17 49.75
CA GLU R 123 4.57 5.93 49.92
C GLU R 123 5.29 4.98 50.89
N ARG R 124 5.62 5.50 52.07
CA ARG R 124 6.30 4.73 53.12
C ARG R 124 5.43 3.59 53.63
N LEU R 125 5.55 2.46 52.94
CA LEU R 125 4.79 1.28 53.29
C LEU R 125 5.68 0.32 54.07
N MET R 126 5.63 0.44 55.39
CA MET R 126 6.37 -0.41 56.33
C MET R 126 5.74 -0.06 57.66
N SER R 127 5.16 -1.05 58.33
CA SER R 127 4.45 -0.80 59.58
C SER R 127 5.24 -0.29 60.79
N ARG R 128 6.55 -0.52 60.80
CA ARG R 128 7.35 -0.10 61.94
C ARG R 128 8.79 0.13 61.56
N PRO R 129 9.56 0.79 62.43
CA PRO R 129 10.96 1.03 62.12
C PRO R 129 11.68 -0.33 62.15
N PHE R 130 12.96 -0.35 61.77
CA PHE R 130 13.74 -1.59 61.82
C PHE R 130 14.18 -1.79 63.27
N GLY R 131 14.26 -3.04 63.69
CA GLY R 131 14.69 -3.31 65.06
C GLY R 131 16.13 -3.77 65.11
N VAL R 132 16.98 -3.15 64.29
CA VAL R 132 18.38 -3.54 64.24
C VAL R 132 19.28 -2.39 63.82
N ALA R 133 20.50 -2.40 64.35
CA ALA R 133 21.47 -1.37 64.03
C ALA R 133 22.55 -2.05 63.19
N LEU R 134 23.25 -1.27 62.37
CA LEU R 134 24.28 -1.81 61.52
C LEU R 134 25.62 -1.09 61.59
N LEU R 135 26.69 -1.88 61.52
CA LEU R 135 28.03 -1.32 61.50
C LEU R 135 28.44 -1.58 60.06
N ILE R 136 28.63 -0.52 59.30
CA ILE R 136 29.02 -0.63 57.91
C ILE R 136 30.47 -0.21 57.75
N ALA R 137 31.31 -1.16 57.38
CA ALA R 137 32.74 -0.90 57.21
C ALA R 137 33.23 -1.17 55.78
N GLY R 138 33.95 -0.22 55.21
CA GLY R 138 34.44 -0.43 53.86
C GLY R 138 35.60 0.47 53.51
N HIS R 139 35.92 0.51 52.21
CA HIS R 139 37.01 1.34 51.73
C HIS R 139 36.73 1.92 50.35
N ASP R 140 37.20 3.14 50.14
CA ASP R 140 37.06 3.80 48.85
C ASP R 140 38.20 4.81 48.67
N ALA R 141 38.50 5.15 47.42
CA ALA R 141 39.58 6.08 47.12
C ALA R 141 39.52 7.44 47.81
N ASP R 142 38.36 8.08 47.79
CA ASP R 142 38.23 9.41 48.38
C ASP R 142 38.40 9.55 49.90
N ASP R 143 37.97 8.55 50.67
CA ASP R 143 38.06 8.62 52.13
C ASP R 143 38.66 7.41 52.83
N GLY R 144 39.28 6.52 52.05
CA GLY R 144 39.90 5.34 52.62
C GLY R 144 39.00 4.48 53.49
N TYR R 145 39.61 3.84 54.50
CA TYR R 145 38.88 2.98 55.42
C TYR R 145 37.87 3.72 56.27
N GLN R 146 36.67 3.14 56.36
CA GLN R 146 35.59 3.76 57.10
C GLN R 146 34.69 2.81 57.85
N LEU R 147 34.16 3.30 58.97
CA LEU R 147 33.24 2.55 59.81
C LEU R 147 32.04 3.48 60.10
N PHE R 148 30.84 2.96 59.84
CA PHE R 148 29.63 3.73 60.06
C PHE R 148 28.66 2.98 60.95
N HIS R 149 27.81 3.73 61.65
CA HIS R 149 26.81 3.15 62.52
C HIS R 149 25.49 3.66 61.99
N ALA R 150 24.69 2.75 61.45
CA ALA R 150 23.39 3.11 60.90
C ALA R 150 22.28 2.66 61.83
N GLU R 151 21.50 3.61 62.33
CA GLU R 151 20.42 3.28 63.26
C GLU R 151 19.04 3.41 62.60
N PRO R 152 18.01 2.83 63.23
CA PRO R 152 16.63 2.87 62.75
C PRO R 152 16.04 4.29 62.77
N SER R 153 16.84 5.24 63.23
CA SER R 153 16.43 6.62 63.31
C SER R 153 16.66 7.29 61.97
N GLY R 154 17.49 6.66 61.14
CA GLY R 154 17.79 7.21 59.84
C GLY R 154 19.13 7.90 59.84
N THR R 155 19.59 8.29 61.02
CA THR R 155 20.87 8.96 61.14
C THR R 155 22.00 7.92 61.22
N PHE R 156 23.17 8.31 60.74
CA PHE R 156 24.33 7.44 60.77
C PHE R 156 25.55 8.30 61.10
N TYR R 157 26.47 7.71 61.84
CA TYR R 157 27.68 8.39 62.27
C TYR R 157 28.89 7.62 61.82
N ARG R 158 29.98 8.34 61.61
CA ARG R 158 31.23 7.70 61.24
C ARG R 158 32.00 7.55 62.57
N TYR R 159 32.54 6.37 62.81
CA TYR R 159 33.31 6.08 64.03
C TYR R 159 34.70 5.54 63.73
N ASN R 160 35.63 5.74 64.66
CA ASN R 160 36.97 5.21 64.52
C ASN R 160 36.87 3.82 65.13
N ALA R 161 35.92 3.68 66.04
CA ALA R 161 35.64 2.41 66.70
C ALA R 161 34.23 2.52 67.26
N LYS R 162 33.53 1.40 67.30
CA LYS R 162 32.16 1.44 67.80
C LYS R 162 31.64 0.07 68.19
N ALA R 163 30.85 0.07 69.25
CA ALA R 163 30.24 -1.15 69.77
C ALA R 163 28.74 -0.93 69.89
N ILE R 164 27.97 -1.89 69.40
CA ILE R 164 26.53 -1.80 69.46
C ILE R 164 26.03 -3.10 70.04
N GLY R 165 24.89 -3.06 70.72
CA GLY R 165 24.35 -4.26 71.33
C GLY R 165 24.32 -4.21 72.84
N SER R 166 24.08 -5.37 73.45
CA SER R 166 24.00 -5.46 74.91
C SER R 166 25.26 -4.97 75.64
N GLY R 167 26.44 -5.27 75.08
CA GLY R 167 27.66 -4.83 75.75
C GLY R 167 28.21 -3.49 75.29
N SER R 168 27.43 -2.74 74.51
CA SER R 168 27.89 -1.45 73.98
C SER R 168 28.47 -0.38 74.94
N GLU R 169 27.74 0.03 75.97
CA GLU R 169 28.25 1.05 76.89
C GLU R 169 29.58 0.60 77.50
N GLY R 170 29.59 -0.64 77.98
CA GLY R 170 30.81 -1.18 78.56
C GLY R 170 31.92 -1.20 77.52
N ALA R 171 31.66 -1.88 76.40
CA ALA R 171 32.63 -1.99 75.33
C ALA R 171 33.05 -0.66 74.70
N GLN R 172 32.12 0.30 74.63
CA GLN R 172 32.44 1.60 74.04
C GLN R 172 33.46 2.32 74.92
N ALA R 173 33.26 2.23 76.22
CA ALA R 173 34.16 2.86 77.18
C ALA R 173 35.57 2.31 76.97
N GLU R 174 35.65 1.00 76.79
CA GLU R 174 36.92 0.32 76.58
C GLU R 174 37.60 0.87 75.34
N LEU R 175 36.89 0.83 74.22
CA LEU R 175 37.40 1.33 72.94
C LEU R 175 37.92 2.76 73.05
N LEU R 176 37.32 3.53 73.94
CA LEU R 176 37.71 4.91 74.15
C LEU R 176 39.19 5.03 74.52
N ASN R 177 39.62 4.16 75.43
CA ASN R 177 41.01 4.17 75.90
C ASN R 177 41.94 3.41 74.98
N GLU R 178 41.44 2.32 74.41
CA GLU R 178 42.24 1.47 73.55
C GLU R 178 42.53 1.99 72.13
N TRP R 179 41.67 2.84 71.60
CA TRP R 179 41.86 3.33 70.24
C TRP R 179 42.82 4.49 70.05
N HIS R 180 43.64 4.40 69.01
CA HIS R 180 44.58 5.45 68.64
C HIS R 180 44.85 5.35 67.13
N SER R 181 45.08 6.50 66.52
CA SER R 181 45.30 6.61 65.07
C SER R 181 46.35 5.71 64.42
N SER R 182 47.22 5.09 65.22
CA SER R 182 48.27 4.26 64.66
C SER R 182 48.09 2.76 64.84
N LEU R 183 46.90 2.32 65.23
CA LEU R 183 46.65 0.90 65.41
C LEU R 183 46.96 0.15 64.12
N THR R 184 47.23 -1.15 64.24
CA THR R 184 47.52 -1.95 63.06
C THR R 184 46.36 -2.93 62.93
N LEU R 185 46.20 -3.51 61.75
CA LEU R 185 45.10 -4.46 61.55
C LEU R 185 45.22 -5.56 62.60
N LYS R 186 46.46 -6.00 62.85
CA LYS R 186 46.73 -7.05 63.83
C LYS R 186 46.26 -6.63 65.23
N GLU R 187 46.67 -5.46 65.67
CA GLU R 187 46.29 -4.95 66.98
C GLU R 187 44.78 -4.88 67.08
N ALA R 188 44.15 -4.19 66.13
CA ALA R 188 42.70 -4.03 66.09
C ALA R 188 41.95 -5.37 66.22
N GLU R 189 42.45 -6.42 65.57
CA GLU R 189 41.80 -7.73 65.64
C GLU R 189 41.77 -8.23 67.08
N LEU R 190 42.93 -8.18 67.74
CA LEU R 190 43.04 -8.62 69.13
C LEU R 190 42.16 -7.74 70.00
N LEU R 191 42.24 -6.44 69.77
CA LEU R 191 41.47 -5.48 70.53
C LEU R 191 39.97 -5.76 70.46
N VAL R 192 39.48 -6.09 69.28
CA VAL R 192 38.07 -6.41 69.09
C VAL R 192 37.78 -7.74 69.78
N LEU R 193 38.68 -8.69 69.58
CA LEU R 193 38.56 -10.02 70.16
C LEU R 193 38.56 -9.95 71.70
N LYS R 194 39.38 -9.04 72.22
CA LYS R 194 39.49 -8.84 73.66
C LYS R 194 38.21 -8.26 74.23
N ILE R 195 37.84 -7.06 73.77
CA ILE R 195 36.63 -6.40 74.24
C ILE R 195 35.39 -7.29 74.14
N LEU R 196 35.33 -8.17 73.14
CA LEU R 196 34.18 -9.05 73.01
C LEU R 196 34.17 -9.99 74.19
N LYS R 197 35.36 -10.47 74.53
CA LYS R 197 35.54 -11.40 75.64
C LYS R 197 35.06 -10.82 76.97
N GLN R 198 35.30 -9.52 77.18
CA GLN R 198 34.88 -8.86 78.42
C GLN R 198 33.37 -8.71 78.57
N VAL R 199 32.69 -8.40 77.47
CA VAL R 199 31.24 -8.20 77.51
C VAL R 199 30.38 -9.43 77.26
N MET R 200 30.96 -10.47 76.66
CA MET R 200 30.20 -11.69 76.38
C MET R 200 29.92 -12.47 77.65
N GLU R 201 28.71 -13.03 77.74
CA GLU R 201 28.35 -13.84 78.90
C GLU R 201 29.17 -15.12 78.82
N GLU R 202 29.32 -15.66 77.62
CA GLU R 202 30.06 -16.89 77.38
C GLU R 202 31.55 -16.70 77.26
N LYS R 203 32.29 -17.80 77.42
CA LYS R 203 33.73 -17.75 77.32
C LYS R 203 34.04 -17.73 75.83
N LEU R 204 34.42 -16.57 75.32
CA LEU R 204 34.73 -16.38 73.92
C LEU R 204 35.65 -17.44 73.33
N ASP R 205 35.22 -18.04 72.23
CA ASP R 205 36.01 -19.04 71.52
C ASP R 205 35.65 -18.94 70.03
N GLU R 206 36.41 -19.60 69.17
CA GLU R 206 36.15 -19.52 67.73
C GLU R 206 34.80 -20.07 67.28
N ASN R 207 33.93 -20.39 68.23
CA ASN R 207 32.61 -20.91 67.88
C ASN R 207 31.44 -20.01 68.25
N ASN R 208 31.63 -19.13 69.23
CA ASN R 208 30.56 -18.24 69.61
C ASN R 208 30.95 -16.78 69.34
N ALA R 209 31.97 -16.60 68.52
CA ALA R 209 32.43 -15.29 68.14
C ALA R 209 32.97 -15.40 66.73
N GLN R 210 32.95 -14.29 66.00
CA GLN R 210 33.42 -14.28 64.63
C GLN R 210 34.00 -12.93 64.26
N LEU R 211 35.13 -12.97 63.56
CA LEU R 211 35.82 -11.77 63.12
C LEU R 211 35.76 -11.62 61.61
N SER R 212 36.19 -10.45 61.14
CA SER R 212 36.22 -10.17 59.73
C SER R 212 36.92 -8.84 59.53
N CYS R 213 37.31 -8.57 58.31
CA CYS R 213 37.97 -7.32 57.99
C CYS R 213 37.78 -6.99 56.51
N ILE R 214 38.10 -5.75 56.19
CA ILE R 214 38.02 -5.27 54.82
C ILE R 214 39.31 -4.50 54.58
N THR R 215 40.02 -4.89 53.53
CA THR R 215 41.28 -4.24 53.15
C THR R 215 41.22 -3.91 51.68
N LYS R 216 41.84 -2.79 51.31
CA LYS R 216 41.89 -2.35 49.93
C LYS R 216 42.48 -3.45 49.05
N GLN R 217 43.36 -4.27 49.63
CA GLN R 217 44.00 -5.31 48.85
C GLN R 217 43.17 -6.56 48.57
N ASP R 218 42.57 -7.15 49.58
CA ASP R 218 41.79 -8.37 49.33
C ASP R 218 40.29 -8.24 49.55
N GLY R 219 39.83 -7.01 49.74
CA GLY R 219 38.42 -6.79 49.95
C GLY R 219 37.92 -7.26 51.30
N PHE R 220 36.62 -7.55 51.37
CA PHE R 220 36.00 -8.00 52.60
C PHE R 220 36.09 -9.52 52.73
N LYS R 221 36.61 -9.96 53.87
CA LYS R 221 36.76 -11.37 54.16
C LYS R 221 36.23 -11.70 55.55
N ILE R 222 35.67 -12.89 55.70
CA ILE R 222 35.17 -13.35 56.97
C ILE R 222 36.12 -14.44 57.47
N TYR R 223 36.86 -14.15 58.55
CA TYR R 223 37.81 -15.11 59.12
C TYR R 223 37.15 -16.42 59.49
N ASP R 224 37.68 -17.53 58.98
CA ASP R 224 37.13 -18.85 59.30
C ASP R 224 37.58 -19.18 60.71
N ASN R 225 36.88 -20.11 61.34
CA ASN R 225 37.19 -20.49 62.72
C ASN R 225 38.67 -20.70 63.03
N GLU R 226 39.34 -21.53 62.23
CA GLU R 226 40.76 -21.80 62.44
C GLU R 226 41.57 -20.52 62.61
N LYS R 227 41.50 -19.65 61.60
CA LYS R 227 42.24 -18.39 61.63
C LYS R 227 41.98 -17.57 62.90
N THR R 228 40.75 -17.64 63.40
CA THR R 228 40.39 -16.88 64.60
C THR R 228 40.79 -17.59 65.87
N ALA R 229 40.66 -18.91 65.89
CA ALA R 229 41.03 -19.69 67.06
C ALA R 229 42.43 -19.29 67.48
N GLU R 230 43.29 -19.05 66.49
CA GLU R 230 44.67 -18.66 66.74
C GLU R 230 44.77 -17.24 67.26
N LEU R 231 44.04 -16.32 66.65
CA LEU R 231 44.08 -14.93 67.11
C LEU R 231 43.62 -14.87 68.55
N ILE R 232 42.81 -15.84 68.96
CA ILE R 232 42.31 -15.92 70.33
C ILE R 232 43.48 -16.36 71.21
N LYS R 233 44.12 -17.46 70.82
CA LYS R 233 45.28 -18.01 71.53
C LYS R 233 46.31 -16.90 71.72
N GLU R 234 46.67 -16.26 70.61
CA GLU R 234 47.63 -15.17 70.62
C GLU R 234 47.22 -14.06 71.59
N LEU R 235 45.92 -13.94 71.87
CA LEU R 235 45.44 -12.92 72.78
C LEU R 235 45.67 -13.39 74.21
N LYS R 236 45.21 -14.60 74.52
CA LYS R 236 45.36 -15.18 75.84
C LYS R 236 46.80 -15.07 76.32
N GLU R 237 47.73 -15.23 75.38
CA GLU R 237 49.16 -15.16 75.66
C GLU R 237 49.62 -13.74 75.96
N LYS R 238 49.27 -12.79 75.11
CA LYS R 238 49.70 -11.42 75.32
C LYS R 238 49.09 -10.80 76.59
N GLU R 239 47.91 -11.28 76.98
CA GLU R 239 47.26 -10.78 78.20
C GLU R 239 47.96 -11.40 79.41
N ALA R 240 48.29 -12.69 79.30
CA ALA R 240 48.97 -13.41 80.38
C ALA R 240 50.44 -12.99 80.51
N ALA R 241 50.93 -12.17 79.59
CA ALA R 241 52.31 -11.70 79.60
C ALA R 241 52.38 -10.35 80.34
N GLU R 242 51.52 -10.23 81.35
CA GLU R 242 51.39 -9.04 82.21
C GLU R 242 49.92 -8.70 82.42
N PHE S 1 -5.93 17.01 79.80
CA PHE S 1 -5.87 18.00 78.69
C PHE S 1 -4.98 17.46 77.55
N ARG S 2 -3.94 18.22 77.21
CA ARG S 2 -2.99 17.91 76.15
C ARG S 2 -2.91 16.45 75.74
N ASN S 3 -2.81 15.56 76.72
CA ASN S 3 -2.73 14.14 76.47
C ASN S 3 -3.85 13.60 75.55
N ASN S 4 -4.98 14.29 75.54
CA ASN S 4 -6.11 13.87 74.72
C ASN S 4 -6.15 14.53 73.34
N TYR S 5 -5.26 15.47 73.08
CA TYR S 5 -5.27 16.18 71.80
C TYR S 5 -3.91 16.20 71.11
N ASP S 6 -3.02 15.29 71.48
CA ASP S 6 -1.68 15.26 70.88
C ASP S 6 -1.35 13.91 70.25
N GLY S 7 -2.36 13.08 70.03
CA GLY S 7 -2.12 11.78 69.46
C GLY S 7 -1.91 11.78 67.95
N ASP S 8 -2.12 12.93 67.33
CA ASP S 8 -1.96 13.08 65.87
C ASP S 8 -2.09 14.53 65.43
N THR S 9 -1.60 14.83 64.23
CA THR S 9 -1.64 16.18 63.70
C THR S 9 -3.02 16.68 63.33
N VAL S 10 -3.92 15.76 63.04
CA VAL S 10 -5.26 16.14 62.61
C VAL S 10 -6.18 16.61 63.75
N THR S 11 -5.63 16.79 64.95
CA THR S 11 -6.47 17.20 66.08
C THR S 11 -6.11 18.54 66.71
N PHE S 12 -7.11 19.41 66.84
CA PHE S 12 -6.93 20.73 67.45
C PHE S 12 -7.22 20.60 68.95
N SER S 13 -6.51 21.35 69.78
CA SER S 13 -6.78 21.28 71.21
C SER S 13 -7.89 22.29 71.47
N PRO S 14 -8.48 22.29 72.66
CA PRO S 14 -9.55 23.25 72.96
C PRO S 14 -9.12 24.70 72.84
N THR S 15 -7.83 24.96 73.08
CA THR S 15 -7.31 26.33 72.97
C THR S 15 -6.95 26.70 71.53
N GLY S 16 -6.99 25.71 70.64
CA GLY S 16 -6.70 25.95 69.24
C GLY S 16 -5.25 25.65 68.88
N ARG S 17 -4.62 24.81 69.68
CA ARG S 17 -3.22 24.44 69.46
C ARG S 17 -3.08 23.10 68.76
N LEU S 18 -1.94 22.94 68.09
CA LEU S 18 -1.60 21.72 67.38
C LEU S 18 -0.36 21.14 68.07
N PHE S 19 -0.61 20.30 69.07
CA PHE S 19 0.47 19.70 69.87
C PHE S 19 1.51 18.88 69.13
N GLN S 20 1.08 18.04 68.20
CA GLN S 20 2.04 17.24 67.45
C GLN S 20 3.06 18.14 66.77
N VAL S 21 2.60 19.30 66.31
CA VAL S 21 3.49 20.26 65.66
C VAL S 21 4.42 20.89 66.68
N GLU S 22 3.89 21.16 67.86
CA GLU S 22 4.67 21.75 68.94
C GLU S 22 5.73 20.77 69.42
N TYR S 23 5.38 19.49 69.46
CA TYR S 23 6.33 18.47 69.89
C TYR S 23 7.43 18.38 68.85
N ALA S 24 7.09 18.71 67.61
CA ALA S 24 8.07 18.67 66.54
C ALA S 24 9.03 19.85 66.74
N LEU S 25 8.46 21.01 67.06
CA LEU S 25 9.24 22.22 67.30
C LEU S 25 10.23 21.97 68.42
N GLU S 26 9.86 21.08 69.33
CA GLU S 26 10.71 20.75 70.46
C GLU S 26 11.98 20.01 70.03
N ALA S 27 11.86 19.16 69.02
CA ALA S 27 13.02 18.41 68.55
C ALA S 27 14.08 19.38 68.04
N ILE S 28 13.63 20.54 67.57
CA ILE S 28 14.54 21.56 67.07
C ILE S 28 15.34 22.11 68.22
N LYS S 29 14.62 22.62 69.23
CA LYS S 29 15.25 23.20 70.42
C LYS S 29 16.30 22.27 71.01
N GLN S 30 15.99 20.99 71.04
CA GLN S 30 16.90 19.98 71.58
C GLN S 30 18.11 19.78 70.66
N GLY S 31 18.05 20.39 69.48
CA GLY S 31 19.14 20.26 68.52
C GLY S 31 20.29 21.22 68.73
N SER S 32 21.40 20.94 68.07
CA SER S 32 22.59 21.78 68.17
C SER S 32 22.26 23.20 67.69
N VAL S 33 23.10 24.16 68.03
CA VAL S 33 22.84 25.53 67.62
C VAL S 33 23.48 25.88 66.27
N THR S 34 22.82 26.78 65.56
CA THR S 34 23.28 27.24 64.26
C THR S 34 22.84 28.69 64.12
N VAL S 35 23.64 29.46 63.39
CA VAL S 35 23.36 30.88 63.19
C VAL S 35 23.40 31.28 61.72
N GLY S 36 22.64 32.33 61.39
CA GLY S 36 22.61 32.84 60.05
C GLY S 36 22.51 34.36 60.08
N LEU S 37 23.23 35.00 59.17
CA LEU S 37 23.22 36.46 59.09
C LEU S 37 23.71 36.86 57.70
N ARG S 38 23.30 38.03 57.25
CA ARG S 38 23.68 38.48 55.92
C ARG S 38 23.97 39.98 55.88
N SER S 39 24.81 40.38 54.93
CA SER S 39 25.09 41.80 54.72
C SER S 39 24.20 42.13 53.51
N ASN S 40 24.71 42.89 52.55
CA ASN S 40 23.92 43.19 51.36
C ASN S 40 24.61 42.55 50.18
N THR S 41 25.77 41.97 50.44
CA THR S 41 26.56 41.32 49.41
C THR S 41 26.76 39.84 49.70
N HIS S 42 26.71 39.46 50.99
CA HIS S 42 26.89 38.06 51.37
C HIS S 42 25.90 37.58 52.43
N ALA S 43 25.86 36.27 52.60
CA ALA S 43 25.00 35.62 53.57
C ALA S 43 25.85 34.51 54.15
N VAL S 44 25.85 34.40 55.47
CA VAL S 44 26.68 33.39 56.11
C VAL S 44 25.93 32.47 57.04
N LEU S 45 26.36 31.22 57.04
CA LEU S 45 25.79 30.20 57.90
C LEU S 45 26.91 29.68 58.79
N VAL S 46 26.66 29.66 60.10
CA VAL S 46 27.64 29.15 61.05
C VAL S 46 26.85 28.17 61.87
N ALA S 47 27.38 26.97 62.03
CA ALA S 47 26.68 25.98 62.83
C ALA S 47 27.64 25.16 63.66
N LEU S 48 27.17 24.77 64.85
CA LEU S 48 27.97 23.97 65.77
C LEU S 48 27.67 22.50 65.49
N LYS S 49 28.67 21.73 65.09
CA LYS S 49 28.45 20.32 64.82
C LYS S 49 28.56 19.49 66.11
N ARG S 50 27.63 18.55 66.27
CA ARG S 50 27.61 17.71 67.46
C ARG S 50 28.10 16.31 67.13
N ASN S 51 28.73 15.64 68.10
CA ASN S 51 29.24 14.29 67.90
C ASN S 51 28.65 13.37 68.97
N ALA S 52 28.72 12.05 68.72
CA ALA S 52 28.19 11.07 69.68
C ALA S 52 29.23 10.75 70.76
N ASP S 53 30.32 10.10 70.35
CA ASP S 53 31.42 9.73 71.24
C ASP S 53 32.62 10.53 70.80
N GLU S 54 33.77 10.21 71.37
CA GLU S 54 34.98 10.90 70.97
C GLU S 54 35.55 10.08 69.84
N LEU S 55 34.86 8.99 69.53
CA LEU S 55 35.27 8.12 68.45
C LEU S 55 34.38 8.31 67.22
N SER S 56 33.39 9.20 67.34
CA SER S 56 32.46 9.48 66.25
C SER S 56 32.76 10.81 65.57
N SER S 57 32.15 11.01 64.41
CA SER S 57 32.33 12.24 63.64
C SER S 57 31.31 13.27 64.11
N TYR S 58 31.41 14.48 63.58
CA TYR S 58 30.47 15.55 63.93
C TYR S 58 29.47 15.72 62.79
N GLN S 59 28.29 15.13 62.96
CA GLN S 59 27.23 15.20 61.97
C GLN S 59 27.09 16.57 61.31
N LYS S 60 27.17 16.59 59.98
CA LYS S 60 27.07 17.84 59.23
C LYS S 60 25.75 18.55 59.48
N LYS S 61 25.76 19.87 59.35
CA LYS S 61 24.56 20.65 59.60
C LYS S 61 24.25 21.60 58.44
N ILE S 62 25.10 21.57 57.43
CA ILE S 62 24.92 22.44 56.27
C ILE S 62 24.81 21.67 54.97
N ILE S 63 23.80 22.05 54.17
CA ILE S 63 23.57 21.40 52.89
C ILE S 63 23.38 22.42 51.76
N LYS S 64 24.03 22.15 50.64
CA LYS S 64 23.96 23.00 49.45
C LYS S 64 22.74 22.57 48.62
N CYS S 65 21.98 23.55 48.11
CA CYS S 65 20.79 23.25 47.33
C CYS S 65 21.00 23.57 45.86
N ASP S 66 21.79 24.58 45.60
CA ASP S 66 22.13 24.98 44.24
C ASP S 66 23.38 25.85 44.39
N GLU S 67 23.85 26.45 43.31
CA GLU S 67 25.03 27.28 43.37
C GLU S 67 24.81 28.57 44.14
N HIS S 68 23.55 28.99 44.23
CA HIS S 68 23.20 30.22 44.91
C HIS S 68 22.39 30.00 46.19
N MET S 69 22.20 28.75 46.61
CA MET S 69 21.38 28.52 47.80
C MET S 69 21.85 27.36 48.67
N GLY S 70 21.53 27.44 49.96
CA GLY S 70 21.93 26.42 50.89
C GLY S 70 21.27 26.65 52.23
N LEU S 71 21.44 25.71 53.14
CA LEU S 71 20.81 25.83 54.44
C LEU S 71 21.54 25.07 55.55
N SER S 72 21.15 25.39 56.78
CA SER S 72 21.68 24.74 57.98
C SER S 72 20.47 24.15 58.67
N LEU S 73 20.66 23.00 59.33
CA LEU S 73 19.58 22.29 60.00
C LEU S 73 19.71 22.25 61.51
N ALA S 74 18.59 21.95 62.16
CA ALA S 74 18.51 21.83 63.62
C ALA S 74 17.36 20.89 63.93
N GLY S 75 17.67 19.68 64.40
CA GLY S 75 16.63 18.72 64.73
C GLY S 75 16.87 17.38 64.05
N LEU S 76 15.80 16.76 63.56
CA LEU S 76 15.91 15.48 62.87
C LEU S 76 16.67 15.62 61.55
N ALA S 77 17.84 15.01 61.49
CA ALA S 77 18.69 15.07 60.29
C ALA S 77 17.97 14.55 59.05
N PRO S 78 17.36 13.36 59.14
CA PRO S 78 16.64 12.78 58.00
C PRO S 78 15.63 13.73 57.38
N ASP S 79 14.88 14.44 58.21
CA ASP S 79 13.89 15.37 57.69
C ASP S 79 14.53 16.54 56.93
N ALA S 80 15.76 16.88 57.30
CA ALA S 80 16.47 17.96 56.63
C ALA S 80 16.91 17.46 55.27
N ARG S 81 17.27 16.17 55.22
CA ARG S 81 17.70 15.56 53.98
C ARG S 81 16.51 15.58 53.01
N VAL S 82 15.33 15.22 53.51
CA VAL S 82 14.13 15.22 52.70
C VAL S 82 13.76 16.63 52.21
N LEU S 83 13.76 17.59 53.13
CA LEU S 83 13.42 18.97 52.78
C LEU S 83 14.45 19.66 51.87
N SER S 84 15.73 19.39 52.12
CA SER S 84 16.79 19.99 51.33
C SER S 84 16.75 19.38 49.94
N ASN S 85 16.43 18.10 49.90
CA ASN S 85 16.37 17.41 48.63
C ASN S 85 15.25 17.96 47.77
N TYR S 86 14.12 18.25 48.40
CA TYR S 86 12.98 18.79 47.69
C TYR S 86 13.34 20.17 47.18
N LEU S 87 14.15 20.88 47.96
CA LEU S 87 14.58 22.22 47.60
C LEU S 87 15.57 22.14 46.45
N ARG S 88 16.40 21.11 46.45
CA ARG S 88 17.37 20.91 45.38
C ARG S 88 16.64 20.74 44.04
N GLN S 89 15.54 20.00 44.05
CA GLN S 89 14.74 19.76 42.85
C GLN S 89 14.07 21.04 42.38
N GLN S 90 13.39 21.74 43.27
CA GLN S 90 12.74 22.98 42.90
C GLN S 90 13.71 23.93 42.22
N CYS S 91 14.93 24.01 42.75
CA CYS S 91 15.96 24.88 42.17
C CYS S 91 16.30 24.37 40.77
N ASN S 92 16.51 23.07 40.69
CA ASN S 92 16.85 22.39 39.45
C ASN S 92 15.76 22.63 38.41
N TYR S 93 14.52 22.44 38.83
CA TYR S 93 13.37 22.62 37.95
C TYR S 93 13.31 24.03 37.41
N SER S 94 13.61 25.00 38.26
CA SER S 94 13.58 26.40 37.87
C SER S 94 14.62 26.70 36.79
N SER S 95 15.75 26.01 36.86
CA SER S 95 16.80 26.21 35.87
C SER S 95 16.52 25.51 34.57
N LEU S 96 16.19 24.23 34.65
CA LEU S 96 15.92 23.46 33.47
C LEU S 96 14.73 23.99 32.68
N VAL S 97 13.61 24.27 33.35
CA VAL S 97 12.44 24.74 32.64
C VAL S 97 12.46 26.22 32.25
N PHE S 98 12.78 27.09 33.19
CA PHE S 98 12.78 28.52 32.88
C PHE S 98 14.15 29.14 32.73
N ASN S 99 15.20 28.34 32.97
CA ASN S 99 16.57 28.84 32.86
C ASN S 99 16.67 30.07 33.76
N ARG S 100 16.16 29.91 34.97
CA ARG S 100 16.09 30.99 35.94
C ARG S 100 16.53 30.45 37.30
N LYS S 101 17.30 31.23 38.04
CA LYS S 101 17.71 30.77 39.35
C LYS S 101 16.52 31.04 40.27
N LEU S 102 16.25 30.09 41.16
CA LEU S 102 15.11 30.22 42.06
C LEU S 102 15.30 31.28 43.15
N ALA S 103 14.34 32.19 43.26
CA ALA S 103 14.39 33.25 44.25
C ALA S 103 14.26 32.63 45.64
N VAL S 104 15.14 33.06 46.55
CA VAL S 104 15.13 32.57 47.92
C VAL S 104 13.75 32.73 48.54
N GLU S 105 13.08 33.83 48.24
CA GLU S 105 11.76 34.06 48.81
C GLU S 105 10.81 32.96 48.36
N ARG S 106 10.94 32.58 47.10
CA ARG S 106 10.09 31.55 46.52
C ARG S 106 10.43 30.16 47.09
N ALA S 107 11.70 29.94 47.39
CA ALA S 107 12.12 28.65 47.96
C ALA S 107 11.50 28.53 49.34
N GLY S 108 11.32 29.67 50.00
CA GLY S 108 10.72 29.67 51.32
C GLY S 108 9.26 29.30 51.24
N HIS S 109 8.56 29.85 50.26
CA HIS S 109 7.14 29.56 50.08
C HIS S 109 6.96 28.08 49.78
N LEU S 110 7.85 27.52 48.99
CA LEU S 110 7.77 26.11 48.62
C LEU S 110 7.97 25.24 49.83
N LEU S 111 8.93 25.61 50.67
CA LEU S 111 9.17 24.84 51.90
C LEU S 111 7.97 24.94 52.83
N CYS S 112 7.45 26.15 53.00
CA CYS S 112 6.30 26.36 53.87
C CYS S 112 5.16 25.44 53.45
N ASP S 113 4.83 25.46 52.17
CA ASP S 113 3.73 24.66 51.66
C ASP S 113 3.94 23.16 51.78
N LYS S 114 5.18 22.70 51.61
CA LYS S 114 5.43 21.27 51.72
C LYS S 114 5.23 20.84 53.17
N ALA S 115 5.75 21.64 54.10
CA ALA S 115 5.62 21.34 55.51
C ALA S 115 4.18 21.36 55.98
N GLN S 116 3.38 22.29 55.44
CA GLN S 116 1.99 22.43 55.84
C GLN S 116 1.11 21.21 55.53
N LYS S 117 1.40 20.54 54.42
CA LYS S 117 0.61 19.36 54.03
C LYS S 117 0.75 18.22 55.04
N ASN S 118 1.80 18.28 55.85
CA ASN S 118 2.07 17.27 56.87
C ASN S 118 1.47 17.61 58.23
N THR S 119 0.72 18.72 58.30
CA THR S 119 0.09 19.13 59.55
C THR S 119 -1.43 19.20 59.45
N GLN S 120 -1.98 18.66 58.36
CA GLN S 120 -3.42 18.70 58.15
C GLN S 120 -4.01 17.34 57.74
N SER S 121 -3.10 16.40 57.43
CA SER S 121 -3.50 15.05 57.01
C SER S 121 -3.22 13.95 58.03
N TYR S 122 -4.07 12.94 58.01
CA TYR S 122 -3.98 11.80 58.91
C TYR S 122 -2.78 10.92 58.59
N GLY S 123 -2.25 10.25 59.61
CA GLY S 123 -1.13 9.36 59.43
C GLY S 123 0.20 10.03 59.18
N GLY S 124 0.18 11.27 58.71
CA GLY S 124 1.43 11.97 58.45
C GLY S 124 1.94 12.63 59.72
N ARG S 125 3.22 12.92 59.76
CA ARG S 125 3.77 13.58 60.94
C ARG S 125 4.47 14.85 60.47
N PRO S 126 4.56 15.86 61.34
CA PRO S 126 5.23 17.11 60.99
C PRO S 126 6.72 16.86 60.87
N TYR S 127 7.43 17.71 60.14
CA TYR S 127 8.87 17.53 60.04
C TYR S 127 9.46 18.01 61.35
N GLY S 128 10.41 17.27 61.90
CA GLY S 128 11.04 17.65 63.15
C GLY S 128 12.40 18.30 62.95
N VAL S 129 12.44 19.33 62.11
CA VAL S 129 13.69 20.01 61.84
C VAL S 129 13.46 21.47 61.49
N GLY S 130 14.39 22.31 61.90
CA GLY S 130 14.32 23.73 61.60
C GLY S 130 15.39 24.01 60.56
N LEU S 131 15.15 24.99 59.71
CA LEU S 131 16.12 25.28 58.66
C LEU S 131 16.42 26.75 58.52
N LEU S 132 17.70 27.04 58.23
CA LEU S 132 18.14 28.40 58.01
C LEU S 132 18.63 28.44 56.57
N ILE S 133 17.85 29.11 55.72
CA ILE S 133 18.19 29.18 54.30
C ILE S 133 18.79 30.52 53.91
N ILE S 134 19.94 30.45 53.25
CA ILE S 134 20.63 31.65 52.77
C ILE S 134 20.85 31.48 51.28
N GLY S 135 21.04 32.60 50.57
CA GLY S 135 21.25 32.52 49.15
C GLY S 135 21.29 33.88 48.50
N TYR S 136 21.97 33.96 47.35
CA TYR S 136 22.07 35.22 46.63
C TYR S 136 21.34 35.10 45.30
N ASP S 137 20.31 35.91 45.12
CA ASP S 137 19.53 35.87 43.90
C ASP S 137 19.49 37.25 43.25
N LYS S 138 18.53 37.47 42.36
CA LYS S 138 18.43 38.75 41.66
C LYS S 138 18.03 39.94 42.53
N SER S 139 17.82 39.72 43.81
CA SER S 139 17.45 40.84 44.69
C SER S 139 18.39 40.88 45.87
N GLY S 140 19.57 40.29 45.71
CA GLY S 140 20.56 40.32 46.77
C GLY S 140 20.70 39.10 47.66
N ALA S 141 21.27 39.36 48.84
CA ALA S 141 21.50 38.31 49.84
C ALA S 141 20.24 38.12 50.64
N HIS S 142 20.02 36.88 51.07
CA HIS S 142 18.84 36.54 51.85
C HIS S 142 19.10 35.47 52.90
N LEU S 143 18.33 35.54 53.98
CA LEU S 143 18.38 34.58 55.06
C LEU S 143 16.94 34.28 55.47
N LEU S 144 16.61 33.00 55.57
CA LEU S 144 15.27 32.61 55.92
C LEU S 144 15.29 31.66 57.10
N GLU S 145 14.24 31.71 57.91
CA GLU S 145 14.13 30.80 59.04
C GLU S 145 12.90 29.97 58.77
N PHE S 146 13.09 28.65 58.76
CA PHE S 146 12.02 27.72 58.51
C PHE S 146 11.64 26.91 59.75
N GLN S 147 10.36 26.97 60.11
CA GLN S 147 9.85 26.22 61.24
C GLN S 147 8.88 25.14 60.75
N PRO S 148 9.01 23.90 61.28
CA PRO S 148 8.20 22.72 60.96
C PRO S 148 6.70 23.02 60.91
N SER S 149 6.31 24.10 61.55
CA SER S 149 4.90 24.48 61.56
C SER S 149 4.56 25.01 60.18
N GLY S 150 5.59 25.21 59.37
CA GLY S 150 5.39 25.72 58.03
C GLY S 150 5.63 27.20 57.95
N ASN S 151 6.03 27.80 59.08
CA ASN S 151 6.29 29.23 59.12
C ASN S 151 7.70 29.58 58.68
N VAL S 152 7.79 30.32 57.58
CA VAL S 152 9.06 30.77 57.03
C VAL S 152 9.13 32.29 57.17
N THR S 153 10.27 32.79 57.66
CA THR S 153 10.46 34.22 57.88
C THR S 153 11.79 34.72 57.33
N GLU S 154 11.78 35.92 56.75
CA GLU S 154 13.01 36.49 56.21
C GLU S 154 13.61 37.44 57.24
N LEU S 155 14.89 37.25 57.52
CA LEU S 155 15.56 38.06 58.52
C LEU S 155 16.95 38.55 58.07
N TYR S 156 17.54 39.44 58.87
CA TYR S 156 18.89 39.95 58.59
C TYR S 156 19.82 38.93 59.23
N GLY S 157 19.29 38.30 60.28
CA GLY S 157 20.04 37.29 61.01
C GLY S 157 19.13 36.59 62.01
N THR S 158 19.60 35.45 62.51
CA THR S 158 18.84 34.68 63.51
C THR S 158 19.59 33.39 63.82
N ALA S 159 19.03 32.61 64.75
CA ALA S 159 19.63 31.35 65.13
C ALA S 159 18.57 30.43 65.68
N ILE S 160 18.86 29.14 65.65
CA ILE S 160 17.94 28.13 66.16
C ILE S 160 18.77 27.02 66.80
N GLY S 161 18.13 26.25 67.68
CA GLY S 161 18.81 25.18 68.37
C GLY S 161 18.86 25.47 69.86
N ALA S 162 19.60 24.65 70.59
CA ALA S 162 19.72 24.84 72.03
C ALA S 162 20.54 26.09 72.36
N ARG S 163 20.04 26.88 73.31
CA ARG S 163 20.72 28.10 73.75
C ARG S 163 20.80 29.13 72.64
N SER S 164 20.08 28.88 71.55
CA SER S 164 20.07 29.78 70.40
C SER S 164 19.77 31.21 70.77
N GLN S 165 19.02 31.41 71.85
CA GLN S 165 18.65 32.75 72.30
C GLN S 165 19.86 33.65 72.54
N GLY S 166 20.99 33.04 72.85
CA GLY S 166 22.19 33.83 73.09
C GLY S 166 22.56 34.57 71.82
N ALA S 167 22.87 33.81 70.79
CA ALA S 167 23.25 34.38 69.50
C ALA S 167 22.19 35.35 68.96
N LYS S 168 20.91 35.03 69.17
CA LYS S 168 19.84 35.88 68.66
C LYS S 168 19.82 37.29 69.28
N THR S 169 20.13 37.41 70.57
CA THR S 169 20.15 38.71 71.23
C THR S 169 21.38 39.46 70.72
N TYR S 170 22.50 38.73 70.63
CA TYR S 170 23.75 39.30 70.15
C TYR S 170 23.53 39.94 68.77
N LEU S 171 23.00 39.16 67.84
CA LEU S 171 22.75 39.65 66.49
C LEU S 171 21.79 40.84 66.49
N GLU S 172 20.69 40.71 67.21
CA GLU S 172 19.68 41.77 67.30
C GLU S 172 20.31 43.05 67.82
N ARG S 173 21.44 42.88 68.50
CA ARG S 173 22.19 43.97 69.08
C ARG S 173 23.22 44.48 68.05
N THR S 174 23.93 43.55 67.43
CA THR S 174 24.95 43.83 66.43
C THR S 174 24.39 44.28 65.07
N LEU S 175 23.08 44.16 64.88
CA LEU S 175 22.44 44.51 63.63
C LEU S 175 23.14 45.55 62.74
N ASP S 176 22.94 46.83 63.07
CA ASP S 176 23.52 47.94 62.33
C ASP S 176 24.97 47.71 61.90
N THR S 177 25.70 46.93 62.71
CA THR S 177 27.10 46.63 62.46
C THR S 177 27.34 45.68 61.29
N PHE S 178 26.96 44.41 61.46
CA PHE S 178 27.17 43.39 60.43
C PHE S 178 26.41 43.61 59.12
N ILE S 179 25.24 44.23 59.21
CA ILE S 179 24.42 44.49 58.02
C ILE S 179 25.19 45.24 56.94
N LYS S 180 26.21 45.98 57.36
CA LYS S 180 27.00 46.77 56.42
C LYS S 180 28.33 46.12 56.06
N ILE S 181 28.59 44.94 56.59
CA ILE S 181 29.83 44.25 56.29
C ILE S 181 29.79 43.76 54.85
N ASP S 182 29.71 44.70 53.91
CA ASP S 182 29.66 44.37 52.51
C ASP S 182 31.06 44.19 51.95
N GLY S 183 31.14 43.64 50.74
CA GLY S 183 32.43 43.43 50.12
C GLY S 183 33.50 42.82 51.01
N ASN S 184 33.11 42.28 52.16
CA ASN S 184 34.10 41.69 53.06
C ASN S 184 33.60 40.41 53.74
N PRO S 185 33.71 39.27 53.03
CA PRO S 185 33.25 37.99 53.56
C PRO S 185 33.80 37.62 54.94
N ASP S 186 35.12 37.60 55.07
CA ASP S 186 35.75 37.24 56.34
C ASP S 186 35.21 38.01 57.54
N GLU S 187 34.78 39.24 57.33
CA GLU S 187 34.26 40.03 58.43
C GLU S 187 32.86 39.57 58.83
N LEU S 188 32.08 39.11 57.87
CA LEU S 188 30.74 38.63 58.18
C LEU S 188 30.84 37.26 58.85
N ILE S 189 31.81 36.47 58.41
CA ILE S 189 32.00 35.14 59.01
C ILE S 189 32.39 35.29 60.47
N LYS S 190 33.34 36.17 60.75
CA LYS S 190 33.78 36.38 62.14
C LYS S 190 32.59 36.87 62.96
N ALA S 191 31.83 37.82 62.41
CA ALA S 191 30.66 38.35 63.10
C ALA S 191 29.70 37.21 63.41
N GLY S 192 29.65 36.23 62.51
CA GLY S 192 28.77 35.09 62.70
C GLY S 192 29.30 34.13 63.75
N VAL S 193 30.61 33.89 63.71
CA VAL S 193 31.24 32.97 64.67
C VAL S 193 31.16 33.56 66.08
N GLU S 194 31.03 34.87 66.16
CA GLU S 194 30.94 35.55 67.45
C GLU S 194 29.54 35.40 68.02
N ALA S 195 28.55 35.43 67.14
CA ALA S 195 27.15 35.28 67.54
C ALA S 195 26.92 33.86 68.03
N ILE S 196 27.51 32.88 67.35
CA ILE S 196 27.31 31.49 67.73
C ILE S 196 27.95 31.13 69.06
N SER S 197 29.14 31.67 69.33
CA SER S 197 29.83 31.40 70.58
C SER S 197 29.13 32.09 71.74
N GLN S 198 28.04 32.78 71.42
CA GLN S 198 27.24 33.48 72.40
C GLN S 198 26.22 32.49 72.93
N SER S 199 26.24 31.29 72.36
CA SER S 199 25.33 30.21 72.75
C SER S 199 26.11 29.01 73.23
N LEU S 200 27.42 29.19 73.41
CA LEU S 200 28.26 28.11 73.90
C LEU S 200 28.03 28.00 75.40
N ARG S 201 28.71 27.05 76.03
CA ARG S 201 28.54 26.83 77.46
C ARG S 201 29.29 25.54 77.76
N ASP S 202 28.99 24.53 76.95
CA ASP S 202 29.60 23.22 77.06
C ASP S 202 31.10 23.35 76.80
N GLU S 203 31.46 23.77 75.59
CA GLU S 203 32.85 23.91 75.20
C GLU S 203 33.07 25.14 74.33
N SER S 204 34.14 25.10 73.55
CA SER S 204 34.49 26.17 72.64
C SER S 204 34.73 25.58 71.25
N LEU S 205 34.20 26.24 70.23
CA LEU S 205 34.32 25.76 68.86
C LEU S 205 35.74 25.41 68.44
N THR S 206 35.93 24.13 68.09
CA THR S 206 37.23 23.62 67.67
C THR S 206 37.28 23.56 66.14
N VAL S 207 38.30 22.88 65.60
CA VAL S 207 38.46 22.78 64.15
C VAL S 207 37.48 21.82 63.49
N ASP S 208 37.32 20.64 64.07
CA ASP S 208 36.40 19.65 63.53
C ASP S 208 35.07 19.74 64.26
N ASN S 209 34.82 20.90 64.84
CA ASN S 209 33.62 21.16 65.61
C ASN S 209 32.80 22.30 64.99
N LEU S 210 33.48 23.18 64.27
CA LEU S 210 32.84 24.33 63.63
C LEU S 210 32.57 24.06 62.16
N SER S 211 31.47 24.62 61.66
CA SER S 211 31.07 24.48 60.27
C SER S 211 30.52 25.82 59.78
N ILE S 212 31.10 26.33 58.69
CA ILE S 212 30.69 27.60 58.14
C ILE S 212 30.37 27.50 56.65
N ALA S 213 29.44 28.33 56.19
CA ALA S 213 29.05 28.33 54.79
C ALA S 213 28.74 29.75 54.35
N ILE S 214 29.02 30.05 53.09
CA ILE S 214 28.75 31.38 52.59
C ILE S 214 28.37 31.41 51.11
N VAL S 215 27.58 32.43 50.77
CA VAL S 215 27.12 32.65 49.41
C VAL S 215 27.06 34.17 49.25
N GLY S 216 27.24 34.68 48.04
CA GLY S 216 27.21 36.11 47.85
C GLY S 216 27.46 36.60 46.44
N LYS S 217 27.38 37.92 46.27
CA LYS S 217 27.57 38.61 45.01
C LYS S 217 28.37 37.85 43.96
N ASP S 218 29.58 37.43 44.30
CA ASP S 218 30.39 36.69 43.33
C ASP S 218 30.95 35.46 43.99
N THR S 219 30.25 35.00 45.02
CA THR S 219 30.65 33.83 45.79
C THR S 219 29.64 32.70 45.68
N PRO S 220 29.97 31.63 44.94
CA PRO S 220 29.02 30.52 44.84
C PRO S 220 28.95 29.84 46.20
N PHE S 221 27.74 29.51 46.64
CA PHE S 221 27.54 28.86 47.93
C PHE S 221 28.55 27.72 48.13
N THR S 222 29.41 27.90 49.13
CA THR S 222 30.44 26.91 49.45
C THR S 222 30.54 26.69 50.95
N ILE S 223 30.94 25.49 51.32
CA ILE S 223 31.05 25.09 52.73
C ILE S 223 32.49 24.90 53.21
N TYR S 224 32.76 25.32 54.44
CA TYR S 224 34.09 25.18 55.03
C TYR S 224 34.04 24.34 56.31
N ASP S 225 34.97 23.39 56.40
CA ASP S 225 35.07 22.50 57.57
C ASP S 225 36.52 22.19 57.90
N GLY S 226 36.80 22.04 59.19
CA GLY S 226 38.15 21.73 59.65
C GLY S 226 39.18 22.82 59.41
N GLU S 227 40.36 22.42 58.94
CA GLU S 227 41.45 23.34 58.65
C GLU S 227 40.92 24.60 57.96
N ALA S 228 39.92 24.43 57.11
CA ALA S 228 39.34 25.55 56.38
C ALA S 228 38.70 26.61 57.28
N VAL S 229 38.31 26.24 58.50
CA VAL S 229 37.71 27.21 59.43
C VAL S 229 38.68 27.58 60.55
N ALA S 230 39.87 26.97 60.51
CA ALA S 230 40.89 27.22 61.52
C ALA S 230 41.11 28.71 61.70
N LYS S 231 41.19 29.45 60.59
CA LYS S 231 41.41 30.90 60.66
C LYS S 231 40.23 31.70 61.22
N TYR S 232 39.32 31.02 61.92
CA TYR S 232 38.17 31.71 62.49
C TYR S 232 37.94 31.34 63.95
N ILE S 233 38.66 30.33 64.41
CA ILE S 233 38.56 29.88 65.80
C ILE S 233 39.27 30.86 66.74
N GLY T 1 -22.46 10.99 76.71
CA GLY T 1 -21.03 10.82 77.17
C GLY T 1 -20.13 11.99 76.80
N THR T 2 -18.91 11.70 76.36
CA THR T 2 -17.95 12.73 75.96
C THR T 2 -17.01 12.26 74.85
N GLY T 3 -15.98 13.05 74.56
CA GLY T 3 -15.03 12.68 73.51
C GLY T 3 -15.51 13.19 72.15
N TYR T 4 -16.61 13.94 72.17
CA TYR T 4 -17.18 14.50 70.96
C TYR T 4 -16.26 15.49 70.27
N ASP T 5 -15.34 16.05 71.04
CA ASP T 5 -14.42 17.03 70.51
C ASP T 5 -13.08 16.44 70.06
N LEU T 6 -13.00 15.12 69.92
CA LEU T 6 -11.74 14.51 69.52
C LEU T 6 -11.57 14.24 68.02
N SER T 7 -12.68 14.12 67.29
CA SER T 7 -12.63 13.85 65.86
C SER T 7 -13.34 14.94 65.08
N ASN T 8 -12.79 15.29 63.92
CA ASN T 8 -13.32 16.36 63.10
C ASN T 8 -14.75 16.31 62.60
N SER T 9 -15.25 15.18 62.11
CA SER T 9 -16.62 15.24 61.59
C SER T 9 -17.77 14.89 62.56
N VAL T 10 -17.46 14.77 63.85
CA VAL T 10 -18.46 14.41 64.85
C VAL T 10 -19.40 15.52 65.31
N PHE T 11 -20.69 15.20 65.38
CA PHE T 11 -21.70 16.14 65.86
C PHE T 11 -21.79 15.92 67.36
N SER T 12 -21.79 17.00 68.12
CA SER T 12 -21.94 16.89 69.57
C SER T 12 -23.46 16.78 69.81
N PRO T 13 -23.88 16.42 71.03
CA PRO T 13 -25.31 16.31 71.30
C PRO T 13 -26.11 17.59 71.01
N ASP T 14 -25.45 18.74 71.08
CA ASP T 14 -26.12 20.00 70.80
C ASP T 14 -26.02 20.39 69.32
N GLY T 15 -25.47 19.49 68.50
CA GLY T 15 -25.37 19.74 67.07
C GLY T 15 -24.14 20.49 66.58
N ARG T 16 -23.19 20.75 67.46
CA ARG T 16 -21.99 21.47 67.05
C ARG T 16 -20.87 20.55 66.58
N ASN T 17 -19.83 21.15 66.03
CA ASN T 17 -18.66 20.41 65.57
C ASN T 17 -17.51 21.05 66.32
N PHE T 18 -17.21 20.52 67.50
CA PHE T 18 -16.17 21.08 68.34
C PHE T 18 -14.80 21.34 67.71
N GLN T 19 -14.36 20.45 66.82
CA GLN T 19 -13.08 20.67 66.20
C GLN T 19 -13.04 21.95 65.37
N VAL T 20 -14.16 22.29 64.73
CA VAL T 20 -14.23 23.50 63.95
C VAL T 20 -14.15 24.68 64.90
N GLU T 21 -14.83 24.53 66.04
CA GLU T 21 -14.86 25.57 67.06
C GLU T 21 -13.50 25.82 67.68
N TYR T 22 -12.69 24.78 67.78
CA TYR T 22 -11.35 24.88 68.34
C TYR T 22 -10.44 25.56 67.31
N ALA T 23 -10.73 25.34 66.04
CA ALA T 23 -9.94 25.92 64.97
C ALA T 23 -10.15 27.42 65.05
N VAL T 24 -11.38 27.82 65.32
CA VAL T 24 -11.71 29.24 65.44
C VAL T 24 -10.82 29.87 66.51
N LYS T 25 -10.53 29.13 67.57
CA LYS T 25 -9.68 29.64 68.63
C LYS T 25 -8.29 29.97 68.07
N ALA T 26 -7.81 29.17 67.14
CA ALA T 26 -6.49 29.41 66.55
C ALA T 26 -6.55 30.68 65.71
N VAL T 27 -7.75 31.02 65.23
CA VAL T 27 -7.94 32.21 64.41
C VAL T 27 -7.94 33.45 65.29
N GLU T 28 -8.75 33.43 66.35
CA GLU T 28 -8.87 34.54 67.27
C GLU T 28 -7.53 34.84 67.92
N ASN T 29 -6.66 33.85 67.92
CA ASN T 29 -5.35 34.01 68.52
C ASN T 29 -4.36 34.72 67.61
N GLY T 30 -4.67 34.79 66.33
CA GLY T 30 -3.75 35.42 65.42
C GLY T 30 -3.91 36.93 65.23
N THR T 31 -3.02 37.47 64.41
CA THR T 31 -2.99 38.89 64.06
C THR T 31 -4.35 39.38 63.60
N THR T 32 -4.59 40.67 63.68
CA THR T 32 -5.87 41.18 63.23
C THR T 32 -5.70 41.66 61.79
N SER T 33 -6.74 41.47 60.98
CA SER T 33 -6.72 41.88 59.58
C SER T 33 -8.13 42.31 59.19
N ILE T 34 -8.24 43.16 58.18
CA ILE T 34 -9.56 43.64 57.77
C ILE T 34 -9.75 43.83 56.28
N GLY T 35 -10.99 44.18 55.94
CA GLY T 35 -11.36 44.43 54.58
C GLY T 35 -12.40 45.53 54.60
N ILE T 36 -12.27 46.49 53.70
CA ILE T 36 -13.23 47.59 53.64
C ILE T 36 -13.72 47.75 52.20
N LYS T 37 -15.00 47.51 51.99
CA LYS T 37 -15.58 47.65 50.66
C LYS T 37 -15.78 49.15 50.46
N CYS T 38 -15.51 49.64 49.25
CA CYS T 38 -15.70 51.06 48.97
C CYS T 38 -16.65 51.21 47.77
N ASN T 39 -16.85 52.43 47.31
CA ASN T 39 -17.78 52.69 46.21
C ASN T 39 -17.44 52.08 44.84
N ASP T 40 -16.19 51.62 44.66
CA ASP T 40 -15.81 50.98 43.39
C ASP T 40 -14.63 50.00 43.56
N GLY T 41 -14.47 49.45 44.76
CA GLY T 41 -13.39 48.51 44.99
C GLY T 41 -13.39 47.98 46.39
N VAL T 42 -12.24 47.48 46.84
CA VAL T 42 -12.10 46.95 48.20
C VAL T 42 -10.68 47.22 48.67
N VAL T 43 -10.51 47.33 49.98
CA VAL T 43 -9.19 47.58 50.55
C VAL T 43 -8.92 46.52 51.59
N PHE T 44 -7.70 45.99 51.60
CA PHE T 44 -7.31 44.98 52.57
C PHE T 44 -6.16 45.52 53.38
N ALA T 45 -6.18 45.27 54.68
CA ALA T 45 -5.12 45.71 55.58
C ALA T 45 -4.86 44.64 56.60
N VAL T 46 -3.64 44.60 57.13
CA VAL T 46 -3.31 43.61 58.12
C VAL T 46 -2.18 44.05 59.06
N GLU T 47 -2.21 43.51 60.27
CA GLU T 47 -1.20 43.81 61.28
C GLU T 47 -0.07 42.78 61.19
N LYS T 48 1.16 43.26 61.07
CA LYS T 48 2.31 42.37 60.99
C LYS T 48 3.18 42.54 62.23
N LEU T 49 2.91 41.77 63.27
CA LEU T 49 3.69 41.86 64.50
C LEU T 49 5.18 41.70 64.24
N ILE T 50 5.97 42.63 64.76
CA ILE T 50 7.41 42.58 64.60
C ILE T 50 8.04 41.88 65.80
N THR T 51 8.43 40.63 65.59
CA THR T 51 9.05 39.81 66.63
C THR T 51 10.35 40.43 67.13
N SER T 52 11.18 40.91 66.20
CA SER T 52 12.44 41.53 66.59
C SER T 52 12.92 42.47 65.49
N LYS T 53 14.04 43.15 65.75
CA LYS T 53 14.61 44.08 64.79
C LYS T 53 15.14 43.30 63.60
N LEU T 54 15.30 41.99 63.78
CA LEU T 54 15.84 41.13 62.73
C LEU T 54 14.95 40.91 61.50
N LEU T 55 13.64 41.07 61.66
CA LEU T 55 12.73 40.90 60.53
C LEU T 55 12.95 42.01 59.52
N VAL T 56 13.38 41.66 58.31
CA VAL T 56 13.58 42.66 57.27
C VAL T 56 12.23 43.34 57.01
N PRO T 57 12.18 44.66 57.16
CA PRO T 57 10.92 45.39 56.94
C PRO T 57 10.40 45.31 55.51
N GLN T 58 9.09 45.14 55.38
CA GLN T 58 8.43 45.08 54.08
C GLN T 58 8.64 43.78 53.32
N LYS T 59 9.35 42.83 53.92
CA LYS T 59 9.62 41.57 53.23
C LYS T 59 8.66 40.41 53.42
N ASN T 60 8.22 40.17 54.64
CA ASN T 60 7.34 39.05 54.89
C ASN T 60 5.90 39.41 54.56
N VAL T 61 5.61 39.55 53.27
CA VAL T 61 4.29 39.91 52.79
C VAL T 61 3.23 38.88 53.15
N LYS T 62 2.13 39.34 53.75
CA LYS T 62 1.05 38.45 54.16
C LYS T 62 -0.18 38.46 53.26
N ILE T 63 -0.49 39.60 52.64
CA ILE T 63 -1.65 39.68 51.75
C ILE T 63 -1.31 38.94 50.45
N GLN T 64 -2.29 38.22 49.90
CA GLN T 64 -2.04 37.49 48.67
C GLN T 64 -3.01 37.79 47.54
N VAL T 65 -2.52 37.64 46.33
CA VAL T 65 -3.31 37.86 45.14
C VAL T 65 -3.71 36.52 44.50
N VAL T 66 -4.93 36.48 43.99
CA VAL T 66 -5.45 35.31 43.31
C VAL T 66 -5.82 35.83 41.93
N ASP T 67 -5.31 35.16 40.90
CA ASP T 67 -5.53 35.57 39.52
C ASP T 67 -4.88 36.96 39.43
N ARG T 68 -5.61 37.93 38.90
CA ARG T 68 -5.08 39.28 38.80
C ARG T 68 -5.99 40.31 39.47
N HIS T 69 -7.21 39.90 39.79
CA HIS T 69 -8.18 40.81 40.37
C HIS T 69 -8.68 40.47 41.78
N ILE T 70 -8.05 39.55 42.48
CA ILE T 70 -8.55 39.19 43.80
C ILE T 70 -7.49 39.26 44.90
N GLY T 71 -7.90 39.83 46.03
CA GLY T 71 -7.01 39.95 47.16
C GLY T 71 -7.50 39.08 48.30
N CYS T 72 -6.55 38.49 49.02
CA CYS T 72 -6.87 37.64 50.17
C CYS T 72 -5.92 37.90 51.33
N VAL T 73 -6.51 38.05 52.50
CA VAL T 73 -5.75 38.26 53.71
C VAL T 73 -6.42 37.35 54.75
N TYR T 74 -5.65 36.89 55.72
CA TYR T 74 -6.21 36.01 56.73
C TYR T 74 -5.47 36.05 58.07
N SER T 75 -6.19 35.60 59.10
CA SER T 75 -5.68 35.56 60.47
C SER T 75 -5.69 34.13 60.94
N GLY T 76 -4.67 33.74 61.71
CA GLY T 76 -4.62 32.38 62.21
C GLY T 76 -3.32 31.70 61.84
N LEU T 77 -3.39 30.42 61.51
CA LEU T 77 -2.20 29.66 61.08
C LEU T 77 -1.92 30.11 59.66
N ILE T 78 -0.80 30.81 59.47
CA ILE T 78 -0.47 31.32 58.14
C ILE T 78 -0.35 30.22 57.09
N PRO T 79 0.29 29.09 57.42
CA PRO T 79 0.41 28.03 56.43
C PRO T 79 -0.94 27.54 55.91
N ASP T 80 -1.96 27.51 56.77
CA ASP T 80 -3.29 27.08 56.33
C ASP T 80 -3.83 28.10 55.33
N GLY T 81 -3.50 29.37 55.56
CA GLY T 81 -3.96 30.43 54.69
C GLY T 81 -3.36 30.28 53.30
N ARG T 82 -2.06 30.01 53.24
CA ARG T 82 -1.41 29.84 51.95
C ARG T 82 -2.04 28.65 51.25
N HIS T 83 -2.22 27.55 51.99
CA HIS T 83 -2.81 26.34 51.43
C HIS T 83 -4.13 26.71 50.77
N LEU T 84 -4.91 27.54 51.45
CA LEU T 84 -6.20 27.96 50.93
C LEU T 84 -6.05 28.84 49.67
N VAL T 85 -5.03 29.69 49.63
CA VAL T 85 -4.82 30.56 48.47
C VAL T 85 -4.36 29.75 47.26
N ASN T 86 -3.52 28.74 47.48
CA ASN T 86 -3.06 27.89 46.39
C ASN T 86 -4.26 27.25 45.73
N ARG T 87 -5.20 26.79 46.56
CA ARG T 87 -6.41 26.18 46.03
C ARG T 87 -7.24 27.23 45.29
N GLY T 88 -7.31 28.43 45.84
CA GLY T 88 -8.06 29.49 45.21
C GLY T 88 -7.48 29.76 43.83
N ARG T 89 -6.16 29.71 43.75
CA ARG T 89 -5.48 29.95 42.49
C ARG T 89 -5.81 28.89 41.44
N GLU T 90 -5.76 27.62 41.82
CA GLU T 90 -6.09 26.55 40.90
C GLU T 90 -7.55 26.68 40.49
N GLU T 91 -8.37 27.03 41.47
CA GLU T 91 -9.79 27.19 41.25
C GLU T 91 -10.05 28.30 40.23
N ALA T 92 -9.32 29.39 40.37
CA ALA T 92 -9.46 30.54 39.47
C ALA T 92 -8.95 30.22 38.06
N ALA T 93 -7.78 29.59 37.97
CA ALA T 93 -7.19 29.21 36.68
C ALA T 93 -8.16 28.30 35.93
N SER T 94 -8.66 27.30 36.65
CA SER T 94 -9.59 26.33 36.10
C SER T 94 -10.80 27.05 35.49
N PHE T 95 -11.39 27.95 36.27
CA PHE T 95 -12.57 28.68 35.83
C PHE T 95 -12.30 29.53 34.58
N LYS T 96 -11.15 30.20 34.57
CA LYS T 96 -10.79 31.06 33.44
C LYS T 96 -10.52 30.21 32.19
N LYS T 97 -9.83 29.09 32.37
CA LYS T 97 -9.49 28.20 31.28
C LYS T 97 -10.73 27.75 30.53
N LEU T 98 -11.76 27.35 31.26
CA LEU T 98 -12.99 26.87 30.63
C LEU T 98 -13.95 27.98 30.17
N TYR T 99 -14.08 29.04 30.97
CA TYR T 99 -15.01 30.11 30.63
C TYR T 99 -14.42 31.39 30.05
N LYS T 100 -13.09 31.45 29.96
CA LYS T 100 -12.40 32.60 29.40
C LYS T 100 -12.37 33.81 30.32
N THR T 101 -13.53 34.18 30.84
CA THR T 101 -13.62 35.32 31.72
C THR T 101 -13.04 35.05 33.11
N PRO T 102 -12.34 36.04 33.69
CA PRO T 102 -11.75 35.86 35.02
C PRO T 102 -12.87 35.62 36.04
N ILE T 103 -12.63 34.71 36.97
CA ILE T 103 -13.65 34.31 37.95
C ILE T 103 -14.29 35.41 38.79
N PRO T 104 -15.63 35.45 38.79
CA PRO T 104 -16.41 36.43 39.56
C PRO T 104 -16.12 36.22 41.05
N ILE T 105 -16.18 37.30 41.82
CA ILE T 105 -15.91 37.21 43.25
C ILE T 105 -16.90 36.27 43.95
N PRO T 106 -18.20 36.39 43.64
CA PRO T 106 -19.14 35.48 44.31
C PRO T 106 -18.77 34.03 44.00
N ALA T 107 -18.48 33.76 42.72
CA ALA T 107 -18.10 32.42 42.28
C ALA T 107 -16.86 31.94 43.02
N PHE T 108 -15.85 32.80 43.10
CA PHE T 108 -14.62 32.45 43.78
C PHE T 108 -14.86 32.18 45.26
N ALA T 109 -15.75 32.95 45.87
CA ALA T 109 -16.06 32.76 47.28
C ALA T 109 -16.55 31.35 47.54
N ASP T 110 -17.51 30.91 46.74
CA ASP T 110 -18.07 29.57 46.92
C ASP T 110 -17.05 28.47 46.64
N ARG T 111 -16.10 28.71 45.75
CA ARG T 111 -15.08 27.71 45.49
C ARG T 111 -14.33 27.50 46.79
N LEU T 112 -13.95 28.60 47.42
CA LEU T 112 -13.23 28.53 48.69
C LEU T 112 -14.15 27.95 49.75
N GLY T 113 -15.41 28.36 49.73
CA GLY T 113 -16.37 27.89 50.71
C GLY T 113 -16.55 26.39 50.72
N GLN T 114 -16.78 25.82 49.54
CA GLN T 114 -16.97 24.39 49.39
C GLN T 114 -15.72 23.62 49.80
N TYR T 115 -14.54 24.17 49.51
CA TYR T 115 -13.28 23.52 49.85
C TYR T 115 -13.09 23.48 51.37
N VAL T 116 -13.35 24.62 52.02
CA VAL T 116 -13.20 24.69 53.47
C VAL T 116 -14.24 23.82 54.15
N GLN T 117 -15.48 23.88 53.67
CA GLN T 117 -16.56 23.09 54.25
C GLN T 117 -16.22 21.61 54.11
N ALA T 118 -15.54 21.27 53.02
CA ALA T 118 -15.15 19.89 52.77
C ALA T 118 -14.25 19.38 53.90
N HIS T 119 -13.46 20.26 54.48
CA HIS T 119 -12.56 19.86 55.56
C HIS T 119 -13.22 19.78 56.93
N THR T 120 -14.54 19.63 56.95
CA THR T 120 -15.30 19.50 58.17
C THR T 120 -16.20 18.26 58.01
N LEU T 121 -16.01 17.55 56.90
CA LEU T 121 -16.79 16.35 56.59
C LEU T 121 -16.17 15.00 56.99
N TYR T 122 -14.86 14.96 57.17
CA TYR T 122 -14.18 13.71 57.52
C TYR T 122 -13.27 13.86 58.73
N ASN T 123 -13.04 12.77 59.45
CA ASN T 123 -12.17 12.84 60.60
C ASN T 123 -10.73 12.54 60.20
N SER T 124 -10.51 12.39 58.90
CA SER T 124 -9.17 12.12 58.41
C SER T 124 -8.46 13.43 58.08
N VAL T 125 -9.20 14.54 58.18
CA VAL T 125 -8.59 15.85 57.93
C VAL T 125 -8.97 16.77 59.08
N ARG T 126 -8.26 17.88 59.18
CA ARG T 126 -8.54 18.85 60.21
C ARG T 126 -9.08 20.11 59.55
N PRO T 127 -9.88 20.89 60.28
CA PRO T 127 -10.44 22.12 59.70
C PRO T 127 -9.34 23.16 59.48
N PHE T 128 -9.65 24.19 58.71
CA PHE T 128 -8.66 25.23 58.47
C PHE T 128 -8.55 26.18 59.67
N GLY T 129 -7.32 26.50 60.04
CA GLY T 129 -7.10 27.39 61.16
C GLY T 129 -7.00 28.86 60.78
N VAL T 130 -7.83 29.30 59.84
CA VAL T 130 -7.83 30.69 59.42
C VAL T 130 -9.21 31.19 59.02
N SER T 131 -9.38 32.50 59.12
CA SER T 131 -10.61 33.15 58.69
C SER T 131 -9.98 34.00 57.61
N THR T 132 -10.62 34.04 56.44
CA THR T 132 -10.07 34.77 55.32
C THR T 132 -10.99 35.87 54.82
N ILE T 133 -10.41 37.04 54.64
CA ILE T 133 -11.14 38.20 54.12
C ILE T 133 -10.56 38.34 52.72
N PHE T 134 -11.44 38.42 51.74
CA PHE T 134 -10.97 38.49 50.37
C PHE T 134 -12.06 39.10 49.51
N GLY T 135 -11.66 39.53 48.32
CA GLY T 135 -12.60 40.14 47.40
C GLY T 135 -11.88 40.81 46.25
N GLY T 136 -12.64 41.59 45.48
CA GLY T 136 -12.08 42.27 44.34
C GLY T 136 -13.21 42.84 43.52
N VAL T 137 -12.89 43.21 42.28
CA VAL T 137 -13.85 43.81 41.36
C VAL T 137 -14.13 42.86 40.20
N ASP T 138 -15.39 42.75 39.80
CA ASP T 138 -15.71 41.89 38.68
C ASP T 138 -16.72 42.55 37.76
N LYS T 139 -17.24 41.77 36.82
CA LYS T 139 -18.22 42.23 35.83
C LYS T 139 -19.22 43.23 36.41
N ASN T 140 -19.75 42.96 37.60
CA ASN T 140 -20.70 43.89 38.17
C ASN T 140 -20.43 44.37 39.58
N GLY T 141 -19.36 45.13 39.76
CA GLY T 141 -19.08 45.67 41.06
C GLY T 141 -17.94 45.13 41.89
N ALA T 142 -17.92 45.60 43.14
CA ALA T 142 -16.90 45.20 44.10
C ALA T 142 -17.59 44.27 45.08
N HIS T 143 -16.82 43.32 45.62
CA HIS T 143 -17.34 42.35 46.57
C HIS T 143 -16.31 42.08 47.65
N LEU T 144 -16.77 42.08 48.90
CA LEU T 144 -15.92 41.79 50.04
C LEU T 144 -16.53 40.57 50.71
N TYR T 145 -15.67 39.66 51.17
CA TYR T 145 -16.09 38.42 51.82
C TYR T 145 -15.19 37.99 52.95
N MET T 146 -15.77 37.24 53.88
CA MET T 146 -15.03 36.67 54.99
C MET T 146 -15.48 35.22 55.11
N LEU T 147 -14.51 34.31 55.17
CA LEU T 147 -14.76 32.88 55.23
C LEU T 147 -14.25 32.30 56.54
N GLU T 148 -15.13 31.67 57.31
CA GLU T 148 -14.77 31.06 58.59
C GLU T 148 -14.27 29.62 58.43
N PRO T 149 -13.65 29.05 59.47
CA PRO T 149 -13.15 27.68 59.41
C PRO T 149 -14.26 26.64 59.15
N SER T 150 -15.50 27.00 59.47
CA SER T 150 -16.64 26.12 59.26
C SER T 150 -17.06 26.12 57.80
N GLY T 151 -16.44 26.98 57.01
CA GLY T 151 -16.79 27.08 55.60
C GLY T 151 -17.84 28.14 55.39
N SER T 152 -18.32 28.71 56.51
CA SER T 152 -19.31 29.77 56.43
C SER T 152 -18.67 31.04 55.89
N TYR T 153 -19.43 31.78 55.09
CA TYR T 153 -18.95 33.03 54.52
C TYR T 153 -20.15 33.84 54.08
N TRP T 154 -19.99 35.16 54.07
CA TRP T 154 -21.04 36.08 53.64
C TRP T 154 -20.37 37.27 52.99
N GLY T 155 -21.20 38.11 52.37
CA GLY T 155 -20.70 39.32 51.75
C GLY T 155 -20.69 40.40 52.83
N TYR T 156 -19.63 41.19 52.88
CA TYR T 156 -19.54 42.23 53.89
C TYR T 156 -19.38 43.63 53.33
N LYS T 157 -19.72 44.62 54.17
CA LYS T 157 -19.58 46.04 53.84
C LYS T 157 -18.18 46.30 54.37
N GLY T 158 -17.87 45.68 55.49
CA GLY T 158 -16.57 45.79 56.10
C GLY T 158 -16.42 44.55 56.94
N ALA T 159 -15.19 44.05 57.10
CA ALA T 159 -15.00 42.85 57.89
C ALA T 159 -13.65 42.83 58.59
N ALA T 160 -13.61 42.11 59.71
CA ALA T 160 -12.40 42.01 60.49
C ALA T 160 -12.32 40.68 61.20
N THR T 161 -11.10 40.27 61.58
CA THR T 161 -10.91 39.02 62.26
C THR T 161 -9.54 38.97 62.91
N GLY T 162 -9.41 38.18 63.97
CA GLY T 162 -8.14 38.08 64.66
C GLY T 162 -8.21 38.64 66.07
N LYS T 163 -7.04 38.94 66.62
CA LYS T 163 -6.90 39.47 67.97
C LYS T 163 -7.75 40.71 68.26
N GLY T 164 -7.64 41.73 67.41
CA GLY T 164 -8.40 42.95 67.62
C GLY T 164 -9.65 43.08 66.77
N ARG T 165 -10.32 41.95 66.57
CA ARG T 165 -11.52 41.93 65.73
C ARG T 165 -12.69 42.78 66.23
N GLN T 166 -12.83 42.91 67.56
CA GLN T 166 -13.92 43.69 68.15
C GLN T 166 -13.71 45.18 67.95
N SER T 167 -12.48 45.64 68.16
CA SER T 167 -12.16 47.05 67.96
C SER T 167 -12.53 47.38 66.52
N ALA T 168 -11.91 46.65 65.60
CA ALA T 168 -12.13 46.84 64.18
C ALA T 168 -13.61 46.84 63.82
N LYS T 169 -14.34 45.79 64.18
CA LYS T 169 -15.77 45.76 63.86
C LYS T 169 -16.45 47.02 64.38
N ALA T 170 -16.04 47.49 65.55
CA ALA T 170 -16.60 48.70 66.14
C ALA T 170 -16.37 49.88 65.20
N GLU T 171 -15.12 50.05 64.79
CA GLU T 171 -14.74 51.12 63.88
C GLU T 171 -15.47 51.03 62.57
N LEU T 172 -15.55 49.81 62.04
CA LEU T 172 -16.23 49.56 60.78
C LEU T 172 -17.71 49.98 60.84
N GLU T 173 -18.38 49.62 61.93
CA GLU T 173 -19.79 49.96 62.08
C GLU T 173 -19.99 51.46 62.05
N LYS T 174 -19.05 52.20 62.61
CA LYS T 174 -19.13 53.66 62.64
C LYS T 174 -19.01 54.18 61.22
N LEU T 175 -18.02 53.65 60.50
CA LEU T 175 -17.82 54.07 59.11
C LEU T 175 -19.09 53.80 58.31
N VAL T 176 -19.66 52.62 58.47
CA VAL T 176 -20.88 52.25 57.75
C VAL T 176 -22.02 53.23 58.02
N ASP T 177 -22.19 53.62 59.28
CA ASP T 177 -23.25 54.56 59.65
C ASP T 177 -23.00 55.98 59.14
N HIS T 178 -21.77 56.45 59.32
CA HIS T 178 -21.39 57.81 58.92
C HIS T 178 -21.02 57.99 57.45
N HIS T 179 -21.30 56.98 56.63
CA HIS T 179 -21.00 57.04 55.20
C HIS T 179 -21.96 56.13 54.46
N PRO T 180 -23.27 56.43 54.50
CA PRO T 180 -24.29 55.62 53.82
C PRO T 180 -24.19 55.70 52.30
N GLU T 181 -23.54 56.77 51.82
CA GLU T 181 -23.37 56.98 50.38
C GLU T 181 -22.15 56.25 49.83
N GLY T 182 -21.33 55.68 50.72
CA GLY T 182 -20.16 54.95 50.29
C GLY T 182 -18.84 55.66 50.49
N LEU T 183 -17.83 54.90 50.90
CA LEU T 183 -16.49 55.44 51.12
C LEU T 183 -15.80 55.41 49.76
N SER T 184 -14.60 55.94 49.65
CA SER T 184 -13.90 55.92 48.36
C SER T 184 -12.61 55.14 48.49
N ALA T 185 -12.10 54.63 47.37
CA ALA T 185 -10.86 53.87 47.38
C ALA T 185 -9.82 54.60 48.20
N ARG T 186 -9.51 55.83 47.80
CA ARG T 186 -8.52 56.66 48.49
C ARG T 186 -8.79 56.76 49.99
N GLU T 187 -10.03 57.08 50.34
CA GLU T 187 -10.43 57.23 51.74
C GLU T 187 -10.30 55.94 52.55
N ALA T 188 -10.86 54.85 52.02
CA ALA T 188 -10.83 53.54 52.66
C ALA T 188 -9.39 53.10 52.97
N VAL T 189 -8.44 53.47 52.12
CA VAL T 189 -7.06 53.09 52.35
C VAL T 189 -6.56 53.72 53.66
N LYS T 190 -6.94 54.97 53.90
CA LYS T 190 -6.55 55.68 55.12
C LYS T 190 -7.33 55.12 56.29
N GLN T 191 -8.65 55.08 56.12
CA GLN T 191 -9.55 54.55 57.13
C GLN T 191 -9.07 53.18 57.59
N ALA T 192 -8.56 52.38 56.66
CA ALA T 192 -8.06 51.05 56.95
C ALA T 192 -6.83 51.13 57.84
N ALA T 193 -5.90 52.01 57.48
CA ALA T 193 -4.68 52.20 58.24
C ALA T 193 -5.03 52.59 59.68
N LYS T 194 -6.06 53.41 59.82
CA LYS T 194 -6.48 53.84 61.14
C LYS T 194 -6.95 52.64 61.94
N ILE T 195 -8.00 51.97 61.42
CA ILE T 195 -8.57 50.80 62.07
C ILE T 195 -7.53 49.77 62.50
N ILE T 196 -6.49 49.58 61.70
CA ILE T 196 -5.46 48.62 62.06
C ILE T 196 -4.71 49.13 63.30
N TYR T 197 -4.34 50.41 63.27
CA TYR T 197 -3.62 51.01 64.40
C TYR T 197 -4.42 50.93 65.69
N LEU T 198 -5.69 51.34 65.63
CA LEU T 198 -6.56 51.28 66.79
C LEU T 198 -6.62 49.83 67.27
N ALA T 199 -7.06 48.95 66.37
CA ALA T 199 -7.16 47.53 66.69
C ALA T 199 -5.85 46.95 67.20
N HIS T 200 -4.75 47.69 67.08
CA HIS T 200 -3.48 47.18 67.55
C HIS T 200 -3.34 47.28 69.07
N GLU T 201 -4.27 47.99 69.71
CA GLU T 201 -4.25 48.17 71.16
C GLU T 201 -4.42 46.86 71.93
N ASP T 202 -4.96 45.86 71.25
CA ASP T 202 -5.18 44.53 71.84
C ASP T 202 -3.95 43.67 71.57
N ASN T 203 -2.80 44.32 71.41
CA ASN T 203 -1.56 43.62 71.13
C ASN T 203 -0.44 44.65 71.21
N LYS T 204 -0.79 45.82 71.75
CA LYS T 204 0.11 46.96 71.90
C LYS T 204 1.51 46.68 72.43
N GLU T 205 1.73 45.49 72.97
CA GLU T 205 3.03 45.11 73.50
C GLU T 205 4.14 45.11 72.46
N LYS T 206 4.02 44.26 71.45
CA LYS T 206 5.03 44.16 70.39
C LYS T 206 4.79 45.23 69.34
N ASP T 207 5.86 45.77 68.77
CA ASP T 207 5.74 46.78 67.73
C ASP T 207 5.27 46.05 66.47
N PHE T 208 4.51 46.75 65.61
CA PHE T 208 4.00 46.13 64.40
C PHE T 208 4.32 46.86 63.09
N GLU T 209 3.96 46.23 61.98
CA GLU T 209 4.17 46.78 60.65
C GLU T 209 2.83 46.75 59.91
N LEU T 210 2.50 47.83 59.21
CA LEU T 210 1.25 47.91 58.48
C LEU T 210 1.37 47.46 57.03
N GLU T 211 0.30 46.85 56.52
CA GLU T 211 0.28 46.38 55.14
C GLU T 211 -1.12 46.59 54.59
N ILE T 212 -1.19 47.28 53.47
CA ILE T 212 -2.47 47.55 52.84
C ILE T 212 -2.38 47.21 51.36
N SER T 213 -3.51 46.83 50.78
CA SER T 213 -3.58 46.52 49.36
C SER T 213 -4.99 46.88 48.96
N TRP T 214 -5.20 47.14 47.68
CA TRP T 214 -6.52 47.50 47.24
C TRP T 214 -6.81 47.05 45.83
N CYS T 215 -8.07 47.16 45.46
CA CYS T 215 -8.52 46.77 44.15
C CYS T 215 -9.71 47.67 43.85
N SER T 216 -9.45 48.75 43.10
CA SER T 216 -10.47 49.73 42.75
C SER T 216 -10.57 49.91 41.24
N LEU T 217 -11.81 49.93 40.76
CA LEU T 217 -12.09 50.10 39.34
C LEU T 217 -11.43 51.34 38.73
N SER T 218 -11.30 52.39 39.52
CA SER T 218 -10.71 53.63 39.04
C SER T 218 -9.24 53.85 39.46
N GLU T 219 -8.90 53.42 40.66
CA GLU T 219 -7.55 53.60 41.16
C GLU T 219 -6.55 52.55 40.70
N THR T 220 -7.02 51.32 40.43
CA THR T 220 -6.13 50.25 40.00
C THR T 220 -6.58 49.57 38.71
N ASN T 221 -7.65 50.11 38.11
CA ASN T 221 -8.18 49.56 36.86
C ASN T 221 -8.90 48.26 37.07
N GLY T 222 -9.13 47.90 38.33
CA GLY T 222 -9.82 46.67 38.63
C GLY T 222 -8.85 45.54 38.89
N LEU T 223 -7.59 45.89 39.11
CA LEU T 223 -6.57 44.90 39.38
C LEU T 223 -6.18 45.03 40.84
N HIS T 224 -5.63 43.97 41.40
CA HIS T 224 -5.20 44.01 42.79
C HIS T 224 -3.76 44.51 42.83
N LYS T 225 -3.54 45.57 43.60
CA LYS T 225 -2.20 46.14 43.73
C LYS T 225 -1.95 46.50 45.19
N PHE T 226 -0.69 46.37 45.60
CA PHE T 226 -0.30 46.71 46.96
C PHE T 226 -0.11 48.21 47.08
N VAL T 227 -0.38 48.73 48.27
CA VAL T 227 -0.21 50.15 48.52
C VAL T 227 1.23 50.32 49.01
N LYS T 228 2.02 51.10 48.26
CA LYS T 228 3.42 51.32 48.60
C LYS T 228 3.80 52.80 48.61
N GLY T 229 5.05 53.07 48.97
CA GLY T 229 5.57 54.42 49.00
C GLY T 229 4.69 55.52 49.57
N ASP T 230 4.53 56.59 48.78
CA ASP T 230 3.75 57.76 49.18
C ASP T 230 2.38 57.48 49.76
N LEU T 231 1.51 56.87 48.94
CA LEU T 231 0.16 56.55 49.37
C LEU T 231 0.15 55.74 50.67
N LEU T 232 1.20 54.97 50.89
CA LEU T 232 1.28 54.16 52.10
C LEU T 232 1.60 55.03 53.30
N GLN T 233 2.69 55.81 53.21
CA GLN T 233 3.10 56.69 54.31
C GLN T 233 1.99 57.67 54.64
N GLU T 234 1.34 58.19 53.60
CA GLU T 234 0.24 59.14 53.79
C GLU T 234 -0.85 58.56 54.68
N ALA T 235 -1.13 57.27 54.53
CA ALA T 235 -2.16 56.62 55.33
C ALA T 235 -1.62 56.29 56.72
N ILE T 236 -0.34 55.95 56.81
CA ILE T 236 0.28 55.66 58.10
C ILE T 236 0.19 56.90 58.97
N ASP T 237 0.44 58.06 58.37
CA ASP T 237 0.39 59.32 59.10
C ASP T 237 -1.03 59.63 59.52
N PHE T 238 -1.98 59.43 58.60
CA PHE T 238 -3.38 59.69 58.88
C PHE T 238 -3.79 58.90 60.13
N ALA T 239 -3.15 57.77 60.33
CA ALA T 239 -3.42 56.91 61.48
C ALA T 239 -2.67 57.42 62.70
N GLN T 240 -1.34 57.50 62.60
CA GLN T 240 -0.51 57.98 63.69
C GLN T 240 -1.08 59.26 64.28
N LYS T 241 -1.71 60.07 63.45
CA LYS T 241 -2.29 61.33 63.88
C LYS T 241 -3.56 61.14 64.72
N GLU T 242 -4.42 60.22 64.30
CA GLU T 242 -5.67 59.97 65.03
C GLU T 242 -5.57 58.96 66.17
N ILE T 243 -4.37 58.47 66.41
CA ILE T 243 -4.16 57.53 67.51
C ILE T 243 -3.71 58.38 68.71
N ASN T 244 -3.81 59.69 68.52
CA ASN T 244 -3.45 60.69 69.54
C ASN T 244 -4.44 61.86 69.53
N ALA U 1 -17.16 0.73 72.69
CA ALA U 1 -18.50 0.85 73.34
C ALA U 1 -19.11 2.25 73.15
N GLY U 2 -18.61 3.23 73.90
CA GLY U 2 -19.13 4.59 73.82
C GLY U 2 -18.93 5.32 72.50
N TYR U 3 -18.35 4.65 71.50
CA TYR U 3 -18.12 5.25 70.20
C TYR U 3 -19.30 5.12 69.25
N ASP U 4 -20.35 4.45 69.71
CA ASP U 4 -21.53 4.28 68.86
C ASP U 4 -22.30 5.60 68.82
N ARG U 5 -21.67 6.65 69.32
CA ARG U 5 -22.28 7.97 69.33
C ARG U 5 -21.43 8.95 68.53
N HIS U 6 -20.32 8.47 67.99
CA HIS U 6 -19.45 9.31 67.20
C HIS U 6 -19.56 9.05 65.72
N ILE U 7 -19.78 7.79 65.35
CA ILE U 7 -19.92 7.44 63.95
C ILE U 7 -21.30 6.86 63.73
N THR U 8 -21.71 6.69 62.48
CA THR U 8 -23.05 6.17 62.22
C THR U 8 -23.23 4.67 62.25
N ILE U 9 -23.19 4.11 63.46
CA ILE U 9 -23.42 2.69 63.66
C ILE U 9 -24.52 2.62 64.71
N PHE U 10 -25.19 1.48 64.79
CA PHE U 10 -26.27 1.32 65.76
C PHE U 10 -25.89 1.36 67.22
N SER U 11 -26.78 1.92 68.02
CA SER U 11 -26.62 1.97 69.46
C SER U 11 -27.44 0.75 69.89
N PRO U 12 -27.25 0.26 71.14
CA PRO U 12 -28.01 -0.91 71.60
C PRO U 12 -29.53 -0.76 71.47
N GLU U 13 -30.02 0.48 71.45
CA GLU U 13 -31.45 0.72 71.31
C GLU U 13 -31.82 0.73 69.82
N GLY U 14 -30.83 0.52 68.97
CA GLY U 14 -31.06 0.51 67.53
C GLY U 14 -31.18 1.92 66.97
N ARG U 15 -30.49 2.86 67.60
CA ARG U 15 -30.52 4.25 67.17
C ARG U 15 -29.22 4.71 66.55
N LEU U 16 -29.30 5.83 65.86
CA LEU U 16 -28.13 6.42 65.21
C LEU U 16 -27.97 7.85 65.71
N TYR U 17 -27.37 7.98 66.89
CA TYR U 17 -27.16 9.28 67.51
C TYR U 17 -26.65 10.39 66.60
N GLN U 18 -25.63 10.09 65.78
CA GLN U 18 -25.08 11.11 64.90
C GLN U 18 -26.13 11.71 63.98
N VAL U 19 -27.06 10.88 63.52
CA VAL U 19 -28.14 11.35 62.66
C VAL U 19 -29.04 12.26 63.51
N GLU U 20 -29.30 11.83 64.74
CA GLU U 20 -30.15 12.59 65.66
C GLU U 20 -29.53 13.94 65.96
N TYR U 21 -28.23 13.95 66.21
CA TYR U 21 -27.54 15.20 66.49
C TYR U 21 -27.48 16.10 65.27
N ALA U 22 -27.40 15.51 64.08
CA ALA U 22 -27.36 16.31 62.88
C ALA U 22 -28.69 17.06 62.80
N PHE U 23 -29.76 16.40 63.22
CA PHE U 23 -31.09 17.04 63.23
C PHE U 23 -31.03 18.26 64.14
N LYS U 24 -30.29 18.14 65.24
CA LYS U 24 -30.16 19.24 66.19
C LYS U 24 -29.51 20.45 65.51
N ALA U 25 -28.57 20.18 64.62
CA ALA U 25 -27.86 21.24 63.93
C ALA U 25 -28.75 22.02 62.96
N THR U 26 -29.84 21.42 62.50
CA THR U 26 -30.71 22.11 61.55
C THR U 26 -31.38 23.36 62.12
N ASN U 27 -31.44 23.44 63.46
CA ASN U 27 -32.05 24.59 64.11
C ASN U 27 -31.05 25.63 64.57
N GLN U 28 -29.78 25.41 64.28
CA GLN U 28 -28.73 26.34 64.66
C GLN U 28 -28.98 27.78 64.21
N THR U 29 -29.55 27.94 63.03
CA THR U 29 -29.80 29.24 62.45
C THR U 29 -31.01 29.97 63.03
N ASN U 30 -31.79 29.27 63.84
CA ASN U 30 -32.99 29.87 64.44
C ASN U 30 -33.92 30.51 63.40
N ILE U 31 -33.94 29.92 62.21
CA ILE U 31 -34.78 30.40 61.12
C ILE U 31 -35.97 29.48 60.92
N ASN U 32 -37.10 30.06 60.56
CA ASN U 32 -38.30 29.27 60.31
C ASN U 32 -38.71 29.52 58.88
N SER U 33 -39.25 28.47 58.25
CA SER U 33 -39.70 28.60 56.88
C SER U 33 -40.94 27.76 56.68
N LEU U 34 -41.70 28.08 55.64
CA LEU U 34 -42.89 27.32 55.36
C LEU U 34 -43.16 27.38 53.87
N ALA U 35 -43.80 26.33 53.35
CA ALA U 35 -44.11 26.27 51.95
C ALA U 35 -45.57 25.86 51.78
N VAL U 36 -46.24 26.45 50.80
CA VAL U 36 -47.63 26.14 50.52
C VAL U 36 -47.78 26.06 49.01
N ARG U 37 -48.79 25.34 48.56
CA ARG U 37 -49.03 25.19 47.13
C ARG U 37 -50.24 25.99 46.71
N GLY U 38 -50.10 26.75 45.63
CA GLY U 38 -51.22 27.51 45.13
C GLY U 38 -52.01 26.65 44.16
N LYS U 39 -52.80 27.29 43.30
CA LYS U 39 -53.59 26.56 42.32
C LYS U 39 -52.63 26.10 41.22
N ASP U 40 -51.68 26.96 40.86
CA ASP U 40 -50.71 26.65 39.82
C ASP U 40 -49.31 27.22 40.14
N CYS U 41 -48.97 27.28 41.42
CA CYS U 41 -47.68 27.80 41.84
C CYS U 41 -47.34 27.22 43.21
N THR U 42 -46.10 27.41 43.64
CA THR U 42 -45.65 26.93 44.94
C THR U 42 -44.84 28.05 45.55
N VAL U 43 -45.12 28.34 46.81
CA VAL U 43 -44.45 29.41 47.51
C VAL U 43 -43.73 28.96 48.76
N VAL U 44 -42.52 29.48 48.95
CA VAL U 44 -41.72 29.18 50.14
C VAL U 44 -41.32 30.49 50.79
N ILE U 45 -41.66 30.60 52.06
CA ILE U 45 -41.37 31.78 52.87
C ILE U 45 -40.36 31.36 53.92
N SER U 46 -39.39 32.22 54.17
CA SER U 46 -38.39 31.94 55.16
C SER U 46 -37.91 33.22 55.83
N GLN U 47 -37.73 33.17 57.15
CA GLN U 47 -37.25 34.32 57.89
C GLN U 47 -35.83 34.67 57.45
N LYS U 48 -35.55 35.97 57.46
CA LYS U 48 -34.23 36.46 57.09
C LYS U 48 -33.78 37.28 58.29
N LYS U 49 -32.67 36.88 58.88
CA LYS U 49 -32.17 37.59 60.04
C LYS U 49 -30.72 38.02 59.81
N VAL U 50 -30.51 39.33 59.73
CA VAL U 50 -29.17 39.86 59.52
C VAL U 50 -28.76 40.69 60.73
N PRO U 51 -28.24 40.01 61.77
CA PRO U 51 -27.81 40.67 63.00
C PRO U 51 -26.67 41.67 62.81
N ASP U 52 -25.52 41.18 62.35
CA ASP U 52 -24.34 42.03 62.13
C ASP U 52 -24.60 43.15 61.12
N LYS U 53 -24.26 44.38 61.48
CA LYS U 53 -24.45 45.53 60.60
C LYS U 53 -23.44 45.54 59.45
N LEU U 54 -22.27 44.97 59.70
CA LEU U 54 -21.19 44.90 58.72
C LEU U 54 -21.48 43.94 57.57
N LEU U 55 -22.56 43.20 57.67
CA LEU U 55 -22.95 42.24 56.63
C LEU U 55 -23.69 42.85 55.48
N ASP U 56 -23.43 42.33 54.29
CA ASP U 56 -24.12 42.78 53.09
C ASP U 56 -25.37 41.89 53.03
N PRO U 57 -26.52 42.42 53.45
CA PRO U 57 -27.82 41.73 53.46
C PRO U 57 -28.22 40.98 52.20
N THR U 58 -27.73 41.44 51.05
CA THR U 58 -28.07 40.81 49.78
C THR U 58 -27.43 39.44 49.58
N THR U 59 -26.41 39.14 50.36
CA THR U 59 -25.71 37.87 50.24
C THR U 59 -26.13 36.86 51.30
N VAL U 60 -27.06 37.25 52.15
CA VAL U 60 -27.54 36.37 53.22
C VAL U 60 -28.84 35.71 52.80
N SER U 61 -28.74 34.52 52.21
CA SER U 61 -29.91 33.79 51.74
C SER U 61 -29.84 32.29 52.03
N TYR U 62 -31.00 31.69 52.30
CA TYR U 62 -31.08 30.26 52.54
C TYR U 62 -32.01 29.63 51.51
N ILE U 63 -32.28 30.40 50.46
CA ILE U 63 -33.12 29.94 49.37
C ILE U 63 -32.22 29.86 48.16
N PHE U 64 -32.33 28.76 47.41
CA PHE U 64 -31.50 28.55 46.23
C PHE U 64 -32.27 28.19 44.98
N CYS U 65 -31.77 28.63 43.84
CA CYS U 65 -32.39 28.31 42.57
C CYS U 65 -31.56 27.12 42.09
N ILE U 66 -32.13 25.94 42.24
CA ILE U 66 -31.42 24.72 41.84
C ILE U 66 -31.40 24.59 40.33
N SER U 67 -32.54 24.85 39.70
CA SER U 67 -32.66 24.76 38.26
C SER U 67 -33.70 25.77 37.80
N ARG U 68 -33.88 25.90 36.49
CA ARG U 68 -34.86 26.81 35.96
C ARG U 68 -36.22 26.59 36.67
N THR U 69 -36.54 25.33 36.97
CA THR U 69 -37.82 25.00 37.59
C THR U 69 -37.84 24.64 39.09
N ILE U 70 -36.73 24.17 39.64
CA ILE U 70 -36.72 23.78 41.04
C ILE U 70 -36.08 24.78 42.01
N GLY U 71 -36.78 25.03 43.10
CA GLY U 71 -36.28 25.93 44.13
C GLY U 71 -36.06 25.12 45.39
N MET U 72 -35.04 25.47 46.16
CA MET U 72 -34.75 24.77 47.39
C MET U 72 -34.44 25.72 48.53
N VAL U 73 -35.12 25.55 49.66
CA VAL U 73 -34.86 26.36 50.84
C VAL U 73 -34.22 25.41 51.85
N VAL U 74 -33.26 25.92 52.62
CA VAL U 74 -32.56 25.08 53.59
C VAL U 74 -32.68 25.57 55.01
N ASN U 75 -32.76 24.63 55.95
CA ASN U 75 -32.80 24.93 57.37
C ASN U 75 -31.57 24.25 57.96
N GLY U 76 -30.55 25.03 58.27
CA GLY U 76 -29.33 24.48 58.84
C GLY U 76 -28.17 25.40 58.55
N PRO U 77 -26.99 25.15 59.13
CA PRO U 77 -25.80 25.99 58.91
C PRO U 77 -25.61 26.26 57.41
N ILE U 78 -25.18 27.47 57.07
CA ILE U 78 -25.00 27.80 55.68
C ILE U 78 -23.95 26.95 54.92
N PRO U 79 -22.80 26.61 55.54
CA PRO U 79 -21.84 25.81 54.77
C PRO U 79 -22.38 24.45 54.30
N ASP U 80 -23.17 23.79 55.14
CA ASP U 80 -23.73 22.50 54.75
C ASP U 80 -24.85 22.77 53.77
N ALA U 81 -25.51 23.91 53.93
CA ALA U 81 -26.60 24.27 53.03
C ALA U 81 -26.10 24.48 51.60
N ARG U 82 -24.94 25.10 51.48
CA ARG U 82 -24.34 25.37 50.18
C ARG U 82 -23.79 24.10 49.54
N ASN U 83 -23.33 23.19 50.38
CA ASN U 83 -22.81 21.90 49.93
C ASN U 83 -23.97 21.15 49.26
N ALA U 84 -25.12 21.14 49.93
CA ALA U 84 -26.31 20.48 49.41
C ALA U 84 -26.87 21.14 48.14
N ALA U 85 -26.76 22.46 48.07
CA ALA U 85 -27.26 23.20 46.91
C ALA U 85 -26.41 22.91 45.69
N LEU U 86 -25.09 22.97 45.86
CA LEU U 86 -24.19 22.73 44.75
C LEU U 86 -24.45 21.34 44.20
N ARG U 87 -24.55 20.36 45.09
CA ARG U 87 -24.79 18.99 44.67
C ARG U 87 -26.10 18.90 43.91
N ALA U 88 -27.14 19.53 44.45
CA ALA U 88 -28.45 19.49 43.82
C ALA U 88 -28.41 20.07 42.40
N LYS U 89 -27.69 21.18 42.25
CA LYS U 89 -27.59 21.82 40.93
C LYS U 89 -26.89 20.91 39.94
N ALA U 90 -25.78 20.31 40.37
CA ALA U 90 -25.02 19.40 39.53
C ALA U 90 -25.93 18.23 39.15
N GLU U 91 -26.63 17.67 40.12
CA GLU U 91 -27.52 16.53 39.88
C GLU U 91 -28.64 16.90 38.91
N ALA U 92 -29.13 18.13 39.00
CA ALA U 92 -30.21 18.55 38.12
C ALA U 92 -29.70 18.72 36.70
N ALA U 93 -28.50 19.28 36.57
CA ALA U 93 -27.89 19.51 35.26
C ALA U 93 -27.60 18.18 34.59
N GLU U 94 -26.88 17.32 35.31
CA GLU U 94 -26.54 16.02 34.77
C GLU U 94 -27.77 15.24 34.34
N PHE U 95 -28.82 15.28 35.16
CA PHE U 95 -30.05 14.56 34.85
C PHE U 95 -30.63 15.02 33.52
N ARG U 96 -30.71 16.33 33.31
CA ARG U 96 -31.26 16.87 32.06
C ARG U 96 -30.39 16.41 30.89
N TYR U 97 -29.09 16.37 31.13
CA TYR U 97 -28.15 15.96 30.12
C TYR U 97 -28.31 14.50 29.71
N LYS U 98 -28.44 13.63 30.70
CA LYS U 98 -28.57 12.19 30.42
C LYS U 98 -29.94 11.71 29.99
N TYR U 99 -31.00 12.31 30.51
CA TYR U 99 -32.34 11.84 30.20
C TYR U 99 -33.20 12.70 29.28
N GLY U 100 -32.69 13.85 28.87
CA GLY U 100 -33.41 14.70 27.94
C GLY U 100 -34.55 15.59 28.43
N TYR U 101 -34.83 15.56 29.73
CA TYR U 101 -35.89 16.41 30.26
C TYR U 101 -35.52 16.90 31.64
N ASP U 102 -36.17 17.98 32.07
CA ASP U 102 -35.91 18.59 33.36
C ASP U 102 -36.19 17.65 34.52
N MET U 103 -35.26 17.58 35.46
CA MET U 103 -35.40 16.70 36.61
C MET U 103 -36.58 17.09 37.49
N PRO U 104 -37.53 16.17 37.69
CA PRO U 104 -38.67 16.52 38.53
C PRO U 104 -38.24 16.77 39.97
N CYS U 105 -38.95 17.69 40.62
CA CYS U 105 -38.70 18.07 42.00
C CYS U 105 -38.65 16.87 42.96
N ASP U 106 -39.65 15.98 42.86
CA ASP U 106 -39.69 14.81 43.72
C ASP U 106 -38.53 13.85 43.45
N VAL U 107 -38.07 13.80 42.21
CA VAL U 107 -36.96 12.92 41.87
C VAL U 107 -35.65 13.47 42.43
N LEU U 108 -35.45 14.78 42.30
CA LEU U 108 -34.24 15.38 42.86
C LEU U 108 -34.25 15.17 44.37
N ALA U 109 -35.44 15.31 44.96
CA ALA U 109 -35.60 15.10 46.40
C ALA U 109 -35.12 13.70 46.76
N LYS U 110 -35.65 12.68 46.07
CA LYS U 110 -35.28 11.28 46.32
C LYS U 110 -33.77 11.08 46.16
N ARG U 111 -33.21 11.69 45.13
CA ARG U 111 -31.79 11.58 44.87
C ARG U 111 -30.99 12.11 46.04
N MET U 112 -31.37 13.28 46.54
CA MET U 112 -30.69 13.90 47.68
C MET U 112 -30.90 13.10 48.98
N ALA U 113 -32.09 12.54 49.14
CA ALA U 113 -32.41 11.74 50.30
C ALA U 113 -31.52 10.49 50.28
N ASN U 114 -31.36 9.91 49.10
CA ASN U 114 -30.54 8.72 48.93
C ASN U 114 -29.10 9.02 49.28
N LEU U 115 -28.62 10.18 48.82
CA LEU U 115 -27.27 10.60 49.12
C LEU U 115 -27.15 10.68 50.64
N SER U 116 -28.12 11.34 51.27
CA SER U 116 -28.11 11.46 52.73
C SER U 116 -28.18 10.11 53.44
N GLN U 117 -28.99 9.19 52.91
CA GLN U 117 -29.09 7.87 53.51
C GLN U 117 -27.72 7.22 53.60
N ILE U 118 -26.87 7.48 52.59
CA ILE U 118 -25.53 6.91 52.55
C ILE U 118 -24.64 7.40 53.68
N TYR U 119 -24.75 8.67 54.03
CA TYR U 119 -23.91 9.20 55.11
C TYR U 119 -24.35 8.57 56.43
N THR U 120 -25.57 8.05 56.40
CA THR U 120 -26.20 7.38 57.51
C THR U 120 -25.64 5.96 57.71
N GLN U 121 -25.17 5.35 56.61
CA GLN U 121 -24.66 3.98 56.63
C GLN U 121 -23.13 3.86 56.59
N ARG U 122 -22.48 4.65 55.74
CA ARG U 122 -21.03 4.61 55.64
C ARG U 122 -20.48 5.53 56.73
N ALA U 123 -19.55 5.01 57.51
CA ALA U 123 -18.97 5.73 58.63
C ALA U 123 -18.03 6.89 58.39
N TYR U 124 -17.44 6.99 57.21
CA TYR U 124 -16.50 8.09 56.99
C TYR U 124 -17.14 9.41 56.58
N MET U 125 -18.40 9.35 56.14
CA MET U 125 -19.13 10.55 55.73
C MET U 125 -20.06 10.96 56.87
N ARG U 126 -20.07 12.24 57.23
CA ARG U 126 -20.97 12.68 58.29
C ARG U 126 -22.27 13.15 57.67
N PRO U 127 -23.37 13.12 58.43
CA PRO U 127 -24.60 13.60 57.80
C PRO U 127 -24.49 15.12 57.68
N LEU U 128 -25.37 15.72 56.88
CA LEU U 128 -25.38 17.18 56.75
C LEU U 128 -26.47 17.71 57.68
N GLY U 129 -26.12 18.65 58.56
CA GLY U 129 -27.08 19.20 59.48
C GLY U 129 -28.11 20.10 58.82
N VAL U 130 -28.74 19.60 57.77
CA VAL U 130 -29.71 20.40 57.08
C VAL U 130 -30.97 19.65 56.71
N ILE U 131 -32.03 20.41 56.46
CA ILE U 131 -33.30 19.87 56.02
C ILE U 131 -33.55 20.61 54.71
N LEU U 132 -33.83 19.86 53.65
CA LEU U 132 -34.05 20.45 52.34
C LEU U 132 -35.51 20.40 51.91
N THR U 133 -36.02 21.58 51.56
CA THR U 133 -37.40 21.68 51.10
C THR U 133 -37.32 22.08 49.64
N PHE U 134 -37.74 21.18 48.76
CA PHE U 134 -37.71 21.46 47.34
C PHE U 134 -39.09 21.82 46.86
N VAL U 135 -39.18 22.82 45.99
CA VAL U 135 -40.47 23.23 45.47
C VAL U 135 -40.40 23.51 43.99
N SER U 136 -41.54 23.32 43.33
CA SER U 136 -41.65 23.56 41.90
C SER U 136 -43.07 23.28 41.42
N VAL U 137 -43.33 23.61 40.15
CA VAL U 137 -44.61 23.32 39.55
C VAL U 137 -44.21 22.26 38.52
N ASP U 138 -44.25 21.00 38.95
CA ASP U 138 -43.88 19.87 38.10
C ASP U 138 -44.79 19.77 36.89
N GLU U 139 -44.25 19.33 35.76
CA GLU U 139 -45.06 19.21 34.55
C GLU U 139 -46.00 18.01 34.55
N GLU U 140 -45.92 17.17 35.57
CA GLU U 140 -46.79 16.01 35.65
C GLU U 140 -47.57 16.01 36.95
N LEU U 141 -46.99 16.57 38.01
CA LEU U 141 -47.65 16.58 39.31
C LEU U 141 -48.15 17.95 39.74
N GLY U 142 -47.72 18.98 39.02
CA GLY U 142 -48.14 20.32 39.38
C GLY U 142 -47.39 20.81 40.60
N PRO U 143 -47.90 21.86 41.29
CA PRO U 143 -47.26 22.42 42.47
C PRO U 143 -46.73 21.29 43.37
N SER U 144 -45.45 21.34 43.71
CA SER U 144 -44.85 20.30 44.52
C SER U 144 -43.92 20.75 45.64
N ILE U 145 -44.00 20.05 46.76
CA ILE U 145 -43.15 20.31 47.91
C ILE U 145 -42.65 18.96 48.42
N TYR U 146 -41.33 18.79 48.43
CA TYR U 146 -40.70 17.57 48.91
C TYR U 146 -39.57 17.99 49.84
N LYS U 147 -39.54 17.39 51.02
CA LYS U 147 -38.55 17.74 52.02
C LYS U 147 -37.76 16.53 52.49
N THR U 148 -36.45 16.71 52.58
CA THR U 148 -35.55 15.64 53.00
C THR U 148 -34.79 16.04 54.26
N ASP U 149 -34.45 15.06 55.09
CA ASP U 149 -33.74 15.31 56.35
C ASP U 149 -32.43 14.53 56.44
N PRO U 150 -31.68 14.69 57.53
CA PRO U 150 -30.40 13.97 57.68
C PRO U 150 -30.55 12.45 57.76
N ALA U 151 -31.77 11.98 58.01
CA ALA U 151 -32.00 10.55 58.12
C ALA U 151 -32.11 9.91 56.74
N GLY U 152 -32.23 10.74 55.71
CA GLY U 152 -32.36 10.23 54.36
C GLY U 152 -33.82 10.01 54.01
N TYR U 153 -34.70 10.57 54.82
CA TYR U 153 -36.13 10.44 54.61
C TYR U 153 -36.67 11.62 53.80
N TYR U 154 -37.72 11.38 53.02
CA TYR U 154 -38.33 12.44 52.24
C TYR U 154 -39.78 12.11 51.95
N VAL U 155 -40.60 13.14 51.78
CA VAL U 155 -42.00 12.93 51.48
C VAL U 155 -42.57 14.19 50.88
N GLY U 156 -43.69 14.06 50.16
CA GLY U 156 -44.34 15.19 49.54
C GLY U 156 -45.31 15.79 50.53
N TYR U 157 -45.52 17.10 50.43
CA TYR U 157 -46.43 17.80 51.33
C TYR U 157 -47.45 18.66 50.62
N LYS U 158 -48.56 18.93 51.30
CA LYS U 158 -49.62 19.79 50.78
C LYS U 158 -49.07 21.18 51.05
N ALA U 159 -48.37 21.27 52.19
CA ALA U 159 -47.73 22.47 52.68
C ALA U 159 -46.87 21.97 53.82
N THR U 160 -45.84 22.72 54.21
CA THR U 160 -45.01 22.26 55.29
C THR U 160 -44.26 23.41 55.95
N ALA U 161 -43.62 23.13 57.08
CA ALA U 161 -42.87 24.14 57.82
C ALA U 161 -41.67 23.50 58.50
N THR U 162 -40.59 24.26 58.62
CA THR U 162 -39.36 23.77 59.22
C THR U 162 -38.71 24.86 60.06
N GLY U 163 -38.08 24.46 61.17
CA GLY U 163 -37.41 25.42 62.04
C GLY U 163 -37.78 25.23 63.50
N PRO U 164 -37.21 26.05 64.40
CA PRO U 164 -37.48 25.96 65.84
C PRO U 164 -38.97 25.99 66.20
N LYS U 165 -39.73 26.88 65.57
CA LYS U 165 -41.16 26.99 65.85
C LYS U 165 -41.97 26.31 64.75
N GLN U 166 -41.42 25.20 64.27
CA GLN U 166 -42.03 24.42 63.21
C GLN U 166 -43.41 23.92 63.57
N GLN U 167 -43.55 23.46 64.81
CA GLN U 167 -44.83 22.93 65.29
C GLN U 167 -45.97 23.94 65.27
N GLU U 168 -45.70 25.18 65.64
CA GLU U 168 -46.74 26.22 65.65
C GLU U 168 -47.22 26.49 64.23
N ILE U 169 -46.27 26.67 63.31
CA ILE U 169 -46.60 26.95 61.92
C ILE U 169 -47.35 25.79 61.30
N THR U 170 -46.93 24.58 61.64
CA THR U 170 -47.57 23.37 61.12
C THR U 170 -49.03 23.26 61.54
N THR U 171 -49.29 23.28 62.85
CA THR U 171 -50.66 23.17 63.36
C THR U 171 -51.53 24.31 62.84
N ASN U 172 -50.93 25.48 62.64
CA ASN U 172 -51.65 26.62 62.10
C ASN U 172 -52.20 26.21 60.72
N LEU U 173 -51.30 25.76 59.85
CA LEU U 173 -51.66 25.32 58.50
C LEU U 173 -52.64 24.14 58.52
N GLU U 174 -52.39 23.17 59.40
CA GLU U 174 -53.25 22.00 59.53
C GLU U 174 -54.69 22.48 59.73
N ASN U 175 -54.86 23.36 60.71
CA ASN U 175 -56.17 23.89 61.02
C ASN U 175 -56.80 24.53 59.81
N HIS U 176 -56.02 25.33 59.08
CA HIS U 176 -56.54 25.98 57.89
C HIS U 176 -57.07 25.02 56.83
N PHE U 177 -56.42 23.87 56.68
CA PHE U 177 -56.87 22.92 55.68
C PHE U 177 -58.05 22.09 56.16
N LYS U 178 -58.18 21.90 57.47
CA LYS U 178 -59.32 21.17 58.01
C LYS U 178 -60.53 22.00 57.65
N LYS U 179 -60.33 23.31 57.68
CA LYS U 179 -61.38 24.28 57.36
C LYS U 179 -61.73 24.27 55.87
N SER U 180 -60.78 24.72 55.03
CA SER U 180 -61.00 24.79 53.59
C SER U 180 -61.32 23.46 52.90
N LYS U 181 -60.95 22.35 53.55
CA LYS U 181 -61.21 21.01 53.00
C LYS U 181 -60.48 20.64 51.71
N ILE U 182 -59.58 21.51 51.26
CA ILE U 182 -58.79 21.23 50.06
C ILE U 182 -57.33 21.21 50.48
N ASP U 183 -56.49 20.57 49.67
CA ASP U 183 -55.06 20.45 49.98
C ASP U 183 -54.17 21.53 49.37
N HIS U 184 -54.72 22.74 49.20
CA HIS U 184 -53.95 23.84 48.63
C HIS U 184 -54.64 25.19 48.82
N ILE U 185 -53.94 26.26 48.45
CA ILE U 185 -54.49 27.60 48.56
C ILE U 185 -55.19 27.92 47.24
N ASN U 186 -56.52 27.91 47.27
CA ASN U 186 -57.32 28.18 46.08
C ASN U 186 -57.18 29.62 45.59
N GLU U 187 -56.02 29.95 45.06
CA GLU U 187 -55.78 31.29 44.55
C GLU U 187 -55.21 31.20 43.13
N GLU U 188 -55.61 32.13 42.26
CA GLU U 188 -55.16 32.12 40.88
C GLU U 188 -53.82 32.82 40.69
N SER U 189 -53.58 33.88 41.44
CA SER U 189 -52.32 34.59 41.33
C SER U 189 -51.35 34.10 42.41
N TRP U 190 -50.06 34.08 42.11
CA TRP U 190 -49.10 33.64 43.10
C TRP U 190 -48.90 34.73 44.15
N GLU U 191 -49.14 35.99 43.76
CA GLU U 191 -49.00 37.12 44.67
C GLU U 191 -49.89 36.93 45.90
N LYS U 192 -51.09 36.41 45.68
CA LYS U 192 -52.02 36.16 46.77
C LYS U 192 -51.56 34.96 47.58
N VAL U 193 -51.05 33.92 46.92
CA VAL U 193 -50.57 32.75 47.63
C VAL U 193 -49.41 33.19 48.51
N VAL U 194 -48.57 34.07 47.98
CA VAL U 194 -47.43 34.58 48.75
C VAL U 194 -47.95 35.34 49.97
N GLU U 195 -49.06 36.05 49.80
CA GLU U 195 -49.64 36.82 50.90
C GLU U 195 -50.18 35.89 51.98
N PHE U 196 -50.91 34.86 51.57
CA PHE U 196 -51.45 33.88 52.51
C PHE U 196 -50.29 33.30 53.31
N ALA U 197 -49.22 32.93 52.60
CA ALA U 197 -48.06 32.36 53.25
C ALA U 197 -47.49 33.32 54.31
N ILE U 198 -47.31 34.58 53.95
CA ILE U 198 -46.77 35.54 54.91
C ILE U 198 -47.74 35.77 56.08
N THR U 199 -49.03 35.79 55.76
CA THR U 199 -50.04 36.00 56.78
C THR U 199 -49.95 34.93 57.84
N HIS U 200 -50.19 33.68 57.46
CA HIS U 200 -50.14 32.59 58.42
C HIS U 200 -48.77 32.46 59.08
N MET U 201 -47.74 32.96 58.43
CA MET U 201 -46.41 32.92 59.02
C MET U 201 -46.46 33.84 60.25
N ILE U 202 -47.23 34.91 60.13
CA ILE U 202 -47.37 35.89 61.20
C ILE U 202 -48.28 35.41 62.31
N ASP U 203 -49.46 34.87 61.96
CA ASP U 203 -50.40 34.38 62.96
C ASP U 203 -49.71 33.38 63.86
N ALA U 204 -49.04 32.42 63.25
CA ALA U 204 -48.35 31.35 63.96
C ALA U 204 -47.15 31.79 64.80
N LEU U 205 -46.29 32.65 64.25
CA LEU U 205 -45.13 33.10 64.99
C LEU U 205 -45.45 34.30 65.89
N GLY U 206 -46.65 34.85 65.71
CA GLY U 206 -47.07 36.00 66.48
C GLY U 206 -46.12 37.18 66.33
N THR U 207 -45.63 37.40 65.12
CA THR U 207 -44.71 38.52 64.87
C THR U 207 -44.99 39.25 63.58
N GLU U 208 -44.63 40.53 63.57
CA GLU U 208 -44.80 41.40 62.41
C GLU U 208 -43.51 41.32 61.61
N PHE U 209 -43.58 41.60 60.31
CA PHE U 209 -42.40 41.53 59.45
C PHE U 209 -42.22 42.76 58.57
N SER U 210 -40.98 43.21 58.44
CA SER U 210 -40.67 44.34 57.56
C SER U 210 -40.21 43.66 56.26
N LYS U 211 -39.87 44.45 55.26
CA LYS U 211 -39.44 43.89 53.99
C LYS U 211 -38.08 43.18 54.04
N ASN U 212 -37.35 43.32 55.15
CA ASN U 212 -36.03 42.68 55.26
C ASN U 212 -35.99 41.56 56.29
N ASP U 213 -37.17 41.16 56.77
CA ASP U 213 -37.25 40.10 57.77
C ASP U 213 -37.68 38.81 57.07
N LEU U 214 -38.04 38.93 55.81
CA LEU U 214 -38.47 37.80 55.02
C LEU U 214 -37.62 37.55 53.78
N GLU U 215 -37.82 36.37 53.21
CA GLU U 215 -37.13 35.89 52.03
C GLU U 215 -38.21 35.06 51.36
N VAL U 216 -38.49 35.32 50.09
CA VAL U 216 -39.56 34.58 49.42
C VAL U 216 -39.15 33.92 48.09
N GLY U 217 -39.64 32.71 47.89
CA GLY U 217 -39.36 32.00 46.67
C GLY U 217 -40.68 31.58 46.04
N VAL U 218 -40.76 31.66 44.72
CA VAL U 218 -41.98 31.27 44.02
C VAL U 218 -41.67 30.40 42.82
N ALA U 219 -42.41 29.31 42.69
CA ALA U 219 -42.24 28.38 41.59
C ALA U 219 -43.51 28.43 40.76
N THR U 220 -43.36 28.53 39.44
CA THR U 220 -44.49 28.55 38.54
C THR U 220 -44.17 27.67 37.35
N LYS U 221 -45.14 27.53 36.45
CA LYS U 221 -44.95 26.74 35.24
C LYS U 221 -43.70 27.27 34.54
N ASP U 222 -42.72 26.39 34.40
CA ASP U 222 -41.48 26.73 33.72
C ASP U 222 -40.56 27.76 34.39
N LYS U 223 -40.81 28.08 35.65
CA LYS U 223 -39.91 29.00 36.33
C LYS U 223 -40.00 29.14 37.84
N PHE U 224 -38.84 29.27 38.46
CA PHE U 224 -38.74 29.48 39.88
C PHE U 224 -37.86 30.71 40.11
N PHE U 225 -38.31 31.61 40.98
CA PHE U 225 -37.59 32.84 41.27
C PHE U 225 -37.80 33.31 42.70
N THR U 226 -36.92 34.19 43.15
CA THR U 226 -37.03 34.76 44.49
C THR U 226 -37.41 36.24 44.35
N LEU U 227 -38.12 36.77 45.34
CA LEU U 227 -38.57 38.15 45.33
C LEU U 227 -37.52 39.10 45.91
N SER U 228 -37.67 40.39 45.60
CA SER U 228 -36.77 41.42 46.10
C SER U 228 -37.42 42.09 47.31
N ALA U 229 -36.62 42.80 48.10
CA ALA U 229 -37.14 43.49 49.27
C ALA U 229 -38.38 44.28 48.86
N GLU U 230 -38.33 44.86 47.67
CA GLU U 230 -39.44 45.66 47.15
C GLU U 230 -40.62 44.83 46.66
N ASN U 231 -40.37 43.64 46.14
CA ASN U 231 -41.46 42.79 45.67
C ASN U 231 -42.21 42.34 46.92
N ILE U 232 -41.44 42.11 47.98
CA ILE U 232 -41.98 41.67 49.27
C ILE U 232 -42.76 42.80 49.92
N GLU U 233 -42.16 43.99 49.94
CA GLU U 233 -42.79 45.17 50.52
C GLU U 233 -44.20 45.32 49.95
N GLU U 234 -44.31 45.16 48.63
CA GLU U 234 -45.60 45.25 47.95
C GLU U 234 -46.59 44.24 48.53
N ARG U 235 -46.08 43.07 48.88
CA ARG U 235 -46.87 41.98 49.47
C ARG U 235 -47.31 42.40 50.88
N LEU U 236 -46.37 42.94 51.65
CA LEU U 236 -46.61 43.39 53.02
C LEU U 236 -47.67 44.48 53.07
N VAL U 237 -47.59 45.42 52.13
CA VAL U 237 -48.54 46.51 52.04
C VAL U 237 -49.97 45.99 51.84
N ALA U 238 -50.13 45.04 50.93
CA ALA U 238 -51.44 44.48 50.65
C ALA U 238 -52.07 43.76 51.84
N ILE U 239 -51.28 43.01 52.60
CA ILE U 239 -51.83 42.30 53.76
C ILE U 239 -52.22 43.30 54.84
N ALA U 240 -51.57 44.45 54.82
CA ALA U 240 -51.84 45.51 55.79
C ALA U 240 -53.21 46.14 55.58
N GLU U 241 -53.64 46.19 54.33
CA GLU U 241 -54.92 46.78 53.97
C GLU U 241 -56.00 45.71 53.94
N GLN U 242 -56.14 45.00 55.04
CA GLN U 242 -57.12 43.93 55.18
C GLN U 242 -57.27 43.66 56.67
N ASP U 243 -56.18 43.97 57.39
CA ASP U 243 -56.08 43.82 58.85
C ASP U 243 -56.35 45.18 59.51
N THR V 1 -33.18 -4.81 4.74
CA THR V 1 -34.19 -4.29 5.70
C THR V 1 -34.84 -2.98 5.24
N THR V 2 -36.13 -2.87 5.52
CA THR V 2 -36.89 -1.66 5.21
C THR V 2 -37.69 -1.38 6.47
N ILE V 3 -37.50 -0.19 7.05
CA ILE V 3 -38.25 0.20 8.24
C ILE V 3 -38.72 1.63 8.05
N VAL V 4 -39.93 1.92 8.49
CA VAL V 4 -40.50 3.27 8.38
C VAL V 4 -41.21 3.70 9.66
N GLY V 5 -41.42 5.01 9.76
CA GLY V 5 -42.11 5.57 10.90
C GLY V 5 -42.99 6.66 10.32
N VAL V 6 -44.24 6.72 10.76
CA VAL V 6 -45.16 7.73 10.26
C VAL V 6 -46.04 8.31 11.36
N LYS V 7 -46.01 9.63 11.50
CA LYS V 7 -46.82 10.32 12.50
C LYS V 7 -48.21 10.57 11.93
N PHE V 8 -49.24 10.40 12.77
CA PHE V 8 -50.60 10.69 12.36
C PHE V 8 -51.19 11.62 13.43
N ASN V 9 -52.34 12.21 13.15
CA ASN V 9 -52.97 13.17 14.06
C ASN V 9 -52.99 12.91 15.57
N ASN V 10 -52.90 11.66 16.00
CA ASN V 10 -52.94 11.39 17.43
C ASN V 10 -52.00 10.26 17.84
N GLY V 11 -50.86 10.18 17.17
CA GLY V 11 -49.91 9.13 17.49
C GLY V 11 -48.86 8.90 16.43
N VAL V 12 -48.29 7.71 16.46
CA VAL V 12 -47.25 7.36 15.51
C VAL V 12 -47.29 5.86 15.23
N VAL V 13 -46.88 5.49 14.03
CA VAL V 13 -46.86 4.09 13.62
C VAL V 13 -45.51 3.74 13.00
N ILE V 14 -45.04 2.52 13.22
CA ILE V 14 -43.78 2.08 12.63
C ILE V 14 -44.01 0.72 12.01
N ALA V 15 -43.35 0.45 10.90
CA ALA V 15 -43.49 -0.83 10.22
C ALA V 15 -42.14 -1.33 9.75
N ALA V 16 -42.08 -2.61 9.37
CA ALA V 16 -40.83 -3.19 8.88
C ALA V 16 -41.10 -4.48 8.13
N ASP V 17 -40.16 -4.88 7.27
CA ASP V 17 -40.31 -6.12 6.54
C ASP V 17 -39.84 -7.21 7.51
N THR V 18 -39.81 -8.46 7.07
CA THR V 18 -39.40 -9.55 7.95
C THR V 18 -38.28 -10.42 7.41
N ARG V 19 -37.59 -9.93 6.40
CA ARG V 19 -36.49 -10.70 5.82
C ARG V 19 -35.16 -10.44 6.53
N SER V 20 -34.47 -11.50 6.90
CA SER V 20 -33.17 -11.37 7.54
C SER V 20 -32.16 -12.06 6.61
N THR V 21 -31.09 -11.37 6.24
CA THR V 21 -30.13 -11.97 5.32
C THR V 21 -28.69 -12.04 5.76
N GLN V 22 -28.01 -13.09 5.27
CA GLN V 22 -26.60 -13.30 5.52
C GLN V 22 -26.02 -13.19 4.10
N GLY V 23 -25.64 -11.98 3.71
CA GLY V 23 -25.10 -11.81 2.38
C GLY V 23 -26.25 -11.97 1.41
N PRO V 24 -26.15 -12.87 0.41
CA PRO V 24 -27.25 -13.03 -0.53
C PRO V 24 -28.26 -14.09 -0.09
N ILE V 25 -27.97 -14.74 1.03
CA ILE V 25 -28.85 -15.79 1.56
C ILE V 25 -29.86 -15.31 2.59
N VAL V 26 -31.09 -15.81 2.49
CA VAL V 26 -32.12 -15.46 3.44
C VAL V 26 -32.08 -16.49 4.56
N ALA V 27 -31.75 -16.03 5.77
CA ALA V 27 -31.66 -16.89 6.95
C ALA V 27 -33.04 -17.02 7.62
N ASP V 28 -33.68 -15.88 7.89
CA ASP V 28 -34.99 -15.88 8.52
C ASP V 28 -35.96 -15.17 7.58
N LYS V 29 -36.96 -15.91 7.13
CA LYS V 29 -37.96 -15.37 6.21
C LYS V 29 -39.07 -14.62 6.91
N ASN V 30 -39.07 -14.69 8.24
CA ASN V 30 -40.10 -13.99 9.01
C ASN V 30 -39.60 -13.59 10.39
N CYS V 31 -38.55 -12.79 10.45
CA CYS V 31 -38.06 -12.37 11.75
C CYS V 31 -38.79 -11.09 12.10
N ALA V 32 -38.76 -10.72 13.38
CA ALA V 32 -39.41 -9.51 13.83
C ALA V 32 -38.37 -8.44 14.07
N LYS V 33 -38.49 -7.34 13.33
CA LYS V 33 -37.53 -6.24 13.45
C LYS V 33 -38.07 -5.13 14.36
N LEU V 34 -39.29 -5.32 14.85
CA LEU V 34 -39.96 -4.37 15.72
C LEU V 34 -39.74 -4.75 17.18
N HIS V 35 -38.94 -3.95 17.88
CA HIS V 35 -38.62 -4.20 19.29
C HIS V 35 -39.23 -3.19 20.23
N ARG V 36 -39.50 -3.65 21.43
CA ARG V 36 -40.09 -2.81 22.45
C ARG V 36 -39.00 -2.26 23.38
N ILE V 37 -39.01 -0.95 23.61
CA ILE V 37 -38.05 -0.34 24.53
C ILE V 37 -38.77 -0.29 25.87
N SER V 38 -40.01 0.17 25.83
CA SER V 38 -40.88 0.25 27.01
C SER V 38 -42.26 -0.09 26.45
N PRO V 39 -43.26 -0.29 27.32
CA PRO V 39 -44.57 -0.62 26.78
C PRO V 39 -45.04 0.26 25.62
N LYS V 40 -44.79 1.57 25.69
CA LYS V 40 -45.26 2.46 24.63
C LYS V 40 -44.20 3.16 23.80
N ILE V 41 -43.00 2.60 23.78
CA ILE V 41 -41.92 3.15 22.96
C ILE V 41 -41.33 1.97 22.20
N TRP V 42 -41.57 1.95 20.90
CA TRP V 42 -41.09 0.85 20.08
C TRP V 42 -39.98 1.23 19.12
N CYS V 43 -39.25 0.21 18.70
CA CYS V 43 -38.11 0.37 17.82
C CYS V 43 -38.14 -0.50 16.59
N ALA V 44 -37.38 -0.06 15.59
CA ALA V 44 -37.23 -0.79 14.34
C ALA V 44 -35.75 -0.57 14.00
N GLY V 45 -35.02 -1.64 13.78
CA GLY V 45 -33.60 -1.49 13.50
C GLY V 45 -33.08 -2.05 12.20
N ALA V 46 -31.98 -1.46 11.74
CA ALA V 46 -31.30 -1.86 10.52
C ALA V 46 -29.80 -1.84 10.87
N GLY V 47 -28.95 -2.28 9.95
CA GLY V 47 -27.53 -2.31 10.26
C GLY V 47 -27.19 -3.64 10.91
N THR V 48 -26.15 -3.66 11.73
CA THR V 48 -25.74 -4.90 12.41
C THR V 48 -26.84 -5.36 13.35
N ALA V 49 -27.52 -6.45 12.97
CA ALA V 49 -28.63 -6.99 13.76
C ALA V 49 -28.34 -7.21 15.26
N ALA V 50 -27.25 -7.88 15.58
CA ALA V 50 -26.92 -8.12 16.97
C ALA V 50 -26.83 -6.79 17.70
N ASP V 51 -26.33 -5.77 17.01
CA ASP V 51 -26.18 -4.46 17.61
C ASP V 51 -27.49 -3.75 17.90
N THR V 52 -28.40 -3.73 16.95
CA THR V 52 -29.67 -3.05 17.19
C THR V 52 -30.46 -3.79 18.28
N GLU V 53 -30.37 -5.11 18.30
CA GLU V 53 -31.08 -5.91 19.28
C GLU V 53 -30.50 -5.68 20.67
N ALA V 54 -29.18 -5.66 20.75
CA ALA V 54 -28.45 -5.46 22.00
C ALA V 54 -28.66 -4.06 22.59
N VAL V 55 -28.50 -3.05 21.74
CA VAL V 55 -28.61 -1.68 22.17
C VAL V 55 -30.06 -1.39 22.56
N THR V 56 -30.99 -2.06 21.90
CA THR V 56 -32.42 -1.88 22.17
C THR V 56 -32.79 -2.39 23.55
N GLN V 57 -32.22 -3.51 23.93
CA GLN V 57 -32.51 -4.08 25.22
C GLN V 57 -31.78 -3.41 26.35
N LEU V 58 -30.56 -2.94 26.08
CA LEU V 58 -29.77 -2.28 27.10
C LEU V 58 -30.49 -1.01 27.55
N ILE V 59 -30.79 -0.15 26.60
CA ILE V 59 -31.49 1.08 26.93
C ILE V 59 -32.86 0.71 27.50
N GLY V 60 -33.48 -0.35 26.96
CA GLY V 60 -34.77 -0.76 27.46
C GLY V 60 -34.68 -1.06 28.94
N SER V 61 -33.71 -1.88 29.31
CA SER V 61 -33.50 -2.24 30.70
C SER V 61 -33.33 -0.97 31.54
N ASN V 62 -32.45 -0.08 31.11
CA ASN V 62 -32.21 1.15 31.85
C ASN V 62 -33.43 2.03 31.91
N ILE V 63 -34.19 2.08 30.83
CA ILE V 63 -35.39 2.90 30.81
C ILE V 63 -36.38 2.40 31.86
N GLU V 64 -36.46 1.08 32.01
CA GLU V 64 -37.35 0.50 33.00
C GLU V 64 -36.90 0.90 34.40
N LEU V 65 -35.62 0.73 34.68
CA LEU V 65 -35.07 1.11 35.99
C LEU V 65 -35.29 2.62 36.26
N HIS V 66 -35.17 3.44 35.23
CA HIS V 66 -35.37 4.87 35.37
C HIS V 66 -36.82 5.13 35.73
N SER V 67 -37.71 4.50 34.99
CA SER V 67 -39.15 4.61 35.19
C SER V 67 -39.54 4.25 36.63
N LEU V 68 -38.98 3.15 37.12
CA LEU V 68 -39.27 2.69 38.48
C LEU V 68 -38.79 3.73 39.48
N TYR V 69 -37.57 4.24 39.25
CA TYR V 69 -36.96 5.23 40.14
C TYR V 69 -37.68 6.57 40.17
N THR V 70 -38.14 7.03 39.01
CA THR V 70 -38.83 8.32 38.95
C THR V 70 -40.34 8.22 39.10
N SER V 71 -40.85 6.99 39.16
CA SER V 71 -42.29 6.76 39.29
C SER V 71 -43.03 7.44 38.13
N ARG V 72 -42.36 7.53 36.98
CA ARG V 72 -42.94 8.13 35.79
C ARG V 72 -42.88 7.25 34.56
N GLU V 73 -43.77 7.53 33.62
CA GLU V 73 -43.83 6.82 32.35
C GLU V 73 -42.57 7.16 31.58
N PRO V 74 -41.94 6.16 30.96
CA PRO V 74 -40.72 6.45 30.20
C PRO V 74 -41.06 7.44 29.08
N ARG V 75 -40.13 8.34 28.79
CA ARG V 75 -40.33 9.30 27.72
C ARG V 75 -39.46 8.92 26.53
N VAL V 76 -39.95 9.20 25.33
CA VAL V 76 -39.20 8.87 24.13
C VAL V 76 -37.87 9.63 24.08
N VAL V 77 -37.86 10.93 24.41
CA VAL V 77 -36.60 11.68 24.40
C VAL V 77 -35.56 11.06 25.34
N SER V 78 -36.00 10.29 26.31
CA SER V 78 -35.05 9.66 27.22
C SER V 78 -34.38 8.48 26.53
N ALA V 79 -35.18 7.63 25.91
CA ALA V 79 -34.63 6.48 25.18
C ALA V 79 -33.68 7.02 24.12
N LEU V 80 -34.04 8.15 23.55
CA LEU V 80 -33.27 8.81 22.51
C LEU V 80 -31.89 9.26 22.99
N GLN V 81 -31.87 10.02 24.08
CA GLN V 81 -30.63 10.52 24.62
C GLN V 81 -29.71 9.39 25.09
N MET V 82 -30.31 8.36 25.69
CA MET V 82 -29.52 7.23 26.19
C MET V 82 -28.89 6.44 25.04
N LEU V 83 -29.65 6.25 23.97
CA LEU V 83 -29.16 5.53 22.80
C LEU V 83 -27.98 6.26 22.14
N LYS V 84 -28.20 7.51 21.75
CA LYS V 84 -27.15 8.29 21.08
C LYS V 84 -25.90 8.51 21.91
N GLN V 85 -26.05 8.70 23.20
CA GLN V 85 -24.87 8.90 24.02
C GLN V 85 -24.06 7.61 24.09
N HIS V 86 -24.78 6.48 24.03
CA HIS V 86 -24.15 5.17 24.05
C HIS V 86 -23.45 4.94 22.70
N LEU V 87 -24.21 5.14 21.61
CA LEU V 87 -23.66 4.96 20.27
C LEU V 87 -22.49 5.92 19.99
N PHE V 88 -22.59 7.16 20.42
CA PHE V 88 -21.54 8.12 20.19
C PHE V 88 -20.23 7.68 20.84
N LYS V 89 -20.35 7.14 22.06
CA LYS V 89 -19.22 6.67 22.83
C LYS V 89 -18.44 5.62 22.05
N TYR V 90 -19.17 4.81 21.28
CA TYR V 90 -18.56 3.73 20.50
C TYR V 90 -18.22 4.11 19.07
N GLN V 91 -18.05 5.40 18.84
CA GLN V 91 -17.69 5.92 17.53
C GLN V 91 -18.16 5.16 16.30
N GLY V 92 -19.42 4.74 16.28
CA GLY V 92 -19.94 4.04 15.12
C GLY V 92 -19.64 2.55 15.02
N HIS V 93 -18.85 2.03 15.95
CA HIS V 93 -18.52 0.61 15.94
C HIS V 93 -19.70 -0.29 16.29
N ILE V 94 -20.70 0.28 16.94
CA ILE V 94 -21.91 -0.48 17.23
C ILE V 94 -22.81 -0.06 16.09
N GLY V 95 -22.91 -0.91 15.08
CA GLY V 95 -23.71 -0.62 13.90
C GLY V 95 -25.22 -0.62 14.07
N ALA V 96 -25.71 0.23 14.96
CA ALA V 96 -27.14 0.32 15.18
C ALA V 96 -27.73 1.52 14.46
N TYR V 97 -28.77 1.26 13.68
CA TYR V 97 -29.50 2.29 12.95
C TYR V 97 -30.93 1.97 13.34
N LEU V 98 -31.59 2.93 13.99
CA LEU V 98 -32.95 2.72 14.48
C LEU V 98 -33.92 3.85 14.22
N ILE V 99 -35.20 3.48 14.18
CA ILE V 99 -36.29 4.43 14.05
C ILE V 99 -37.00 4.18 15.37
N VAL V 100 -37.01 5.18 16.23
CA VAL V 100 -37.66 5.05 17.52
C VAL V 100 -38.90 5.93 17.55
N ALA V 101 -40.01 5.31 17.95
CA ALA V 101 -41.29 6.01 18.03
C ALA V 101 -41.98 5.61 19.33
N GLY V 102 -42.91 6.46 19.78
CA GLY V 102 -43.64 6.15 20.99
C GLY V 102 -44.45 7.33 21.48
N VAL V 103 -45.23 7.09 22.52
CA VAL V 103 -46.04 8.14 23.10
C VAL V 103 -45.74 8.15 24.60
N ASP V 104 -45.80 9.32 25.20
CA ASP V 104 -45.54 9.46 26.63
C ASP V 104 -46.29 10.69 27.13
N PRO V 105 -46.28 10.93 28.46
CA PRO V 105 -46.97 12.09 29.04
C PRO V 105 -46.86 13.39 28.25
N THR V 106 -45.86 13.51 27.36
CA THR V 106 -45.69 14.74 26.61
C THR V 106 -46.16 14.73 25.16
N GLY V 107 -46.73 13.61 24.70
CA GLY V 107 -47.19 13.53 23.32
C GLY V 107 -46.65 12.35 22.51
N SER V 108 -46.74 12.44 21.19
CA SER V 108 -46.24 11.38 20.31
C SER V 108 -44.92 11.81 19.65
N HIS V 109 -43.97 10.87 19.55
CA HIS V 109 -42.66 11.17 18.99
C HIS V 109 -42.11 10.19 17.95
N LEU V 110 -41.37 10.75 17.00
CA LEU V 110 -40.74 9.98 15.92
C LEU V 110 -39.31 10.46 15.68
N PHE V 111 -38.35 9.56 15.87
CA PHE V 111 -36.94 9.88 15.69
C PHE V 111 -36.20 8.76 14.94
N SER V 112 -35.00 9.09 14.48
CA SER V 112 -34.15 8.12 13.81
C SER V 112 -32.76 8.31 14.43
N ILE V 113 -32.07 7.19 14.65
CA ILE V 113 -30.74 7.25 15.23
C ILE V 113 -29.74 6.51 14.37
N HIS V 114 -28.59 7.13 14.15
CA HIS V 114 -27.55 6.52 13.34
C HIS V 114 -26.44 5.97 14.23
N ALA V 115 -25.75 4.97 13.73
CA ALA V 115 -24.67 4.30 14.45
C ALA V 115 -23.66 5.22 15.13
N HIS V 116 -23.36 6.36 14.52
CA HIS V 116 -22.39 7.27 15.11
C HIS V 116 -22.93 8.09 16.26
N GLY V 117 -24.26 8.13 16.39
CA GLY V 117 -24.85 8.87 17.48
C GLY V 117 -25.69 10.08 17.11
N SER V 118 -25.91 10.29 15.82
CA SER V 118 -26.72 11.44 15.41
C SER V 118 -28.20 11.07 15.37
N THR V 119 -29.04 12.05 15.65
CA THR V 119 -30.48 11.83 15.64
C THR V 119 -31.18 12.86 14.77
N ASP V 120 -32.29 12.43 14.17
CA ASP V 120 -33.11 13.28 13.31
C ASP V 120 -34.54 13.17 13.83
N VAL V 121 -35.36 14.15 13.51
CA VAL V 121 -36.75 14.15 13.92
C VAL V 121 -37.61 14.44 12.69
N GLY V 122 -38.73 13.77 12.57
CA GLY V 122 -39.58 14.00 11.41
C GLY V 122 -40.98 13.41 11.51
N TYR V 123 -41.79 13.63 10.48
CA TYR V 123 -43.15 13.10 10.45
C TYR V 123 -43.18 11.75 9.74
N TYR V 124 -42.15 11.51 8.93
CA TYR V 124 -42.01 10.24 8.21
C TYR V 124 -40.52 9.99 7.96
N LEU V 125 -40.08 8.79 8.31
CA LEU V 125 -38.67 8.38 8.17
C LEU V 125 -38.56 6.94 7.72
N SER V 126 -37.46 6.60 7.05
CA SER V 126 -37.21 5.22 6.62
C SER V 126 -35.73 4.91 6.72
N LEU V 127 -35.41 3.64 7.00
CA LEU V 127 -34.03 3.20 7.10
C LEU V 127 -33.86 1.84 6.48
N GLY V 128 -32.59 1.44 6.32
CA GLY V 128 -32.28 0.14 5.73
C GLY V 128 -32.01 0.22 4.24
N SER V 129 -31.75 -0.93 3.63
CA SER V 129 -31.49 -0.99 2.21
C SER V 129 -32.72 -0.63 1.40
N GLY V 130 -33.90 -0.82 1.99
CA GLY V 130 -35.15 -0.50 1.30
C GLY V 130 -35.51 0.97 1.52
N SER V 131 -34.70 1.61 2.34
CA SER V 131 -34.87 3.01 2.68
C SER V 131 -35.39 3.88 1.53
N LEU V 132 -34.70 3.85 0.40
CA LEU V 132 -35.08 4.68 -0.74
C LEU V 132 -36.39 4.31 -1.42
N ALA V 133 -36.66 3.02 -1.55
CA ALA V 133 -37.91 2.58 -2.17
C ALA V 133 -39.05 3.10 -1.28
N ALA V 134 -38.94 2.85 0.03
CA ALA V 134 -39.94 3.30 0.98
C ALA V 134 -40.14 4.82 0.94
N MET V 135 -39.03 5.55 1.02
CA MET V 135 -39.08 7.01 1.01
C MET V 135 -39.72 7.55 -0.26
N ALA V 136 -39.55 6.84 -1.37
CA ALA V 136 -40.14 7.26 -2.64
C ALA V 136 -41.66 7.35 -2.46
N VAL V 137 -42.21 6.34 -1.78
CA VAL V 137 -43.65 6.27 -1.51
C VAL V 137 -44.08 7.31 -0.48
N LEU V 138 -43.32 7.45 0.60
CA LEU V 138 -43.66 8.43 1.63
C LEU V 138 -43.70 9.82 1.03
N GLU V 139 -42.70 10.15 0.22
CA GLU V 139 -42.62 11.47 -0.41
C GLU V 139 -43.77 11.66 -1.39
N SER V 140 -44.37 10.56 -1.82
CA SER V 140 -45.46 10.63 -2.77
C SER V 140 -46.85 10.73 -2.15
N HIS V 141 -47.07 10.09 -1.00
CA HIS V 141 -48.38 10.10 -0.38
C HIS V 141 -48.54 10.76 0.98
N TRP V 142 -47.44 11.01 1.68
CA TRP V 142 -47.58 11.63 2.99
C TRP V 142 -48.26 12.97 2.81
N LYS V 143 -48.93 13.40 3.88
CA LYS V 143 -49.63 14.67 3.92
C LYS V 143 -49.81 14.94 5.39
N GLN V 144 -49.99 16.20 5.75
CA GLN V 144 -50.16 16.57 7.14
C GLN V 144 -51.55 16.16 7.63
N ASP V 145 -51.62 15.68 8.87
CA ASP V 145 -52.88 15.26 9.46
C ASP V 145 -53.45 14.00 8.84
N LEU V 146 -52.72 12.90 8.96
CA LEU V 146 -53.18 11.62 8.45
C LEU V 146 -53.98 11.02 9.58
N THR V 147 -54.90 10.13 9.26
CA THR V 147 -55.69 9.48 10.29
C THR V 147 -54.95 8.19 10.62
N LYS V 148 -55.19 7.63 11.79
CA LYS V 148 -54.53 6.39 12.17
C LYS V 148 -54.56 5.36 11.04
N GLU V 149 -55.70 5.24 10.36
CA GLU V 149 -55.83 4.28 9.27
C GLU V 149 -55.05 4.67 8.03
N GLU V 150 -54.99 5.98 7.75
CA GLU V 150 -54.24 6.46 6.60
C GLU V 150 -52.75 6.20 6.85
N ALA V 151 -52.33 6.44 8.09
CA ALA V 151 -50.94 6.23 8.47
C ALA V 151 -50.56 4.77 8.33
N ILE V 152 -51.37 3.86 8.89
CA ILE V 152 -51.06 2.44 8.78
C ILE V 152 -50.97 2.03 7.31
N LYS V 153 -51.81 2.62 6.48
CA LYS V 153 -51.81 2.33 5.06
C LYS V 153 -50.49 2.80 4.46
N LEU V 154 -50.19 4.08 4.64
CA LEU V 154 -48.98 4.71 4.12
C LEU V 154 -47.73 3.95 4.56
N ALA V 155 -47.66 3.62 5.85
CA ALA V 155 -46.52 2.90 6.37
C ALA V 155 -46.38 1.53 5.70
N SER V 156 -47.47 0.77 5.73
CA SER V 156 -47.50 -0.56 5.14
C SER V 156 -47.13 -0.51 3.65
N ASP V 157 -47.57 0.53 2.96
CA ASP V 157 -47.28 0.71 1.53
C ASP V 157 -45.79 0.99 1.32
N ALA V 158 -45.19 1.75 2.23
CA ALA V 158 -43.78 2.08 2.15
C ALA V 158 -42.96 0.80 2.29
N ILE V 159 -43.32 -0.05 3.25
CA ILE V 159 -42.61 -1.31 3.45
C ILE V 159 -42.74 -2.19 2.22
N GLN V 160 -43.91 -2.18 1.59
CA GLN V 160 -44.10 -3.00 0.42
C GLN V 160 -43.14 -2.57 -0.68
N ALA V 161 -43.03 -1.26 -0.87
CA ALA V 161 -42.13 -0.73 -1.88
C ALA V 161 -40.76 -1.42 -1.71
N GLY V 162 -40.33 -1.52 -0.45
CA GLY V 162 -39.05 -2.13 -0.14
C GLY V 162 -39.01 -3.63 -0.37
N ILE V 163 -40.07 -4.32 0.04
CA ILE V 163 -40.16 -5.76 -0.15
C ILE V 163 -40.05 -6.13 -1.64
N TRP V 164 -40.82 -5.42 -2.45
CA TRP V 164 -40.86 -5.67 -3.88
C TRP V 164 -39.64 -5.18 -4.67
N ASN V 165 -39.18 -3.96 -4.39
CA ASN V 165 -38.04 -3.42 -5.15
C ASN V 165 -36.64 -3.58 -4.60
N ASP V 166 -36.50 -3.94 -3.32
CA ASP V 166 -35.19 -4.12 -2.73
C ASP V 166 -34.93 -5.58 -2.39
N LEU V 167 -33.80 -6.09 -2.89
CA LEU V 167 -33.41 -7.47 -2.67
C LEU V 167 -33.09 -7.74 -1.20
N GLY V 168 -32.78 -6.68 -0.47
CA GLY V 168 -32.46 -6.84 0.94
C GLY V 168 -33.69 -6.96 1.81
N SER V 169 -34.86 -6.77 1.22
CA SER V 169 -36.12 -6.83 1.96
C SER V 169 -37.14 -7.74 1.31
N GLY V 170 -37.99 -8.35 2.14
CA GLY V 170 -39.02 -9.22 1.62
C GLY V 170 -39.92 -9.84 2.68
N SER V 171 -40.74 -10.79 2.24
CA SER V 171 -41.66 -11.52 3.10
C SER V 171 -42.87 -10.73 3.59
N ASN V 172 -42.99 -10.56 4.90
CA ASN V 172 -44.14 -9.86 5.46
C ASN V 172 -43.92 -8.44 5.97
N VAL V 173 -45.02 -7.82 6.38
CA VAL V 173 -45.02 -6.46 6.92
C VAL V 173 -45.50 -6.47 8.36
N ASP V 174 -44.68 -5.97 9.27
CA ASP V 174 -45.05 -5.90 10.68
C ASP V 174 -45.35 -4.44 10.97
N VAL V 175 -46.32 -4.20 11.83
CA VAL V 175 -46.67 -2.84 12.19
C VAL V 175 -46.90 -2.72 13.69
N CYS V 176 -46.83 -1.50 14.19
CA CYS V 176 -47.06 -1.22 15.59
C CYS V 176 -47.59 0.19 15.66
N VAL V 177 -48.78 0.34 16.22
CA VAL V 177 -49.39 1.65 16.33
C VAL V 177 -49.40 2.12 17.76
N MET V 178 -48.96 3.36 17.96
CA MET V 178 -48.94 3.95 19.28
C MET V 178 -49.80 5.18 19.23
N GLU V 179 -50.98 5.08 19.85
CA GLU V 179 -51.93 6.18 19.87
C GLU V 179 -51.78 6.89 21.21
N ILE V 180 -51.94 8.21 21.18
CA ILE V 180 -51.77 9.05 22.36
C ILE V 180 -52.46 8.67 23.67
N GLY V 181 -53.62 8.05 23.62
CA GLY V 181 -54.24 7.71 24.89
C GLY V 181 -54.42 6.24 25.14
N LYS V 182 -54.10 5.41 24.15
CA LYS V 182 -54.32 3.98 24.28
C LYS V 182 -53.05 3.13 24.43
N ASP V 183 -53.24 1.83 24.55
CA ASP V 183 -52.11 0.90 24.64
C ASP V 183 -51.55 0.78 23.23
N ALA V 184 -50.24 0.60 23.13
CA ALA V 184 -49.63 0.45 21.81
C ALA V 184 -50.07 -0.91 21.31
N GLU V 185 -50.40 -1.02 20.03
CA GLU V 185 -50.80 -2.33 19.52
C GLU V 185 -49.85 -2.85 18.45
N TYR V 186 -49.23 -3.97 18.78
CA TYR V 186 -48.27 -4.62 17.92
C TYR V 186 -48.97 -5.61 17.01
N LEU V 187 -49.04 -5.26 15.72
CA LEU V 187 -49.69 -6.08 14.71
C LEU V 187 -48.67 -6.89 13.93
N ARG V 188 -48.24 -8.01 14.50
CA ARG V 188 -47.27 -8.89 13.87
C ARG V 188 -47.85 -9.45 12.57
N ASN V 189 -47.04 -9.50 11.52
CA ASN V 189 -47.47 -10.00 10.22
C ASN V 189 -48.80 -9.42 9.76
N TYR V 190 -48.89 -8.09 9.84
CA TYR V 190 -50.08 -7.36 9.43
C TYR V 190 -50.40 -7.64 7.95
N LEU V 191 -49.38 -8.01 7.19
CA LEU V 191 -49.52 -8.36 5.78
C LEU V 191 -48.58 -9.52 5.50
N THR V 192 -49.05 -10.47 4.70
CA THR V 192 -48.24 -11.64 4.34
C THR V 192 -48.48 -11.94 2.86
N PRO V 193 -48.01 -11.04 1.98
CA PRO V 193 -48.15 -11.13 0.52
C PRO V 193 -47.16 -12.06 -0.17
N ASN V 194 -46.39 -12.80 0.61
CA ASN V 194 -45.38 -13.71 0.07
C ASN V 194 -45.43 -15.13 0.63
N VAL V 195 -46.50 -15.85 0.31
CA VAL V 195 -46.62 -17.23 0.77
C VAL V 195 -46.03 -18.12 -0.31
N ARG V 196 -45.22 -19.09 0.10
CA ARG V 196 -44.58 -20.02 -0.83
C ARG V 196 -45.62 -20.96 -1.46
N GLU V 197 -45.68 -21.02 -2.79
CA GLU V 197 -46.63 -21.89 -3.45
C GLU V 197 -46.30 -23.34 -3.08
N GLU V 198 -47.33 -24.19 -3.07
CA GLU V 198 -47.12 -25.59 -2.72
C GLU V 198 -46.10 -26.22 -3.64
N LYS V 199 -45.18 -27.00 -3.07
CA LYS V 199 -44.16 -27.64 -3.88
C LYS V 199 -44.80 -28.59 -4.89
N GLN V 200 -44.08 -28.87 -5.95
CA GLN V 200 -44.56 -29.72 -7.04
C GLN V 200 -44.45 -31.21 -6.71
N LYS V 201 -43.92 -31.55 -5.54
CA LYS V 201 -43.72 -32.95 -5.22
C LYS V 201 -43.40 -33.07 -3.73
N SER V 202 -43.50 -34.28 -3.19
CA SER V 202 -43.17 -34.46 -1.78
C SER V 202 -41.81 -35.12 -1.71
N TYR V 203 -41.03 -34.76 -0.70
CA TYR V 203 -39.68 -35.33 -0.59
C TYR V 203 -39.52 -36.16 0.66
N LYS V 204 -40.66 -36.52 1.24
CA LYS V 204 -40.68 -37.36 2.41
C LYS V 204 -40.02 -38.67 1.95
N PHE V 205 -39.06 -39.14 2.73
CA PHE V 205 -38.31 -40.34 2.40
C PHE V 205 -38.89 -41.62 2.98
N PRO V 206 -38.75 -42.75 2.26
CA PRO V 206 -39.28 -43.99 2.83
C PRO V 206 -38.32 -44.35 3.98
N ARG V 207 -38.86 -44.65 5.16
CA ARG V 207 -38.01 -44.97 6.30
C ARG V 207 -37.04 -46.09 5.94
N GLY V 208 -35.82 -46.00 6.47
CA GLY V 208 -34.80 -46.99 6.20
C GLY V 208 -33.90 -46.54 5.05
N THR V 209 -34.23 -45.41 4.44
CA THR V 209 -33.47 -44.84 3.32
C THR V 209 -32.03 -44.47 3.69
N THR V 210 -31.83 -44.02 4.92
CA THR V 210 -30.52 -43.62 5.39
C THR V 210 -29.74 -44.76 6.06
N ALA V 211 -28.51 -44.97 5.61
CA ALA V 211 -27.67 -46.02 6.17
C ALA V 211 -27.12 -45.60 7.53
N VAL V 212 -27.36 -46.43 8.54
CA VAL V 212 -26.89 -46.15 9.90
C VAL V 212 -25.77 -47.10 10.31
N LEU V 213 -24.78 -46.58 11.05
CA LEU V 213 -23.64 -47.39 11.51
C LEU V 213 -23.83 -47.90 12.93
N LYS V 214 -24.32 -47.03 13.79
CA LYS V 214 -24.54 -47.36 15.19
C LYS V 214 -25.64 -46.46 15.76
N GLU V 215 -26.38 -47.02 16.71
CA GLU V 215 -27.49 -46.33 17.34
C GLU V 215 -27.33 -46.48 18.85
N SER V 216 -27.84 -45.51 19.61
CA SER V 216 -27.75 -45.55 21.06
C SER V 216 -28.70 -44.57 21.72
N ILE V 217 -28.96 -44.77 23.00
CA ILE V 217 -29.85 -43.89 23.72
C ILE V 217 -29.03 -42.93 24.56
N VAL V 218 -29.37 -41.65 24.46
CA VAL V 218 -28.67 -40.60 25.19
C VAL V 218 -29.34 -40.39 26.55
N ASN V 219 -28.53 -40.06 27.55
CA ASN V 219 -29.03 -39.84 28.90
C ASN V 219 -29.27 -38.36 29.23
N ILE V 220 -30.54 -38.00 29.39
CA ILE V 220 -30.91 -36.62 29.73
C ILE V 220 -31.11 -36.45 31.23
N CYS V 221 -31.58 -37.49 31.90
CA CYS V 221 -31.80 -37.45 33.34
C CYS V 221 -30.49 -37.69 34.09
N ASP V 222 -30.21 -36.86 35.08
CA ASP V 222 -28.98 -36.97 35.87
C ASP V 222 -28.98 -38.10 36.91
N SER W 1 -7.11 -18.03 6.87
CA SER W 1 -7.33 -16.56 7.03
C SER W 1 -8.70 -16.27 7.62
N ASP W 2 -9.67 -17.13 7.28
CA ASP W 2 -11.03 -16.98 7.78
C ASP W 2 -11.21 -18.03 8.88
N PRO W 3 -11.13 -17.59 10.15
CA PRO W 3 -11.29 -18.48 11.30
C PRO W 3 -12.42 -19.48 11.13
N SER W 4 -13.49 -19.06 10.48
CA SER W 4 -14.65 -19.92 10.28
C SER W 4 -14.47 -20.98 9.19
N SER W 5 -13.39 -20.91 8.42
CA SER W 5 -13.17 -21.88 7.36
C SER W 5 -11.90 -22.68 7.53
N ILE W 6 -11.32 -22.65 8.71
CA ILE W 6 -10.08 -23.37 8.95
C ILE W 6 -10.30 -24.83 9.28
N ASN W 7 -11.24 -25.09 10.20
CA ASN W 7 -11.53 -26.43 10.66
C ASN W 7 -12.64 -27.16 9.91
N GLY W 8 -13.59 -26.40 9.35
CA GLY W 8 -14.68 -27.00 8.62
C GLY W 8 -15.73 -27.60 9.53
N GLY W 9 -16.88 -27.98 8.96
CA GLY W 9 -17.92 -28.56 9.77
C GLY W 9 -19.28 -27.92 9.59
N ILE W 10 -20.33 -28.70 9.84
CA ILE W 10 -21.70 -28.21 9.72
C ILE W 10 -22.61 -28.81 10.79
N VAL W 11 -23.65 -28.06 11.11
CA VAL W 11 -24.66 -28.45 12.08
C VAL W 11 -26.02 -28.05 11.49
N VAL W 12 -27.04 -28.84 11.79
CA VAL W 12 -28.36 -28.52 11.29
C VAL W 12 -29.36 -29.04 12.31
N ALA W 13 -30.45 -28.30 12.51
CA ALA W 13 -31.49 -28.68 13.44
C ALA W 13 -32.87 -28.43 12.82
N MET W 14 -33.79 -29.36 13.06
CA MET W 14 -35.15 -29.27 12.54
C MET W 14 -36.18 -29.59 13.61
N THR W 15 -37.39 -29.09 13.39
CA THR W 15 -38.49 -29.33 14.32
C THR W 15 -39.46 -30.28 13.62
N GLY W 16 -40.15 -31.10 14.42
CA GLY W 16 -41.11 -32.04 13.87
C GLY W 16 -42.34 -32.05 14.77
N LYS W 17 -43.07 -33.16 14.76
CA LYS W 17 -44.26 -33.28 15.60
C LYS W 17 -43.85 -33.76 16.99
N ASP W 18 -43.86 -32.83 17.95
CA ASP W 18 -43.49 -33.13 19.33
C ASP W 18 -42.08 -33.68 19.43
N CYS W 19 -41.18 -33.17 18.60
CA CYS W 19 -39.79 -33.61 18.60
C CYS W 19 -38.88 -32.62 17.87
N VAL W 20 -37.57 -32.77 18.06
CA VAL W 20 -36.58 -31.93 17.39
C VAL W 20 -35.38 -32.79 17.06
N ALA W 21 -34.72 -32.46 15.96
CA ALA W 21 -33.55 -33.21 15.53
C ALA W 21 -32.39 -32.24 15.33
N ILE W 22 -31.19 -32.70 15.62
CA ILE W 22 -30.03 -31.87 15.42
C ILE W 22 -28.89 -32.78 14.98
N ALA W 23 -28.22 -32.42 13.90
CA ALA W 23 -27.13 -33.25 13.39
C ALA W 23 -25.89 -32.45 13.03
N CYS W 24 -24.76 -33.16 12.90
CA CYS W 24 -23.51 -32.51 12.55
C CYS W 24 -22.53 -33.51 11.91
N ASP W 25 -21.53 -33.01 11.19
CA ASP W 25 -20.53 -33.89 10.60
C ASP W 25 -19.49 -34.15 11.69
N LEU W 26 -18.51 -34.99 11.43
CA LEU W 26 -17.51 -35.29 12.45
C LEU W 26 -16.12 -34.86 12.08
N ARG W 27 -16.02 -34.09 10.99
CA ARG W 27 -14.71 -33.66 10.53
C ARG W 27 -14.07 -32.53 11.32
N LEU W 28 -12.75 -32.57 11.37
CA LEU W 28 -11.96 -31.54 12.01
C LEU W 28 -10.73 -31.51 11.12
N GLY W 29 -10.60 -30.44 10.34
CA GLY W 29 -9.46 -30.36 9.48
C GLY W 29 -8.59 -29.18 9.81
N SER W 30 -7.52 -29.07 9.05
CA SER W 30 -6.59 -27.98 9.19
C SER W 30 -6.38 -27.58 7.73
N GLN W 31 -7.31 -26.79 7.21
CA GLN W 31 -7.28 -26.37 5.82
C GLN W 31 -7.57 -27.65 5.02
N SER W 32 -6.73 -27.97 4.05
CA SER W 32 -6.95 -29.16 3.25
C SER W 32 -6.78 -30.48 4.02
N LEU W 33 -5.85 -30.50 4.97
CA LEU W 33 -5.57 -31.70 5.77
C LEU W 33 -6.64 -32.12 6.77
N GLY W 34 -7.22 -33.30 6.57
CA GLY W 34 -8.22 -33.81 7.50
C GLY W 34 -7.47 -34.29 8.73
N VAL W 35 -7.94 -33.93 9.93
CA VAL W 35 -7.23 -34.32 11.15
C VAL W 35 -7.98 -35.29 12.05
N SER W 36 -9.28 -35.11 12.18
CA SER W 36 -10.05 -36.01 13.02
C SER W 36 -11.41 -36.29 12.43
N ASN W 37 -11.87 -37.51 12.65
CA ASN W 37 -13.17 -37.96 12.17
C ASN W 37 -14.08 -38.27 13.36
N LYS W 38 -13.65 -37.82 14.54
CA LYS W 38 -14.42 -38.05 15.75
C LYS W 38 -14.69 -36.75 16.50
N PHE W 39 -14.58 -35.62 15.80
CA PHE W 39 -14.81 -34.32 16.39
C PHE W 39 -16.29 -33.99 16.35
N GLU W 40 -16.99 -34.32 17.44
CA GLU W 40 -18.42 -34.06 17.51
C GLU W 40 -18.66 -32.59 17.81
N LYS W 41 -19.71 -32.05 17.19
CA LYS W 41 -20.05 -30.65 17.33
C LYS W 41 -21.36 -30.42 18.06
N ILE W 42 -21.90 -31.47 18.66
CA ILE W 42 -23.14 -31.33 19.40
C ILE W 42 -22.94 -31.71 20.86
N PHE W 43 -23.38 -30.84 21.75
CA PHE W 43 -23.25 -31.06 23.17
C PHE W 43 -24.61 -30.87 23.83
N HIS W 44 -24.74 -31.33 25.06
CA HIS W 44 -25.99 -31.14 25.75
C HIS W 44 -25.80 -30.85 27.23
N TYR W 45 -26.69 -30.01 27.74
CA TYR W 45 -26.71 -29.59 29.13
C TYR W 45 -28.14 -29.91 29.52
N GLY W 46 -28.30 -30.98 30.30
CA GLY W 46 -29.63 -31.39 30.68
C GLY W 46 -30.28 -31.88 29.39
N HIS W 47 -31.48 -31.39 29.11
CA HIS W 47 -32.18 -31.79 27.91
C HIS W 47 -32.02 -30.75 26.81
N VAL W 48 -31.13 -29.78 27.02
CA VAL W 48 -30.92 -28.75 25.99
C VAL W 48 -29.67 -29.08 25.19
N PHE W 49 -29.83 -29.12 23.87
CA PHE W 49 -28.72 -29.44 22.99
C PHE W 49 -28.15 -28.24 22.26
N LEU W 50 -26.83 -28.22 22.15
CA LEU W 50 -26.14 -27.13 21.48
C LEU W 50 -25.16 -27.65 20.43
N GLY W 51 -25.35 -27.18 19.20
CA GLY W 51 -24.43 -27.55 18.13
C GLY W 51 -23.55 -26.34 17.91
N ILE W 52 -22.26 -26.55 17.64
CA ILE W 52 -21.39 -25.41 17.40
C ILE W 52 -20.42 -25.65 16.25
N THR W 53 -20.53 -24.85 15.19
CA THR W 53 -19.62 -24.96 14.06
C THR W 53 -18.68 -23.76 14.10
N GLY W 54 -17.58 -23.83 13.37
CA GLY W 54 -16.65 -22.70 13.36
C GLY W 54 -15.26 -23.13 13.78
N LEU W 55 -14.50 -22.19 14.35
CA LEU W 55 -13.14 -22.47 14.80
C LEU W 55 -13.22 -23.48 15.95
N ALA W 56 -12.59 -24.64 15.77
CA ALA W 56 -12.62 -25.71 16.76
C ALA W 56 -12.25 -25.31 18.19
N THR W 57 -11.16 -24.57 18.34
CA THR W 57 -10.73 -24.16 19.68
C THR W 57 -11.86 -23.39 20.37
N ASP W 58 -12.58 -22.57 19.63
CA ASP W 58 -13.69 -21.82 20.21
C ASP W 58 -14.88 -22.74 20.46
N VAL W 59 -15.04 -23.74 19.59
CA VAL W 59 -16.14 -24.71 19.75
C VAL W 59 -15.93 -25.42 21.08
N THR W 60 -14.69 -25.82 21.34
CA THR W 60 -14.36 -26.50 22.58
C THR W 60 -14.52 -25.55 23.77
N THR W 61 -13.98 -24.34 23.62
CA THR W 61 -14.08 -23.35 24.69
C THR W 61 -15.55 -23.01 25.00
N LEU W 62 -16.35 -22.75 23.99
CA LEU W 62 -17.73 -22.44 24.26
C LEU W 62 -18.49 -23.56 24.96
N ASN W 63 -18.15 -24.80 24.63
CA ASN W 63 -18.84 -25.90 25.26
C ASN W 63 -18.49 -25.94 26.73
N GLU W 64 -17.19 -25.85 27.02
CA GLU W 64 -16.73 -25.85 28.40
C GLU W 64 -17.35 -24.69 29.16
N MET W 65 -17.50 -23.55 28.49
CA MET W 65 -18.09 -22.38 29.11
C MET W 65 -19.57 -22.62 29.46
N PHE W 66 -20.35 -23.09 28.48
CA PHE W 66 -21.76 -23.32 28.74
C PHE W 66 -22.03 -24.46 29.73
N ARG W 67 -21.11 -25.41 29.82
CA ARG W 67 -21.27 -26.48 30.78
C ARG W 67 -21.16 -25.82 32.15
N TYR W 68 -20.11 -25.03 32.30
CA TYR W 68 -19.81 -24.27 33.52
C TYR W 68 -21.00 -23.42 33.95
N LYS W 69 -21.57 -22.68 33.01
CA LYS W 69 -22.70 -21.82 33.32
C LYS W 69 -24.00 -22.55 33.60
N THR W 70 -24.28 -23.61 32.84
CA THR W 70 -25.51 -24.36 33.08
C THR W 70 -25.39 -25.14 34.38
N ASN W 71 -24.16 -25.47 34.79
CA ASN W 71 -23.98 -26.18 36.04
C ASN W 71 -24.35 -25.28 37.21
N LEU W 72 -23.82 -24.05 37.22
CA LEU W 72 -24.13 -23.12 38.28
C LEU W 72 -25.61 -22.75 38.21
N TYR W 73 -26.16 -22.70 37.00
CA TYR W 73 -27.56 -22.36 36.84
C TYR W 73 -28.43 -23.41 37.55
N LYS W 74 -28.05 -24.67 37.40
CA LYS W 74 -28.80 -25.74 38.01
C LYS W 74 -28.73 -25.69 39.53
N LEU W 75 -27.54 -25.41 40.05
CA LEU W 75 -27.32 -25.32 41.49
C LEU W 75 -28.15 -24.21 42.14
N LYS W 76 -28.21 -23.05 41.50
CA LYS W 76 -28.96 -21.93 42.05
C LYS W 76 -30.45 -22.03 41.82
N GLU W 77 -30.84 -22.31 40.58
CA GLU W 77 -32.26 -22.41 40.24
C GLU W 77 -32.93 -23.70 40.70
N GLU W 78 -32.11 -24.73 40.95
CA GLU W 78 -32.61 -26.04 41.37
C GLU W 78 -33.51 -26.67 40.31
N ARG W 79 -33.13 -26.49 39.06
CA ARG W 79 -33.87 -27.05 37.94
C ARG W 79 -32.99 -26.88 36.71
N ALA W 80 -33.24 -27.72 35.71
CA ALA W 80 -32.45 -27.66 34.48
C ALA W 80 -32.86 -26.46 33.67
N ILE W 81 -31.93 -25.91 32.90
CA ILE W 81 -32.22 -24.75 32.08
C ILE W 81 -33.07 -25.16 30.86
N GLU W 82 -33.93 -24.25 30.41
CA GLU W 82 -34.79 -24.53 29.27
C GLU W 82 -34.22 -24.01 27.94
N PRO W 83 -34.68 -24.58 26.81
CA PRO W 83 -34.20 -24.17 25.49
C PRO W 83 -34.24 -22.66 25.30
N GLU W 84 -35.39 -22.05 25.59
CA GLU W 84 -35.54 -20.61 25.44
C GLU W 84 -34.55 -19.81 26.29
N THR W 85 -34.46 -20.15 27.57
CA THR W 85 -33.54 -19.46 28.47
C THR W 85 -32.09 -19.62 28.03
N PHE W 86 -31.70 -20.85 27.73
CA PHE W 86 -30.35 -21.14 27.30
C PHE W 86 -30.01 -20.30 26.06
N THR W 87 -30.97 -20.15 25.17
CA THR W 87 -30.77 -19.36 23.96
C THR W 87 -30.35 -17.95 24.34
N GLN W 88 -31.05 -17.35 25.31
CA GLN W 88 -30.72 -16.01 25.76
C GLN W 88 -29.34 -15.96 26.40
N LEU W 89 -28.98 -17.04 27.10
CA LEU W 89 -27.68 -17.13 27.76
C LEU W 89 -26.56 -17.17 26.72
N VAL W 90 -26.78 -17.90 25.63
CA VAL W 90 -25.78 -17.99 24.58
C VAL W 90 -25.64 -16.64 23.91
N SER W 91 -26.78 -16.03 23.60
CA SER W 91 -26.79 -14.73 22.95
C SER W 91 -26.01 -13.69 23.76
N SER W 92 -26.37 -13.53 25.04
CA SER W 92 -25.67 -12.55 25.87
C SER W 92 -24.20 -12.91 26.06
N SER W 93 -23.88 -14.21 26.10
CA SER W 93 -22.50 -14.63 26.27
C SER W 93 -21.66 -14.28 25.04
N LEU W 94 -22.23 -14.44 23.85
CA LEU W 94 -21.49 -14.12 22.64
C LEU W 94 -21.28 -12.63 22.49
N TYR W 95 -22.34 -11.84 22.69
CA TYR W 95 -22.27 -10.39 22.57
C TYR W 95 -21.29 -9.77 23.55
N GLU W 96 -21.01 -10.48 24.63
CA GLU W 96 -20.10 -9.99 25.63
C GLU W 96 -18.69 -9.90 25.07
N ARG W 97 -18.45 -10.60 23.97
CA ARG W 97 -17.16 -10.58 23.30
C ARG W 97 -17.34 -9.90 21.96
N ARG W 98 -18.26 -8.93 21.92
CA ARG W 98 -18.58 -8.17 20.71
C ARG W 98 -17.39 -7.74 19.88
N PHE W 99 -16.33 -7.28 20.53
CA PHE W 99 -15.16 -6.80 19.82
C PHE W 99 -13.95 -7.71 19.82
N GLY W 100 -14.20 -9.01 19.99
CA GLY W 100 -13.16 -10.03 20.00
C GLY W 100 -13.99 -11.29 20.10
N PRO W 101 -14.92 -11.47 19.14
CA PRO W 101 -15.83 -12.62 19.08
C PRO W 101 -15.22 -13.98 18.89
N TYR W 102 -15.99 -14.97 19.32
CA TYR W 102 -15.64 -16.38 19.16
C TYR W 102 -16.12 -16.59 17.72
N PHE W 103 -15.34 -17.28 16.91
CA PHE W 103 -15.73 -17.53 15.53
C PHE W 103 -16.51 -18.83 15.44
N VAL W 104 -17.79 -18.74 15.82
CA VAL W 104 -18.66 -19.90 15.87
C VAL W 104 -20.04 -19.63 15.31
N GLY W 105 -20.78 -20.71 15.07
CA GLY W 105 -22.13 -20.60 14.57
C GLY W 105 -22.94 -21.55 15.44
N PRO W 106 -23.42 -21.08 16.59
CA PRO W 106 -24.19 -21.95 17.49
C PRO W 106 -25.60 -22.27 17.02
N VAL W 107 -26.07 -23.45 17.38
CA VAL W 107 -27.42 -23.91 17.07
C VAL W 107 -27.98 -24.59 18.31
N VAL W 108 -29.11 -24.08 18.79
CA VAL W 108 -29.76 -24.63 19.99
C VAL W 108 -31.00 -25.42 19.61
N ALA W 109 -31.13 -26.60 20.21
CA ALA W 109 -32.28 -27.46 19.95
C ALA W 109 -32.74 -28.17 21.23
N GLY W 110 -34.06 -28.24 21.42
CA GLY W 110 -34.58 -28.93 22.58
C GLY W 110 -36.09 -28.80 22.70
N ILE W 111 -36.66 -29.51 23.65
CA ILE W 111 -38.10 -29.45 23.90
C ILE W 111 -38.32 -28.89 25.30
N ASN W 112 -39.14 -27.84 25.40
CA ASN W 112 -39.42 -27.24 26.69
C ASN W 112 -40.07 -28.29 27.58
N SER W 113 -39.45 -28.59 28.72
CA SER W 113 -39.97 -29.60 29.65
C SER W 113 -41.34 -29.25 30.27
N LYS W 114 -41.67 -27.97 30.34
CA LYS W 114 -42.95 -27.58 30.91
C LYS W 114 -44.05 -27.48 29.85
N SER W 115 -43.72 -26.99 28.66
CA SER W 115 -44.72 -26.85 27.60
C SER W 115 -44.66 -27.91 26.52
N GLY W 116 -43.63 -28.76 26.57
CA GLY W 116 -43.47 -29.80 25.57
C GLY W 116 -43.29 -29.26 24.17
N LYS W 117 -43.20 -27.95 24.05
CA LYS W 117 -43.03 -27.26 22.77
C LYS W 117 -41.60 -27.42 22.21
N PRO W 118 -41.46 -27.92 20.97
CA PRO W 118 -40.14 -28.10 20.34
C PRO W 118 -39.50 -26.76 20.07
N PHE W 119 -38.20 -26.65 20.31
CA PHE W 119 -37.51 -25.38 20.12
C PHE W 119 -36.13 -25.46 19.45
N ILE W 120 -35.89 -24.55 18.52
CA ILE W 120 -34.59 -24.45 17.85
C ILE W 120 -34.26 -22.99 17.64
N ALA W 121 -32.96 -22.70 17.53
CA ALA W 121 -32.52 -21.33 17.30
C ALA W 121 -31.06 -21.31 16.85
N GLY W 122 -30.70 -20.27 16.12
CA GLY W 122 -29.33 -20.13 15.64
C GLY W 122 -28.82 -18.73 15.97
N PHE W 123 -27.50 -18.57 15.97
CA PHE W 123 -26.92 -17.27 16.28
C PHE W 123 -25.77 -16.98 15.33
N ASP W 124 -25.43 -15.70 15.16
CA ASP W 124 -24.27 -15.37 14.35
C ASP W 124 -23.15 -15.22 15.39
N LEU W 125 -21.89 -15.13 14.96
CA LEU W 125 -20.79 -15.06 15.93
C LEU W 125 -20.89 -14.06 17.09
N ILE W 126 -21.66 -12.98 16.92
CA ILE W 126 -21.77 -12.02 18.01
C ILE W 126 -23.10 -12.09 18.78
N GLY W 127 -23.81 -13.21 18.62
CA GLY W 127 -25.04 -13.41 19.37
C GLY W 127 -26.41 -13.13 18.79
N CYS W 128 -26.49 -12.54 17.60
CA CYS W 128 -27.80 -12.27 17.04
C CYS W 128 -28.59 -13.58 16.94
N ILE W 129 -29.76 -13.61 17.57
CA ILE W 129 -30.60 -14.80 17.55
C ILE W 129 -31.48 -14.92 16.31
N ASP W 130 -31.46 -16.10 15.70
CA ASP W 130 -32.28 -16.41 14.55
C ASP W 130 -33.24 -17.47 15.06
N GLU W 131 -34.54 -17.15 15.16
CA GLU W 131 -35.44 -18.16 15.66
C GLU W 131 -36.47 -18.67 14.67
N ALA W 132 -36.00 -19.50 13.75
CA ALA W 132 -36.87 -20.09 12.75
C ALA W 132 -37.60 -21.25 13.44
N LYS W 133 -38.77 -21.57 12.91
CA LYS W 133 -39.60 -22.65 13.44
C LYS W 133 -39.28 -23.96 12.73
N ASP W 134 -38.87 -23.87 11.47
CA ASP W 134 -38.58 -25.07 10.68
C ASP W 134 -37.19 -25.66 10.88
N PHE W 135 -36.15 -24.96 10.42
CA PHE W 135 -34.78 -25.46 10.55
C PHE W 135 -33.76 -24.34 10.69
N ILE W 136 -32.59 -24.72 11.18
CA ILE W 136 -31.48 -23.79 11.39
C ILE W 136 -30.26 -24.52 10.85
N VAL W 137 -29.41 -23.80 10.09
CA VAL W 137 -28.20 -24.41 9.54
C VAL W 137 -26.98 -23.59 9.93
N SER W 138 -25.81 -24.22 9.90
CA SER W 138 -24.59 -23.53 10.27
C SER W 138 -23.35 -24.29 9.79
N GLY W 139 -22.29 -23.56 9.50
CA GLY W 139 -21.07 -24.22 9.05
C GLY W 139 -20.66 -23.86 7.64
N THR W 140 -19.57 -24.49 7.20
CA THR W 140 -18.99 -24.27 5.88
C THR W 140 -19.82 -24.73 4.69
N ALA W 141 -20.93 -25.40 4.95
CA ALA W 141 -21.78 -25.87 3.87
C ALA W 141 -23.20 -25.39 4.09
N SER W 142 -23.32 -24.27 4.79
CA SER W 142 -24.62 -23.68 5.11
C SER W 142 -25.47 -23.34 3.88
N ASP W 143 -24.83 -22.94 2.78
CA ASP W 143 -25.56 -22.64 1.54
C ASP W 143 -26.20 -23.92 1.04
N GLN W 144 -25.43 -25.01 1.06
CA GLN W 144 -25.93 -26.31 0.63
C GLN W 144 -27.03 -26.77 1.57
N LEU W 145 -26.85 -26.58 2.88
CA LEU W 145 -27.87 -26.97 3.84
C LEU W 145 -29.16 -26.20 3.61
N PHE W 146 -29.06 -24.91 3.31
CA PHE W 146 -30.26 -24.13 3.05
C PHE W 146 -30.93 -24.70 1.82
N GLY W 147 -30.12 -25.14 0.88
CA GLY W 147 -30.65 -25.72 -0.34
C GLY W 147 -31.45 -26.98 -0.04
N MET W 148 -30.80 -27.91 0.66
CA MET W 148 -31.45 -29.16 1.02
C MET W 148 -32.68 -28.92 1.87
N CYS W 149 -32.48 -28.28 3.01
CA CYS W 149 -33.58 -28.01 3.92
C CYS W 149 -34.81 -27.38 3.28
N GLU W 150 -34.63 -26.31 2.52
CA GLU W 150 -35.78 -25.66 1.91
C GLU W 150 -36.60 -26.62 1.03
N SER W 151 -35.92 -27.55 0.36
CA SER W 151 -36.61 -28.51 -0.50
C SER W 151 -37.16 -29.70 0.30
N LEU W 152 -36.28 -30.39 1.02
CA LEU W 152 -36.66 -31.57 1.79
C LEU W 152 -37.58 -31.37 2.99
N TYR W 153 -37.68 -30.16 3.50
CA TYR W 153 -38.49 -29.94 4.69
C TYR W 153 -39.98 -29.70 4.52
N GLU W 154 -40.75 -30.25 5.45
CA GLU W 154 -42.20 -30.09 5.53
C GLU W 154 -42.52 -30.20 7.03
N PRO W 155 -43.54 -29.48 7.50
CA PRO W 155 -43.98 -29.46 8.89
C PRO W 155 -44.40 -30.78 9.54
N ASN W 156 -44.41 -30.76 10.86
CA ASN W 156 -44.82 -31.87 11.71
C ASN W 156 -44.41 -33.29 11.34
N LEU W 157 -43.18 -33.48 10.88
CA LEU W 157 -42.74 -34.82 10.55
C LEU W 157 -42.62 -35.64 11.82
N GLU W 158 -42.87 -36.94 11.73
CA GLU W 158 -42.77 -37.81 12.89
C GLU W 158 -41.30 -38.12 13.10
N PRO W 159 -40.91 -38.39 14.35
CA PRO W 159 -39.52 -38.70 14.70
C PRO W 159 -38.76 -39.52 13.65
N GLU W 160 -39.26 -40.71 13.32
CA GLU W 160 -38.61 -41.60 12.33
C GLU W 160 -38.52 -41.00 10.93
N ASP W 161 -39.41 -40.05 10.66
CA ASP W 161 -39.46 -39.37 9.37
C ASP W 161 -38.47 -38.21 9.37
N LEU W 162 -38.54 -37.38 10.40
CA LEU W 162 -37.64 -36.25 10.54
C LEU W 162 -36.22 -36.79 10.49
N PHE W 163 -36.00 -37.96 11.07
CA PHE W 163 -34.68 -38.55 11.05
C PHE W 163 -34.17 -38.76 9.62
N GLU W 164 -35.07 -39.17 8.72
CA GLU W 164 -34.68 -39.41 7.34
C GLU W 164 -34.40 -38.09 6.65
N THR W 165 -35.25 -37.11 6.90
CA THR W 165 -35.11 -35.79 6.30
C THR W 165 -33.85 -35.05 6.73
N ILE W 166 -33.64 -34.95 8.03
CA ILE W 166 -32.47 -34.24 8.50
C ILE W 166 -31.20 -34.98 8.09
N SER W 167 -31.25 -36.30 8.00
CA SER W 167 -30.06 -37.07 7.62
C SER W 167 -29.68 -36.87 6.15
N GLN W 168 -30.69 -36.79 5.31
CA GLN W 168 -30.44 -36.59 3.89
C GLN W 168 -29.98 -35.18 3.62
N ALA W 169 -30.49 -34.22 4.41
CA ALA W 169 -30.11 -32.83 4.25
C ALA W 169 -28.64 -32.69 4.58
N LEU W 170 -28.27 -33.15 5.77
CA LEU W 170 -26.89 -33.10 6.23
C LEU W 170 -25.93 -33.81 5.30
N LEU W 171 -26.27 -35.06 4.97
CA LEU W 171 -25.44 -35.90 4.11
C LEU W 171 -25.14 -35.36 2.71
N ASN W 172 -26.16 -34.84 2.04
CA ASN W 172 -25.95 -34.34 0.69
C ASN W 172 -25.29 -32.98 0.62
N ALA W 173 -25.47 -32.19 1.67
CA ALA W 173 -24.87 -30.88 1.72
C ALA W 173 -23.38 -31.08 2.00
N ALA W 174 -23.07 -32.00 2.89
CA ALA W 174 -21.70 -32.29 3.27
C ALA W 174 -20.88 -32.82 2.11
N ASP W 175 -21.53 -33.54 1.22
CA ASP W 175 -20.81 -34.12 0.10
C ASP W 175 -20.48 -33.10 -0.98
N ARG W 176 -21.05 -31.90 -0.86
CA ARG W 176 -20.80 -30.82 -1.82
C ARG W 176 -19.87 -29.80 -1.17
N ASP W 177 -19.42 -30.10 0.04
CA ASP W 177 -18.51 -29.23 0.78
C ASP W 177 -17.22 -29.99 1.09
N ALA W 178 -16.11 -29.43 0.62
CA ALA W 178 -14.79 -30.02 0.81
C ALA W 178 -14.36 -30.15 2.27
N LEU W 179 -14.83 -29.21 3.10
CA LEU W 179 -14.45 -29.21 4.51
C LEU W 179 -15.38 -29.95 5.47
N SER W 180 -16.50 -30.47 4.96
CA SER W 180 -17.44 -31.22 5.79
C SER W 180 -17.42 -32.71 5.42
N GLY W 181 -17.90 -33.55 6.33
CA GLY W 181 -17.97 -34.97 6.05
C GLY W 181 -17.20 -35.82 7.05
N TRP W 182 -16.61 -36.92 6.57
CA TRP W 182 -15.85 -37.80 7.43
C TRP W 182 -16.67 -38.36 8.59
N GLY W 183 -17.97 -38.52 8.38
CA GLY W 183 -18.82 -39.05 9.43
C GLY W 183 -19.87 -38.04 9.84
N ALA W 184 -20.99 -38.52 10.34
CA ALA W 184 -22.08 -37.67 10.76
C ALA W 184 -22.78 -38.34 11.94
N VAL W 185 -23.55 -37.58 12.68
CA VAL W 185 -24.29 -38.09 13.82
C VAL W 185 -25.56 -37.29 13.97
N VAL W 186 -26.68 -37.99 14.14
CA VAL W 186 -27.98 -37.35 14.27
C VAL W 186 -28.61 -37.65 15.61
N TYR W 187 -29.26 -36.63 16.17
CA TYR W 187 -29.94 -36.74 17.46
C TYR W 187 -31.43 -36.52 17.26
N ILE W 188 -32.23 -37.52 17.61
CA ILE W 188 -33.69 -37.38 17.52
C ILE W 188 -34.08 -37.18 18.97
N ILE W 189 -34.68 -36.02 19.24
CA ILE W 189 -35.05 -35.68 20.60
C ILE W 189 -36.53 -35.62 20.86
N LYS W 190 -36.96 -36.26 21.94
CA LYS W 190 -38.35 -36.30 22.37
C LYS W 190 -38.45 -35.95 23.87
N LYS W 191 -39.64 -35.51 24.29
CA LYS W 191 -39.90 -35.14 25.68
C LYS W 191 -39.38 -36.13 26.72
N ASP W 192 -39.23 -37.39 26.32
CA ASP W 192 -38.81 -38.45 27.23
C ASP W 192 -37.54 -39.22 26.86
N GLU W 193 -37.24 -39.31 25.57
CA GLU W 193 -36.05 -40.03 25.14
C GLU W 193 -35.31 -39.29 24.05
N VAL W 194 -34.02 -39.63 23.91
CA VAL W 194 -33.16 -39.03 22.92
C VAL W 194 -32.31 -40.14 22.31
N VAL W 195 -32.42 -40.30 20.99
CA VAL W 195 -31.65 -41.32 20.30
C VAL W 195 -30.53 -40.65 19.52
N LYS W 196 -29.38 -41.30 19.48
CA LYS W 196 -28.23 -40.77 18.76
C LYS W 196 -27.78 -41.81 17.73
N ARG W 197 -27.88 -41.46 16.44
CA ARG W 197 -27.47 -42.39 15.38
C ARG W 197 -26.31 -41.88 14.54
N TYR W 198 -25.29 -42.72 14.35
CA TYR W 198 -24.14 -42.37 13.52
C TYR W 198 -24.43 -42.81 12.09
N LEU W 199 -24.35 -41.90 11.14
CA LEU W 199 -24.63 -42.23 9.76
C LEU W 199 -23.40 -42.82 9.05
N LYS W 200 -23.65 -43.54 7.96
CA LYS W 200 -22.55 -44.09 7.16
C LYS W 200 -22.44 -43.25 5.90
N MET W 201 -21.27 -42.63 5.70
CA MET W 201 -21.07 -41.78 4.53
C MET W 201 -19.70 -41.90 3.91
N ARG W 202 -19.50 -41.23 2.78
CA ARG W 202 -18.22 -41.25 2.07
C ARG W 202 -17.12 -40.82 3.03
N GLN W 203 -15.88 -41.20 2.76
CA GLN W 203 -14.81 -40.79 3.64
C GLN W 203 -13.74 -40.01 2.90
N ASP W 204 -14.17 -39.15 1.97
CA ASP W 204 -13.25 -38.32 1.20
C ASP W 204 -13.66 -36.84 1.22
N MET X 1 8.97 -26.07 8.92
CA MET X 1 8.93 -26.34 10.38
C MET X 1 9.64 -27.67 10.71
N ASP X 2 9.73 -27.97 12.01
CA ASP X 2 10.37 -29.18 12.51
C ASP X 2 9.44 -30.38 12.34
N ILE X 3 9.89 -31.54 12.80
CA ILE X 3 9.08 -32.74 12.70
C ILE X 3 8.63 -33.21 14.07
N ILE X 4 7.33 -33.35 14.21
CA ILE X 4 6.72 -33.78 15.45
C ILE X 4 5.74 -34.88 15.09
N LEU X 5 6.13 -36.11 15.40
CA LEU X 5 5.30 -37.28 15.12
C LEU X 5 4.94 -37.98 16.41
N GLY X 6 3.75 -38.56 16.43
CA GLY X 6 3.31 -39.28 17.59
C GLY X 6 2.46 -40.47 17.20
N ILE X 7 2.63 -41.58 17.89
CA ILE X 7 1.84 -42.75 17.60
C ILE X 7 1.55 -43.55 18.87
N ARG X 8 0.29 -43.91 19.02
CA ARG X 8 -0.18 -44.66 20.16
C ARG X 8 -0.44 -46.12 19.79
N VAL X 9 0.42 -47.01 20.27
CA VAL X 9 0.27 -48.42 20.00
C VAL X 9 -0.56 -49.08 21.10
N GLN X 10 -0.33 -50.37 21.34
CA GLN X 10 -1.07 -51.12 22.34
C GLN X 10 -0.84 -50.70 23.79
N ASP X 11 0.41 -50.68 24.21
CA ASP X 11 0.70 -50.34 25.60
C ASP X 11 1.65 -49.20 25.80
N SER X 12 1.71 -48.30 24.83
CA SER X 12 2.61 -47.16 24.96
C SER X 12 2.35 -46.10 23.91
N VAL X 13 3.04 -44.98 24.05
CA VAL X 13 2.94 -43.88 23.12
C VAL X 13 4.36 -43.54 22.69
N ILE X 14 4.56 -43.39 21.39
CA ILE X 14 5.88 -43.09 20.87
C ILE X 14 5.89 -41.70 20.25
N LEU X 15 6.88 -40.91 20.62
CA LEU X 15 7.03 -39.56 20.08
C LEU X 15 8.36 -39.41 19.37
N ALA X 16 8.30 -39.07 18.07
CA ALA X 16 9.49 -38.87 17.26
C ALA X 16 9.57 -37.37 16.92
N SER X 17 10.71 -36.76 17.23
CA SER X 17 10.88 -35.32 16.98
C SER X 17 12.23 -35.01 16.33
N SER X 18 12.21 -34.20 15.27
CA SER X 18 13.45 -33.85 14.56
C SER X 18 14.49 -33.20 15.47
N LYS X 19 15.76 -33.43 15.14
CA LYS X 19 16.86 -32.92 15.95
C LYS X 19 17.46 -31.61 15.50
N ALA X 20 17.12 -31.16 14.31
CA ALA X 20 17.69 -29.92 13.79
C ALA X 20 17.09 -28.64 14.37
N VAL X 21 17.95 -27.64 14.51
CA VAL X 21 17.55 -26.32 14.95
C VAL X 21 18.25 -25.42 13.93
N THR X 22 17.44 -24.83 13.05
CA THR X 22 17.97 -23.97 12.00
C THR X 22 17.62 -22.51 12.24
N ARG X 23 18.63 -21.65 12.11
CA ARG X 23 18.44 -20.23 12.28
C ARG X 23 18.95 -19.55 11.03
N GLY X 24 18.01 -19.30 10.11
CA GLY X 24 18.33 -18.64 8.87
C GLY X 24 18.98 -19.56 7.85
N ILE X 25 20.25 -19.28 7.59
CA ILE X 25 21.04 -20.01 6.63
C ILE X 25 21.79 -21.22 7.21
N SER X 26 22.08 -21.19 8.50
CA SER X 26 22.82 -22.29 9.12
C SER X 26 22.04 -23.17 10.09
N VAL X 27 22.47 -24.42 10.17
CA VAL X 27 21.87 -25.39 11.08
C VAL X 27 22.70 -25.27 12.36
N LEU X 28 22.18 -24.56 13.35
CA LEU X 28 22.89 -24.35 14.61
C LEU X 28 23.16 -25.58 15.46
N LYS X 29 22.26 -26.55 15.40
CA LYS X 29 22.42 -27.75 16.20
C LYS X 29 21.73 -28.91 15.49
N ASP X 30 22.15 -30.12 15.78
CA ASP X 30 21.55 -31.31 15.17
C ASP X 30 21.31 -32.42 16.18
N SER X 31 21.19 -32.02 17.45
CA SER X 31 20.97 -32.97 18.53
C SER X 31 20.00 -32.38 19.54
N ASP X 32 19.09 -31.54 19.07
CA ASP X 32 18.12 -30.89 19.94
C ASP X 32 16.95 -31.80 20.31
N ASP X 33 16.62 -31.82 21.59
CA ASP X 33 15.53 -32.65 22.09
C ASP X 33 14.28 -31.80 22.31
N LYS X 34 13.40 -31.79 21.31
CA LYS X 34 12.17 -30.99 21.34
C LYS X 34 11.09 -31.67 22.19
N THR X 35 11.43 -31.91 23.45
CA THR X 35 10.55 -32.59 24.37
C THR X 35 10.76 -32.15 25.82
N ARG X 36 9.74 -32.31 26.65
CA ARG X 36 9.81 -32.01 28.09
C ARG X 36 8.95 -33.05 28.79
N GLN X 37 9.47 -33.58 29.89
CA GLN X 37 8.70 -34.55 30.66
C GLN X 37 7.85 -33.76 31.67
N LEU X 38 6.54 -33.87 31.54
CA LEU X 38 5.64 -33.15 32.42
C LEU X 38 5.42 -33.88 33.74
N SER X 39 5.63 -35.18 33.73
CA SER X 39 5.48 -36.01 34.92
C SER X 39 6.04 -37.39 34.60
N PRO X 40 6.24 -38.24 35.62
CA PRO X 40 6.78 -39.57 35.34
C PRO X 40 6.12 -40.33 34.18
N HIS X 41 4.83 -40.11 33.95
CA HIS X 41 4.16 -40.82 32.86
C HIS X 41 3.58 -39.94 31.75
N THR X 42 4.02 -38.68 31.67
CA THR X 42 3.53 -37.78 30.64
C THR X 42 4.66 -37.01 29.98
N LEU X 43 4.75 -37.13 28.66
CA LEU X 43 5.78 -36.46 27.87
C LEU X 43 5.13 -35.51 26.88
N MET X 44 5.80 -34.39 26.60
CA MET X 44 5.26 -33.44 25.64
C MET X 44 6.31 -32.97 24.64
N SER X 45 6.01 -33.13 23.35
CA SER X 45 6.90 -32.67 22.28
C SER X 45 6.30 -31.37 21.74
N PHE X 46 7.14 -30.51 21.16
CA PHE X 46 6.66 -29.22 20.69
C PHE X 46 7.45 -28.64 19.50
N ALA X 47 6.76 -27.83 18.70
CA ALA X 47 7.37 -27.18 17.54
C ALA X 47 6.67 -25.84 17.24
N GLY X 48 7.43 -24.87 16.73
CA GLY X 48 6.85 -23.58 16.43
C GLY X 48 7.83 -22.43 16.52
N GLU X 49 7.32 -21.26 16.88
CA GLU X 49 8.12 -20.03 17.00
C GLU X 49 9.37 -20.19 17.87
N ALA X 50 10.48 -19.70 17.34
CA ALA X 50 11.79 -19.75 17.97
C ALA X 50 11.93 -19.69 19.50
N GLY X 51 11.41 -18.67 20.15
CA GLY X 51 11.60 -18.64 21.59
C GLY X 51 10.46 -19.21 22.42
N ASP X 52 9.24 -18.97 21.93
CA ASP X 52 8.01 -19.39 22.60
C ASP X 52 7.96 -20.89 22.83
N THR X 53 8.59 -21.61 21.92
CA THR X 53 8.63 -23.06 21.95
C THR X 53 9.09 -23.65 23.30
N VAL X 54 10.32 -23.39 23.71
CA VAL X 54 10.81 -23.92 24.97
C VAL X 54 10.18 -23.18 26.16
N GLN X 55 9.99 -21.88 26.01
CA GLN X 55 9.40 -21.09 27.08
C GLN X 55 8.07 -21.67 27.51
N PHE X 56 7.26 -22.07 26.53
CA PHE X 56 5.96 -22.63 26.83
C PHE X 56 6.11 -24.00 27.48
N ALA X 57 6.90 -24.85 26.84
CA ALA X 57 7.11 -26.19 27.36
C ALA X 57 7.51 -26.14 28.82
N GLU X 58 8.52 -25.35 29.15
CA GLU X 58 9.02 -25.24 30.52
C GLU X 58 7.98 -24.65 31.48
N TYR X 59 7.16 -23.74 30.96
CA TYR X 59 6.13 -23.15 31.79
C TYR X 59 5.08 -24.22 32.14
N ILE X 60 4.70 -25.03 31.15
CA ILE X 60 3.73 -26.09 31.39
C ILE X 60 4.31 -27.10 32.37
N GLN X 61 5.58 -27.41 32.19
CA GLN X 61 6.23 -28.38 33.05
C GLN X 61 6.21 -27.92 34.51
N ALA X 62 6.70 -26.71 34.76
CA ALA X 62 6.72 -26.17 36.11
C ALA X 62 5.35 -26.30 36.76
N ASN X 63 4.30 -25.98 36.02
CA ASN X 63 2.96 -26.09 36.58
C ASN X 63 2.54 -27.51 36.94
N ILE X 64 2.86 -28.47 36.09
CA ILE X 64 2.48 -29.85 36.38
C ILE X 64 3.27 -30.36 37.59
N GLN X 65 4.55 -30.04 37.64
CA GLN X 65 5.37 -30.47 38.77
C GLN X 65 4.83 -29.88 40.10
N LEU X 66 4.43 -28.61 40.06
CA LEU X 66 3.87 -27.96 41.24
C LEU X 66 2.58 -28.67 41.63
N TYR X 67 1.76 -29.05 40.66
CA TYR X 67 0.53 -29.75 40.99
C TYR X 67 0.86 -31.09 41.62
N SER X 68 1.81 -31.81 41.02
CA SER X 68 2.23 -33.12 41.53
C SER X 68 2.62 -33.05 43.00
N ILE X 69 3.39 -32.05 43.36
CA ILE X 69 3.83 -31.93 44.74
C ILE X 69 2.75 -31.47 45.71
N ARG X 70 1.96 -30.49 45.31
CA ARG X 70 0.89 -30.02 46.18
C ARG X 70 -0.12 -31.13 46.50
N GLU X 71 -0.38 -31.99 45.52
CA GLU X 71 -1.36 -33.06 45.68
C GLU X 71 -0.76 -34.46 45.90
N ASP X 72 0.56 -34.56 45.80
CA ASP X 72 1.23 -35.84 45.94
C ASP X 72 0.49 -36.83 45.05
N TYR X 73 0.20 -36.40 43.83
CA TYR X 73 -0.54 -37.21 42.89
C TYR X 73 -0.16 -36.78 41.50
N GLU X 74 -0.31 -37.69 40.54
CA GLU X 74 0.01 -37.39 39.16
C GLU X 74 -1.28 -37.25 38.34
N LEU X 75 -1.46 -36.10 37.71
CA LEU X 75 -2.64 -35.83 36.89
C LEU X 75 -2.69 -36.79 35.71
N SER X 76 -3.91 -37.13 35.30
CA SER X 76 -4.07 -38.04 34.17
C SER X 76 -3.65 -37.33 32.89
N PRO X 77 -3.22 -38.09 31.87
CA PRO X 77 -2.81 -37.44 30.62
C PRO X 77 -3.92 -36.53 30.11
N GLN X 78 -5.16 -36.97 30.30
CA GLN X 78 -6.31 -36.19 29.86
C GLN X 78 -6.38 -34.86 30.61
N ALA X 79 -6.17 -34.89 31.91
CA ALA X 79 -6.22 -33.68 32.70
C ALA X 79 -5.09 -32.72 32.27
N VAL X 80 -3.91 -33.27 32.02
CA VAL X 80 -2.78 -32.44 31.62
C VAL X 80 -3.02 -31.79 30.27
N SER X 81 -3.60 -32.55 29.34
CA SER X 81 -3.87 -32.02 28.02
C SER X 81 -4.95 -30.95 28.06
N SER X 82 -5.89 -31.05 29.01
CA SER X 82 -6.94 -30.04 29.09
C SER X 82 -6.35 -28.77 29.68
N PHE X 83 -5.37 -28.94 30.56
CA PHE X 83 -4.74 -27.79 31.17
C PHE X 83 -3.94 -27.08 30.08
N VAL X 84 -3.20 -27.87 29.30
CA VAL X 84 -2.39 -27.32 28.23
C VAL X 84 -3.23 -26.65 27.14
N ARG X 85 -4.36 -27.23 26.80
CA ARG X 85 -5.21 -26.63 25.78
C ARG X 85 -5.73 -25.26 26.24
N GLN X 86 -6.19 -25.21 27.49
CA GLN X 86 -6.72 -23.97 28.05
C GLN X 86 -5.67 -22.87 28.05
N GLU X 87 -4.43 -23.25 28.30
CA GLU X 87 -3.34 -22.29 28.31
C GLU X 87 -3.14 -21.74 26.92
N LEU X 88 -3.20 -22.60 25.91
CA LEU X 88 -2.99 -22.13 24.54
C LEU X 88 -4.19 -21.32 24.08
N ALA X 89 -5.38 -21.70 24.51
CA ALA X 89 -6.57 -20.97 24.12
C ALA X 89 -6.58 -19.54 24.70
N LYS X 90 -5.95 -19.37 25.87
CA LYS X 90 -5.85 -18.05 26.50
C LYS X 90 -4.89 -17.23 25.66
N SER X 91 -3.74 -17.85 25.42
CA SER X 91 -2.66 -17.25 24.65
C SER X 91 -3.06 -16.74 23.26
N ILE X 92 -3.91 -17.49 22.55
CA ILE X 92 -4.28 -17.06 21.22
C ILE X 92 -4.98 -15.69 21.15
N ARG X 93 -5.64 -15.29 22.24
CA ARG X 93 -6.34 -14.01 22.25
C ARG X 93 -5.63 -12.99 23.12
N SER X 94 -4.37 -13.27 23.46
CA SER X 94 -3.57 -12.37 24.28
C SER X 94 -2.82 -11.37 23.41
N ARG X 95 -2.00 -10.52 24.03
CA ARG X 95 -1.25 -9.51 23.30
C ARG X 95 -0.28 -10.13 22.31
N ARG X 96 0.53 -11.06 22.79
CA ARG X 96 1.48 -11.75 21.93
C ARG X 96 1.38 -13.26 22.20
N PRO X 97 0.64 -13.98 21.35
CA PRO X 97 0.42 -15.43 21.45
C PRO X 97 1.64 -16.35 21.34
N TYR X 98 1.60 -17.45 22.10
CA TYR X 98 2.65 -18.46 22.07
C TYR X 98 2.39 -19.19 20.76
N GLN X 99 3.31 -19.13 19.81
CA GLN X 99 3.08 -19.87 18.57
C GLN X 99 3.75 -21.23 18.70
N VAL X 100 3.12 -22.09 19.47
CA VAL X 100 3.65 -23.42 19.73
C VAL X 100 2.61 -24.52 19.51
N ASN X 101 3.04 -25.61 18.87
CA ASN X 101 2.17 -26.75 18.63
C ASN X 101 2.74 -27.90 19.46
N VAL X 102 1.88 -28.70 20.05
CA VAL X 102 2.36 -29.78 20.89
C VAL X 102 1.66 -31.12 20.73
N LEU X 103 2.38 -32.16 21.12
CA LEU X 103 1.87 -33.52 21.15
C LEU X 103 2.09 -33.96 22.58
N ILE X 104 1.05 -34.48 23.22
CA ILE X 104 1.19 -34.94 24.57
C ILE X 104 0.97 -36.42 24.60
N GLY X 105 2.02 -37.14 24.99
CA GLY X 105 1.95 -38.58 25.07
C GLY X 105 2.07 -39.00 26.52
N GLY X 106 1.07 -39.71 27.01
CA GLY X 106 1.10 -40.16 28.39
C GLY X 106 0.48 -41.53 28.57
N TYR X 107 0.83 -42.18 29.67
CA TYR X 107 0.28 -43.49 30.00
C TYR X 107 -0.57 -43.28 31.25
N ASP X 108 -1.87 -43.52 31.11
CA ASP X 108 -2.79 -43.33 32.23
C ASP X 108 -2.79 -44.57 33.12
N LYS X 109 -2.09 -44.49 34.25
CA LYS X 109 -1.96 -45.59 35.19
C LYS X 109 -3.28 -46.05 35.83
N LYS X 110 -4.32 -45.22 35.76
CA LYS X 110 -5.61 -45.59 36.33
C LYS X 110 -6.46 -46.35 35.30
N LYS X 111 -6.38 -45.95 34.03
CA LYS X 111 -7.13 -46.61 32.96
C LYS X 111 -6.26 -47.74 32.39
N ASN X 112 -4.94 -47.59 32.57
CA ASN X 112 -3.94 -48.53 32.07
C ASN X 112 -3.90 -48.60 30.54
N LYS X 113 -4.02 -47.43 29.92
CA LYS X 113 -4.00 -47.30 28.46
C LYS X 113 -3.16 -46.10 28.06
N PRO X 114 -2.37 -46.23 26.98
CA PRO X 114 -1.55 -45.10 26.53
C PRO X 114 -2.47 -44.08 25.85
N GLU X 115 -2.08 -42.81 25.88
CA GLU X 115 -2.90 -41.79 25.24
C GLU X 115 -2.06 -40.75 24.50
N LEU X 116 -2.55 -40.35 23.33
CA LEU X 116 -1.87 -39.35 22.50
C LEU X 116 -2.79 -38.17 22.20
N TYR X 117 -2.31 -36.98 22.54
CA TYR X 117 -3.07 -35.75 22.32
C TYR X 117 -2.34 -34.80 21.38
N GLN X 118 -3.09 -34.21 20.47
CA GLN X 118 -2.54 -33.26 19.52
C GLN X 118 -3.20 -31.92 19.81
N ILE X 119 -2.39 -30.90 20.09
CA ILE X 119 -2.93 -29.58 20.35
C ILE X 119 -2.12 -28.52 19.61
N ASP X 120 -2.78 -27.76 18.74
CA ASP X 120 -2.07 -26.71 18.00
C ASP X 120 -2.10 -25.41 18.79
N TYR X 121 -1.36 -24.41 18.33
CA TYR X 121 -1.27 -23.13 19.04
C TYR X 121 -2.58 -22.38 19.29
N LEU X 122 -3.64 -22.72 18.57
CA LEU X 122 -4.92 -22.06 18.76
C LEU X 122 -5.66 -22.64 19.94
N GLY X 123 -5.19 -23.81 20.40
CA GLY X 123 -5.83 -24.50 21.50
C GLY X 123 -6.77 -25.55 20.94
N THR X 124 -6.48 -26.03 19.73
CA THR X 124 -7.28 -27.06 19.08
C THR X 124 -6.76 -28.43 19.51
N LYS X 125 -7.49 -29.10 20.38
CA LYS X 125 -7.10 -30.41 20.88
C LYS X 125 -7.94 -31.53 20.32
N VAL X 126 -7.30 -32.65 20.06
CA VAL X 126 -7.99 -33.82 19.55
C VAL X 126 -7.15 -35.04 19.98
N GLU X 127 -7.81 -36.11 20.40
CA GLU X 127 -7.10 -37.33 20.81
C GLU X 127 -7.00 -38.25 19.59
N LEU X 128 -5.81 -38.80 19.34
CA LEU X 128 -5.59 -39.62 18.16
C LEU X 128 -4.72 -40.87 18.31
N PRO X 129 -4.85 -41.81 17.35
CA PRO X 129 -4.07 -43.05 17.34
C PRO X 129 -2.64 -42.62 17.00
N TYR X 130 -2.55 -41.62 16.13
CA TYR X 130 -1.29 -41.03 15.68
C TYR X 130 -1.55 -39.63 15.15
N GLY X 131 -0.56 -38.75 15.33
CA GLY X 131 -0.70 -37.38 14.88
C GLY X 131 0.63 -36.72 14.62
N ALA X 132 0.56 -35.50 14.10
CA ALA X 132 1.74 -34.70 13.77
C ALA X 132 1.34 -33.25 13.58
N HIS X 133 2.33 -32.37 13.58
CA HIS X 133 2.10 -30.96 13.38
C HIS X 133 2.90 -30.51 12.18
N GLY X 134 2.46 -29.42 11.57
CA GLY X 134 3.17 -28.91 10.41
C GLY X 134 2.92 -29.75 9.19
N TYR X 135 3.95 -29.90 8.37
CA TYR X 135 3.85 -30.67 7.15
C TYR X 135 4.01 -32.16 7.33
N SER X 136 4.46 -32.56 8.51
CA SER X 136 4.69 -33.98 8.80
C SER X 136 3.53 -34.91 8.45
N GLY X 137 2.31 -34.56 8.86
CA GLY X 137 1.19 -35.41 8.54
C GLY X 137 1.00 -35.61 7.04
N PHE X 138 1.30 -34.58 6.27
CA PHE X 138 1.15 -34.64 4.82
C PHE X 138 1.92 -35.77 4.15
N TYR X 139 3.07 -36.12 4.71
CA TYR X 139 3.89 -37.17 4.14
C TYR X 139 3.68 -38.53 4.78
N THR X 140 3.33 -38.53 6.06
CA THR X 140 3.18 -39.77 6.81
C THR X 140 1.78 -40.34 7.04
N PHE X 141 0.76 -39.50 7.09
CA PHE X 141 -0.58 -40.01 7.35
C PHE X 141 -1.08 -41.08 6.40
N SER X 142 -0.59 -41.11 5.16
CA SER X 142 -1.07 -42.12 4.23
C SER X 142 -0.45 -43.46 4.59
N LEU X 143 0.73 -43.43 5.20
CA LEU X 143 1.38 -44.66 5.62
C LEU X 143 0.71 -45.17 6.90
N LEU X 144 0.54 -44.29 7.87
CA LEU X 144 -0.09 -44.66 9.11
C LEU X 144 -1.51 -45.14 8.85
N ASP X 145 -2.26 -44.39 8.04
CA ASP X 145 -3.62 -44.77 7.71
C ASP X 145 -3.67 -46.21 7.21
N HIS X 146 -2.58 -46.64 6.60
CA HIS X 146 -2.49 -47.97 6.03
C HIS X 146 -2.08 -49.09 6.99
N HIS X 147 -0.87 -48.96 7.54
CA HIS X 147 -0.32 -49.95 8.45
C HIS X 147 -0.76 -49.90 9.91
N TYR X 148 -1.44 -48.84 10.34
CA TYR X 148 -1.82 -48.76 11.75
C TYR X 148 -2.86 -49.76 12.24
N ARG X 149 -2.54 -50.39 13.38
CA ARG X 149 -3.41 -51.35 14.05
C ARG X 149 -3.34 -51.01 15.56
N PRO X 150 -4.50 -51.00 16.25
CA PRO X 150 -4.60 -50.70 17.68
C PRO X 150 -3.84 -51.65 18.60
N ASP X 151 -3.63 -52.88 18.14
CA ASP X 151 -2.94 -53.89 18.92
C ASP X 151 -1.45 -53.99 18.62
N MET X 152 -0.91 -53.02 17.89
CA MET X 152 0.51 -53.04 17.56
C MET X 152 1.35 -53.06 18.82
N THR X 153 2.51 -53.68 18.73
CA THR X 153 3.43 -53.74 19.86
C THR X 153 4.36 -52.54 19.76
N THR X 154 5.06 -52.22 20.82
CA THR X 154 5.97 -51.09 20.78
C THR X 154 6.98 -51.29 19.67
N GLU X 155 7.38 -52.54 19.46
CA GLU X 155 8.33 -52.85 18.40
C GLU X 155 7.74 -52.63 17.00
N GLU X 156 6.47 -52.96 16.83
CA GLU X 156 5.81 -52.77 15.53
C GLU X 156 5.66 -51.27 15.25
N GLY X 157 5.39 -50.51 16.30
CA GLY X 157 5.24 -49.07 16.17
C GLY X 157 6.53 -48.41 15.73
N LEU X 158 7.64 -48.80 16.34
CA LEU X 158 8.92 -48.22 15.97
C LEU X 158 9.26 -48.54 14.52
N ASP X 159 8.73 -49.64 13.99
CA ASP X 159 9.00 -50.03 12.62
C ASP X 159 8.19 -49.16 11.66
N LEU X 160 6.94 -48.89 12.06
CA LEU X 160 6.04 -48.07 11.27
C LEU X 160 6.58 -46.64 11.24
N LEU X 161 7.18 -46.19 12.35
CA LEU X 161 7.76 -44.85 12.43
C LEU X 161 8.95 -44.75 11.50
N LYS X 162 9.83 -45.73 11.63
CA LYS X 162 11.03 -45.78 10.80
C LYS X 162 10.60 -45.62 9.34
N LEU X 163 9.50 -46.26 8.98
CA LEU X 163 8.98 -46.18 7.63
C LEU X 163 8.57 -44.73 7.33
N CYS X 164 7.89 -44.13 8.29
CA CYS X 164 7.43 -42.75 8.17
C CYS X 164 8.59 -41.80 7.99
N VAL X 165 9.60 -41.94 8.85
CA VAL X 165 10.76 -41.08 8.78
C VAL X 165 11.50 -41.25 7.45
N GLN X 166 11.49 -42.45 6.89
CA GLN X 166 12.17 -42.68 5.61
C GLN X 166 11.45 -41.90 4.51
N GLU X 167 10.13 -41.88 4.56
CA GLU X 167 9.34 -41.15 3.58
C GLU X 167 9.69 -39.67 3.72
N LEU X 168 9.75 -39.19 4.96
CA LEU X 168 10.09 -37.80 5.23
C LEU X 168 11.46 -37.45 4.68
N GLU X 169 12.44 -38.33 4.89
CA GLU X 169 13.78 -38.08 4.41
C GLU X 169 13.87 -38.14 2.91
N LYS X 170 12.88 -38.76 2.27
CA LYS X 170 12.89 -38.85 0.82
C LYS X 170 12.24 -37.66 0.14
N ARG X 171 11.01 -37.35 0.52
CA ARG X 171 10.26 -36.26 -0.11
C ARG X 171 10.32 -34.85 0.50
N MET X 172 10.74 -34.73 1.75
CA MET X 172 10.81 -33.41 2.37
C MET X 172 12.08 -32.68 1.98
N PRO X 173 11.95 -31.42 1.54
CA PRO X 173 13.03 -30.52 1.09
C PRO X 173 14.11 -30.21 2.11
N MET X 174 13.74 -30.17 3.38
CA MET X 174 14.67 -29.85 4.46
C MET X 174 15.33 -31.05 5.12
N ASP X 175 16.57 -30.86 5.53
CA ASP X 175 17.33 -31.89 6.23
C ASP X 175 17.05 -31.63 7.72
N PHE X 176 16.16 -32.41 8.31
CA PHE X 176 15.84 -32.21 9.71
C PHE X 176 16.79 -32.94 10.66
N LYS X 177 17.83 -33.54 10.09
CA LYS X 177 18.87 -34.27 10.83
C LYS X 177 18.36 -35.41 11.75
N GLY X 178 17.52 -36.28 11.19
CA GLY X 178 17.01 -37.39 11.98
C GLY X 178 16.11 -37.00 13.14
N VAL X 179 15.56 -38.00 13.81
CA VAL X 179 14.68 -37.74 14.93
C VAL X 179 15.14 -38.42 16.22
N ILE X 180 14.57 -37.96 17.34
CA ILE X 180 14.84 -38.56 18.63
C ILE X 180 13.51 -39.19 18.99
N VAL X 181 13.54 -40.46 19.39
CA VAL X 181 12.31 -41.18 19.72
C VAL X 181 12.25 -41.49 21.20
N LYS X 182 11.06 -41.40 21.79
CA LYS X 182 10.88 -41.69 23.20
C LYS X 182 9.60 -42.48 23.39
N ILE X 183 9.63 -43.38 24.37
CA ILE X 183 8.48 -44.21 24.64
C ILE X 183 7.90 -43.92 26.02
N VAL X 184 6.58 -43.88 26.08
CA VAL X 184 5.88 -43.63 27.32
C VAL X 184 5.00 -44.84 27.52
N ASP X 185 5.16 -45.51 28.65
CA ASP X 185 4.36 -46.70 28.97
C ASP X 185 4.16 -46.77 30.48
N LYS X 186 3.61 -47.89 30.94
CA LYS X 186 3.34 -48.09 32.36
C LYS X 186 4.60 -47.90 33.22
N ASP X 187 5.77 -48.02 32.59
CA ASP X 187 7.01 -47.88 33.34
C ASP X 187 7.74 -46.57 33.14
N GLY X 188 7.00 -45.53 32.79
CA GLY X 188 7.62 -44.24 32.61
C GLY X 188 8.02 -43.87 31.20
N ILE X 189 9.04 -43.02 31.12
CA ILE X 189 9.53 -42.54 29.84
C ILE X 189 10.96 -43.00 29.62
N ARG X 190 11.24 -43.51 28.43
CA ARG X 190 12.59 -43.95 28.09
C ARG X 190 12.87 -43.55 26.65
N GLN X 191 14.15 -43.35 26.35
CA GLN X 191 14.56 -42.95 25.01
C GLN X 191 15.28 -44.03 24.20
N VAL X 192 14.84 -44.21 22.97
CA VAL X 192 15.43 -45.17 22.06
C VAL X 192 16.71 -44.58 21.48
N ASP X 193 17.82 -44.68 22.20
CA ASP X 193 19.08 -44.10 21.73
C ASP X 193 19.62 -44.74 20.44
N ASP X 194 18.86 -45.68 19.87
CA ASP X 194 19.28 -46.35 18.65
C ASP X 194 18.22 -46.35 17.54
N PHE X 195 17.98 -45.18 16.96
CA PHE X 195 17.01 -45.08 15.87
C PHE X 195 17.73 -44.54 14.63
N GLN X 196 18.95 -44.08 14.84
CA GLN X 196 19.79 -43.54 13.76
C GLN X 196 19.94 -44.64 12.71
N ALA X 197 19.83 -45.89 13.17
CA ALA X 197 19.94 -47.07 12.31
C ALA X 197 19.33 -48.30 13.01
N GLN X 198 18.03 -48.22 13.31
CA GLN X 198 17.31 -49.31 13.98
C GLN X 198 16.57 -50.17 12.96
N THR Y 1 30.25 -9.25 10.64
CA THR Y 1 30.54 -9.76 12.02
C THR Y 1 30.77 -11.23 12.03
N THR Y 2 31.81 -11.63 12.71
CA THR Y 2 32.07 -13.04 12.87
C THR Y 2 32.49 -13.25 14.30
N THR Y 3 31.78 -14.14 14.98
CA THR Y 3 32.11 -14.46 16.34
C THR Y 3 31.94 -15.96 16.47
N LEU Y 4 32.86 -16.60 17.17
CA LEU Y 4 32.76 -18.04 17.39
C LEU Y 4 33.23 -18.37 18.77
N ALA Y 5 32.82 -19.53 19.24
CA ALA Y 5 33.19 -20.02 20.54
C ALA Y 5 33.03 -21.54 20.49
N PHE Y 6 34.04 -22.26 20.94
CA PHE Y 6 33.92 -23.70 20.96
C PHE Y 6 34.54 -24.31 22.20
N ARG Y 7 34.00 -25.47 22.55
CA ARG Y 7 34.38 -26.25 23.72
C ARG Y 7 35.42 -27.30 23.35
N PHE Y 8 36.44 -27.44 24.18
CA PHE Y 8 37.46 -28.46 23.96
C PHE Y 8 38.06 -28.90 25.30
N GLN Y 9 38.92 -29.92 25.26
CA GLN Y 9 39.57 -30.44 26.46
C GLN Y 9 40.16 -29.35 27.36
N GLY Y 10 40.70 -28.28 26.77
CA GLY Y 10 41.30 -27.24 27.58
C GLY Y 10 40.39 -26.10 28.00
N GLY Y 11 39.07 -26.30 27.86
CA GLY Y 11 38.13 -25.25 28.23
C GLY Y 11 37.35 -24.70 27.05
N ILE Y 12 37.39 -23.38 26.88
CA ILE Y 12 36.67 -22.75 25.79
C ILE Y 12 37.48 -21.69 25.05
N ILE Y 13 37.38 -21.70 23.72
CA ILE Y 13 38.05 -20.71 22.90
C ILE Y 13 36.99 -19.75 22.39
N VAL Y 14 37.28 -18.46 22.42
CA VAL Y 14 36.37 -17.45 21.95
C VAL Y 14 37.16 -16.53 21.04
N ALA Y 15 36.68 -16.36 19.81
CA ALA Y 15 37.35 -15.50 18.85
C ALA Y 15 36.30 -14.66 18.14
N VAL Y 16 36.61 -13.39 17.90
CA VAL Y 16 35.69 -12.46 17.26
C VAL Y 16 36.46 -11.52 16.34
N ASP Y 17 35.75 -10.85 15.43
CA ASP Y 17 36.40 -9.87 14.57
C ASP Y 17 36.13 -8.53 15.24
N SER Y 18 36.39 -7.42 14.58
CA SER Y 18 36.15 -6.14 15.24
C SER Y 18 35.62 -5.04 14.33
N ARG Y 19 35.00 -5.44 13.22
CA ARG Y 19 34.46 -4.46 12.27
C ARG Y 19 32.99 -4.09 12.53
N ALA Y 20 32.70 -2.81 12.42
CA ALA Y 20 31.35 -2.31 12.60
C ALA Y 20 31.05 -1.46 11.37
N THR Y 21 29.96 -1.79 10.70
CA THR Y 21 29.58 -1.05 9.51
C THR Y 21 28.19 -0.43 9.60
N ALA Y 22 28.06 0.73 8.98
CA ALA Y 22 26.78 1.45 8.90
C ALA Y 22 26.53 1.49 7.40
N GLY Y 23 25.95 0.40 6.87
CA GLY Y 23 25.72 0.31 5.45
C GLY Y 23 27.01 -0.19 4.81
N ASN Y 24 27.63 0.61 3.94
CA ASN Y 24 28.89 0.22 3.31
C ASN Y 24 30.02 0.90 4.07
N TRP Y 25 29.65 1.94 4.79
CA TRP Y 25 30.57 2.74 5.59
C TRP Y 25 31.09 1.90 6.75
N VAL Y 26 32.42 1.80 6.85
CA VAL Y 26 33.05 1.07 7.93
C VAL Y 26 33.24 2.08 9.05
N ALA Y 27 32.35 2.02 10.03
CA ALA Y 27 32.39 2.93 11.16
C ALA Y 27 33.59 2.68 12.06
N SER Y 28 33.89 1.40 12.33
CA SER Y 28 35.02 1.08 13.17
C SER Y 28 35.65 -0.27 12.84
N GLN Y 29 36.94 -0.38 13.10
CA GLN Y 29 37.69 -1.61 12.88
C GLN Y 29 38.24 -2.03 14.24
N THR Y 30 37.85 -1.28 15.28
CA THR Y 30 38.32 -1.51 16.64
C THR Y 30 37.21 -1.66 17.69
N VAL Y 31 36.26 -2.53 17.41
CA VAL Y 31 35.15 -2.76 18.32
C VAL Y 31 35.40 -3.98 19.19
N LYS Y 32 35.02 -3.90 20.46
CA LYS Y 32 35.18 -5.03 21.37
C LYS Y 32 33.91 -5.87 21.27
N LYS Y 33 33.97 -6.98 20.56
CA LYS Y 33 32.78 -7.80 20.43
C LYS Y 33 32.71 -8.88 21.49
N VAL Y 34 33.61 -8.81 22.45
CA VAL Y 34 33.59 -9.77 23.54
C VAL Y 34 33.35 -8.96 24.80
N ILE Y 35 32.27 -9.26 25.50
CA ILE Y 35 31.96 -8.58 26.74
C ILE Y 35 32.48 -9.42 27.90
N GLU Y 36 33.24 -8.78 28.78
CA GLU Y 36 33.78 -9.46 29.95
C GLU Y 36 32.75 -9.28 31.07
N ILE Y 37 31.76 -10.17 31.06
CA ILE Y 37 30.67 -10.16 32.01
C ILE Y 37 31.26 -10.07 33.41
N ASN Y 38 32.27 -10.90 33.66
CA ASN Y 38 33.02 -10.95 34.90
C ASN Y 38 34.21 -11.89 34.67
N PRO Y 39 35.17 -11.93 35.61
CA PRO Y 39 36.36 -12.78 35.51
C PRO Y 39 36.19 -14.24 35.04
N PHE Y 40 34.97 -14.77 35.12
CA PHE Y 40 34.72 -16.15 34.71
C PHE Y 40 33.75 -16.33 33.55
N LEU Y 41 33.10 -15.25 33.13
CA LEU Y 41 32.13 -15.34 32.05
C LEU Y 41 32.36 -14.37 30.92
N LEU Y 42 32.22 -14.90 29.71
CA LEU Y 42 32.39 -14.11 28.51
C LEU Y 42 31.11 -14.15 27.67
N GLY Y 43 30.86 -13.05 26.97
CA GLY Y 43 29.70 -12.97 26.10
C GLY Y 43 30.13 -12.33 24.80
N THR Y 44 29.64 -12.84 23.69
CA THR Y 44 29.99 -12.27 22.39
C THR Y 44 28.86 -11.35 21.90
N MET Y 45 29.19 -10.46 20.96
CA MET Y 45 28.19 -9.52 20.44
C MET Y 45 27.95 -9.60 18.95
N ALA Y 46 26.72 -9.95 18.59
CA ALA Y 46 26.32 -10.02 17.19
C ALA Y 46 24.96 -9.32 17.12
N GLY Y 47 24.74 -8.55 16.06
CA GLY Y 47 23.47 -7.86 15.91
C GLY Y 47 23.52 -6.44 16.44
N GLY Y 48 22.76 -6.18 17.50
CA GLY Y 48 22.73 -4.84 18.07
C GLY Y 48 23.82 -4.55 19.07
N ALA Y 49 24.68 -3.59 18.76
CA ALA Y 49 25.78 -3.18 19.62
C ALA Y 49 25.26 -2.81 21.01
N ALA Y 50 24.38 -1.81 21.05
CA ALA Y 50 23.79 -1.38 22.31
C ALA Y 50 23.15 -2.55 23.04
N ASP Y 51 22.19 -3.20 22.40
CA ASP Y 51 21.49 -4.33 23.00
C ASP Y 51 22.42 -5.34 23.67
N CYS Y 52 23.42 -5.82 22.93
CA CYS Y 52 24.34 -6.78 23.49
C CYS Y 52 25.15 -6.20 24.62
N GLN Y 53 25.82 -5.09 24.33
CA GLN Y 53 26.64 -4.43 25.32
C GLN Y 53 25.85 -4.13 26.60
N PHE Y 54 24.73 -3.45 26.44
CA PHE Y 54 23.89 -3.07 27.57
C PHE Y 54 23.44 -4.24 28.42
N TRP Y 55 22.74 -5.20 27.80
CA TRP Y 55 22.22 -6.33 28.55
C TRP Y 55 23.27 -7.29 29.04
N GLU Y 56 24.37 -7.43 28.32
CA GLU Y 56 25.38 -8.34 28.81
C GLU Y 56 26.09 -7.71 30.00
N THR Y 57 26.19 -6.37 30.03
CA THR Y 57 26.81 -5.70 31.15
C THR Y 57 25.87 -5.84 32.34
N TRP Y 58 24.57 -5.66 32.08
CA TRP Y 58 23.54 -5.81 33.10
C TRP Y 58 23.61 -7.24 33.65
N LEU Y 59 23.85 -8.19 32.76
CA LEU Y 59 23.95 -9.60 33.16
C LEU Y 59 25.00 -9.77 34.25
N GLY Y 60 26.14 -9.12 34.06
CA GLY Y 60 27.22 -9.18 35.04
C GLY Y 60 26.72 -8.72 36.40
N SER Y 61 26.02 -7.59 36.42
CA SER Y 61 25.48 -7.07 37.65
C SER Y 61 24.58 -8.12 38.31
N GLN Y 62 23.80 -8.83 37.49
CA GLN Y 62 22.91 -9.85 38.03
C GLN Y 62 23.69 -11.05 38.56
N CYS Y 63 24.77 -11.40 37.87
CA CYS Y 63 25.60 -12.51 38.29
C CYS Y 63 26.27 -12.18 39.62
N ARG Y 64 26.76 -10.96 39.73
CA ARG Y 64 27.42 -10.50 40.94
C ARG Y 64 26.48 -10.55 42.14
N LEU Y 65 25.23 -10.21 41.87
CA LEU Y 65 24.18 -10.21 42.89
C LEU Y 65 23.83 -11.63 43.30
N HIS Y 66 23.88 -12.55 42.35
CA HIS Y 66 23.58 -13.93 42.63
C HIS Y 66 24.60 -14.46 43.63
N GLU Y 67 25.87 -14.22 43.33
CA GLU Y 67 26.97 -14.67 44.17
C GLU Y 67 26.99 -14.06 45.57
N LEU Y 68 26.53 -12.81 45.71
CA LEU Y 68 26.48 -12.19 47.02
C LEU Y 68 25.39 -12.88 47.82
N ARG Y 69 24.26 -13.08 47.17
CA ARG Y 69 23.10 -13.71 47.79
C ARG Y 69 23.38 -15.16 48.16
N GLU Y 70 23.74 -15.96 47.17
CA GLU Y 70 24.00 -17.39 47.35
C GLU Y 70 25.40 -17.77 47.79
N LYS Y 71 26.29 -16.80 47.92
CA LYS Y 71 27.65 -17.07 48.36
C LYS Y 71 28.23 -18.28 47.60
N GLU Y 72 28.07 -18.27 46.29
CA GLU Y 72 28.57 -19.34 45.44
C GLU Y 72 28.55 -18.89 43.98
N ARG Y 73 29.59 -19.26 43.24
CA ARG Y 73 29.73 -18.91 41.82
C ARG Y 73 28.52 -19.36 40.99
N ILE Y 74 27.98 -18.46 40.18
CA ILE Y 74 26.80 -18.77 39.35
C ILE Y 74 27.13 -19.70 38.21
N SER Y 75 26.20 -20.58 37.89
CA SER Y 75 26.40 -21.53 36.80
C SER Y 75 26.16 -20.85 35.46
N VAL Y 76 26.84 -21.33 34.41
CA VAL Y 76 26.68 -20.77 33.07
C VAL Y 76 25.23 -20.98 32.65
N ALA Y 77 24.64 -22.10 33.07
CA ALA Y 77 23.26 -22.38 32.75
C ALA Y 77 22.37 -21.26 33.29
N ALA Y 78 22.56 -20.91 34.56
CA ALA Y 78 21.77 -19.88 35.20
C ALA Y 78 22.05 -18.49 34.67
N ALA Y 79 23.31 -18.18 34.43
CA ALA Y 79 23.67 -16.86 33.92
C ALA Y 79 23.00 -16.63 32.56
N SER Y 80 23.16 -17.63 31.68
CA SER Y 80 22.57 -17.55 30.35
C SER Y 80 21.06 -17.44 30.40
N LYS Y 81 20.42 -18.15 31.33
CA LYS Y 81 18.98 -18.12 31.43
C LYS Y 81 18.44 -16.77 31.94
N ILE Y 82 19.27 -16.05 32.68
CA ILE Y 82 18.83 -14.75 33.16
C ILE Y 82 18.75 -13.82 31.95
N LEU Y 83 19.79 -13.84 31.13
CA LEU Y 83 19.84 -13.00 29.92
C LEU Y 83 18.70 -13.43 29.01
N SER Y 84 18.61 -14.73 28.80
CA SER Y 84 17.59 -15.30 27.94
C SER Y 84 16.16 -14.88 28.34
N ASN Y 85 15.83 -15.01 29.62
CA ASN Y 85 14.52 -14.65 30.10
C ASN Y 85 14.23 -13.15 30.00
N LEU Y 86 15.25 -12.33 30.20
CA LEU Y 86 15.11 -10.88 30.12
C LEU Y 86 14.75 -10.54 28.68
N VAL Y 87 15.56 -11.04 27.76
CA VAL Y 87 15.38 -10.81 26.34
C VAL Y 87 13.99 -11.24 25.87
N TYR Y 88 13.52 -12.38 26.37
CA TYR Y 88 12.22 -12.90 25.99
C TYR Y 88 11.10 -11.96 26.43
N GLN Y 89 11.30 -11.25 27.54
CA GLN Y 89 10.29 -10.31 28.02
C GLN Y 89 10.05 -9.22 26.97
N TYR Y 90 11.10 -8.91 26.20
CA TYR Y 90 11.07 -7.89 25.16
C TYR Y 90 10.79 -8.45 23.79
N LYS Y 91 10.47 -9.74 23.69
CA LYS Y 91 10.22 -10.34 22.39
C LYS Y 91 9.19 -9.54 21.60
N GLY Y 92 9.61 -9.11 20.41
CA GLY Y 92 8.73 -8.34 19.55
C GLY Y 92 9.01 -6.85 19.57
N ALA Y 93 9.65 -6.36 20.63
CA ALA Y 93 9.94 -4.93 20.74
C ALA Y 93 11.04 -4.47 19.79
N GLY Y 94 11.78 -5.40 19.20
CA GLY Y 94 12.83 -4.99 18.28
C GLY Y 94 14.27 -5.17 18.75
N LEU Y 95 14.49 -5.84 19.88
CA LEU Y 95 15.85 -6.09 20.34
C LEU Y 95 16.52 -6.94 19.27
N SER Y 96 17.82 -6.75 19.11
CA SER Y 96 18.54 -7.53 18.11
C SER Y 96 19.86 -8.00 18.68
N MET Y 97 19.94 -9.28 19.00
CA MET Y 97 21.17 -9.81 19.56
C MET Y 97 21.34 -11.31 19.43
N GLY Y 98 22.54 -11.70 19.03
CA GLY Y 98 22.89 -13.11 18.88
C GLY Y 98 24.15 -13.23 19.72
N THR Y 99 24.06 -13.98 20.80
CA THR Y 99 25.19 -14.06 21.68
C THR Y 99 25.55 -15.44 22.21
N MET Y 100 26.82 -15.61 22.56
CA MET Y 100 27.31 -16.84 23.17
C MET Y 100 27.72 -16.46 24.58
N ILE Y 101 27.18 -17.18 25.57
CA ILE Y 101 27.53 -16.93 26.97
C ILE Y 101 28.44 -18.10 27.33
N CYS Y 102 29.71 -17.79 27.57
CA CYS Y 102 30.72 -18.81 27.86
C CYS Y 102 31.30 -18.78 29.27
N GLY Y 103 31.33 -19.96 29.88
CA GLY Y 103 31.85 -20.09 31.22
C GLY Y 103 32.40 -21.48 31.46
N TYR Y 104 33.15 -21.63 32.55
CA TYR Y 104 33.75 -22.91 32.92
C TYR Y 104 33.61 -23.07 34.42
N THR Y 105 32.61 -23.83 34.86
CA THR Y 105 32.42 -24.03 36.29
C THR Y 105 32.70 -25.49 36.68
N ARG Y 106 32.98 -25.68 37.95
CA ARG Y 106 33.27 -27.00 38.50
C ARG Y 106 32.09 -27.94 38.27
N LYS Y 107 30.89 -27.41 38.44
CA LYS Y 107 29.67 -28.17 38.28
C LYS Y 107 29.39 -28.60 36.84
N GLU Y 108 29.67 -27.72 35.89
CA GLU Y 108 29.37 -27.99 34.48
C GLU Y 108 30.53 -28.27 33.54
N GLY Y 109 31.70 -27.73 33.85
CA GLY Y 109 32.84 -27.90 32.99
C GLY Y 109 32.76 -26.80 31.95
N PRO Y 110 33.38 -26.97 30.78
CA PRO Y 110 33.28 -25.88 29.81
C PRO Y 110 31.83 -25.83 29.31
N THR Y 111 31.26 -24.63 29.27
CA THR Y 111 29.89 -24.51 28.81
C THR Y 111 29.66 -23.27 27.97
N ILE Y 112 28.99 -23.47 26.84
CA ILE Y 112 28.66 -22.41 25.90
C ILE Y 112 27.16 -22.46 25.61
N TYR Y 113 26.53 -21.31 25.72
CA TYR Y 113 25.10 -21.19 25.44
C TYR Y 113 24.86 -20.12 24.38
N TYR Y 114 24.13 -20.49 23.34
CA TYR Y 114 23.78 -19.54 22.30
C TYR Y 114 22.47 -18.91 22.77
N VAL Y 115 22.44 -17.58 22.82
CA VAL Y 115 21.24 -16.88 23.25
C VAL Y 115 20.92 -15.75 22.28
N ASP Y 116 19.74 -15.74 21.68
CA ASP Y 116 19.39 -14.65 20.77
C ASP Y 116 18.12 -13.91 21.18
N SER Y 117 17.86 -12.78 20.52
CA SER Y 117 16.70 -11.96 20.83
C SER Y 117 15.34 -12.60 20.50
N ASP Y 118 15.34 -13.70 19.75
CA ASP Y 118 14.09 -14.39 19.46
C ASP Y 118 13.66 -15.16 20.71
N GLY Y 119 14.58 -15.32 21.65
CA GLY Y 119 14.29 -16.05 22.88
C GLY Y 119 15.03 -17.37 22.96
N THR Y 120 15.66 -17.77 21.85
CA THR Y 120 16.40 -19.01 21.77
C THR Y 120 17.56 -19.08 22.77
N ARG Y 121 17.70 -20.25 23.38
CA ARG Y 121 18.78 -20.51 24.33
C ARG Y 121 19.22 -21.96 24.08
N LEU Y 122 20.38 -22.14 23.47
CA LEU Y 122 20.90 -23.48 23.14
C LEU Y 122 22.28 -23.78 23.68
N LYS Y 123 22.42 -24.97 24.28
CA LYS Y 123 23.72 -25.40 24.80
C LYS Y 123 24.42 -26.16 23.67
N GLY Y 124 25.71 -25.91 23.47
CA GLY Y 124 26.40 -26.59 22.41
C GLY Y 124 27.90 -26.57 22.56
N ASP Y 125 28.59 -27.19 21.59
CA ASP Y 125 30.05 -27.28 21.59
C ASP Y 125 30.70 -26.26 20.67
N ILE Y 126 30.06 -26.03 19.52
CA ILE Y 126 30.57 -25.08 18.54
C ILE Y 126 29.47 -24.12 18.12
N PHE Y 127 29.77 -22.83 18.11
CA PHE Y 127 28.80 -21.81 17.70
C PHE Y 127 29.46 -20.64 17.00
N CYS Y 128 28.92 -20.26 15.85
CA CYS Y 128 29.41 -19.11 15.10
C CYS Y 128 28.19 -18.23 14.86
N VAL Y 129 28.36 -16.93 14.98
CA VAL Y 129 27.25 -16.02 14.79
C VAL Y 129 27.73 -14.82 14.00
N GLY Y 130 26.88 -14.30 13.12
CA GLY Y 130 27.27 -13.14 12.36
C GLY Y 130 27.23 -13.38 10.87
N SER Y 131 27.36 -12.30 10.09
CA SER Y 131 27.34 -12.41 8.64
C SER Y 131 28.50 -13.24 8.09
N GLY Y 132 29.42 -13.64 8.95
CA GLY Y 132 30.54 -14.43 8.50
C GLY Y 132 30.55 -15.84 9.05
N GLN Y 133 29.51 -16.18 9.78
CA GLN Y 133 29.41 -17.49 10.38
C GLN Y 133 29.69 -18.68 9.49
N THR Y 134 29.18 -18.66 8.26
CA THR Y 134 29.38 -19.79 7.35
C THR Y 134 30.85 -20.06 7.02
N PHE Y 135 31.63 -18.98 6.88
CA PHE Y 135 33.05 -19.08 6.57
C PHE Y 135 33.82 -19.69 7.73
N ALA Y 136 33.48 -19.27 8.94
CA ALA Y 136 34.11 -19.76 10.15
C ALA Y 136 33.75 -21.22 10.43
N TYR Y 137 32.50 -21.60 10.20
CA TYR Y 137 32.07 -22.98 10.42
C TYR Y 137 32.84 -23.94 9.51
N GLY Y 138 33.16 -23.49 8.30
CA GLY Y 138 33.91 -24.34 7.38
C GLY Y 138 35.26 -24.73 7.98
N VAL Y 139 36.03 -23.74 8.41
CA VAL Y 139 37.33 -23.97 9.01
C VAL Y 139 37.19 -24.80 10.29
N LEU Y 140 36.27 -24.39 11.16
CA LEU Y 140 36.04 -25.10 12.42
C LEU Y 140 35.62 -26.57 12.26
N ASP Y 141 34.52 -26.81 11.55
CA ASP Y 141 34.04 -28.16 11.36
C ASP Y 141 35.06 -29.18 10.88
N SER Y 142 35.95 -28.78 9.98
CA SER Y 142 36.95 -29.73 9.44
C SER Y 142 38.26 -29.85 10.23
N ASN Y 143 38.50 -28.93 11.16
CA ASN Y 143 39.73 -28.98 11.94
C ASN Y 143 39.50 -29.08 13.43
N TYR Y 144 38.29 -29.44 13.84
CA TYR Y 144 38.03 -29.52 15.26
C TYR Y 144 38.06 -30.92 15.83
N LYS Y 145 38.71 -31.04 16.97
CA LYS Y 145 38.84 -32.28 17.72
C LYS Y 145 38.72 -31.86 19.18
N TRP Y 146 38.10 -32.71 20.00
CA TRP Y 146 37.95 -32.40 21.41
C TRP Y 146 39.32 -32.32 22.10
N ASP Y 147 40.30 -32.99 21.51
CA ASP Y 147 41.65 -33.04 22.06
C ASP Y 147 42.65 -32.04 21.50
N LEU Y 148 42.20 -30.86 21.13
CA LEU Y 148 43.12 -29.87 20.61
C LEU Y 148 43.90 -29.28 21.77
N SER Y 149 45.18 -29.02 21.55
CA SER Y 149 45.99 -28.43 22.59
C SER Y 149 45.56 -26.97 22.68
N VAL Y 150 45.62 -26.40 23.88
CA VAL Y 150 45.24 -25.00 24.05
C VAL Y 150 45.89 -24.09 22.99
N GLU Y 151 47.08 -24.46 22.54
CA GLU Y 151 47.78 -23.67 21.53
C GLU Y 151 47.13 -23.88 20.16
N ASP Y 152 46.80 -25.12 19.84
CA ASP Y 152 46.16 -25.47 18.58
C ASP Y 152 44.75 -24.88 18.47
N ALA Y 153 44.01 -24.97 19.58
CA ALA Y 153 42.65 -24.44 19.63
C ALA Y 153 42.64 -22.93 19.41
N LEU Y 154 43.49 -22.22 20.13
CA LEU Y 154 43.58 -20.77 19.97
C LEU Y 154 43.85 -20.39 18.52
N TYR Y 155 44.68 -21.17 17.85
CA TYR Y 155 44.99 -20.87 16.47
C TYR Y 155 43.78 -21.16 15.58
N LEU Y 156 43.12 -22.29 15.81
CA LEU Y 156 41.95 -22.65 15.02
C LEU Y 156 40.94 -21.49 15.04
N GLY Y 157 40.68 -20.98 16.24
CA GLY Y 157 39.75 -19.88 16.37
C GLY Y 157 40.25 -18.65 15.63
N LYS Y 158 41.52 -18.32 15.77
CA LYS Y 158 42.07 -17.17 15.10
C LYS Y 158 41.95 -17.37 13.59
N ARG Y 159 42.28 -18.57 13.14
CA ARG Y 159 42.25 -18.90 11.71
C ARG Y 159 40.85 -18.81 11.14
N SER Y 160 39.87 -19.27 11.91
CA SER Y 160 38.48 -19.23 11.44
C SER Y 160 37.98 -17.80 11.25
N ILE Y 161 38.29 -16.92 12.20
CA ILE Y 161 37.86 -15.54 12.06
C ILE Y 161 38.54 -14.99 10.81
N LEU Y 162 39.79 -15.39 10.60
CA LEU Y 162 40.54 -14.95 9.44
C LEU Y 162 39.81 -15.31 8.15
N ALA Y 163 39.39 -16.57 8.05
CA ALA Y 163 38.67 -17.04 6.88
C ALA Y 163 37.50 -16.08 6.60
N ALA Y 164 36.68 -15.89 7.63
CA ALA Y 164 35.52 -15.03 7.53
C ALA Y 164 35.88 -13.60 7.18
N ALA Y 165 36.87 -13.02 7.85
CA ALA Y 165 37.25 -11.64 7.57
C ALA Y 165 37.64 -11.45 6.11
N HIS Y 166 38.22 -12.49 5.52
CA HIS Y 166 38.65 -12.43 4.12
C HIS Y 166 37.49 -12.35 3.14
N ARG Y 167 36.55 -13.28 3.28
CA ARG Y 167 35.39 -13.34 2.40
C ARG Y 167 34.23 -12.36 2.68
N ASP Y 168 33.86 -12.25 3.95
CA ASP Y 168 32.76 -11.38 4.36
C ASP Y 168 33.17 -9.92 4.41
N ALA Y 169 32.48 -9.11 3.61
CA ALA Y 169 32.76 -7.69 3.55
C ALA Y 169 32.54 -7.03 4.90
N TYR Y 170 31.59 -7.55 5.66
CA TYR Y 170 31.25 -6.98 6.94
C TYR Y 170 32.06 -7.48 8.13
N SER Y 171 33.04 -8.33 7.84
CA SER Y 171 33.93 -8.87 8.86
C SER Y 171 35.35 -8.42 8.55
N GLY Y 172 36.12 -8.17 9.61
CA GLY Y 172 37.49 -7.74 9.42
C GLY Y 172 38.04 -6.92 10.57
N GLY Y 173 39.03 -6.09 10.26
CA GLY Y 173 39.64 -5.24 11.26
C GLY Y 173 40.77 -5.95 12.01
N SER Y 174 40.40 -6.75 13.00
CA SER Y 174 41.36 -7.49 13.78
C SER Y 174 40.66 -8.59 14.55
N VAL Y 175 41.43 -9.55 15.04
CA VAL Y 175 40.87 -10.66 15.79
C VAL Y 175 41.17 -10.50 17.27
N ASN Y 176 40.21 -10.84 18.11
CA ASN Y 176 40.41 -10.79 19.55
C ASN Y 176 40.19 -12.21 20.02
N LEU Y 177 41.16 -12.74 20.78
CA LEU Y 177 41.11 -14.10 21.28
C LEU Y 177 40.98 -14.22 22.79
N TYR Y 178 40.30 -15.27 23.22
CA TYR Y 178 40.14 -15.51 24.65
C TYR Y 178 40.16 -17.00 24.95
N HIS Y 179 40.72 -17.35 26.10
CA HIS Y 179 40.75 -18.74 26.53
C HIS Y 179 40.01 -18.76 27.84
N VAL Y 180 39.02 -19.65 27.95
CA VAL Y 180 38.25 -19.72 29.18
C VAL Y 180 38.57 -20.99 29.93
N THR Y 181 39.16 -20.82 31.10
CA THR Y 181 39.54 -21.93 31.97
C THR Y 181 38.69 -21.85 33.22
N GLU Y 182 38.66 -22.91 34.01
CA GLU Y 182 37.86 -22.93 35.24
C GLU Y 182 38.27 -21.84 36.23
N ASP Y 183 39.49 -21.35 36.13
CA ASP Y 183 39.97 -20.29 37.03
C ASP Y 183 39.72 -18.92 36.40
N GLY Y 184 38.97 -18.92 35.31
CA GLY Y 184 38.66 -17.67 34.63
C GLY Y 184 39.13 -17.64 33.19
N TRP Y 185 38.86 -16.53 32.52
CA TRP Y 185 39.27 -16.41 31.13
C TRP Y 185 40.62 -15.72 31.08
N ILE Y 186 41.34 -15.93 29.98
CA ILE Y 186 42.65 -15.33 29.79
C ILE Y 186 42.69 -14.68 28.41
N TYR Y 187 42.86 -13.37 28.38
CA TYR Y 187 42.90 -12.65 27.10
C TYR Y 187 44.15 -13.08 26.33
N HIS Y 188 43.99 -13.28 25.03
CA HIS Y 188 45.10 -13.68 24.18
C HIS Y 188 45.38 -12.72 23.03
N GLY Y 189 45.19 -11.43 23.31
CA GLY Y 189 45.50 -10.41 22.34
C GLY Y 189 44.61 -10.06 21.16
N ASN Y 190 44.96 -8.94 20.56
CA ASN Y 190 44.28 -8.38 19.40
C ASN Y 190 45.22 -8.54 18.20
N HIS Y 191 44.72 -9.15 17.14
CA HIS Y 191 45.55 -9.38 15.97
C HIS Y 191 45.02 -8.73 14.70
N ASP Y 192 45.69 -7.68 14.26
CA ASP Y 192 45.29 -6.99 13.05
C ASP Y 192 45.19 -7.99 11.91
N VAL Y 193 44.02 -8.06 11.28
CA VAL Y 193 43.79 -8.98 10.17
C VAL Y 193 44.69 -8.65 8.99
N GLY Y 194 44.97 -7.37 8.79
CA GLY Y 194 45.84 -6.98 7.69
C GLY Y 194 47.12 -7.78 7.76
N GLU Y 195 47.81 -7.72 8.89
CA GLU Y 195 49.06 -8.44 9.09
C GLU Y 195 48.84 -9.94 9.25
N LEU Y 196 47.86 -10.31 10.07
CA LEU Y 196 47.59 -11.73 10.29
C LEU Y 196 47.38 -12.52 9.00
N PHE Y 197 46.83 -11.86 7.98
CA PHE Y 197 46.57 -12.49 6.69
C PHE Y 197 47.84 -12.89 5.95
N TRP Y 198 48.70 -11.90 5.69
CA TRP Y 198 49.97 -12.15 5.00
C TRP Y 198 50.79 -13.20 5.75
N LYS Y 199 50.87 -13.05 7.06
CA LYS Y 199 51.60 -13.98 7.92
C LYS Y 199 51.08 -15.39 7.68
N VAL Y 200 49.80 -15.59 7.96
CA VAL Y 200 49.17 -16.88 7.79
C VAL Y 200 49.33 -17.39 6.38
N LYS Y 201 49.24 -16.50 5.40
CA LYS Y 201 49.36 -16.91 4.01
C LYS Y 201 50.69 -17.62 3.76
N GLU Y 202 51.77 -16.95 4.13
CA GLU Y 202 53.11 -17.49 3.95
C GLU Y 202 53.33 -18.75 4.80
N GLU Y 203 53.22 -18.60 6.11
CA GLU Y 203 53.40 -19.72 7.03
C GLU Y 203 52.54 -20.94 6.76
N GLU Y 204 51.45 -20.78 6.01
CA GLU Y 204 50.53 -21.88 5.78
C GLU Y 204 50.40 -22.33 4.32
N GLY Y 205 50.56 -21.40 3.38
CA GLY Y 205 50.45 -21.75 1.96
C GLY Y 205 49.04 -21.62 1.40
N SER Y 206 48.12 -21.29 2.29
CA SER Y 206 46.72 -21.11 1.98
C SER Y 206 46.52 -19.74 1.33
N PHE Y 207 45.28 -19.44 0.93
CA PHE Y 207 44.97 -18.16 0.27
C PHE Y 207 45.84 -18.04 -0.95
N ASN Y 208 45.94 -19.15 -1.65
CA ASN Y 208 46.74 -19.21 -2.85
C ASN Y 208 46.25 -18.25 -3.90
N ASN Y 209 44.93 -18.14 -3.99
CA ASN Y 209 44.27 -17.29 -4.96
C ASN Y 209 44.72 -15.83 -4.84
N VAL Y 210 45.15 -15.40 -3.64
CA VAL Y 210 45.58 -14.02 -3.46
C VAL Y 210 47.04 -13.82 -3.84
N ILE Y 211 47.32 -12.68 -4.48
CA ILE Y 211 48.68 -12.34 -4.89
C ILE Y 211 49.34 -11.54 -3.77
N GLY Y 212 50.42 -12.07 -3.22
CA GLY Y 212 51.10 -11.38 -2.13
C GLY Y 212 52.56 -11.04 -2.37
N GLN Z 1 2.20 12.69 7.51
CA GLN Z 1 2.05 12.41 8.97
C GLN Z 1 3.20 13.08 9.75
N PHE Z 2 3.09 13.12 11.08
CA PHE Z 2 4.10 13.77 11.90
C PHE Z 2 5.38 12.96 12.12
N ASN Z 3 6.50 13.58 11.78
CA ASN Z 3 7.80 12.98 11.96
C ASN Z 3 8.49 13.71 13.12
N PRO Z 4 8.75 13.01 14.23
CA PRO Z 4 9.39 13.61 15.40
C PRO Z 4 10.87 13.90 15.24
N TYR Z 5 11.45 13.51 14.11
CA TYR Z 5 12.87 13.71 13.89
C TYR Z 5 13.20 14.71 12.79
N GLY Z 6 14.40 15.26 12.89
CA GLY Z 6 14.89 16.22 11.91
C GLY Z 6 16.39 16.06 11.85
N ASP Z 7 17.03 16.73 10.90
CA ASP Z 7 18.49 16.63 10.77
C ASP Z 7 19.06 18.03 10.66
N ASN Z 8 19.90 18.41 11.62
CA ASN Z 8 20.51 19.73 11.62
C ASN Z 8 21.95 19.73 11.10
N GLY Z 9 22.35 18.62 10.48
CA GLY Z 9 23.68 18.50 9.94
C GLY Z 9 24.78 18.58 10.98
N GLY Z 10 25.85 19.30 10.65
CA GLY Z 10 26.96 19.44 11.56
C GLY Z 10 27.90 18.25 11.53
N THR Z 11 29.13 18.51 11.96
CA THR Z 11 30.18 17.49 12.02
C THR Z 11 31.01 17.79 13.26
N ILE Z 12 31.38 16.75 14.00
CA ILE Z 12 32.18 16.92 15.20
C ILE Z 12 33.37 15.96 15.17
N LEU Z 13 34.47 16.37 15.81
CA LEU Z 13 35.67 15.56 15.82
C LEU Z 13 36.31 15.50 17.21
N GLY Z 14 36.65 14.28 17.62
CA GLY Z 14 37.27 14.08 18.92
C GLY Z 14 38.60 13.34 18.83
N ILE Z 15 39.67 13.96 19.30
CA ILE Z 15 40.97 13.31 19.25
C ILE Z 15 41.64 13.29 20.63
N ALA Z 16 42.04 12.09 21.04
CA ALA Z 16 42.68 11.86 22.32
C ALA Z 16 44.19 11.97 22.24
N GLY Z 17 44.73 13.03 22.84
CA GLY Z 17 46.17 13.20 22.86
C GLY Z 17 46.72 12.31 23.97
N GLU Z 18 47.97 12.54 24.36
CA GLU Z 18 48.58 11.72 25.41
C GLU Z 18 48.25 12.25 26.81
N ASP Z 19 48.15 13.57 26.93
CA ASP Z 19 47.84 14.20 28.21
C ASP Z 19 46.87 15.34 27.95
N PHE Z 20 46.13 15.22 26.85
CA PHE Z 20 45.13 16.21 26.46
C PHE Z 20 44.13 15.53 25.53
N ALA Z 21 43.07 16.24 25.20
CA ALA Z 21 42.05 15.73 24.31
C ALA Z 21 41.29 16.91 23.74
N VAL Z 22 40.86 16.78 22.48
CA VAL Z 22 40.11 17.86 21.83
C VAL Z 22 38.79 17.37 21.27
N LEU Z 23 37.79 18.23 21.30
CA LEU Z 23 36.49 17.92 20.75
C LEU Z 23 36.08 19.13 19.93
N ALA Z 24 36.10 18.99 18.61
CA ALA Z 24 35.73 20.10 17.74
C ALA Z 24 34.41 19.85 17.02
N GLY Z 25 33.83 20.92 16.47
CA GLY Z 25 32.59 20.82 15.75
C GLY Z 25 32.31 22.13 15.05
N ASP Z 26 31.83 22.08 13.81
CA ASP Z 26 31.52 23.32 13.10
C ASP Z 26 30.37 24.00 13.83
N THR Z 27 30.10 25.26 13.51
CA THR Z 27 29.04 25.97 14.20
C THR Z 27 27.83 26.22 13.31
N ARG Z 28 27.78 25.54 12.17
CA ARG Z 28 26.67 25.67 11.24
C ARG Z 28 25.55 24.73 11.67
N ASN Z 29 24.32 25.24 11.64
CA ASN Z 29 23.14 24.47 12.00
C ASN Z 29 22.20 24.63 10.82
N ILE Z 30 21.81 23.52 10.20
CA ILE Z 30 20.97 23.59 9.02
C ILE Z 30 19.67 22.78 9.05
N THR Z 31 18.81 23.06 8.09
CA THR Z 31 17.54 22.36 7.89
C THR Z 31 17.39 22.26 6.38
N ASP Z 32 17.62 21.08 5.84
CA ASP Z 32 17.52 20.86 4.40
C ASP Z 32 18.58 21.69 3.69
N TYR Z 33 18.16 22.65 2.88
CA TYR Z 33 19.09 23.48 2.14
C TYR Z 33 19.26 24.89 2.69
N SER Z 34 18.68 25.14 3.85
CA SER Z 34 18.77 26.46 4.47
C SER Z 34 19.66 26.41 5.69
N ILE Z 35 20.24 27.56 6.03
CA ILE Z 35 21.10 27.67 7.20
C ILE Z 35 20.25 28.31 8.27
N ASN Z 36 20.24 27.72 9.46
CA ASN Z 36 19.46 28.28 10.57
C ASN Z 36 20.35 29.23 11.35
N SER Z 37 21.62 28.88 11.46
CA SER Z 37 22.57 29.70 12.19
C SER Z 37 23.98 29.42 11.70
N ARG Z 38 24.79 30.47 11.62
CA ARG Z 38 26.18 30.35 11.20
C ARG Z 38 27.03 30.09 12.45
N TYR Z 39 26.47 30.37 13.62
CA TYR Z 39 27.16 30.15 14.89
C TYR Z 39 26.24 29.63 15.99
N GLU Z 40 26.10 28.32 16.08
CA GLU Z 40 25.26 27.70 17.10
C GLU Z 40 26.13 26.62 17.74
N PRO Z 41 26.80 26.96 18.85
CA PRO Z 41 27.70 26.07 19.60
C PRO Z 41 27.12 24.66 19.71
N LYS Z 42 27.98 23.68 19.46
CA LYS Z 42 27.57 22.29 19.45
C LYS Z 42 28.40 21.42 20.40
N VAL Z 43 29.49 21.98 20.90
CA VAL Z 43 30.36 21.27 21.84
C VAL Z 43 30.28 22.04 23.16
N PHE Z 44 30.00 21.33 24.26
CA PHE Z 44 29.85 21.95 25.57
C PHE Z 44 30.78 21.44 26.67
N ASP Z 45 31.06 22.35 27.60
CA ASP Z 45 31.88 22.05 28.76
C ASP Z 45 30.86 21.63 29.81
N CYS Z 46 30.95 20.39 30.29
CA CYS Z 46 29.97 19.88 31.25
C CYS Z 46 30.41 19.80 32.70
N GLY Z 47 31.56 20.39 33.02
CA GLY Z 47 32.05 20.35 34.38
C GLY Z 47 32.98 19.16 34.54
N ASP Z 48 33.62 19.04 35.71
CA ASP Z 48 34.53 17.92 35.97
C ASP Z 48 35.48 17.60 34.82
N ASN Z 49 35.81 18.62 34.03
CA ASN Z 49 36.73 18.47 32.91
C ASN Z 49 36.26 17.47 31.84
N ILE Z 50 34.99 17.57 31.48
CA ILE Z 50 34.39 16.72 30.48
C ILE Z 50 33.70 17.56 29.42
N VAL Z 51 34.06 17.35 28.16
CA VAL Z 51 33.42 18.07 27.08
C VAL Z 51 32.59 17.07 26.31
N MET Z 52 31.43 17.52 25.85
CA MET Z 52 30.51 16.64 25.13
C MET Z 52 29.77 17.29 23.96
N SER Z 53 29.46 16.45 22.97
CA SER Z 53 28.71 16.91 21.82
C SER Z 53 27.81 15.77 21.35
N ALA Z 54 26.53 16.10 21.15
CA ALA Z 54 25.53 15.13 20.69
C ALA Z 54 25.07 15.64 19.34
N ASN Z 55 25.71 15.16 18.29
CA ASN Z 55 25.40 15.61 16.95
C ASN Z 55 24.32 14.82 16.20
N GLY Z 56 23.54 15.51 15.38
CA GLY Z 56 22.49 14.87 14.61
C GLY Z 56 21.22 15.69 14.65
N PHE Z 57 20.23 15.20 15.37
CA PHE Z 57 18.97 15.93 15.52
C PHE Z 57 19.12 16.87 16.72
N ALA Z 58 19.31 18.16 16.43
CA ALA Z 58 19.52 19.19 17.45
C ALA Z 58 18.65 19.15 18.71
N ALA Z 59 17.35 19.00 18.56
CA ALA Z 59 16.47 18.96 19.73
C ALA Z 59 16.89 17.83 20.67
N ASP Z 60 17.23 16.68 20.09
CA ASP Z 60 17.65 15.55 20.87
C ASP Z 60 19.04 15.79 21.45
N GLY Z 61 19.94 16.34 20.64
CA GLY Z 61 21.27 16.63 21.12
C GLY Z 61 21.18 17.54 22.33
N ASP Z 62 20.35 18.58 22.25
CA ASP Z 62 20.20 19.52 23.35
C ASP Z 62 19.66 18.88 24.62
N ALA Z 63 18.64 18.03 24.45
CA ALA Z 63 18.03 17.35 25.57
C ALA Z 63 19.01 16.41 26.27
N LEU Z 64 19.82 15.70 25.49
CA LEU Z 64 20.80 14.78 26.04
C LEU Z 64 21.88 15.52 26.84
N VAL Z 65 22.50 16.52 26.23
CA VAL Z 65 23.55 17.28 26.92
C VAL Z 65 22.99 17.87 28.21
N LYS Z 66 21.81 18.46 28.12
CA LYS Z 66 21.15 19.06 29.26
C LYS Z 66 20.92 18.01 30.37
N ARG Z 67 20.54 16.80 29.96
CA ARG Z 67 20.29 15.75 30.92
C ARG Z 67 21.57 15.26 31.56
N PHE Z 68 22.65 15.22 30.79
CA PHE Z 68 23.93 14.77 31.32
C PHE Z 68 24.51 15.81 32.29
N LYS Z 69 24.46 17.09 31.91
CA LYS Z 69 24.96 18.14 32.78
C LYS Z 69 24.27 18.05 34.11
N ASN Z 70 22.96 17.85 34.06
CA ASN Z 70 22.17 17.74 35.26
C ASN Z 70 22.56 16.47 36.02
N SER Z 71 23.04 15.48 35.28
CA SER Z 71 23.44 14.23 35.87
C SER Z 71 24.70 14.44 36.70
N VAL Z 72 25.62 15.26 36.18
CA VAL Z 72 26.87 15.60 36.85
C VAL Z 72 26.58 16.35 38.15
N LYS Z 73 25.65 17.29 38.07
CA LYS Z 73 25.23 18.09 39.21
C LYS Z 73 24.75 17.18 40.35
N TRP Z 74 23.89 16.23 40.02
CA TRP Z 74 23.38 15.31 41.05
C TRP Z 74 24.45 14.33 41.50
N TYR Z 75 25.39 14.03 40.63
CA TYR Z 75 26.46 13.13 41.03
C TYR Z 75 27.16 13.78 42.22
N HIS Z 76 27.39 15.10 42.13
CA HIS Z 76 28.04 15.83 43.20
C HIS Z 76 27.18 15.80 44.46
N PHE Z 77 25.90 16.15 44.30
CA PHE Z 77 24.98 16.15 45.43
C PHE Z 77 24.94 14.80 46.14
N ASP Z 78 24.93 13.71 45.37
CA ASP Z 78 24.82 12.38 45.95
C ASP Z 78 26.10 11.71 46.42
N HIS Z 79 27.22 12.08 45.84
CA HIS Z 79 28.45 11.42 46.25
C HIS Z 79 29.51 12.36 46.79
N ASN Z 80 29.08 13.20 47.73
CA ASN Z 80 29.99 14.13 48.39
C ASN Z 80 30.94 14.77 47.39
N ASP Z 81 30.39 15.62 46.54
CA ASP Z 81 31.15 16.34 45.51
C ASP Z 81 32.27 15.61 44.76
N LYS Z 82 32.24 14.28 44.77
CA LYS Z 82 33.25 13.49 44.07
C LYS Z 82 33.27 13.90 42.59
N LYS Z 83 34.44 13.79 41.97
CA LYS Z 83 34.59 14.13 40.57
C LYS Z 83 34.16 12.93 39.74
N LEU Z 84 33.50 13.22 38.62
CA LEU Z 84 33.01 12.19 37.73
C LEU Z 84 34.08 11.84 36.71
N SER Z 85 34.63 10.65 36.84
CA SER Z 85 35.66 10.20 35.92
C SER Z 85 35.04 10.06 34.53
N ILE Z 86 35.84 10.31 33.50
CA ILE Z 86 35.38 10.23 32.12
C ILE Z 86 34.77 8.86 31.81
N ASN Z 87 35.30 7.80 32.40
CA ASN Z 87 34.78 6.45 32.17
C ASN Z 87 33.43 6.30 32.85
N SER Z 88 33.25 7.02 33.96
CA SER Z 88 31.99 6.95 34.70
C SER Z 88 30.93 7.78 33.99
N ALA Z 89 31.36 8.85 33.33
CA ALA Z 89 30.46 9.70 32.58
C ALA Z 89 29.94 8.88 31.40
N ALA Z 90 30.86 8.20 30.73
CA ALA Z 90 30.53 7.38 29.58
C ALA Z 90 29.49 6.33 29.90
N ARG Z 91 29.68 5.59 30.98
CA ARG Z 91 28.73 4.57 31.37
C ARG Z 91 27.37 5.18 31.69
N ASN Z 92 27.41 6.35 32.32
CA ASN Z 92 26.19 7.03 32.68
C ASN Z 92 25.43 7.43 31.42
N ILE Z 93 26.15 8.01 30.47
CA ILE Z 93 25.55 8.44 29.21
C ILE Z 93 24.92 7.24 28.47
N GLN Z 94 25.53 6.06 28.60
CA GLN Z 94 24.98 4.87 27.96
C GLN Z 94 23.56 4.66 28.47
N HIS Z 95 23.39 4.70 29.80
CA HIS Z 95 22.09 4.50 30.39
C HIS Z 95 21.10 5.58 30.01
N LEU Z 96 21.58 6.79 29.82
CA LEU Z 96 20.71 7.89 29.42
C LEU Z 96 20.16 7.59 28.04
N LEU Z 97 21.03 7.13 27.15
CA LEU Z 97 20.65 6.81 25.80
C LEU Z 97 19.79 5.55 25.71
N TYR Z 98 20.21 4.50 26.40
CA TYR Z 98 19.45 3.25 26.32
C TYR Z 98 18.07 3.36 26.98
N GLY Z 99 17.91 4.37 27.82
CA GLY Z 99 16.63 4.57 28.46
C GLY Z 99 15.59 4.92 27.40
N LYS Z 100 16.05 5.34 26.23
CA LYS Z 100 15.16 5.67 25.12
C LYS Z 100 15.45 4.75 23.93
N ARG Z 101 15.74 3.50 24.25
CA ARG Z 101 16.04 2.49 23.24
C ARG Z 101 14.91 2.34 22.23
N PHE Z 102 13.69 2.70 22.61
CA PHE Z 102 12.58 2.55 21.69
C PHE Z 102 11.99 3.85 21.14
N PHE Z 103 12.70 4.95 21.36
CA PHE Z 103 12.35 6.28 20.88
C PHE Z 103 13.65 7.03 21.10
N PRO Z 104 14.72 6.55 20.45
CA PRO Z 104 16.09 7.04 20.49
C PRO Z 104 16.31 8.54 20.35
N TYR Z 105 17.43 8.99 20.93
CA TYR Z 105 17.87 10.36 20.79
C TYR Z 105 18.58 10.19 19.45
N TYR Z 106 18.13 10.90 18.42
CA TYR Z 106 18.75 10.75 17.10
C TYR Z 106 20.06 11.55 17.02
N VAL Z 107 21.05 11.11 17.78
CA VAL Z 107 22.33 11.78 17.82
C VAL Z 107 23.49 10.81 17.92
N HIS Z 108 24.65 11.28 17.47
CA HIS Z 108 25.88 10.53 17.54
C HIS Z 108 26.61 11.36 18.58
N THR Z 109 26.78 10.83 19.78
CA THR Z 109 27.44 11.59 20.80
C THR Z 109 28.89 11.20 21.07
N ILE Z 110 29.70 12.21 21.34
CA ILE Z 110 31.13 12.07 21.63
C ILE Z 110 31.51 12.93 22.83
N ILE Z 111 32.27 12.35 23.76
CA ILE Z 111 32.73 13.10 24.91
C ILE Z 111 34.25 12.96 24.99
N ALA Z 112 34.90 13.99 25.52
CA ALA Z 112 36.36 13.99 25.64
C ALA Z 112 36.83 14.49 27.00
N GLY Z 113 37.93 13.95 27.49
CA GLY Z 113 38.48 14.34 28.78
C GLY Z 113 39.77 13.59 29.05
N LEU Z 114 40.13 13.47 30.33
CA LEU Z 114 41.35 12.75 30.69
C LEU Z 114 40.90 11.62 31.56
N ASP Z 115 41.49 10.43 31.38
CA ASP Z 115 41.08 9.32 32.24
C ASP Z 115 41.69 9.56 33.61
N GLU Z 116 41.67 8.54 34.47
CA GLU Z 116 42.23 8.70 35.81
C GLU Z 116 43.76 8.72 35.89
N ASP Z 117 44.44 8.52 34.77
CA ASP Z 117 45.90 8.55 34.73
C ASP Z 117 46.37 9.85 34.07
N GLY Z 118 45.43 10.75 33.80
CA GLY Z 118 45.76 12.01 33.18
C GLY Z 118 45.92 11.90 31.68
N LYS Z 119 45.70 10.70 31.14
CA LYS Z 119 45.81 10.46 29.70
C LYS Z 119 44.60 11.00 28.92
N GLY Z 120 44.82 11.35 27.66
CA GLY Z 120 43.75 11.86 26.81
C GLY Z 120 42.76 10.74 26.51
N ALA Z 121 41.47 11.05 26.60
CA ALA Z 121 40.43 10.05 26.36
C ALA Z 121 39.18 10.55 25.64
N VAL Z 122 38.75 9.77 24.65
CA VAL Z 122 37.56 10.07 23.88
C VAL Z 122 36.63 8.87 23.92
N TYR Z 123 35.35 9.14 24.08
CA TYR Z 123 34.35 8.08 24.12
C TYR Z 123 33.31 8.42 23.05
N SER Z 124 33.03 7.44 22.20
CA SER Z 124 32.07 7.61 21.11
C SER Z 124 30.81 6.78 21.38
N PHE Z 125 29.64 7.40 21.22
CA PHE Z 125 28.37 6.71 21.44
C PHE Z 125 27.50 6.53 20.20
N ASP Z 126 26.69 5.49 20.31
CA ASP Z 126 25.72 5.01 19.35
C ASP Z 126 24.43 5.77 19.67
N PRO Z 127 23.49 5.90 18.71
CA PRO Z 127 22.26 6.61 19.07
C PRO Z 127 21.55 5.95 20.25
N VAL Z 128 21.75 4.65 20.43
CA VAL Z 128 21.09 3.96 21.53
C VAL Z 128 21.95 3.49 22.71
N GLY Z 129 23.15 4.05 22.87
CA GLY Z 129 23.97 3.69 24.02
C GLY Z 129 25.21 2.83 23.86
N SER Z 130 25.46 2.31 22.68
CA SER Z 130 26.65 1.51 22.49
C SER Z 130 27.81 2.49 22.56
N TYR Z 131 28.87 2.16 23.31
CA TYR Z 131 30.02 3.06 23.40
C TYR Z 131 31.36 2.34 23.45
N GLU Z 132 32.38 3.03 22.97
CA GLU Z 132 33.74 2.51 22.93
C GLU Z 132 34.71 3.66 23.23
N ARG Z 133 35.82 3.36 23.88
CA ARG Z 133 36.79 4.41 24.11
C ARG Z 133 37.60 4.40 22.81
N GLU Z 134 37.99 5.58 22.32
CA GLU Z 134 38.72 5.64 21.07
C GLU Z 134 39.85 6.65 20.97
N GLN Z 135 40.71 6.43 19.98
CA GLN Z 135 41.84 7.30 19.72
C GLN Z 135 41.26 8.60 19.20
N CYS Z 136 40.53 8.50 18.10
CA CYS Z 136 39.88 9.65 17.50
C CYS Z 136 38.64 9.21 16.73
N ARG Z 137 37.62 10.05 16.79
CA ARG Z 137 36.36 9.74 16.13
C ARG Z 137 35.68 10.99 15.60
N ALA Z 138 35.28 10.93 14.34
CA ALA Z 138 34.55 12.03 13.72
C ALA Z 138 33.10 11.56 13.70
N GLY Z 139 32.18 12.52 13.82
CA GLY Z 139 30.77 12.18 13.82
C GLY Z 139 29.98 13.21 13.04
N GLY Z 140 28.87 12.78 12.46
CA GLY Z 140 28.06 13.71 11.71
C GLY Z 140 28.23 13.63 10.22
N ALA Z 141 27.77 14.68 9.56
CA ALA Z 141 27.80 14.81 8.11
C ALA Z 141 29.07 14.34 7.38
N ALA Z 142 30.17 15.05 7.58
CA ALA Z 142 31.42 14.73 6.90
C ALA Z 142 32.24 13.58 7.51
N ALA Z 143 31.75 12.98 8.59
CA ALA Z 143 32.45 11.89 9.23
C ALA Z 143 33.14 10.90 8.26
N SER Z 144 32.50 10.63 7.13
CA SER Z 144 33.08 9.69 6.16
C SER Z 144 34.20 10.30 5.32
N LEU Z 145 34.27 11.63 5.29
CA LEU Z 145 35.32 12.30 4.55
C LEU Z 145 36.54 12.48 5.44
N ILE Z 146 36.29 12.64 6.73
CA ILE Z 146 37.35 12.83 7.70
C ILE Z 146 38.04 11.57 8.24
N MET Z 147 37.27 10.55 8.62
CA MET Z 147 37.89 9.36 9.17
C MET Z 147 38.99 8.69 8.33
N PRO Z 148 38.79 8.58 7.00
CA PRO Z 148 39.85 7.96 6.19
C PRO Z 148 41.16 8.72 6.33
N PHE Z 149 41.04 10.04 6.39
CA PHE Z 149 42.16 10.96 6.54
C PHE Z 149 42.90 10.75 7.86
N LEU Z 150 42.17 10.82 8.97
CA LEU Z 150 42.74 10.62 10.29
C LEU Z 150 43.39 9.24 10.42
N ASP Z 151 42.84 8.23 9.74
CA ASP Z 151 43.43 6.89 9.82
C ASP Z 151 44.82 6.94 9.21
N ASN Z 152 44.97 7.80 8.22
CA ASN Z 152 46.22 7.96 7.50
C ASN Z 152 47.21 8.88 8.21
N GLN Z 153 46.74 10.08 8.53
CA GLN Z 153 47.57 11.08 9.17
C GLN Z 153 47.70 11.04 10.70
N VAL Z 154 47.03 10.10 11.34
CA VAL Z 154 47.12 10.01 12.79
C VAL Z 154 47.61 8.64 13.22
N ASN Z 155 47.11 7.58 12.59
CA ASN Z 155 47.54 6.23 12.94
C ASN Z 155 48.45 5.67 11.86
N PHE Z 156 48.91 6.55 10.98
CA PHE Z 156 49.82 6.21 9.88
C PHE Z 156 49.52 4.91 9.16
N LYS Z 157 48.24 4.67 8.89
CA LYS Z 157 47.81 3.46 8.20
C LYS Z 157 48.27 3.51 6.74
N ASN Z 158 48.60 2.35 6.19
CA ASN Z 158 49.05 2.23 4.80
C ASN Z 158 50.33 2.99 4.47
N GLN Z 159 51.00 3.49 5.51
CA GLN Z 159 52.25 4.21 5.35
C GLN Z 159 53.38 3.36 5.89
N TYR Z 160 54.39 3.12 5.05
CA TYR Z 160 55.54 2.32 5.43
C TYR Z 160 56.85 3.09 5.32
N GLU Z 161 57.92 2.50 5.86
CA GLU Z 161 59.24 3.12 5.83
C GLU Z 161 59.85 3.07 4.43
N PRO Z 162 60.19 4.23 3.87
CA PRO Z 162 60.77 4.30 2.53
C PRO Z 162 61.94 3.32 2.35
N GLY Z 163 61.89 2.55 1.26
CA GLY Z 163 62.94 1.60 1.00
C GLY Z 163 62.79 0.26 1.71
N THR Z 164 61.91 0.18 2.71
CA THR Z 164 61.73 -1.08 3.43
C THR Z 164 60.83 -2.07 2.70
N ASN Z 165 60.37 -1.68 1.51
CA ASN Z 165 59.50 -2.55 0.73
C ASN Z 165 58.24 -2.83 1.53
N GLY Z 166 57.68 -1.79 2.14
CA GLY Z 166 56.48 -1.96 2.93
C GLY Z 166 56.60 -3.04 4.00
N LYS Z 167 57.83 -3.37 4.37
CA LYS Z 167 58.08 -4.38 5.39
C LYS Z 167 58.16 -3.78 6.79
N VAL Z 168 58.33 -2.46 6.86
CA VAL Z 168 58.43 -1.76 8.13
C VAL Z 168 57.41 -0.63 8.21
N LYS Z 169 56.42 -0.78 9.08
CA LYS Z 169 55.38 0.24 9.24
C LYS Z 169 55.98 1.53 9.78
N LYS Z 170 55.43 2.65 9.33
CA LYS Z 170 55.89 3.94 9.84
C LYS Z 170 55.60 3.94 11.33
N PRO Z 171 56.56 4.40 12.17
CA PRO Z 171 56.41 4.45 13.63
C PRO Z 171 55.33 5.42 14.10
N LEU Z 172 54.57 4.96 15.11
CA LEU Z 172 53.48 5.74 15.68
C LEU Z 172 53.90 6.82 16.69
N LYS Z 173 54.72 7.76 16.28
CA LYS Z 173 55.14 8.84 17.19
C LYS Z 173 53.90 9.67 17.51
N TYR Z 174 53.65 10.00 18.78
CA TYR Z 174 52.45 10.78 19.07
C TYR Z 174 52.53 12.30 19.10
N LEU Z 175 51.45 12.88 18.56
CA LEU Z 175 51.25 14.31 18.38
C LEU Z 175 51.00 15.17 19.60
N SER Z 176 51.36 16.43 19.43
CA SER Z 176 51.19 17.46 20.43
C SER Z 176 49.83 18.09 20.16
N VAL Z 177 49.37 18.93 21.08
CA VAL Z 177 48.09 19.58 20.92
C VAL Z 177 48.11 20.47 19.68
N GLU Z 178 49.29 20.97 19.30
CA GLU Z 178 49.38 21.84 18.12
C GLU Z 178 49.35 21.06 16.83
N GLU Z 179 49.96 19.88 16.82
CA GLU Z 179 49.95 19.06 15.62
C GLU Z 179 48.55 18.50 15.42
N VAL Z 180 47.86 18.23 16.53
CA VAL Z 180 46.50 17.71 16.46
C VAL Z 180 45.57 18.79 15.91
N ILE Z 181 45.59 19.98 16.51
CA ILE Z 181 44.74 21.06 16.03
C ILE Z 181 44.94 21.35 14.54
N LYS Z 182 46.14 21.08 14.04
CA LYS Z 182 46.41 21.31 12.63
C LYS Z 182 45.59 20.33 11.79
N LEU Z 183 45.60 19.06 12.20
CA LEU Z 183 44.85 18.02 11.51
C LEU Z 183 43.36 18.33 11.57
N VAL Z 184 42.89 18.73 12.74
CA VAL Z 184 41.50 19.07 12.93
C VAL Z 184 41.10 20.18 11.97
N ARG Z 185 41.86 21.28 11.98
CA ARG Z 185 41.57 22.40 11.11
C ARG Z 185 41.57 22.02 9.63
N ASP Z 186 42.49 21.16 9.25
CA ASP Z 186 42.56 20.74 7.86
C ASP Z 186 41.36 19.85 7.57
N SER Z 187 41.06 18.93 8.48
CA SER Z 187 39.91 18.04 8.31
C SER Z 187 38.68 18.88 8.04
N PHE Z 188 38.50 19.95 8.80
CA PHE Z 188 37.33 20.78 8.61
C PHE Z 188 37.38 21.69 7.41
N THR Z 189 38.56 22.15 6.99
CA THR Z 189 38.60 23.00 5.81
C THR Z 189 38.33 22.13 4.58
N SER Z 190 38.75 20.87 4.65
CA SER Z 190 38.53 19.93 3.56
C SER Z 190 37.05 19.55 3.52
N ALA Z 191 36.51 19.20 4.69
CA ALA Z 191 35.12 18.83 4.79
C ALA Z 191 34.25 20.00 4.31
N THR Z 192 34.67 21.23 4.61
CA THR Z 192 33.90 22.39 4.20
C THR Z 192 33.86 22.53 2.68
N GLU Z 193 34.94 22.08 2.04
CA GLU Z 193 35.05 22.14 0.59
C GLU Z 193 34.14 21.15 -0.12
N ARG Z 194 34.02 19.95 0.43
CA ARG Z 194 33.22 18.91 -0.22
C ARG Z 194 31.86 18.55 0.34
N HIS Z 195 31.49 19.15 1.48
CA HIS Z 195 30.18 18.85 2.05
C HIS Z 195 29.42 20.15 2.20
N ILE Z 196 28.19 20.17 1.70
CA ILE Z 196 27.38 21.40 1.77
C ILE Z 196 26.85 21.73 3.16
N GLN Z 197 26.90 20.77 4.07
CA GLN Z 197 26.41 21.01 5.42
C GLN Z 197 27.51 21.43 6.37
N VAL Z 198 28.75 21.44 5.89
CA VAL Z 198 29.87 21.82 6.74
C VAL Z 198 30.42 23.18 6.34
N GLY Z 199 30.53 24.08 7.32
CA GLY Z 199 31.06 25.41 7.06
C GLY Z 199 30.85 26.43 8.18
N ASP Z 200 30.87 27.70 7.80
CA ASP Z 200 30.68 28.85 8.71
C ASP Z 200 31.74 29.08 9.77
N GLY Z 201 31.95 28.09 10.64
CA GLY Z 201 32.95 28.23 11.69
C GLY Z 201 33.31 26.92 12.36
N LEU Z 202 34.47 26.89 13.00
CA LEU Z 202 34.97 25.72 13.70
C LEU Z 202 35.34 26.13 15.13
N GLU Z 203 34.79 25.42 16.11
CA GLU Z 203 35.07 25.71 17.50
C GLU Z 203 35.63 24.45 18.13
N ILE Z 204 36.81 24.58 18.70
CA ILE Z 204 37.48 23.45 19.34
C ILE Z 204 37.60 23.68 20.83
N LEU Z 205 37.42 22.62 21.60
CA LEU Z 205 37.56 22.71 23.05
C LEU Z 205 38.72 21.78 23.41
N ILE Z 206 39.74 22.33 24.06
CA ILE Z 206 40.88 21.50 24.47
C ILE Z 206 40.83 21.24 25.97
N VAL Z 207 41.08 19.99 26.33
CA VAL Z 207 41.05 19.57 27.73
C VAL Z 207 42.39 19.05 28.17
N THR Z 208 42.94 19.71 29.19
CA THR Z 208 44.23 19.34 29.77
C THR Z 208 44.01 19.30 31.28
N LYS Z 209 45.05 18.92 32.03
CA LYS Z 209 44.94 18.86 33.49
C LYS Z 209 44.70 20.25 34.07
N ASP Z 210 44.73 21.27 33.23
CA ASP Z 210 44.52 22.64 33.68
C ASP Z 210 43.10 23.13 33.43
N GLY Z 211 42.32 22.36 32.68
CA GLY Z 211 40.96 22.76 32.40
C GLY Z 211 40.56 22.72 30.93
N VAL Z 212 39.56 23.54 30.62
CA VAL Z 212 39.00 23.60 29.27
C VAL Z 212 39.26 24.93 28.57
N ARG Z 213 40.02 24.88 27.48
CA ARG Z 213 40.31 26.08 26.68
C ARG Z 213 39.54 25.97 25.36
N LYS Z 214 39.20 27.11 24.77
CA LYS Z 214 38.44 27.13 23.51
C LYS Z 214 39.07 27.97 22.39
N GLU Z 215 39.16 27.40 21.20
CA GLU Z 215 39.72 28.11 20.04
C GLU Z 215 38.68 28.14 18.93
N PHE Z 216 38.58 29.28 18.23
CA PHE Z 216 37.60 29.43 17.15
C PHE Z 216 38.24 29.88 15.83
N TYR Z 217 37.78 29.27 14.72
CA TYR Z 217 38.29 29.62 13.41
C TYR Z 217 37.13 29.72 12.43
N GLU Z 218 37.23 30.63 11.47
CA GLU Z 218 36.19 30.79 10.48
C GLU Z 218 36.31 29.68 9.43
N LEU Z 219 35.20 29.43 8.75
CA LEU Z 219 35.14 28.46 7.68
C LEU Z 219 34.36 29.13 6.55
N LYS Z 220 34.55 28.69 5.31
CA LYS Z 220 33.83 29.28 4.19
C LYS Z 220 32.33 29.24 4.47
N ARG Z 221 31.67 30.35 4.16
CA ARG Z 221 30.25 30.50 4.43
C ARG Z 221 29.30 30.18 3.28
N ASP Z 222 29.79 29.50 2.24
CA ASP Z 222 28.95 29.15 1.10
C ASP Z 222 28.25 27.79 1.24
N THR AA 1 -0.27 13.28 17.00
CA THR AA 1 -0.01 13.64 15.58
C THR AA 1 -1.27 14.27 15.02
N GLN AA 2 -1.09 15.44 14.42
CA GLN AA 2 -2.19 16.16 13.88
C GLN AA 2 -1.78 16.75 12.54
N GLN AA 3 -2.53 17.73 12.10
CA GLN AA 3 -2.24 18.43 10.87
C GLN AA 3 -2.81 19.81 11.09
N PRO AA 4 -2.06 20.84 10.69
CA PRO AA 4 -2.51 22.22 10.86
C PRO AA 4 -3.72 22.52 10.00
N ILE AA 5 -4.59 23.41 10.48
CA ILE AA 5 -5.77 23.80 9.73
C ILE AA 5 -5.69 25.28 9.40
N VAL AA 6 -5.99 26.15 10.37
CA VAL AA 6 -5.90 27.58 10.11
C VAL AA 6 -4.45 27.93 10.39
N THR AA 7 -3.74 28.47 9.39
CA THR AA 7 -2.32 28.78 9.58
C THR AA 7 -1.83 30.20 9.38
N GLY AA 8 -0.74 30.50 10.08
CA GLY AA 8 -0.11 31.79 9.98
C GLY AA 8 1.20 31.55 9.27
N THR AA 9 1.56 32.44 8.35
CA THR AA 9 2.79 32.28 7.60
C THR AA 9 4.03 32.86 8.31
N SER AA 10 5.05 33.24 7.56
CA SER AA 10 6.32 33.77 8.09
C SER AA 10 6.34 34.74 9.27
N VAL AA 11 7.38 34.58 10.09
CA VAL AA 11 7.62 35.50 11.20
C VAL AA 11 9.09 35.86 11.03
N ILE AA 12 9.36 37.09 10.59
CA ILE AA 12 10.75 37.50 10.38
C ILE AA 12 11.28 38.41 11.50
N SER AA 13 12.58 38.34 11.74
CA SER AA 13 13.16 39.14 12.80
C SER AA 13 14.67 39.28 12.66
N MET AA 14 15.21 40.26 13.37
CA MET AA 14 16.65 40.52 13.38
C MET AA 14 16.95 41.41 14.57
N LYS AA 15 18.23 41.52 14.90
CA LYS AA 15 18.60 42.36 16.02
C LYS AA 15 19.53 43.48 15.55
N TYR AA 16 19.39 44.66 16.16
CA TYR AA 16 20.24 45.79 15.84
C TYR AA 16 20.99 46.22 17.10
N ASP AA 17 21.79 47.28 17.00
CA ASP AA 17 22.59 47.77 18.12
C ASP AA 17 21.93 47.93 19.49
N ASN AA 18 20.66 48.35 19.51
CA ASN AA 18 19.98 48.59 20.78
C ASN AA 18 18.86 47.65 21.19
N GLY AA 19 18.38 46.83 20.25
CA GLY AA 19 17.30 45.93 20.59
C GLY AA 19 17.06 44.88 19.53
N VAL AA 20 15.78 44.60 19.27
CA VAL AA 20 15.39 43.61 18.27
C VAL AA 20 14.10 44.04 17.60
N ILE AA 21 13.91 43.62 16.35
CA ILE AA 21 12.69 43.93 15.62
C ILE AA 21 12.08 42.61 15.14
N ILE AA 22 10.77 42.51 15.21
CA ILE AA 22 10.09 41.29 14.78
C ILE AA 22 8.77 41.68 14.12
N ALA AA 23 8.44 40.98 13.04
CA ALA AA 23 7.20 41.27 12.32
C ALA AA 23 6.52 39.99 11.83
N ALA AA 24 5.21 40.11 11.57
CA ALA AA 24 4.39 39.00 11.08
C ALA AA 24 3.12 39.58 10.50
N ASP AA 25 2.65 39.07 9.37
CA ASP AA 25 1.44 39.62 8.79
C ASP AA 25 0.21 39.17 9.56
N ASN AA 26 -0.95 39.73 9.22
CA ASN AA 26 -2.17 39.44 9.96
C ASN AA 26 -3.10 38.44 9.30
N LEU AA 27 -2.52 37.49 8.56
CA LEU AA 27 -3.34 36.52 7.87
C LEU AA 27 -3.46 35.18 8.59
N GLY AA 28 -4.64 34.59 8.45
CA GLY AA 28 -4.92 33.28 9.02
C GLY AA 28 -5.49 32.49 7.86
N SER AA 29 -4.63 31.73 7.18
CA SER AA 29 -5.07 30.94 6.03
C SER AA 29 -5.77 29.62 6.40
N TYR AA 30 -6.51 29.08 5.45
CA TYR AA 30 -7.21 27.82 5.60
C TYR AA 30 -6.95 27.13 4.27
N GLY AA 31 -5.72 26.66 4.10
CA GLY AA 31 -5.34 26.04 2.85
C GLY AA 31 -5.12 27.20 1.93
N SER AA 32 -5.65 27.11 0.71
CA SER AA 32 -5.47 28.21 -0.25
C SER AA 32 -6.50 29.34 0.00
N LEU AA 33 -7.40 29.15 0.96
CA LEU AA 33 -8.39 30.18 1.27
C LEU AA 33 -7.84 31.15 2.32
N LEU AA 34 -7.68 32.42 1.92
CA LEU AA 34 -7.19 33.46 2.83
C LEU AA 34 -8.43 33.82 3.65
N ARG AA 35 -8.69 33.03 4.68
CA ARG AA 35 -9.88 33.22 5.50
C ARG AA 35 -9.95 34.35 6.50
N PHE AA 36 -9.03 34.41 7.45
CA PHE AA 36 -9.09 35.47 8.45
C PHE AA 36 -8.07 36.58 8.24
N ASN AA 37 -8.47 37.81 8.52
CA ASN AA 37 -7.56 38.94 8.31
C ASN AA 37 -7.17 39.80 9.49
N GLY AA 38 -7.79 39.60 10.64
CA GLY AA 38 -7.40 40.43 11.77
C GLY AA 38 -6.62 39.62 12.79
N VAL AA 39 -5.77 38.73 12.31
CA VAL AA 39 -5.00 37.87 13.20
C VAL AA 39 -3.66 38.41 13.65
N GLU AA 40 -3.57 38.71 14.94
CA GLU AA 40 -2.33 39.23 15.51
C GLU AA 40 -1.47 38.04 15.87
N ARG AA 41 -0.33 37.90 15.20
CA ARG AA 41 0.56 36.79 15.47
C ARG AA 41 1.79 37.17 16.30
N LEU AA 42 1.81 38.41 16.80
CA LEU AA 42 2.91 38.86 17.66
C LEU AA 42 2.32 38.99 19.06
N ILE AA 43 2.86 38.24 20.01
CA ILE AA 43 2.35 38.28 21.37
C ILE AA 43 3.33 38.95 22.33
N PRO AA 44 2.95 40.14 22.82
CA PRO AA 44 3.83 40.84 23.75
C PRO AA 44 3.66 40.22 25.14
N VAL AA 45 4.78 39.99 25.82
CA VAL AA 45 4.76 39.43 27.17
C VAL AA 45 5.50 40.42 28.06
N GLY AA 46 4.74 41.18 28.84
CA GLY AA 46 5.35 42.19 29.67
C GLY AA 46 5.74 43.34 28.77
N ASP AA 47 6.92 43.91 28.97
CA ASP AA 47 7.36 45.03 28.14
C ASP AA 47 8.79 44.88 27.63
N ASN AA 48 9.27 43.64 27.61
CA ASN AA 48 10.63 43.36 27.14
C ASN AA 48 10.68 42.13 26.24
N THR AA 49 9.52 41.56 25.94
CA THR AA 49 9.45 40.36 25.11
C THR AA 49 8.25 40.35 24.20
N VAL AA 50 8.46 39.85 22.99
CA VAL AA 50 7.40 39.70 22.01
C VAL AA 50 7.61 38.33 21.39
N VAL AA 51 6.55 37.53 21.36
CA VAL AA 51 6.63 36.19 20.79
C VAL AA 51 5.90 36.15 19.45
N GLY AA 52 6.65 35.85 18.38
CA GLY AA 52 6.07 35.76 17.05
C GLY AA 52 5.78 34.30 16.75
N ILE AA 53 4.53 33.99 16.44
CA ILE AA 53 4.15 32.62 16.18
C ILE AA 53 3.59 32.38 14.77
N SER AA 54 4.01 31.27 14.17
CA SER AA 54 3.54 30.88 12.84
C SER AA 54 3.06 29.45 12.95
N GLY AA 55 2.31 29.00 11.96
CA GLY AA 55 1.80 27.65 12.01
C GLY AA 55 0.32 27.58 12.38
N ASP AA 56 -0.06 26.52 13.05
CA ASP AA 56 -1.45 26.33 13.44
C ASP AA 56 -1.92 27.43 14.40
N ILE AA 57 -2.98 28.13 14.01
CA ILE AA 57 -3.55 29.21 14.79
C ILE AA 57 -4.23 28.71 16.06
N SER AA 58 -4.88 27.55 16.02
CA SER AA 58 -5.53 27.07 17.24
C SER AA 58 -4.44 26.84 18.29
N ASP AA 59 -3.30 26.29 17.86
CA ASP AA 59 -2.20 26.05 18.79
C ASP AA 59 -1.60 27.40 19.21
N MET AA 60 -1.62 28.38 18.32
CA MET AA 60 -1.07 29.69 18.67
C MET AA 60 -1.90 30.29 19.81
N GLN AA 61 -3.21 30.19 19.69
CA GLN AA 61 -4.10 30.72 20.72
C GLN AA 61 -3.88 29.99 22.04
N HIS AA 62 -3.48 28.72 21.96
CA HIS AA 62 -3.22 27.94 23.16
C HIS AA 62 -1.95 28.47 23.82
N ILE AA 63 -0.91 28.71 23.02
CA ILE AA 63 0.35 29.23 23.54
C ILE AA 63 0.12 30.62 24.15
N GLU AA 64 -0.78 31.36 23.51
CA GLU AA 64 -1.12 32.70 23.97
C GLU AA 64 -1.64 32.60 25.41
N ARG AA 65 -2.55 31.66 25.62
CA ARG AA 65 -3.13 31.43 26.94
C ARG AA 65 -2.06 30.97 27.92
N LEU AA 66 -1.08 30.21 27.45
CA LEU AA 66 -0.02 29.75 28.33
C LEU AA 66 0.82 30.92 28.80
N LEU AA 67 1.02 31.88 27.90
CA LEU AA 67 1.83 33.05 28.23
C LEU AA 67 1.16 33.99 29.23
N LYS AA 68 -0.14 34.22 29.07
CA LYS AA 68 -0.86 35.09 29.99
C LYS AA 68 -0.83 34.48 31.38
N ASP AA 69 -0.75 33.15 31.41
CA ASP AA 69 -0.71 32.44 32.68
C ASP AA 69 0.66 32.46 33.29
N LEU AA 70 1.68 32.51 32.45
CA LEU AA 70 3.04 32.56 32.94
C LEU AA 70 3.17 33.89 33.68
N VAL AA 71 2.55 34.94 33.11
CA VAL AA 71 2.57 36.25 33.71
C VAL AA 71 1.85 36.25 35.05
N THR AA 72 0.58 35.84 35.04
CA THR AA 72 -0.25 35.76 36.25
C THR AA 72 0.47 35.00 37.36
N GLU AA 73 0.97 33.82 37.01
CA GLU AA 73 1.67 32.94 37.94
C GLU AA 73 2.92 33.57 38.51
N ASN AA 74 3.69 34.25 37.66
CA ASN AA 74 4.92 34.90 38.08
C ASN AA 74 4.65 36.01 39.10
N ALA AA 75 3.49 36.64 39.01
CA ALA AA 75 3.12 37.72 39.92
C ALA AA 75 2.70 37.23 41.30
N TYR AA 76 2.37 35.93 41.42
CA TYR AA 76 1.98 35.36 42.69
C TYR AA 76 3.10 35.36 43.73
N ASP AA 77 2.82 35.93 44.90
CA ASP AA 77 3.78 35.99 46.01
C ASP AA 77 5.15 36.51 45.55
N ASN AA 78 5.12 37.40 44.58
CA ASN AA 78 6.32 37.99 44.01
C ASN AA 78 6.25 39.51 44.12
N PRO AA 79 6.77 40.06 45.22
CA PRO AA 79 6.75 41.52 45.43
C PRO AA 79 7.62 42.29 44.43
N LEU AA 80 8.43 41.55 43.66
CA LEU AA 80 9.31 42.16 42.66
C LEU AA 80 8.92 41.76 41.24
N ALA AA 81 7.62 41.54 41.02
CA ALA AA 81 7.09 41.12 39.73
C ALA AA 81 7.32 42.12 38.60
N ASP AA 82 7.31 43.40 38.94
CA ASP AA 82 7.53 44.46 37.94
C ASP AA 82 8.96 44.99 38.02
N ALA AA 83 9.82 44.28 38.77
CA ALA AA 83 11.20 44.71 38.92
C ALA AA 83 12.18 43.57 38.64
N GLU AA 84 13.07 43.30 39.60
CA GLU AA 84 14.08 42.26 39.47
C GLU AA 84 13.53 40.87 39.13
N GLU AA 85 12.36 40.54 39.66
CA GLU AA 85 11.79 39.22 39.41
C GLU AA 85 10.68 39.22 38.34
N ALA AA 86 10.81 40.10 37.36
CA ALA AA 86 9.84 40.14 36.28
C ALA AA 86 10.29 39.11 35.24
N LEU AA 87 9.39 38.76 34.33
CA LEU AA 87 9.72 37.77 33.32
C LEU AA 87 10.76 38.25 32.33
N GLU AA 88 11.76 37.41 32.09
CA GLU AA 88 12.85 37.70 31.17
C GLU AA 88 12.55 37.01 29.84
N PRO AA 89 13.01 37.61 28.72
CA PRO AA 89 12.74 36.95 27.43
C PRO AA 89 13.30 35.53 27.45
N SER AA 90 14.45 35.34 28.07
CA SER AA 90 15.06 34.01 28.12
C SER AA 90 14.26 33.02 28.96
N TYR AA 91 13.56 33.51 29.99
CA TYR AA 91 12.75 32.60 30.82
C TYR AA 91 11.58 32.14 29.95
N ILE AA 92 10.92 33.11 29.32
CA ILE AA 92 9.78 32.84 28.47
C ILE AA 92 10.16 31.88 27.36
N PHE AA 93 11.38 32.00 26.86
CA PHE AA 93 11.78 31.12 25.79
C PHE AA 93 12.11 29.72 26.28
N GLU AA 94 12.87 29.61 27.35
CA GLU AA 94 13.22 28.30 27.87
C GLU AA 94 11.96 27.50 28.18
N TYR AA 95 10.92 28.20 28.60
CA TYR AA 95 9.65 27.59 28.93
C TYR AA 95 8.98 27.04 27.66
N LEU AA 96 8.70 27.93 26.70
CA LEU AA 96 8.09 27.52 25.45
C LEU AA 96 8.89 26.40 24.78
N ALA AA 97 10.22 26.52 24.81
CA ALA AA 97 11.07 25.49 24.21
C ALA AA 97 10.85 24.17 24.96
N THR AA 98 10.73 24.25 26.28
CA THR AA 98 10.51 23.05 27.08
C THR AA 98 9.20 22.38 26.67
N VAL AA 99 8.15 23.19 26.56
CA VAL AA 99 6.84 22.68 26.19
C VAL AA 99 6.85 22.07 24.79
N MET AA 100 7.42 22.78 23.83
CA MET AA 100 7.48 22.29 22.46
C MET AA 100 8.12 20.92 22.38
N TYR AA 101 9.26 20.75 23.04
CA TYR AA 101 9.97 19.48 23.01
C TYR AA 101 9.23 18.33 23.69
N GLN AA 102 8.56 18.63 24.80
CA GLN AA 102 7.80 17.62 25.52
C GLN AA 102 6.64 17.18 24.65
N ARG AA 103 5.97 18.15 24.04
CA ARG AA 103 4.84 17.87 23.17
C ARG AA 103 5.25 17.05 21.95
N ARG AA 104 6.42 17.32 21.37
CA ARG AA 104 6.82 16.53 20.23
C ARG AA 104 7.24 15.16 20.73
N SER AA 105 7.63 15.08 22.00
CA SER AA 105 8.06 13.81 22.55
C SER AA 105 6.91 12.90 22.93
N LYS AA 106 5.71 13.44 22.92
CA LYS AA 106 4.52 12.68 23.24
C LYS AA 106 3.79 12.42 21.93
N MET AA 107 4.46 12.73 20.82
CA MET AA 107 3.87 12.55 19.49
C MET AA 107 2.58 13.36 19.29
N ASN AA 108 2.47 14.49 19.97
CA ASN AA 108 1.31 15.36 19.87
C ASN AA 108 1.85 16.80 19.92
N PRO AA 109 2.48 17.26 18.83
CA PRO AA 109 3.07 18.59 18.75
C PRO AA 109 2.15 19.79 18.67
N LEU AA 110 2.72 20.95 19.02
CA LEU AA 110 2.03 22.23 18.91
C LEU AA 110 2.64 22.65 17.58
N TRP AA 111 1.85 22.51 16.52
CA TRP AA 111 2.29 22.80 15.16
C TRP AA 111 2.69 24.25 14.84
N ASN AA 112 3.78 24.70 15.44
CA ASN AA 112 4.23 26.06 15.23
C ASN AA 112 5.72 26.22 15.06
N ALA AA 113 6.09 27.42 14.64
CA ALA AA 113 7.48 27.85 14.49
C ALA AA 113 7.39 29.14 15.30
N ILE AA 114 8.20 29.26 16.33
CA ILE AA 114 8.15 30.42 17.20
C ILE AA 114 9.47 31.18 17.30
N ILE AA 115 9.39 32.49 17.40
CA ILE AA 115 10.58 33.31 17.57
C ILE AA 115 10.34 34.21 18.77
N VAL AA 116 11.21 34.12 19.77
CA VAL AA 116 11.07 34.96 20.94
C VAL AA 116 12.09 36.09 20.81
N ALA AA 117 11.58 37.31 20.68
CA ALA AA 117 12.42 38.49 20.53
C ALA AA 117 12.31 39.37 21.76
N GLY AA 118 13.45 39.80 22.31
CA GLY AA 118 13.39 40.65 23.47
C GLY AA 118 14.71 41.21 23.96
N VAL AA 119 14.63 41.98 25.03
CA VAL AA 119 15.82 42.58 25.63
C VAL AA 119 15.94 42.09 27.07
N GLN AA 120 17.08 41.48 27.38
CA GLN AA 120 17.32 40.99 28.74
C GLN AA 120 17.43 42.18 29.70
N SER AA 121 17.41 41.90 31.02
CA SER AA 121 17.50 42.95 32.03
C SER AA 121 18.82 43.75 31.95
N ASN AA 122 19.90 43.08 31.53
CA ASN AA 122 21.21 43.71 31.42
C ASN AA 122 21.38 44.43 30.08
N GLY AA 123 20.30 44.57 29.32
CA GLY AA 123 20.38 45.25 28.04
C GLY AA 123 20.66 44.38 26.83
N ASP AA 124 21.14 43.17 27.04
CA ASP AA 124 21.44 42.24 25.95
C ASP AA 124 20.20 41.92 25.09
N GLN AA 125 20.42 41.69 23.81
CA GLN AA 125 19.33 41.35 22.90
C GLN AA 125 19.11 39.84 22.96
N PHE AA 126 17.85 39.44 22.86
CA PHE AA 126 17.54 38.02 22.89
C PHE AA 126 16.75 37.69 21.63
N LEU AA 127 17.23 36.68 20.92
CA LEU AA 127 16.55 36.27 19.70
C LEU AA 127 16.76 34.79 19.48
N ARG AA 128 15.76 33.98 19.81
CA ARG AA 128 15.89 32.54 19.60
C ARG AA 128 14.62 31.96 19.00
N TYR AA 129 14.82 30.87 18.26
CA TYR AA 129 13.77 30.16 17.55
C TYR AA 129 13.54 28.76 18.13
N VAL AA 130 12.28 28.30 18.07
CA VAL AA 130 11.91 26.97 18.53
C VAL AA 130 10.71 26.59 17.68
N ASN AA 131 10.64 25.33 17.25
CA ASN AA 131 9.52 24.88 16.44
C ASN AA 131 8.87 23.62 17.02
N LEU AA 132 7.96 23.02 16.25
CA LEU AA 132 7.22 21.82 16.68
C LEU AA 132 8.08 20.60 17.02
N LEU AA 133 9.33 20.59 16.55
CA LEU AA 133 10.23 19.46 16.84
C LEU AA 133 11.01 19.70 18.12
N GLY AA 134 10.94 20.92 18.63
CA GLY AA 134 11.70 21.24 19.82
C GLY AA 134 13.09 21.75 19.45
N VAL AA 135 13.34 21.88 18.14
CA VAL AA 135 14.61 22.37 17.63
C VAL AA 135 14.73 23.87 17.94
N THR AA 136 15.92 24.28 18.41
CA THR AA 136 16.15 25.68 18.76
C THR AA 136 17.49 26.17 18.24
N TYR AA 137 17.56 27.48 17.96
CA TYR AA 137 18.78 28.12 17.51
C TYR AA 137 18.67 29.62 17.51
N SER AA 138 19.83 30.27 17.53
CA SER AA 138 19.91 31.72 17.51
C SER AA 138 20.77 32.17 16.35
N SER AA 139 20.50 33.39 15.88
CA SER AA 139 21.25 33.97 14.80
C SER AA 139 20.90 35.45 14.78
N PRO AA 140 21.79 36.29 14.23
CA PRO AA 140 21.55 37.73 14.16
C PRO AA 140 20.20 37.98 13.48
N THR AA 141 19.83 37.11 12.55
CA THR AA 141 18.53 37.21 11.87
C THR AA 141 17.86 35.86 12.00
N LEU AA 142 16.53 35.86 12.04
CA LEU AA 142 15.75 34.63 12.17
C LEU AA 142 14.39 34.84 11.55
N ALA AA 143 13.98 33.87 10.74
CA ALA AA 143 12.68 33.93 10.09
C ALA AA 143 12.15 32.50 10.04
N THR AA 144 10.84 32.34 10.01
CA THR AA 144 10.24 31.01 9.96
C THR AA 144 9.61 30.78 8.60
N GLY AA 145 9.45 29.50 8.27
CA GLY AA 145 8.83 29.15 7.01
C GLY AA 145 9.41 29.83 5.79
N PHE AA 146 8.54 30.49 5.04
CA PHE AA 146 8.92 31.19 3.81
C PHE AA 146 9.99 32.26 3.99
N GLY AA 147 9.86 33.05 5.04
CA GLY AA 147 10.83 34.10 5.30
C GLY AA 147 12.21 33.53 5.52
N ALA AA 148 12.30 32.25 5.83
CA ALA AA 148 13.60 31.65 6.04
C ALA AA 148 14.34 31.65 4.73
N HIS AA 149 13.61 31.47 3.64
CA HIS AA 149 14.22 31.41 2.32
C HIS AA 149 14.41 32.74 1.63
N MET AA 150 13.54 33.71 1.92
CA MET AA 150 13.62 35.01 1.28
C MET AA 150 13.98 36.18 2.19
N ALA AA 151 13.52 36.18 3.43
CA ALA AA 151 13.84 37.28 4.32
C ALA AA 151 15.27 37.19 4.86
N ASN AA 152 15.71 35.99 5.25
CA ASN AA 152 17.07 35.86 5.78
C ASN AA 152 18.13 36.34 4.80
N PRO AA 153 18.06 35.93 3.53
CA PRO AA 153 19.07 36.39 2.56
C PRO AA 153 19.18 37.91 2.49
N LEU AA 154 18.06 38.60 2.65
CA LEU AA 154 18.06 40.06 2.61
C LEU AA 154 18.57 40.61 3.95
N LEU AA 155 17.93 40.21 5.04
CA LEU AA 155 18.33 40.66 6.37
C LEU AA 155 19.78 40.36 6.69
N ARG AA 156 20.34 39.31 6.10
CA ARG AA 156 21.74 38.96 6.37
C ARG AA 156 22.71 39.86 5.61
N LYS AA 157 22.20 40.62 4.64
CA LYS AA 157 23.05 41.53 3.89
C LYS AA 157 23.28 42.77 4.75
N VAL AA 158 22.49 42.89 5.81
CA VAL AA 158 22.60 44.01 6.76
C VAL AA 158 23.40 43.57 7.99
N VAL AA 159 23.09 42.39 8.51
CA VAL AA 159 23.82 41.86 9.65
C VAL AA 159 24.26 40.43 9.31
N ASP AA 160 25.40 40.31 8.64
CA ASP AA 160 25.91 39.01 8.22
C ASP AA 160 26.52 38.23 9.36
N ARG AA 161 27.10 38.94 10.33
CA ARG AA 161 27.70 38.28 11.48
C ARG AA 161 27.47 39.09 12.75
N GLU AA 162 27.96 38.59 13.87
CA GLU AA 162 27.79 39.27 15.15
C GLU AA 162 28.29 40.72 15.16
N SER AA 163 29.50 40.93 14.69
CA SER AA 163 30.11 42.26 14.65
C SER AA 163 29.30 43.32 13.92
N ASP AA 164 28.38 42.91 13.05
CA ASP AA 164 27.57 43.87 12.30
C ASP AA 164 26.40 44.44 13.11
N ILE AA 165 26.17 43.91 14.31
CA ILE AA 165 25.04 44.37 15.10
C ILE AA 165 25.16 45.77 15.67
N PRO AA 166 26.26 46.06 16.38
CA PRO AA 166 26.39 47.42 16.93
C PRO AA 166 26.47 48.49 15.83
N LYS AA 167 26.73 48.04 14.60
CA LYS AA 167 26.83 48.93 13.45
C LYS AA 167 25.46 49.17 12.81
N THR AA 168 24.41 48.58 13.37
CA THR AA 168 23.08 48.71 12.79
C THR AA 168 22.09 49.50 13.63
N THR AA 169 21.52 50.54 13.03
CA THR AA 169 20.55 51.39 13.69
C THR AA 169 19.12 50.92 13.48
N VAL AA 170 18.23 51.36 14.37
CA VAL AA 170 16.83 51.01 14.29
C VAL AA 170 16.23 51.36 12.92
N GLN AA 171 16.66 52.47 12.35
CA GLN AA 171 16.13 52.90 11.05
C GLN AA 171 16.57 51.94 9.96
N VAL AA 172 17.85 51.63 9.93
CA VAL AA 172 18.37 50.71 8.93
C VAL AA 172 17.68 49.34 9.08
N ALA AA 173 17.59 48.86 10.32
CA ALA AA 173 16.96 47.57 10.63
C ALA AA 173 15.47 47.55 10.28
N GLU AA 174 14.70 48.51 10.78
CA GLU AA 174 13.28 48.51 10.48
C GLU AA 174 13.04 48.61 9.00
N GLU AA 175 13.99 49.20 8.28
CA GLU AA 175 13.85 49.34 6.84
C GLU AA 175 13.98 47.98 6.16
N ALA AA 176 14.99 47.23 6.60
CA ALA AA 176 15.23 45.89 6.05
C ALA AA 176 14.01 45.01 6.28
N ILE AA 177 13.49 45.04 7.52
CA ILE AA 177 12.31 44.26 7.87
C ILE AA 177 11.11 44.63 6.99
N VAL AA 178 10.84 45.93 6.85
CA VAL AA 178 9.71 46.36 6.04
C VAL AA 178 9.90 45.98 4.57
N ASN AA 179 11.15 46.03 4.09
CA ASN AA 179 11.40 45.66 2.72
C ASN AA 179 11.15 44.15 2.55
N ALA AA 180 11.61 43.37 3.54
CA ALA AA 180 11.42 41.92 3.51
C ALA AA 180 9.93 41.57 3.47
N MET AA 181 9.12 42.25 4.27
CA MET AA 181 7.70 41.97 4.27
C MET AA 181 7.09 42.19 2.90
N ARG AA 182 7.62 43.17 2.16
CA ARG AA 182 7.12 43.44 0.82
C ARG AA 182 7.50 42.28 -0.11
N VAL AA 183 8.76 41.86 -0.05
CA VAL AA 183 9.22 40.75 -0.87
C VAL AA 183 8.38 39.51 -0.58
N LEU AA 184 8.12 39.23 0.69
CA LEU AA 184 7.32 38.08 1.06
C LEU AA 184 5.91 38.22 0.48
N TYR AA 185 5.41 39.46 0.40
CA TYR AA 185 4.09 39.66 -0.15
C TYR AA 185 4.09 39.38 -1.65
N TYR AA 186 5.24 39.57 -2.29
CA TYR AA 186 5.35 39.32 -3.72
C TYR AA 186 5.38 37.84 -4.09
N ARG AA 187 6.15 37.04 -3.36
CA ARG AA 187 6.28 35.64 -3.71
C ARG AA 187 5.64 34.58 -2.82
N ASP AA 188 5.14 34.96 -1.65
CA ASP AA 188 4.49 33.98 -0.76
C ASP AA 188 2.98 34.06 -0.99
N ALA AA 189 2.41 33.03 -1.58
CA ALA AA 189 0.99 32.98 -1.88
C ALA AA 189 0.10 32.83 -0.65
N ARG AA 190 0.70 32.76 0.53
CA ARG AA 190 -0.05 32.61 1.76
C ARG AA 190 0.18 33.83 2.65
N SER AA 191 0.65 34.91 2.03
CA SER AA 191 0.91 36.14 2.76
C SER AA 191 -0.18 37.19 2.56
N SER AA 192 -0.19 38.16 3.46
CA SER AA 192 -1.15 39.25 3.45
C SER AA 192 -0.35 40.54 3.32
N ARG AA 193 -1.04 41.61 2.94
CA ARG AA 193 -0.42 42.91 2.76
C ARG AA 193 -0.32 43.65 4.11
N ASN AA 194 -1.23 43.30 5.02
CA ASN AA 194 -1.25 43.91 6.34
C ASN AA 194 -0.43 43.12 7.34
N PHE AA 195 0.31 43.83 8.18
CA PHE AA 195 1.12 43.18 9.18
C PHE AA 195 1.37 44.01 10.42
N SER AA 196 2.07 43.40 11.37
CA SER AA 196 2.40 44.08 12.61
C SER AA 196 3.91 44.01 12.78
N LEU AA 197 4.48 45.01 13.43
CA LEU AA 197 5.91 45.04 13.64
C LEU AA 197 6.15 45.56 15.04
N ALA AA 198 7.09 44.95 15.74
CA ALA AA 198 7.36 45.38 17.09
C ALA AA 198 8.85 45.56 17.31
N ILE AA 199 9.19 46.63 18.02
CA ILE AA 199 10.57 46.96 18.33
C ILE AA 199 10.77 46.94 19.84
N ILE AA 200 11.73 46.16 20.31
CA ILE AA 200 12.02 46.12 21.73
C ILE AA 200 13.41 46.73 21.82
N ASP AA 201 13.47 47.97 22.30
CA ASP AA 201 14.72 48.69 22.44
C ASP AA 201 15.13 48.82 23.92
N LYS AA 202 16.41 48.62 24.21
CA LYS AA 202 16.89 48.70 25.59
C LYS AA 202 16.74 50.11 26.17
N ASN AA 203 16.40 51.07 25.32
CA ASN AA 203 16.20 52.46 25.74
C ASN AA 203 14.72 52.81 25.62
N THR AA 204 14.23 52.90 24.39
CA THR AA 204 12.82 53.26 24.14
C THR AA 204 11.78 52.21 24.58
N GLY AA 205 12.24 51.05 25.03
CA GLY AA 205 11.31 50.01 25.46
C GLY AA 205 10.64 49.27 24.32
N LEU AA 206 9.38 48.88 24.53
CA LEU AA 206 8.65 48.14 23.51
C LEU AA 206 7.70 49.03 22.70
N THR AA 207 7.95 49.08 21.40
CA THR AA 207 7.11 49.84 20.48
C THR AA 207 6.40 48.81 19.61
N PHE AA 208 5.08 48.75 19.70
CA PHE AA 208 4.29 47.78 18.96
C PHE AA 208 3.41 48.43 17.90
N LYS AA 209 3.81 48.29 16.63
CA LYS AA 209 3.07 48.88 15.52
C LYS AA 209 2.05 47.93 14.86
N LYS AA 210 0.79 48.31 14.90
CA LYS AA 210 -0.28 47.52 14.30
C LYS AA 210 -0.76 48.14 12.99
N ASN AA 211 -1.48 47.35 12.20
CA ASN AA 211 -2.05 47.79 10.93
C ASN AA 211 -1.14 48.43 9.90
N LEU AA 212 0.07 47.91 9.76
CA LEU AA 212 0.99 48.42 8.75
C LEU AA 212 0.58 47.82 7.41
N GLN AA 213 1.16 48.34 6.33
CA GLN AA 213 0.87 47.85 4.99
C GLN AA 213 2.06 47.93 4.07
N VAL AA 214 2.15 46.98 3.16
CA VAL AA 214 3.24 46.98 2.19
C VAL AA 214 2.91 48.08 1.20
N GLU AA 215 3.83 49.05 1.08
CA GLU AA 215 3.64 50.17 0.17
C GLU AA 215 4.79 50.14 -0.84
N ASN AA 216 4.73 51.06 -1.79
CA ASN AA 216 5.77 51.18 -2.81
C ASN AA 216 6.01 49.88 -3.59
N MET AA 217 4.93 49.34 -4.14
CA MET AA 217 5.04 48.11 -4.91
C MET AA 217 5.20 48.36 -6.40
N LYS AA 218 6.14 47.64 -7.00
CA LYS AA 218 6.40 47.74 -8.42
C LYS AA 218 5.53 46.74 -9.19
N TRP AA 219 4.56 47.24 -9.94
CA TRP AA 219 3.68 46.39 -10.72
C TRP AA 219 3.54 46.88 -12.15
N ASP AA 220 4.06 48.09 -12.42
CA ASP AA 220 3.96 48.69 -13.74
C ASP AA 220 4.51 47.89 -14.93
N PHE AA 221 5.66 47.25 -14.75
CA PHE AA 221 6.26 46.47 -15.83
C PHE AA 221 5.32 45.36 -16.33
N ALA AA 222 4.37 44.97 -15.49
CA ALA AA 222 3.41 43.93 -15.83
C ALA AA 222 2.74 44.17 -17.17
N LYS AA 223 2.47 45.44 -17.49
CA LYS AA 223 1.80 45.79 -18.74
C LYS AA 223 2.60 45.46 -20.00
N ASP AA 224 3.93 45.37 -19.85
CA ASP AA 224 4.80 45.09 -20.99
C ASP AA 224 5.01 43.60 -21.23
N ILE AA 225 4.30 42.78 -20.47
CA ILE AA 225 4.42 41.35 -20.61
C ILE AA 225 3.16 40.76 -21.22
N LYS AA 226 3.31 40.24 -22.42
CA LYS AA 226 2.18 39.62 -23.11
C LYS AA 226 2.59 38.22 -23.55
N GLY AA 227 1.62 37.31 -23.57
CA GLY AA 227 1.89 35.95 -23.96
C GLY AA 227 2.84 35.22 -23.04
N TYR AA 228 3.50 34.20 -23.59
CA TYR AA 228 4.46 33.41 -22.83
C TYR AA 228 5.60 32.95 -23.71
N GLY AA 229 5.80 33.67 -24.81
CA GLY AA 229 6.88 33.33 -25.73
C GLY AA 229 6.83 34.04 -27.07
N THR AA 230 5.89 33.63 -27.92
CA THR AA 230 5.79 34.20 -29.26
C THR AA 230 4.69 35.23 -29.49
N GLN AA 231 3.72 35.30 -28.57
CA GLN AA 231 2.62 36.24 -28.70
C GLN AA 231 3.13 37.69 -28.67
N LYS AA 232 2.64 38.51 -29.59
CA LYS AA 232 3.07 39.91 -29.67
C LYS AA 232 2.09 40.95 -29.10
N ILE AA 233 0.83 40.60 -28.96
CA ILE AA 233 -0.14 41.55 -28.42
C ILE AA 233 -0.82 41.09 -27.12
N THR BA 1 -23.82 22.25 2.98
CA THR BA 1 -24.34 22.92 4.22
C THR BA 1 -24.00 24.36 4.16
N SER BA 2 -25.00 25.19 4.42
CA SER BA 2 -24.79 26.62 4.42
C SER BA 2 -25.30 27.22 5.71
N ILE BA 3 -24.40 27.79 6.50
CA ILE BA 3 -24.80 28.40 7.76
C ILE BA 3 -24.09 29.73 7.91
N MET BA 4 -24.72 30.67 8.61
CA MET BA 4 -24.11 31.97 8.84
C MET BA 4 -24.76 32.71 10.00
N ALA BA 5 -23.98 33.61 10.60
CA ALA BA 5 -24.47 34.43 11.70
C ALA BA 5 -24.03 35.86 11.39
N VAL BA 6 -24.98 36.78 11.45
CA VAL BA 6 -24.72 38.19 11.16
C VAL BA 6 -25.17 39.07 12.33
N THR BA 7 -24.30 39.97 12.76
CA THR BA 7 -24.67 40.88 13.85
C THR BA 7 -25.21 42.15 13.21
N PHE BA 8 -26.22 42.74 13.82
CA PHE BA 8 -26.78 43.98 13.28
C PHE BA 8 -27.14 44.95 14.39
N LYS BA 9 -27.78 46.05 14.03
CA LYS BA 9 -28.17 47.08 14.99
C LYS BA 9 -28.83 46.57 16.29
N ASP BA 10 -29.83 45.72 16.15
CA ASP BA 10 -30.57 45.21 17.31
C ASP BA 10 -30.09 43.91 17.95
N GLY BA 11 -29.05 43.31 17.38
CA GLY BA 11 -28.56 42.06 17.94
C GLY BA 11 -27.85 41.17 16.94
N VAL BA 12 -28.41 39.99 16.68
CA VAL BA 12 -27.79 39.05 15.75
C VAL BA 12 -28.77 38.04 15.17
N ILE BA 13 -28.51 37.58 13.95
CA ILE BA 13 -29.36 36.58 13.31
C ILE BA 13 -28.56 35.39 12.78
N LEU BA 14 -29.07 34.18 13.02
CA LEU BA 14 -28.43 32.97 12.56
C LEU BA 14 -29.26 32.40 11.42
N GLY BA 15 -28.59 31.90 10.39
CA GLY BA 15 -29.29 31.33 9.25
C GLY BA 15 -28.68 30.02 8.81
N ALA BA 16 -29.47 29.15 8.19
CA ALA BA 16 -28.99 27.84 7.74
C ALA BA 16 -29.89 27.17 6.72
N ASP BA 17 -29.35 26.25 5.94
CA ASP BA 17 -30.16 25.51 4.98
C ASP BA 17 -30.65 24.32 5.81
N SER BA 18 -31.40 23.40 5.22
CA SER BA 18 -31.90 22.28 5.99
C SER BA 18 -31.59 20.91 5.40
N ARG BA 19 -30.58 20.85 4.55
CA ARG BA 19 -30.20 19.59 3.91
C ARG BA 19 -29.02 18.85 4.49
N THR BA 20 -29.18 17.56 4.75
CA THR BA 20 -28.06 16.74 5.21
C THR BA 20 -28.01 15.58 4.22
N THR BA 21 -26.82 15.27 3.72
CA THR BA 21 -26.71 14.21 2.76
C THR BA 21 -25.74 13.12 3.18
N THR BA 22 -25.97 11.92 2.65
CA THR BA 22 -25.08 10.79 2.86
C THR BA 22 -24.84 10.42 1.41
N GLY BA 23 -23.76 10.95 0.86
CA GLY BA 23 -23.46 10.71 -0.55
C GLY BA 23 -24.32 11.68 -1.32
N ALA BA 24 -25.01 11.19 -2.34
CA ALA BA 24 -25.87 12.06 -3.12
C ALA BA 24 -27.32 11.98 -2.62
N TYR BA 25 -27.58 11.10 -1.65
CA TYR BA 25 -28.92 10.95 -1.11
C TYR BA 25 -29.16 11.96 0.00
N ILE BA 26 -30.32 12.62 -0.05
CA ILE BA 26 -30.67 13.59 0.98
C ILE BA 26 -31.35 12.82 2.09
N ALA BA 27 -30.61 12.56 3.17
CA ALA BA 27 -31.13 11.82 4.33
C ALA BA 27 -32.20 12.60 5.07
N ASN BA 28 -31.98 13.90 5.20
CA ASN BA 28 -32.95 14.76 5.86
C ASN BA 28 -33.03 16.05 5.04
N ARG BA 29 -34.22 16.42 4.59
CA ARG BA 29 -34.36 17.64 3.82
C ARG BA 29 -34.96 18.79 4.62
N VAL BA 30 -35.32 18.51 5.88
CA VAL BA 30 -35.89 19.53 6.75
C VAL BA 30 -35.14 19.58 8.07
N THR BA 31 -33.82 19.51 7.99
CA THR BA 31 -32.95 19.52 9.16
C THR BA 31 -32.87 20.89 9.83
N ASP BA 32 -32.75 20.88 11.15
CA ASP BA 32 -32.61 22.12 11.90
C ASP BA 32 -31.14 22.26 12.38
N LYS BA 33 -30.34 22.98 11.62
CA LYS BA 33 -28.92 23.17 11.94
C LYS BA 33 -28.68 24.29 12.95
N LEU BA 34 -29.76 24.94 13.36
CA LEU BA 34 -29.66 26.03 14.34
C LEU BA 34 -30.02 25.44 15.70
N THR BA 35 -29.02 25.34 16.57
CA THR BA 35 -29.19 24.74 17.88
C THR BA 35 -29.04 25.72 19.05
N ARG BA 36 -29.95 25.60 20.00
CA ARG BA 36 -29.98 26.44 21.19
C ARG BA 36 -29.14 25.83 22.31
N VAL BA 37 -28.18 26.59 22.82
CA VAL BA 37 -27.35 26.10 23.92
C VAL BA 37 -27.72 26.86 25.20
N HIS BA 38 -28.43 27.97 25.02
CA HIS BA 38 -28.93 28.79 26.12
C HIS BA 38 -30.02 29.69 25.56
N ASP BA 39 -30.83 30.30 26.43
CA ASP BA 39 -31.92 31.16 25.98
C ASP BA 39 -31.53 32.07 24.83
N LYS BA 40 -30.47 32.85 25.01
CA LYS BA 40 -30.05 33.74 23.94
C LYS BA 40 -28.64 33.49 23.43
N ILE BA 41 -28.29 32.21 23.29
CA ILE BA 41 -27.02 31.82 22.73
C ILE BA 41 -27.30 30.58 21.91
N TRP BA 42 -27.15 30.71 20.61
CA TRP BA 42 -27.39 29.60 19.70
C TRP BA 42 -26.13 29.32 18.90
N CYS BA 43 -26.18 28.27 18.08
CA CYS BA 43 -25.03 27.93 17.25
C CYS BA 43 -25.49 27.33 15.93
N CYS BA 44 -24.64 27.44 14.93
CA CYS BA 44 -24.93 26.86 13.63
C CYS BA 44 -23.97 25.68 13.54
N ARG BA 45 -24.49 24.53 13.19
CA ARG BA 45 -23.68 23.33 13.09
C ARG BA 45 -23.34 22.92 11.66
N SER BA 46 -22.12 22.44 11.47
CA SER BA 46 -21.63 21.96 10.18
C SER BA 46 -20.57 20.89 10.47
N GLY BA 47 -20.41 19.94 9.56
CA GLY BA 47 -19.45 18.87 9.76
C GLY BA 47 -20.20 17.61 10.15
N SER BA 48 -19.68 16.87 11.12
CA SER BA 48 -20.33 15.65 11.56
C SER BA 48 -21.59 15.92 12.38
N ALA BA 49 -22.69 15.28 11.99
CA ALA BA 49 -23.97 15.43 12.69
C ALA BA 49 -23.84 14.89 14.08
N ALA BA 50 -23.28 13.68 14.18
CA ALA BA 50 -23.09 13.04 15.46
C ALA BA 50 -22.19 13.88 16.35
N ASP BA 51 -21.11 14.42 15.79
CA ASP BA 51 -20.19 15.23 16.59
C ASP BA 51 -20.75 16.57 17.02
N THR BA 52 -21.31 17.33 16.08
CA THR BA 52 -21.84 18.63 16.43
C THR BA 52 -22.97 18.48 17.44
N GLN BA 53 -23.83 17.47 17.27
CA GLN BA 53 -24.93 17.24 18.19
C GLN BA 53 -24.40 16.94 19.60
N ALA BA 54 -23.43 16.03 19.68
CA ALA BA 54 -22.86 15.66 20.96
C ALA BA 54 -22.20 16.87 21.61
N ILE BA 55 -21.49 17.67 20.82
CA ILE BA 55 -20.82 18.85 21.34
C ILE BA 55 -21.85 19.86 21.87
N ALA BA 56 -22.86 20.17 21.06
CA ALA BA 56 -23.88 21.12 21.44
C ALA BA 56 -24.55 20.66 22.72
N ASP BA 57 -24.92 19.37 22.79
CA ASP BA 57 -25.56 18.83 23.98
C ASP BA 57 -24.68 19.06 25.21
N ILE BA 58 -23.37 18.85 25.08
CA ILE BA 58 -22.47 19.06 26.20
C ILE BA 58 -22.38 20.54 26.58
N VAL BA 59 -22.27 21.42 25.58
CA VAL BA 59 -22.20 22.85 25.88
C VAL BA 59 -23.46 23.30 26.62
N GLN BA 60 -24.63 22.86 26.15
CA GLN BA 60 -25.89 23.21 26.78
C GLN BA 60 -25.84 22.78 28.25
N TYR BA 61 -25.30 21.58 28.48
CA TYR BA 61 -25.19 21.05 29.84
C TYR BA 61 -24.29 21.98 30.65
N HIS BA 62 -23.15 22.37 30.09
CA HIS BA 62 -22.23 23.25 30.78
C HIS BA 62 -22.79 24.64 31.06
N LEU BA 63 -23.46 25.23 30.08
CA LEU BA 63 -24.03 26.55 30.29
C LEU BA 63 -25.18 26.50 31.30
N GLU BA 64 -25.92 25.40 31.32
CA GLU BA 64 -27.02 25.27 32.26
C GLU BA 64 -26.48 25.20 33.69
N LEU BA 65 -25.44 24.42 33.91
CA LEU BA 65 -24.86 24.31 35.24
C LEU BA 65 -24.20 25.63 35.62
N TYR BA 66 -23.67 26.34 34.62
CA TYR BA 66 -23.04 27.64 34.83
C TYR BA 66 -24.10 28.61 35.33
N THR BA 67 -25.23 28.63 34.64
CA THR BA 67 -26.35 29.49 34.97
C THR BA 67 -26.85 29.26 36.40
N SER BA 68 -26.80 28.02 36.86
CA SER BA 68 -27.26 27.68 38.20
C SER BA 68 -26.36 28.25 39.27
N GLN BA 69 -25.09 28.42 38.93
CA GLN BA 69 -24.16 28.94 39.91
C GLN BA 69 -23.79 30.40 39.75
N TYR BA 70 -23.57 30.84 38.52
CA TYR BA 70 -23.12 32.21 38.28
C TYR BA 70 -24.01 33.13 37.46
N GLY BA 71 -25.26 32.71 37.22
CA GLY BA 71 -26.14 33.54 36.43
C GLY BA 71 -25.92 33.34 34.95
N THR BA 72 -26.53 34.19 34.13
CA THR BA 72 -26.41 34.07 32.68
C THR BA 72 -24.98 34.26 32.17
N PRO BA 73 -24.52 33.31 31.32
CA PRO BA 73 -23.19 33.32 30.74
C PRO BA 73 -23.09 34.23 29.52
N SER BA 74 -21.89 34.78 29.29
CA SER BA 74 -21.66 35.66 28.16
C SER BA 74 -21.54 34.79 26.91
N THR BA 75 -21.76 35.40 25.74
CA THR BA 75 -21.67 34.67 24.49
C THR BA 75 -20.21 34.25 24.32
N GLU BA 76 -19.31 35.03 24.87
CA GLU BA 76 -17.90 34.71 24.78
C GLU BA 76 -17.63 33.45 25.60
N THR BA 77 -18.25 33.34 26.78
CA THR BA 77 -18.05 32.17 27.62
C THR BA 77 -18.54 30.91 26.92
N ALA BA 78 -19.66 31.02 26.20
CA ALA BA 78 -20.20 29.88 25.48
C ALA BA 78 -19.23 29.45 24.38
N ALA BA 79 -18.69 30.43 23.65
CA ALA BA 79 -17.75 30.14 22.57
C ALA BA 79 -16.52 29.46 23.15
N SER BA 80 -16.22 29.78 24.40
CA SER BA 80 -15.06 29.22 25.08
C SER BA 80 -15.27 27.74 25.36
N VAL BA 81 -16.47 27.38 25.82
CA VAL BA 81 -16.75 25.99 26.12
C VAL BA 81 -16.70 25.17 24.82
N PHE BA 82 -17.27 25.73 23.75
CA PHE BA 82 -17.29 25.09 22.44
C PHE BA 82 -15.86 24.82 22.01
N LYS BA 83 -15.05 25.86 22.13
CA LYS BA 83 -13.63 25.80 21.76
C LYS BA 83 -12.90 24.73 22.56
N GLU BA 84 -13.09 24.76 23.87
CA GLU BA 84 -12.44 23.80 24.74
C GLU BA 84 -12.69 22.37 24.26
N LEU BA 85 -13.92 22.08 23.85
CA LEU BA 85 -14.27 20.75 23.36
C LEU BA 85 -13.67 20.46 21.99
N CYS BA 86 -13.81 21.41 21.08
CA CYS BA 86 -13.30 21.25 19.71
C CYS BA 86 -11.79 21.20 19.59
N TYR BA 87 -11.09 21.98 20.40
CA TYR BA 87 -9.64 22.01 20.36
C TYR BA 87 -9.02 20.79 21.03
N GLU BA 88 -9.48 20.53 22.25
CA GLU BA 88 -8.97 19.42 23.03
C GLU BA 88 -9.17 18.06 22.35
N ASN BA 89 -10.24 17.93 21.57
CA ASN BA 89 -10.55 16.68 20.88
C ASN BA 89 -10.52 16.84 19.37
N LYS BA 90 -9.64 17.71 18.87
CA LYS BA 90 -9.55 17.97 17.45
C LYS BA 90 -9.30 16.72 16.58
N ASP BA 91 -8.64 15.73 17.17
CA ASP BA 91 -8.31 14.49 16.47
C ASP BA 91 -9.49 13.59 16.16
N ASN BA 92 -10.52 13.65 17.01
CA ASN BA 92 -11.70 12.81 16.85
C ASN BA 92 -12.96 13.54 16.42
N LEU BA 93 -12.84 14.85 16.20
CA LEU BA 93 -13.99 15.64 15.82
C LEU BA 93 -13.89 16.30 14.46
N THR BA 94 -15.04 16.43 13.82
CA THR BA 94 -15.15 17.11 12.55
C THR BA 94 -16.34 18.03 12.79
N ALA BA 95 -16.05 19.19 13.36
CA ALA BA 95 -17.10 20.14 13.66
C ALA BA 95 -16.72 21.57 13.33
N GLY BA 96 -17.56 22.20 12.51
CA GLY BA 96 -17.36 23.59 12.14
C GLY BA 96 -18.54 24.28 12.79
N ILE BA 97 -18.29 25.07 13.82
CA ILE BA 97 -19.38 25.71 14.54
C ILE BA 97 -19.39 27.24 14.62
N ILE BA 98 -20.56 27.83 14.40
CA ILE BA 98 -20.70 29.28 14.53
C ILE BA 98 -21.54 29.55 15.78
N VAL BA 99 -20.98 30.30 16.72
CA VAL BA 99 -21.70 30.62 17.94
C VAL BA 99 -22.20 32.06 17.88
N ALA BA 100 -23.50 32.26 18.12
CA ALA BA 100 -24.09 33.60 18.06
C ALA BA 100 -25.01 33.84 19.24
N GLY BA 101 -24.76 34.90 19.99
CA GLY BA 101 -25.60 35.18 21.13
C GLY BA 101 -25.94 36.65 21.31
N TYR BA 102 -26.86 36.92 22.22
CA TYR BA 102 -27.26 38.28 22.50
C TYR BA 102 -27.23 38.57 23.98
N ASP BA 103 -26.41 39.52 24.35
CA ASP BA 103 -26.23 39.96 25.72
C ASP BA 103 -26.74 41.40 25.73
N ASP BA 104 -27.28 41.84 26.86
CA ASP BA 104 -27.78 43.21 26.91
C ASP BA 104 -26.65 44.22 26.94
N LYS BA 105 -25.56 43.85 27.60
CA LYS BA 105 -24.39 44.72 27.70
C LYS BA 105 -23.57 44.69 26.41
N ASN BA 106 -23.47 43.51 25.79
CA ASN BA 106 -22.67 43.35 24.57
C ASN BA 106 -23.44 43.32 23.25
N LYS BA 107 -24.77 43.39 23.32
CA LYS BA 107 -25.61 43.34 22.13
C LYS BA 107 -25.35 42.02 21.41
N GLY BA 108 -25.27 42.04 20.07
CA GLY BA 108 -25.05 40.81 19.33
C GLY BA 108 -23.59 40.46 19.09
N GLU BA 109 -23.24 39.19 19.26
CA GLU BA 109 -21.86 38.73 19.04
C GLU BA 109 -21.80 37.43 18.23
N VAL BA 110 -20.77 37.31 17.40
CA VAL BA 110 -20.58 36.12 16.58
C VAL BA 110 -19.16 35.57 16.70
N TYR BA 111 -19.08 34.27 17.02
CA TYR BA 111 -17.80 33.58 17.12
C TYR BA 111 -17.80 32.37 16.19
N THR BA 112 -16.76 32.25 15.37
CA THR BA 112 -16.68 31.12 14.47
C THR BA 112 -15.56 30.22 14.99
N ILE BA 113 -15.85 28.92 15.00
CA ILE BA 113 -14.90 27.91 15.44
C ILE BA 113 -14.72 26.88 14.32
N PRO BA 114 -13.68 27.06 13.49
CA PRO BA 114 -13.41 26.14 12.39
C PRO BA 114 -12.74 24.85 12.86
N LEU BA 115 -12.57 23.92 11.92
CA LEU BA 115 -11.96 22.62 12.18
C LEU BA 115 -10.93 22.52 13.30
N GLY BA 116 -9.80 23.21 13.19
CA GLY BA 116 -8.82 23.06 14.26
C GLY BA 116 -9.22 23.32 15.72
N GLY BA 117 -10.23 24.16 15.94
CA GLY BA 117 -10.62 24.47 17.31
C GLY BA 117 -10.27 25.89 17.70
N SER BA 118 -9.76 26.68 16.75
CA SER BA 118 -9.43 28.07 17.03
C SER BA 118 -10.72 28.88 17.09
N VAL BA 119 -10.66 30.06 17.72
CA VAL BA 119 -11.85 30.91 17.84
C VAL BA 119 -11.63 32.24 17.16
N HIS BA 120 -12.67 32.73 16.48
CA HIS BA 120 -12.60 34.00 15.77
C HIS BA 120 -13.88 34.81 15.97
N LYS BA 121 -13.75 35.97 16.60
CA LYS BA 121 -14.90 36.84 16.81
C LYS BA 121 -15.00 37.70 15.55
N LEU BA 122 -16.19 37.77 14.98
CA LEU BA 122 -16.38 38.55 13.76
C LEU BA 122 -17.74 39.25 13.73
N PRO BA 123 -17.90 40.22 12.80
CA PRO BA 123 -19.16 40.97 12.66
C PRO BA 123 -20.20 39.98 12.13
N TYR BA 124 -19.73 39.07 11.29
CA TYR BA 124 -20.58 38.04 10.73
C TYR BA 124 -19.66 36.89 10.30
N ALA BA 125 -20.23 35.69 10.18
CA ALA BA 125 -19.46 34.53 9.78
C ALA BA 125 -20.27 33.62 8.91
N ILE BA 126 -19.60 32.99 7.95
CA ILE BA 126 -20.24 32.04 7.04
C ILE BA 126 -19.45 30.73 7.13
N ALA BA 127 -20.13 29.61 6.99
CA ALA BA 127 -19.45 28.32 7.04
C ALA BA 127 -20.24 27.25 6.29
N GLY BA 128 -19.68 26.05 6.24
CA GLY BA 128 -20.33 24.97 5.53
C GLY BA 128 -19.79 24.95 4.11
N SER BA 129 -19.97 23.83 3.43
CA SER BA 129 -19.48 23.70 2.07
C SER BA 129 -20.06 24.77 1.14
N GLY BA 130 -21.34 25.10 1.34
CA GLY BA 130 -21.98 26.10 0.51
C GLY BA 130 -21.44 27.50 0.69
N SER BA 131 -20.77 27.77 1.80
CA SER BA 131 -20.24 29.10 2.05
C SER BA 131 -19.17 29.55 1.04
N THR BA 132 -18.40 28.61 0.52
CA THR BA 132 -17.35 28.96 -0.43
C THR BA 132 -17.83 29.80 -1.59
N PHE BA 133 -19.06 29.57 -2.01
CA PHE BA 133 -19.62 30.28 -3.15
C PHE BA 133 -20.13 31.69 -2.88
N ILE BA 134 -20.29 32.04 -1.62
CA ILE BA 134 -20.79 33.36 -1.30
C ILE BA 134 -19.79 34.26 -0.61
N TYR BA 135 -18.52 33.84 -0.58
CA TYR BA 135 -17.51 34.68 0.04
C TYR BA 135 -17.51 36.03 -0.65
N GLY BA 136 -17.49 36.02 -1.98
CA GLY BA 136 -17.49 37.26 -2.72
C GLY BA 136 -18.74 38.08 -2.49
N TYR BA 137 -19.90 37.46 -2.63
CA TYR BA 137 -21.17 38.13 -2.42
C TYR BA 137 -21.29 38.75 -1.02
N CYS BA 138 -20.98 37.96 0.01
CA CYS BA 138 -21.09 38.46 1.38
C CYS BA 138 -20.17 39.62 1.70
N ASP BA 139 -18.92 39.50 1.27
CA ASP BA 139 -17.95 40.56 1.53
C ASP BA 139 -18.33 41.86 0.80
N LYS BA 140 -19.09 41.74 -0.28
CA LYS BA 140 -19.50 42.92 -1.03
C LYS BA 140 -20.80 43.52 -0.51
N ASN BA 141 -21.60 42.72 0.19
CA ASN BA 141 -22.87 43.23 0.68
C ASN BA 141 -23.01 43.47 2.17
N PHE BA 142 -22.17 42.84 2.98
CA PHE BA 142 -22.29 43.06 4.41
C PHE BA 142 -21.93 44.50 4.80
N ARG BA 143 -22.77 45.07 5.66
CA ARG BA 143 -22.59 46.42 6.20
C ARG BA 143 -22.84 46.23 7.68
N GLU BA 144 -22.16 47.01 8.51
CA GLU BA 144 -22.35 46.89 9.93
C GLU BA 144 -23.59 47.67 10.39
N ASN BA 145 -24.20 47.23 11.47
CA ASN BA 145 -25.37 47.91 12.02
C ASN BA 145 -26.60 47.96 11.12
N MET BA 146 -26.80 46.94 10.30
CA MET BA 146 -27.96 46.88 9.43
C MET BA 146 -29.19 46.70 10.31
N SER BA 147 -30.37 46.80 9.73
CA SER BA 147 -31.60 46.65 10.48
C SER BA 147 -32.09 45.20 10.37
N LYS BA 148 -33.02 44.81 11.24
CA LYS BA 148 -33.52 43.46 11.18
C LYS BA 148 -33.97 43.06 9.77
N GLU BA 149 -34.73 43.93 9.10
CA GLU BA 149 -35.21 43.60 7.75
C GLU BA 149 -34.06 43.46 6.76
N GLU BA 150 -33.11 44.39 6.81
CA GLU BA 150 -31.97 44.35 5.90
C GLU BA 150 -31.17 43.07 6.12
N THR BA 151 -30.91 42.77 7.39
CA THR BA 151 -30.15 41.59 7.77
C THR BA 151 -30.80 40.30 7.30
N VAL BA 152 -32.11 40.19 7.49
CA VAL BA 152 -32.83 39.01 7.04
C VAL BA 152 -32.69 38.87 5.53
N ASP BA 153 -32.64 40.00 4.84
CA ASP BA 153 -32.52 39.99 3.38
C ASP BA 153 -31.13 39.57 2.94
N PHE BA 154 -30.13 40.00 3.70
CA PHE BA 154 -28.74 39.67 3.43
C PHE BA 154 -28.52 38.17 3.59
N ILE BA 155 -29.00 37.63 4.71
CA ILE BA 155 -28.88 36.21 4.99
C ILE BA 155 -29.65 35.41 3.93
N LYS BA 156 -30.87 35.86 3.64
CA LYS BA 156 -31.70 35.17 2.66
C LYS BA 156 -31.06 35.11 1.29
N HIS BA 157 -30.58 36.24 0.80
CA HIS BA 157 -29.93 36.29 -0.51
C HIS BA 157 -28.67 35.44 -0.55
N SER BA 158 -27.86 35.55 0.51
CA SER BA 158 -26.61 34.79 0.58
C SER BA 158 -26.89 33.29 0.57
N LEU BA 159 -27.72 32.83 1.50
CA LEU BA 159 -28.00 31.42 1.57
C LEU BA 159 -28.67 30.88 0.33
N SER BA 160 -29.36 31.73 -0.41
CA SER BA 160 -30.01 31.24 -1.62
C SER BA 160 -28.96 30.98 -2.71
N GLN BA 161 -27.89 31.78 -2.71
CA GLN BA 161 -26.84 31.59 -3.68
C GLN BA 161 -26.09 30.33 -3.28
N ALA BA 162 -25.77 30.24 -1.99
CA ALA BA 162 -25.08 29.07 -1.47
C ALA BA 162 -25.85 27.82 -1.89
N ILE BA 163 -27.15 27.80 -1.64
CA ILE BA 163 -27.98 26.66 -1.98
C ILE BA 163 -28.00 26.43 -3.47
N LYS BA 164 -27.96 27.51 -4.23
CA LYS BA 164 -27.99 27.45 -5.69
C LYS BA 164 -26.84 26.70 -6.32
N TRP BA 165 -25.67 26.83 -5.72
CA TRP BA 165 -24.48 26.21 -6.26
C TRP BA 165 -24.01 24.94 -5.56
N ASP BA 166 -24.26 24.86 -4.25
CA ASP BA 166 -23.85 23.70 -3.48
C ASP BA 166 -24.92 22.61 -3.37
N GLY BA 167 -24.60 21.45 -3.92
CA GLY BA 167 -25.53 20.33 -3.90
C GLY BA 167 -25.74 19.79 -2.50
N SER BA 168 -24.85 20.12 -1.58
CA SER BA 168 -24.98 19.66 -0.20
C SER BA 168 -25.92 20.58 0.59
N SER BA 169 -26.32 21.68 -0.04
CA SER BA 169 -27.20 22.64 0.59
C SER BA 169 -28.54 22.61 -0.10
N GLY BA 170 -29.58 23.00 0.63
CA GLY BA 170 -30.92 23.01 0.05
C GLY BA 170 -32.02 23.00 1.09
N GLY BA 171 -33.23 22.71 0.65
CA GLY BA 171 -34.38 22.70 1.55
C GLY BA 171 -34.90 24.10 1.84
N VAL BA 172 -35.26 24.34 3.09
CA VAL BA 172 -35.76 25.64 3.51
C VAL BA 172 -34.64 26.43 4.16
N ILE BA 173 -34.80 27.75 4.26
CA ILE BA 173 -33.79 28.55 4.93
C ILE BA 173 -34.36 28.87 6.32
N ARG BA 174 -33.66 28.47 7.37
CA ARG BA 174 -34.11 28.75 8.72
C ARG BA 174 -33.29 29.90 9.28
N MET BA 175 -33.92 30.69 10.14
CA MET BA 175 -33.22 31.81 10.76
C MET BA 175 -33.70 31.90 12.19
N VAL BA 176 -32.87 32.46 13.05
CA VAL BA 176 -33.23 32.64 14.44
C VAL BA 176 -32.76 34.04 14.78
N VAL BA 177 -33.70 34.91 15.12
CA VAL BA 177 -33.38 36.29 15.45
C VAL BA 177 -33.18 36.44 16.95
N LEU BA 178 -32.04 37.02 17.32
CA LEU BA 178 -31.70 37.20 18.71
C LEU BA 178 -31.54 38.68 19.06
N THR BA 179 -32.51 39.21 19.79
CA THR BA 179 -32.51 40.60 20.21
C THR BA 179 -33.05 40.71 21.65
N ALA BA 180 -33.10 41.94 22.18
CA ALA BA 180 -33.60 42.14 23.54
C ALA BA 180 -35.07 41.74 23.59
N ALA BA 181 -35.74 41.88 22.45
CA ALA BA 181 -37.15 41.55 22.30
C ALA BA 181 -37.47 40.06 22.44
N GLY BA 182 -36.44 39.23 22.55
CA GLY BA 182 -36.68 37.80 22.67
C GLY BA 182 -36.05 36.97 21.56
N VAL BA 183 -36.68 35.84 21.24
CA VAL BA 183 -36.17 34.95 20.21
C VAL BA 183 -37.24 34.69 19.16
N GLU BA 184 -36.89 34.93 17.89
CA GLU BA 184 -37.83 34.74 16.80
C GLU BA 184 -37.35 33.71 15.76
N ARG BA 185 -38.24 32.76 15.44
CA ARG BA 185 -37.95 31.72 14.45
C ARG BA 185 -38.50 32.10 13.08
N LEU BA 186 -37.64 32.11 12.08
CA LEU BA 186 -38.07 32.43 10.71
C LEU BA 186 -37.79 31.27 9.79
N ILE BA 187 -38.56 31.17 8.72
CA ILE BA 187 -38.37 30.11 7.76
C ILE BA 187 -38.81 30.58 6.39
N PHE BA 188 -38.00 30.33 5.38
CA PHE BA 188 -38.29 30.73 4.01
C PHE BA 188 -38.23 29.50 3.11
N TYR BA 189 -39.28 29.29 2.34
CA TYR BA 189 -39.37 28.13 1.46
C TYR BA 189 -38.72 28.35 0.09
N PRO BA 190 -38.40 27.25 -0.61
CA PRO BA 190 -37.78 27.28 -1.94
C PRO BA 190 -38.42 28.26 -2.90
N ASP BA 191 -39.74 28.17 -3.05
CA ASP BA 191 -40.48 29.04 -3.95
C ASP BA 191 -40.25 30.53 -3.76
N GLU BA 192 -39.79 30.93 -2.57
CA GLU BA 192 -39.51 32.32 -2.35
C GLU BA 192 -38.05 32.66 -2.65
N TYR BA 193 -37.12 32.02 -1.95
CA TYR BA 193 -35.70 32.31 -2.15
C TYR BA 193 -35.10 31.90 -3.48
N GLU BA 194 -35.70 30.95 -4.18
CA GLU BA 194 -35.16 30.54 -5.47
C GLU BA 194 -35.34 31.63 -6.52
N GLN BA 195 -36.44 32.37 -6.42
CA GLN BA 195 -36.73 33.42 -7.37
C GLN BA 195 -36.16 34.78 -6.98
N LEU BA 196 -35.07 34.78 -6.22
CA LEU BA 196 -34.43 36.03 -5.82
C LEU BA 196 -33.31 36.34 -6.80
#